data_6W6M
#
_entry.id   6W6M
#
_cell.length_a   1.00
_cell.length_b   1.00
_cell.length_c   1.00
_cell.angle_alpha   90.00
_cell.angle_beta   90.00
_cell.angle_gamma   90.00
#
_symmetry.space_group_name_H-M   'P 1'
#
_entity_poly.entity_id   1
_entity_poly.type   'polypeptide(L)'
_entity_poly.pdbx_seq_one_letter_code
;MRNGLKTYVAQTWLTLWVGLALCASSTVFSAEFATTNQLENIDFRVNKEKAAVLIVELASPSAVVDVQKVQEGLNIELLK
TDVADDKLYLLDVKDFSTPVESVEVFRKAPSTQLVVTVDGEFQHDYTLKGKYLEVVISKLKADEKPKPKSVLEKEGKLIS
INFQDIPVRNVLQLIADYNGFNLVVSDSVVGNLTLRLDGVPWQQVLDIILQVKGLDKRVDGNVILIAPKEELDLREKQAL
EKARLAEELGDLKSEIIKINFAKASDIAAMIGGEGNVNMLSERGSISIDERTNSLLIRELPDNIAVIREIIESLDIPVKQ
VQIEARIVTVKEGNLEELGVRWGVMSTNGSHSVGGSIESNLWQKGLLADDEFPVDEFLNVNLASTSANASSIAFQVAKLG
SGTLLDLELSALQNESKAEIISSPRLITTNKQPAYIEQGTEIPYLESSSSGASTVAFKKAVLSLKVTPQITPDNRLVLDL
SVTQDRRGETVKTGTGEAVSIDTQRIGTQVLVNNGETVVLGGIFQHSINNSVDKVPLLGDLPVLGALFRRTYEQMGKSEL
LIFVTPKVVIQ
;
_entity_poly.pdbx_strand_id   A,B,C,D,E,F,G,H,I,J,K,L,M,N
#
# COMPACT_ATOMS: atom_id res chain seq x y z
N SER A 160 29.62 89.88 30.89
CA SER A 160 29.13 91.08 31.55
C SER A 160 27.69 90.90 32.01
N ILE A 161 27.34 89.66 32.35
CA ILE A 161 25.96 89.29 32.65
C ILE A 161 25.84 88.99 34.13
N ASN A 162 24.82 89.56 34.77
CA ASN A 162 24.44 89.20 36.14
C ASN A 162 22.95 89.49 36.26
N PHE A 163 22.13 88.44 36.15
CA PHE A 163 20.68 88.59 36.14
C PHE A 163 20.11 87.76 37.29
N GLN A 164 19.49 88.45 38.25
CA GLN A 164 18.87 87.82 39.40
C GLN A 164 17.36 88.03 39.30
N ASP A 165 16.59 86.94 39.39
CA ASP A 165 15.14 87.01 39.30
C ASP A 165 14.71 87.70 38.02
N ILE A 166 15.42 87.39 36.94
CA ILE A 166 15.15 87.92 35.61
C ILE A 166 14.50 86.82 34.78
N PRO A 167 13.37 87.07 34.13
CA PRO A 167 12.75 86.03 33.31
C PRO A 167 13.67 85.57 32.19
N VAL A 168 13.49 84.30 31.79
CA VAL A 168 14.30 83.74 30.72
C VAL A 168 14.10 84.53 29.44
N ARG A 169 12.87 85.02 29.21
CA ARG A 169 12.60 85.85 28.04
C ARG A 169 13.49 87.10 28.04
N ASN A 170 13.69 87.71 29.21
CA ASN A 170 14.43 88.96 29.26
C ASN A 170 15.92 88.74 29.02
N VAL A 171 16.51 87.72 29.64
CA VAL A 171 17.92 87.44 29.39
C VAL A 171 18.13 86.98 27.95
N LEU A 172 17.15 86.27 27.38
CA LEU A 172 17.28 85.87 25.98
C LEU A 172 17.19 87.07 25.04
N GLN A 173 16.31 88.03 25.35
CA GLN A 173 16.26 89.24 24.54
C GLN A 173 17.53 90.07 24.72
N LEU A 174 18.17 90.00 25.89
CA LEU A 174 19.45 90.66 26.06
C LEU A 174 20.51 90.01 25.19
N ILE A 175 20.61 88.68 25.23
CA ILE A 175 21.55 87.96 24.37
C ILE A 175 21.28 88.28 22.91
N ALA A 176 20.01 88.47 22.54
CA ALA A 176 19.67 88.87 21.17
C ALA A 176 20.21 90.26 20.86
N ASP A 177 19.80 91.26 21.64
CA ASP A 177 20.14 92.65 21.39
C ASP A 177 21.63 92.96 21.59
N TYR A 178 22.44 91.95 21.91
CA TYR A 178 23.87 92.13 22.14
C TYR A 178 24.69 91.93 20.88
N ASN A 179 24.13 92.23 19.71
CA ASN A 179 24.71 92.08 18.37
C ASN A 179 24.72 90.63 17.89
N GLY A 180 24.07 89.72 18.61
CA GLY A 180 23.89 88.38 18.10
C GLY A 180 22.76 88.30 17.10
N PHE A 181 22.62 87.12 16.51
CA PHE A 181 21.55 86.92 15.54
C PHE A 181 20.19 86.95 16.23
N ASN A 182 19.22 87.61 15.57
CA ASN A 182 17.92 87.85 16.17
C ASN A 182 17.27 86.54 16.60
N LEU A 183 16.64 86.55 17.78
CA LEU A 183 15.98 85.37 18.30
C LEU A 183 14.64 85.75 18.89
N VAL A 184 13.72 84.78 18.88
CA VAL A 184 12.36 84.97 19.36
C VAL A 184 11.97 83.78 20.22
N VAL A 185 11.01 84.00 21.11
CA VAL A 185 10.55 82.96 22.04
C VAL A 185 9.04 82.83 21.97
N SER A 186 8.50 81.85 22.70
CA SER A 186 7.07 81.60 22.76
C SER A 186 6.42 82.53 23.78
N ASP A 187 5.16 82.26 24.11
CA ASP A 187 4.44 83.11 25.06
C ASP A 187 4.93 82.89 26.48
N SER A 188 4.74 81.68 27.00
CA SER A 188 5.20 81.29 28.34
C SER A 188 6.15 80.12 28.13
N VAL A 189 7.43 80.44 27.92
CA VAL A 189 8.38 79.43 27.46
C VAL A 189 8.94 78.65 28.64
N VAL A 190 9.71 79.32 29.50
CA VAL A 190 10.42 78.64 30.58
C VAL A 190 10.04 79.27 31.91
N GLY A 191 10.29 80.58 32.05
CA GLY A 191 10.01 81.29 33.27
C GLY A 191 11.12 82.24 33.68
N ASN A 192 11.65 82.05 34.88
CA ASN A 192 12.60 82.95 35.49
C ASN A 192 13.86 82.19 35.90
N LEU A 193 14.95 82.93 36.15
CA LEU A 193 16.17 82.32 36.65
C LEU A 193 17.06 83.39 37.28
N THR A 194 18.31 82.99 37.56
CA THR A 194 19.29 83.84 38.20
C THR A 194 20.67 83.22 38.04
N LEU A 195 21.61 84.01 37.51
CA LEU A 195 22.98 83.57 37.32
C LEU A 195 23.82 84.77 36.89
N ARG A 196 25.14 84.64 37.06
CA ARG A 196 26.08 85.70 36.73
C ARG A 196 27.35 85.11 36.15
N LEU A 197 27.73 85.58 34.96
CA LEU A 197 28.95 85.13 34.29
C LEU A 197 29.45 86.25 33.38
N ASP A 198 30.71 86.14 32.97
CA ASP A 198 31.34 87.15 32.13
C ASP A 198 32.59 86.57 31.47
N GLY A 199 32.99 87.20 30.36
CA GLY A 199 34.21 86.84 29.66
C GLY A 199 34.23 85.44 29.09
N VAL A 200 33.20 85.08 28.34
CA VAL A 200 33.01 83.72 27.87
C VAL A 200 32.29 83.75 26.51
N PRO A 201 32.35 82.68 25.72
CA PRO A 201 31.57 82.64 24.48
C PRO A 201 30.09 82.46 24.72
N TRP A 202 29.29 82.96 23.78
CA TRP A 202 27.85 82.75 23.85
C TRP A 202 27.49 81.27 23.69
N GLN A 203 28.32 80.51 22.99
CA GLN A 203 28.02 79.10 22.77
C GLN A 203 27.92 78.34 24.08
N GLN A 204 28.96 78.41 24.90
CA GLN A 204 28.98 77.64 26.15
C GLN A 204 27.88 78.08 27.10
N VAL A 205 27.74 79.38 27.30
CA VAL A 205 26.75 79.89 28.26
C VAL A 205 25.34 79.56 27.79
N LEU A 206 25.05 79.86 26.53
CA LEU A 206 23.73 79.58 25.99
C LEU A 206 23.42 78.09 26.09
N ASP A 207 24.38 77.23 25.73
CA ASP A 207 24.11 75.80 25.76
C ASP A 207 23.91 75.30 27.18
N ILE A 208 24.73 75.77 28.14
CA ILE A 208 24.58 75.27 29.50
C ILE A 208 23.24 75.73 30.08
N ILE A 209 22.80 76.94 29.73
CA ILE A 209 21.47 77.39 30.15
C ILE A 209 20.39 76.49 29.55
N LEU A 210 20.44 76.30 28.22
CA LEU A 210 19.41 75.52 27.54
C LEU A 210 19.45 74.05 27.92
N GLN A 211 20.55 73.58 28.51
CA GLN A 211 20.62 72.20 28.97
C GLN A 211 20.05 72.06 30.37
N VAL A 212 20.53 72.87 31.30
CA VAL A 212 20.18 72.68 32.71
C VAL A 212 18.70 72.97 32.93
N LYS A 213 18.27 74.20 32.65
CA LYS A 213 16.87 74.57 32.86
C LYS A 213 16.24 75.04 31.56
N GLY A 214 17.02 75.70 30.71
CA GLY A 214 16.50 76.24 29.47
C GLY A 214 15.96 75.17 28.55
N LEU A 215 15.27 75.65 27.52
CA LEU A 215 14.59 74.80 26.55
C LEU A 215 15.43 74.62 25.28
N ASP A 216 14.78 74.17 24.21
CA ASP A 216 15.48 73.92 22.94
C ASP A 216 15.28 75.06 21.95
N LYS A 217 16.12 75.08 20.92
CA LYS A 217 16.14 76.14 19.94
C LYS A 217 16.38 75.58 18.55
N ARG A 218 15.84 76.27 17.55
CA ARG A 218 16.01 75.91 16.15
C ARG A 218 16.33 77.16 15.34
N VAL A 219 17.16 76.99 14.31
CA VAL A 219 17.57 78.10 13.45
C VAL A 219 17.03 77.84 12.04
N ASP A 220 16.34 78.85 11.49
CA ASP A 220 15.75 78.76 10.16
C ASP A 220 16.74 79.17 9.07
N GLY A 221 18.01 79.39 9.42
CA GLY A 221 18.99 79.84 8.47
C GLY A 221 19.57 81.20 8.84
N ASN A 222 18.72 82.10 9.33
CA ASN A 222 19.17 83.43 9.74
C ASN A 222 18.91 83.72 11.20
N VAL A 223 17.68 83.51 11.68
CA VAL A 223 17.30 83.89 13.03
C VAL A 223 16.94 82.63 13.83
N ILE A 224 16.95 82.78 15.15
CA ILE A 224 16.81 81.66 16.07
C ILE A 224 15.48 81.75 16.80
N LEU A 225 14.87 80.59 17.03
CA LEU A 225 13.62 80.51 17.78
C LEU A 225 13.81 79.54 18.95
N ILE A 226 13.18 79.84 20.07
CA ILE A 226 13.30 79.04 21.27
C ILE A 226 11.92 78.53 21.67
N ALA A 227 11.87 77.33 22.22
CA ALA A 227 10.62 76.73 22.67
C ALA A 227 10.95 75.51 23.51
N PRO A 228 10.01 75.04 24.33
CA PRO A 228 10.22 73.79 25.05
C PRO A 228 10.27 72.60 24.11
N LYS A 229 10.97 71.55 24.54
CA LYS A 229 11.11 70.36 23.73
C LYS A 229 9.77 69.66 23.51
N GLU A 230 8.83 69.83 24.43
CA GLU A 230 7.53 69.17 24.31
C GLU A 230 6.79 69.62 23.07
N GLU A 231 6.71 70.95 22.85
CA GLU A 231 6.03 71.44 21.66
C GLU A 231 6.76 71.06 20.39
N LEU A 232 8.10 71.03 20.40
CA LEU A 232 8.85 70.66 19.22
C LEU A 232 8.59 69.19 18.84
N ASP A 233 8.67 68.30 19.82
CA ASP A 233 8.40 66.89 19.55
C ASP A 233 6.94 66.67 19.16
N LEU A 234 6.02 67.44 19.75
CA LEU A 234 4.62 67.32 19.35
C LEU A 234 4.42 67.74 17.91
N ARG A 235 5.05 68.85 17.51
CA ARG A 235 4.94 69.31 16.12
C ARG A 235 5.53 68.30 15.16
N GLU A 236 6.66 67.69 15.53
CA GLU A 236 7.27 66.68 14.67
C GLU A 236 6.37 65.47 14.53
N LYS A 237 5.80 64.99 15.65
CA LYS A 237 4.91 63.84 15.57
C LYS A 237 3.66 64.16 14.75
N GLN A 238 3.13 65.37 14.88
CA GLN A 238 1.99 65.77 14.07
C GLN A 238 2.33 65.74 12.59
N ALA A 239 3.50 66.29 12.23
CA ALA A 239 3.88 66.31 10.82
C ALA A 239 4.08 64.90 10.26
N LEU A 240 4.73 64.03 11.05
CA LEU A 240 4.93 62.66 10.61
C LEU A 240 3.62 61.93 10.43
N GLU A 241 2.70 62.07 11.39
CA GLU A 241 1.41 61.39 11.27
C GLU A 241 0.63 61.93 10.08
N LYS A 242 0.69 63.24 9.83
CA LYS A 242 0.01 63.79 8.66
C LYS A 242 0.57 63.19 7.37
N ALA A 243 1.90 63.13 7.26
CA ALA A 243 2.52 62.56 6.07
C ALA A 243 2.12 61.11 5.88
N ARG A 244 2.19 60.32 6.96
CA ARG A 244 1.89 58.89 6.84
C ARG A 244 0.44 58.66 6.48
N LEU A 245 -0.48 59.43 7.05
CA LEU A 245 -1.90 59.22 6.75
C LEU A 245 -2.24 59.73 5.35
N ALA A 246 -1.63 60.82 4.92
CA ALA A 246 -1.88 61.32 3.58
C ALA A 246 -1.33 60.37 2.53
N GLU A 247 -0.19 59.74 2.81
CA GLU A 247 0.35 58.77 1.87
C GLU A 247 -0.41 57.45 1.95
N GLU A 248 -1.11 57.21 3.06
CA GLU A 248 -1.95 56.02 3.14
C GLU A 248 -3.23 56.19 2.34
N LEU A 249 -4.06 57.16 2.73
CA LEU A 249 -5.37 57.34 2.10
C LEU A 249 -5.30 58.50 1.11
N GLY A 250 -4.87 58.16 -0.11
CA GLY A 250 -4.85 59.09 -1.22
C GLY A 250 -5.72 58.61 -2.38
N ASP A 251 -5.87 59.50 -3.35
CA ASP A 251 -6.58 59.18 -4.57
C ASP A 251 -5.62 58.57 -5.58
N LEU A 252 -5.96 57.38 -6.07
CA LEU A 252 -5.06 56.62 -6.94
C LEU A 252 -5.23 57.04 -8.40
N LYS A 253 -4.17 56.82 -9.18
CA LYS A 253 -4.18 57.08 -10.60
C LYS A 253 -3.65 55.85 -11.33
N SER A 254 -4.16 55.63 -12.55
CA SER A 254 -3.83 54.46 -13.35
C SER A 254 -3.33 54.90 -14.71
N GLU A 255 -2.20 54.32 -15.15
CA GLU A 255 -1.65 54.66 -16.45
C GLU A 255 -0.64 53.59 -16.88
N ILE A 256 -0.14 53.72 -18.11
CA ILE A 256 0.67 52.70 -18.75
C ILE A 256 2.07 53.25 -19.03
N ILE A 257 3.07 52.40 -18.82
CA ILE A 257 4.47 52.72 -19.03
C ILE A 257 5.01 51.81 -20.14
N LYS A 258 5.55 52.41 -21.19
CA LYS A 258 6.08 51.63 -22.30
C LYS A 258 7.55 51.33 -22.07
N ILE A 259 7.93 50.07 -22.30
CA ILE A 259 9.28 49.58 -22.04
C ILE A 259 9.92 49.20 -23.36
N ASN A 260 11.18 49.58 -23.54
CA ASN A 260 11.99 49.14 -24.67
C ASN A 260 13.36 48.71 -24.15
N PHE A 261 13.95 47.74 -24.84
CA PHE A 261 15.25 47.12 -24.59
C PHE A 261 15.23 46.11 -23.45
N ALA A 262 14.13 45.96 -22.72
CA ALA A 262 14.06 44.98 -21.65
C ALA A 262 12.68 44.34 -21.67
N LYS A 263 12.59 43.16 -21.10
CA LYS A 263 11.30 42.48 -21.01
C LYS A 263 10.48 43.09 -19.88
N ALA A 264 9.20 43.32 -20.14
CA ALA A 264 8.35 43.93 -19.12
C ALA A 264 8.04 42.97 -17.99
N SER A 265 8.07 41.66 -18.24
CA SER A 265 7.77 40.70 -17.18
C SER A 265 8.85 40.71 -16.11
N ASP A 266 10.12 40.78 -16.52
CA ASP A 266 11.21 40.87 -15.55
C ASP A 266 11.10 42.13 -14.71
N ILE A 267 10.79 43.27 -15.34
CA ILE A 267 10.69 44.52 -14.62
C ILE A 267 9.50 44.51 -13.67
N ALA A 268 8.37 43.94 -14.09
CA ALA A 268 7.25 43.82 -13.19
C ALA A 268 7.55 42.89 -12.02
N ALA A 269 8.41 41.91 -12.22
CA ALA A 269 8.76 41.02 -11.11
C ALA A 269 9.75 41.69 -10.17
N MET A 270 10.54 42.63 -10.67
CA MET A 270 11.46 43.33 -9.78
C MET A 270 10.79 44.46 -9.00
N ILE A 271 9.90 45.22 -9.65
CA ILE A 271 9.30 46.37 -8.98
C ILE A 271 8.25 45.92 -7.97
N GLY A 272 7.40 44.99 -8.37
CA GLY A 272 6.43 44.43 -7.44
C GLY A 272 6.93 43.15 -6.82
N GLY A 273 6.16 42.07 -6.98
CA GLY A 273 6.66 40.76 -6.60
C GLY A 273 6.00 40.13 -5.40
N GLU A 274 6.71 39.21 -4.75
CA GLU A 274 6.15 38.44 -3.65
C GLU A 274 6.03 39.29 -2.40
N GLY A 275 4.82 39.32 -1.83
CA GLY A 275 4.57 40.05 -0.61
C GLY A 275 4.65 41.56 -0.77
N ASN A 276 4.08 42.30 0.18
CA ASN A 276 4.06 43.75 0.12
C ASN A 276 5.29 44.39 0.77
N VAL A 277 6.02 43.65 1.59
CA VAL A 277 7.20 44.21 2.24
C VAL A 277 8.28 44.50 1.21
N ASN A 278 8.45 43.59 0.24
CA ASN A 278 9.43 43.82 -0.81
C ASN A 278 8.95 44.88 -1.79
N MET A 279 7.66 44.85 -2.13
CA MET A 279 7.12 45.73 -3.15
C MET A 279 7.44 47.18 -2.86
N LEU A 280 7.73 47.94 -3.91
CA LEU A 280 7.88 49.38 -3.81
C LEU A 280 6.51 50.04 -4.00
N SER A 281 5.51 49.58 -3.27
CA SER A 281 4.15 50.07 -3.43
C SER A 281 3.45 50.01 -2.07
N GLU A 282 2.29 50.67 -1.98
CA GLU A 282 1.54 50.77 -0.73
C GLU A 282 0.18 50.11 -0.80
N ARG A 283 -0.68 50.61 -1.69
CA ARG A 283 -1.98 49.93 -1.99
C ARG A 283 -2.31 50.07 -3.48
N GLY A 284 -1.28 50.09 -4.33
CA GLY A 284 -1.42 49.66 -5.73
C GLY A 284 -0.37 48.60 -6.03
N SER A 285 -0.07 48.39 -7.31
CA SER A 285 -0.26 47.18 -8.14
C SER A 285 0.29 47.41 -9.56
N ILE A 286 1.04 46.42 -10.08
CA ILE A 286 1.48 46.44 -11.51
C ILE A 286 0.75 45.32 -12.26
N SER A 287 0.48 45.52 -13.55
CA SER A 287 0.09 44.44 -14.44
C SER A 287 0.92 44.49 -15.71
N ILE A 288 1.01 43.36 -16.39
CA ILE A 288 1.79 43.24 -17.62
C ILE A 288 0.85 43.14 -18.80
N ASP A 289 1.24 43.78 -19.90
CA ASP A 289 0.61 43.60 -21.21
C ASP A 289 1.70 43.12 -22.15
N GLU A 290 1.67 41.82 -22.45
CA GLU A 290 2.73 41.17 -23.20
C GLU A 290 2.68 41.46 -24.69
N ARG A 291 1.49 41.70 -25.23
CA ARG A 291 1.34 41.91 -26.66
C ARG A 291 2.18 43.10 -27.12
N THR A 292 2.20 44.17 -26.34
CA THR A 292 2.87 45.41 -26.71
C THR A 292 4.03 45.76 -25.79
N ASN A 293 4.44 44.85 -24.90
CA ASN A 293 5.57 45.05 -23.99
C ASN A 293 5.38 46.31 -23.14
N SER A 294 4.35 46.27 -22.29
CA SER A 294 4.00 47.45 -21.51
C SER A 294 3.60 47.07 -20.10
N LEU A 295 3.74 48.03 -19.19
CA LEU A 295 3.28 47.90 -17.82
C LEU A 295 2.06 48.79 -17.61
N LEU A 296 1.17 48.37 -16.72
CA LEU A 296 -0.03 49.11 -16.37
C LEU A 296 -0.09 49.24 -14.86
N ILE A 297 0.13 50.45 -14.35
CA ILE A 297 0.34 50.67 -12.92
C ILE A 297 -0.78 51.54 -12.36
N ARG A 298 -1.17 51.25 -11.12
CA ARG A 298 -2.21 52.01 -10.41
C ARG A 298 -1.68 52.33 -9.00
N GLU A 299 -1.35 53.59 -8.76
CA GLU A 299 -0.74 53.99 -7.49
C GLU A 299 -0.89 55.49 -7.30
N LEU A 300 -0.23 55.99 -6.25
CA LEU A 300 -0.30 57.41 -5.94
C LEU A 300 0.49 58.21 -6.97
N PRO A 301 -0.04 59.35 -7.43
CA PRO A 301 0.63 60.09 -8.51
C PRO A 301 2.00 60.64 -8.14
N ASP A 302 2.47 60.33 -6.94
CA ASP A 302 3.80 60.76 -6.51
C ASP A 302 4.82 59.63 -6.62
N ASN A 303 4.35 58.41 -6.44
CA ASN A 303 5.20 57.24 -6.55
C ASN A 303 5.38 56.88 -8.03
N ILE A 304 4.43 57.30 -8.87
CA ILE A 304 4.54 57.04 -10.30
C ILE A 304 5.78 57.72 -10.87
N ALA A 305 6.11 58.91 -10.37
CA ALA A 305 7.22 59.66 -10.93
C ALA A 305 8.57 59.03 -10.58
N VAL A 306 8.73 58.56 -9.34
CA VAL A 306 9.99 57.93 -8.97
C VAL A 306 10.13 56.58 -9.65
N ILE A 307 9.05 55.79 -9.69
CA ILE A 307 9.08 54.52 -10.42
C ILE A 307 9.43 54.76 -11.87
N ARG A 308 8.85 55.78 -12.50
CA ARG A 308 9.11 56.08 -13.89
C ARG A 308 10.57 56.46 -14.10
N GLU A 309 11.13 57.25 -13.19
CA GLU A 309 12.53 57.66 -13.34
C GLU A 309 13.47 56.48 -13.20
N ILE A 310 13.22 55.61 -12.23
CA ILE A 310 14.07 54.43 -12.03
C ILE A 310 14.01 53.50 -13.23
N ILE A 311 12.80 53.11 -13.64
CA ILE A 311 12.71 52.17 -14.75
C ILE A 311 13.02 52.80 -16.09
N GLU A 312 13.16 54.12 -16.15
CA GLU A 312 13.75 54.72 -17.34
C GLU A 312 15.27 54.70 -17.24
N SER A 313 15.81 54.68 -16.04
CA SER A 313 17.25 54.50 -15.86
C SER A 313 17.72 53.06 -16.05
N LEU A 314 16.82 52.08 -15.96
CA LEU A 314 17.27 50.69 -16.05
C LEU A 314 17.36 50.19 -17.49
N ASP A 315 16.29 50.32 -18.27
CA ASP A 315 16.26 49.65 -19.57
C ASP A 315 17.18 50.35 -20.56
N ILE A 316 18.35 49.75 -20.80
CA ILE A 316 19.35 50.25 -21.73
C ILE A 316 19.91 49.08 -22.52
N PRO A 317 20.46 49.34 -23.70
CA PRO A 317 21.11 48.27 -24.45
C PRO A 317 22.37 47.78 -23.76
N VAL A 318 22.62 46.47 -23.87
CA VAL A 318 23.75 45.84 -23.21
C VAL A 318 24.79 45.44 -24.25
N LYS A 319 25.93 44.96 -23.75
CA LYS A 319 27.07 44.56 -24.57
C LYS A 319 26.94 43.08 -24.96
N GLN A 320 27.77 42.66 -25.90
CA GLN A 320 27.82 41.29 -26.37
C GLN A 320 29.26 40.79 -26.35
N VAL A 321 29.42 39.52 -26.01
CA VAL A 321 30.73 38.90 -25.84
C VAL A 321 30.82 37.68 -26.73
N GLN A 322 32.02 37.42 -27.23
CA GLN A 322 32.34 36.27 -28.05
C GLN A 322 33.35 35.41 -27.33
N ILE A 323 33.03 34.14 -27.10
CA ILE A 323 33.88 33.24 -26.31
C ILE A 323 34.33 32.07 -27.18
N GLU A 324 35.63 31.77 -27.14
CA GLU A 324 36.17 30.69 -27.93
C GLU A 324 37.11 29.78 -27.17
N ALA A 325 36.73 28.52 -27.04
CA ALA A 325 37.53 27.51 -26.36
C ALA A 325 38.38 26.75 -27.36
N ARG A 326 39.46 26.15 -26.87
CA ARG A 326 40.35 25.40 -27.75
C ARG A 326 40.96 24.22 -27.00
N ILE A 327 40.71 23.01 -27.48
CA ILE A 327 41.19 21.79 -26.85
C ILE A 327 42.20 21.15 -27.78
N VAL A 328 43.41 20.91 -27.27
CA VAL A 328 44.50 20.38 -28.08
C VAL A 328 45.06 19.13 -27.41
N THR A 329 45.31 18.07 -28.19
CA THR A 329 45.95 16.90 -27.63
C THR A 329 46.98 16.31 -28.58
N VAL A 330 48.07 15.81 -28.01
CA VAL A 330 49.20 15.26 -28.76
C VAL A 330 49.63 13.94 -28.14
N LYS A 331 49.89 12.95 -28.98
CA LYS A 331 50.28 11.61 -28.52
C LYS A 331 51.49 11.10 -29.29
N GLU A 332 52.36 10.36 -28.61
CA GLU A 332 53.48 9.67 -29.24
C GLU A 332 53.71 8.31 -28.60
N GLY A 333 54.24 7.38 -29.40
CA GLY A 333 54.53 6.04 -28.89
C GLY A 333 55.63 5.30 -29.63
N ASN A 334 56.38 4.45 -28.91
CA ASN A 334 57.45 3.65 -29.50
C ASN A 334 57.47 2.25 -28.89
N LEU A 335 57.84 1.26 -29.69
CA LEU A 335 57.88 -0.13 -29.22
C LEU A 335 58.97 -0.89 -29.96
N GLU A 336 59.64 -1.81 -29.26
CA GLU A 336 60.66 -2.66 -29.87
C GLU A 336 60.80 -4.00 -29.16
N GLU A 337 60.93 -5.07 -29.95
CA GLU A 337 61.04 -6.42 -29.40
C GLU A 337 62.00 -7.32 -30.19
N LEU A 338 62.81 -8.08 -29.47
CA LEU A 338 63.78 -9.00 -30.06
C LEU A 338 63.64 -10.40 -29.47
N GLY A 339 63.70 -11.44 -30.30
CA GLY A 339 63.53 -12.78 -29.80
C GLY A 339 64.29 -13.81 -30.60
N VAL A 340 64.53 -14.96 -29.98
CA VAL A 340 65.39 -16.01 -30.55
C VAL A 340 64.83 -17.39 -30.25
N ARG A 341 64.95 -18.28 -31.24
CA ARG A 341 64.40 -19.63 -31.12
C ARG A 341 65.41 -20.59 -31.73
N TRP A 342 66.04 -21.44 -30.92
CA TRP A 342 66.99 -22.38 -31.51
C TRP A 342 66.94 -23.74 -30.85
N GLY A 343 67.43 -24.74 -31.59
CA GLY A 343 67.39 -26.11 -31.12
C GLY A 343 68.48 -26.95 -31.73
N VAL A 344 68.80 -28.06 -31.06
CA VAL A 344 69.83 -28.99 -31.50
C VAL A 344 69.33 -30.41 -31.32
N MET A 345 69.93 -31.34 -32.06
CA MET A 345 69.53 -32.74 -31.97
C MET A 345 70.66 -33.60 -32.51
N SER A 346 71.25 -34.43 -31.67
CA SER A 346 72.41 -35.18 -32.13
C SER A 346 72.43 -36.56 -31.48
N THR A 347 73.06 -37.50 -32.18
CA THR A 347 73.21 -38.86 -31.68
C THR A 347 74.62 -39.34 -31.99
N ASN A 348 75.07 -40.33 -31.24
CA ASN A 348 76.44 -40.80 -31.35
C ASN A 348 76.57 -42.31 -31.38
N GLY A 349 75.50 -43.05 -31.13
CA GLY A 349 75.61 -44.45 -30.83
C GLY A 349 75.59 -44.64 -29.33
N SER A 350 74.44 -45.03 -28.79
CA SER A 350 74.23 -45.18 -27.35
C SER A 350 74.39 -43.86 -26.59
N HIS A 351 74.53 -42.74 -27.30
CA HIS A 351 74.66 -41.43 -26.68
C HIS A 351 73.87 -40.43 -27.51
N SER A 352 73.12 -39.56 -26.85
CA SER A 352 72.27 -38.59 -27.54
C SER A 352 72.29 -37.26 -26.81
N VAL A 353 71.84 -36.23 -27.51
CA VAL A 353 71.68 -34.89 -26.95
C VAL A 353 70.51 -34.22 -27.62
N GLY A 354 69.63 -33.63 -26.81
CA GLY A 354 68.42 -33.03 -27.32
C GLY A 354 67.99 -31.87 -26.47
N GLY A 355 66.70 -31.56 -26.53
CA GLY A 355 66.13 -30.42 -25.82
C GLY A 355 65.02 -30.83 -24.89
N SER A 356 64.90 -32.14 -24.66
CA SER A 356 63.91 -32.68 -23.75
C SER A 356 64.09 -34.19 -23.66
N ILE A 357 63.29 -34.84 -22.82
CA ILE A 357 63.32 -36.29 -22.68
C ILE A 357 62.52 -36.97 -23.79
N GLU A 358 61.39 -36.38 -24.17
CA GLU A 358 60.62 -36.93 -25.29
C GLU A 358 61.38 -36.81 -26.60
N SER A 359 62.24 -35.80 -26.71
CA SER A 359 63.10 -35.67 -27.88
C SER A 359 64.06 -36.85 -27.99
N ASN A 360 64.77 -37.16 -26.90
CA ASN A 360 65.71 -38.27 -26.93
C ASN A 360 65.00 -39.61 -27.10
N LEU A 361 63.77 -39.72 -26.59
CA LEU A 361 63.04 -40.97 -26.78
C LEU A 361 62.52 -41.09 -28.20
N TRP A 362 62.38 -39.96 -28.91
CA TRP A 362 61.93 -40.03 -30.30
C TRP A 362 63.06 -40.42 -31.24
N GLN A 363 64.25 -39.86 -31.04
CA GLN A 363 65.37 -40.19 -31.93
C GLN A 363 65.93 -41.54 -31.52
N LYS A 364 65.03 -42.50 -31.46
CA LYS A 364 65.27 -43.91 -31.16
C LYS A 364 64.01 -44.64 -31.59
N GLY A 365 63.85 -45.88 -31.13
CA GLY A 365 62.58 -46.52 -31.45
C GLY A 365 61.52 -46.48 -30.38
N LEU A 366 61.71 -45.68 -29.32
CA LEU A 366 60.94 -45.90 -28.11
C LEU A 366 59.54 -45.31 -28.20
N LEU A 367 59.41 -44.05 -28.62
CA LEU A 367 58.10 -43.44 -28.72
C LEU A 367 57.32 -44.01 -29.90
N ALA A 368 55.99 -44.03 -29.76
CA ALA A 368 55.16 -44.60 -30.82
C ALA A 368 54.90 -43.60 -31.93
N ASP A 369 54.23 -42.50 -31.62
CA ASP A 369 53.84 -41.54 -32.65
C ASP A 369 55.05 -40.74 -33.10
N ASP A 370 55.32 -40.76 -34.40
CA ASP A 370 56.53 -40.12 -34.93
C ASP A 370 56.20 -39.42 -36.25
N GLU A 371 55.92 -38.12 -36.19
CA GLU A 371 56.03 -37.27 -37.37
C GLU A 371 57.11 -36.22 -37.17
N PHE A 372 56.97 -35.34 -36.18
CA PHE A 372 58.09 -34.61 -35.61
C PHE A 372 57.62 -33.91 -34.33
N PRO A 373 58.33 -34.07 -33.22
CA PRO A 373 58.01 -33.27 -32.04
C PRO A 373 58.53 -31.84 -32.16
N VAL A 374 57.79 -30.98 -32.84
CA VAL A 374 58.28 -29.63 -33.14
C VAL A 374 58.46 -28.82 -31.86
N ASP A 375 57.65 -29.11 -30.85
CA ASP A 375 57.74 -28.40 -29.58
C ASP A 375 58.74 -29.02 -28.62
N GLU A 376 58.86 -30.35 -28.61
CA GLU A 376 59.89 -30.98 -27.79
C GLU A 376 61.28 -30.82 -28.39
N PHE A 377 61.37 -30.41 -29.66
CA PHE A 377 62.66 -30.28 -30.31
C PHE A 377 63.46 -29.11 -29.77
N LEU A 378 62.80 -27.97 -29.53
CA LEU A 378 63.52 -26.72 -29.33
C LEU A 378 64.16 -26.64 -27.96
N ASN A 379 65.40 -26.14 -27.91
CA ASN A 379 66.09 -25.91 -26.65
C ASN A 379 65.69 -24.57 -26.04
N VAL A 380 65.85 -23.50 -26.80
CA VAL A 380 65.54 -22.15 -26.34
C VAL A 380 64.41 -21.63 -27.20
N ASN A 381 63.31 -21.22 -26.55
CA ASN A 381 62.08 -20.82 -27.22
C ASN A 381 61.64 -19.45 -26.69
N LEU A 382 62.19 -18.37 -27.24
CA LEU A 382 61.94 -17.03 -26.77
C LEU A 382 61.61 -16.12 -27.94
N ALA A 383 60.65 -16.56 -28.76
CA ALA A 383 60.30 -15.82 -29.97
C ALA A 383 59.59 -14.51 -29.65
N SER A 384 59.86 -13.50 -30.47
CA SER A 384 59.14 -12.24 -30.38
C SER A 384 57.66 -12.46 -30.66
N THR A 385 56.82 -12.16 -29.67
CA THR A 385 55.39 -12.48 -29.71
C THR A 385 54.62 -11.25 -30.17
N SER A 386 54.32 -11.20 -31.46
CA SER A 386 53.56 -10.09 -32.05
C SER A 386 52.97 -10.62 -33.36
N ALA A 387 52.21 -9.76 -34.03
CA ALA A 387 51.61 -10.13 -35.31
C ALA A 387 52.35 -9.57 -36.51
N ASN A 388 53.24 -8.59 -36.30
CA ASN A 388 53.99 -7.97 -37.38
C ASN A 388 55.49 -8.24 -37.26
N ALA A 389 55.88 -9.24 -36.50
CA ALA A 389 57.29 -9.50 -36.30
C ALA A 389 57.89 -10.23 -37.49
N SER A 390 59.11 -9.86 -37.85
CA SER A 390 59.81 -10.43 -38.99
C SER A 390 60.95 -11.32 -38.51
N SER A 391 61.20 -12.41 -39.22
CA SER A 391 62.12 -13.43 -38.77
C SER A 391 63.06 -13.86 -39.89
N ILE A 392 64.04 -14.68 -39.53
CA ILE A 392 64.90 -15.36 -40.51
C ILE A 392 65.55 -16.55 -39.82
N ALA A 393 65.63 -17.66 -40.53
CA ALA A 393 66.07 -18.92 -39.94
C ALA A 393 67.02 -19.81 -40.74
N PHE A 394 68.08 -20.27 -40.08
CA PHE A 394 69.15 -21.04 -40.68
C PHE A 394 69.15 -22.46 -40.12
N GLN A 395 69.68 -23.39 -40.92
CA GLN A 395 69.61 -24.80 -40.57
C GLN A 395 70.88 -25.50 -41.02
N VAL A 396 71.22 -26.59 -40.32
CA VAL A 396 72.25 -27.53 -40.74
C VAL A 396 71.75 -28.93 -40.42
N ALA A 397 71.38 -29.68 -41.45
CA ALA A 397 70.79 -31.00 -41.27
C ALA A 397 71.60 -32.01 -42.08
N LYS A 398 72.18 -32.99 -41.40
CA LYS A 398 72.92 -34.07 -42.05
C LYS A 398 72.06 -35.28 -42.32
N LEU A 399 71.45 -35.85 -41.28
CA LEU A 399 70.61 -37.04 -41.31
C LEU A 399 71.39 -38.30 -41.68
N GLY A 400 72.68 -38.18 -42.00
CA GLY A 400 73.53 -39.34 -42.19
C GLY A 400 74.19 -39.69 -40.87
N SER A 401 74.83 -38.71 -40.24
CA SER A 401 75.31 -38.87 -38.87
C SER A 401 74.25 -38.54 -37.84
N GLY A 402 73.12 -37.96 -38.26
CA GLY A 402 72.00 -37.66 -37.40
C GLY A 402 71.89 -36.20 -36.98
N THR A 403 73.01 -35.48 -36.95
CA THR A 403 73.02 -34.13 -36.39
C THR A 403 72.04 -33.20 -37.11
N LEU A 404 71.37 -32.36 -36.33
CA LEU A 404 70.49 -31.32 -36.85
C LEU A 404 70.61 -30.11 -35.93
N LEU A 405 70.64 -28.92 -36.51
CA LEU A 405 70.63 -27.72 -35.68
C LEU A 405 69.91 -26.59 -36.40
N ASP A 406 69.04 -25.90 -35.66
CA ASP A 406 68.20 -24.82 -36.19
C ASP A 406 68.38 -23.54 -35.36
N LEU A 407 68.32 -22.39 -36.04
CA LEU A 407 68.45 -21.10 -35.38
C LEU A 407 67.61 -20.05 -36.09
N GLU A 408 66.66 -19.44 -35.38
CA GLU A 408 65.78 -18.40 -35.94
C GLU A 408 65.83 -17.14 -35.09
N LEU A 409 65.91 -15.96 -35.74
CA LEU A 409 65.86 -14.66 -35.11
C LEU A 409 64.58 -13.95 -35.51
N SER A 410 64.03 -13.16 -34.62
CA SER A 410 62.84 -12.38 -34.96
C SER A 410 62.88 -11.05 -34.25
N ALA A 411 62.22 -10.06 -34.85
CA ALA A 411 62.33 -8.69 -34.41
C ALA A 411 61.07 -7.91 -34.78
N LEU A 412 60.91 -6.76 -34.13
CA LEU A 412 59.84 -5.82 -34.46
C LEU A 412 60.16 -4.46 -33.87
N GLN A 413 59.79 -3.38 -34.56
CA GLN A 413 59.99 -2.01 -34.07
C GLN A 413 59.00 -1.03 -34.68
N ASN A 414 58.06 -0.47 -33.91
CA ASN A 414 57.13 0.47 -34.51
C ASN A 414 57.00 1.73 -33.66
N GLU A 415 56.25 2.69 -34.20
CA GLU A 415 56.29 4.07 -33.78
C GLU A 415 55.05 4.81 -34.27
N SER A 416 54.55 5.76 -33.49
CA SER A 416 53.28 6.37 -33.83
C SER A 416 53.17 7.78 -33.26
N LYS A 417 52.35 8.60 -33.91
CA LYS A 417 52.10 9.99 -33.55
C LYS A 417 50.63 10.33 -33.80
N ALA A 418 50.12 11.32 -33.08
CA ALA A 418 48.76 11.77 -33.33
C ALA A 418 48.57 13.16 -32.75
N GLU A 419 47.64 13.91 -33.33
CA GLU A 419 47.34 15.26 -32.87
C GLU A 419 45.93 15.68 -33.25
N ILE A 420 45.17 16.18 -32.28
CA ILE A 420 43.79 16.58 -32.49
C ILE A 420 43.56 17.98 -31.95
N ILE A 421 42.75 18.76 -32.66
CA ILE A 421 42.39 20.14 -32.28
C ILE A 421 40.90 20.32 -32.44
N SER A 422 40.25 20.90 -31.43
CA SER A 422 38.84 21.25 -31.58
C SER A 422 38.57 22.59 -30.91
N SER A 423 37.75 23.42 -31.53
CA SER A 423 37.48 24.76 -31.01
C SER A 423 36.04 25.19 -31.28
N PRO A 424 35.17 25.16 -30.27
CA PRO A 424 33.85 25.79 -30.40
C PRO A 424 33.83 27.29 -30.08
N ARG A 425 32.84 28.01 -30.58
CA ARG A 425 32.70 29.45 -30.32
C ARG A 425 31.25 29.77 -30.02
N LEU A 426 31.04 30.91 -29.38
CA LEU A 426 29.70 31.40 -29.09
C LEU A 426 29.73 32.91 -29.07
N ILE A 427 28.56 33.50 -29.31
CA ILE A 427 28.32 34.92 -29.02
C ILE A 427 27.07 35.00 -28.14
N THR A 428 27.08 35.92 -27.18
CA THR A 428 25.98 36.01 -26.23
C THR A 428 25.93 37.43 -25.65
N THR A 429 24.91 37.65 -24.82
CA THR A 429 24.67 38.95 -24.14
C THR A 429 25.21 38.88 -22.70
N ASN A 430 25.70 40.00 -22.17
CA ASN A 430 26.31 40.05 -20.85
C ASN A 430 25.38 39.49 -19.78
N LYS A 431 25.93 38.64 -18.93
CA LYS A 431 25.24 38.03 -17.78
C LYS A 431 24.18 37.02 -18.19
N GLN A 432 24.37 36.41 -19.36
CA GLN A 432 23.35 35.55 -19.95
C GLN A 432 23.93 34.20 -20.32
N PRO A 433 23.29 33.08 -19.95
CA PRO A 433 23.90 31.76 -20.15
C PRO A 433 23.72 31.23 -21.57
N ALA A 434 24.80 30.64 -22.11
CA ALA A 434 24.74 30.10 -23.46
C ALA A 434 25.48 28.77 -23.52
N TYR A 435 25.13 27.95 -24.51
CA TYR A 435 25.75 26.65 -24.70
C TYR A 435 25.79 26.29 -26.18
N ILE A 436 26.78 25.47 -26.54
CA ILE A 436 26.83 24.85 -27.85
C ILE A 436 27.36 23.42 -27.72
N GLU A 437 26.77 22.48 -28.47
CA GLU A 437 26.97 21.05 -28.30
C GLU A 437 27.09 20.32 -29.63
N GLN A 438 27.72 19.16 -29.59
CA GLN A 438 27.80 18.26 -30.75
C GLN A 438 28.18 16.87 -30.27
N GLY A 439 27.31 15.88 -30.49
CA GLY A 439 27.64 14.53 -30.06
C GLY A 439 26.54 13.51 -30.20
N THR A 440 26.39 12.61 -29.23
CA THR A 440 25.32 11.61 -29.24
C THR A 440 24.63 11.52 -27.89
N GLU A 441 23.43 10.96 -27.89
CA GLU A 441 22.66 10.72 -26.69
C GLU A 441 22.39 9.22 -26.55
N ILE A 442 22.89 8.63 -25.48
CA ILE A 442 22.80 7.18 -25.28
C ILE A 442 21.55 6.86 -24.46
N PRO A 443 20.69 5.98 -24.99
CA PRO A 443 19.50 5.59 -24.27
C PRO A 443 19.91 4.58 -23.21
N TYR A 444 19.64 4.85 -21.95
CA TYR A 444 19.99 3.87 -20.91
C TYR A 444 18.75 3.16 -20.40
N LEU A 445 18.88 1.90 -19.99
CA LEU A 445 17.71 1.16 -19.57
C LEU A 445 17.28 1.40 -18.13
N GLU A 446 16.28 2.28 -18.05
CA GLU A 446 15.53 2.76 -16.88
C GLU A 446 16.09 3.92 -16.06
N SER A 447 15.15 4.64 -15.47
CA SER A 447 15.36 5.75 -14.55
C SER A 447 14.26 5.47 -13.53
N SER A 448 14.55 5.58 -12.24
CA SER A 448 13.51 5.22 -11.28
C SER A 448 12.86 6.30 -10.44
N SER A 449 11.54 6.42 -10.59
CA SER A 449 10.78 7.31 -9.73
C SER A 449 10.11 6.44 -8.69
N SER A 450 9.06 6.96 -8.03
CA SER A 450 8.29 6.16 -7.07
C SER A 450 7.49 5.06 -7.77
N GLY A 451 8.23 4.04 -8.22
CA GLY A 451 7.58 2.83 -8.71
C GLY A 451 8.00 2.27 -10.05
N ALA A 452 8.30 3.10 -11.04
CA ALA A 452 8.58 2.54 -12.37
C ALA A 452 9.57 3.36 -13.19
N SER A 453 9.79 2.95 -14.44
CA SER A 453 10.99 3.28 -15.22
C SER A 453 10.69 4.35 -16.26
N THR A 454 11.44 5.45 -16.21
CA THR A 454 11.45 6.47 -17.25
C THR A 454 12.82 6.40 -17.89
N VAL A 455 12.97 5.53 -18.89
CA VAL A 455 14.30 5.29 -19.45
C VAL A 455 14.79 6.59 -20.11
N ALA A 456 16.06 6.90 -19.89
CA ALA A 456 16.52 8.27 -20.11
C ALA A 456 17.75 8.27 -21.02
N PHE A 457 18.32 9.45 -21.20
CA PHE A 457 19.40 9.67 -22.15
C PHE A 457 20.58 10.35 -21.46
N LYS A 458 21.75 9.74 -21.61
CA LYS A 458 23.00 10.30 -21.12
C LYS A 458 23.65 10.95 -22.35
N LYS A 459 24.48 11.96 -22.13
CA LYS A 459 25.08 12.69 -23.24
C LYS A 459 26.55 12.33 -23.38
N ALA A 460 27.02 12.28 -24.62
CA ALA A 460 28.42 12.11 -24.95
C ALA A 460 28.71 13.12 -26.05
N VAL A 461 29.08 14.34 -25.64
CA VAL A 461 29.14 15.49 -26.53
C VAL A 461 30.45 16.23 -26.33
N LEU A 462 30.82 17.01 -27.34
CA LEU A 462 31.83 18.08 -27.18
C LEU A 462 31.10 19.42 -26.96
N SER A 463 31.16 19.96 -25.74
CA SER A 463 30.26 21.04 -25.36
C SER A 463 30.99 22.19 -24.68
N LEU A 464 30.45 23.38 -24.89
CA LEU A 464 30.86 24.59 -24.19
C LEU A 464 29.66 25.23 -23.53
N LYS A 465 29.80 25.58 -22.25
CA LYS A 465 28.73 26.17 -21.46
C LYS A 465 29.30 27.35 -20.69
N VAL A 466 28.76 28.55 -20.89
CA VAL A 466 29.42 29.73 -20.34
C VAL A 466 28.42 30.80 -19.89
N THR A 467 28.82 31.52 -18.81
CA THR A 467 28.19 32.77 -18.37
C THR A 467 29.24 33.86 -18.14
N PRO A 468 29.20 34.94 -18.93
CA PRO A 468 30.21 36.00 -18.80
C PRO A 468 29.78 37.21 -17.98
N GLN A 469 30.73 38.08 -17.63
CA GLN A 469 30.43 39.32 -16.92
C GLN A 469 31.53 40.33 -17.21
N ILE A 470 31.13 41.53 -17.65
CA ILE A 470 32.07 42.58 -18.03
C ILE A 470 32.28 43.51 -16.84
N THR A 471 33.53 43.83 -16.54
CA THR A 471 33.93 44.69 -15.44
C THR A 471 34.49 46.02 -15.96
N PRO A 472 34.69 47.00 -15.08
CA PRO A 472 35.10 48.34 -15.58
C PRO A 472 36.46 48.38 -16.24
N ASP A 473 37.48 47.76 -15.65
CA ASP A 473 38.82 47.93 -16.20
C ASP A 473 39.16 46.93 -17.30
N ASN A 474 38.27 46.78 -18.28
CA ASN A 474 38.53 46.02 -19.51
C ASN A 474 38.90 44.56 -19.19
N ARG A 475 37.99 43.85 -18.53
CA ARG A 475 38.25 42.50 -18.07
C ARG A 475 36.95 41.72 -18.00
N LEU A 476 37.06 40.40 -18.03
CA LEU A 476 35.92 39.49 -17.97
C LEU A 476 36.08 38.50 -16.82
N VAL A 477 34.96 38.18 -16.19
CA VAL A 477 34.88 37.08 -15.24
C VAL A 477 34.02 36.01 -15.91
N LEU A 478 34.59 34.82 -16.11
CA LEU A 478 33.89 33.76 -16.83
C LEU A 478 33.59 32.58 -15.92
N ASP A 479 32.34 32.14 -15.90
CA ASP A 479 31.96 30.83 -15.30
C ASP A 479 31.90 29.75 -16.39
N LEU A 480 32.84 28.80 -16.36
CA LEU A 480 33.20 28.01 -17.56
C LEU A 480 32.90 26.53 -17.31
N SER A 481 32.26 25.85 -18.27
CA SER A 481 32.31 24.37 -18.36
C SER A 481 32.68 23.95 -19.78
N VAL A 482 33.74 23.16 -19.93
CA VAL A 482 34.13 22.66 -21.28
C VAL A 482 34.35 21.14 -21.22
N THR A 483 33.62 20.36 -22.04
CA THR A 483 33.76 18.91 -21.99
C THR A 483 33.98 18.34 -23.38
N GLN A 484 34.53 17.12 -23.42
CA GLN A 484 34.71 16.37 -24.65
C GLN A 484 34.60 14.87 -24.35
N ASP A 485 33.41 14.30 -24.50
CA ASP A 485 33.17 12.89 -24.21
C ASP A 485 32.90 12.11 -25.48
N ARG A 486 33.06 10.79 -25.37
CA ARG A 486 32.84 9.87 -26.48
C ARG A 486 32.17 8.61 -25.97
N ARG A 487 31.76 7.76 -26.90
CA ARG A 487 31.13 6.50 -26.56
C ARG A 487 32.22 5.44 -26.46
N GLY A 488 32.21 4.69 -25.37
CA GLY A 488 33.22 3.70 -25.10
C GLY A 488 32.76 2.29 -25.36
N GLU A 489 33.42 1.34 -24.71
CA GLU A 489 33.11 -0.06 -24.89
C GLU A 489 31.78 -0.40 -24.22
N THR A 490 31.29 -1.60 -24.51
CA THR A 490 30.05 -2.10 -23.94
C THR A 490 30.41 -3.14 -22.90
N VAL A 491 30.24 -2.76 -21.63
CA VAL A 491 30.56 -3.59 -20.48
C VAL A 491 29.36 -4.47 -20.11
N LYS A 492 29.60 -5.40 -19.19
CA LYS A 492 28.57 -6.38 -18.75
C LYS A 492 27.95 -5.90 -17.43
N THR A 493 26.61 -5.84 -17.38
CA THR A 493 25.89 -5.39 -16.15
C THR A 493 24.80 -6.41 -15.80
N GLY A 494 24.92 -7.06 -14.64
CA GLY A 494 23.97 -8.12 -14.23
C GLY A 494 23.95 -9.26 -15.22
N THR A 495 22.76 -9.58 -15.75
CA THR A 495 22.62 -10.56 -16.86
C THR A 495 22.62 -9.82 -18.20
N GLY A 496 22.81 -8.50 -18.18
CA GLY A 496 22.66 -7.67 -19.39
C GLY A 496 23.98 -7.00 -19.78
N GLU A 497 23.89 -6.00 -20.67
CA GLU A 497 25.02 -5.17 -21.07
C GLU A 497 24.57 -3.73 -21.18
N ALA A 498 25.55 -2.83 -21.21
CA ALA A 498 25.28 -1.41 -21.34
C ALA A 498 26.53 -0.76 -21.92
N VAL A 499 26.43 0.53 -22.24
CA VAL A 499 27.48 1.26 -22.94
C VAL A 499 28.16 2.18 -21.94
N SER A 500 29.49 2.23 -21.98
CA SER A 500 30.27 3.13 -21.12
C SER A 500 30.72 4.34 -21.91
N ILE A 501 31.18 5.36 -21.19
CA ILE A 501 31.52 6.66 -21.76
C ILE A 501 32.92 7.06 -21.33
N ASP A 502 33.69 7.64 -22.25
CA ASP A 502 35.01 8.17 -21.97
C ASP A 502 34.98 9.69 -21.96
N THR A 503 35.48 10.30 -20.89
CA THR A 503 35.25 11.73 -20.62
C THR A 503 36.54 12.51 -20.44
N GLN A 504 36.44 13.82 -20.70
CA GLN A 504 37.40 14.85 -20.29
C GLN A 504 36.60 16.08 -19.92
N ARG A 505 36.83 16.62 -18.73
CA ARG A 505 35.99 17.69 -18.23
C ARG A 505 36.81 18.70 -17.45
N ILE A 506 36.41 19.97 -17.55
CA ILE A 506 37.00 21.01 -16.72
C ILE A 506 35.93 22.06 -16.47
N GLY A 507 35.85 22.48 -15.21
CA GLY A 507 34.92 23.50 -14.79
C GLY A 507 35.56 24.48 -13.83
N THR A 508 35.42 25.78 -14.09
CA THR A 508 36.15 26.77 -13.31
C THR A 508 35.43 28.10 -13.31
N GLN A 509 36.02 29.05 -12.59
CA GLN A 509 35.73 30.47 -12.72
C GLN A 509 37.06 31.20 -12.86
N VAL A 510 37.20 31.99 -13.91
CA VAL A 510 38.46 32.68 -14.16
C VAL A 510 38.21 34.16 -14.46
N LEU A 511 39.30 34.92 -14.49
CA LEU A 511 39.31 36.36 -14.68
C LEU A 511 40.38 36.69 -15.70
N VAL A 512 39.97 37.20 -16.86
CA VAL A 512 40.87 37.29 -18.01
C VAL A 512 40.69 38.64 -18.71
N ASN A 513 41.78 39.19 -19.23
CA ASN A 513 41.74 40.47 -19.93
C ASN A 513 40.92 40.35 -21.20
N ASN A 514 40.63 41.49 -21.83
CA ASN A 514 39.60 41.54 -22.86
C ASN A 514 39.90 40.63 -24.04
N GLY A 515 41.03 40.79 -24.71
CA GLY A 515 41.20 40.05 -25.96
C GLY A 515 42.40 39.13 -26.04
N GLU A 516 42.74 38.45 -24.96
CA GLU A 516 43.87 37.53 -24.96
C GLU A 516 43.50 36.16 -24.41
N THR A 517 44.42 35.22 -24.56
CA THR A 517 44.19 33.83 -24.21
C THR A 517 44.83 33.47 -22.87
N VAL A 518 44.20 32.54 -22.16
CA VAL A 518 44.76 31.94 -20.96
C VAL A 518 44.61 30.44 -21.09
N VAL A 519 45.50 29.68 -20.47
CA VAL A 519 45.34 28.23 -20.40
C VAL A 519 44.64 27.87 -19.10
N LEU A 520 43.52 27.16 -19.22
CA LEU A 520 42.72 26.83 -18.06
C LEU A 520 43.28 25.63 -17.31
N GLY A 521 43.77 24.64 -18.04
CA GLY A 521 44.34 23.47 -17.44
C GLY A 521 44.89 22.54 -18.49
N GLY A 522 45.49 21.46 -18.01
CA GLY A 522 46.04 20.46 -18.89
C GLY A 522 46.41 19.22 -18.11
N ILE A 523 46.73 18.17 -18.85
CA ILE A 523 47.19 16.92 -18.24
C ILE A 523 48.38 16.42 -19.04
N PHE A 524 49.43 15.98 -18.35
CA PHE A 524 50.63 15.46 -18.97
C PHE A 524 50.84 14.03 -18.49
N GLN A 525 51.24 13.13 -19.40
CA GLN A 525 51.50 11.75 -19.01
C GLN A 525 52.73 11.21 -19.73
N HIS A 526 53.43 10.31 -19.05
CA HIS A 526 54.61 9.67 -19.61
C HIS A 526 54.73 8.26 -19.03
N SER A 527 55.24 7.32 -19.83
CA SER A 527 55.41 5.97 -19.30
C SER A 527 56.51 5.23 -20.05
N ILE A 528 57.20 4.33 -19.34
CA ILE A 528 58.33 3.56 -19.87
C ILE A 528 58.29 2.15 -19.29
N ASN A 529 58.43 1.14 -20.15
CA ASN A 529 58.46 -0.25 -19.71
C ASN A 529 59.64 -0.98 -20.34
N ASN A 530 60.29 -1.84 -19.56
CA ASN A 530 61.37 -2.68 -20.04
C ASN A 530 61.20 -4.09 -19.50
N SER A 531 61.64 -5.08 -20.26
CA SER A 531 61.54 -6.46 -19.77
C SER A 531 62.54 -7.35 -20.49
N VAL A 532 63.02 -8.37 -19.79
CA VAL A 532 63.96 -9.35 -20.33
C VAL A 532 63.61 -10.72 -19.76
N ASP A 533 63.69 -11.75 -20.60
CA ASP A 533 63.74 -13.10 -20.04
C ASP A 533 64.85 -13.88 -20.74
N LYS A 534 65.69 -14.55 -19.96
CA LYS A 534 66.93 -15.05 -20.49
C LYS A 534 67.28 -16.39 -19.87
N VAL A 535 68.43 -16.92 -20.29
CA VAL A 535 68.97 -18.14 -19.69
C VAL A 535 69.92 -17.75 -18.56
N PRO A 536 69.82 -18.38 -17.39
CA PRO A 536 70.41 -17.80 -16.17
C PRO A 536 71.84 -17.28 -16.27
N LEU A 537 72.71 -17.92 -17.03
CA LEU A 537 74.08 -17.44 -17.10
C LEU A 537 74.53 -17.01 -18.48
N LEU A 538 73.96 -17.59 -19.53
CA LEU A 538 74.43 -17.30 -20.88
C LEU A 538 73.88 -15.99 -21.42
N GLY A 539 72.69 -15.59 -20.98
CA GLY A 539 72.05 -14.41 -21.51
C GLY A 539 72.70 -13.12 -21.05
N ASP A 540 73.93 -13.21 -20.56
CA ASP A 540 74.66 -12.04 -20.09
C ASP A 540 76.03 -11.91 -20.75
N LEU A 541 76.41 -12.85 -21.63
CA LEU A 541 77.70 -12.78 -22.29
C LEU A 541 77.75 -11.56 -23.20
N PRO A 542 78.94 -10.97 -23.37
CA PRO A 542 79.01 -9.64 -24.00
C PRO A 542 78.40 -9.54 -25.38
N VAL A 543 78.75 -10.43 -26.30
CA VAL A 543 78.22 -10.32 -27.66
C VAL A 543 77.35 -11.53 -27.98
N LEU A 544 77.69 -12.69 -27.45
CA LEU A 544 76.89 -13.87 -27.70
C LEU A 544 75.56 -13.88 -26.95
N GLY A 545 75.42 -13.05 -25.92
CA GLY A 545 74.25 -13.14 -25.06
C GLY A 545 72.94 -12.97 -25.79
N ALA A 546 72.94 -12.22 -26.89
CA ALA A 546 71.72 -11.98 -27.66
C ALA A 546 71.13 -13.25 -28.22
N LEU A 547 71.84 -14.37 -28.16
CA LEU A 547 71.30 -15.64 -28.61
C LEU A 547 70.51 -16.35 -27.52
N PHE A 548 70.44 -15.80 -26.32
CA PHE A 548 69.88 -16.50 -25.16
C PHE A 548 68.88 -15.65 -24.41
N ARG A 549 68.19 -14.74 -25.07
CA ARG A 549 67.34 -13.82 -24.32
C ARG A 549 66.32 -13.18 -25.26
N ARG A 550 65.17 -12.82 -24.67
CA ARG A 550 64.18 -11.98 -25.34
C ARG A 550 64.08 -10.67 -24.59
N THR A 551 64.02 -9.58 -25.35
CA THR A 551 64.04 -8.22 -24.84
C THR A 551 62.86 -7.43 -25.37
N TYR A 552 62.22 -6.66 -24.49
CA TYR A 552 61.02 -5.90 -24.82
C TYR A 552 61.15 -4.50 -24.24
N GLU A 553 60.75 -3.49 -25.01
CA GLU A 553 60.85 -2.12 -24.55
C GLU A 553 59.77 -1.24 -25.15
N GLN A 554 59.13 -0.41 -24.32
CA GLN A 554 58.00 0.39 -24.78
C GLN A 554 58.01 1.75 -24.10
N MET A 555 57.59 2.80 -24.81
CA MET A 555 57.53 4.16 -24.26
C MET A 555 56.34 4.95 -24.84
N GLY A 556 55.61 5.67 -23.98
CA GLY A 556 54.47 6.47 -24.41
C GLY A 556 54.47 7.84 -23.80
N LYS A 557 53.86 8.79 -24.50
CA LYS A 557 53.78 10.16 -24.01
C LYS A 557 52.51 10.84 -24.51
N SER A 558 51.87 11.60 -23.63
CA SER A 558 50.59 12.22 -23.98
C SER A 558 50.49 13.60 -23.34
N GLU A 559 49.77 14.50 -24.01
CA GLU A 559 49.63 15.85 -23.50
C GLU A 559 48.32 16.48 -23.95
N LEU A 560 47.61 17.09 -23.00
CA LEU A 560 46.31 17.75 -23.27
C LEU A 560 46.34 19.17 -22.71
N LEU A 561 45.80 20.13 -23.46
CA LEU A 561 45.73 21.53 -23.04
C LEU A 561 44.39 22.14 -23.41
N ILE A 562 43.92 23.07 -22.57
CA ILE A 562 42.66 23.78 -22.83
C ILE A 562 42.89 25.28 -22.73
N PHE A 563 42.53 26.02 -23.78
CA PHE A 563 42.65 27.47 -23.86
C PHE A 563 41.28 28.12 -23.95
N VAL A 564 41.21 29.40 -23.59
CA VAL A 564 40.00 30.19 -23.78
C VAL A 564 40.40 31.62 -24.07
N THR A 565 39.59 32.29 -24.89
CA THR A 565 39.83 33.69 -25.24
C THR A 565 38.52 34.44 -25.49
N PRO A 566 38.17 35.39 -24.64
CA PRO A 566 36.95 36.19 -24.85
C PRO A 566 37.24 37.47 -25.61
N LYS A 567 36.16 38.16 -26.01
CA LYS A 567 36.24 39.40 -26.77
C LYS A 567 34.91 40.14 -26.73
N VAL A 568 34.95 41.45 -26.53
CA VAL A 568 33.75 42.27 -26.48
C VAL A 568 33.48 42.80 -27.88
N VAL A 569 32.27 42.55 -28.38
CA VAL A 569 31.91 42.99 -29.72
C VAL A 569 31.65 44.49 -29.68
N ILE A 570 32.50 45.24 -30.38
CA ILE A 570 32.41 46.69 -30.42
C ILE A 570 31.61 47.22 -31.60
N GLN A 571 30.60 46.52 -32.09
CA GLN A 571 29.67 47.04 -33.13
C GLN A 571 30.40 47.67 -34.34
N SER B 160 9.64 98.66 9.91
CA SER B 160 9.03 99.81 10.55
C SER B 160 7.91 99.38 11.49
N ILE B 161 8.04 98.17 12.04
CA ILE B 161 6.98 97.54 12.83
C ILE B 161 7.40 97.50 14.29
N ASN B 162 6.49 97.93 15.17
CA ASN B 162 6.65 97.76 16.61
C ASN B 162 5.25 97.69 17.19
N PHE B 163 4.78 96.48 17.47
CA PHE B 163 3.41 96.25 17.93
C PHE B 163 3.45 95.56 19.28
N GLN B 164 2.98 96.24 20.32
CA GLN B 164 2.93 95.70 21.67
C GLN B 164 1.47 95.51 22.05
N ASP B 165 1.12 94.31 22.51
CA ASP B 165 -0.25 94.00 22.91
C ASP B 165 -1.22 94.31 21.77
N ILE B 166 -0.79 93.98 20.56
CA ILE B 166 -1.59 94.16 19.34
C ILE B 166 -2.10 92.79 18.91
N PRO B 167 -3.39 92.64 18.63
CA PRO B 167 -3.89 91.33 18.19
C PRO B 167 -3.24 90.90 16.88
N VAL B 168 -3.14 89.58 16.70
CA VAL B 168 -2.56 89.04 15.48
C VAL B 168 -3.36 89.50 14.26
N ARG B 169 -4.67 89.61 14.40
CA ARG B 169 -5.50 90.12 13.32
C ARG B 169 -5.07 91.51 12.90
N ASN B 170 -4.72 92.37 13.86
CA ASN B 170 -4.39 93.75 13.52
C ASN B 170 -3.04 93.86 12.82
N VAL B 171 -2.03 93.15 13.31
CA VAL B 171 -0.74 93.18 12.65
C VAL B 171 -0.82 92.52 11.27
N LEU B 172 -1.68 91.50 11.13
CA LEU B 172 -1.85 90.89 9.83
C LEU B 172 -2.55 91.83 8.85
N GLN B 173 -3.55 92.57 9.33
CA GLN B 173 -4.19 93.56 8.47
C GLN B 173 -3.24 94.69 8.12
N LEU B 174 -2.29 95.00 9.02
CA LEU B 174 -1.25 95.98 8.68
C LEU B 174 -0.36 95.45 7.57
N ILE B 175 0.14 94.22 7.72
CA ILE B 175 0.95 93.61 6.68
C ILE B 175 0.18 93.55 5.36
N ALA B 176 -1.14 93.36 5.42
CA ALA B 176 -1.95 93.39 4.22
C ALA B 176 -1.96 94.78 3.59
N ASP B 177 -2.41 95.79 4.36
CA ASP B 177 -2.58 97.15 3.86
C ASP B 177 -1.25 97.83 3.53
N TYR B 178 -0.13 97.14 3.66
CA TYR B 178 1.18 97.71 3.38
C TYR B 178 1.64 97.48 1.95
N ASN B 179 0.69 97.39 1.01
CA ASN B 179 0.87 97.14 -0.43
C ASN B 179 1.17 95.67 -0.73
N GLY B 180 1.05 94.79 0.26
CA GLY B 180 1.14 93.37 -0.01
C GLY B 180 -0.16 92.82 -0.57
N PHE B 181 -0.12 91.56 -0.96
CA PHE B 181 -1.32 90.92 -1.49
C PHE B 181 -2.37 90.76 -0.40
N ASN B 182 -3.63 91.01 -0.76
CA ASN B 182 -4.71 91.03 0.21
C ASN B 182 -4.79 89.71 0.97
N LEU B 183 -5.02 89.79 2.28
CA LEU B 183 -5.12 88.61 3.12
C LEU B 183 -6.29 88.75 4.07
N VAL B 184 -6.84 87.61 4.46
CA VAL B 184 -8.00 87.55 5.35
C VAL B 184 -7.75 86.48 6.41
N VAL B 185 -8.44 86.63 7.55
CA VAL B 185 -8.27 85.71 8.68
C VAL B 185 -9.63 85.20 9.14
N SER B 186 -9.61 84.28 10.10
CA SER B 186 -10.83 83.70 10.65
C SER B 186 -11.40 84.62 11.73
N ASP B 187 -12.37 84.12 12.49
CA ASP B 187 -13.00 84.93 13.53
C ASP B 187 -12.07 85.12 14.72
N SER B 188 -11.74 84.02 15.41
CA SER B 188 -10.82 84.03 16.54
C SER B 188 -9.67 83.11 16.14
N VAL B 189 -8.66 83.68 15.49
CA VAL B 189 -7.63 82.87 14.86
C VAL B 189 -6.55 82.49 15.86
N VAL B 190 -5.80 83.48 16.33
CA VAL B 190 -4.63 83.22 17.17
C VAL B 190 -4.78 83.98 18.48
N GLY B 191 -4.88 85.30 18.38
CA GLY B 191 -5.00 86.15 19.56
C GLY B 191 -4.15 87.40 19.46
N ASN B 192 -3.26 87.58 20.44
CA ASN B 192 -2.49 88.79 20.61
C ASN B 192 -1.00 88.45 20.64
N LEU B 193 -0.16 89.47 20.44
CA LEU B 193 1.29 89.28 20.55
C LEU B 193 1.98 90.64 20.74
N THR B 194 3.30 90.62 20.64
CA THR B 194 4.14 91.80 20.82
C THR B 194 5.53 91.52 20.28
N LEU B 195 6.00 92.39 19.38
CA LEU B 195 7.32 92.28 18.78
C LEU B 195 7.60 93.54 17.98
N ARG B 196 8.89 93.77 17.72
CA ARG B 196 9.34 94.95 16.98
C ARG B 196 10.51 94.58 16.08
N LEU B 197 10.38 94.90 14.79
CA LEU B 197 11.41 94.64 13.80
C LEU B 197 11.27 95.65 12.67
N ASP B 198 12.34 95.77 11.87
CA ASP B 198 12.36 96.72 10.77
C ASP B 198 13.48 96.36 9.80
N GLY B 199 13.33 96.83 8.56
CA GLY B 199 14.35 96.67 7.53
C GLY B 199 14.61 95.23 7.13
N VAL B 200 13.55 94.49 6.81
CA VAL B 200 13.65 93.06 6.57
C VAL B 200 12.60 92.65 5.54
N PRO B 201 12.73 91.49 4.90
CA PRO B 201 11.67 91.04 3.98
C PRO B 201 10.44 90.53 4.74
N TRP B 202 9.29 90.64 4.07
CA TRP B 202 8.06 90.09 4.63
C TRP B 202 8.12 88.58 4.76
N GLN B 203 8.91 87.92 3.90
CA GLN B 203 8.99 86.46 3.93
C GLN B 203 9.49 85.97 5.27
N GLN B 204 10.67 86.45 5.70
CA GLN B 204 11.28 85.96 6.94
C GLN B 204 10.42 86.29 8.15
N VAL B 205 9.96 87.54 8.25
CA VAL B 205 9.19 87.96 9.42
C VAL B 205 7.87 87.21 9.49
N LEU B 206 7.14 87.19 8.37
CA LEU B 206 5.86 86.48 8.33
C LEU B 206 6.05 85.01 8.69
N ASP B 207 7.08 84.36 8.12
CA ASP B 207 7.26 82.95 8.39
C ASP B 207 7.65 82.70 9.84
N ILE B 208 8.53 83.52 10.41
CA ILE B 208 8.93 83.29 11.79
C ILE B 208 7.75 83.50 12.74
N ILE B 209 6.88 84.48 12.43
CA ILE B 209 5.67 84.65 13.21
C ILE B 209 4.77 83.42 13.10
N LEU B 210 4.49 83.00 11.87
CA LEU B 210 3.59 81.87 11.65
C LEU B 210 4.15 80.56 12.15
N GLN B 211 5.47 80.49 12.38
CA GLN B 211 6.07 79.28 12.93
C GLN B 211 6.01 79.28 14.44
N VAL B 212 6.49 80.36 15.08
CA VAL B 212 6.63 80.35 16.53
C VAL B 212 5.25 80.31 17.20
N LYS B 213 4.42 81.32 16.96
CA LYS B 213 3.11 81.36 17.58
C LYS B 213 2.01 81.41 16.52
N GLY B 214 2.28 82.06 15.40
CA GLY B 214 1.29 82.21 14.36
C GLY B 214 0.83 80.88 13.79
N LEU B 215 -0.23 80.97 13.00
CA LEU B 215 -0.88 79.82 12.41
C LEU B 215 -0.43 79.60 10.96
N ASP B 216 -1.20 78.81 10.21
CA ASP B 216 -0.86 78.50 8.83
C ASP B 216 -1.66 79.34 7.85
N LYS B 217 -1.21 79.36 6.59
CA LYS B 217 -1.79 80.20 5.55
C LYS B 217 -1.81 79.45 4.23
N ARG B 218 -2.81 79.79 3.40
CA ARG B 218 -2.94 79.21 2.07
C ARG B 218 -3.26 80.32 1.07
N VAL B 219 -2.75 80.18 -0.15
CA VAL B 219 -2.96 81.15 -1.21
C VAL B 219 -3.78 80.51 -2.32
N ASP B 220 -4.86 81.19 -2.71
CA ASP B 220 -5.76 80.71 -3.75
C ASP B 220 -5.30 81.13 -5.14
N GLY B 221 -4.11 81.72 -5.26
CA GLY B 221 -3.63 82.21 -6.53
C GLY B 221 -3.39 83.70 -6.52
N ASN B 222 -4.28 84.45 -5.87
CA ASN B 222 -4.15 85.90 -5.77
C ASN B 222 -4.05 86.40 -4.34
N VAL B 223 -4.95 85.98 -3.46
CA VAL B 223 -5.02 86.51 -2.11
C VAL B 223 -4.75 85.39 -1.12
N ILE B 224 -4.40 85.78 0.10
CA ILE B 224 -3.92 84.86 1.13
C ILE B 224 -4.96 84.76 2.24
N LEU B 225 -5.11 83.56 2.80
CA LEU B 225 -5.99 83.30 3.92
C LEU B 225 -5.19 82.67 5.04
N ILE B 226 -5.54 83.01 6.27
CA ILE B 226 -4.84 82.51 7.45
C ILE B 226 -5.83 81.77 8.33
N ALA B 227 -5.37 80.72 8.99
CA ALA B 227 -6.20 79.93 9.89
C ALA B 227 -5.28 79.01 10.70
N PRO B 228 -5.77 78.50 11.83
CA PRO B 228 -5.00 77.49 12.56
C PRO B 228 -4.88 76.19 11.78
N LYS B 229 -3.81 75.46 12.07
CA LYS B 229 -3.57 74.20 11.37
C LYS B 229 -4.65 73.17 11.69
N GLU B 230 -5.28 73.27 12.86
CA GLU B 230 -6.30 72.30 13.24
C GLU B 230 -7.47 72.31 12.27
N GLU B 231 -8.00 73.50 11.96
CA GLU B 231 -9.11 73.59 11.02
C GLU B 231 -8.70 73.15 9.62
N LEU B 232 -7.48 73.46 9.21
CA LEU B 232 -7.03 73.06 7.88
C LEU B 232 -6.95 71.54 7.76
N ASP B 233 -6.32 70.89 8.75
CA ASP B 233 -6.23 69.43 8.73
C ASP B 233 -7.60 68.79 8.87
N LEU B 234 -8.51 69.41 9.65
CA LEU B 234 -9.86 68.87 9.76
C LEU B 234 -10.59 68.95 8.43
N ARG B 235 -10.46 70.08 7.73
CA ARG B 235 -11.09 70.23 6.42
C ARG B 235 -10.54 69.22 5.43
N GLU B 236 -9.22 69.00 5.45
CA GLU B 236 -8.62 68.02 4.55
C GLU B 236 -9.13 66.61 4.85
N LYS B 237 -9.18 66.24 6.13
CA LYS B 237 -9.67 64.92 6.48
C LYS B 237 -11.13 64.75 6.09
N GLN B 238 -11.94 65.80 6.28
CA GLN B 238 -13.33 65.74 5.85
C GLN B 238 -13.45 65.51 4.35
N ALA B 239 -12.66 66.25 3.56
CA ALA B 239 -12.73 66.10 2.12
C ALA B 239 -12.29 64.71 1.67
N LEU B 240 -11.21 64.19 2.28
CA LEU B 240 -10.75 62.85 1.94
C LEU B 240 -11.79 61.79 2.30
N GLU B 241 -12.38 61.89 3.49
CA GLU B 241 -13.39 60.91 3.87
C GLU B 241 -14.61 60.98 2.96
N LYS B 242 -15.01 62.20 2.57
CA LYS B 242 -16.13 62.34 1.64
C LYS B 242 -15.81 61.66 0.31
N ALA B 243 -14.63 61.91 -0.23
CA ALA B 243 -14.25 61.29 -1.49
C ALA B 243 -14.23 59.77 -1.38
N ARG B 244 -13.62 59.24 -0.32
CA ARG B 244 -13.51 57.79 -0.17
C ARG B 244 -14.88 57.14 -0.02
N LEU B 245 -15.77 57.76 0.76
CA LEU B 245 -17.08 57.16 0.96
C LEU B 245 -17.95 57.29 -0.28
N ALA B 246 -17.84 58.40 -1.00
CA ALA B 246 -18.61 58.55 -2.24
C ALA B 246 -18.14 57.58 -3.30
N GLU B 247 -16.83 57.33 -3.37
CA GLU B 247 -16.33 56.34 -4.32
C GLU B 247 -16.61 54.93 -3.85
N GLU B 248 -16.85 54.73 -2.55
CA GLU B 248 -17.24 53.41 -2.07
C GLU B 248 -18.69 53.11 -2.41
N LEU B 249 -19.62 53.89 -1.86
CA LEU B 249 -21.05 53.62 -2.04
C LEU B 249 -21.61 54.55 -3.12
N GLY B 250 -21.48 54.10 -4.36
CA GLY B 250 -22.06 54.78 -5.50
C GLY B 250 -23.05 53.89 -6.25
N ASP B 251 -23.72 54.51 -7.21
CA ASP B 251 -24.64 53.80 -8.08
C ASP B 251 -23.88 53.25 -9.29
N LEU B 252 -23.97 51.94 -9.51
CA LEU B 252 -23.18 51.29 -10.54
C LEU B 252 -23.89 51.35 -11.90
N LYS B 253 -23.09 51.25 -12.96
CA LYS B 253 -23.59 51.22 -14.32
C LYS B 253 -22.95 50.05 -15.05
N SER B 254 -23.70 49.48 -15.99
CA SER B 254 -23.30 48.29 -16.73
C SER B 254 -23.36 48.57 -18.22
N GLU B 255 -22.30 48.21 -18.94
CA GLU B 255 -22.27 48.42 -20.39
C GLU B 255 -21.17 47.58 -21.02
N ILE B 256 -21.11 47.58 -22.34
CA ILE B 256 -20.26 46.69 -23.11
C ILE B 256 -19.24 47.49 -23.90
N ILE B 257 -18.01 46.98 -23.94
CA ILE B 257 -16.88 47.58 -24.65
C ILE B 257 -16.45 46.64 -25.76
N LYS B 258 -16.45 47.12 -27.00
CA LYS B 258 -16.06 46.32 -28.14
C LYS B 258 -14.56 46.43 -28.37
N ILE B 259 -13.91 45.29 -28.59
CA ILE B 259 -12.47 45.19 -28.74
C ILE B 259 -12.15 44.73 -30.15
N ASN B 260 -11.17 45.37 -30.78
CA ASN B 260 -10.63 44.94 -32.05
C ASN B 260 -9.11 44.97 -31.99
N PHE B 261 -8.48 44.06 -32.73
CA PHE B 261 -7.04 43.84 -32.87
C PHE B 261 -6.45 43.08 -31.69
N ALA B 262 -7.19 42.82 -30.62
CA ALA B 262 -6.65 42.07 -29.50
C ALA B 262 -7.72 41.13 -28.99
N LYS B 263 -7.29 40.09 -28.30
CA LYS B 263 -8.23 39.15 -27.70
C LYS B 263 -8.83 39.74 -26.44
N ALA B 264 -10.14 39.60 -26.28
CA ALA B 264 -10.80 40.16 -25.11
C ALA B 264 -10.47 39.39 -23.84
N SER B 265 -10.13 38.11 -23.96
CA SER B 265 -9.81 37.33 -22.76
C SER B 265 -8.51 37.81 -22.12
N ASP B 266 -7.50 38.10 -22.94
CA ASP B 266 -6.26 38.64 -22.39
C ASP B 266 -6.48 39.98 -21.71
N ILE B 267 -7.28 40.85 -22.31
CA ILE B 267 -7.53 42.17 -21.74
C ILE B 267 -8.34 42.05 -20.45
N ALA B 268 -9.31 41.14 -20.40
CA ALA B 268 -10.05 40.93 -19.16
C ALA B 268 -9.17 40.35 -18.08
N ALA B 269 -8.14 39.58 -18.45
CA ALA B 269 -7.24 39.04 -17.44
C ALA B 269 -6.26 40.10 -16.95
N MET B 270 -5.96 41.09 -17.78
CA MET B 270 -5.07 42.15 -17.34
C MET B 270 -5.78 43.21 -16.50
N ILE B 271 -7.00 43.59 -16.88
CA ILE B 271 -7.69 44.67 -16.17
C ILE B 271 -8.23 44.18 -14.83
N GLY B 272 -8.84 43.00 -14.82
CA GLY B 272 -9.29 42.42 -13.57
C GLY B 272 -8.28 41.44 -13.03
N GLY B 273 -8.70 40.20 -12.80
CA GLY B 273 -7.75 39.15 -12.48
C GLY B 273 -7.82 38.61 -11.07
N GLU B 274 -6.71 38.04 -10.62
CA GLU B 274 -6.68 37.39 -9.31
C GLU B 274 -6.68 38.41 -8.19
N GLY B 275 -7.62 38.25 -7.26
CA GLY B 275 -7.71 39.12 -6.10
C GLY B 275 -8.12 40.54 -6.43
N ASN B 276 -8.58 41.28 -5.43
CA ASN B 276 -9.04 42.65 -5.63
C ASN B 276 -7.93 43.68 -5.49
N VAL B 277 -6.80 43.31 -4.88
CA VAL B 277 -5.71 44.26 -4.73
C VAL B 277 -5.11 44.60 -6.10
N ASN B 278 -4.97 43.59 -6.97
CA ASN B 278 -4.45 43.85 -8.29
C ASN B 278 -5.48 44.55 -9.17
N MET B 279 -6.74 44.14 -9.06
CA MET B 279 -7.80 44.64 -9.92
C MET B 279 -7.85 46.17 -9.91
N LEU B 280 -8.11 46.74 -11.07
CA LEU B 280 -8.37 48.16 -11.16
C LEU B 280 -9.86 48.43 -10.97
N SER B 281 -10.42 47.88 -9.89
CA SER B 281 -11.86 47.99 -9.64
C SER B 281 -12.07 48.03 -8.13
N GLU B 282 -13.30 48.37 -7.73
CA GLU B 282 -13.64 48.53 -6.31
C GLU B 282 -14.72 47.55 -5.86
N ARG B 283 -15.91 47.65 -6.46
CA ARG B 283 -16.97 46.63 -6.23
C ARG B 283 -17.76 46.41 -7.54
N GLY B 284 -17.07 46.50 -8.68
CA GLY B 284 -17.48 45.79 -9.91
C GLY B 284 -16.30 44.99 -10.43
N SER B 285 -16.33 44.61 -11.71
CA SER B 285 -16.39 43.25 -12.29
C SER B 285 -16.36 43.33 -13.82
N ILE B 286 -15.55 42.48 -14.46
CA ILE B 286 -15.56 42.33 -15.94
C ILE B 286 -16.13 40.95 -16.28
N SER B 287 -16.80 40.82 -17.44
CA SER B 287 -17.10 39.52 -18.03
C SER B 287 -16.74 39.54 -19.50
N ILE B 288 -16.52 38.35 -20.04
CA ILE B 288 -16.13 38.19 -21.44
C ILE B 288 -17.30 37.64 -22.23
N ASP B 289 -17.46 38.14 -23.46
CA ASP B 289 -18.36 37.55 -24.45
C ASP B 289 -17.50 37.18 -25.65
N GLU B 290 -17.22 35.88 -25.78
CA GLU B 290 -16.29 35.38 -26.77
C GLU B 290 -16.86 35.36 -28.17
N ARG B 291 -18.17 35.19 -28.30
CA ARG B 291 -18.78 35.08 -29.63
C ARG B 291 -18.51 36.32 -30.47
N THR B 292 -18.57 37.50 -29.85
CA THR B 292 -18.43 38.76 -30.55
C THR B 292 -17.21 39.57 -30.11
N ASN B 293 -16.31 38.97 -29.32
CA ASN B 293 -15.07 39.61 -28.87
C ASN B 293 -15.37 40.91 -28.14
N SER B 294 -16.05 40.80 -26.99
CA SER B 294 -16.49 41.99 -26.27
C SER B 294 -16.33 41.79 -24.76
N LEU B 295 -16.22 42.92 -24.06
CA LEU B 295 -16.21 42.94 -22.61
C LEU B 295 -17.51 43.53 -22.10
N LEU B 296 -17.94 43.09 -20.92
CA LEU B 296 -19.15 43.57 -20.28
C LEU B 296 -18.79 43.96 -18.86
N ILE B 297 -18.80 45.26 -18.56
CA ILE B 297 -18.26 45.80 -17.33
C ILE B 297 -19.38 46.46 -16.52
N ARG B 298 -19.29 46.33 -15.19
CA ARG B 298 -20.24 46.93 -14.26
C ARG B 298 -19.44 47.62 -13.16
N GLU B 299 -19.45 48.96 -13.17
CA GLU B 299 -18.64 49.73 -12.23
C GLU B 299 -19.16 51.16 -12.15
N LEU B 300 -18.41 51.99 -11.45
CA LEU B 300 -18.79 53.39 -11.27
C LEU B 300 -18.61 54.15 -12.58
N PRO B 301 -19.56 55.01 -12.95
CA PRO B 301 -19.48 55.67 -14.27
C PRO B 301 -18.29 56.60 -14.43
N ASP B 302 -17.41 56.65 -13.44
CA ASP B 302 -16.21 57.47 -13.52
C ASP B 302 -14.98 56.63 -13.85
N ASN B 303 -15.00 55.38 -13.39
CA ASN B 303 -13.92 54.45 -13.67
C ASN B 303 -14.07 53.87 -15.07
N ILE B 304 -15.29 53.88 -15.59
CA ILE B 304 -15.54 53.39 -16.93
C ILE B 304 -14.80 54.22 -17.95
N ALA B 305 -14.69 55.53 -17.71
CA ALA B 305 -14.05 56.41 -18.69
C ALA B 305 -12.55 56.20 -18.74
N VAL B 306 -11.90 56.04 -17.59
CA VAL B 306 -10.46 55.82 -17.59
C VAL B 306 -10.13 54.44 -18.15
N ILE B 307 -10.90 53.42 -17.74
CA ILE B 307 -10.72 52.08 -18.30
C ILE B 307 -10.88 52.11 -19.81
N ARG B 308 -11.90 52.83 -20.29
CA ARG B 308 -12.15 52.90 -21.72
C ARG B 308 -10.99 53.57 -22.45
N GLU B 309 -10.45 54.64 -21.87
CA GLU B 309 -9.35 55.35 -22.51
C GLU B 309 -8.09 54.48 -22.57
N ILE B 310 -7.79 53.77 -21.48
CA ILE B 310 -6.60 52.92 -21.46
C ILE B 310 -6.74 51.78 -22.48
N ILE B 311 -7.85 51.03 -22.41
CA ILE B 311 -7.97 49.90 -23.32
C ILE B 311 -8.26 50.32 -24.75
N GLU B 312 -8.56 51.59 -24.99
CA GLU B 312 -8.53 52.09 -26.35
C GLU B 312 -7.11 52.45 -26.78
N SER B 313 -6.27 52.79 -25.81
CA SER B 313 -4.85 53.02 -26.11
C SER B 313 -4.06 51.73 -26.30
N LEU B 314 -4.55 50.59 -25.81
CA LEU B 314 -3.77 49.36 -25.90
C LEU B 314 -3.96 48.65 -27.24
N ASP B 315 -5.20 48.34 -27.62
CA ASP B 315 -5.41 47.45 -28.76
C ASP B 315 -5.05 48.15 -30.07
N ILE B 316 -3.90 47.82 -30.61
CA ILE B 316 -3.40 48.36 -31.87
C ILE B 316 -2.78 47.23 -32.67
N PRO B 317 -2.70 47.39 -34.00
CA PRO B 317 -2.00 46.39 -34.81
C PRO B 317 -0.51 46.36 -34.52
N VAL B 318 0.06 45.16 -34.58
CA VAL B 318 1.47 44.96 -34.27
C VAL B 318 2.23 44.63 -35.55
N LYS B 319 3.55 44.56 -35.41
CA LYS B 319 4.47 44.30 -36.51
C LYS B 319 4.68 42.79 -36.68
N GLN B 320 5.29 42.42 -37.81
CA GLN B 320 5.59 41.03 -38.11
C GLN B 320 7.05 40.91 -38.52
N VAL B 321 7.67 39.81 -38.13
CA VAL B 321 9.09 39.57 -38.35
C VAL B 321 9.27 38.27 -39.09
N GLN B 322 10.30 38.22 -39.92
CA GLN B 322 10.69 37.04 -40.68
C GLN B 322 12.08 36.62 -40.24
N ILE B 323 12.23 35.37 -39.79
CA ILE B 323 13.49 34.88 -39.25
C ILE B 323 13.99 33.71 -40.09
N GLU B 324 15.27 33.75 -40.45
CA GLU B 324 15.84 32.70 -41.26
C GLU B 324 17.20 32.22 -40.77
N ALA B 325 17.26 30.95 -40.39
CA ALA B 325 18.49 30.33 -39.91
C ALA B 325 19.19 29.61 -41.05
N ARG B 326 20.49 29.40 -40.89
CA ARG B 326 21.27 28.74 -41.94
C ARG B 326 22.39 27.91 -41.32
N ILE B 327 22.38 26.61 -41.57
CA ILE B 327 23.35 25.69 -40.99
C ILE B 327 24.19 25.14 -42.14
N VAL B 328 25.51 25.30 -42.05
CA VAL B 328 26.41 24.91 -43.11
C VAL B 328 27.49 23.99 -42.53
N THR B 329 27.80 22.90 -43.25
CA THR B 329 28.90 22.05 -42.81
C THR B 329 29.73 21.57 -43.99
N VAL B 330 31.04 21.47 -43.76
CA VAL B 330 32.00 21.08 -44.78
C VAL B 330 32.96 20.04 -44.20
N LYS B 331 33.26 19.01 -44.98
CA LYS B 331 34.13 17.93 -44.53
C LYS B 331 35.15 17.58 -45.60
N GLU B 332 36.37 17.22 -45.18
CA GLU B 332 37.40 16.71 -46.08
C GLU B 332 38.21 15.61 -45.41
N GLY B 333 38.72 14.70 -46.24
CA GLY B 333 39.54 13.60 -45.73
C GLY B 333 40.53 13.01 -46.70
N ASN B 334 41.67 12.53 -46.20
CA ASN B 334 42.71 11.92 -47.02
C ASN B 334 43.32 10.72 -46.31
N LEU B 335 43.72 9.72 -47.09
CA LEU B 335 44.30 8.50 -46.51
C LEU B 335 45.30 7.90 -47.49
N GLU B 336 46.38 7.32 -46.96
CA GLU B 336 47.39 6.64 -47.78
C GLU B 336 48.10 5.54 -47.02
N GLU B 337 48.31 4.41 -47.69
CA GLU B 337 48.97 3.26 -47.08
C GLU B 337 49.87 2.49 -48.05
N LEU B 338 51.05 2.09 -47.57
CA LEU B 338 52.04 1.34 -48.34
C LEU B 338 52.49 0.09 -47.60
N GLY B 339 52.61 -1.03 -48.29
CA GLY B 339 52.99 -2.26 -47.62
C GLY B 339 53.75 -3.21 -48.52
N VAL B 340 54.50 -4.13 -47.89
CA VAL B 340 55.41 -5.01 -48.61
C VAL B 340 55.39 -6.42 -48.00
N ARG B 341 55.48 -7.41 -48.87
CA ARG B 341 55.41 -8.81 -48.45
C ARG B 341 56.44 -9.58 -49.25
N TRP B 342 57.49 -10.09 -48.61
CA TRP B 342 58.46 -10.87 -49.39
C TRP B 342 59.00 -12.04 -48.60
N GLY B 343 59.53 -13.01 -49.36
CA GLY B 343 60.03 -14.25 -48.76
C GLY B 343 61.10 -14.89 -49.62
N VAL B 344 61.92 -15.73 -48.97
CA VAL B 344 62.99 -16.44 -49.64
C VAL B 344 63.00 -17.89 -49.15
N MET B 345 63.61 -18.75 -49.94
CA MET B 345 63.67 -20.17 -49.59
C MET B 345 64.80 -20.82 -50.38
N SER B 346 65.83 -21.29 -49.70
CA SER B 346 66.97 -21.81 -50.44
C SER B 346 67.58 -22.98 -49.70
N THR B 347 68.23 -23.86 -50.46
CA THR B 347 68.90 -25.03 -49.90
C THR B 347 70.24 -25.20 -50.61
N ASN B 348 71.17 -25.89 -49.95
CA ASN B 348 72.52 -26.01 -50.47
C ASN B 348 73.08 -27.43 -50.38
N GLY B 349 72.39 -28.34 -49.72
CA GLY B 349 72.99 -29.59 -49.33
C GLY B 349 73.46 -29.48 -47.90
N SER B 350 72.70 -30.04 -46.97
CA SER B 350 72.96 -29.94 -45.53
C SER B 350 72.94 -28.51 -45.01
N HIS B 351 72.53 -27.55 -45.84
CA HIS B 351 72.44 -26.15 -45.43
C HIS B 351 71.19 -25.56 -46.05
N SER B 352 70.44 -24.79 -45.27
CA SER B 352 69.19 -24.21 -45.73
C SER B 352 69.02 -22.80 -45.20
N VAL B 353 68.11 -22.06 -45.81
CA VAL B 353 67.74 -20.72 -45.37
C VAL B 353 66.27 -20.50 -45.68
N GLY B 354 65.54 -20.00 -44.69
CA GLY B 354 64.11 -19.83 -44.83
C GLY B 354 63.62 -18.66 -44.00
N GLY B 355 62.34 -18.70 -43.67
CA GLY B 355 61.69 -17.61 -42.94
C GLY B 355 61.07 -18.11 -41.65
N SER B 356 61.42 -19.32 -41.25
CA SER B 356 60.94 -19.91 -40.01
C SER B 356 61.58 -21.28 -39.83
N ILE B 357 61.29 -21.93 -38.72
CA ILE B 357 61.77 -23.28 -38.45
C ILE B 357 60.93 -24.33 -39.13
N GLU B 358 59.61 -24.12 -39.19
CA GLU B 358 58.75 -25.04 -39.92
C GLU B 358 59.03 -25.00 -41.41
N SER B 359 59.49 -23.84 -41.91
CA SER B 359 59.88 -23.75 -43.31
C SER B 359 61.07 -24.64 -43.60
N ASN B 360 62.12 -24.57 -42.79
CA ASN B 360 63.30 -25.40 -43.01
C ASN B 360 62.99 -26.87 -42.80
N LEU B 361 62.06 -27.18 -41.89
CA LEU B 361 61.70 -28.58 -41.70
C LEU B 361 60.85 -29.09 -42.86
N TRP B 362 60.18 -28.20 -43.58
CA TRP B 362 59.39 -28.65 -44.73
C TRP B 362 60.27 -28.91 -45.95
N GLN B 363 61.24 -28.05 -46.22
CA GLN B 363 62.09 -28.26 -47.38
C GLN B 363 63.12 -29.33 -47.05
N LYS B 364 62.60 -30.46 -46.59
CA LYS B 364 63.33 -31.68 -46.25
C LYS B 364 62.27 -32.76 -46.15
N GLY B 365 62.61 -33.89 -45.54
CA GLY B 365 61.56 -34.87 -45.36
C GLY B 365 60.89 -34.88 -44.00
N LEU B 366 61.13 -33.88 -43.16
CA LEU B 366 60.85 -34.03 -41.73
C LEU B 366 59.37 -33.83 -41.42
N LEU B 367 58.77 -32.75 -41.91
CA LEU B 367 57.36 -32.51 -41.61
C LEU B 367 56.48 -33.47 -42.39
N ALA B 368 55.31 -33.80 -41.83
CA ALA B 368 54.42 -34.74 -42.48
C ALA B 368 53.57 -34.07 -43.54
N ASP B 369 52.72 -33.12 -43.14
CA ASP B 369 51.78 -32.50 -44.08
C ASP B 369 52.53 -31.53 -44.99
N ASP B 370 52.40 -31.74 -46.30
CA ASP B 370 53.15 -30.94 -47.27
C ASP B 370 52.27 -30.61 -48.46
N GLU B 371 51.65 -29.43 -48.44
CA GLU B 371 51.16 -28.83 -49.67
C GLU B 371 51.88 -27.52 -49.97
N PHE B 372 51.79 -26.54 -49.08
CA PHE B 372 52.75 -25.45 -48.98
C PHE B 372 52.50 -24.66 -47.71
N PRO B 373 53.51 -24.41 -46.89
CA PRO B 373 53.33 -23.50 -45.76
C PRO B 373 53.36 -22.05 -46.19
N VAL B 374 52.21 -21.54 -46.67
CA VAL B 374 52.18 -20.19 -47.26
C VAL B 374 52.48 -19.15 -46.20
N ASP B 375 52.12 -19.42 -44.95
CA ASP B 375 52.37 -18.48 -43.87
C ASP B 375 53.74 -18.63 -43.23
N GLU B 376 54.25 -19.86 -43.13
CA GLU B 376 55.61 -20.06 -42.64
C GLU B 376 56.65 -19.68 -43.68
N PHE B 377 56.24 -19.51 -44.94
CA PHE B 377 57.18 -19.20 -45.99
C PHE B 377 57.72 -17.79 -45.88
N LEU B 378 56.87 -16.82 -45.55
CA LEU B 378 57.21 -15.42 -45.73
C LEU B 378 58.18 -14.92 -44.67
N ASN B 379 59.16 -14.13 -45.09
CA ASN B 379 60.10 -13.50 -44.17
C ASN B 379 59.51 -12.22 -43.60
N VAL B 380 59.12 -11.29 -44.47
CA VAL B 380 58.58 -10.01 -44.07
C VAL B 380 57.15 -9.95 -44.55
N ASN B 381 56.22 -9.71 -43.63
CA ASN B 381 54.78 -9.75 -43.90
C ASN B 381 54.12 -8.47 -43.38
N LEU B 382 54.16 -7.41 -44.19
CA LEU B 382 53.67 -6.09 -43.81
C LEU B 382 52.76 -5.54 -44.89
N ALA B 383 51.78 -6.35 -45.30
CA ALA B 383 50.90 -5.97 -46.39
C ALA B 383 49.96 -4.84 -45.99
N SER B 384 49.66 -3.97 -46.95
CA SER B 384 48.67 -2.93 -46.75
C SER B 384 47.30 -3.55 -46.51
N THR B 385 46.74 -3.29 -45.33
CA THR B 385 45.53 -3.94 -44.87
C THR B 385 44.32 -3.05 -45.17
N SER B 386 43.65 -3.33 -46.27
CA SER B 386 42.46 -2.58 -46.68
C SER B 386 41.71 -3.47 -47.66
N ALA B 387 40.56 -2.97 -48.13
CA ALA B 387 39.75 -3.71 -49.08
C ALA B 387 39.92 -3.23 -50.51
N ASN B 388 40.49 -2.05 -50.71
CA ASN B 388 40.69 -1.48 -52.04
C ASN B 388 42.16 -1.34 -52.40
N ALA B 389 43.04 -2.06 -51.72
CA ALA B 389 44.46 -1.92 -51.97
C ALA B 389 44.87 -2.69 -53.21
N SER B 390 45.77 -2.11 -54.00
CA SER B 390 46.24 -2.70 -55.24
C SER B 390 47.67 -3.18 -55.07
N SER B 391 48.01 -4.29 -55.71
CA SER B 391 49.29 -4.95 -55.50
C SER B 391 49.94 -5.33 -56.81
N ILE B 392 51.17 -5.81 -56.72
CA ILE B 392 51.87 -6.43 -57.84
C ILE B 392 53.01 -7.27 -57.30
N ALA B 393 53.21 -8.44 -57.88
CA ALA B 393 54.15 -9.43 -57.34
C ALA B 393 55.04 -10.19 -58.31
N PHE B 394 56.33 -10.24 -57.98
CA PHE B 394 57.36 -10.82 -58.83
C PHE B 394 57.94 -12.06 -58.16
N GLN B 395 58.46 -12.97 -58.98
CA GLN B 395 58.92 -14.26 -58.50
C GLN B 395 60.15 -14.71 -59.26
N VAL B 396 60.98 -15.52 -58.62
CA VAL B 396 62.08 -16.24 -59.25
C VAL B 396 62.11 -17.63 -58.64
N ALA B 397 61.70 -18.63 -59.41
CA ALA B 397 61.61 -20.00 -58.91
C ALA B 397 62.40 -20.92 -59.83
N LYS B 398 63.42 -21.58 -59.28
CA LYS B 398 64.21 -22.54 -60.03
C LYS B 398 63.71 -23.96 -59.87
N LEU B 399 63.64 -24.45 -58.63
CA LEU B 399 63.20 -25.80 -58.25
C LEU B 399 64.17 -26.87 -58.72
N GLY B 400 65.23 -26.50 -59.46
CA GLY B 400 66.29 -27.42 -59.80
C GLY B 400 67.37 -27.34 -58.76
N SER B 401 67.85 -26.13 -58.48
CA SER B 401 68.73 -25.91 -57.35
C SER B 401 67.97 -25.65 -56.05
N GLY B 402 66.65 -25.47 -56.14
CA GLY B 402 65.79 -25.28 -54.98
C GLY B 402 65.39 -23.85 -54.71
N THR B 403 66.20 -22.88 -55.13
CA THR B 403 65.98 -21.48 -54.75
C THR B 403 64.61 -20.99 -55.20
N LEU B 404 63.97 -20.20 -54.32
CA LEU B 404 62.72 -19.52 -54.62
C LEU B 404 62.75 -18.18 -53.92
N LEU B 405 62.25 -17.14 -54.60
CA LEU B 405 62.13 -15.84 -53.95
C LEU B 405 60.93 -15.09 -54.50
N ASP B 406 60.15 -14.49 -53.59
CA ASP B 406 58.92 -13.78 -53.91
C ASP B 406 58.95 -12.37 -53.34
N LEU B 407 58.37 -11.42 -54.08
CA LEU B 407 58.28 -10.03 -53.63
C LEU B 407 57.01 -9.38 -54.12
N GLU B 408 56.17 -8.89 -53.21
CA GLU B 408 54.91 -8.23 -53.54
C GLU B 408 54.83 -6.85 -52.89
N LEU B 409 54.36 -5.84 -53.66
CA LEU B 409 54.11 -4.49 -53.18
C LEU B 409 52.62 -4.21 -53.20
N SER B 410 52.15 -3.43 -52.27
CA SER B 410 50.75 -3.05 -52.27
C SER B 410 50.59 -1.62 -51.76
N ALA B 411 49.52 -0.97 -52.21
CA ALA B 411 49.36 0.45 -51.97
C ALA B 411 47.87 0.81 -51.97
N LEU B 412 47.57 1.99 -51.42
CA LEU B 412 46.23 2.56 -51.47
C LEU B 412 46.30 4.04 -51.18
N GLN B 413 45.43 4.85 -51.81
CA GLN B 413 45.36 6.28 -51.56
C GLN B 413 43.98 6.86 -51.91
N ASN B 414 43.21 7.31 -50.92
CA ASN B 414 41.90 7.87 -51.28
C ASN B 414 41.66 9.20 -50.58
N GLU B 415 40.53 9.80 -50.93
CA GLU B 415 40.29 11.22 -50.68
C GLU B 415 38.80 11.51 -50.81
N SER B 416 38.29 12.45 -50.01
CA SER B 416 36.86 12.65 -49.97
C SER B 416 36.51 14.08 -49.55
N LYS B 417 35.33 14.53 -49.97
CA LYS B 417 34.79 15.86 -49.69
C LYS B 417 33.29 15.77 -49.48
N ALA B 418 32.74 16.72 -48.72
CA ALA B 418 31.29 16.78 -48.56
C ALA B 418 30.89 18.17 -48.10
N GLU B 419 29.65 18.53 -48.40
CA GLU B 419 29.12 19.83 -48.01
C GLU B 419 27.60 19.81 -47.95
N ILE B 420 27.05 20.29 -46.84
CA ILE B 420 25.60 20.29 -46.61
C ILE B 420 25.15 21.66 -46.17
N ILE B 421 23.98 22.08 -46.65
CA ILE B 421 23.36 23.36 -46.32
C ILE B 421 21.89 23.14 -45.99
N SER B 422 21.42 23.73 -44.89
CA SER B 422 19.99 23.69 -44.59
C SER B 422 19.56 25.02 -44.01
N SER B 423 18.39 25.50 -44.41
CA SER B 423 17.89 26.80 -43.96
C SER B 423 16.38 26.80 -43.79
N PRO B 424 15.89 26.75 -42.54
CA PRO B 424 14.46 27.01 -42.30
C PRO B 424 14.10 28.49 -42.15
N ARG B 425 12.83 28.84 -42.35
CA ARG B 425 12.36 30.21 -42.22
C ARG B 425 11.03 30.23 -41.49
N LEU B 426 10.70 31.38 -40.94
CA LEU B 426 9.42 31.57 -40.27
C LEU B 426 9.00 33.01 -40.42
N ILE B 427 7.70 33.25 -40.31
CA ILE B 427 7.14 34.59 -40.10
C ILE B 427 6.25 34.52 -38.88
N THR B 428 6.25 35.59 -38.08
CA THR B 428 5.50 35.59 -36.82
C THR B 428 5.22 37.03 -36.41
N THR B 429 4.47 37.16 -35.31
CA THR B 429 4.06 38.47 -34.74
C THR B 429 4.98 38.81 -33.56
N ASN B 430 5.27 40.10 -33.34
CA ASN B 430 6.19 40.55 -32.32
C ASN B 430 5.82 40.00 -30.94
N LYS B 431 6.82 39.47 -30.24
CA LYS B 431 6.70 38.96 -28.87
C LYS B 431 5.92 37.65 -28.80
N GLN B 432 5.93 36.90 -29.88
CA GLN B 432 5.08 35.72 -30.02
C GLN B 432 5.90 34.50 -30.42
N PRO B 433 5.75 33.35 -29.73
CA PRO B 433 6.63 32.21 -30.00
C PRO B 433 6.21 31.38 -31.21
N ALA B 434 7.20 30.98 -32.02
CA ALA B 434 6.92 30.20 -33.21
C ALA B 434 7.97 29.11 -33.38
N TYR B 435 7.60 28.05 -34.10
CA TYR B 435 8.49 26.93 -34.34
C TYR B 435 8.21 26.32 -35.70
N ILE B 436 9.24 25.71 -36.28
CA ILE B 436 9.09 24.88 -37.47
C ILE B 436 10.04 23.68 -37.38
N GLU B 437 9.54 22.50 -37.79
CA GLU B 437 10.20 21.23 -37.54
C GLU B 437 10.13 20.30 -38.75
N GLN B 438 11.07 19.35 -38.81
CA GLN B 438 11.06 18.30 -39.83
C GLN B 438 11.96 17.16 -39.35
N GLY B 439 11.39 15.97 -39.17
CA GLY B 439 12.21 14.85 -38.74
C GLY B 439 11.47 13.58 -38.40
N THR B 440 11.88 12.88 -37.34
CA THR B 440 11.20 11.67 -36.90
C THR B 440 10.99 11.68 -35.39
N GLU B 441 10.07 10.84 -34.93
CA GLU B 441 9.79 10.66 -33.52
C GLU B 441 10.02 9.20 -33.15
N ILE B 442 10.96 8.96 -32.26
CA ILE B 442 11.36 7.59 -31.89
C ILE B 442 10.56 7.15 -30.67
N PRO B 443 9.87 6.01 -30.79
CA PRO B 443 9.12 5.47 -29.67
C PRO B 443 10.09 4.82 -28.72
N TYR B 444 10.14 5.25 -27.46
CA TYR B 444 11.05 4.61 -26.51
C TYR B 444 10.27 3.73 -25.54
N LEU B 445 10.88 2.65 -25.08
CA LEU B 445 10.15 1.72 -24.21
C LEU B 445 10.11 2.12 -22.75
N GLU B 446 8.97 2.74 -22.42
CA GLU B 446 8.49 3.24 -21.12
C GLU B 446 8.89 4.63 -20.66
N SER B 447 7.99 5.20 -19.88
CA SER B 447 8.13 6.47 -19.20
C SER B 447 7.51 6.13 -17.85
N SER B 448 8.12 6.56 -16.75
CA SER B 448 7.57 6.16 -15.47
C SER B 448 6.88 7.17 -14.58
N SER B 449 5.61 6.94 -14.28
CA SER B 449 4.90 7.77 -13.32
C SER B 449 4.85 6.98 -12.03
N SER B 450 3.95 7.33 -11.12
CA SER B 450 3.75 6.58 -9.87
C SER B 450 3.15 5.20 -10.16
N GLY B 451 3.98 4.32 -10.72
CA GLY B 451 3.61 2.93 -10.83
C GLY B 451 3.77 2.23 -12.17
N ALA B 452 3.52 2.91 -13.29
CA ALA B 452 3.54 2.19 -14.57
C ALA B 452 3.96 3.05 -15.75
N SER B 453 3.93 2.47 -16.95
CA SER B 453 4.68 2.94 -18.12
C SER B 453 3.80 3.68 -19.11
N THR B 454 4.17 4.91 -19.42
CA THR B 454 3.58 5.69 -20.49
C THR B 454 4.66 5.83 -21.55
N VAL B 455 4.75 4.85 -22.45
CA VAL B 455 5.88 4.85 -23.39
C VAL B 455 5.75 6.06 -24.31
N ALA B 456 6.88 6.72 -24.56
CA ALA B 456 6.84 8.09 -25.06
C ALA B 456 7.68 8.21 -26.32
N PHE B 457 7.81 9.45 -26.80
CA PHE B 457 8.46 9.73 -28.08
C PHE B 457 9.51 10.80 -27.90
N LYS B 458 10.73 10.48 -28.36
CA LYS B 458 11.83 11.41 -28.38
C LYS B 458 11.88 11.96 -29.81
N LYS B 459 12.40 13.16 -29.99
CA LYS B 459 12.42 13.78 -31.30
C LYS B 459 13.82 13.78 -31.89
N ALA B 460 13.89 13.59 -33.20
CA ALA B 460 15.13 13.72 -33.96
C ALA B 460 14.77 14.55 -35.20
N VAL B 461 14.86 15.87 -35.06
CA VAL B 461 14.32 16.81 -36.02
C VAL B 461 15.36 17.87 -36.35
N LEU B 462 15.18 18.51 -37.51
CA LEU B 462 15.83 19.81 -37.80
C LEU B 462 14.83 20.94 -37.49
N SER B 463 15.08 21.70 -36.42
CA SER B 463 14.06 22.59 -35.89
C SER B 463 14.59 23.98 -35.61
N LEU B 464 13.68 24.95 -35.75
CA LEU B 464 13.90 26.33 -35.36
C LEU B 464 12.80 26.78 -34.41
N LYS B 465 13.21 27.38 -33.28
CA LYS B 465 12.28 27.83 -32.25
C LYS B 465 12.68 29.24 -31.84
N VAL B 466 11.78 30.21 -31.97
CA VAL B 466 12.19 31.60 -31.80
C VAL B 466 11.11 32.45 -31.15
N THR B 467 11.57 33.45 -30.35
CA THR B 467 10.76 34.57 -29.86
C THR B 467 11.46 35.89 -30.11
N PRO B 468 10.89 36.77 -30.95
CA PRO B 468 11.53 38.05 -31.27
C PRO B 468 11.02 39.25 -30.48
N GLN B 469 11.72 40.38 -30.57
CA GLN B 469 11.30 41.62 -29.93
C GLN B 469 11.91 42.79 -30.68
N ILE B 470 11.08 43.74 -31.08
CA ILE B 470 11.51 44.91 -31.85
C ILE B 470 11.77 46.07 -30.90
N THR B 471 12.91 46.73 -31.07
CA THR B 471 13.34 47.86 -30.25
C THR B 471 13.31 49.16 -31.07
N PRO B 472 13.46 50.32 -30.42
CA PRO B 472 13.30 51.59 -31.16
C PRO B 472 14.33 51.84 -32.24
N ASP B 473 15.60 51.61 -31.97
CA ASP B 473 16.62 52.00 -32.95
C ASP B 473 16.90 50.91 -33.98
N ASN B 474 15.85 50.36 -34.59
CA ASN B 474 15.96 49.46 -35.74
C ASN B 474 16.81 48.23 -35.42
N ARG B 475 16.38 47.48 -34.43
CA ARG B 475 17.15 46.33 -33.94
C ARG B 475 16.22 45.29 -33.36
N LEU B 476 16.70 44.05 -33.29
CA LEU B 476 15.94 42.93 -32.76
C LEU B 476 16.71 42.25 -31.64
N VAL B 477 15.98 41.78 -30.63
CA VAL B 477 16.50 40.90 -29.60
C VAL B 477 15.84 39.55 -29.84
N LEU B 478 16.63 38.51 -30.08
CA LEU B 478 16.11 37.20 -30.42
C LEU B 478 16.45 36.19 -29.34
N ASP B 479 15.43 35.46 -28.86
CA ASP B 479 15.65 34.24 -28.03
C ASP B 479 15.60 32.99 -28.93
N LEU B 480 16.74 32.32 -29.12
CA LEU B 480 16.96 31.42 -30.28
C LEU B 480 17.20 29.99 -29.78
N SER B 481 16.52 29.01 -30.40
CA SER B 481 16.98 27.60 -30.35
C SER B 481 17.03 27.02 -31.77
N VAL B 482 18.18 26.49 -32.17
CA VAL B 482 18.30 25.85 -33.53
C VAL B 482 18.95 24.48 -33.38
N THR B 483 18.27 23.40 -33.82
CA THR B 483 18.85 22.06 -33.67
C THR B 483 18.81 21.30 -34.99
N GLN B 484 19.66 20.28 -35.08
CA GLN B 484 19.68 19.36 -36.22
C GLN B 484 20.11 17.98 -35.75
N ASP B 485 19.16 17.12 -35.43
CA ASP B 485 19.43 15.77 -34.92
C ASP B 485 19.05 14.72 -35.95
N ARG B 486 19.61 13.52 -35.76
CA ARG B 486 19.36 12.39 -36.62
C ARG B 486 19.27 11.12 -35.81
N ARG B 487 18.88 10.04 -36.45
CA ARG B 487 18.76 8.74 -35.79
C ARG B 487 20.09 8.03 -35.95
N GLY B 488 20.63 7.52 -34.85
CA GLY B 488 21.92 6.88 -34.82
C GLY B 488 21.84 5.38 -34.77
N GLU B 489 22.91 4.77 -34.28
CA GLU B 489 22.98 3.31 -34.20
C GLU B 489 22.07 2.80 -33.10
N THR B 490 21.90 1.48 -33.09
CA THR B 490 21.07 0.81 -32.08
C THR B 490 22.02 0.12 -31.11
N VAL B 491 22.13 0.68 -29.92
CA VAL B 491 22.98 0.19 -28.85
C VAL B 491 22.26 -0.87 -28.03
N LYS B 492 23.02 -1.53 -27.14
CA LYS B 492 22.50 -2.62 -26.27
C LYS B 492 22.17 -2.06 -24.88
N THR B 493 20.96 -2.32 -24.39
CA THR B 493 20.52 -1.82 -23.05
C THR B 493 19.94 -3.00 -22.25
N GLY B 494 20.58 -3.37 -21.14
CA GLY B 494 20.15 -4.52 -20.33
C GLY B 494 20.16 -5.81 -21.13
N THR B 495 19.02 -6.51 -21.20
CA THR B 495 18.86 -7.68 -22.10
C THR B 495 18.25 -7.24 -23.43
N GLY B 496 18.04 -5.94 -23.61
CA GLY B 496 17.32 -5.41 -24.78
C GLY B 496 18.19 -4.53 -25.65
N GLU B 497 17.57 -3.77 -26.56
CA GLU B 497 18.24 -2.79 -27.39
C GLU B 497 17.37 -1.55 -27.49
N ALA B 498 17.98 -0.46 -27.94
CA ALA B 498 17.29 0.81 -28.14
C ALA B 498 18.06 1.61 -29.16
N VAL B 499 17.51 2.75 -29.55
CA VAL B 499 18.04 3.57 -30.63
C VAL B 499 18.68 4.81 -30.03
N SER B 500 19.87 5.17 -30.50
CA SER B 500 20.56 6.37 -30.06
C SER B 500 20.39 7.49 -31.07
N ILE B 501 20.72 8.71 -30.66
CA ILE B 501 20.47 9.92 -31.45
C ILE B 501 21.76 10.72 -31.54
N ASP B 502 22.02 11.29 -32.72
CA ASP B 502 23.16 12.17 -32.95
C ASP B 502 22.68 13.61 -33.09
N THR B 503 23.27 14.52 -32.32
CA THR B 503 22.72 15.86 -32.13
C THR B 503 23.71 16.97 -32.48
N GLN B 504 23.16 18.13 -32.83
CA GLN B 504 23.85 19.42 -32.87
C GLN B 504 22.87 20.47 -32.38
N ARG B 505 23.26 21.26 -31.40
CA ARG B 505 22.32 22.18 -30.76
C ARG B 505 23.01 23.48 -30.41
N ILE B 506 22.25 24.58 -30.50
CA ILE B 506 22.72 25.86 -30.04
C ILE B 506 21.51 26.65 -29.54
N GLY B 507 21.68 27.27 -28.39
CA GLY B 507 20.65 28.10 -27.79
C GLY B 507 21.23 29.37 -27.20
N THR B 508 20.65 30.52 -27.54
CA THR B 508 21.25 31.79 -27.15
C THR B 508 20.19 32.87 -27.06
N GLN B 509 20.67 34.06 -26.67
CA GLN B 509 19.95 35.31 -26.83
C GLN B 509 20.90 36.30 -27.48
N VAL B 510 20.50 36.89 -28.60
CA VAL B 510 21.37 37.81 -29.33
C VAL B 510 20.62 39.09 -29.68
N LEU B 511 21.37 40.07 -30.15
CA LEU B 511 20.90 41.41 -30.48
C LEU B 511 21.49 41.79 -31.83
N VAL B 512 20.63 41.95 -32.83
CA VAL B 512 21.08 42.04 -34.22
C VAL B 512 20.31 43.14 -34.96
N ASN B 513 21.01 43.83 -35.85
CA ASN B 513 20.39 44.90 -36.64
C ASN B 513 19.30 44.34 -37.55
N ASN B 514 18.53 45.24 -38.15
CA ASN B 514 17.27 44.84 -38.78
C ASN B 514 17.46 43.81 -39.89
N GLY B 515 18.24 44.11 -40.92
CA GLY B 515 18.25 43.21 -42.06
C GLY B 515 19.59 42.61 -42.44
N GLU B 516 20.42 42.25 -41.47
CA GLU B 516 21.72 41.66 -41.77
C GLU B 516 21.94 40.38 -40.98
N THR B 517 23.02 39.67 -41.32
CA THR B 517 23.31 38.37 -40.77
C THR B 517 24.40 38.44 -39.70
N VAL B 518 24.29 37.54 -38.73
CA VAL B 518 25.34 37.33 -37.73
C VAL B 518 25.60 35.84 -37.64
N VAL B 519 26.82 35.46 -37.28
CA VAL B 519 27.13 34.06 -37.01
C VAL B 519 26.96 33.80 -35.52
N LEU B 520 26.12 32.83 -35.18
CA LEU B 520 25.83 32.54 -33.79
C LEU B 520 26.90 31.69 -33.16
N GLY B 521 27.43 30.73 -33.90
CA GLY B 521 28.48 29.87 -33.40
C GLY B 521 28.95 28.92 -34.47
N GLY B 522 29.94 28.12 -34.11
CA GLY B 522 30.48 27.13 -35.02
C GLY B 522 31.41 26.21 -34.29
N ILE B 523 31.79 25.14 -34.97
CA ILE B 523 32.76 24.18 -34.43
C ILE B 523 33.75 23.84 -35.53
N PHE B 524 35.03 23.83 -35.18
CA PHE B 524 36.10 23.50 -36.11
C PHE B 524 36.86 22.29 -35.58
N GLN B 525 37.21 21.35 -36.47
CA GLN B 525 37.97 20.19 -36.04
C GLN B 525 39.04 19.83 -37.07
N HIS B 526 40.14 19.28 -36.59
CA HIS B 526 41.24 18.85 -37.43
C HIS B 526 41.93 17.65 -36.78
N SER B 527 42.43 16.73 -37.60
CA SER B 527 43.15 15.60 -37.02
C SER B 527 44.15 15.01 -38.01
N ILE B 528 45.24 14.46 -37.49
CA ILE B 528 46.35 13.90 -38.28
C ILE B 528 46.90 12.67 -37.58
N ASN B 529 47.06 11.58 -38.32
CA ASN B 529 47.63 10.35 -37.78
C ASN B 529 48.74 9.83 -38.69
N ASN B 530 49.81 9.31 -38.09
CA ASN B 530 50.90 8.69 -38.81
C ASN B 530 51.32 7.41 -38.10
N SER B 531 51.78 6.43 -38.85
CA SER B 531 52.24 5.19 -38.21
C SER B 531 53.19 4.45 -39.13
N VAL B 532 54.14 3.74 -38.53
CA VAL B 532 55.13 2.94 -39.24
C VAL B 532 55.39 1.66 -38.46
N ASP B 533 55.51 0.53 -39.16
CA ASP B 533 56.12 -0.63 -38.53
C ASP B 533 57.15 -1.24 -39.46
N LYS B 534 58.34 -1.51 -38.93
CA LYS B 534 59.46 -1.79 -39.80
C LYS B 534 60.36 -2.86 -39.19
N VAL B 535 61.43 -3.16 -39.91
CA VAL B 535 62.47 -4.08 -39.41
C VAL B 535 63.54 -3.25 -38.70
N PRO B 536 63.98 -3.65 -37.51
CA PRO B 536 64.70 -2.71 -36.62
C PRO B 536 65.81 -1.89 -37.24
N LEU B 537 66.58 -2.44 -38.18
CA LEU B 537 67.67 -1.65 -38.75
C LEU B 537 67.55 -1.39 -40.24
N LEU B 538 66.89 -2.29 -40.98
CA LEU B 538 66.84 -2.16 -42.43
C LEU B 538 65.79 -1.17 -42.88
N GLY B 539 64.71 -0.99 -42.12
CA GLY B 539 63.64 -0.12 -42.53
C GLY B 539 63.98 1.34 -42.44
N ASP B 540 65.27 1.66 -42.38
CA ASP B 540 65.73 3.03 -42.31
C ASP B 540 66.75 3.37 -43.40
N LEU B 541 67.11 2.41 -44.25
CA LEU B 541 68.08 2.66 -45.30
C LEU B 541 67.50 3.66 -46.30
N PRO B 542 68.36 4.48 -46.92
CA PRO B 542 67.85 5.64 -47.68
C PRO B 542 66.86 5.32 -48.77
N VAL B 543 67.17 4.38 -49.66
CA VAL B 543 66.27 4.08 -50.77
C VAL B 543 65.72 2.67 -50.66
N LEU B 544 66.53 1.75 -50.14
CA LEU B 544 66.08 0.38 -49.99
C LEU B 544 65.09 0.20 -48.86
N GLY B 545 65.02 1.14 -47.92
CA GLY B 545 64.23 0.95 -46.72
C GLY B 545 62.79 0.63 -46.99
N ALA B 546 62.24 1.14 -48.09
CA ALA B 546 60.84 0.93 -48.43
C ALA B 546 60.50 -0.53 -48.63
N LEU B 547 61.50 -1.41 -48.70
CA LEU B 547 61.25 -2.84 -48.80
C LEU B 547 61.06 -3.50 -47.45
N PHE B 548 61.18 -2.77 -46.35
CA PHE B 548 61.22 -3.34 -45.01
C PHE B 548 60.27 -2.64 -44.06
N ARG B 549 59.18 -2.06 -44.54
CA ARG B 549 58.36 -1.26 -43.65
C ARG B 549 56.97 -1.08 -44.25
N ARG B 550 55.99 -0.90 -43.36
CA ARG B 550 54.65 -0.48 -43.75
C ARG B 550 54.39 0.89 -43.15
N THR B 551 53.79 1.76 -43.94
CA THR B 551 53.56 3.16 -43.62
C THR B 551 52.09 3.52 -43.80
N TYR B 552 51.54 4.26 -42.84
CA TYR B 552 50.13 4.63 -42.83
C TYR B 552 50.01 6.09 -42.49
N GLU B 553 49.13 6.81 -43.17
CA GLU B 553 48.95 8.23 -42.91
C GLU B 553 47.52 8.68 -43.21
N GLN B 554 46.94 9.47 -42.31
CA GLN B 554 45.55 9.87 -42.44
C GLN B 554 45.35 11.30 -41.95
N MET B 555 44.46 12.06 -42.59
CA MET B 555 44.16 13.43 -42.19
C MET B 555 42.67 13.78 -42.41
N GLY B 556 42.06 14.46 -41.44
CA GLY B 556 40.65 14.85 -41.55
C GLY B 556 40.44 16.28 -41.12
N LYS B 557 39.39 16.89 -41.67
CA LYS B 557 39.06 18.27 -41.33
C LYS B 557 37.56 18.51 -41.44
N SER B 558 37.00 19.24 -40.48
CA SER B 558 35.56 19.45 -40.45
C SER B 558 35.25 20.86 -39.96
N GLU B 559 34.13 21.41 -40.44
CA GLU B 559 33.75 22.76 -40.05
C GLU B 559 32.25 22.95 -40.11
N LEU B 560 31.70 23.54 -39.04
CA LEU B 560 30.24 23.78 -38.94
C LEU B 560 30.02 25.26 -38.56
N LEU B 561 29.03 25.89 -39.18
CA LEU B 561 28.68 27.29 -38.92
C LEU B 561 27.17 27.46 -38.88
N ILE B 562 26.70 28.39 -38.03
CA ILE B 562 25.28 28.71 -37.93
C ILE B 562 25.08 30.21 -38.07
N PHE B 563 24.22 30.63 -39.01
CA PHE B 563 23.88 32.02 -39.27
C PHE B 563 22.42 32.28 -38.96
N VAL B 564 22.08 33.54 -38.73
CA VAL B 564 20.70 33.97 -38.59
C VAL B 564 20.55 35.37 -39.15
N THR B 565 19.39 35.65 -39.73
CA THR B 565 19.09 36.97 -40.27
C THR B 565 17.60 37.31 -40.15
N PRO B 566 17.24 38.29 -39.34
CA PRO B 566 15.85 38.71 -39.21
C PRO B 566 15.51 39.86 -40.15
N LYS B 567 14.22 40.16 -40.23
CA LYS B 567 13.69 41.21 -41.11
C LYS B 567 12.27 41.60 -40.70
N VAL B 568 11.99 42.90 -40.66
CA VAL B 568 10.67 43.39 -40.30
C VAL B 568 9.86 43.56 -41.58
N VAL B 569 8.69 42.93 -41.61
CA VAL B 569 7.83 43.00 -42.80
C VAL B 569 7.17 44.38 -42.83
N ILE B 570 7.52 45.16 -43.84
CA ILE B 570 7.00 46.51 -44.01
C ILE B 570 5.78 46.58 -44.90
N GLN B 571 4.92 45.58 -44.94
CA GLN B 571 3.62 45.65 -45.67
C GLN B 571 3.75 46.19 -47.11
N SER C 160 -58.00 6.14 80.69
CA SER C 160 -58.32 7.03 81.80
C SER C 160 -57.63 8.37 81.64
N ILE C 161 -57.40 8.77 80.40
CA ILE C 161 -56.59 9.95 80.07
C ILE C 161 -57.50 11.04 79.52
N ASN C 162 -57.35 12.25 80.06
CA ASN C 162 -57.98 13.44 79.49
C ASN C 162 -57.08 14.62 79.87
N PHE C 163 -56.26 15.06 78.91
CA PHE C 163 -55.27 16.11 79.15
C PHE C 163 -55.54 17.26 78.20
N GLN C 164 -55.91 18.40 78.75
CA GLN C 164 -56.17 19.62 77.97
C GLN C 164 -55.10 20.64 78.31
N ASP C 165 -54.44 21.18 77.27
CA ASP C 165 -53.39 22.17 77.47
C ASP C 165 -52.31 21.64 78.40
N ILE C 166 -51.99 20.36 78.22
CA ILE C 166 -50.97 19.67 78.99
C ILE C 166 -49.74 19.49 78.09
N PRO C 167 -48.55 19.86 78.55
CA PRO C 167 -47.36 19.68 77.71
C PRO C 167 -47.13 18.21 77.37
N VAL C 168 -46.52 17.98 76.21
CA VAL C 168 -46.22 16.61 75.79
C VAL C 168 -45.31 15.93 76.80
N ARG C 169 -44.39 16.68 77.40
CA ARG C 169 -43.54 16.12 78.45
C ARG C 169 -44.37 15.58 79.61
N ASN C 170 -45.42 16.28 80.00
CA ASN C 170 -46.19 15.87 81.16
C ASN C 170 -47.01 14.61 80.88
N VAL C 171 -47.68 14.55 79.72
CA VAL C 171 -48.43 13.35 79.39
C VAL C 171 -47.49 12.17 79.17
N LEU C 172 -46.28 12.42 78.65
CA LEU C 172 -45.32 11.34 78.49
C LEU C 172 -44.82 10.84 79.84
N GLN C 173 -44.59 11.75 80.79
CA GLN C 173 -44.20 11.32 82.12
C GLN C 173 -45.34 10.58 82.82
N LEU C 174 -46.58 10.93 82.50
CA LEU C 174 -47.72 10.16 83.01
C LEU C 174 -47.72 8.75 82.46
N ILE C 175 -47.59 8.62 81.14
CA ILE C 175 -47.50 7.30 80.51
C ILE C 175 -46.34 6.51 81.09
N ALA C 176 -45.24 7.18 81.44
CA ALA C 176 -44.13 6.50 82.09
C ALA C 176 -44.51 5.99 83.47
N ASP C 177 -44.95 6.90 84.35
CA ASP C 177 -45.26 6.57 85.74
C ASP C 177 -46.48 5.67 85.89
N TYR C 178 -47.09 5.23 84.80
CA TYR C 178 -48.27 4.38 84.83
C TYR C 178 -47.93 2.89 84.79
N ASN C 179 -46.75 2.51 85.32
CA ASN C 179 -46.20 1.16 85.36
C ASN C 179 -45.62 0.72 84.03
N GLY C 180 -45.51 1.62 83.05
CA GLY C 180 -44.81 1.32 81.83
C GLY C 180 -43.31 1.43 82.01
N PHE C 181 -42.58 1.04 80.96
CA PHE C 181 -41.13 1.12 81.00
C PHE C 181 -40.68 2.58 81.03
N ASN C 182 -39.67 2.86 81.85
CA ASN C 182 -39.23 4.24 82.08
C ASN C 182 -38.86 4.90 80.76
N LEU C 183 -39.26 6.17 80.61
CA LEU C 183 -38.96 6.93 79.40
C LEU C 183 -38.51 8.33 79.78
N VAL C 184 -37.69 8.91 78.90
CA VAL C 184 -37.12 10.24 79.10
C VAL C 184 -37.25 11.03 77.81
N VAL C 185 -37.24 12.36 77.93
CA VAL C 185 -37.40 13.25 76.80
C VAL C 185 -36.29 14.29 76.78
N SER C 186 -36.26 15.11 75.73
CA SER C 186 -35.26 16.16 75.57
C SER C 186 -35.70 17.39 76.36
N ASP C 187 -35.00 18.51 76.13
CA ASP C 187 -35.32 19.75 76.85
C ASP C 187 -36.62 20.37 76.35
N SER C 188 -36.64 20.78 75.09
CA SER C 188 -37.83 21.34 74.45
C SER C 188 -38.14 20.43 73.27
N VAL C 189 -38.93 19.39 73.52
CA VAL C 189 -39.09 18.33 72.54
C VAL C 189 -40.18 18.69 71.53
N VAL C 190 -41.42 18.77 71.98
CA VAL C 190 -42.56 18.96 71.09
C VAL C 190 -43.34 20.19 71.50
N GLY C 191 -43.83 20.19 72.74
CA GLY C 191 -44.62 21.30 73.25
C GLY C 191 -45.83 20.84 74.03
N ASN C 192 -47.01 21.29 73.60
CA ASN C 192 -48.26 21.08 74.32
C ASN C 192 -49.27 20.41 73.40
N LEU C 193 -50.33 19.85 74.01
CA LEU C 193 -51.43 19.27 73.24
C LEU C 193 -52.67 19.14 74.11
N THR C 194 -53.66 18.41 73.58
CA THR C 194 -54.93 18.22 74.25
C THR C 194 -55.67 17.06 73.57
N LEU C 195 -56.08 16.07 74.36
CA LEU C 195 -56.82 14.92 73.86
C LEU C 195 -57.31 14.10 75.06
N ARG C 196 -58.31 13.27 74.81
CA ARG C 196 -58.93 12.44 75.84
C ARG C 196 -59.28 11.08 75.26
N LEU C 197 -58.81 10.02 75.91
CA LEU C 197 -59.09 8.64 75.50
C LEU C 197 -58.99 7.73 76.71
N ASP C 198 -59.56 6.54 76.58
CA ASP C 198 -59.57 5.57 77.67
C ASP C 198 -59.88 4.19 77.13
N GLY C 199 -59.48 3.17 77.90
CA GLY C 199 -59.78 1.78 77.59
C GLY C 199 -59.14 1.27 76.31
N VAL C 200 -57.85 1.47 76.17
CA VAL C 200 -57.14 1.19 74.92
C VAL C 200 -55.70 0.77 75.23
N PRO C 201 -55.01 0.11 74.31
CA PRO C 201 -53.59 -0.20 74.56
C PRO C 201 -52.71 1.03 74.43
N TRP C 202 -51.57 0.98 75.14
CA TRP C 202 -50.59 2.05 75.03
C TRP C 202 -49.98 2.11 73.63
N GLN C 203 -49.93 0.97 72.94
CA GLN C 203 -49.32 0.93 71.62
C GLN C 203 -50.04 1.86 70.65
N GLN C 204 -51.35 1.69 70.51
CA GLN C 204 -52.11 2.47 69.53
C GLN C 204 -52.10 3.96 69.88
N VAL C 205 -52.35 4.29 71.14
CA VAL C 205 -52.43 5.69 71.53
C VAL C 205 -51.08 6.36 71.40
N LEU C 206 -50.03 5.72 71.94
CA LEU C 206 -48.69 6.27 71.84
C LEU C 206 -48.28 6.47 70.39
N ASP C 207 -48.55 5.48 69.53
CA ASP C 207 -48.14 5.59 68.14
C ASP C 207 -48.92 6.68 67.42
N ILE C 208 -50.23 6.78 67.66
CA ILE C 208 -51.01 7.80 66.95
C ILE C 208 -50.57 9.19 67.39
N ILE C 209 -50.22 9.35 68.66
CA ILE C 209 -49.67 10.63 69.14
C ILE C 209 -48.35 10.93 68.43
N LEU C 210 -47.42 9.96 68.47
CA LEU C 210 -46.10 10.17 67.90
C LEU C 210 -46.13 10.31 66.39
N GLN C 211 -47.23 9.89 65.74
CA GLN C 211 -47.35 10.06 64.30
C GLN C 211 -47.92 11.43 63.96
N VAL C 212 -49.06 11.79 64.56
CA VAL C 212 -49.77 13.00 64.16
C VAL C 212 -48.94 14.24 64.51
N LYS C 213 -48.66 14.44 65.80
CA LYS C 213 -47.91 15.61 66.22
C LYS C 213 -46.64 15.20 66.95
N GLY C 214 -46.70 14.10 67.69
CA GLY C 214 -45.57 13.65 68.47
C GLY C 214 -44.35 13.34 67.62
N LEU C 215 -43.24 13.15 68.32
CA LEU C 215 -41.95 12.91 67.71
C LEU C 215 -41.60 11.42 67.69
N ASP C 216 -40.32 11.10 67.48
CA ASP C 216 -39.88 9.72 67.39
C ASP C 216 -39.25 9.25 68.70
N LYS C 217 -39.11 7.94 68.83
CA LYS C 217 -38.61 7.31 70.05
C LYS C 217 -37.70 6.13 69.72
N ARG C 218 -36.74 5.89 70.61
CA ARG C 218 -35.83 4.77 70.49
C ARG C 218 -35.69 4.06 71.83
N VAL C 219 -35.51 2.75 71.79
CA VAL C 219 -35.38 1.93 72.99
C VAL C 219 -33.98 1.33 73.02
N ASP C 220 -33.28 1.52 74.14
CA ASP C 220 -31.94 1.00 74.34
C ASP C 220 -31.92 -0.43 74.85
N GLY C 221 -33.09 -1.07 74.93
CA GLY C 221 -33.17 -2.41 75.47
C GLY C 221 -34.07 -2.48 76.69
N ASN C 222 -33.99 -1.47 77.55
CA ASN C 222 -34.81 -1.43 78.74
C ASN C 222 -35.71 -0.20 78.80
N VAL C 223 -35.16 1.00 78.59
CA VAL C 223 -35.91 2.24 78.76
C VAL C 223 -36.01 2.96 77.42
N ILE C 224 -36.96 3.88 77.33
CA ILE C 224 -37.32 4.53 76.08
C ILE C 224 -36.93 6.00 76.15
N LEU C 225 -36.47 6.53 75.02
CA LEU C 225 -36.11 7.93 74.89
C LEU C 225 -36.89 8.53 73.73
N ILE C 226 -37.30 9.78 73.88
CA ILE C 226 -38.09 10.48 72.87
C ILE C 226 -37.32 11.70 72.41
N ALA C 227 -37.46 12.05 71.13
CA ALA C 227 -36.81 13.21 70.55
C ALA C 227 -37.42 13.47 69.19
N PRO C 228 -37.27 14.69 68.66
CA PRO C 228 -37.70 14.95 67.28
C PRO C 228 -36.86 14.18 66.28
N LYS C 229 -37.47 13.90 65.12
CA LYS C 229 -36.78 13.15 64.08
C LYS C 229 -35.59 13.91 63.53
N GLU C 230 -35.62 15.25 63.60
CA GLU C 230 -34.52 16.04 63.06
C GLU C 230 -33.22 15.74 63.78
N GLU C 231 -33.23 15.75 65.11
CA GLU C 231 -32.01 15.45 65.86
C GLU C 231 -31.56 14.02 65.66
N LEU C 232 -32.49 13.07 65.52
CA LEU C 232 -32.11 11.68 65.31
C LEU C 232 -31.42 11.50 63.96
N ASP C 233 -32.00 12.07 62.90
CA ASP C 233 -31.38 11.97 61.59
C ASP C 233 -30.06 12.74 61.54
N LEU C 234 -29.96 13.86 62.26
CA LEU C 234 -28.71 14.58 62.31
C LEU C 234 -27.63 13.76 62.99
N ARG C 235 -27.97 13.10 64.10
CA ARG C 235 -27.01 12.26 64.81
C ARG C 235 -26.56 11.10 63.93
N GLU C 236 -27.50 10.50 63.19
CA GLU C 236 -27.14 9.39 62.30
C GLU C 236 -26.21 9.86 61.19
N LYS C 237 -26.51 11.01 60.58
CA LYS C 237 -25.65 11.53 59.53
C LYS C 237 -24.27 11.88 60.07
N GLN C 238 -24.21 12.43 61.27
CA GLN C 238 -22.91 12.73 61.89
C GLN C 238 -22.10 11.45 62.09
N ALA C 239 -22.75 10.40 62.60
CA ALA C 239 -22.03 9.14 62.85
C ALA C 239 -21.55 8.53 61.54
N LEU C 240 -22.38 8.54 60.51
CA LEU C 240 -21.98 8.00 59.22
C LEU C 240 -20.81 8.77 58.63
N GLU C 241 -20.88 10.10 58.67
CA GLU C 241 -19.79 10.90 58.11
C GLU C 241 -18.50 10.67 58.90
N LYS C 242 -18.60 10.54 60.22
CA LYS C 242 -17.41 10.26 61.01
C LYS C 242 -16.79 8.93 60.61
N ALA C 243 -17.62 7.89 60.48
CA ALA C 243 -17.11 6.58 60.08
C ALA C 243 -16.45 6.64 58.71
N ARG C 244 -17.12 7.28 57.74
CA ARG C 244 -16.58 7.32 56.38
C ARG C 244 -15.28 8.09 56.32
N LEU C 245 -15.18 9.22 57.04
CA LEU C 245 -13.95 10.00 56.99
C LEU C 245 -12.83 9.31 57.75
N ALA C 246 -13.14 8.65 58.86
CA ALA C 246 -12.11 7.95 59.60
C ALA C 246 -11.58 6.75 58.81
N GLU C 247 -12.46 6.08 58.06
CA GLU C 247 -12.00 4.98 57.22
C GLU C 247 -11.31 5.49 55.98
N GLU C 248 -11.56 6.74 55.59
CA GLU C 248 -10.83 7.32 54.47
C GLU C 248 -9.42 7.70 54.87
N LEU C 249 -9.28 8.63 55.80
CA LEU C 249 -7.97 9.15 56.20
C LEU C 249 -7.51 8.49 57.50
N GLY C 250 -6.90 7.33 57.34
CA GLY C 250 -6.30 6.61 58.44
C GLY C 250 -4.81 6.40 58.24
N ASP C 251 -4.17 5.89 59.29
CA ASP C 251 -2.76 5.54 59.24
C ASP C 251 -2.62 4.11 58.73
N LEU C 252 -1.83 3.92 57.68
CA LEU C 252 -1.72 2.63 57.03
C LEU C 252 -0.65 1.77 57.69
N LYS C 253 -0.80 0.46 57.55
CA LYS C 253 0.17 -0.51 58.04
C LYS C 253 0.53 -1.47 56.92
N SER C 254 1.77 -1.96 56.96
CA SER C 254 2.31 -2.83 55.91
C SER C 254 2.84 -4.11 56.54
N GLU C 255 2.46 -5.26 55.97
CA GLU C 255 2.94 -6.54 56.49
C GLU C 255 2.73 -7.63 55.44
N ILE C 256 3.23 -8.83 55.74
CA ILE C 256 3.28 -9.93 54.79
C ILE C 256 2.43 -11.09 55.29
N ILE C 257 1.73 -11.72 54.34
CA ILE C 257 0.86 -12.86 54.58
C ILE C 257 1.42 -14.06 53.84
N LYS C 258 1.69 -15.13 54.57
CA LYS C 258 2.24 -16.34 53.96
C LYS C 258 1.10 -17.27 53.52
N ILE C 259 1.23 -17.78 52.30
CA ILE C 259 0.19 -18.60 51.68
C ILE C 259 0.74 -20.01 51.47
N ASN C 260 -0.08 -21.01 51.80
CA ASN C 260 0.23 -22.40 51.50
C ASN C 260 -1.00 -23.06 50.89
N PHE C 261 -0.76 -24.03 50.02
CA PHE C 261 -1.73 -24.83 49.28
C PHE C 261 -2.32 -24.10 48.08
N ALA C 262 -2.06 -22.81 47.89
CA ALA C 262 -2.59 -22.10 46.75
C ALA C 262 -1.52 -21.16 46.23
N LYS C 263 -1.64 -20.78 44.96
CA LYS C 263 -0.70 -19.83 44.38
C LYS C 263 -1.04 -18.42 44.84
N ALA C 264 0.00 -17.67 45.20
CA ALA C 264 -0.23 -16.31 45.69
C ALA C 264 -0.65 -15.37 44.57
N SER C 265 -0.26 -15.66 43.33
CA SER C 265 -0.64 -14.78 42.23
C SER C 265 -2.15 -14.81 41.97
N ASP C 266 -2.74 -16.00 42.03
CA ASP C 266 -4.19 -16.11 41.86
C ASP C 266 -4.92 -15.36 42.96
N ILE C 267 -4.46 -15.50 44.21
CA ILE C 267 -5.12 -14.84 45.33
C ILE C 267 -4.96 -13.32 45.24
N ALA C 268 -3.78 -12.85 44.83
CA ALA C 268 -3.62 -11.41 44.64
C ALA C 268 -4.48 -10.89 43.51
N ALA C 269 -4.77 -11.72 42.51
CA ALA C 269 -5.64 -11.27 41.42
C ALA C 269 -7.10 -11.28 41.85
N MET C 270 -7.46 -12.13 42.80
CA MET C 270 -8.83 -12.14 43.27
C MET C 270 -9.11 -11.03 44.29
N ILE C 271 -8.18 -10.79 45.22
CA ILE C 271 -8.44 -9.81 46.27
C ILE C 271 -8.33 -8.39 45.73
N GLY C 272 -7.31 -8.11 44.94
CA GLY C 272 -7.20 -6.81 44.31
C GLY C 272 -7.75 -6.84 42.90
N GLY C 273 -6.93 -6.46 41.93
CA GLY C 273 -7.30 -6.65 40.55
C GLY C 273 -7.58 -5.40 39.75
N GLU C 274 -8.37 -5.53 38.69
CA GLU C 274 -8.61 -4.41 37.79
C GLU C 274 -9.56 -3.39 38.42
N GLY C 275 -9.13 -2.13 38.45
CA GLY C 275 -9.94 -1.05 38.97
C GLY C 275 -10.14 -1.13 40.46
N ASN C 276 -10.55 0.00 41.07
CA ASN C 276 -10.74 0.06 42.51
C ASN C 276 -12.15 -0.32 42.94
N VAL C 277 -13.11 -0.33 42.01
CA VAL C 277 -14.48 -0.69 42.37
C VAL C 277 -14.55 -2.15 42.75
N ASN C 278 -13.82 -3.01 42.03
CA ASN C 278 -13.81 -4.43 42.35
C ASN C 278 -12.98 -4.69 43.60
N MET C 279 -11.83 -4.00 43.72
CA MET C 279 -10.90 -4.25 44.80
C MET C 279 -11.58 -4.19 46.16
N LEU C 280 -11.17 -5.07 47.05
CA LEU C 280 -11.60 -5.00 48.43
C LEU C 280 -10.63 -4.12 49.22
N SER C 281 -10.37 -2.92 48.70
CA SER C 281 -9.40 -2.01 49.32
C SER C 281 -9.88 -0.58 49.08
N GLU C 282 -9.24 0.36 49.79
CA GLU C 282 -9.62 1.77 49.73
C GLU C 282 -8.51 2.66 49.19
N ARG C 283 -7.38 2.70 49.90
CA ARG C 283 -6.16 3.38 49.38
C ARG C 283 -4.91 2.60 49.80
N GLY C 284 -5.03 1.27 49.89
CA GLY C 284 -3.87 0.37 49.72
C GLY C 284 -4.20 -0.66 48.65
N SER C 285 -3.48 -1.79 48.65
CA SER C 285 -2.55 -2.30 47.61
C SER C 285 -1.99 -3.67 48.03
N ILE C 286 -1.95 -4.63 47.11
CA ILE C 286 -1.27 -5.93 47.34
C ILE C 286 -0.04 -5.99 46.42
N SER C 287 1.02 -6.69 46.86
CA SER C 287 2.09 -7.10 45.97
C SER C 287 2.42 -8.57 46.19
N ILE C 288 3.02 -9.18 45.19
CA ILE C 288 3.36 -10.59 45.23
C ILE C 288 4.86 -10.75 45.40
N ASP C 289 5.25 -11.75 46.20
CA ASP C 289 6.64 -12.21 46.29
C ASP C 289 6.62 -13.68 45.89
N GLU C 290 7.07 -13.95 44.67
CA GLU C 290 6.98 -15.28 44.08
C GLU C 290 8.02 -16.25 44.63
N ARG C 291 9.18 -15.74 45.04
CA ARG C 291 10.24 -16.62 45.51
C ARG C 291 9.79 -17.46 46.70
N THR C 292 9.04 -16.86 47.62
CA THR C 292 8.62 -17.51 48.84
C THR C 292 7.11 -17.69 48.95
N ASN C 293 6.37 -17.43 47.87
CA ASN C 293 4.91 -17.61 47.83
C ASN C 293 4.23 -16.79 48.93
N SER C 294 4.34 -15.47 48.82
CA SER C 294 3.83 -14.59 49.87
C SER C 294 3.19 -13.35 49.29
N LEU C 295 2.29 -12.76 50.06
CA LEU C 295 1.67 -11.48 49.73
C LEU C 295 2.21 -10.40 50.65
N LEU C 296 2.26 -9.18 50.16
CA LEU C 296 2.73 -8.03 50.91
C LEU C 296 1.68 -6.94 50.78
N ILE C 297 0.96 -6.65 51.85
CA ILE C 297 -0.22 -5.79 51.82
C ILE C 297 0.01 -4.55 52.66
N ARG C 298 -0.54 -3.42 52.19
CA ARG C 298 -0.46 -2.13 52.88
C ARG C 298 -1.86 -1.53 52.91
N GLU C 299 -2.48 -1.51 54.10
CA GLU C 299 -3.86 -1.05 54.22
C GLU C 299 -4.15 -0.69 55.67
N LEU C 300 -5.42 -0.41 55.94
CA LEU C 300 -5.84 -0.04 57.28
C LEU C 300 -5.81 -1.28 58.19
N PRO C 301 -5.31 -1.13 59.42
CA PRO C 301 -5.15 -2.31 60.29
C PRO C 301 -6.45 -2.99 60.67
N ASP C 302 -7.57 -2.54 60.12
CA ASP C 302 -8.86 -3.16 60.38
C ASP C 302 -9.30 -4.05 59.22
N ASN C 303 -8.88 -3.67 58.02
CA ASN C 303 -9.19 -4.44 56.83
C ASN C 303 -8.22 -5.61 56.72
N ILE C 304 -7.05 -5.49 57.34
CA ILE C 304 -6.06 -6.57 57.32
C ILE C 304 -6.64 -7.81 58.01
N ALA C 305 -7.43 -7.61 59.06
CA ALA C 305 -7.93 -8.75 59.81
C ALA C 305 -8.99 -9.52 59.03
N VAL C 306 -9.90 -8.81 58.35
CA VAL C 306 -10.92 -9.50 57.58
C VAL C 306 -10.31 -10.18 56.35
N ILE C 307 -9.40 -9.48 55.67
CA ILE C 307 -8.69 -10.09 54.55
C ILE C 307 -7.95 -11.34 55.01
N ARG C 308 -7.29 -11.26 56.16
CA ARG C 308 -6.54 -12.40 56.66
C ARG C 308 -7.47 -13.57 56.97
N GLU C 309 -8.63 -13.30 57.55
CA GLU C 309 -9.56 -14.37 57.88
C GLU C 309 -10.11 -15.04 56.63
N ILE C 310 -10.46 -14.24 55.62
CA ILE C 310 -10.99 -14.79 54.37
C ILE C 310 -9.93 -15.65 53.68
N ILE C 311 -8.75 -15.10 53.45
CA ILE C 311 -7.74 -15.86 52.71
C ILE C 311 -7.13 -16.97 53.54
N GLU C 312 -7.41 -17.01 54.85
CA GLU C 312 -7.10 -18.21 55.60
C GLU C 312 -8.20 -19.25 55.45
N SER C 313 -9.43 -18.80 55.18
CA SER C 313 -10.51 -19.72 54.88
C SER C 313 -10.45 -20.29 53.47
N LEU C 314 -9.72 -19.66 52.54
CA LEU C 314 -9.73 -20.13 51.16
C LEU C 314 -8.69 -21.23 50.92
N ASP C 315 -7.43 -20.99 51.25
CA ASP C 315 -6.38 -21.91 50.82
C ASP C 315 -6.45 -23.21 51.62
N ILE C 316 -6.99 -24.25 50.98
CA ILE C 316 -7.11 -25.58 51.56
C ILE C 316 -6.73 -26.61 50.51
N PRO C 317 -6.34 -27.81 50.93
CA PRO C 317 -6.08 -28.87 49.95
C PRO C 317 -7.35 -29.33 49.27
N VAL C 318 -7.21 -29.67 47.99
CA VAL C 318 -8.34 -30.08 47.15
C VAL C 318 -8.27 -31.57 46.87
N LYS C 319 -9.32 -32.08 46.24
CA LYS C 319 -9.46 -33.49 45.90
C LYS C 319 -8.85 -33.77 44.53
N GLN C 320 -8.69 -35.06 44.23
CA GLN C 320 -8.16 -35.50 42.94
C GLN C 320 -9.07 -36.55 42.35
N VAL C 321 -9.20 -36.53 41.03
CA VAL C 321 -10.13 -37.39 40.31
C VAL C 321 -9.34 -38.16 39.25
N GLN C 322 -9.78 -39.39 38.99
CA GLN C 322 -9.23 -40.26 37.98
C GLN C 322 -10.29 -40.55 36.93
N ILE C 323 -10.00 -40.24 35.67
CA ILE C 323 -10.98 -40.38 34.60
C ILE C 323 -10.49 -41.38 33.57
N GLU C 324 -11.35 -42.30 33.17
CA GLU C 324 -10.99 -43.31 32.20
C GLU C 324 -12.02 -43.53 31.11
N ALA C 325 -11.63 -43.26 29.88
CA ALA C 325 -12.49 -43.43 28.72
C ALA C 325 -12.23 -44.78 28.07
N ARG C 326 -13.22 -45.27 27.32
CA ARG C 326 -13.09 -46.57 26.67
C ARG C 326 -13.83 -46.56 25.35
N ILE C 327 -13.11 -46.80 24.26
CA ILE C 327 -13.68 -46.78 22.92
C ILE C 327 -13.61 -48.20 22.37
N VAL C 328 -14.76 -48.74 21.96
CA VAL C 328 -14.85 -50.11 21.49
C VAL C 328 -15.49 -50.14 20.12
N THR C 329 -14.93 -50.93 19.21
CA THR C 329 -15.57 -51.09 17.90
C THR C 329 -15.50 -52.53 17.42
N VAL C 330 -16.58 -52.96 16.75
CA VAL C 330 -16.74 -54.32 16.26
C VAL C 330 -17.24 -54.28 14.82
N LYS C 331 -16.66 -55.13 13.97
CA LYS C 331 -17.02 -55.17 12.55
C LYS C 331 -17.23 -56.61 12.10
N GLU C 332 -18.18 -56.83 11.18
CA GLU C 332 -18.38 -58.11 10.54
C GLU C 332 -18.77 -57.93 9.07
N GLY C 333 -18.40 -58.92 8.26
CA GLY C 333 -18.73 -58.88 6.84
C GLY C 333 -18.83 -60.23 6.15
N ASN C 334 -19.71 -60.33 5.15
CA ASN C 334 -19.90 -61.55 4.38
C ASN C 334 -20.12 -61.24 2.90
N LEU C 335 -19.63 -62.14 2.04
CA LEU C 335 -19.74 -61.94 0.59
C LEU C 335 -19.85 -63.28 -0.10
N GLU C 336 -20.64 -63.35 -1.19
CA GLU C 336 -20.78 -64.56 -1.99
C GLU C 336 -21.13 -64.26 -3.43
N GLU C 337 -20.49 -64.97 -4.36
CA GLU C 337 -20.72 -64.76 -5.78
C GLU C 337 -20.67 -66.07 -6.60
N LEU C 338 -21.60 -66.21 -7.53
CA LEU C 338 -21.69 -67.37 -8.41
C LEU C 338 -21.77 -66.95 -9.87
N GLY C 339 -21.05 -67.65 -10.75
CA GLY C 339 -21.04 -67.26 -12.15
C GLY C 339 -20.83 -68.44 -13.08
N VAL C 340 -21.24 -68.26 -14.34
CA VAL C 340 -21.25 -69.35 -15.33
C VAL C 340 -20.83 -68.84 -16.69
N ARG C 341 -20.07 -69.66 -17.40
CA ARG C 341 -19.53 -69.28 -18.71
C ARG C 341 -19.64 -70.50 -19.62
N TRP C 342 -20.49 -70.45 -20.64
CA TRP C 342 -20.57 -71.60 -21.53
C TRP C 342 -20.77 -71.20 -22.98
N GLY C 343 -20.42 -72.13 -23.86
CA GLY C 343 -20.48 -71.87 -25.30
C GLY C 343 -20.66 -73.14 -26.09
N VAL C 344 -21.16 -72.99 -27.32
CA VAL C 344 -21.40 -74.09 -28.22
C VAL C 344 -20.93 -73.70 -29.62
N MET C 345 -20.68 -74.71 -30.45
CA MET C 345 -20.20 -74.45 -31.81
C MET C 345 -20.46 -75.69 -32.64
N SER C 346 -21.32 -75.60 -33.64
CA SER C 346 -21.66 -76.80 -34.38
C SER C 346 -21.90 -76.47 -35.85
N THR C 347 -21.67 -77.46 -36.70
CA THR C 347 -21.89 -77.32 -38.14
C THR C 347 -22.56 -78.58 -38.65
N ASN C 348 -23.24 -78.45 -39.79
CA ASN C 348 -24.03 -79.55 -40.33
C ASN C 348 -23.84 -79.77 -41.83
N GLY C 349 -23.14 -78.88 -42.51
CA GLY C 349 -23.19 -78.85 -43.95
C GLY C 349 -24.19 -77.81 -44.38
N SER C 350 -23.70 -76.64 -44.78
CA SER C 350 -24.55 -75.50 -45.16
C SER C 350 -25.42 -74.99 -44.01
N HIS C 351 -25.21 -75.51 -42.80
CA HIS C 351 -25.96 -75.08 -41.63
C HIS C 351 -25.00 -75.02 -40.44
N SER C 352 -25.11 -73.95 -39.65
CA SER C 352 -24.20 -73.77 -38.53
C SER C 352 -24.95 -73.18 -37.34
N VAL C 353 -24.33 -73.28 -36.17
CA VAL C 353 -24.85 -72.68 -34.95
C VAL C 353 -23.69 -72.25 -34.09
N GLY C 354 -23.75 -71.02 -33.57
CA GLY C 354 -22.65 -70.46 -32.82
C GLY C 354 -23.16 -69.48 -31.79
N GLY C 355 -22.28 -68.58 -31.38
CA GLY C 355 -22.58 -67.60 -30.34
C GLY C 355 -22.38 -66.18 -30.84
N SER C 356 -22.24 -66.03 -32.15
CA SER C 356 -22.11 -64.72 -32.77
C SER C 356 -22.03 -64.90 -34.27
N ILE C 357 -21.95 -63.79 -35.00
CA ILE C 357 -21.82 -63.81 -36.45
C ILE C 357 -20.38 -64.03 -36.87
N GLU C 358 -19.42 -63.45 -36.14
CA GLU C 358 -18.02 -63.71 -36.44
C GLU C 358 -17.64 -65.16 -36.15
N SER C 359 -18.35 -65.79 -35.20
CA SER C 359 -18.12 -67.20 -34.94
C SER C 359 -18.51 -68.05 -36.14
N ASN C 360 -19.71 -67.83 -36.69
CA ASN C 360 -20.15 -68.60 -37.84
C ASN C 360 -19.31 -68.30 -39.07
N LEU C 361 -18.80 -67.07 -39.19
CA LEU C 361 -17.94 -66.76 -40.32
C LEU C 361 -16.56 -67.39 -40.16
N TRP C 362 -16.16 -67.69 -38.92
CA TRP C 362 -14.86 -68.34 -38.73
C TRP C 362 -14.92 -69.83 -39.02
N GLN C 363 -15.98 -70.51 -38.58
CA GLN C 363 -16.07 -71.95 -38.84
C GLN C 363 -16.51 -72.15 -40.28
N LYS C 364 -15.76 -71.53 -41.17
CA LYS C 364 -15.91 -71.60 -42.62
C LYS C 364 -14.60 -71.03 -43.18
N GLY C 365 -14.59 -70.68 -44.46
CA GLY C 365 -13.38 -70.05 -44.94
C GLY C 365 -13.41 -68.54 -45.00
N LEU C 366 -14.41 -67.89 -44.42
CA LEU C 366 -14.71 -66.51 -44.79
C LEU C 366 -13.77 -65.52 -44.09
N LEU C 367 -13.61 -65.65 -42.77
CA LEU C 367 -12.73 -64.72 -42.06
C LEU C 367 -11.27 -65.01 -42.36
N ALA C 368 -10.45 -63.97 -42.32
CA ALA C 368 -9.04 -64.14 -42.63
C ALA C 368 -8.24 -64.65 -41.45
N ASP C 369 -8.19 -63.88 -40.36
CA ASP C 369 -7.36 -64.24 -39.21
C ASP C 369 -8.03 -65.37 -38.44
N ASP C 370 -7.30 -66.47 -38.25
CA ASP C 370 -7.86 -67.66 -37.62
C ASP C 370 -6.84 -68.30 -36.68
N GLU C 371 -6.91 -67.95 -35.40
CA GLU C 371 -6.31 -68.79 -34.37
C GLU C 371 -7.37 -69.37 -33.44
N PHE C 372 -8.13 -68.52 -32.75
CA PHE C 372 -9.43 -68.88 -32.19
C PHE C 372 -10.12 -67.61 -31.70
N PRO C 373 -11.37 -67.37 -32.09
CA PRO C 373 -12.11 -66.26 -31.49
C PRO C 373 -12.63 -66.62 -30.10
N VAL C 374 -11.78 -66.49 -29.08
CA VAL C 374 -12.15 -66.96 -27.74
C VAL C 374 -13.31 -66.15 -27.19
N ASP C 375 -13.42 -64.89 -27.59
CA ASP C 375 -14.49 -64.03 -27.12
C ASP C 375 -15.75 -64.13 -27.95
N GLU C 376 -15.62 -64.29 -29.27
CA GLU C 376 -16.78 -64.51 -30.11
C GLU C 376 -17.35 -65.91 -29.95
N PHE C 377 -16.59 -66.82 -29.33
CA PHE C 377 -17.05 -68.19 -29.19
C PHE C 377 -18.18 -68.32 -28.19
N LEU C 378 -18.11 -67.61 -27.06
CA LEU C 378 -18.96 -67.90 -25.91
C LEU C 378 -20.38 -67.40 -26.13
N ASN C 379 -21.34 -68.23 -25.73
CA ASN C 379 -22.75 -67.83 -25.77
C ASN C 379 -23.13 -67.03 -24.53
N VAL C 380 -22.90 -67.59 -23.36
CA VAL C 380 -23.24 -66.96 -22.10
C VAL C 380 -21.95 -66.70 -21.35
N ASN C 381 -21.71 -65.44 -20.98
CA ASN C 381 -20.46 -65.00 -20.38
C ASN C 381 -20.76 -64.22 -19.10
N LEU C 382 -20.95 -64.92 -17.99
CA LEU C 382 -21.34 -64.32 -16.72
C LEU C 382 -20.44 -64.84 -15.61
N ALA C 383 -19.14 -64.74 -15.82
CA ALA C 383 -18.18 -65.27 -14.87
C ALA C 383 -18.13 -64.45 -13.59
N SER C 384 -17.92 -65.14 -12.48
CA SER C 384 -17.71 -64.47 -11.20
C SER C 384 -16.44 -63.62 -11.26
N THR C 385 -16.61 -62.31 -11.09
CA THR C 385 -15.54 -61.34 -11.28
C THR C 385 -14.91 -61.01 -9.93
N SER C 386 -13.79 -61.68 -9.63
CA SER C 386 -13.04 -61.47 -8.40
C SER C 386 -11.63 -62.00 -8.65
N ALA C 387 -10.78 -61.85 -7.64
CA ALA C 387 -9.41 -62.32 -7.74
C ALA C 387 -9.17 -63.65 -7.03
N ASN C 388 -10.09 -64.07 -6.17
CA ASN C 388 -9.98 -65.32 -5.43
C ASN C 388 -11.05 -66.33 -5.82
N ALA C 389 -11.68 -66.16 -6.96
CA ALA C 389 -12.76 -67.06 -7.36
C ALA C 389 -12.20 -68.35 -7.91
N SER C 390 -12.86 -69.46 -7.56
CA SER C 390 -12.44 -70.79 -7.99
C SER C 390 -13.41 -71.33 -9.02
N SER C 391 -12.89 -72.08 -10.00
CA SER C 391 -13.68 -72.51 -11.14
C SER C 391 -13.46 -73.99 -11.43
N ILE C 392 -14.25 -74.49 -12.37
CA ILE C 392 -14.04 -75.83 -12.93
C ILE C 392 -14.77 -75.91 -14.27
N ALA C 393 -14.12 -76.54 -15.25
CA ALA C 393 -14.62 -76.54 -16.61
C ALA C 393 -14.57 -77.83 -17.42
N PHE C 394 -15.68 -78.16 -18.06
CA PHE C 394 -15.87 -79.40 -18.79
C PHE C 394 -16.02 -79.12 -20.28
N GLN C 395 -15.66 -80.11 -21.10
CA GLN C 395 -15.61 -79.92 -22.53
C GLN C 395 -16.05 -81.19 -23.24
N VAL C 396 -16.60 -81.02 -24.46
CA VAL C 396 -16.84 -82.12 -25.37
C VAL C 396 -16.47 -81.64 -26.77
N ALA C 397 -15.36 -82.14 -27.30
CA ALA C 397 -14.86 -81.68 -28.59
C ALA C 397 -14.67 -82.88 -29.50
N LYS C 398 -15.39 -82.90 -30.62
CA LYS C 398 -15.24 -83.96 -31.62
C LYS C 398 -14.25 -83.61 -32.71
N LEU C 399 -14.47 -82.49 -33.40
CA LEU C 399 -13.66 -81.99 -34.50
C LEU C 399 -13.72 -82.88 -35.74
N GLY C 400 -14.41 -84.02 -35.66
CA GLY C 400 -14.67 -84.84 -36.81
C GLY C 400 -15.99 -84.44 -37.44
N SER C 401 -17.04 -84.39 -36.62
CA SER C 401 -18.30 -83.81 -37.07
C SER C 401 -18.35 -82.30 -36.83
N GLY C 402 -17.37 -81.74 -36.12
CA GLY C 402 -17.26 -80.32 -35.88
C GLY C 402 -17.72 -79.86 -34.52
N THR C 403 -18.64 -80.58 -33.89
CA THR C 403 -19.28 -80.12 -32.66
C THR C 403 -18.26 -79.85 -31.56
N LEU C 404 -18.49 -78.77 -30.82
CA LEU C 404 -17.70 -78.41 -29.64
C LEU C 404 -18.64 -77.79 -28.63
N LEU C 405 -18.46 -78.13 -27.36
CA LEU C 405 -19.24 -77.47 -26.32
C LEU C 405 -18.43 -77.37 -25.04
N ASP C 406 -18.48 -76.19 -24.41
CA ASP C 406 -17.71 -75.87 -23.20
C ASP C 406 -18.63 -75.35 -22.11
N LEU C 407 -18.31 -75.70 -20.85
CA LEU C 407 -19.09 -75.24 -19.71
C LEU C 407 -18.20 -75.05 -18.50
N GLU C 408 -18.14 -73.83 -17.95
CA GLU C 408 -17.33 -73.52 -16.78
C GLU C 408 -18.18 -72.88 -15.68
N LEU C 409 -17.98 -73.31 -14.42
CA LEU C 409 -18.61 -72.74 -13.24
C LEU C 409 -17.56 -72.06 -12.38
N SER C 410 -17.95 -71.00 -11.72
CA SER C 410 -17.03 -70.32 -10.83
C SER C 410 -17.78 -69.77 -9.62
N ALA C 411 -17.07 -69.64 -8.51
CA ALA C 411 -17.70 -69.32 -7.24
C ALA C 411 -16.71 -68.61 -6.32
N LEU C 412 -17.25 -67.96 -5.29
CA LEU C 412 -16.44 -67.36 -4.24
C LEU C 412 -17.31 -67.09 -3.02
N GLN C 413 -16.75 -67.23 -1.82
CA GLN C 413 -17.48 -66.94 -0.57
C GLN C 413 -16.53 -66.58 0.57
N ASN C 414 -16.53 -65.33 1.04
CA ASN C 414 -15.63 -65.01 2.14
C ASN C 414 -16.34 -64.26 3.25
N GLU C 415 -15.61 -64.01 4.33
CA GLU C 415 -16.18 -63.66 5.62
C GLU C 415 -15.10 -63.06 6.51
N SER C 416 -15.47 -62.09 7.35
CA SER C 416 -14.46 -61.36 8.10
C SER C 416 -15.02 -60.79 9.39
N LYS C 417 -14.15 -60.61 10.38
CA LYS C 417 -14.47 -60.07 11.69
C LYS C 417 -13.34 -59.18 12.18
N ALA C 418 -13.66 -58.24 13.05
CA ALA C 418 -12.62 -57.40 13.64
C ALA C 418 -13.14 -56.77 14.93
N GLU C 419 -12.21 -56.44 15.83
CA GLU C 419 -12.57 -55.83 17.09
C GLU C 419 -11.40 -55.05 17.67
N ILE C 420 -11.64 -53.79 18.05
CA ILE C 420 -10.60 -52.91 18.58
C ILE C 420 -11.08 -52.28 19.88
N ILE C 421 -10.16 -52.14 20.84
CA ILE C 421 -10.42 -51.53 22.13
C ILE C 421 -9.30 -50.54 22.45
N SER C 422 -9.65 -49.35 22.90
CA SER C 422 -8.64 -48.41 23.37
C SER C 422 -9.16 -47.66 24.58
N SER C 423 -8.30 -47.45 25.57
CA SER C 423 -8.71 -46.78 26.81
C SER C 423 -7.61 -45.92 27.38
N PRO C 424 -7.70 -44.58 27.24
CA PRO C 424 -6.80 -43.69 27.98
C PRO C 424 -7.27 -43.36 29.40
N ARG C 425 -6.37 -42.93 30.28
CA ARG C 425 -6.70 -42.55 31.64
C ARG C 425 -5.96 -41.29 32.01
N LEU C 426 -6.46 -40.61 33.04
CA LEU C 426 -5.83 -39.42 33.56
C LEU C 426 -6.12 -39.32 35.04
N ILE C 427 -5.25 -38.60 35.75
CA ILE C 427 -5.53 -38.13 37.10
C ILE C 427 -5.30 -36.63 37.12
N THR C 428 -6.14 -35.90 37.87
CA THR C 428 -6.06 -34.44 37.87
C THR C 428 -6.68 -33.92 39.16
N THR C 429 -6.60 -32.59 39.32
CA THR C 429 -7.14 -31.85 40.50
C THR C 429 -8.50 -31.25 40.14
N ASN C 430 -9.41 -31.16 41.11
CA ASN C 430 -10.77 -30.69 40.89
C ASN C 430 -10.78 -29.32 40.22
N LYS C 431 -11.60 -29.18 39.19
CA LYS C 431 -11.83 -27.93 38.46
C LYS C 431 -10.64 -27.53 37.60
N GLN C 432 -9.84 -28.51 37.19
CA GLN C 432 -8.57 -28.25 36.52
C GLN C 432 -8.48 -29.01 35.21
N PRO C 433 -8.10 -28.37 34.10
CA PRO C 433 -8.15 -29.04 32.80
C PRO C 433 -6.94 -29.93 32.52
N ALA C 434 -7.20 -31.11 31.97
CA ALA C 434 -6.12 -32.05 31.68
C ALA C 434 -6.36 -32.71 30.33
N TYR C 435 -5.28 -33.20 29.72
CA TYR C 435 -5.35 -33.87 28.42
C TYR C 435 -4.28 -34.94 28.32
N ILE C 436 -4.57 -35.95 27.51
CA ILE C 436 -3.58 -36.95 27.12
C ILE C 436 -3.79 -37.33 25.65
N GLU C 437 -2.69 -37.49 24.92
CA GLU C 437 -2.70 -37.62 23.46
C GLU C 437 -1.72 -38.67 22.96
N GLN C 438 -1.98 -39.18 21.76
CA GLN C 438 -1.07 -40.10 21.08
C GLN C 438 -1.42 -40.13 19.60
N GLY C 439 -0.50 -39.73 18.73
CA GLY C 439 -0.80 -39.76 17.30
C GLY C 439 0.25 -39.15 16.41
N THR C 440 -0.19 -38.42 15.37
CA THR C 440 0.74 -37.73 14.47
C THR C 440 0.28 -36.31 14.19
N GLU C 441 1.21 -35.48 13.72
CA GLU C 441 0.94 -34.11 13.34
C GLU C 441 1.29 -33.93 11.86
N ILE C 442 0.29 -33.59 11.06
CA ILE C 442 0.48 -33.48 9.61
C ILE C 442 0.82 -32.04 9.25
N PRO C 443 1.93 -31.85 8.54
CA PRO C 443 2.33 -30.52 8.10
C PRO C 443 1.46 -30.16 6.90
N TYR C 444 0.72 -29.07 6.97
CA TYR C 444 -0.08 -28.67 5.81
C TYR C 444 0.54 -27.47 5.11
N LEU C 445 0.39 -27.37 3.80
CA LEU C 445 1.04 -26.29 3.08
C LEU C 445 0.28 -24.97 3.10
N GLU C 446 0.76 -24.12 4.02
CA GLU C 446 0.37 -22.74 4.34
C GLU C 446 -0.79 -22.50 5.30
N SER C 447 -0.68 -21.37 5.97
CA SER C 447 -1.67 -20.81 6.88
C SER C 447 -1.57 -19.33 6.51
N SER C 448 -2.70 -18.64 6.38
CA SER C 448 -2.60 -17.27 5.94
C SER C 448 -2.91 -16.14 6.90
N SER C 449 -1.92 -15.28 7.14
CA SER C 449 -2.15 -14.08 7.92
C SER C 449 -2.26 -12.93 6.93
N SER C 450 -2.10 -11.70 7.39
CA SER C 450 -2.11 -10.52 6.52
C SER C 450 -0.86 -10.52 5.61
N GLY C 451 -0.88 -11.43 4.63
CA GLY C 451 0.12 -11.38 3.58
C GLY C 451 0.87 -12.65 3.22
N ALA C 452 1.21 -13.50 4.19
CA ALA C 452 2.05 -14.65 3.85
C ALA C 452 1.80 -15.88 4.72
N SER C 453 2.59 -16.93 4.51
CA SER C 453 2.25 -18.30 4.89
C SER C 453 3.00 -18.74 6.14
N THR C 454 2.26 -19.16 7.15
CA THR C 454 2.80 -19.81 8.34
C THR C 454 2.32 -21.25 8.29
N VAL C 455 3.06 -22.11 7.59
CA VAL C 455 2.59 -23.47 7.37
C VAL C 455 2.48 -24.19 8.71
N ALA C 456 1.40 -24.94 8.89
CA ALA C 456 0.99 -25.32 10.24
C ALA C 456 0.79 -26.83 10.31
N PHE C 457 0.31 -27.29 11.46
CA PHE C 457 0.19 -28.71 11.76
C PHE C 457 -1.22 -29.03 12.22
N LYS C 458 -1.83 -30.02 11.56
CA LYS C 458 -3.12 -30.53 11.95
C LYS C 458 -2.82 -31.81 12.75
N LYS C 459 -3.73 -32.19 13.65
CA LYS C 459 -3.50 -33.34 14.50
C LYS C 459 -4.35 -34.51 14.07
N ALA C 460 -3.79 -35.71 14.20
CA ALA C 460 -4.50 -36.96 13.99
C ALA C 460 -4.11 -37.85 15.16
N VAL C 461 -4.85 -37.76 16.25
CA VAL C 461 -4.47 -38.33 17.54
C VAL C 461 -5.65 -39.08 18.13
N LEU C 462 -5.34 -40.00 19.05
CA LEU C 462 -6.33 -40.54 20.00
C LEU C 462 -6.21 -39.78 21.32
N SER C 463 -7.20 -38.93 21.64
CA SER C 463 -7.04 -37.96 22.71
C SER C 463 -8.21 -37.92 23.66
N LEU C 464 -7.90 -37.60 24.91
CA LEU C 464 -8.89 -37.33 25.94
C LEU C 464 -8.62 -35.96 26.55
N LYS C 465 -9.68 -35.15 26.67
CA LYS C 465 -9.60 -33.80 27.19
C LYS C 465 -10.74 -33.60 28.17
N VAL C 466 -10.43 -33.26 29.42
CA VAL C 466 -11.48 -33.28 30.44
C VAL C 466 -11.29 -32.17 31.48
N THR C 467 -12.45 -31.66 31.98
CA THR C 467 -12.53 -30.82 33.17
C THR C 467 -13.61 -31.34 34.13
N PRO C 468 -13.23 -31.79 35.33
CA PRO C 468 -14.19 -32.35 36.28
C PRO C 468 -14.69 -31.39 37.35
N GLN C 469 -15.73 -31.77 38.08
CA GLN C 469 -16.25 -30.98 39.20
C GLN C 469 -16.97 -31.90 40.16
N ILE C 470 -16.60 -31.84 41.44
CA ILE C 470 -17.17 -32.70 42.48
C ILE C 470 -18.30 -31.96 43.17
N THR C 471 -19.43 -32.63 43.35
CA THR C 471 -20.64 -32.10 43.97
C THR C 471 -20.88 -32.77 45.31
N PRO C 472 -21.81 -32.25 46.13
CA PRO C 472 -21.98 -32.78 47.49
C PRO C 472 -22.45 -34.23 47.55
N ASP C 473 -23.46 -34.60 46.76
CA ASP C 473 -24.04 -35.92 46.93
C ASP C 473 -23.33 -37.00 46.12
N ASN C 474 -22.00 -37.04 46.19
CA ASN C 474 -21.19 -38.14 45.64
C ASN C 474 -21.41 -38.29 44.12
N ARG C 475 -21.13 -37.22 43.39
CA ARG C 475 -21.39 -37.18 41.95
C ARG C 475 -20.41 -36.25 41.27
N LEU C 476 -20.23 -36.44 39.97
CA LEU C 476 -19.34 -35.64 39.15
C LEU C 476 -20.07 -35.03 37.98
N VAL C 477 -19.69 -33.81 37.63
CA VAL C 477 -20.11 -33.17 36.39
C VAL C 477 -18.86 -33.10 35.51
N LEU C 478 -18.90 -33.72 34.34
CA LEU C 478 -17.74 -33.79 33.47
C LEU C 478 -17.97 -33.03 32.17
N ASP C 479 -17.03 -32.14 31.83
CA ASP C 479 -16.96 -31.54 30.47
C ASP C 479 -15.97 -32.33 29.61
N LEU C 480 -16.47 -33.04 28.59
CA LEU C 480 -15.75 -34.19 28.00
C LEU C 480 -15.46 -33.90 26.52
N SER C 481 -14.23 -34.15 26.07
CA SER C 481 -13.94 -34.35 24.62
C SER C 481 -13.13 -35.63 24.44
N VAL C 482 -13.61 -36.55 23.60
CA VAL C 482 -12.85 -37.81 23.31
C VAL C 482 -12.77 -38.02 21.80
N THR C 483 -11.56 -38.11 21.23
CA THR C 483 -11.44 -38.29 19.78
C THR C 483 -10.52 -39.44 19.44
N GLN C 484 -10.68 -39.94 18.22
CA GLN C 484 -9.79 -40.98 17.67
C GLN C 484 -9.67 -40.79 16.16
N ASP C 485 -8.64 -40.09 15.71
CA ASP C 485 -8.44 -39.80 14.30
C ASP C 485 -7.22 -40.55 13.76
N ARG C 486 -7.19 -40.67 12.43
CA ARG C 486 -6.10 -41.35 11.74
C ARG C 486 -5.77 -40.60 10.46
N ARG C 487 -4.68 -41.00 9.82
CA ARG C 487 -4.26 -40.41 8.56
C ARG C 487 -4.91 -41.19 7.43
N GLY C 488 -5.54 -40.48 6.51
CA GLY C 488 -6.26 -41.09 5.42
C GLY C 488 -5.51 -41.04 4.11
N GLU C 489 -6.26 -41.13 3.02
CA GLU C 489 -5.68 -41.12 1.69
C GLU C 489 -5.16 -39.73 1.33
N THR C 490 -4.42 -39.67 0.25
CA THR C 490 -3.86 -38.41 -0.26
C THR C 490 -4.68 -38.02 -1.49
N VAL C 491 -5.51 -37.00 -1.32
CA VAL C 491 -6.39 -36.48 -2.35
C VAL C 491 -5.67 -35.43 -3.19
N LYS C 492 -6.32 -35.03 -4.29
CA LYS C 492 -5.74 -34.04 -5.25
C LYS C 492 -6.32 -32.65 -4.97
N THR C 493 -5.46 -31.65 -4.82
CA THR C 493 -5.89 -30.26 -4.53
C THR C 493 -5.21 -29.30 -5.51
N GLY C 494 -5.99 -28.63 -6.38
CA GLY C 494 -5.45 -27.74 -7.41
C GLY C 494 -4.52 -28.49 -8.36
N THR C 495 -3.27 -28.02 -8.49
CA THR C 495 -2.24 -28.75 -9.26
C THR C 495 -1.42 -29.62 -8.30
N GLY C 496 -1.80 -29.66 -7.02
CA GLY C 496 -0.99 -30.34 -5.98
C GLY C 496 -1.73 -31.50 -5.35
N GLU C 497 -1.23 -31.99 -4.21
CA GLU C 497 -1.88 -33.02 -3.42
C GLU C 497 -1.74 -32.67 -1.94
N ALA C 498 -2.55 -33.32 -1.12
CA ALA C 498 -2.51 -33.14 0.32
C ALA C 498 -3.09 -34.39 0.97
N VAL C 499 -3.02 -34.45 2.29
CA VAL C 499 -3.38 -35.63 3.05
C VAL C 499 -4.71 -35.38 3.75
N SER C 500 -5.61 -36.35 3.69
CA SER C 500 -6.90 -36.26 4.37
C SER C 500 -6.87 -37.04 5.68
N ILE C 501 -7.87 -36.81 6.51
CA ILE C 501 -7.93 -37.36 7.87
C ILE C 501 -9.27 -38.04 8.09
N ASP C 502 -9.26 -39.19 8.76
CA ASP C 502 -10.47 -39.92 9.14
C ASP C 502 -10.71 -39.77 10.64
N THR C 503 -11.92 -39.36 11.02
CA THR C 503 -12.18 -38.90 12.38
C THR C 503 -13.35 -39.65 13.03
N GLN C 504 -13.32 -39.67 14.37
CA GLN C 504 -14.45 -40.01 15.24
C GLN C 504 -14.37 -39.09 16.44
N ARG C 505 -15.46 -38.39 16.75
CA ARG C 505 -15.41 -37.37 17.78
C ARG C 505 -16.71 -37.36 18.58
N ILE C 506 -16.58 -37.05 19.86
CA ILE C 506 -17.74 -36.83 20.70
C ILE C 506 -17.37 -35.81 21.77
N GLY C 507 -18.27 -34.85 21.97
CA GLY C 507 -18.10 -33.82 22.96
C GLY C 507 -19.38 -33.55 23.72
N THR C 508 -19.33 -33.55 25.04
CA THR C 508 -20.56 -33.47 25.83
C THR C 508 -20.29 -32.86 27.20
N GLN C 509 -21.37 -32.72 27.96
CA GLN C 509 -21.32 -32.50 29.40
C GLN C 509 -22.27 -33.49 30.04
N VAL C 510 -21.77 -34.28 30.99
CA VAL C 510 -22.58 -35.30 31.63
C VAL C 510 -22.45 -35.22 33.14
N LEU C 511 -23.32 -35.99 33.81
CA LEU C 511 -23.43 -36.01 35.27
C LEU C 511 -23.52 -37.47 35.69
N VAL C 512 -22.51 -37.95 36.42
CA VAL C 512 -22.34 -39.38 36.65
C VAL C 512 -21.96 -39.64 38.09
N ASN C 513 -22.45 -40.75 38.66
CA ASN C 513 -22.15 -41.11 40.03
C ASN C 513 -20.66 -41.41 40.19
N ASN C 514 -20.24 -41.56 41.45
CA ASN C 514 -18.81 -41.54 41.74
C ASN C 514 -18.02 -42.62 41.03
N GLY C 515 -18.35 -43.89 41.22
CA GLY C 515 -17.47 -44.92 40.70
C GLY C 515 -18.08 -45.90 39.73
N GLU C 516 -18.95 -45.45 38.84
CA GLU C 516 -19.57 -46.34 37.86
C GLU C 516 -19.47 -45.77 36.45
N THR C 517 -19.84 -46.60 35.48
CA THR C 517 -19.69 -46.29 34.07
C THR C 517 -21.01 -45.85 33.44
N VAL C 518 -20.91 -44.98 32.45
CA VAL C 518 -22.03 -44.59 31.61
C VAL C 518 -21.57 -44.67 30.17
N VAL C 519 -22.50 -44.93 29.26
CA VAL C 519 -22.19 -44.87 27.83
C VAL C 519 -22.55 -43.49 27.30
N LEU C 520 -21.57 -42.82 26.71
CA LEU C 520 -21.77 -41.45 26.24
C LEU C 520 -22.47 -41.43 24.90
N GLY C 521 -22.13 -42.35 24.01
CA GLY C 521 -22.76 -42.43 22.72
C GLY C 521 -22.23 -43.62 21.95
N GLY C 522 -22.79 -43.79 20.76
CA GLY C 522 -22.37 -44.87 19.88
C GLY C 522 -22.96 -44.67 18.51
N ILE C 523 -22.49 -45.49 17.59
CA ILE C 523 -23.01 -45.50 16.22
C ILE C 523 -23.19 -46.93 15.77
N PHE C 524 -24.32 -47.24 15.15
CA PHE C 524 -24.63 -48.56 14.66
C PHE C 524 -24.86 -48.49 13.16
N GLN C 525 -24.34 -49.45 12.41
CA GLN C 525 -24.57 -49.47 10.96
C GLN C 525 -24.81 -50.89 10.46
N HIS C 526 -25.61 -50.99 9.41
CA HIS C 526 -25.93 -52.26 8.80
C HIS C 526 -26.17 -52.05 7.30
N SER C 527 -25.80 -53.03 6.48
CA SER C 527 -26.05 -52.89 5.05
C SER C 527 -26.16 -54.24 4.37
N ILE C 528 -26.98 -54.31 3.31
CA ILE C 528 -27.26 -55.54 2.58
C ILE C 528 -27.39 -55.21 1.09
N ASN C 529 -26.70 -55.97 0.23
CA ASN C 529 -26.81 -55.79 -1.21
C ASN C 529 -27.05 -57.12 -1.90
N ASN C 530 -27.88 -57.11 -2.93
CA ASN C 530 -28.16 -58.28 -3.75
C ASN C 530 -28.17 -57.87 -5.21
N SER C 531 -27.77 -58.78 -6.09
CA SER C 531 -27.80 -58.47 -7.52
C SER C 531 -27.84 -59.75 -8.34
N VAL C 532 -28.48 -59.67 -9.50
CA VAL C 532 -28.59 -60.79 -10.44
C VAL C 532 -28.50 -60.25 -11.85
N ASP C 533 -27.79 -60.95 -12.73
CA ASP C 533 -27.99 -60.71 -14.16
C ASP C 533 -28.12 -62.03 -14.87
N LYS C 534 -29.13 -62.14 -15.72
CA LYS C 534 -29.54 -63.43 -16.22
C LYS C 534 -29.99 -63.35 -17.67
N VAL C 535 -30.39 -64.50 -18.20
CA VAL C 535 -30.98 -64.56 -19.54
C VAL C 535 -32.49 -64.44 -19.42
N PRO C 536 -33.13 -63.59 -20.24
CA PRO C 536 -34.50 -63.14 -19.91
C PRO C 536 -35.50 -64.19 -19.49
N LEU C 537 -35.47 -65.39 -20.06
CA LEU C 537 -36.45 -66.39 -19.66
C LEU C 537 -35.86 -67.64 -19.04
N LEU C 538 -34.63 -68.01 -19.38
CA LEU C 538 -34.06 -69.24 -18.91
C LEU C 538 -33.52 -69.13 -17.49
N GLY C 539 -33.08 -67.94 -17.09
CA GLY C 539 -32.47 -67.78 -15.78
C GLY C 539 -33.46 -67.82 -14.65
N ASP C 540 -34.64 -68.39 -14.90
CA ASP C 540 -35.68 -68.51 -13.89
C ASP C 540 -36.19 -69.93 -13.75
N LEU C 541 -35.68 -70.88 -14.54
CA LEU C 541 -36.11 -72.25 -14.46
C LEU C 541 -35.72 -72.84 -13.10
N PRO C 542 -36.52 -73.78 -12.58
CA PRO C 542 -36.37 -74.17 -11.17
C PRO C 542 -34.99 -74.68 -10.79
N VAL C 543 -34.42 -75.64 -11.53
CA VAL C 543 -33.13 -76.19 -11.16
C VAL C 543 -32.09 -75.86 -12.21
N LEU C 544 -32.50 -75.81 -13.47
CA LEU C 544 -31.57 -75.50 -14.55
C LEU C 544 -31.17 -74.03 -14.57
N GLY C 545 -31.95 -73.15 -13.93
CA GLY C 545 -31.73 -71.73 -14.08
C GLY C 545 -30.33 -71.29 -13.70
N ALA C 546 -29.70 -71.99 -12.76
CA ALA C 546 -28.35 -71.63 -12.31
C ALA C 546 -27.32 -71.68 -13.43
N LEU C 547 -27.67 -72.22 -14.58
CA LEU C 547 -26.75 -72.23 -15.71
C LEU C 547 -26.85 -70.96 -16.55
N PHE C 548 -27.75 -70.03 -16.21
CA PHE C 548 -28.05 -68.89 -17.06
C PHE C 548 -28.03 -67.58 -16.28
N ARG C 549 -27.25 -67.48 -15.22
CA ARG C 549 -27.34 -66.29 -14.37
C ARG C 549 -26.10 -66.16 -13.52
N ARG C 550 -25.77 -64.91 -13.19
CA ARG C 550 -24.77 -64.61 -12.18
C ARG C 550 -25.45 -63.93 -11.01
N THR C 551 -25.07 -64.32 -9.80
CA THR C 551 -25.69 -63.89 -8.55
C THR C 551 -24.62 -63.35 -7.60
N TYR C 552 -24.93 -62.24 -6.96
CA TYR C 552 -24.00 -61.54 -6.06
C TYR C 552 -24.74 -61.15 -4.79
N GLU C 553 -24.10 -61.32 -3.64
CA GLU C 553 -24.73 -60.98 -2.38
C GLU C 553 -23.71 -60.55 -1.33
N GLN C 554 -24.00 -59.47 -0.62
CA GLN C 554 -23.04 -58.92 0.32
C GLN C 554 -23.75 -58.36 1.54
N MET C 555 -23.14 -58.48 2.73
CA MET C 555 -23.72 -57.96 3.98
C MET C 555 -22.64 -57.44 4.93
N GLY C 556 -22.86 -56.29 5.55
CA GLY C 556 -21.90 -55.71 6.48
C GLY C 556 -22.58 -55.20 7.73
N LYS C 557 -21.82 -55.17 8.83
CA LYS C 557 -22.35 -54.68 10.10
C LYS C 557 -21.25 -54.06 10.93
N SER C 558 -21.54 -52.94 11.58
CA SER C 558 -20.53 -52.22 12.35
C SER C 558 -21.14 -51.61 13.60
N GLU C 559 -20.33 -51.50 14.65
CA GLU C 559 -20.83 -50.95 15.90
C GLU C 559 -19.71 -50.28 16.69
N LEU C 560 -20.00 -49.06 17.18
CA LEU C 560 -19.01 -48.28 17.96
C LEU C 560 -19.69 -47.81 19.26
N LEU C 561 -18.95 -47.87 20.37
CA LEU C 561 -19.45 -47.44 21.67
C LEU C 561 -18.37 -46.68 22.44
N ILE C 562 -18.78 -45.70 23.23
CA ILE C 562 -17.85 -44.93 24.07
C ILE C 562 -18.34 -44.93 25.51
N PHE C 563 -17.49 -45.33 26.44
CA PHE C 563 -17.77 -45.38 27.88
C PHE C 563 -16.86 -44.41 28.63
N VAL C 564 -17.29 -44.03 29.83
CA VAL C 564 -16.47 -43.22 30.72
C VAL C 564 -16.79 -43.62 32.15
N THR C 565 -15.76 -43.56 33.01
CA THR C 565 -15.93 -43.88 34.43
C THR C 565 -14.98 -43.05 35.30
N PRO C 566 -15.49 -42.15 36.12
CA PRO C 566 -14.65 -41.37 37.01
C PRO C 566 -14.54 -42.01 38.39
N LYS C 567 -13.63 -41.47 39.20
CA LYS C 567 -13.35 -41.96 40.56
C LYS C 567 -12.59 -40.93 41.37
N VAL C 568 -12.99 -40.74 42.62
CA VAL C 568 -12.34 -39.78 43.51
C VAL C 568 -11.27 -40.51 44.29
N VAL C 569 -10.04 -40.01 44.21
CA VAL C 569 -8.93 -40.64 44.90
C VAL C 569 -9.02 -40.33 46.39
N ILE C 570 -9.26 -41.37 47.18
CA ILE C 570 -9.42 -41.23 48.62
C ILE C 570 -8.13 -41.44 49.40
N GLN C 571 -6.97 -41.09 48.86
CA GLN C 571 -5.68 -41.12 49.63
C GLN C 571 -5.46 -42.44 50.40
N SER D 160 -87.21 31.00 36.15
CA SER D 160 -87.79 31.81 37.22
C SER D 160 -86.68 32.52 38.01
N ILE D 161 -85.58 32.83 37.34
CA ILE D 161 -84.38 33.35 37.98
C ILE D 161 -84.20 34.82 37.59
N ASN D 162 -83.97 35.67 38.58
CA ASN D 162 -83.56 37.05 38.35
C ASN D 162 -82.73 37.47 39.56
N PHE D 163 -81.41 37.44 39.42
CA PHE D 163 -80.50 37.71 40.52
C PHE D 163 -79.61 38.88 40.17
N GLN D 164 -79.75 39.99 40.89
CA GLN D 164 -78.96 41.20 40.67
C GLN D 164 -78.05 41.38 41.89
N ASP D 165 -76.75 41.54 41.64
CA ASP D 165 -75.78 41.73 42.72
C ASP D 165 -75.88 40.59 43.73
N ILE D 166 -76.06 39.39 43.21
CA ILE D 166 -76.13 38.16 44.01
C ILE D 166 -74.83 37.40 43.83
N PRO D 167 -74.18 36.98 44.91
CA PRO D 167 -72.93 36.23 44.77
C PRO D 167 -73.15 34.93 44.00
N VAL D 168 -72.09 34.50 43.31
CA VAL D 168 -72.16 33.26 42.56
C VAL D 168 -72.48 32.08 43.48
N ARG D 169 -71.95 32.12 44.70
CA ARG D 169 -72.28 31.08 45.68
C ARG D 169 -73.77 31.00 45.94
N ASN D 170 -74.45 32.14 46.01
CA ASN D 170 -75.87 32.15 46.37
C ASN D 170 -76.72 31.62 45.22
N VAL D 171 -76.44 32.05 43.99
CA VAL D 171 -77.21 31.52 42.86
C VAL D 171 -76.90 30.05 42.65
N LEU D 172 -75.67 29.61 42.94
CA LEU D 172 -75.36 28.19 42.82
C LEU D 172 -76.08 27.38 43.89
N GLN D 173 -76.19 27.90 45.11
CA GLN D 173 -76.95 27.20 46.14
C GLN D 173 -78.44 27.20 45.80
N LEU D 174 -78.92 28.22 45.09
CA LEU D 174 -80.30 28.20 44.63
C LEU D 174 -80.50 27.09 43.60
N ILE D 175 -79.62 27.04 42.60
CA ILE D 175 -79.69 25.97 41.60
C ILE D 175 -79.60 24.60 42.27
N ALA D 176 -78.84 24.49 43.35
CA ALA D 176 -78.77 23.24 44.10
C ALA D 176 -80.11 22.92 44.76
N ASP D 177 -80.60 23.83 45.60
CA ASP D 177 -81.83 23.62 46.38
C ASP D 177 -83.09 23.56 45.52
N TYR D 178 -82.96 23.66 44.20
CA TYR D 178 -84.09 23.64 43.29
C TYR D 178 -84.43 22.24 42.80
N ASN D 179 -84.14 21.21 43.61
CA ASN D 179 -84.34 19.78 43.34
C ASN D 179 -83.28 19.21 42.42
N GLY D 180 -82.23 19.97 42.10
CA GLY D 180 -81.10 19.42 41.38
C GLY D 180 -80.18 18.64 42.29
N PHE D 181 -79.18 18.00 41.68
CA PHE D 181 -78.22 17.24 42.46
C PHE D 181 -77.36 18.17 43.30
N ASN D 182 -77.10 17.75 44.54
CA ASN D 182 -76.41 18.60 45.51
C ASN D 182 -75.06 19.05 44.97
N LEU D 183 -74.73 20.32 45.20
CA LEU D 183 -73.47 20.88 44.74
C LEU D 183 -72.85 21.73 45.84
N VAL D 184 -71.53 21.81 45.81
CA VAL D 184 -70.75 22.55 46.79
C VAL D 184 -69.71 23.39 46.08
N VAL D 185 -69.26 24.46 46.75
CA VAL D 185 -68.29 25.38 46.17
C VAL D 185 -67.13 25.60 47.14
N SER D 186 -66.12 26.34 46.70
CA SER D 186 -64.95 26.63 47.52
C SER D 186 -65.25 27.82 48.43
N ASP D 187 -64.21 28.36 49.05
CA ASP D 187 -64.39 29.48 49.98
C ASP D 187 -64.69 30.77 49.23
N SER D 188 -63.74 31.24 48.43
CA SER D 188 -63.89 32.43 47.60
C SER D 188 -63.70 31.97 46.16
N VAL D 189 -64.79 31.55 45.53
CA VAL D 189 -64.70 30.87 44.25
C VAL D 189 -64.63 31.88 43.11
N VAL D 190 -65.71 32.60 42.89
CA VAL D 190 -65.81 33.49 41.73
C VAL D 190 -66.11 34.91 42.20
N GLY D 191 -67.22 35.08 42.90
CA GLY D 191 -67.63 36.38 43.37
C GLY D 191 -69.11 36.63 43.20
N ASN D 192 -69.45 37.70 42.48
CA ASN D 192 -70.81 38.19 42.34
C ASN D 192 -71.17 38.31 40.86
N LEU D 193 -72.48 38.40 40.58
CA LEU D 193 -72.94 38.61 39.21
C LEU D 193 -74.37 39.15 39.22
N THR D 194 -74.97 39.17 38.03
CA THR D 194 -76.32 39.67 37.83
C THR D 194 -76.82 39.22 36.46
N LEU D 195 -77.99 38.57 36.46
CA LEU D 195 -78.62 38.10 35.22
C LEU D 195 -80.02 37.61 35.56
N ARG D 196 -80.86 37.53 34.53
CA ARG D 196 -82.25 37.10 34.66
C ARG D 196 -82.65 36.25 33.47
N LEU D 197 -83.16 35.06 33.75
CA LEU D 197 -83.63 34.14 32.71
C LEU D 197 -84.70 33.23 33.31
N ASP D 198 -85.46 32.59 32.42
CA ASP D 198 -86.55 31.71 32.84
C ASP D 198 -86.95 30.80 31.69
N GLY D 199 -87.59 29.67 32.05
CA GLY D 199 -88.13 28.73 31.08
C GLY D 199 -87.09 28.08 30.18
N VAL D 200 -86.06 27.51 30.80
CA VAL D 200 -84.91 26.99 30.06
C VAL D 200 -84.32 25.80 30.82
N PRO D 201 -83.53 24.95 30.17
CA PRO D 201 -82.88 23.86 30.92
C PRO D 201 -81.73 24.37 31.76
N TRP D 202 -81.45 23.62 32.85
CA TRP D 202 -80.30 23.94 33.68
C TRP D 202 -78.99 23.76 32.94
N GLN D 203 -78.96 22.87 31.94
CA GLN D 203 -77.73 22.60 31.21
C GLN D 203 -77.22 23.86 30.52
N GLN D 204 -78.07 24.48 29.70
CA GLN D 204 -77.63 25.64 28.92
C GLN D 204 -77.27 26.81 29.82
N VAL D 205 -78.11 27.12 30.80
CA VAL D 205 -77.86 28.27 31.66
C VAL D 205 -76.61 28.06 32.50
N LEU D 206 -76.51 26.89 33.14
CA LEU D 206 -75.35 26.58 33.96
C LEU D 206 -74.08 26.65 33.12
N ASP D 207 -74.10 26.05 31.92
CA ASP D 207 -72.90 26.04 31.10
C ASP D 207 -72.53 27.44 30.63
N ILE D 208 -73.51 28.26 30.23
CA ILE D 208 -73.16 29.58 29.74
C ILE D 208 -72.61 30.44 30.87
N ILE D 209 -73.13 30.26 32.10
CA ILE D 209 -72.56 30.94 33.25
C ILE D 209 -71.12 30.49 33.49
N LEU D 210 -70.90 29.17 33.56
CA LEU D 210 -69.59 28.63 33.85
C LEU D 210 -68.59 28.90 32.73
N GLN D 211 -69.07 29.24 31.53
CA GLN D 211 -68.16 29.59 30.44
C GLN D 211 -67.79 31.05 30.49
N VAL D 212 -68.79 31.94 30.56
CA VAL D 212 -68.51 33.37 30.41
C VAL D 212 -67.71 33.89 31.60
N LYS D 213 -68.26 33.77 32.82
CA LYS D 213 -67.57 34.26 33.99
C LYS D 213 -67.37 33.13 35.00
N GLY D 214 -68.31 32.20 35.06
CA GLY D 214 -68.23 31.12 36.02
C GLY D 214 -67.01 30.24 35.82
N LEU D 215 -66.78 29.39 36.82
CA LEU D 215 -65.63 28.51 36.87
C LEU D 215 -65.98 27.11 36.39
N ASP D 216 -65.13 26.13 36.72
CA ASP D 216 -65.33 24.76 36.28
C ASP D 216 -65.92 23.90 37.40
N LYS D 217 -66.43 22.73 37.00
CA LYS D 217 -67.12 21.83 37.91
C LYS D 217 -66.78 20.38 37.60
N ARG D 218 -66.81 19.56 38.64
CA ARG D 218 -66.56 18.12 38.52
C ARG D 218 -67.61 17.35 39.31
N VAL D 219 -67.98 16.18 38.81
CA VAL D 219 -68.98 15.33 39.44
C VAL D 219 -68.31 14.03 39.89
N ASP D 220 -68.50 13.69 41.17
CA ASP D 220 -67.92 12.49 41.75
C ASP D 220 -68.81 11.27 41.55
N GLY D 221 -69.87 11.40 40.75
CA GLY D 221 -70.81 10.31 40.56
C GLY D 221 -72.21 10.65 41.04
N ASN D 222 -72.31 11.36 42.16
CA ASN D 222 -73.60 11.75 42.70
C ASN D 222 -73.75 13.26 42.84
N VAL D 223 -72.78 13.95 43.44
CA VAL D 223 -72.89 15.36 43.73
C VAL D 223 -71.81 16.12 42.97
N ILE D 224 -72.03 17.43 42.83
CA ILE D 224 -71.22 18.28 41.98
C ILE D 224 -70.42 19.25 42.84
N LEU D 225 -69.19 19.52 42.42
CA LEU D 225 -68.31 20.47 43.09
C LEU D 225 -67.85 21.51 42.07
N ILE D 226 -67.72 22.76 42.53
CA ILE D 226 -67.33 23.86 41.66
C ILE D 226 -66.04 24.46 42.20
N ALA D 227 -65.19 24.93 41.31
CA ALA D 227 -63.93 25.57 41.67
C ALA D 227 -63.36 26.25 40.44
N PRO D 228 -62.44 27.19 40.63
CA PRO D 228 -61.75 27.78 39.47
C PRO D 228 -60.86 26.77 38.78
N LYS D 229 -60.63 26.99 37.49
CA LYS D 229 -59.81 26.09 36.71
C LYS D 229 -58.37 26.07 37.19
N GLU D 230 -57.90 27.17 37.79
CA GLU D 230 -56.52 27.24 38.24
C GLU D 230 -56.24 26.19 39.31
N GLU D 231 -57.09 26.08 40.32
CA GLU D 231 -56.89 25.08 41.35
C GLU D 231 -57.02 23.66 40.81
N LEU D 232 -57.92 23.43 39.86
CA LEU D 232 -58.08 22.10 39.28
C LEU D 232 -56.83 21.69 38.52
N ASP D 233 -56.32 22.57 37.66
CA ASP D 233 -55.10 22.26 36.92
C ASP D 233 -53.91 22.13 37.84
N LEU D 234 -53.86 22.93 38.92
CA LEU D 234 -52.77 22.79 39.87
C LEU D 234 -52.82 21.44 40.57
N ARG D 235 -54.01 21.01 40.97
CA ARG D 235 -54.15 19.71 41.62
C ARG D 235 -53.75 18.58 40.68
N GLU D 236 -54.15 18.69 39.40
CA GLU D 236 -53.77 17.67 38.43
C GLU D 236 -52.26 17.62 38.23
N LYS D 237 -51.62 18.78 38.10
CA LYS D 237 -50.17 18.80 37.93
C LYS D 237 -49.47 18.25 39.16
N GLN D 238 -49.98 18.56 40.36
CA GLN D 238 -49.39 18.00 41.57
C GLN D 238 -49.49 16.48 41.57
N ALA D 239 -50.67 15.95 41.21
CA ALA D 239 -50.84 14.50 41.22
C ALA D 239 -49.92 13.82 40.19
N LEU D 240 -49.81 14.42 39.00
CA LEU D 240 -48.94 13.85 37.97
C LEU D 240 -47.49 13.87 38.42
N GLU D 241 -47.03 14.99 38.98
CA GLU D 241 -45.64 15.07 39.42
C GLU D 241 -45.38 14.08 40.54
N LYS D 242 -46.33 13.91 41.46
CA LYS D 242 -46.17 12.92 42.53
C LYS D 242 -46.02 11.52 41.95
N ALA D 243 -46.90 11.17 41.01
CA ALA D 243 -46.83 9.84 40.40
C ALA D 243 -45.49 9.64 39.69
N ARG D 244 -45.06 10.62 38.90
CA ARG D 244 -43.82 10.47 38.13
C ARG D 244 -42.61 10.36 39.05
N LEU D 245 -42.58 11.15 40.13
CA LEU D 245 -41.42 11.11 41.01
C LEU D 245 -41.42 9.83 41.85
N ALA D 246 -42.61 9.37 42.27
CA ALA D 246 -42.67 8.13 43.03
C ALA D 246 -42.28 6.93 42.18
N GLU D 247 -42.66 6.94 40.90
CA GLU D 247 -42.25 5.86 40.01
C GLU D 247 -40.79 6.01 39.61
N GLU D 248 -40.22 7.20 39.72
CA GLU D 248 -38.80 7.36 39.46
C GLU D 248 -37.97 6.82 40.62
N LEU D 249 -38.11 7.42 41.79
CA LEU D 249 -37.28 7.06 42.94
C LEU D 249 -38.07 6.14 43.89
N GLY D 250 -38.02 4.86 43.57
CA GLY D 250 -38.62 3.83 44.40
C GLY D 250 -37.58 2.82 44.88
N ASP D 251 -38.03 1.95 45.77
CA ASP D 251 -37.20 0.86 46.27
C ASP D 251 -37.35 -0.34 45.35
N LEU D 252 -36.22 -0.85 44.84
CA LEU D 252 -36.25 -1.91 43.85
C LEU D 252 -36.30 -3.28 44.51
N LYS D 253 -36.81 -4.25 43.77
CA LYS D 253 -36.87 -5.64 44.21
C LYS D 253 -36.30 -6.53 43.12
N SER D 254 -35.70 -7.64 43.54
CA SER D 254 -35.02 -8.56 42.64
C SER D 254 -35.57 -9.97 42.83
N GLU D 255 -35.91 -10.64 41.73
CA GLU D 255 -36.43 -12.00 41.81
C GLU D 255 -36.33 -12.67 40.44
N ILE D 256 -36.66 -13.97 40.41
CA ILE D 256 -36.46 -14.81 39.24
C ILE D 256 -37.78 -15.31 38.71
N ILE D 257 -37.90 -15.34 37.38
CA ILE D 257 -39.08 -15.80 36.66
C ILE D 257 -38.70 -17.03 35.86
N LYS D 258 -39.42 -18.13 36.08
CA LYS D 258 -39.15 -19.37 35.38
C LYS D 258 -39.97 -19.43 34.11
N ILE D 259 -39.33 -19.82 33.01
CA ILE D 259 -39.92 -19.84 31.69
C ILE D 259 -40.00 -21.29 31.20
N ASN D 260 -41.13 -21.66 30.62
CA ASN D 260 -41.28 -22.94 29.95
C ASN D 260 -41.98 -22.73 28.62
N PHE D 261 -41.64 -23.57 27.65
CA PHE D 261 -42.12 -23.61 26.28
C PHE D 261 -41.47 -22.56 25.38
N ALA D 262 -40.66 -21.65 25.91
CA ALA D 262 -40.00 -20.66 25.08
C ALA D 262 -38.59 -20.46 25.60
N LYS D 263 -37.72 -19.96 24.73
CA LYS D 263 -36.36 -19.67 25.13
C LYS D 263 -36.31 -18.38 25.93
N ALA D 264 -35.57 -18.38 27.03
CA ALA D 264 -35.49 -17.19 27.87
C ALA D 264 -34.67 -16.08 27.21
N SER D 265 -33.75 -16.42 26.32
CA SER D 265 -32.95 -15.39 25.67
C SER D 265 -33.79 -14.54 24.73
N ASP D 266 -34.69 -15.18 23.98
CA ASP D 266 -35.58 -14.42 23.11
C ASP D 266 -36.49 -13.49 23.91
N ILE D 267 -37.02 -13.97 25.03
CA ILE D 267 -37.92 -13.17 25.85
C ILE D 267 -37.16 -12.02 26.50
N ALA D 268 -35.93 -12.26 26.95
CA ALA D 268 -35.13 -11.17 27.50
C ALA D 268 -34.78 -10.14 26.44
N ALA D 269 -34.66 -10.57 25.18
CA ALA D 269 -34.36 -9.60 24.13
C ALA D 269 -35.60 -8.81 23.73
N MET D 270 -36.78 -9.39 23.93
CA MET D 270 -38.00 -8.64 23.62
C MET D 270 -38.39 -7.69 24.73
N ILE D 271 -38.27 -8.09 25.99
CA ILE D 271 -38.73 -7.24 27.09
C ILE D 271 -37.76 -6.10 27.33
N GLY D 272 -36.47 -6.40 27.34
CA GLY D 272 -35.48 -5.34 27.46
C GLY D 272 -34.96 -4.92 26.10
N GLY D 273 -33.65 -4.99 25.92
CA GLY D 273 -33.09 -4.81 24.60
C GLY D 273 -32.27 -3.55 24.40
N GLU D 274 -32.16 -3.12 23.14
CA GLU D 274 -31.31 -1.98 22.81
C GLU D 274 -31.94 -0.67 23.26
N GLY D 275 -31.17 0.10 24.02
CA GLY D 275 -31.62 1.40 24.49
C GLY D 275 -32.74 1.33 25.50
N ASN D 276 -32.94 2.42 26.25
CA ASN D 276 -33.97 2.46 27.27
C ASN D 276 -35.32 2.92 26.76
N VAL D 277 -35.38 3.54 25.59
CA VAL D 277 -36.65 3.99 25.05
C VAL D 277 -37.52 2.80 24.68
N ASN D 278 -36.91 1.76 24.10
CA ASN D 278 -37.67 0.56 23.76
C ASN D 278 -38.01 -0.25 25.02
N MET D 279 -37.07 -0.34 25.95
CA MET D 279 -37.24 -1.18 27.12
C MET D 279 -38.52 -0.85 27.86
N LEU D 280 -39.17 -1.89 28.37
CA LEU D 280 -40.30 -1.71 29.26
C LEU D 280 -39.83 -1.61 30.69
N SER D 281 -38.85 -0.74 30.94
CA SER D 281 -38.24 -0.61 32.26
C SER D 281 -37.84 0.85 32.45
N GLU D 282 -37.51 1.19 33.70
CA GLU D 282 -37.16 2.56 34.06
C GLU D 282 -35.73 2.70 34.58
N ARG D 283 -35.42 2.02 35.68
CA ARG D 283 -34.02 1.93 36.16
C ARG D 283 -33.76 0.54 36.76
N GLY D 284 -34.41 -0.49 36.20
CA GLY D 284 -33.89 -1.87 36.26
C GLY D 284 -33.84 -2.42 34.84
N SER D 285 -33.80 -3.76 34.72
CA SER D 285 -32.73 -4.62 34.15
C SER D 285 -33.16 -6.08 34.17
N ILE D 286 -32.94 -6.80 33.06
CA ILE D 286 -33.13 -8.28 33.02
C ILE D 286 -31.76 -8.95 32.89
N SER D 287 -31.62 -10.17 33.45
CA SER D 287 -30.50 -11.03 33.11
C SER D 287 -31.01 -12.43 32.82
N ILE D 288 -30.21 -13.19 32.09
CA ILE D 288 -30.57 -14.54 31.67
C ILE D 288 -29.74 -15.54 32.46
N ASP D 289 -30.38 -16.65 32.85
CA ASP D 289 -29.71 -17.82 33.39
C ASP D 289 -30.04 -18.97 32.46
N GLU D 290 -29.08 -19.35 31.63
CA GLU D 290 -29.28 -20.33 30.57
C GLU D 290 -29.33 -21.75 31.08
N ARG D 291 -28.63 -22.05 32.18
CA ARG D 291 -28.56 -23.41 32.67
C ARG D 291 -29.95 -23.95 33.01
N THR D 292 -30.80 -23.10 33.60
CA THR D 292 -32.11 -23.51 34.06
C THR D 292 -33.25 -22.80 33.33
N ASN D 293 -32.95 -22.07 32.26
CA ASN D 293 -33.96 -21.38 31.44
C ASN D 293 -34.80 -20.42 32.30
N SER D 294 -34.13 -19.40 32.84
CA SER D 294 -34.79 -18.49 33.76
C SER D 294 -34.35 -17.05 33.52
N LEU D 295 -35.21 -16.13 33.94
CA LEU D 295 -34.91 -14.71 33.93
C LEU D 295 -34.71 -14.21 35.36
N LEU D 296 -33.87 -13.20 35.51
CA LEU D 296 -33.60 -12.60 36.81
C LEU D 296 -33.77 -11.09 36.66
N ILE D 297 -34.83 -10.55 37.26
CA ILE D 297 -35.24 -9.17 37.02
C ILE D 297 -35.14 -8.36 38.30
N ARG D 298 -34.76 -7.08 38.15
CA ARG D 298 -34.64 -6.14 39.26
C ARG D 298 -35.35 -4.85 38.87
N GLU D 299 -36.50 -4.59 39.49
CA GLU D 299 -37.32 -3.43 39.11
C GLU D 299 -38.30 -3.11 40.22
N LEU D 300 -39.20 -2.18 39.93
CA LEU D 300 -40.19 -1.76 40.92
C LEU D 300 -41.24 -2.86 41.11
N PRO D 301 -41.64 -3.14 42.34
CA PRO D 301 -42.53 -4.28 42.59
C PRO D 301 -43.91 -4.12 41.96
N ASP D 302 -44.12 -3.06 41.19
CA ASP D 302 -45.38 -2.85 40.50
C ASP D 302 -45.29 -3.22 39.02
N ASN D 303 -44.09 -3.04 38.46
CA ASN D 303 -43.84 -3.39 37.08
C ASN D 303 -43.59 -4.89 36.97
N ILE D 304 -43.16 -5.51 38.06
CA ILE D 304 -42.93 -6.95 38.06
C ILE D 304 -44.23 -7.69 37.79
N ALA D 305 -45.36 -7.18 38.29
CA ALA D 305 -46.62 -7.89 38.15
C ALA D 305 -47.13 -7.84 36.70
N VAL D 306 -47.01 -6.68 36.04
CA VAL D 306 -47.47 -6.60 34.67
C VAL D 306 -46.54 -7.38 33.74
N ILE D 307 -45.24 -7.27 33.95
CA ILE D 307 -44.28 -8.07 33.19
C ILE D 307 -44.58 -9.55 33.36
N ARG D 308 -44.85 -9.98 34.60
CA ARG D 308 -45.13 -11.38 34.86
C ARG D 308 -46.39 -11.84 34.15
N GLU D 309 -47.43 -10.99 34.15
CA GLU D 309 -48.68 -11.37 33.50
C GLU D 309 -48.50 -11.48 31.98
N ILE D 310 -47.79 -10.54 31.38
CA ILE D 310 -47.56 -10.58 29.94
C ILE D 310 -46.76 -11.82 29.55
N ILE D 311 -45.60 -12.03 30.19
CA ILE D 311 -44.77 -13.15 29.79
C ILE D 311 -45.33 -14.49 30.26
N GLU D 312 -46.35 -14.48 31.10
CA GLU D 312 -47.11 -15.70 31.31
C GLU D 312 -48.15 -15.91 30.22
N SER D 313 -48.61 -14.82 29.61
CA SER D 313 -49.49 -14.92 28.47
C SER D 313 -48.78 -15.29 27.17
N LEU D 314 -47.46 -15.10 27.09
CA LEU D 314 -46.77 -15.37 25.83
C LEU D 314 -46.37 -16.83 25.68
N ASP D 315 -45.64 -17.39 26.64
CA ASP D 315 -45.04 -18.71 26.44
C ASP D 315 -46.10 -19.80 26.46
N ILE D 316 -46.46 -20.28 25.27
CA ILE D 316 -47.44 -21.35 25.09
C ILE D 316 -46.92 -22.31 24.03
N PRO D 317 -47.40 -23.55 24.04
CA PRO D 317 -47.02 -24.48 22.97
C PRO D 317 -47.61 -24.06 21.63
N VAL D 318 -46.84 -24.31 20.57
CA VAL D 318 -47.22 -23.91 19.22
C VAL D 318 -47.57 -25.15 18.41
N LYS D 319 -48.07 -24.91 17.20
CA LYS D 319 -48.49 -25.95 16.27
C LYS D 319 -47.33 -26.40 15.40
N GLN D 320 -47.53 -27.51 14.70
CA GLN D 320 -46.54 -28.06 13.79
C GLN D 320 -47.19 -28.35 12.45
N VAL D 321 -46.42 -28.13 11.38
CA VAL D 321 -46.91 -28.25 10.01
C VAL D 321 -46.02 -29.22 9.26
N GLN D 322 -46.63 -29.95 8.33
CA GLN D 322 -45.96 -30.89 7.45
C GLN D 322 -46.11 -30.42 6.02
N ILE D 323 -45.00 -30.23 5.32
CA ILE D 323 -45.01 -29.68 3.97
C ILE D 323 -44.41 -30.69 3.00
N GLU D 324 -45.10 -30.90 1.87
CA GLU D 324 -44.64 -31.86 0.89
C GLU D 324 -44.72 -31.34 -0.54
N ALA D 325 -43.56 -31.23 -1.18
CA ALA D 325 -43.46 -30.78 -2.56
C ALA D 325 -43.41 -31.97 -3.50
N ARG D 326 -43.78 -31.73 -4.75
CA ARG D 326 -43.79 -32.81 -5.75
C ARG D 326 -43.43 -32.26 -7.12
N ILE D 327 -42.36 -32.77 -7.70
CA ILE D 327 -41.87 -32.32 -8.99
C ILE D 327 -42.04 -33.46 -9.98
N VAL D 328 -42.74 -33.20 -11.07
CA VAL D 328 -43.05 -34.24 -12.06
C VAL D 328 -42.60 -33.76 -13.44
N THR D 329 -41.97 -34.65 -14.20
CA THR D 329 -41.62 -34.30 -15.57
C THR D 329 -41.84 -35.47 -16.52
N VAL D 330 -42.29 -35.14 -17.74
CA VAL D 330 -42.62 -36.11 -18.76
C VAL D 330 -42.01 -35.67 -20.09
N LYS D 331 -41.43 -36.62 -20.82
CA LYS D 331 -40.78 -36.32 -22.10
C LYS D 331 -41.19 -37.34 -23.15
N GLU D 332 -41.32 -36.88 -24.40
CA GLU D 332 -41.55 -37.75 -25.55
C GLU D 332 -40.81 -37.26 -26.78
N GLY D 333 -40.43 -38.20 -27.64
CA GLY D 333 -39.73 -37.85 -28.87
C GLY D 333 -39.90 -38.83 -30.02
N ASN D 334 -39.86 -38.32 -31.26
CA ASN D 334 -39.99 -39.14 -32.46
C ASN D 334 -39.06 -38.64 -33.55
N LEU D 335 -38.54 -39.56 -34.36
CA LEU D 335 -37.62 -39.21 -35.43
C LEU D 335 -37.77 -40.18 -36.59
N GLU D 336 -37.64 -39.68 -37.83
CA GLU D 336 -37.70 -40.53 -39.02
C GLU D 336 -36.89 -39.94 -40.17
N GLU D 337 -36.14 -40.81 -40.86
CA GLU D 337 -35.31 -40.38 -41.98
C GLU D 337 -35.27 -41.40 -43.13
N LEU D 338 -35.34 -40.90 -44.36
CA LEU D 338 -35.31 -41.71 -45.57
C LEU D 338 -34.26 -41.20 -46.55
N GLY D 339 -33.51 -42.10 -47.17
CA GLY D 339 -32.46 -41.67 -48.08
C GLY D 339 -32.19 -42.66 -49.18
N VAL D 340 -31.58 -42.17 -50.27
CA VAL D 340 -31.39 -42.96 -51.48
C VAL D 340 -30.03 -42.66 -52.11
N ARG D 341 -29.40 -43.71 -52.63
CA ARG D 341 -28.07 -43.58 -53.21
C ARG D 341 -28.04 -44.43 -54.48
N TRP D 342 -27.93 -43.81 -55.66
CA TRP D 342 -27.87 -44.63 -56.86
C TRP D 342 -26.91 -44.06 -57.89
N GLY D 343 -26.48 -44.94 -58.80
CA GLY D 343 -25.51 -44.57 -59.81
C GLY D 343 -25.62 -45.43 -61.05
N VAL D 344 -25.11 -44.89 -62.16
CA VAL D 344 -25.13 -45.59 -63.45
C VAL D 344 -23.77 -45.42 -64.11
N MET D 345 -23.47 -46.31 -65.05
CA MET D 345 -22.19 -46.24 -65.75
C MET D 345 -22.32 -47.04 -67.04
N SER D 346 -22.21 -46.37 -68.19
CA SER D 346 -22.45 -47.09 -69.43
C SER D 346 -21.53 -46.56 -70.52
N THR D 347 -21.23 -47.42 -71.48
CA THR D 347 -20.40 -47.05 -72.63
C THR D 347 -21.01 -47.65 -73.89
N ASN D 348 -20.69 -47.06 -75.02
CA ASN D 348 -21.29 -47.45 -76.29
C ASN D 348 -20.30 -47.60 -77.43
N GLY D 349 -19.05 -47.21 -77.24
CA GLY D 349 -18.16 -47.04 -78.35
C GLY D 349 -18.14 -45.57 -78.74
N SER D 350 -17.10 -44.86 -78.30
CA SER D 350 -16.96 -43.41 -78.52
C SER D 350 -18.07 -42.61 -77.84
N HIS D 351 -18.91 -43.26 -77.04
CA HIS D 351 -19.99 -42.58 -76.32
C HIS D 351 -20.08 -43.19 -74.93
N SER D 352 -20.24 -42.33 -73.92
CA SER D 352 -20.28 -42.80 -72.54
C SER D 352 -21.30 -42.00 -71.74
N VAL D 353 -21.68 -42.53 -70.59
CA VAL D 353 -22.58 -41.86 -69.66
C VAL D 353 -22.18 -42.25 -68.24
N GLY D 354 -22.06 -41.26 -67.37
CA GLY D 354 -21.60 -41.50 -66.02
C GLY D 354 -22.20 -40.50 -65.07
N GLY D 355 -21.52 -40.31 -63.94
CA GLY D 355 -22.00 -39.43 -62.88
C GLY D 355 -21.00 -38.33 -62.56
N SER D 356 -20.00 -38.18 -63.43
CA SER D 356 -19.01 -37.14 -63.28
C SER D 356 -18.06 -37.18 -64.48
N ILE D 357 -17.11 -36.26 -64.52
CA ILE D 357 -16.12 -36.22 -65.57
C ILE D 357 -14.98 -37.19 -65.30
N GLU D 358 -14.58 -37.34 -64.03
CA GLU D 358 -13.57 -38.32 -63.68
C GLU D 358 -14.07 -39.73 -63.89
N SER D 359 -15.38 -39.94 -63.77
CA SER D 359 -15.96 -41.25 -64.06
C SER D 359 -15.79 -41.60 -65.53
N ASN D 360 -16.15 -40.69 -66.43
CA ASN D 360 -16.00 -40.96 -67.86
C ASN D 360 -14.54 -41.08 -68.26
N LEU D 361 -13.65 -40.36 -67.58
CA LEU D 361 -12.23 -40.50 -67.91
C LEU D 361 -11.68 -41.81 -67.38
N TRP D 362 -12.32 -42.41 -66.37
CA TRP D 362 -11.84 -43.69 -65.86
C TRP D 362 -12.28 -44.84 -66.75
N GLN D 363 -13.53 -44.84 -67.21
CA GLN D 363 -13.98 -45.92 -68.06
C GLN D 363 -13.45 -45.73 -69.47
N LYS D 364 -12.13 -45.56 -69.52
CA LYS D 364 -11.34 -45.40 -70.73
C LYS D 364 -9.89 -45.64 -70.29
N GLY D 365 -8.93 -45.24 -71.11
CA GLY D 365 -7.57 -45.38 -70.63
C GLY D 365 -6.95 -44.12 -70.05
N LEU D 366 -7.73 -43.07 -69.82
CA LEU D 366 -7.15 -41.74 -69.64
C LEU D 366 -6.59 -41.54 -68.24
N LEU D 367 -7.37 -41.84 -67.21
CA LEU D 367 -6.88 -41.65 -65.85
C LEU D 367 -5.84 -42.70 -65.50
N ALA D 368 -4.90 -42.33 -64.62
CA ALA D 368 -3.83 -43.24 -64.25
C ALA D 368 -4.27 -44.23 -63.17
N ASP D 369 -4.62 -43.72 -61.99
CA ASP D 369 -4.95 -44.59 -60.87
C ASP D 369 -6.33 -45.21 -61.07
N ASP D 370 -6.40 -46.54 -61.03
CA ASP D 370 -7.64 -47.24 -61.34
C ASP D 370 -7.81 -48.43 -60.39
N GLU D 371 -8.54 -48.21 -59.30
CA GLU D 371 -9.13 -49.34 -58.58
C GLU D 371 -10.65 -49.28 -58.63
N PHE D 372 -11.26 -48.22 -58.10
CA PHE D 372 -12.61 -47.82 -58.46
C PHE D 372 -12.88 -46.44 -57.88
N PRO D 373 -13.37 -45.49 -58.68
CA PRO D 373 -13.81 -44.21 -58.11
C PRO D 373 -15.18 -44.34 -57.46
N VAL D 374 -15.22 -44.81 -56.21
CA VAL D 374 -16.50 -45.10 -55.57
C VAL D 374 -17.30 -43.83 -55.36
N ASP D 375 -16.62 -42.70 -55.18
CA ASP D 375 -17.29 -41.42 -54.97
C ASP D 375 -17.63 -40.71 -56.27
N GLU D 376 -16.78 -40.81 -57.28
CA GLU D 376 -17.10 -40.24 -58.58
C GLU D 376 -18.12 -41.08 -59.33
N PHE D 377 -18.38 -42.31 -58.87
CA PHE D 377 -19.31 -43.17 -59.57
C PHE D 377 -20.75 -42.72 -59.40
N LEU D 378 -21.13 -42.29 -58.21
CA LEU D 378 -22.54 -42.14 -57.86
C LEU D 378 -23.16 -40.90 -58.50
N ASN D 379 -24.37 -41.05 -59.01
CA ASN D 379 -25.13 -39.93 -59.56
C ASN D 379 -25.84 -39.17 -58.46
N VAL D 380 -26.67 -39.87 -57.69
CA VAL D 380 -27.45 -39.27 -56.62
C VAL D 380 -26.96 -39.86 -55.31
N ASN D 381 -26.54 -39.00 -54.38
CA ASN D 381 -25.92 -39.41 -53.12
C ASN D 381 -26.63 -38.71 -51.97
N LEU D 382 -27.74 -39.28 -51.50
CA LEU D 382 -28.58 -38.68 -50.47
C LEU D 382 -28.89 -39.71 -49.40
N ALA D 383 -27.86 -40.36 -48.89
CA ALA D 383 -28.04 -41.44 -47.92
C ALA D 383 -28.49 -40.90 -46.57
N SER D 384 -29.34 -41.68 -45.91
CA SER D 384 -29.75 -41.37 -44.54
C SER D 384 -28.54 -41.39 -43.62
N THR D 385 -28.25 -40.25 -43.01
CA THR D 385 -27.03 -40.06 -42.23
C THR D 385 -27.34 -40.27 -40.75
N SER D 386 -27.06 -41.48 -40.27
CA SER D 386 -27.26 -41.85 -38.87
C SER D 386 -26.38 -43.06 -38.60
N ALA D 387 -26.40 -43.52 -37.35
CA ALA D 387 -25.62 -44.68 -36.95
C ALA D 387 -26.43 -45.95 -36.87
N ASN D 388 -27.76 -45.85 -36.84
CA ASN D 388 -28.65 -47.01 -36.74
C ASN D 388 -29.50 -47.18 -37.98
N ALA D 389 -29.13 -46.58 -39.10
CA ALA D 389 -29.94 -46.66 -40.29
C ALA D 389 -29.73 -47.99 -41.00
N SER D 390 -30.82 -48.55 -41.53
CA SER D 390 -30.80 -49.83 -42.21
C SER D 390 -31.00 -49.63 -43.71
N SER D 391 -30.33 -50.45 -44.51
CA SER D 391 -30.29 -50.24 -45.95
C SER D 391 -30.54 -51.55 -46.69
N ILE D 392 -30.66 -51.43 -48.02
CA ILE D 392 -30.69 -52.58 -48.90
C ILE D 392 -30.35 -52.11 -50.31
N ALA D 393 -29.55 -52.90 -51.02
CA ALA D 393 -29.00 -52.50 -52.30
C ALA D 393 -28.97 -53.51 -53.44
N PHE D 394 -29.43 -53.08 -54.61
CA PHE D 394 -29.57 -53.92 -55.79
C PHE D 394 -28.61 -53.47 -56.88
N GLN D 395 -28.25 -54.41 -57.75
CA GLN D 395 -27.22 -54.16 -58.75
C GLN D 395 -27.56 -54.88 -60.04
N VAL D 396 -27.08 -54.32 -61.16
CA VAL D 396 -27.09 -54.99 -62.45
C VAL D 396 -25.77 -54.69 -63.13
N ALA D 397 -24.89 -55.68 -63.22
CA ALA D 397 -23.56 -55.48 -63.77
C ALA D 397 -23.33 -56.48 -64.88
N LYS D 398 -23.09 -56.00 -66.09
CA LYS D 398 -22.78 -56.84 -67.23
C LYS D 398 -21.28 -57.03 -67.43
N LEU D 399 -20.55 -55.93 -67.60
CA LEU D 399 -19.10 -55.89 -67.83
C LEU D 399 -18.72 -56.47 -69.19
N GLY D 400 -19.67 -57.02 -69.94
CA GLY D 400 -19.43 -57.43 -71.31
C GLY D 400 -19.74 -56.30 -72.25
N SER D 401 -20.94 -55.73 -72.13
CA SER D 401 -21.27 -54.49 -72.81
C SER D 401 -20.85 -53.25 -72.02
N GLY D 402 -20.44 -53.42 -70.77
CA GLY D 402 -19.96 -52.35 -69.94
C GLY D 402 -20.95 -51.82 -68.92
N THR D 403 -22.25 -51.95 -69.18
CA THR D 403 -23.26 -51.32 -68.36
C THR D 403 -23.18 -51.78 -66.92
N LEU D 404 -23.38 -50.83 -65.99
CA LEU D 404 -23.48 -51.11 -64.56
C LEU D 404 -24.50 -50.14 -63.98
N LEU D 405 -25.33 -50.64 -63.06
CA LEU D 405 -26.24 -49.75 -62.36
C LEU D 405 -26.49 -50.24 -60.95
N ASP D 406 -26.45 -49.31 -59.99
CA ASP D 406 -26.58 -49.60 -58.57
C ASP D 406 -27.69 -48.74 -57.95
N LEU D 407 -28.42 -49.32 -56.99
CA LEU D 407 -29.47 -48.61 -56.29
C LEU D 407 -29.59 -49.07 -54.85
N GLU D 408 -29.42 -48.15 -53.89
CA GLU D 408 -29.51 -48.47 -52.47
C GLU D 408 -30.52 -47.57 -51.77
N LEU D 409 -31.36 -48.15 -50.89
CA LEU D 409 -32.30 -47.43 -50.05
C LEU D 409 -31.89 -47.54 -48.59
N SER D 410 -32.14 -46.51 -47.82
CA SER D 410 -31.84 -46.58 -46.40
C SER D 410 -32.89 -45.79 -45.62
N ALA D 411 -33.08 -46.20 -44.36
CA ALA D 411 -34.18 -45.69 -43.56
C ALA D 411 -33.82 -45.76 -42.09
N LEU D 412 -34.59 -45.01 -41.28
CA LEU D 412 -34.49 -45.07 -39.83
C LEU D 412 -35.73 -44.48 -39.21
N GLN D 413 -36.19 -45.01 -38.08
CA GLN D 413 -37.34 -44.47 -37.35
C GLN D 413 -37.31 -44.83 -35.86
N ASN D 414 -37.12 -43.85 -34.96
CA ASN D 414 -37.09 -44.20 -33.56
C ASN D 414 -37.98 -43.27 -32.74
N GLU D 415 -38.08 -43.59 -31.45
CA GLU D 415 -39.14 -43.10 -30.59
C GLU D 415 -38.75 -43.31 -29.13
N SER D 416 -39.16 -42.38 -28.26
CA SER D 416 -38.68 -42.43 -26.89
C SER D 416 -39.66 -41.76 -25.93
N LYS D 417 -39.63 -42.20 -24.67
CA LYS D 417 -40.47 -41.70 -23.60
C LYS D 417 -39.67 -41.66 -22.30
N ALA D 418 -40.08 -40.78 -21.38
CA ALA D 418 -39.44 -40.75 -20.07
C ALA D 418 -40.35 -40.05 -19.08
N GLU D 419 -40.19 -40.39 -17.80
CA GLU D 419 -40.99 -39.80 -16.74
C GLU D 419 -40.27 -39.89 -15.40
N ILE D 420 -40.18 -38.76 -14.70
CA ILE D 420 -39.48 -38.68 -13.42
C ILE D 420 -40.38 -38.01 -12.38
N ILE D 421 -40.32 -38.51 -11.15
CA ILE D 421 -41.08 -37.98 -10.02
C ILE D 421 -40.15 -37.84 -8.82
N SER D 422 -40.21 -36.70 -8.14
CA SER D 422 -39.47 -36.56 -6.89
C SER D 422 -40.28 -35.75 -5.89
N SER D 423 -40.27 -36.17 -4.63
CA SER D 423 -41.07 -35.50 -3.61
C SER D 423 -40.36 -35.49 -2.26
N PRO D 424 -39.81 -34.33 -1.86
CA PRO D 424 -39.34 -34.18 -0.47
C PRO D 424 -40.42 -33.76 0.53
N ARG D 425 -40.21 -34.01 1.81
CA ARG D 425 -41.15 -33.64 2.85
C ARG D 425 -40.40 -33.06 4.04
N LEU D 426 -41.12 -32.31 4.86
CA LEU D 426 -40.56 -31.75 6.08
C LEU D 426 -41.66 -31.64 7.11
N ILE D 427 -41.26 -31.61 8.38
CA ILE D 427 -42.12 -31.19 9.48
C ILE D 427 -41.38 -30.09 10.24
N THR D 428 -42.12 -29.09 10.71
CA THR D 428 -41.51 -27.94 11.38
C THR D 428 -42.52 -27.28 12.28
N THR D 429 -42.05 -26.25 13.00
CA THR D 429 -42.87 -25.45 13.96
C THR D 429 -43.30 -24.15 13.27
N ASN D 430 -44.50 -23.65 13.61
CA ASN D 430 -45.06 -22.46 12.99
C ASN D 430 -44.11 -21.28 13.06
N LYS D 431 -43.94 -20.60 11.92
CA LYS D 431 -43.13 -19.39 11.79
C LYS D 431 -41.64 -19.66 11.88
N GLN D 432 -41.24 -20.88 11.54
CA GLN D 432 -39.87 -21.34 11.75
C GLN D 432 -39.27 -21.90 10.47
N PRO D 433 -38.06 -21.49 10.08
CA PRO D 433 -37.53 -21.88 8.76
C PRO D 433 -36.91 -23.29 8.77
N ALA D 434 -37.18 -24.06 7.72
CA ALA D 434 -36.65 -25.41 7.62
C ALA D 434 -36.21 -25.69 6.19
N TYR D 435 -35.30 -26.65 6.04
CA TYR D 435 -34.78 -27.03 4.73
C TYR D 435 -34.44 -28.51 4.71
N ILE D 436 -34.50 -29.10 3.53
CA ILE D 436 -33.99 -30.45 3.29
C ILE D 436 -33.36 -30.51 1.90
N GLU D 437 -32.21 -31.20 1.81
CA GLU D 437 -31.34 -31.16 0.63
C GLU D 437 -30.79 -32.53 0.28
N GLN D 438 -30.40 -32.70 -0.98
CA GLN D 438 -29.71 -33.91 -1.45
C GLN D 438 -29.03 -33.59 -2.77
N GLY D 439 -27.71 -33.72 -2.82
CA GLY D 439 -27.01 -33.45 -4.06
C GLY D 439 -25.50 -33.46 -3.99
N THR D 440 -24.83 -32.53 -4.68
CA THR D 440 -23.37 -32.42 -4.63
C THR D 440 -22.94 -30.97 -4.46
N GLU D 441 -21.70 -30.79 -4.02
CA GLU D 441 -21.09 -29.47 -3.86
C GLU D 441 -19.85 -29.39 -4.74
N ILE D 442 -19.87 -28.48 -5.70
CA ILE D 442 -18.79 -28.37 -6.68
C ILE D 442 -17.76 -27.35 -6.18
N PRO D 443 -16.48 -27.77 -6.10
CA PRO D 443 -15.43 -26.87 -5.67
C PRO D 443 -15.09 -25.98 -6.85
N TYR D 444 -15.20 -24.66 -6.70
CA TYR D 444 -14.83 -23.78 -7.82
C TYR D 444 -13.49 -23.10 -7.53
N LEU D 445 -12.73 -22.81 -8.57
CA LEU D 445 -11.41 -22.23 -8.35
C LEU D 445 -11.40 -20.72 -8.15
N GLU D 446 -11.35 -20.39 -6.85
CA GLU D 446 -11.26 -19.07 -6.21
C GLU D 446 -12.55 -18.30 -5.93
N SER D 447 -12.45 -17.50 -4.88
CA SER D 447 -13.46 -16.56 -4.43
C SER D 447 -12.59 -15.37 -4.04
N SER D 448 -12.97 -14.16 -4.39
CA SER D 448 -12.08 -13.05 -4.10
C SER D 448 -12.46 -12.03 -3.03
N SER D 449 -11.61 -11.92 -2.01
CA SER D 449 -11.79 -10.89 -1.01
C SER D 449 -10.79 -9.80 -1.34
N SER D 450 -10.49 -8.92 -0.38
CA SER D 450 -9.47 -7.89 -0.55
C SER D 450 -8.07 -8.51 -0.65
N GLY D 451 -7.80 -9.15 -1.78
CA GLY D 451 -6.46 -9.59 -2.09
C GLY D 451 -6.24 -11.02 -2.54
N ALA D 452 -6.96 -12.00 -2.00
CA ALA D 452 -6.65 -13.38 -2.34
C ALA D 452 -7.86 -14.33 -2.31
N SER D 453 -7.61 -15.62 -2.53
CA SER D 453 -8.61 -16.57 -2.99
C SER D 453 -9.09 -17.47 -1.85
N THR D 454 -10.40 -17.48 -1.61
CA THR D 454 -11.05 -18.43 -0.72
C THR D 454 -11.90 -19.33 -1.61
N VAL D 455 -11.30 -20.39 -2.15
CA VAL D 455 -12.01 -21.21 -3.12
C VAL D 455 -13.21 -21.85 -2.44
N ALA D 456 -14.35 -21.85 -3.15
CA ALA D 456 -15.62 -22.06 -2.49
C ALA D 456 -16.40 -23.18 -3.17
N PHE D 457 -17.63 -23.38 -2.72
CA PHE D 457 -18.45 -24.50 -3.14
C PHE D 457 -19.81 -24.00 -3.61
N LYS D 458 -20.17 -24.39 -4.82
CA LYS D 458 -21.49 -24.11 -5.38
C LYS D 458 -22.30 -25.39 -5.16
N LYS D 459 -23.62 -25.27 -5.07
CA LYS D 459 -24.47 -26.41 -4.79
C LYS D 459 -25.23 -26.85 -6.03
N ALA D 460 -25.40 -28.15 -6.18
CA ALA D 460 -26.23 -28.74 -7.21
C ALA D 460 -27.07 -29.81 -6.51
N VAL D 461 -28.22 -29.40 -5.98
CA VAL D 461 -29.02 -30.20 -5.06
C VAL D 461 -30.47 -30.19 -5.50
N LEU D 462 -31.21 -31.21 -5.03
CA LEU D 462 -32.69 -31.16 -5.01
C LEU D 462 -33.16 -30.72 -3.62
N SER D 463 -33.68 -29.50 -3.50
CA SER D 463 -33.86 -28.89 -2.19
C SER D 463 -35.24 -28.29 -2.02
N LEU D 464 -35.70 -28.31 -0.77
CA LEU D 464 -36.91 -27.62 -0.34
C LEU D 464 -36.59 -26.70 0.83
N LYS D 465 -37.03 -25.46 0.74
CA LYS D 465 -36.77 -24.44 1.76
C LYS D 465 -38.08 -23.71 2.04
N VAL D 466 -38.55 -23.73 3.29
CA VAL D 466 -39.90 -23.23 3.55
C VAL D 466 -40.00 -22.53 4.91
N THR D 467 -40.88 -21.50 4.94
CA THR D 467 -41.37 -20.87 6.17
C THR D 467 -42.90 -20.77 6.16
N PRO D 468 -43.58 -21.45 7.08
CA PRO D 468 -45.05 -21.44 7.10
C PRO D 468 -45.68 -20.48 8.09
N GLN D 469 -46.99 -20.26 7.97
CA GLN D 469 -47.73 -19.43 8.92
C GLN D 469 -49.19 -19.85 8.91
N ILE D 470 -49.73 -20.11 10.10
CA ILE D 470 -51.10 -20.59 10.25
C ILE D 470 -52.01 -19.40 10.55
N THR D 471 -53.13 -19.31 9.85
CA THR D 471 -54.12 -18.25 9.97
C THR D 471 -55.40 -18.77 10.59
N PRO D 472 -56.33 -17.88 10.98
CA PRO D 472 -57.52 -18.36 11.72
C PRO D 472 -58.45 -19.27 10.93
N ASP D 473 -58.75 -18.92 9.68
CA ASP D 473 -59.77 -19.68 8.96
C ASP D 473 -59.20 -20.90 8.22
N ASN D 474 -58.39 -21.71 8.91
CA ASN D 474 -57.93 -23.00 8.42
C ASN D 474 -57.17 -22.87 7.08
N ARG D 475 -56.09 -22.09 7.11
CA ARG D 475 -55.34 -21.78 5.90
C ARG D 475 -53.88 -21.52 6.25
N LEU D 476 -53.01 -21.66 5.26
CA LEU D 476 -51.58 -21.45 5.42
C LEU D 476 -51.08 -20.42 4.41
N VAL D 477 -50.13 -19.61 4.84
CA VAL D 477 -49.35 -18.74 3.96
C VAL D 477 -47.95 -19.32 3.93
N LEU D 478 -47.46 -19.70 2.75
CA LEU D 478 -46.17 -20.34 2.62
C LEU D 478 -45.19 -19.47 1.85
N ASP D 479 -44.00 -19.25 2.41
CA ASP D 479 -42.86 -18.68 1.66
C ASP D 479 -41.97 -19.82 1.14
N LEU D 480 -41.93 -20.02 -0.17
CA LEU D 480 -41.52 -21.32 -0.77
C LEU D 480 -40.28 -21.11 -1.64
N SER D 481 -39.27 -21.98 -1.49
CA SER D 481 -38.23 -22.17 -2.54
C SER D 481 -38.08 -23.67 -2.84
N VAL D 482 -38.23 -24.07 -4.09
CA VAL D 482 -38.04 -25.51 -4.48
C VAL D 482 -37.11 -25.59 -5.70
N THR D 483 -35.97 -26.30 -5.59
CA THR D 483 -35.04 -26.38 -6.71
C THR D 483 -34.67 -27.82 -7.01
N GLN D 484 -34.19 -28.03 -8.23
CA GLN D 484 -33.67 -29.32 -8.66
C GLN D 484 -32.55 -29.11 -9.68
N ASP D 485 -31.31 -29.08 -9.23
CA ASP D 485 -30.15 -28.84 -10.09
C ASP D 485 -29.30 -30.10 -10.22
N ARG D 486 -28.48 -30.11 -11.27
CA ARG D 486 -27.58 -31.21 -11.56
C ARG D 486 -26.26 -30.68 -12.06
N ARG D 487 -25.29 -31.57 -12.20
CA ARG D 487 -23.97 -31.21 -12.70
C ARG D 487 -23.99 -31.38 -14.21
N GLY D 488 -23.54 -30.35 -14.94
CA GLY D 488 -23.56 -30.34 -16.38
C GLY D 488 -22.20 -30.61 -16.99
N GLU D 489 -22.04 -30.16 -18.22
CA GLU D 489 -20.80 -30.37 -18.95
C GLU D 489 -19.69 -29.49 -18.39
N THR D 490 -18.48 -29.77 -18.83
CA THR D 490 -17.30 -29.02 -18.41
C THR D 490 -16.90 -28.12 -19.59
N VAL D 491 -17.16 -26.83 -19.43
CA VAL D 491 -16.87 -25.81 -20.42
C VAL D 491 -15.45 -25.30 -20.27
N LYS D 492 -15.01 -24.50 -21.26
CA LYS D 492 -13.63 -23.94 -21.30
C LYS D 492 -13.66 -22.49 -20.77
N THR D 493 -12.78 -22.18 -19.81
CA THR D 493 -12.70 -20.83 -19.21
C THR D 493 -11.25 -20.34 -19.23
N GLY D 494 -10.97 -19.27 -19.98
CA GLY D 494 -9.58 -18.77 -20.13
C GLY D 494 -8.66 -19.81 -20.72
N THR D 495 -7.56 -20.14 -20.02
CA THR D 495 -6.68 -21.27 -20.42
C THR D 495 -7.09 -22.53 -19.66
N GLY D 496 -8.17 -22.45 -18.88
CA GLY D 496 -8.57 -23.56 -17.99
C GLY D 496 -9.92 -24.14 -18.35
N GLU D 497 -10.50 -24.93 -17.44
CA GLU D 497 -11.85 -25.47 -17.58
C GLU D 497 -12.55 -25.40 -16.24
N ALA D 498 -13.87 -25.55 -16.28
CA ALA D 498 -14.69 -25.53 -15.09
C ALA D 498 -15.97 -26.29 -15.40
N VAL D 499 -16.80 -26.50 -14.37
CA VAL D 499 -18.00 -27.33 -14.47
C VAL D 499 -19.22 -26.42 -14.48
N SER D 500 -20.16 -26.69 -15.36
CA SER D 500 -21.41 -25.94 -15.44
C SER D 500 -22.54 -26.72 -14.76
N ILE D 501 -23.65 -26.03 -14.50
CA ILE D 501 -24.76 -26.56 -13.73
C ILE D 501 -26.05 -26.37 -14.49
N ASP D 502 -26.92 -27.38 -14.47
CA ASP D 502 -28.25 -27.31 -15.06
C ASP D 502 -29.31 -27.19 -13.97
N THR D 503 -30.19 -26.20 -14.10
CA THR D 503 -31.06 -25.79 -12.99
C THR D 503 -32.53 -25.80 -13.37
N GLN D 504 -33.38 -25.95 -12.35
CA GLN D 504 -34.81 -25.66 -12.37
C GLN D 504 -35.17 -25.06 -11.02
N ARG D 505 -35.81 -23.90 -11.02
CA ARG D 505 -36.04 -23.18 -9.76
C ARG D 505 -37.40 -22.50 -9.79
N ILE D 506 -38.01 -22.44 -8.61
CA ILE D 506 -39.23 -21.67 -8.44
C ILE D 506 -39.26 -21.15 -7.01
N GLY D 507 -39.61 -19.87 -6.89
CA GLY D 507 -39.72 -19.22 -5.60
C GLY D 507 -40.95 -18.33 -5.53
N THR D 508 -41.75 -18.48 -4.49
CA THR D 508 -43.04 -17.78 -4.45
C THR D 508 -43.49 -17.56 -3.02
N GLN D 509 -44.64 -16.90 -2.90
CA GLN D 509 -45.44 -16.88 -1.68
C GLN D 509 -46.86 -17.20 -2.07
N VAL D 510 -47.45 -18.21 -1.43
CA VAL D 510 -48.80 -18.64 -1.78
C VAL D 510 -49.65 -18.80 -0.52
N LEU D 511 -50.95 -18.97 -0.75
CA LEU D 511 -51.97 -19.06 0.29
C LEU D 511 -52.86 -20.24 -0.04
N VAL D 512 -52.85 -21.27 0.80
CA VAL D 512 -53.44 -22.56 0.45
C VAL D 512 -54.22 -23.12 1.64
N ASN D 513 -55.34 -23.78 1.35
CA ASN D 513 -56.16 -24.38 2.39
C ASN D 513 -55.40 -25.49 3.11
N ASN D 514 -55.97 -25.97 4.22
CA ASN D 514 -55.20 -26.79 5.15
C ASN D 514 -54.65 -28.06 4.52
N GLY D 515 -55.50 -28.92 3.97
CA GLY D 515 -54.99 -30.22 3.56
C GLY D 515 -55.16 -30.59 2.11
N GLU D 516 -54.99 -29.64 1.19
CA GLU D 516 -55.13 -29.92 -0.23
C GLU D 516 -53.94 -29.40 -1.02
N THR D 517 -53.89 -29.77 -2.29
CA THR D 517 -52.77 -29.48 -3.16
C THR D 517 -53.07 -28.32 -4.09
N VAL D 518 -52.03 -27.57 -4.44
CA VAL D 518 -52.08 -26.53 -5.46
C VAL D 518 -50.89 -26.73 -6.38
N VAL D 519 -51.02 -26.34 -7.63
CA VAL D 519 -49.89 -26.34 -8.54
C VAL D 519 -49.25 -24.96 -8.54
N LEU D 520 -47.96 -24.91 -8.23
CA LEU D 520 -47.25 -23.64 -8.11
C LEU D 520 -46.85 -23.09 -9.47
N GLY D 521 -46.42 -23.97 -10.38
CA GLY D 521 -46.04 -23.56 -11.70
C GLY D 521 -45.67 -24.76 -12.54
N GLY D 522 -45.35 -24.47 -13.79
CA GLY D 522 -44.94 -25.51 -14.71
C GLY D 522 -44.38 -24.89 -15.97
N ILE D 523 -43.79 -25.74 -16.79
CA ILE D 523 -43.27 -25.33 -18.10
C ILE D 523 -43.67 -26.37 -19.13
N PHE D 524 -44.14 -25.90 -20.27
CA PHE D 524 -44.55 -26.77 -21.38
C PHE D 524 -43.72 -26.43 -22.61
N GLN D 525 -43.28 -27.46 -23.34
CA GLN D 525 -42.52 -27.22 -24.56
C GLN D 525 -42.92 -28.19 -25.66
N HIS D 526 -42.82 -27.72 -26.89
CA HIS D 526 -43.13 -28.51 -28.07
C HIS D 526 -42.25 -28.08 -29.22
N SER D 527 -41.87 -29.01 -30.09
CA SER D 527 -41.07 -28.61 -31.25
C SER D 527 -41.25 -29.60 -32.39
N ILE D 528 -41.14 -29.10 -33.62
CA ILE D 528 -41.33 -29.87 -34.84
C ILE D 528 -40.35 -29.39 -35.91
N ASN D 529 -39.65 -30.32 -36.55
CA ASN D 529 -38.72 -30.00 -37.63
C ASN D 529 -38.97 -30.88 -38.84
N ASN D 530 -38.86 -30.30 -40.03
CA ASN D 530 -38.98 -31.02 -41.29
C ASN D 530 -37.89 -30.55 -42.23
N SER D 531 -37.43 -31.45 -43.10
CA SER D 531 -36.42 -31.03 -44.08
C SER D 531 -36.41 -31.99 -45.26
N VAL D 532 -36.08 -31.45 -46.43
CA VAL D 532 -35.99 -32.22 -47.67
C VAL D 532 -34.82 -31.71 -48.49
N ASP D 533 -34.06 -32.60 -49.11
CA ASP D 533 -33.18 -32.17 -50.19
C ASP D 533 -33.35 -33.10 -51.37
N LYS D 534 -33.51 -32.54 -52.56
CA LYS D 534 -33.97 -33.32 -53.68
C LYS D 534 -33.31 -32.86 -54.98
N VAL D 535 -33.69 -33.52 -56.05
CA VAL D 535 -33.25 -33.12 -57.40
C VAL D 535 -34.27 -32.16 -57.99
N PRO D 536 -33.85 -31.03 -58.56
CA PRO D 536 -34.78 -29.91 -58.78
C PRO D 536 -36.14 -30.24 -59.39
N LEU D 537 -36.22 -31.18 -60.33
CA LEU D 537 -37.52 -31.47 -60.93
C LEU D 537 -38.02 -32.89 -60.68
N LEU D 538 -37.12 -33.85 -60.50
CA LEU D 538 -37.55 -35.24 -60.39
C LEU D 538 -38.04 -35.58 -59.00
N GLY D 539 -37.54 -34.90 -57.97
CA GLY D 539 -37.90 -35.23 -56.61
C GLY D 539 -39.30 -34.81 -56.24
N ASP D 540 -40.14 -34.55 -57.24
CA ASP D 540 -41.52 -34.16 -57.02
C ASP D 540 -42.51 -35.04 -57.76
N LEU D 541 -42.04 -36.03 -58.52
CA LEU D 541 -42.92 -36.91 -59.26
C LEU D 541 -43.76 -37.74 -58.28
N PRO D 542 -44.99 -38.09 -58.67
CA PRO D 542 -45.94 -38.63 -57.68
C PRO D 542 -45.47 -39.86 -56.94
N VAL D 543 -45.01 -40.90 -57.63
CA VAL D 543 -44.60 -42.12 -56.95
C VAL D 543 -43.10 -42.36 -57.11
N LEU D 544 -42.56 -41.97 -58.26
CA LEU D 544 -41.13 -42.15 -58.50
C LEU D 544 -40.28 -41.18 -57.71
N GLY D 545 -40.86 -40.08 -57.22
CA GLY D 545 -40.05 -39.03 -56.62
C GLY D 545 -39.19 -39.49 -55.46
N ALA D 546 -39.65 -40.52 -54.74
CA ALA D 546 -38.90 -41.02 -53.59
C ALA D 546 -37.53 -41.56 -53.96
N LEU D 547 -37.24 -41.70 -55.24
CA LEU D 547 -35.91 -42.13 -55.67
C LEU D 547 -34.94 -40.96 -55.82
N PHE D 548 -35.39 -39.73 -55.60
CA PHE D 548 -34.60 -38.55 -55.91
C PHE D 548 -34.57 -37.56 -54.76
N ARG D 549 -34.68 -38.02 -53.52
CA ARG D 549 -34.82 -37.07 -52.42
C ARG D 549 -34.49 -37.75 -51.10
N ARG D 550 -34.00 -36.95 -50.15
CA ARG D 550 -33.85 -37.37 -48.77
C ARG D 550 -34.78 -36.52 -47.92
N THR D 551 -35.46 -37.17 -46.97
CA THR D 551 -36.49 -36.59 -46.14
C THR D 551 -36.17 -36.84 -44.67
N TYR D 552 -36.36 -35.80 -43.84
CA TYR D 552 -36.04 -35.85 -42.43
C TYR D 552 -37.18 -35.23 -41.64
N GLU D 553 -37.56 -35.83 -40.52
CA GLU D 553 -38.64 -35.30 -39.72
C GLU D 553 -38.46 -35.64 -38.25
N GLN D 554 -38.70 -34.65 -37.38
CA GLN D 554 -38.44 -34.84 -35.96
C GLN D 554 -39.47 -34.08 -35.13
N MET D 555 -39.87 -34.63 -33.98
CA MET D 555 -40.84 -34.00 -33.08
C MET D 555 -40.53 -34.27 -31.61
N GLY D 556 -40.62 -33.26 -30.76
CA GLY D 556 -40.36 -33.42 -29.33
C GLY D 556 -41.39 -32.73 -28.49
N LYS D 557 -41.58 -33.23 -27.27
CA LYS D 557 -42.54 -32.64 -26.35
C LYS D 557 -42.10 -32.85 -24.92
N SER D 558 -42.28 -31.82 -24.08
CA SER D 558 -41.81 -31.89 -22.70
C SER D 558 -42.77 -31.15 -21.79
N GLU D 559 -42.86 -31.62 -20.54
CA GLU D 559 -43.77 -31.00 -19.59
C GLU D 559 -43.27 -31.16 -18.16
N LEU D 560 -43.29 -30.05 -17.42
CA LEU D 560 -42.84 -30.04 -16.01
C LEU D 560 -43.92 -29.39 -15.13
N LEU D 561 -44.16 -29.95 -13.96
CA LEU D 561 -45.15 -29.44 -13.01
C LEU D 561 -44.63 -29.52 -11.59
N ILE D 562 -45.02 -28.54 -10.76
CA ILE D 562 -44.64 -28.52 -9.35
C ILE D 562 -45.88 -28.36 -8.48
N PHE D 563 -46.07 -29.28 -7.53
CA PHE D 563 -47.18 -29.28 -6.59
C PHE D 563 -46.69 -29.08 -5.16
N VAL D 564 -47.58 -28.61 -4.29
CA VAL D 564 -47.29 -28.52 -2.87
C VAL D 564 -48.57 -28.78 -2.09
N THR D 565 -48.42 -29.41 -0.92
CA THR D 565 -49.55 -29.69 -0.04
C THR D 565 -49.16 -29.64 1.43
N PRO D 566 -49.66 -28.68 2.19
CA PRO D 566 -49.37 -28.61 3.62
C PRO D 566 -50.43 -29.32 4.46
N LYS D 567 -50.12 -29.47 5.74
CA LYS D 567 -51.00 -30.15 6.70
C LYS D 567 -50.61 -29.81 8.14
N VAL D 568 -51.60 -29.54 8.97
CA VAL D 568 -51.35 -29.21 10.38
C VAL D 568 -51.43 -30.49 11.18
N VAL D 569 -50.37 -30.78 11.93
CA VAL D 569 -50.32 -32.00 12.74
C VAL D 569 -51.21 -31.81 13.96
N ILE D 570 -52.29 -32.60 14.01
CA ILE D 570 -53.26 -32.53 15.09
C ILE D 570 -52.98 -33.51 16.23
N GLN D 571 -51.74 -33.84 16.53
CA GLN D 571 -51.38 -34.66 17.72
C GLN D 571 -52.24 -35.93 17.87
N SER E 160 -78.10 14.77 59.86
CA SER E 160 -78.54 15.61 60.97
C SER E 160 -77.53 16.69 61.29
N ILE E 161 -76.80 17.13 60.26
CA ILE E 161 -75.67 18.04 60.42
C ILE E 161 -76.04 19.40 59.85
N ASN E 162 -75.79 20.46 60.62
CA ASN E 162 -75.89 21.83 60.14
C ASN E 162 -74.90 22.66 60.97
N PHE E 163 -73.72 22.92 60.40
CA PHE E 163 -72.66 23.61 61.12
C PHE E 163 -72.28 24.87 60.37
N GLN E 164 -72.53 26.02 61.00
CA GLN E 164 -72.21 27.33 60.42
C GLN E 164 -71.09 27.95 61.24
N ASP E 165 -70.02 28.37 60.56
CA ASP E 165 -68.87 28.99 61.24
C ASP E 165 -68.34 28.06 62.34
N ILE E 166 -68.31 26.77 62.01
CA ILE E 166 -67.80 25.74 62.91
C ILE E 166 -66.43 25.31 62.39
N PRO E 167 -65.40 25.26 63.24
CA PRO E 167 -64.09 24.82 62.77
C PRO E 167 -64.13 23.39 62.24
N VAL E 168 -63.24 23.10 61.29
CA VAL E 168 -63.16 21.76 60.73
C VAL E 168 -62.85 20.74 61.81
N ARG E 169 -62.03 21.13 62.78
CA ARG E 169 -61.73 20.25 63.90
C ARG E 169 -63.01 19.85 64.65
N ASN E 170 -63.94 20.79 64.83
CA ASN E 170 -65.13 20.50 65.63
C ASN E 170 -66.08 19.58 64.88
N VAL E 171 -66.32 19.84 63.59
CA VAL E 171 -67.19 18.95 62.82
C VAL E 171 -66.55 17.57 62.67
N LEU E 172 -65.21 17.52 62.59
CA LEU E 172 -64.55 16.21 62.50
C LEU E 172 -64.66 15.45 63.82
N GLN E 173 -64.55 16.16 64.96
CA GLN E 173 -64.75 15.49 66.24
C GLN E 173 -66.19 15.06 66.42
N LEU E 174 -67.14 15.79 65.82
CA LEU E 174 -68.53 15.34 65.83
C LEU E 174 -68.70 14.06 65.03
N ILE E 175 -68.16 14.02 63.81
CA ILE E 175 -68.21 12.81 63.00
C ILE E 175 -67.54 11.66 63.74
N ALA E 176 -66.49 11.94 64.51
CA ALA E 176 -65.85 10.90 65.31
C ALA E 176 -66.79 10.39 66.40
N ASP E 177 -67.26 11.29 67.27
CA ASP E 177 -68.09 10.94 68.41
C ASP E 177 -69.47 10.42 68.03
N TYR E 178 -69.77 10.30 66.73
CA TYR E 178 -71.07 9.83 66.26
C TYR E 178 -71.10 8.33 66.04
N ASN E 179 -70.31 7.56 66.81
CA ASN E 179 -70.15 6.10 66.76
C ASN E 179 -69.29 5.65 65.59
N GLY E 180 -68.64 6.58 64.88
CA GLY E 180 -67.66 6.19 63.89
C GLY E 180 -66.33 5.85 64.52
N PHE E 181 -65.42 5.37 63.68
CA PHE E 181 -64.09 5.02 64.17
C PHE E 181 -63.34 6.27 64.58
N ASN E 182 -62.61 6.16 65.71
CA ASN E 182 -61.95 7.32 66.31
C ASN E 182 -61.01 7.97 65.32
N LEU E 183 -61.01 9.30 65.30
CA LEU E 183 -60.16 10.06 64.40
C LEU E 183 -59.51 11.22 65.15
N VAL E 184 -58.34 11.61 64.68
CA VAL E 184 -57.56 12.70 65.28
C VAL E 184 -57.05 13.62 64.18
N VAL E 185 -56.76 14.86 64.56
CA VAL E 185 -56.30 15.88 63.61
C VAL E 185 -55.04 16.53 64.11
N SER E 186 -54.45 17.41 63.30
CA SER E 186 -53.24 18.13 63.65
C SER E 186 -53.59 19.35 64.50
N ASP E 187 -52.61 20.24 64.69
CA ASP E 187 -52.84 21.43 65.51
C ASP E 187 -53.70 22.45 64.78
N SER E 188 -53.19 22.98 63.67
CA SER E 188 -53.92 23.93 62.83
C SER E 188 -54.03 23.27 61.45
N VAL E 189 -55.09 22.48 61.26
CA VAL E 189 -55.17 21.62 60.09
C VAL E 189 -55.73 22.38 58.90
N VAL E 190 -57.00 22.78 58.97
CA VAL E 190 -57.68 23.39 57.83
C VAL E 190 -58.22 24.75 58.24
N GLY E 191 -59.08 24.77 59.24
CA GLY E 191 -59.70 25.99 59.70
C GLY E 191 -61.17 25.84 59.99
N ASN E 192 -62.01 26.65 59.32
CA ASN E 192 -63.43 26.76 59.59
C ASN E 192 -64.21 26.51 58.31
N LEU E 193 -65.51 26.22 58.46
CA LEU E 193 -66.40 26.07 57.31
C LEU E 193 -67.85 26.23 57.74
N THR E 194 -68.75 25.87 56.81
CA THR E 194 -70.18 26.00 57.02
C THR E 194 -70.90 25.19 55.95
N LEU E 195 -71.78 24.30 56.38
CA LEU E 195 -72.58 23.47 55.49
C LEU E 195 -73.62 22.71 56.30
N ARG E 196 -74.66 22.24 55.61
CA ARG E 196 -75.76 21.52 56.24
C ARG E 196 -76.23 20.39 55.33
N LEU E 197 -76.27 19.18 55.88
CA LEU E 197 -76.73 18.00 55.16
C LEU E 197 -77.28 16.99 56.15
N ASP E 198 -78.04 16.03 55.63
CA ASP E 198 -78.65 15.01 56.47
C ASP E 198 -79.09 13.83 55.60
N GLY E 199 -79.25 12.67 56.25
CA GLY E 199 -79.75 11.47 55.61
C GLY E 199 -78.87 10.93 54.51
N VAL E 200 -77.59 10.74 54.79
CA VAL E 200 -76.60 10.39 53.77
C VAL E 200 -75.50 9.55 54.40
N PRO E 201 -74.71 8.81 53.62
CA PRO E 201 -73.59 8.07 54.20
C PRO E 201 -72.44 8.99 54.59
N TRP E 202 -71.66 8.55 55.58
CA TRP E 202 -70.46 9.29 55.96
C TRP E 202 -69.43 9.29 54.84
N GLN E 203 -69.44 8.27 54.00
CA GLN E 203 -68.45 8.18 52.93
C GLN E 203 -68.55 9.37 51.98
N GLN E 204 -69.74 9.61 51.42
CA GLN E 204 -69.90 10.69 50.44
C GLN E 204 -69.64 12.06 51.05
N VAL E 205 -70.22 12.32 52.22
CA VAL E 205 -70.07 13.64 52.83
C VAL E 205 -68.63 13.89 53.23
N LEU E 206 -68.02 12.92 53.92
CA LEU E 206 -66.63 13.06 54.33
C LEU E 206 -65.72 13.27 53.12
N ASP E 207 -65.92 12.48 52.06
CA ASP E 207 -65.06 12.62 50.89
C ASP E 207 -65.26 13.96 50.20
N ILE E 208 -66.51 14.41 50.06
CA ILE E 208 -66.72 15.68 49.36
C ILE E 208 -66.13 16.83 50.17
N ILE E 209 -66.20 16.75 51.50
CA ILE E 209 -65.55 17.76 52.34
C ILE E 209 -64.05 17.72 52.12
N LEU E 210 -63.44 16.53 52.25
CA LEU E 210 -61.99 16.40 52.14
C LEU E 210 -61.48 16.69 50.73
N GLN E 211 -62.37 16.68 49.73
CA GLN E 211 -61.96 17.02 48.38
C GLN E 211 -62.03 18.53 48.16
N VAL E 212 -63.17 19.14 48.46
CA VAL E 212 -63.37 20.54 48.10
C VAL E 212 -62.45 21.44 48.90
N LYS E 213 -62.57 21.42 50.23
CA LYS E 213 -61.74 22.27 51.08
C LYS E 213 -60.94 21.43 52.05
N GLY E 214 -61.51 20.33 52.52
CA GLY E 214 -60.85 19.49 53.50
C GLY E 214 -59.54 18.92 53.00
N LEU E 215 -58.80 18.35 53.94
CA LEU E 215 -57.48 17.79 53.70
C LEU E 215 -57.53 16.28 53.49
N ASP E 216 -56.37 15.63 53.62
CA ASP E 216 -56.28 14.19 53.41
C ASP E 216 -56.25 13.43 54.73
N LYS E 217 -56.50 12.12 54.64
CA LYS E 217 -56.61 11.26 55.81
C LYS E 217 -55.96 9.91 55.54
N ARG E 218 -55.45 9.30 56.61
CA ARG E 218 -54.84 7.98 56.55
C ARG E 218 -55.34 7.13 57.71
N VAL E 219 -55.49 5.84 57.48
CA VAL E 219 -55.97 4.90 58.49
C VAL E 219 -54.86 3.91 58.81
N ASP E 220 -54.57 3.78 60.11
CA ASP E 220 -53.53 2.87 60.59
C ASP E 220 -54.04 1.46 60.80
N GLY E 221 -55.27 1.17 60.40
CA GLY E 221 -55.87 -0.12 60.63
C GLY E 221 -57.10 -0.05 61.50
N ASN E 222 -57.08 0.80 62.52
CA ASN E 222 -58.21 0.97 63.42
C ASN E 222 -58.74 2.39 63.44
N VAL E 223 -57.89 3.39 63.63
CA VAL E 223 -58.31 4.77 63.80
C VAL E 223 -57.78 5.61 62.65
N ILE E 224 -58.39 6.77 62.47
CA ILE E 224 -58.14 7.63 61.31
C ILE E 224 -57.44 8.90 61.77
N LEU E 225 -56.51 9.38 60.94
CA LEU E 225 -55.80 10.62 61.19
C LEU E 225 -55.98 11.55 60.00
N ILE E 226 -56.09 12.84 60.26
CA ILE E 226 -56.30 13.83 59.20
C ILE E 226 -55.15 14.83 59.23
N ALA E 227 -54.77 15.31 58.06
CA ALA E 227 -53.69 16.29 57.93
C ALA E 227 -53.72 16.85 56.52
N PRO E 228 -53.10 18.01 56.31
CA PRO E 228 -52.97 18.53 54.94
C PRO E 228 -52.07 17.65 54.09
N LYS E 229 -52.30 17.68 52.78
CA LYS E 229 -51.51 16.87 51.86
C LYS E 229 -50.05 17.30 51.85
N GLU E 230 -49.78 18.57 52.15
CA GLU E 230 -48.41 19.06 52.12
C GLU E 230 -47.53 18.32 53.12
N GLU E 231 -47.98 18.19 54.37
CA GLU E 231 -47.21 17.47 55.37
C GLU E 231 -47.07 16.00 55.03
N LEU E 232 -48.11 15.39 54.46
CA LEU E 232 -48.04 13.98 54.10
C LEU E 232 -47.00 13.74 53.01
N ASP E 233 -47.03 14.55 51.96
CA ASP E 233 -46.05 14.42 50.89
C ASP E 233 -44.65 14.76 51.38
N LEU E 234 -44.53 15.72 52.29
CA LEU E 234 -43.22 16.04 52.85
C LEU E 234 -42.66 14.86 53.65
N ARG E 235 -43.52 14.24 54.46
CA ARG E 235 -43.08 13.08 55.23
C ARG E 235 -42.67 11.94 54.33
N GLU E 236 -43.43 11.71 53.25
CA GLU E 236 -43.07 10.65 52.32
C GLU E 236 -41.73 10.94 51.64
N LYS E 237 -41.53 12.17 51.18
CA LYS E 237 -40.26 12.51 50.56
C LYS E 237 -39.10 12.39 51.53
N GLN E 238 -39.31 12.78 52.79
CA GLN E 238 -38.27 12.61 53.79
C GLN E 238 -37.91 11.14 53.98
N ALA E 239 -38.93 10.28 54.07
CA ALA E 239 -38.66 8.85 54.27
C ALA E 239 -37.94 8.25 53.07
N LEU E 240 -38.35 8.62 51.86
CA LEU E 240 -37.69 8.11 50.67
C LEU E 240 -36.24 8.56 50.60
N GLU E 241 -35.98 9.84 50.88
CA GLU E 241 -34.61 10.34 50.83
C GLU E 241 -33.75 9.67 51.90
N LYS E 242 -34.32 9.44 53.09
CA LYS E 242 -33.57 8.73 54.13
C LYS E 242 -33.20 7.33 53.68
N ALA E 243 -34.17 6.61 53.11
CA ALA E 243 -33.89 5.25 52.64
C ALA E 243 -32.82 5.25 51.56
N ARG E 244 -32.94 6.15 50.57
CA ARG E 244 -31.99 6.17 49.47
C ARG E 244 -30.59 6.52 49.95
N LEU E 245 -30.48 7.49 50.86
CA LEU E 245 -29.15 7.88 51.33
C LEU E 245 -28.54 6.82 52.24
N ALA E 246 -29.36 6.17 53.06
CA ALA E 246 -28.85 5.11 53.92
C ALA E 246 -28.40 3.91 53.11
N GLU E 247 -29.12 3.60 52.03
CA GLU E 247 -28.68 2.51 51.17
C GLU E 247 -27.51 2.92 50.29
N GLU E 248 -27.30 4.22 50.10
CA GLU E 248 -26.12 4.67 49.36
C GLU E 248 -24.88 4.57 50.24
N LEU E 249 -24.83 5.33 51.33
CA LEU E 249 -23.64 5.39 52.17
C LEU E 249 -23.84 4.51 53.40
N GLY E 250 -23.50 3.22 53.22
CA GLY E 250 -23.51 2.26 54.29
C GLY E 250 -22.13 1.64 54.50
N ASP E 251 -22.03 0.87 55.57
CA ASP E 251 -20.82 0.12 55.87
C ASP E 251 -20.87 -1.23 55.17
N LEU E 252 -19.84 -1.52 54.37
CA LEU E 252 -19.85 -2.73 53.55
C LEU E 252 -19.30 -3.93 54.32
N LYS E 253 -19.71 -5.12 53.89
CA LYS E 253 -19.24 -6.37 54.46
C LYS E 253 -18.78 -7.28 53.33
N SER E 254 -17.78 -8.11 53.64
CA SER E 254 -17.15 -8.99 52.65
C SER E 254 -17.20 -10.43 53.15
N GLU E 255 -17.62 -11.35 52.29
CA GLU E 255 -17.69 -12.76 52.67
C GLU E 255 -17.79 -13.63 51.42
N ILE E 256 -17.73 -14.95 51.63
CA ILE E 256 -17.64 -15.91 50.54
C ILE E 256 -18.86 -16.81 50.53
N ILE E 257 -19.34 -17.11 49.32
CA ILE E 257 -20.49 -17.97 49.07
C ILE E 257 -20.02 -19.20 48.32
N LYS E 258 -20.30 -20.37 48.88
CA LYS E 258 -19.89 -21.62 48.24
C LYS E 258 -20.99 -22.11 47.31
N ILE E 259 -20.61 -22.52 46.11
CA ILE E 259 -21.54 -22.94 45.06
C ILE E 259 -21.32 -24.41 44.78
N ASN E 260 -22.41 -25.15 44.64
CA ASN E 260 -22.37 -26.54 44.19
C ASN E 260 -23.46 -26.74 43.14
N PHE E 261 -23.18 -27.64 42.20
CA PHE E 261 -24.00 -28.05 41.07
C PHE E 261 -23.97 -27.06 39.92
N ALA E 262 -23.34 -25.89 40.06
CA ALA E 262 -23.27 -24.94 38.97
C ALA E 262 -21.89 -24.32 38.97
N LYS E 263 -21.49 -23.79 37.82
CA LYS E 263 -20.21 -23.11 37.73
C LYS E 263 -20.32 -21.71 38.33
N ALA E 264 -19.32 -21.33 39.12
CA ALA E 264 -19.35 -20.03 39.77
C ALA E 264 -19.12 -18.90 38.78
N SER E 265 -18.43 -19.16 37.67
CA SER E 265 -18.19 -18.10 36.70
C SER E 265 -19.48 -17.67 36.01
N ASP E 266 -20.33 -18.63 35.65
CA ASP E 266 -21.62 -18.29 35.06
C ASP E 266 -22.48 -17.47 36.02
N ILE E 267 -22.50 -17.86 37.29
CA ILE E 267 -23.31 -17.15 38.28
C ILE E 267 -22.76 -15.75 38.53
N ALA E 268 -21.44 -15.61 38.58
CA ALA E 268 -20.88 -14.28 38.72
C ALA E 268 -21.15 -13.41 37.51
N ALA E 269 -21.28 -14.02 36.33
CA ALA E 269 -21.59 -13.22 35.14
C ALA E 269 -23.07 -12.84 35.11
N MET E 270 -23.92 -13.64 35.74
CA MET E 270 -25.34 -13.29 35.77
C MET E 270 -25.66 -12.26 36.85
N ILE E 271 -25.07 -12.39 38.04
CA ILE E 271 -25.41 -11.49 39.14
C ILE E 271 -24.79 -10.12 38.93
N GLY E 272 -23.52 -10.08 38.55
CA GLY E 272 -22.89 -8.82 38.24
C GLY E 272 -22.92 -8.53 36.76
N GLY E 273 -21.76 -8.32 36.15
CA GLY E 273 -21.69 -8.25 34.70
C GLY E 273 -21.37 -6.89 34.13
N GLU E 274 -21.75 -6.69 32.87
CA GLU E 274 -21.41 -5.46 32.17
C GLU E 274 -22.22 -4.28 32.67
N GLY E 275 -21.53 -3.21 33.06
CA GLY E 275 -22.17 -2.00 33.52
C GLY E 275 -22.88 -2.15 34.85
N ASN E 276 -23.17 -1.03 35.51
CA ASN E 276 -23.82 -1.05 36.82
C ASN E 276 -25.34 -1.04 36.72
N VAL E 277 -25.90 -0.68 35.58
CA VAL E 277 -27.36 -0.65 35.44
C VAL E 277 -27.91 -2.07 35.50
N ASN E 278 -27.22 -3.02 34.86
CA ASN E 278 -27.66 -4.41 34.91
C ASN E 278 -27.39 -5.03 36.27
N MET E 279 -26.22 -4.72 36.85
CA MET E 279 -25.79 -5.34 38.09
C MET E 279 -26.85 -5.21 39.17
N LEU E 280 -27.00 -6.27 39.96
CA LEU E 280 -27.83 -6.21 41.15
C LEU E 280 -26.99 -5.73 42.33
N SER E 281 -26.29 -4.62 42.16
CA SER E 281 -25.40 -4.11 43.19
C SER E 281 -25.38 -2.58 43.10
N GLU E 282 -24.82 -1.95 44.13
CA GLU E 282 -24.79 -0.49 44.23
C GLU E 282 -23.39 0.09 44.22
N ARG E 283 -22.58 -0.28 45.23
CA ARG E 283 -21.14 0.06 45.22
C ARG E 283 -20.33 -1.09 45.83
N GLY E 284 -20.79 -2.33 45.63
CA GLY E 284 -19.90 -3.51 45.64
C GLY E 284 -20.10 -4.29 44.35
N SER E 285 -19.72 -5.56 44.35
CA SER E 285 -18.66 -6.22 43.54
C SER E 285 -18.62 -7.72 43.85
N ILE E 286 -18.52 -8.56 42.81
CA ILE E 286 -18.29 -10.02 42.98
C ILE E 286 -16.88 -10.36 42.47
N SER E 287 -16.24 -11.38 43.06
CA SER E 287 -15.06 -11.98 42.47
C SER E 287 -15.21 -13.50 42.49
N ILE E 288 -14.47 -14.16 41.60
CA ILE E 288 -14.52 -15.61 41.47
C ILE E 288 -13.25 -16.22 42.04
N ASP E 289 -13.41 -17.36 42.72
CA ASP E 289 -12.29 -18.21 43.12
C ASP E 289 -12.53 -19.57 42.47
N GLU E 290 -11.78 -19.83 41.40
CA GLU E 290 -11.99 -21.01 40.58
C GLU E 290 -11.48 -22.28 41.20
N ARG E 291 -10.44 -22.19 42.03
CA ARG E 291 -9.85 -23.39 42.61
C ARG E 291 -10.86 -24.17 43.44
N THR E 292 -11.70 -23.47 44.19
CA THR E 292 -12.66 -24.09 45.09
C THR E 292 -14.11 -23.82 44.71
N ASN E 293 -14.36 -23.25 43.53
CA ASN E 293 -15.71 -22.98 43.04
C ASN E 293 -16.50 -22.12 44.02
N SER E 294 -16.03 -20.88 44.21
CA SER E 294 -16.64 -20.01 45.20
C SER E 294 -16.72 -18.58 44.70
N LEU E 295 -17.65 -17.83 45.28
CA LEU E 295 -17.79 -16.41 45.03
C LEU E 295 -17.34 -15.63 46.27
N LEU E 296 -16.83 -14.44 46.04
CA LEU E 296 -16.37 -13.55 47.11
C LEU E 296 -17.01 -12.19 46.87
N ILE E 297 -17.95 -11.81 47.73
CA ILE E 297 -18.80 -10.65 47.51
C ILE E 297 -18.57 -9.62 48.60
N ARG E 298 -18.64 -8.34 48.21
CA ARG E 298 -18.48 -7.21 49.13
C ARG E 298 -19.62 -6.22 48.86
N GLU E 299 -20.57 -6.14 49.80
CA GLU E 299 -21.75 -5.32 49.59
C GLU E 299 -22.41 -5.03 50.94
N LEU E 300 -23.59 -4.43 50.87
CA LEU E 300 -24.34 -4.08 52.07
C LEU E 300 -24.91 -5.35 52.70
N PRO E 301 -24.85 -5.49 54.02
CA PRO E 301 -25.27 -6.74 54.66
C PRO E 301 -26.75 -7.06 54.51
N ASP E 302 -27.47 -6.23 53.75
CA ASP E 302 -28.89 -6.47 53.49
C ASP E 302 -29.11 -7.06 52.11
N ASN E 303 -28.24 -6.71 51.17
CA ASN E 303 -28.31 -7.23 49.83
C ASN E 303 -27.68 -8.62 49.78
N ILE E 304 -26.78 -8.91 50.74
CA ILE E 304 -26.16 -10.22 50.81
C ILE E 304 -27.21 -11.30 51.04
N ALA E 305 -28.24 -10.99 51.83
CA ALA E 305 -29.23 -12.00 52.17
C ALA E 305 -30.12 -12.33 50.98
N VAL E 306 -30.54 -11.33 50.21
CA VAL E 306 -31.38 -11.61 49.06
C VAL E 306 -30.58 -12.30 47.97
N ILE E 307 -29.35 -11.84 47.72
CA ILE E 307 -28.48 -12.52 46.77
C ILE E 307 -28.27 -13.97 47.18
N ARG E 308 -28.04 -14.21 48.46
CA ARG E 308 -27.81 -15.56 48.94
C ARG E 308 -29.04 -16.44 48.74
N GLU E 309 -30.23 -15.89 48.99
CA GLU E 309 -31.45 -16.67 48.82
C GLU E 309 -31.69 -17.01 47.35
N ILE E 310 -31.48 -16.04 46.47
CA ILE E 310 -31.68 -16.30 45.03
C ILE E 310 -30.70 -17.35 44.53
N ILE E 311 -29.40 -17.15 44.77
CA ILE E 311 -28.43 -18.09 44.23
C ILE E 311 -28.42 -19.41 44.97
N GLU E 312 -29.11 -19.51 46.11
CA GLU E 312 -29.39 -20.82 46.67
C GLU E 312 -30.59 -21.45 46.01
N SER E 313 -31.50 -20.65 45.49
CA SER E 313 -32.61 -21.18 44.71
C SER E 313 -32.23 -21.59 43.29
N LEU E 314 -31.11 -21.11 42.77
CA LEU E 314 -30.76 -21.41 41.38
C LEU E 314 -30.02 -22.74 41.24
N ASP E 315 -28.91 -22.92 41.97
CA ASP E 315 -28.04 -24.07 41.70
C ASP E 315 -28.69 -25.36 42.18
N ILE E 316 -29.22 -26.13 41.24
CA ILE E 316 -29.86 -27.41 41.49
C ILE E 316 -29.41 -28.39 40.41
N PRO E 317 -29.48 -29.69 40.70
CA PRO E 317 -29.18 -30.68 39.67
C PRO E 317 -30.23 -30.67 38.55
N VAL E 318 -29.77 -30.91 37.32
CA VAL E 318 -30.62 -30.87 36.15
C VAL E 318 -30.81 -32.29 35.62
N LYS E 319 -31.68 -32.40 34.62
CA LYS E 319 -32.04 -33.66 33.99
C LYS E 319 -31.10 -33.97 32.83
N GLN E 320 -31.16 -35.21 32.35
CA GLN E 320 -30.37 -35.66 31.22
C GLN E 320 -31.26 -36.34 30.20
N VAL E 321 -30.93 -36.13 28.93
CA VAL E 321 -31.73 -36.62 27.82
C VAL E 321 -30.86 -37.47 26.91
N GLN E 322 -31.48 -38.48 26.31
CA GLN E 322 -30.84 -39.37 25.35
C GLN E 322 -31.53 -39.23 24.01
N ILE E 323 -30.78 -38.90 22.96
CA ILE E 323 -31.34 -38.63 21.65
C ILE E 323 -30.78 -39.62 20.63
N GLU E 324 -31.67 -40.20 19.83
CA GLU E 324 -31.25 -41.17 18.84
C GLU E 324 -31.89 -40.97 17.48
N ALA E 325 -31.05 -40.70 16.49
CA ALA E 325 -31.49 -40.49 15.12
C ALA E 325 -31.37 -41.79 14.33
N ARG E 326 -32.14 -41.88 13.25
CA ARG E 326 -32.12 -43.08 12.43
C ARG E 326 -32.35 -42.74 10.97
N ILE E 327 -31.39 -43.06 10.11
CA ILE E 327 -31.46 -42.75 8.70
C ILE E 327 -31.56 -44.06 7.93
N VAL E 328 -32.60 -44.19 7.12
CA VAL E 328 -32.86 -45.43 6.38
C VAL E 328 -32.99 -45.12 4.90
N THR E 329 -32.38 -45.96 4.06
CA THR E 329 -32.55 -45.77 2.62
C THR E 329 -32.70 -47.12 1.91
N VAL E 330 -33.55 -47.14 0.89
CA VAL E 330 -33.87 -48.34 0.12
C VAL E 330 -33.83 -48.02 -1.36
N LYS E 331 -33.22 -48.90 -2.15
CA LYS E 331 -33.09 -48.70 -3.59
C LYS E 331 -33.47 -49.96 -4.35
N GLU E 332 -34.08 -49.79 -5.52
CA GLU E 332 -34.38 -50.89 -6.43
C GLU E 332 -34.19 -50.45 -7.89
N GLY E 333 -33.83 -51.42 -8.73
CA GLY E 333 -33.64 -51.15 -10.14
C GLY E 333 -33.84 -52.32 -11.08
N ASN E 334 -34.33 -52.06 -12.30
CA ASN E 334 -34.55 -53.10 -13.31
C ASN E 334 -34.16 -52.59 -14.69
N LEU E 335 -33.65 -53.49 -15.53
CA LEU E 335 -33.22 -53.12 -16.88
C LEU E 335 -33.42 -54.30 -17.82
N GLU E 336 -33.79 -54.02 -19.08
CA GLU E 336 -33.94 -55.06 -20.09
C GLU E 336 -33.71 -54.51 -21.50
N GLU E 337 -32.98 -55.29 -22.30
CA GLU E 337 -32.67 -54.88 -23.68
C GLU E 337 -32.67 -56.05 -24.67
N LEU E 338 -33.24 -55.82 -25.84
CA LEU E 338 -33.32 -56.81 -26.92
C LEU E 338 -32.79 -56.24 -28.23
N GLY E 339 -32.03 -57.03 -28.97
CA GLY E 339 -31.44 -56.53 -30.21
C GLY E 339 -31.23 -57.61 -31.24
N VAL E 340 -31.14 -57.20 -32.51
CA VAL E 340 -31.08 -58.12 -33.63
C VAL E 340 -30.12 -57.62 -34.70
N ARG E 341 -29.39 -58.56 -35.29
CA ARG E 341 -28.37 -58.23 -36.29
C ARG E 341 -28.47 -59.25 -37.42
N TRP E 342 -28.89 -58.86 -38.61
CA TRP E 342 -28.95 -59.85 -39.69
C TRP E 342 -28.54 -59.26 -41.02
N GLY E 343 -28.15 -60.15 -41.92
CA GLY E 343 -27.66 -59.75 -43.23
C GLY E 343 -27.87 -60.82 -44.28
N VAL E 344 -27.89 -60.39 -45.54
CA VAL E 344 -28.07 -61.29 -46.68
C VAL E 344 -27.08 -60.92 -47.76
N MET E 345 -26.82 -61.86 -48.66
CA MET E 345 -25.87 -61.62 -49.75
C MET E 345 -26.13 -62.65 -50.83
N SER E 346 -26.56 -62.20 -52.01
CA SER E 346 -26.92 -63.17 -53.03
C SER E 346 -26.56 -62.64 -54.41
N THR E 347 -26.31 -63.56 -55.33
CA THR E 347 -25.99 -63.22 -56.72
C THR E 347 -26.74 -64.17 -57.64
N ASN E 348 -26.94 -63.73 -58.88
CA ASN E 348 -27.75 -64.48 -59.82
C ASN E 348 -27.13 -64.60 -61.20
N GLY E 349 -26.05 -63.89 -61.48
CA GLY E 349 -25.59 -63.71 -62.83
C GLY E 349 -26.11 -62.38 -63.34
N SER E 350 -25.24 -61.36 -63.35
CA SER E 350 -25.61 -59.99 -63.73
C SER E 350 -26.65 -59.38 -62.80
N HIS E 351 -27.01 -60.05 -61.71
CA HIS E 351 -27.97 -59.54 -60.75
C HIS E 351 -27.49 -59.88 -59.35
N SER E 352 -27.58 -58.92 -58.44
CA SER E 352 -27.09 -59.12 -57.08
C SER E 352 -28.02 -58.46 -56.08
N VAL E 353 -27.87 -58.86 -54.82
CA VAL E 353 -28.62 -58.26 -53.72
C VAL E 353 -27.73 -58.28 -52.48
N GLY E 354 -27.66 -57.14 -51.80
CA GLY E 354 -26.78 -57.01 -50.65
C GLY E 354 -27.34 -56.03 -49.65
N GLY E 355 -26.46 -55.47 -48.84
CA GLY E 355 -26.83 -54.57 -47.77
C GLY E 355 -26.15 -53.22 -47.90
N SER E 356 -25.54 -52.98 -49.07
CA SER E 356 -24.88 -51.72 -49.35
C SER E 356 -24.36 -51.76 -50.77
N ILE E 357 -23.77 -50.65 -51.22
CA ILE E 357 -23.17 -50.56 -52.55
C ILE E 357 -21.77 -51.17 -52.56
N GLU E 358 -21.01 -50.97 -51.49
CA GLU E 358 -19.69 -51.60 -51.39
C GLU E 358 -19.81 -53.11 -51.29
N SER E 359 -20.91 -53.60 -50.73
CA SER E 359 -21.15 -55.04 -50.69
C SER E 359 -21.31 -55.61 -52.09
N ASN E 360 -22.15 -54.99 -52.91
CA ASN E 360 -22.36 -55.47 -54.27
C ASN E 360 -21.10 -55.30 -55.12
N LEU E 361 -20.31 -54.28 -54.84
CA LEU E 361 -19.07 -54.13 -55.60
C LEU E 361 -18.02 -55.15 -55.16
N TRP E 362 -18.15 -55.67 -53.94
CA TRP E 362 -17.20 -56.69 -53.50
C TRP E 362 -17.52 -58.05 -54.07
N GLN E 363 -18.79 -58.43 -54.10
CA GLN E 363 -19.15 -59.75 -54.64
C GLN E 363 -19.11 -59.67 -56.16
N LYS E 364 -17.98 -59.23 -56.66
CA LYS E 364 -17.64 -59.10 -58.07
C LYS E 364 -16.13 -58.88 -58.11
N GLY E 365 -15.60 -58.43 -59.23
CA GLY E 365 -14.19 -58.13 -59.21
C GLY E 365 -13.82 -56.68 -58.99
N LEU E 366 -14.77 -55.82 -58.62
CA LEU E 366 -14.57 -54.38 -58.78
C LEU E 366 -13.71 -53.80 -57.66
N LEU E 367 -14.04 -54.09 -56.41
CA LEU E 367 -13.25 -53.54 -55.30
C LEU E 367 -11.89 -54.22 -55.22
N ALA E 368 -10.90 -53.47 -54.73
CA ALA E 368 -9.55 -54.01 -54.65
C ALA E 368 -9.36 -54.86 -53.40
N ASP E 369 -9.47 -54.25 -52.22
CA ASP E 369 -9.21 -54.95 -50.97
C ASP E 369 -10.34 -55.91 -50.66
N ASP E 370 -10.01 -57.19 -50.47
CA ASP E 370 -11.03 -58.22 -50.28
C ASP E 370 -10.57 -59.22 -49.22
N GLU E 371 -10.98 -59.00 -47.97
CA GLU E 371 -10.98 -60.08 -46.99
C GLU E 371 -12.39 -60.40 -46.54
N PHE E 372 -13.11 -59.44 -45.95
CA PHE E 372 -14.57 -59.45 -45.88
C PHE E 372 -15.04 -58.10 -45.39
N PRO E 373 -15.99 -57.46 -46.07
CA PRO E 373 -16.60 -56.25 -45.51
C PRO E 373 -17.63 -56.58 -44.44
N VAL E 374 -17.16 -56.80 -43.21
CA VAL E 374 -18.07 -57.28 -42.16
C VAL E 374 -19.11 -56.23 -41.82
N ASP E 375 -18.75 -54.96 -41.98
CA ASP E 375 -19.68 -53.86 -41.68
C ASP E 375 -20.57 -53.50 -42.86
N GLU E 376 -20.05 -53.57 -44.09
CA GLU E 376 -20.88 -53.35 -45.27
C GLU E 376 -21.79 -54.54 -45.55
N PHE E 377 -21.54 -55.68 -44.92
CA PHE E 377 -22.34 -56.87 -45.18
C PHE E 377 -23.74 -56.75 -44.60
N LEU E 378 -23.86 -56.22 -43.39
CA LEU E 378 -25.10 -56.35 -42.61
C LEU E 378 -26.20 -55.44 -43.14
N ASN E 379 -27.42 -55.98 -43.20
CA ASN E 379 -28.58 -55.19 -43.58
C ASN E 379 -29.14 -54.45 -42.38
N VAL E 380 -29.47 -55.17 -41.32
CA VAL E 380 -30.05 -54.59 -40.12
C VAL E 380 -29.05 -54.80 -38.99
N ASN E 381 -28.65 -53.71 -38.33
CA ASN E 381 -27.60 -53.72 -37.32
C ASN E 381 -28.11 -53.01 -36.07
N LEU E 382 -28.83 -53.73 -35.21
CA LEU E 382 -29.47 -53.18 -34.02
C LEU E 382 -29.14 -54.05 -32.82
N ALA E 383 -27.86 -54.31 -32.61
CA ALA E 383 -27.44 -55.20 -31.54
C ALA E 383 -27.62 -54.56 -30.18
N SER E 384 -27.98 -55.38 -29.19
CA SER E 384 -28.05 -54.95 -27.81
C SER E 384 -26.67 -54.50 -27.33
N THR E 385 -26.55 -53.23 -26.97
CA THR E 385 -25.27 -52.60 -26.65
C THR E 385 -25.07 -52.61 -25.14
N SER E 386 -24.33 -53.60 -24.67
CA SER E 386 -24.01 -53.74 -23.25
C SER E 386 -22.77 -54.63 -23.16
N ALA E 387 -22.30 -54.84 -21.94
CA ALA E 387 -21.13 -55.69 -21.72
C ALA E 387 -21.48 -57.09 -21.24
N ASN E 388 -22.71 -57.31 -20.79
CA ASN E 388 -23.16 -58.60 -20.29
C ASN E 388 -24.24 -59.21 -21.16
N ALA E 389 -24.39 -58.74 -22.39
CA ALA E 389 -25.46 -59.24 -23.25
C ALA E 389 -25.09 -60.60 -23.85
N SER E 390 -26.08 -61.48 -23.92
CA SER E 390 -25.88 -62.82 -24.46
C SER E 390 -26.56 -62.95 -25.81
N SER E 391 -25.94 -63.71 -26.71
CA SER E 391 -26.38 -63.78 -28.10
C SER E 391 -26.45 -65.21 -28.59
N ILE E 392 -26.97 -65.37 -29.80
CA ILE E 392 -26.92 -66.65 -30.51
C ILE E 392 -27.16 -66.38 -31.99
N ALA E 393 -26.40 -67.06 -32.84
CA ALA E 393 -26.39 -66.78 -34.27
C ALA E 393 -26.40 -67.93 -35.25
N PHE E 394 -27.27 -67.86 -36.24
CA PHE E 394 -27.51 -68.91 -37.21
C PHE E 394 -27.08 -68.45 -38.60
N GLN E 395 -26.72 -69.41 -39.44
CA GLN E 395 -26.15 -69.10 -40.75
C GLN E 395 -26.61 -70.11 -41.79
N VAL E 396 -26.66 -69.67 -43.04
CA VAL E 396 -26.85 -70.55 -44.19
C VAL E 396 -25.93 -70.05 -45.29
N ALA E 397 -24.87 -70.81 -45.57
CA ALA E 397 -23.87 -70.40 -46.54
C ALA E 397 -23.68 -71.50 -47.57
N LYS E 398 -23.97 -71.19 -48.83
CA LYS E 398 -23.77 -72.14 -49.92
C LYS E 398 -22.41 -71.98 -50.58
N LEU E 399 -22.10 -70.79 -51.09
CA LEU E 399 -20.86 -70.45 -51.78
C LEU E 399 -20.74 -71.15 -53.12
N GLY E 400 -21.66 -72.04 -53.47
CA GLY E 400 -21.72 -72.63 -54.79
C GLY E 400 -22.60 -71.80 -55.68
N SER E 401 -23.83 -71.52 -55.22
CA SER E 401 -24.68 -70.55 -55.89
C SER E 401 -24.43 -69.12 -55.40
N GLY E 402 -23.64 -68.96 -54.34
CA GLY E 402 -23.27 -67.65 -53.82
C GLY E 402 -24.04 -67.23 -52.59
N THR E 403 -25.27 -67.70 -52.40
CA THR E 403 -26.14 -67.20 -51.35
C THR E 403 -25.51 -67.35 -49.97
N LEU E 404 -25.70 -66.33 -49.14
CA LEU E 404 -25.30 -66.34 -47.74
C LEU E 404 -26.34 -65.57 -46.94
N LEU E 405 -26.68 -66.08 -45.76
CA LEU E 405 -27.58 -65.33 -44.89
C LEU E 405 -27.25 -65.60 -43.43
N ASP E 406 -27.20 -64.53 -42.63
CA ASP E 406 -26.83 -64.57 -41.23
C ASP E 406 -27.91 -63.92 -40.37
N LEU E 407 -28.12 -64.47 -39.17
CA LEU E 407 -29.10 -63.91 -38.23
C LEU E 407 -28.65 -64.12 -36.79
N GLU E 408 -28.48 -63.03 -36.04
CA GLU E 408 -28.06 -63.10 -34.64
C GLU E 408 -29.04 -62.35 -33.74
N LEU E 409 -29.38 -62.94 -32.59
CA LEU E 409 -30.21 -62.33 -31.56
C LEU E 409 -29.38 -62.07 -30.31
N SER E 410 -29.70 -61.02 -29.61
CA SER E 410 -28.99 -60.74 -28.37
C SER E 410 -29.94 -60.11 -27.36
N ALA E 411 -29.64 -60.31 -26.09
CA ALA E 411 -30.55 -59.94 -25.02
C ALA E 411 -29.79 -59.66 -23.74
N LEU E 412 -30.47 -58.99 -22.81
CA LEU E 412 -29.93 -58.76 -21.47
C LEU E 412 -31.07 -58.38 -20.53
N GLN E 413 -31.00 -58.79 -19.26
CA GLN E 413 -32.00 -58.43 -18.26
C GLN E 413 -31.43 -58.48 -16.84
N ASN E 414 -31.29 -57.34 -16.15
CA ASN E 414 -30.76 -57.41 -14.80
C ASN E 414 -31.59 -56.59 -13.83
N GLU E 415 -31.22 -56.68 -12.55
CA GLU E 415 -32.08 -56.31 -11.45
C GLU E 415 -31.25 -56.15 -10.18
N SER E 416 -31.64 -55.20 -9.33
CA SER E 416 -30.79 -54.89 -8.18
C SER E 416 -31.60 -54.31 -7.03
N LYS E 417 -31.08 -54.49 -5.82
CA LYS E 417 -31.68 -54.02 -4.58
C LYS E 417 -30.59 -53.55 -3.63
N ALA E 418 -30.95 -52.65 -2.71
CA ALA E 418 -30.00 -52.22 -1.70
C ALA E 418 -30.75 -51.60 -0.53
N GLU E 419 -30.12 -51.64 0.65
CA GLU E 419 -30.72 -51.08 1.84
C GLU E 419 -29.66 -50.75 2.89
N ILE E 420 -29.70 -49.52 3.40
CA ILE E 420 -28.72 -49.04 4.37
C ILE E 420 -29.43 -48.44 5.57
N ILE E 421 -28.87 -48.66 6.76
CA ILE E 421 -29.39 -48.14 8.02
C ILE E 421 -28.24 -47.57 8.84
N SER E 422 -28.42 -46.36 9.37
CA SER E 422 -27.42 -45.82 10.29
C SER E 422 -28.11 -45.07 11.41
N SER E 423 -27.61 -45.23 12.64
CA SER E 423 -28.24 -44.60 13.80
C SER E 423 -27.21 -44.16 14.83
N PRO E 424 -26.92 -42.86 14.92
CA PRO E 424 -26.13 -42.34 16.05
C PRO E 424 -26.96 -42.02 17.30
N ARG E 425 -26.32 -41.98 18.46
CA ARG E 425 -26.98 -41.67 19.72
C ARG E 425 -26.13 -40.71 20.53
N LEU E 426 -26.77 -40.03 21.47
CA LEU E 426 -26.06 -39.12 22.37
C LEU E 426 -26.80 -39.09 23.69
N ILE E 427 -26.08 -38.75 24.75
CA ILE E 427 -26.67 -38.35 26.03
C ILE E 427 -26.09 -36.98 26.39
N THR E 428 -26.92 -36.12 26.98
CA THR E 428 -26.50 -34.76 27.28
C THR E 428 -27.36 -34.20 28.41
N THR E 429 -27.02 -32.99 28.83
CA THR E 429 -27.71 -32.25 29.92
C THR E 429 -28.69 -31.24 29.30
N ASN E 430 -29.82 -30.99 29.96
CA ASN E 430 -30.86 -30.11 29.44
C ASN E 430 -30.31 -28.75 29.08
N LYS E 431 -30.69 -28.26 27.90
CA LYS E 431 -30.34 -26.93 27.38
C LYS E 431 -28.87 -26.81 27.01
N GLN E 432 -28.25 -27.94 26.67
CA GLN E 432 -26.81 -27.99 26.46
C GLN E 432 -26.46 -28.63 25.11
N PRO E 433 -25.60 -28.00 24.31
CA PRO E 433 -25.37 -28.50 22.95
C PRO E 433 -24.40 -29.68 22.88
N ALA E 434 -24.73 -30.67 22.05
CA ALA E 434 -23.89 -31.85 21.93
C ALA E 434 -23.82 -32.28 20.46
N TYR E 435 -22.74 -32.99 20.11
CA TYR E 435 -22.55 -33.47 18.75
C TYR E 435 -21.81 -34.80 18.77
N ILE E 436 -22.04 -35.60 17.72
CA ILE E 436 -21.25 -36.81 17.47
C ILE E 436 -21.05 -36.95 15.96
N GLU E 437 -19.84 -37.35 15.55
CA GLU E 437 -19.40 -37.32 14.17
C GLU E 437 -18.60 -38.56 13.79
N GLN E 438 -18.56 -38.84 12.49
CA GLN E 438 -17.73 -39.92 11.95
C GLN E 438 -17.56 -39.70 10.45
N GLY E 439 -16.33 -39.50 9.98
CA GLY E 439 -16.14 -39.30 8.56
C GLY E 439 -14.74 -38.93 8.13
N THR E 440 -14.60 -38.01 7.18
CA THR E 440 -13.28 -37.54 6.74
C THR E 440 -13.26 -36.02 6.61
N GLU E 441 -12.05 -35.47 6.60
CA GLU E 441 -11.83 -34.03 6.41
C GLU E 441 -10.97 -33.82 5.18
N ILE E 442 -11.53 -33.12 4.20
CA ILE E 442 -10.86 -32.93 2.91
C ILE E 442 -10.07 -31.62 2.94
N PRO E 443 -8.76 -31.70 2.65
CA PRO E 443 -7.94 -30.50 2.61
C PRO E 443 -8.23 -29.79 1.30
N TYR E 444 -8.66 -28.54 1.35
CA TYR E 444 -8.91 -27.81 0.10
C TYR E 444 -7.80 -26.78 -0.14
N LEU E 445 -7.49 -26.51 -1.40
CA LEU E 445 -6.38 -25.60 -1.68
C LEU E 445 -6.75 -24.13 -1.63
N GLU E 446 -6.43 -23.56 -0.47
CA GLU E 446 -6.54 -22.16 -0.03
C GLU E 446 -7.86 -21.68 0.58
N SER E 447 -7.70 -20.71 1.47
CA SER E 447 -8.76 -19.98 2.13
C SER E 447 -8.19 -18.57 2.10
N SER E 448 -9.00 -17.57 1.77
CA SER E 448 -8.42 -16.25 1.64
C SER E 448 -8.76 -15.17 2.68
N SER E 449 -7.72 -14.67 3.34
CA SER E 449 -7.90 -13.54 4.25
C SER E 449 -7.39 -12.32 3.50
N SER E 450 -7.09 -11.24 4.22
CA SER E 450 -6.51 -10.04 3.62
C SER E 450 -5.08 -10.31 3.13
N GLY E 451 -4.99 -11.07 2.03
CA GLY E 451 -3.72 -11.21 1.35
C GLY E 451 -3.23 -12.60 0.99
N ALA E 452 -3.45 -13.61 1.84
CA ALA E 452 -2.86 -14.91 1.55
C ALA E 452 -3.68 -16.09 2.07
N SER E 453 -3.15 -17.31 1.90
CA SER E 453 -3.92 -18.55 1.90
C SER E 453 -3.77 -19.31 3.20
N THR E 454 -4.88 -19.60 3.85
CA THR E 454 -4.95 -20.50 5.01
C THR E 454 -5.73 -21.71 4.53
N VAL E 455 -5.02 -22.68 3.94
CA VAL E 455 -5.72 -23.81 3.32
C VAL E 455 -6.43 -24.60 4.42
N ALA E 456 -7.68 -25.00 4.14
CA ALA E 456 -8.59 -25.40 5.20
C ALA E 456 -9.17 -26.77 4.92
N PHE E 457 -10.10 -27.18 5.78
CA PHE E 457 -10.65 -28.52 5.75
C PHE E 457 -12.17 -28.47 5.71
N LYS E 458 -12.75 -29.15 4.72
CA LYS E 458 -14.18 -29.31 4.60
C LYS E 458 -14.50 -30.68 5.20
N LYS E 459 -15.71 -30.87 5.70
CA LYS E 459 -16.06 -32.12 6.35
C LYS E 459 -16.99 -32.94 5.49
N ALA E 460 -16.82 -34.26 5.53
CA ALA E 460 -17.70 -35.21 4.89
C ALA E 460 -17.95 -36.30 5.93
N VAL E 461 -18.97 -36.09 6.76
CA VAL E 461 -19.20 -36.88 7.96
C VAL E 461 -20.66 -37.31 8.03
N LEU E 462 -20.90 -38.36 8.81
CA LEU E 462 -22.26 -38.69 9.31
C LEU E 462 -22.41 -38.12 10.73
N SER E 463 -23.21 -37.06 10.89
CA SER E 463 -23.17 -36.29 12.12
C SER E 463 -24.56 -36.01 12.68
N LEU E 464 -24.60 -35.92 14.01
CA LEU E 464 -25.78 -35.47 14.74
C LEU E 464 -25.42 -34.32 15.64
N LYS E 465 -26.21 -33.25 15.59
CA LYS E 465 -25.98 -32.04 16.36
C LYS E 465 -27.30 -31.60 16.99
N VAL E 466 -27.36 -31.51 18.32
CA VAL E 466 -28.65 -31.31 18.95
C VAL E 466 -28.56 -30.42 20.19
N THR E 467 -29.65 -29.65 20.42
CA THR E 467 -29.92 -28.95 21.68
C THR E 467 -31.35 -29.22 22.15
N PRO E 468 -31.51 -29.88 23.30
CA PRO E 468 -32.85 -30.23 23.80
C PRO E 468 -33.41 -29.27 24.85
N GLN E 469 -34.71 -29.40 25.16
CA GLN E 469 -35.35 -28.61 26.20
C GLN E 469 -36.57 -29.37 26.72
N ILE E 470 -36.64 -29.55 28.03
CA ILE E 470 -37.71 -30.30 28.67
C ILE E 470 -38.79 -29.33 29.12
N THR E 471 -40.05 -29.66 28.83
CA THR E 471 -41.22 -28.87 29.16
C THR E 471 -42.06 -29.56 30.23
N PRO E 472 -43.05 -28.87 30.81
CA PRO E 472 -43.79 -29.47 31.94
C PRO E 472 -44.60 -30.71 31.58
N ASP E 473 -45.34 -30.69 30.49
CA ASP E 473 -46.25 -31.80 30.21
C ASP E 473 -45.59 -32.94 29.45
N ASN E 474 -44.42 -33.38 29.91
CA ASN E 474 -43.77 -34.60 29.42
C ASN E 474 -43.50 -34.53 27.91
N ARG E 475 -42.73 -33.53 27.50
CA ARG E 475 -42.49 -33.27 26.09
C ARG E 475 -41.13 -32.60 25.92
N LEU E 476 -40.58 -32.70 24.71
CA LEU E 476 -39.29 -32.13 24.37
C LEU E 476 -39.43 -31.22 23.16
N VAL E 477 -38.66 -30.13 23.17
CA VAL E 477 -38.46 -29.27 22.01
C VAL E 477 -37.02 -29.48 21.58
N LEU E 478 -36.82 -29.94 20.34
CA LEU E 478 -35.48 -30.27 19.85
C LEU E 478 -35.07 -29.34 18.73
N ASP E 479 -33.88 -28.74 18.84
CA ASP E 479 -33.21 -28.05 17.70
C ASP E 479 -32.22 -29.01 17.04
N LEU E 480 -32.51 -29.44 15.81
CA LEU E 480 -31.94 -30.68 15.24
C LEU E 480 -31.12 -30.35 14.00
N SER E 481 -29.90 -30.89 13.89
CA SER E 481 -29.21 -31.02 12.58
C SER E 481 -28.72 -32.46 12.39
N VAL E 482 -29.11 -33.11 11.30
CA VAL E 482 -28.63 -34.50 11.02
C VAL E 482 -28.10 -34.57 9.58
N THR E 483 -26.83 -34.96 9.38
CA THR E 483 -26.29 -35.02 8.03
C THR E 483 -25.61 -36.35 7.76
N GLN E 484 -25.46 -36.66 6.48
CA GLN E 484 -24.74 -37.84 6.03
C GLN E 484 -24.08 -37.56 4.68
N ASP E 485 -22.81 -37.14 4.69
CA ASP E 485 -22.08 -36.79 3.48
C ASP E 485 -20.98 -37.80 3.20
N ARG E 486 -20.53 -37.79 1.94
CA ARG E 486 -19.48 -38.69 1.48
C ARG E 486 -18.56 -37.95 0.52
N ARG E 487 -17.46 -38.58 0.16
CA ARG E 487 -16.51 -38.01 -0.78
C ARG E 487 -16.92 -38.45 -2.18
N GLY E 488 -17.01 -37.50 -3.10
CA GLY E 488 -17.45 -37.76 -4.44
C GLY E 488 -16.31 -37.80 -5.44
N GLU E 489 -16.65 -37.55 -6.70
CA GLU E 489 -15.67 -37.58 -7.77
C GLU E 489 -14.75 -36.39 -7.69
N THR E 490 -13.68 -36.43 -8.48
CA THR E 490 -12.71 -35.34 -8.55
C THR E 490 -12.94 -34.61 -9.86
N VAL E 491 -13.50 -33.41 -9.76
CA VAL E 491 -13.83 -32.56 -10.88
C VAL E 491 -12.63 -31.70 -11.26
N LYS E 492 -12.75 -31.00 -12.41
CA LYS E 492 -11.67 -30.14 -12.95
C LYS E 492 -11.96 -28.68 -12.58
N THR E 493 -10.96 -27.99 -12.00
CA THR E 493 -11.11 -26.57 -11.59
C THR E 493 -9.93 -25.76 -12.13
N GLY E 494 -10.20 -24.81 -13.03
CA GLY E 494 -9.12 -24.02 -13.67
C GLY E 494 -8.15 -24.90 -14.44
N THR E 495 -6.86 -24.80 -14.12
CA THR E 495 -5.83 -25.75 -14.66
C THR E 495 -5.63 -26.91 -13.69
N GLY E 496 -6.42 -26.95 -12.61
CA GLY E 496 -6.20 -27.94 -11.54
C GLY E 496 -7.37 -28.89 -11.38
N GLU E 497 -7.41 -29.61 -10.25
CA GLU E 497 -8.51 -30.49 -9.90
C GLU E 497 -8.79 -30.35 -8.42
N ALA E 498 -9.97 -30.81 -8.00
CA ALA E 498 -10.37 -30.78 -6.61
C ALA E 498 -11.42 -31.88 -6.40
N VAL E 499 -11.81 -32.09 -5.16
CA VAL E 499 -12.69 -33.18 -4.78
C VAL E 499 -14.07 -32.61 -4.47
N SER E 500 -15.12 -33.27 -4.96
CA SER E 500 -16.49 -32.87 -4.70
C SER E 500 -17.09 -33.76 -3.61
N ILE E 501 -18.23 -33.33 -3.07
CA ILE E 501 -18.86 -33.96 -1.93
C ILE E 501 -20.33 -34.24 -2.24
N ASP E 502 -20.82 -35.40 -1.83
CA ASP E 502 -22.23 -35.78 -1.97
C ASP E 502 -22.91 -35.72 -0.61
N THR E 503 -24.04 -35.01 -0.53
CA THR E 503 -24.63 -34.63 0.75
C THR E 503 -26.09 -35.07 0.88
N GLN E 504 -26.52 -35.23 2.14
CA GLN E 504 -27.91 -35.30 2.56
C GLN E 504 -28.02 -34.58 3.89
N ARG E 505 -28.94 -33.62 3.99
CA ARG E 505 -29.00 -32.77 5.17
C ARG E 505 -30.43 -32.46 5.52
N ILE E 506 -30.67 -32.34 6.83
CA ILE E 506 -31.96 -31.87 7.32
C ILE E 506 -31.73 -31.11 8.62
N GLY E 507 -32.38 -29.97 8.73
CA GLY E 507 -32.31 -29.13 9.90
C GLY E 507 -33.65 -28.57 10.28
N THR E 508 -34.06 -28.72 11.55
CA THR E 508 -35.41 -28.35 11.94
C THR E 508 -35.47 -28.00 13.42
N GLN E 509 -36.67 -27.62 13.84
CA GLN E 509 -37.06 -27.57 15.23
C GLN E 509 -38.38 -28.30 15.38
N VAL E 510 -38.44 -29.30 16.26
CA VAL E 510 -39.65 -30.09 16.42
C VAL E 510 -40.01 -30.22 17.90
N LEU E 511 -41.22 -30.74 18.13
CA LEU E 511 -41.81 -30.88 19.44
C LEU E 511 -42.39 -32.29 19.55
N VAL E 512 -41.83 -33.11 20.43
CA VAL E 512 -42.11 -34.55 20.42
C VAL E 512 -42.32 -35.05 21.85
N ASN E 513 -43.22 -36.02 22.01
CA ASN E 513 -43.50 -36.59 23.32
C ASN E 513 -42.28 -37.33 23.85
N ASN E 514 -42.33 -37.73 25.12
CA ASN E 514 -41.13 -38.15 25.83
C ASN E 514 -40.45 -39.34 25.18
N GLY E 515 -41.13 -40.46 25.02
CA GLY E 515 -40.40 -41.65 24.60
C GLY E 515 -40.87 -42.31 23.31
N GLU E 516 -41.26 -41.53 22.32
CA GLU E 516 -41.72 -42.09 21.05
C GLU E 516 -41.01 -41.44 19.86
N THR E 517 -41.23 -42.03 18.69
CA THR E 517 -40.53 -41.63 17.47
C THR E 517 -41.42 -40.77 16.58
N VAL E 518 -40.77 -39.86 15.85
CA VAL E 518 -41.43 -39.08 14.81
C VAL E 518 -40.54 -39.14 13.57
N VAL E 519 -41.14 -39.03 12.40
CA VAL E 519 -40.37 -38.93 11.17
C VAL E 519 -40.19 -37.45 10.83
N LEU E 520 -38.93 -37.04 10.69
CA LEU E 520 -38.61 -35.64 10.45
C LEU E 520 -38.81 -35.28 8.99
N GLY E 521 -38.42 -36.16 8.09
CA GLY E 521 -38.58 -35.92 6.67
C GLY E 521 -38.13 -37.13 5.88
N GLY E 522 -38.28 -37.01 4.57
CA GLY E 522 -37.87 -38.06 3.66
C GLY E 522 -37.91 -37.57 2.24
N ILE E 523 -37.36 -38.39 1.36
CA ILE E 523 -37.39 -38.11 -0.08
C ILE E 523 -37.75 -39.38 -0.82
N PHE E 524 -38.64 -39.27 -1.79
CA PHE E 524 -39.09 -40.39 -2.60
C PHE E 524 -38.78 -40.09 -4.06
N GLN E 525 -38.29 -41.10 -4.79
CA GLN E 525 -38.02 -40.90 -6.21
C GLN E 525 -38.42 -42.13 -7.02
N HIS E 526 -38.82 -41.89 -8.26
CA HIS E 526 -39.22 -42.94 -9.17
C HIS E 526 -38.88 -42.51 -10.59
N SER E 527 -38.52 -43.47 -11.45
CA SER E 527 -38.23 -43.12 -12.83
C SER E 527 -38.44 -44.30 -13.76
N ILE E 528 -38.83 -44.02 -15.00
CA ILE E 528 -39.14 -45.03 -16.01
C ILE E 528 -38.69 -44.52 -17.38
N ASN E 529 -37.97 -45.37 -18.12
CA ASN E 529 -37.53 -45.03 -19.48
C ASN E 529 -37.85 -46.15 -20.44
N ASN E 530 -38.26 -45.78 -21.65
CA ASN E 530 -38.52 -46.73 -22.71
C ASN E 530 -37.95 -46.19 -24.02
N SER E 531 -37.51 -47.09 -24.90
CA SER E 531 -36.98 -46.64 -26.18
C SER E 531 -37.05 -47.75 -27.20
N VAL E 532 -37.23 -47.38 -28.47
CA VAL E 532 -37.30 -48.32 -29.59
C VAL E 532 -36.61 -47.69 -30.79
N ASP E 533 -35.85 -48.48 -31.53
CA ASP E 533 -35.47 -48.05 -32.88
C ASP E 533 -35.69 -49.19 -33.85
N LYS E 534 -36.35 -48.91 -34.96
CA LYS E 534 -36.87 -49.98 -35.80
C LYS E 534 -36.78 -49.62 -37.27
N VAL E 535 -37.24 -50.53 -38.10
CA VAL E 535 -37.35 -50.29 -39.54
C VAL E 535 -38.73 -49.73 -39.85
N PRO E 536 -38.83 -48.66 -40.63
CA PRO E 536 -40.07 -47.86 -40.65
C PRO E 536 -41.39 -48.61 -40.75
N LEU E 537 -41.46 -49.71 -41.50
CA LEU E 537 -42.73 -50.41 -41.61
C LEU E 537 -42.72 -51.84 -41.09
N LEU E 538 -41.56 -52.50 -41.12
CA LEU E 538 -41.52 -53.90 -40.73
C LEU E 538 -41.47 -54.09 -39.23
N GLY E 539 -40.91 -53.13 -38.49
CA GLY E 539 -40.75 -53.29 -37.07
C GLY E 539 -42.05 -53.15 -36.30
N ASP E 540 -43.17 -53.31 -36.99
CA ASP E 540 -44.48 -53.22 -36.37
C ASP E 540 -45.34 -54.45 -36.66
N LEU E 541 -44.85 -55.41 -37.43
CA LEU E 541 -45.61 -56.61 -37.74
C LEU E 541 -45.86 -57.41 -36.47
N PRO E 542 -46.98 -58.12 -36.39
CA PRO E 542 -47.42 -58.68 -35.10
C PRO E 542 -46.42 -59.61 -34.44
N VAL E 543 -45.88 -60.60 -35.15
CA VAL E 543 -44.97 -61.55 -34.53
C VAL E 543 -43.58 -61.44 -35.14
N LEU E 544 -43.53 -61.14 -36.44
CA LEU E 544 -42.24 -61.01 -37.10
C LEU E 544 -41.51 -59.74 -36.74
N GLY E 545 -42.21 -58.74 -36.20
CA GLY E 545 -41.62 -57.43 -36.00
C GLY E 545 -40.37 -57.45 -35.15
N ALA E 546 -40.27 -58.40 -34.22
CA ALA E 546 -39.12 -58.50 -33.34
C ALA E 546 -37.83 -58.74 -34.08
N LEU E 547 -37.88 -59.04 -35.37
CA LEU E 547 -36.68 -59.20 -36.17
C LEU E 547 -36.17 -57.89 -36.73
N PHE E 548 -36.87 -56.78 -36.51
CA PHE E 548 -36.58 -55.51 -37.17
C PHE E 548 -36.50 -54.36 -36.19
N ARG E 549 -36.12 -54.59 -34.94
CA ARG E 549 -36.20 -53.52 -33.96
C ARG E 549 -35.32 -53.84 -32.77
N ARG E 550 -34.83 -52.79 -32.12
CA ARG E 550 -34.17 -52.90 -30.82
C ARG E 550 -35.02 -52.17 -29.79
N THR E 551 -35.17 -52.78 -28.63
CA THR E 551 -36.04 -52.32 -27.56
C THR E 551 -35.26 -52.21 -26.26
N TYR E 552 -35.49 -51.11 -25.53
CA TYR E 552 -34.77 -50.82 -24.29
C TYR E 552 -35.77 -50.36 -23.25
N GLU E 553 -35.61 -50.83 -22.01
CA GLU E 553 -36.53 -50.44 -20.94
C GLU E 553 -35.84 -50.45 -19.58
N GLN E 554 -36.08 -49.41 -18.79
CA GLN E 554 -35.39 -49.26 -17.52
C GLN E 554 -36.31 -48.64 -16.48
N MET E 555 -36.18 -49.05 -15.21
CA MET E 555 -36.99 -48.52 -14.12
C MET E 555 -36.20 -48.43 -12.81
N GLY E 556 -36.33 -47.34 -12.07
CA GLY E 556 -35.63 -47.16 -10.82
C GLY E 556 -36.53 -46.59 -9.74
N LYS E 557 -36.20 -46.90 -8.49
CA LYS E 557 -36.99 -46.41 -7.37
C LYS E 557 -36.11 -46.24 -6.14
N SER E 558 -36.32 -45.15 -5.39
CA SER E 558 -35.48 -44.84 -4.26
C SER E 558 -36.31 -44.20 -3.14
N GLU E 559 -35.89 -44.44 -1.90
CA GLU E 559 -36.63 -43.90 -0.77
C GLU E 559 -35.71 -43.67 0.42
N LEU E 560 -35.84 -42.48 1.03
CA LEU E 560 -35.02 -42.10 2.20
C LEU E 560 -35.94 -41.59 3.31
N LEU E 561 -35.66 -41.98 4.55
CA LEU E 561 -36.45 -41.55 5.71
C LEU E 561 -35.53 -41.23 6.88
N ILE E 562 -35.94 -40.25 7.70
CA ILE E 562 -35.19 -39.88 8.90
C ILE E 562 -36.11 -39.87 10.11
N PHE E 563 -35.74 -40.61 11.15
CA PHE E 563 -36.48 -40.71 12.41
C PHE E 563 -35.68 -40.13 13.56
N VAL E 564 -36.38 -39.75 14.63
CA VAL E 564 -35.72 -39.33 15.86
C VAL E 564 -36.59 -39.75 17.04
N THR E 565 -35.94 -40.10 18.15
CA THR E 565 -36.64 -40.48 19.37
C THR E 565 -35.86 -40.06 20.62
N PRO E 566 -36.39 -39.14 21.41
CA PRO E 566 -35.72 -38.74 22.65
C PRO E 566 -36.25 -39.52 23.85
N LYS E 567 -35.56 -39.35 24.98
CA LYS E 567 -35.88 -40.03 26.23
C LYS E 567 -35.21 -39.35 27.41
N VAL E 568 -35.95 -39.18 28.50
CA VAL E 568 -35.41 -38.55 29.71
C VAL E 568 -34.87 -39.65 30.62
N VAL E 569 -33.61 -39.52 31.00
CA VAL E 569 -32.98 -40.52 31.86
C VAL E 569 -33.50 -40.34 33.28
N ILE E 570 -34.22 -41.34 33.76
CA ILE E 570 -34.83 -41.31 35.08
C ILE E 570 -33.97 -41.96 36.15
N GLN E 571 -32.64 -41.93 36.05
CA GLN E 571 -31.74 -42.40 37.15
C GLN E 571 -32.10 -43.79 37.69
N SER F 160 -45.62 88.33 -7.58
CA SER F 160 -46.37 89.30 -6.80
C SER F 160 -46.41 88.89 -5.34
N ILE F 161 -45.36 88.21 -4.88
CA ILE F 161 -45.32 87.60 -3.56
C ILE F 161 -44.33 88.36 -2.69
N ASN F 162 -44.75 88.71 -1.48
CA ASN F 162 -43.85 89.26 -0.46
C ASN F 162 -44.47 88.89 0.89
N PHE F 163 -43.95 87.83 1.51
CA PHE F 163 -44.50 87.30 2.75
C PHE F 163 -43.42 87.32 3.82
N GLN F 164 -43.63 88.13 4.85
CA GLN F 164 -42.71 88.26 5.98
C GLN F 164 -43.39 87.68 7.21
N ASP F 165 -42.71 86.76 7.89
CA ASP F 165 -43.25 86.13 9.10
C ASP F 165 -44.62 85.51 8.81
N ILE F 166 -44.72 84.89 7.64
CA ILE F 166 -45.93 84.21 7.19
C ILE F 166 -45.69 82.71 7.30
N PRO F 167 -46.59 81.95 7.92
CA PRO F 167 -46.39 80.50 8.02
C PRO F 167 -46.34 79.86 6.65
N VAL F 168 -45.61 78.75 6.56
CA VAL F 168 -45.49 78.02 5.31
C VAL F 168 -46.86 77.56 4.83
N ARG F 169 -47.74 77.19 5.77
CA ARG F 169 -49.10 76.81 5.41
C ARG F 169 -49.82 77.94 4.69
N ASN F 170 -49.62 79.18 5.12
CA ASN F 170 -50.37 80.29 4.54
C ASN F 170 -49.87 80.63 3.14
N VAL F 171 -48.54 80.66 2.94
CA VAL F 171 -48.02 80.91 1.60
C VAL F 171 -48.37 79.76 0.66
N LEU F 172 -48.42 78.53 1.19
CA LEU F 172 -48.80 77.40 0.35
C LEU F 172 -50.27 77.47 -0.04
N GLN F 173 -51.13 77.90 0.90
CA GLN F 173 -52.53 78.08 0.55
C GLN F 173 -52.72 79.23 -0.43
N LEU F 174 -51.84 80.24 -0.36
CA LEU F 174 -51.88 81.30 -1.36
C LEU F 174 -51.51 80.76 -2.75
N ILE F 175 -50.41 80.02 -2.83
CA ILE F 175 -50.02 79.39 -4.09
C ILE F 175 -51.13 78.49 -4.61
N ALA F 176 -51.86 77.83 -3.71
CA ALA F 176 -53.00 77.01 -4.12
C ALA F 176 -54.11 77.88 -4.71
N ASP F 177 -54.61 78.85 -3.94
CA ASP F 177 -55.74 79.69 -4.33
C ASP F 177 -55.42 80.62 -5.50
N TYR F 178 -54.21 80.56 -6.05
CA TYR F 178 -53.80 81.43 -7.14
C TYR F 178 -54.07 80.81 -8.51
N ASN F 179 -55.09 79.96 -8.62
CA ASN F 179 -55.51 79.23 -9.82
C ASN F 179 -54.62 78.03 -10.10
N GLY F 180 -53.71 77.67 -9.19
CA GLY F 180 -52.98 76.44 -9.33
C GLY F 180 -53.78 75.24 -8.88
N PHE F 181 -53.22 74.05 -9.09
CA PHE F 181 -53.90 72.84 -8.68
C PHE F 181 -53.98 72.76 -7.16
N ASN F 182 -55.13 72.31 -6.66
CA ASN F 182 -55.39 72.31 -5.23
C ASN F 182 -54.32 71.52 -4.48
N LEU F 183 -53.89 72.05 -3.34
CA LEU F 183 -52.88 71.41 -2.52
C LEU F 183 -53.28 71.47 -1.06
N VAL F 184 -52.81 70.48 -0.30
CA VAL F 184 -53.10 70.35 1.12
C VAL F 184 -51.82 70.03 1.87
N VAL F 185 -51.81 70.36 3.16
CA VAL F 185 -50.65 70.16 4.01
C VAL F 185 -51.02 69.39 5.27
N SER F 186 -50.02 69.05 6.08
CA SER F 186 -50.24 68.34 7.33
C SER F 186 -50.62 69.33 8.44
N ASP F 187 -50.61 68.85 9.69
CA ASP F 187 -51.00 69.71 10.81
C ASP F 187 -49.91 70.72 11.12
N SER F 188 -48.74 70.26 11.52
CA SER F 188 -47.59 71.10 11.81
C SER F 188 -46.49 70.65 10.87
N VAL F 189 -46.45 71.24 9.67
CA VAL F 189 -45.61 70.72 8.60
C VAL F 189 -44.20 71.27 8.72
N VAL F 190 -44.04 72.57 8.51
CA VAL F 190 -42.72 73.18 8.45
C VAL F 190 -42.62 74.30 9.47
N GLY F 191 -43.50 75.29 9.35
CA GLY F 191 -43.50 76.43 10.25
C GLY F 191 -43.70 77.74 9.52
N ASN F 192 -42.74 78.66 9.69
CA ASN F 192 -42.85 80.03 9.21
C ASN F 192 -41.64 80.35 8.33
N LEU F 193 -41.76 81.43 7.54
CA LEU F 193 -40.65 81.91 6.74
C LEU F 193 -40.88 83.36 6.33
N THR F 194 -40.04 83.82 5.41
CA THR F 194 -40.08 85.20 4.91
C THR F 194 -39.26 85.28 3.63
N LEU F 195 -39.88 85.80 2.57
CA LEU F 195 -39.22 85.98 1.28
C LEU F 195 -40.13 86.78 0.37
N ARG F 196 -39.55 87.37 -0.67
CA ARG F 196 -40.27 88.20 -1.63
C ARG F 196 -39.72 87.97 -3.03
N LEU F 197 -40.62 87.63 -3.96
CA LEU F 197 -40.26 87.42 -5.35
C LEU F 197 -41.47 87.71 -6.23
N ASP F 198 -41.22 87.88 -7.52
CA ASP F 198 -42.28 88.20 -8.47
C ASP F 198 -41.80 87.94 -9.89
N GLY F 199 -42.75 87.74 -10.79
CA GLY F 199 -42.49 87.57 -12.21
C GLY F 199 -41.68 86.33 -12.56
N VAL F 200 -42.10 85.18 -12.07
CA VAL F 200 -41.33 83.95 -12.17
C VAL F 200 -42.28 82.76 -12.26
N PRO F 201 -41.85 81.59 -12.74
CA PRO F 201 -42.72 80.42 -12.73
C PRO F 201 -42.89 79.84 -11.33
N TRP F 202 -44.03 79.19 -11.12
CA TRP F 202 -44.27 78.49 -9.86
C TRP F 202 -43.29 77.34 -9.66
N GLN F 203 -42.81 76.75 -10.75
CA GLN F 203 -41.91 75.62 -10.65
C GLN F 203 -40.64 75.98 -9.89
N GLN F 204 -39.94 77.02 -10.36
CA GLN F 204 -38.66 77.38 -9.75
C GLN F 204 -38.83 77.83 -8.31
N VAL F 205 -39.80 78.71 -8.04
CA VAL F 205 -39.98 79.24 -6.70
C VAL F 205 -40.41 78.14 -5.74
N LEU F 206 -41.41 77.35 -6.14
CA LEU F 206 -41.87 76.25 -5.30
C LEU F 206 -40.74 75.29 -5.00
N ASP F 207 -39.96 74.91 -6.03
CA ASP F 207 -38.89 73.96 -5.81
C ASP F 207 -37.79 74.52 -4.92
N ILE F 208 -37.41 75.79 -5.12
CA ILE F 208 -36.35 76.33 -4.30
C ILE F 208 -36.79 76.45 -2.84
N ILE F 209 -38.08 76.76 -2.61
CA ILE F 209 -38.60 76.76 -1.25
C ILE F 209 -38.55 75.35 -0.67
N LEU F 210 -39.08 74.37 -1.39
CA LEU F 210 -39.15 73.01 -0.89
C LEU F 210 -37.77 72.38 -0.75
N GLN F 211 -36.75 72.94 -1.39
CA GLN F 211 -35.40 72.43 -1.24
C GLN F 211 -34.71 73.04 -0.03
N VAL F 212 -34.71 74.38 0.05
CA VAL F 212 -33.92 75.05 1.08
C VAL F 212 -34.47 74.75 2.46
N LYS F 213 -35.72 75.14 2.71
CA LYS F 213 -36.32 74.92 4.02
C LYS F 213 -37.58 74.07 3.90
N GLY F 214 -38.32 74.23 2.80
CA GLY F 214 -39.56 73.52 2.62
C GLY F 214 -39.37 72.01 2.60
N LEU F 215 -40.51 71.32 2.65
CA LEU F 215 -40.56 69.87 2.72
C LEU F 215 -40.83 69.26 1.35
N ASP F 216 -41.25 68.00 1.32
CA ASP F 216 -41.51 67.30 0.08
C ASP F 216 -43.01 67.25 -0.24
N LYS F 217 -43.31 66.92 -1.50
CA LYS F 217 -44.68 66.92 -2.00
C LYS F 217 -44.89 65.74 -2.94
N ARG F 218 -46.14 65.26 -2.97
CA ARG F 218 -46.56 64.18 -3.86
C ARG F 218 -47.87 64.54 -4.52
N VAL F 219 -48.04 64.10 -5.77
CA VAL F 219 -49.24 64.36 -6.54
C VAL F 219 -49.96 63.04 -6.82
N ASP F 220 -51.25 62.99 -6.48
CA ASP F 220 -52.07 61.81 -6.67
C ASP F 220 -52.67 61.75 -8.07
N GLY F 221 -52.28 62.65 -8.96
CA GLY F 221 -52.85 62.70 -10.29
C GLY F 221 -53.55 64.01 -10.57
N ASN F 222 -54.25 64.54 -9.57
CA ASN F 222 -54.95 65.81 -9.72
C ASN F 222 -54.49 66.87 -8.73
N VAL F 223 -54.42 66.54 -7.43
CA VAL F 223 -54.12 67.51 -6.41
C VAL F 223 -52.81 67.13 -5.72
N ILE F 224 -52.22 68.11 -5.03
CA ILE F 224 -50.89 67.99 -4.47
C ILE F 224 -50.98 67.97 -2.95
N LEU F 225 -50.13 67.17 -2.32
CA LEU F 225 -50.04 67.08 -0.87
C LEU F 225 -48.60 67.36 -0.46
N ILE F 226 -48.43 68.04 0.68
CA ILE F 226 -47.11 68.39 1.18
C ILE F 226 -46.92 67.77 2.56
N ALA F 227 -45.70 67.38 2.86
CA ALA F 227 -45.36 66.79 4.14
C ALA F 227 -43.84 66.75 4.28
N PRO F 228 -43.33 66.62 5.50
CA PRO F 228 -41.89 66.42 5.67
C PRO F 228 -41.44 65.08 5.11
N LYS F 229 -40.16 65.02 4.71
CA LYS F 229 -39.62 63.80 4.15
C LYS F 229 -39.59 62.67 5.16
N GLU F 230 -39.50 62.99 6.45
CA GLU F 230 -39.44 61.96 7.48
C GLU F 230 -40.70 61.10 7.48
N GLU F 231 -41.87 61.73 7.47
CA GLU F 231 -43.11 60.95 7.44
C GLU F 231 -43.26 60.16 6.15
N LEU F 232 -42.82 60.73 5.02
CA LEU F 232 -42.93 60.01 3.75
C LEU F 232 -42.06 58.76 3.75
N ASP F 233 -40.81 58.90 4.17
CA ASP F 233 -39.91 57.74 4.24
C ASP F 233 -40.39 56.74 5.27
N LEU F 234 -40.96 57.21 6.38
CA LEU F 234 -41.51 56.28 7.38
C LEU F 234 -42.67 55.49 6.81
N ARG F 235 -43.57 56.17 6.08
CA ARG F 235 -44.70 55.48 5.48
C ARG F 235 -44.23 54.46 4.45
N GLU F 236 -43.22 54.82 3.65
CA GLU F 236 -42.69 53.88 2.67
C GLU F 236 -42.07 52.65 3.35
N LYS F 237 -41.28 52.87 4.39
CA LYS F 237 -40.68 51.75 5.11
C LYS F 237 -41.74 50.87 5.75
N GLN F 238 -42.79 51.48 6.30
CA GLN F 238 -43.89 50.70 6.87
C GLN F 238 -44.55 49.82 5.81
N ALA F 239 -44.82 50.41 4.63
CA ALA F 239 -45.48 49.65 3.57
C ALA F 239 -44.60 48.50 3.09
N LEU F 240 -43.30 48.76 2.92
CA LEU F 240 -42.38 47.71 2.49
C LEU F 240 -42.30 46.59 3.51
N GLU F 241 -42.18 46.94 4.80
CA GLU F 241 -42.10 45.90 5.82
C GLU F 241 -43.39 45.10 5.88
N LYS F 242 -44.53 45.75 5.73
CA LYS F 242 -45.80 45.02 5.71
C LYS F 242 -45.85 44.04 4.55
N ALA F 243 -45.46 44.49 3.36
CA ALA F 243 -45.46 43.60 2.20
C ALA F 243 -44.53 42.41 2.41
N ARG F 244 -43.30 42.68 2.89
CA ARG F 244 -42.33 41.60 3.07
C ARG F 244 -42.78 40.60 4.12
N LEU F 245 -43.36 41.07 5.22
CA LEU F 245 -43.78 40.15 6.27
C LEU F 245 -45.03 39.38 5.84
N ALA F 246 -45.95 40.02 5.12
CA ALA F 246 -47.14 39.32 4.66
C ALA F 246 -46.78 38.26 3.62
N GLU F 247 -45.79 38.55 2.77
CA GLU F 247 -45.36 37.54 1.81
C GLU F 247 -44.50 36.48 2.48
N GLU F 248 -43.92 36.78 3.64
CA GLU F 248 -43.19 35.75 4.38
C GLU F 248 -44.15 34.79 5.06
N LEU F 249 -44.95 35.28 6.00
CA LEU F 249 -45.83 34.42 6.80
C LEU F 249 -47.25 34.50 6.24
N GLY F 250 -47.51 33.66 5.25
CA GLY F 250 -48.82 33.49 4.67
C GLY F 250 -49.33 32.06 4.81
N ASP F 251 -50.59 31.89 4.44
CA ASP F 251 -51.21 30.57 4.42
C ASP F 251 -50.96 29.92 3.06
N LEU F 252 -50.40 28.73 3.07
CA LEU F 252 -49.98 28.07 1.83
C LEU F 252 -51.14 27.26 1.24
N LYS F 253 -51.06 27.06 -0.07
CA LYS F 253 -52.03 26.26 -0.80
C LYS F 253 -51.30 25.24 -1.65
N SER F 254 -51.92 24.08 -1.85
CA SER F 254 -51.32 22.96 -2.56
C SER F 254 -52.24 22.52 -3.70
N GLU F 255 -51.67 22.35 -4.90
CA GLU F 255 -52.46 21.92 -6.04
C GLU F 255 -51.55 21.40 -7.15
N ILE F 256 -52.15 20.86 -8.20
CA ILE F 256 -51.44 20.15 -9.26
C ILE F 256 -51.60 20.87 -10.58
N ILE F 257 -50.52 20.93 -11.35
CA ILE F 257 -50.45 21.56 -12.65
C ILE F 257 -50.16 20.50 -13.70
N LYS F 258 -51.03 20.38 -14.69
CA LYS F 258 -50.85 19.38 -15.74
C LYS F 258 -50.05 19.97 -16.88
N ILE F 259 -49.06 19.20 -17.36
CA ILE F 259 -48.12 19.64 -18.38
C ILE F 259 -48.33 18.80 -19.63
N ASN F 260 -48.34 19.44 -20.79
CA ASN F 260 -48.35 18.76 -22.07
C ASN F 260 -47.33 19.41 -22.98
N PHE F 261 -46.75 18.61 -23.87
CA PHE F 261 -45.73 18.94 -24.86
C PHE F 261 -44.33 19.07 -24.27
N ALA F 262 -44.16 19.01 -22.96
CA ALA F 262 -42.83 19.10 -22.37
C ALA F 262 -42.75 18.12 -21.21
N LYS F 263 -41.53 17.73 -20.86
CA LYS F 263 -41.35 16.84 -19.72
C LYS F 263 -41.47 17.63 -18.43
N ALA F 264 -42.18 17.06 -17.47
CA ALA F 264 -42.38 17.74 -16.20
C ALA F 264 -41.11 17.79 -15.36
N SER F 265 -40.20 16.84 -15.56
CA SER F 265 -38.97 16.84 -14.77
C SER F 265 -38.08 18.01 -15.14
N ASP F 266 -37.97 18.31 -16.43
CA ASP F 266 -37.20 19.47 -16.86
C ASP F 266 -37.78 20.77 -16.31
N ILE F 267 -39.11 20.90 -16.34
CA ILE F 267 -39.75 22.12 -15.86
C ILE F 267 -39.59 22.25 -14.35
N ALA F 268 -39.70 21.14 -13.62
CA ALA F 268 -39.48 21.20 -12.18
C ALA F 268 -38.03 21.54 -11.86
N ALA F 269 -37.09 21.16 -12.72
CA ALA F 269 -35.70 21.51 -12.47
C ALA F 269 -35.42 22.97 -12.81
N MET F 270 -36.19 23.53 -13.73
CA MET F 270 -36.00 24.95 -14.05
C MET F 270 -36.67 25.87 -13.04
N ILE F 271 -37.88 25.54 -12.60
CA ILE F 271 -38.62 26.45 -11.71
C ILE F 271 -38.05 26.40 -10.31
N GLY F 272 -37.78 25.21 -9.80
CA GLY F 272 -37.14 25.09 -8.51
C GLY F 272 -35.65 24.92 -8.64
N GLY F 273 -35.11 23.84 -8.08
CA GLY F 273 -33.72 23.49 -8.34
C GLY F 273 -32.78 23.63 -7.17
N GLU F 274 -31.49 23.80 -7.46
CA GLU F 274 -30.47 23.83 -6.43
C GLU F 274 -30.52 25.14 -5.66
N GLY F 275 -30.60 25.03 -4.33
CA GLY F 275 -30.61 26.20 -3.46
C GLY F 275 -31.85 27.05 -3.59
N ASN F 276 -32.11 27.89 -2.59
CA ASN F 276 -33.29 28.74 -2.59
C ASN F 276 -33.07 30.08 -3.27
N VAL F 277 -31.83 30.48 -3.50
CA VAL F 277 -31.57 31.76 -4.15
C VAL F 277 -32.03 31.69 -5.61
N ASN F 278 -31.77 30.56 -6.27
CA ASN F 278 -32.22 30.41 -7.65
C ASN F 278 -33.72 30.19 -7.73
N MET F 279 -34.27 29.41 -6.80
CA MET F 279 -35.67 29.04 -6.84
C MET F 279 -36.57 30.26 -6.94
N LEU F 280 -37.64 30.13 -7.72
CA LEU F 280 -38.67 31.15 -7.76
C LEU F 280 -39.71 30.85 -6.68
N SER F 281 -39.26 30.63 -5.46
CA SER F 281 -40.15 30.26 -4.36
C SER F 281 -39.58 30.85 -3.06
N GLU F 282 -40.41 30.82 -2.01
CA GLU F 282 -40.05 31.41 -0.73
C GLU F 282 -39.99 30.38 0.40
N ARG F 283 -41.12 29.73 0.69
CA ARG F 283 -41.12 28.58 1.63
C ARG F 283 -42.14 27.53 1.14
N GLY F 284 -42.28 27.39 -0.18
CA GLY F 284 -42.74 26.13 -0.80
C GLY F 284 -41.75 25.72 -1.87
N SER F 285 -42.18 24.86 -2.80
CA SER F 285 -41.71 23.48 -3.08
C SER F 285 -42.47 22.91 -4.28
N ILE F 286 -41.76 22.27 -5.21
CA ILE F 286 -42.39 21.51 -6.33
C ILE F 286 -42.13 20.01 -6.11
N SER F 287 -43.06 19.16 -6.55
CA SER F 287 -42.79 17.74 -6.70
C SER F 287 -43.27 17.26 -8.06
N ILE F 288 -42.70 16.15 -8.51
CA ILE F 288 -43.02 15.59 -9.82
C ILE F 288 -43.86 14.34 -9.63
N ASP F 289 -44.83 14.15 -10.52
CA ASP F 289 -45.58 12.90 -10.66
C ASP F 289 -45.37 12.43 -12.09
N GLU F 290 -44.51 11.43 -12.25
CA GLU F 290 -44.07 10.97 -13.56
C GLU F 290 -45.11 10.13 -14.26
N ARG F 291 -45.96 9.42 -13.52
CA ARG F 291 -46.93 8.53 -14.14
C ARG F 291 -47.86 9.29 -15.07
N THR F 292 -48.28 10.49 -14.65
CA THR F 292 -49.26 11.28 -15.40
C THR F 292 -48.69 12.59 -15.91
N ASN F 293 -47.37 12.80 -15.81
CA ASN F 293 -46.70 14.01 -16.32
C ASN F 293 -47.30 15.27 -15.68
N SER F 294 -47.14 15.39 -14.37
CA SER F 294 -47.75 16.49 -13.64
C SER F 294 -46.82 17.03 -12.57
N LEU F 295 -47.06 18.29 -12.21
CA LEU F 295 -46.37 18.93 -11.10
C LEU F 295 -47.33 19.11 -9.93
N LEU F 296 -46.78 19.08 -8.72
CA LEU F 296 -47.55 19.25 -7.50
C LEU F 296 -46.86 20.32 -6.67
N ILE F 297 -47.48 21.50 -6.56
CA ILE F 297 -46.82 22.67 -6.00
C ILE F 297 -47.56 23.12 -4.73
N ARG F 298 -46.79 23.61 -3.75
CA ARG F 298 -47.31 24.12 -2.49
C ARG F 298 -46.66 25.47 -2.21
N GLU F 299 -47.44 26.54 -2.34
CA GLU F 299 -46.89 27.89 -2.21
C GLU F 299 -48.02 28.88 -1.93
N LEU F 300 -47.66 30.15 -1.95
CA LEU F 300 -48.63 31.21 -1.70
C LEU F 300 -49.57 31.34 -2.89
N PRO F 301 -50.88 31.51 -2.66
CA PRO F 301 -51.83 31.52 -3.77
C PRO F 301 -51.66 32.68 -4.74
N ASP F 302 -50.64 33.49 -4.53
CA ASP F 302 -50.34 34.60 -5.43
C ASP F 302 -49.20 34.27 -6.38
N ASN F 303 -48.28 33.44 -5.92
CA ASN F 303 -47.16 33.01 -6.73
C ASN F 303 -47.60 31.87 -7.65
N ILE F 304 -48.67 31.17 -7.27
CA ILE F 304 -49.19 30.09 -8.10
C ILE F 304 -49.67 30.65 -9.44
N ALA F 305 -50.24 31.85 -9.44
CA ALA F 305 -50.79 32.40 -10.67
C ALA F 305 -49.69 32.81 -11.65
N VAL F 306 -48.62 33.42 -11.16
CA VAL F 306 -47.54 33.82 -12.06
C VAL F 306 -46.79 32.59 -12.57
N ILE F 307 -46.52 31.63 -11.68
CA ILE F 307 -45.90 30.38 -12.10
C ILE F 307 -46.75 29.70 -13.16
N ARG F 308 -48.07 29.66 -12.95
CA ARG F 308 -48.97 29.02 -13.90
C ARG F 308 -48.94 29.72 -15.24
N GLU F 309 -48.90 31.05 -15.24
CA GLU F 309 -48.89 31.79 -16.50
C GLU F 309 -47.59 31.56 -17.26
N ILE F 310 -46.46 31.57 -16.56
CA ILE F 310 -45.17 31.34 -17.20
C ILE F 310 -45.10 29.94 -17.80
N ILE F 311 -45.38 28.91 -16.98
CA ILE F 311 -45.24 27.56 -17.50
C ILE F 311 -46.36 27.17 -18.45
N GLU F 312 -47.40 27.99 -18.56
CA GLU F 312 -48.32 27.83 -19.67
C GLU F 312 -47.80 28.51 -20.92
N SER F 313 -46.96 29.53 -20.76
CA SER F 313 -46.30 30.15 -21.90
C SER F 313 -45.13 29.33 -22.43
N LEU F 314 -44.57 28.42 -21.65
CA LEU F 314 -43.39 27.69 -22.09
C LEU F 314 -43.73 26.46 -22.94
N ASP F 315 -44.57 25.57 -22.42
CA ASP F 315 -44.75 24.27 -23.08
C ASP F 315 -45.55 24.43 -24.36
N ILE F 316 -44.84 24.40 -25.50
CA ILE F 316 -45.43 24.49 -26.83
C ILE F 316 -44.76 23.49 -27.74
N PRO F 317 -45.43 23.09 -28.81
CA PRO F 317 -44.78 22.20 -29.79
C PRO F 317 -43.64 22.89 -30.52
N VAL F 318 -42.60 22.12 -30.81
CA VAL F 318 -41.40 22.64 -31.45
C VAL F 318 -41.33 22.13 -32.88
N LYS F 319 -40.35 22.66 -33.61
CA LYS F 319 -40.11 22.34 -35.01
C LYS F 319 -39.19 21.13 -35.14
N GLN F 320 -39.12 20.58 -36.35
CA GLN F 320 -38.26 19.45 -36.66
C GLN F 320 -37.43 19.76 -37.88
N VAL F 321 -36.19 19.29 -37.88
CA VAL F 321 -35.21 19.57 -38.93
C VAL F 321 -34.70 18.26 -39.49
N GLN F 322 -34.39 18.27 -40.78
CA GLN F 322 -33.82 17.14 -41.50
C GLN F 322 -32.45 17.54 -42.01
N ILE F 323 -31.43 16.78 -41.65
CA ILE F 323 -30.04 17.10 -41.98
C ILE F 323 -29.43 16.00 -42.83
N GLU F 324 -28.78 16.38 -43.93
CA GLU F 324 -28.19 15.41 -44.82
C GLU F 324 -26.77 15.77 -45.26
N ALA F 325 -25.82 14.92 -44.89
CA ALA F 325 -24.43 15.10 -45.25
C ALA F 325 -24.09 14.31 -46.51
N ARG F 326 -23.04 14.73 -47.19
CA ARG F 326 -22.64 14.05 -48.43
C ARG F 326 -21.13 14.09 -48.59
N ILE F 327 -20.50 12.92 -48.64
CA ILE F 327 -19.05 12.80 -48.74
C ILE F 327 -18.74 12.21 -50.11
N VAL F 328 -17.91 12.91 -50.89
CA VAL F 328 -17.59 12.49 -52.24
C VAL F 328 -16.08 12.41 -52.40
N THR F 329 -15.59 11.35 -53.05
CA THR F 329 -14.16 11.28 -53.33
C THR F 329 -13.90 10.71 -54.71
N VAL F 330 -12.86 11.25 -55.37
CA VAL F 330 -12.49 10.88 -56.73
C VAL F 330 -10.99 10.66 -56.80
N LYS F 331 -10.57 9.61 -57.49
CA LYS F 331 -9.15 9.27 -57.60
C LYS F 331 -8.79 8.94 -59.03
N GLU F 332 -7.58 9.30 -59.46
CA GLU F 332 -7.03 8.93 -60.75
C GLU F 332 -5.55 8.63 -60.65
N GLY F 333 -5.07 7.74 -61.53
CA GLY F 333 -3.66 7.39 -61.55
C GLY F 333 -3.13 6.89 -62.88
N ASN F 334 -1.85 7.17 -63.17
CA ASN F 334 -1.20 6.74 -64.41
C ASN F 334 0.23 6.31 -64.14
N LEU F 335 0.70 5.31 -64.89
CA LEU F 335 2.06 4.79 -64.71
C LEU F 335 2.59 4.29 -66.04
N GLU F 336 3.91 4.47 -66.27
CA GLU F 336 4.55 3.98 -67.48
C GLU F 336 6.03 3.68 -67.26
N GLU F 337 6.50 2.56 -67.78
CA GLU F 337 7.89 2.15 -67.64
C GLU F 337 8.47 1.47 -68.89
N LEU F 338 9.70 1.82 -69.24
CA LEU F 338 10.41 1.27 -70.38
C LEU F 338 11.79 0.75 -69.97
N GLY F 339 12.18 -0.41 -70.49
CA GLY F 339 13.46 -0.98 -70.10
C GLY F 339 14.08 -1.83 -71.19
N VAL F 340 15.40 -2.01 -71.10
CA VAL F 340 16.18 -2.68 -72.15
C VAL F 340 17.25 -3.56 -71.54
N ARG F 341 17.47 -4.72 -72.17
CA ARG F 341 18.43 -5.69 -71.68
C ARG F 341 19.18 -6.26 -72.88
N TRP F 342 20.47 -5.97 -73.02
CA TRP F 342 21.18 -6.55 -74.16
C TRP F 342 22.59 -6.96 -73.79
N GLY F 343 23.14 -7.86 -74.61
CA GLY F 343 24.46 -8.41 -74.36
C GLY F 343 25.13 -8.88 -75.64
N VAL F 344 26.46 -8.95 -75.59
CA VAL F 344 27.27 -9.40 -76.71
C VAL F 344 28.34 -10.36 -76.21
N MET F 345 28.86 -11.16 -77.14
CA MET F 345 29.88 -12.13 -76.77
C MET F 345 30.62 -12.55 -78.03
N SER F 346 31.91 -12.24 -78.13
CA SER F 346 32.61 -12.52 -79.37
C SER F 346 34.05 -12.92 -79.08
N THR F 347 34.61 -13.70 -80.00
CA THR F 347 36.00 -14.15 -79.90
C THR F 347 36.64 -14.06 -81.27
N ASN F 348 37.96 -13.97 -81.29
CA ASN F 348 38.69 -13.75 -82.53
C ASN F 348 39.91 -14.64 -82.69
N GLY F 349 40.29 -15.38 -81.66
CA GLY F 349 41.60 -15.99 -81.63
C GLY F 349 42.54 -15.10 -80.84
N SER F 350 42.78 -15.47 -79.58
CA SER F 350 43.61 -14.68 -78.66
C SER F 350 43.02 -13.30 -78.38
N HIS F 351 41.80 -13.02 -78.85
CA HIS F 351 41.13 -11.76 -78.59
C HIS F 351 39.66 -12.03 -78.33
N SER F 352 39.10 -11.37 -77.33
CA SER F 352 37.71 -11.60 -76.95
C SER F 352 37.05 -10.29 -76.55
N VAL F 353 35.72 -10.31 -76.52
CA VAL F 353 34.92 -9.19 -76.06
C VAL F 353 33.67 -9.71 -75.39
N GLY F 354 33.37 -9.17 -74.21
CA GLY F 354 32.26 -9.66 -73.43
C GLY F 354 31.67 -8.56 -72.58
N GLY F 355 30.99 -8.95 -71.51
CA GLY F 355 30.30 -8.02 -70.65
C GLY F 355 30.79 -8.12 -69.21
N SER F 356 31.91 -8.81 -69.02
CA SER F 356 32.52 -8.95 -67.70
C SER F 356 33.81 -9.74 -67.85
N ILE F 357 34.54 -9.91 -66.75
CA ILE F 357 35.76 -10.69 -66.73
C ILE F 357 35.48 -12.18 -66.62
N GLU F 358 34.45 -12.55 -65.85
CA GLU F 358 34.07 -13.95 -65.78
C GLU F 358 33.50 -14.44 -67.11
N SER F 359 32.91 -13.53 -67.89
CA SER F 359 32.44 -13.89 -69.21
C SER F 359 33.60 -14.27 -70.12
N ASN F 360 34.65 -13.45 -70.16
CA ASN F 360 35.80 -13.75 -71.01
C ASN F 360 36.54 -14.98 -70.51
N LEU F 361 36.54 -15.22 -69.20
CA LEU F 361 37.19 -16.42 -68.70
C LEU F 361 36.38 -17.67 -69.00
N TRP F 362 35.06 -17.51 -69.22
CA TRP F 362 34.25 -18.67 -69.55
C TRP F 362 34.39 -19.06 -71.02
N GLN F 363 34.41 -18.09 -71.93
CA GLN F 363 34.54 -18.41 -73.34
C GLN F 363 36.00 -18.73 -73.64
N LYS F 364 36.53 -19.66 -72.86
CA LYS F 364 37.87 -20.21 -72.95
C LYS F 364 37.83 -21.48 -72.10
N GLY F 365 39.00 -22.00 -71.74
CA GLY F 365 38.96 -23.14 -70.85
C GLY F 365 39.17 -22.84 -69.38
N LEU F 366 39.17 -21.57 -68.97
CA LEU F 366 39.74 -21.21 -67.69
C LEU F 366 38.80 -21.49 -66.53
N LEU F 367 37.55 -21.06 -66.62
CA LEU F 367 36.62 -21.31 -65.53
C LEU F 367 36.21 -22.77 -65.48
N ALA F 368 35.90 -23.25 -64.28
CA ALA F 368 35.53 -24.65 -64.12
C ALA F 368 34.07 -24.90 -64.46
N ASP F 369 33.16 -24.29 -63.70
CA ASP F 369 31.73 -24.56 -63.87
C ASP F 369 31.23 -23.86 -65.13
N ASP F 370 30.63 -24.63 -66.04
CA ASP F 370 30.21 -24.10 -67.34
C ASP F 370 28.86 -24.69 -67.73
N GLU F 371 27.78 -23.97 -67.42
CA GLU F 371 26.52 -24.19 -68.11
C GLU F 371 26.11 -22.96 -68.91
N PHE F 372 25.91 -21.82 -68.27
CA PHE F 372 25.96 -20.52 -68.90
C PHE F 372 25.95 -19.43 -67.83
N PRO F 373 26.88 -18.49 -67.87
CA PRO F 373 26.79 -17.34 -66.96
C PRO F 373 25.76 -16.33 -67.44
N VAL F 374 24.48 -16.57 -67.13
CA VAL F 374 23.40 -15.74 -67.69
C VAL F 374 23.50 -14.31 -67.17
N ASP F 375 24.03 -14.14 -65.95
CA ASP F 375 24.16 -12.83 -65.35
C ASP F 375 25.47 -12.13 -65.73
N GLU F 376 26.56 -12.89 -65.86
CA GLU F 376 27.80 -12.30 -66.33
C GLU F 376 27.79 -12.02 -67.82
N PHE F 377 26.81 -12.58 -68.54
CA PHE F 377 26.75 -12.40 -69.98
C PHE F 377 26.36 -10.99 -70.36
N LEU F 378 25.39 -10.40 -69.66
CA LEU F 378 24.72 -9.19 -70.14
C LEU F 378 25.59 -7.96 -69.98
N ASN F 379 25.59 -7.11 -71.00
CA ASN F 379 26.29 -5.83 -70.94
C ASN F 379 25.43 -4.77 -70.25
N VAL F 380 24.23 -4.55 -70.76
CA VAL F 380 23.32 -3.55 -70.23
C VAL F 380 22.10 -4.28 -69.68
N ASN F 381 21.80 -4.06 -68.41
CA ASN F 381 20.74 -4.78 -67.70
C ASN F 381 19.82 -3.78 -67.01
N LEU F 382 18.84 -3.25 -67.75
CA LEU F 382 17.94 -2.20 -67.27
C LEU F 382 16.51 -2.58 -67.56
N ALA F 383 16.12 -3.79 -67.18
CA ALA F 383 14.79 -4.30 -67.50
C ALA F 383 13.72 -3.59 -66.69
N SER F 384 12.57 -3.40 -67.32
CA SER F 384 11.40 -2.87 -66.63
C SER F 384 10.97 -3.81 -65.52
N THR F 385 11.01 -3.33 -64.29
CA THR F 385 10.79 -4.14 -63.10
C THR F 385 9.35 -4.02 -62.65
N SER F 386 8.53 -4.98 -63.05
CA SER F 386 7.12 -5.02 -62.68
C SER F 386 6.66 -6.46 -62.87
N ALA F 387 5.39 -6.71 -62.54
CA ALA F 387 4.82 -8.04 -62.69
C ALA F 387 3.97 -8.19 -63.95
N ASN F 388 3.57 -7.08 -64.57
CA ASN F 388 2.74 -7.10 -65.77
C ASN F 388 3.46 -6.56 -66.98
N ALA F 389 4.78 -6.50 -66.95
CA ALA F 389 5.53 -5.93 -68.07
C ALA F 389 5.64 -6.93 -69.20
N SER F 390 5.52 -6.43 -70.43
CA SER F 390 5.58 -7.26 -71.63
C SER F 390 6.88 -7.00 -72.38
N SER F 391 7.44 -8.04 -72.97
CA SER F 391 8.78 -7.97 -73.56
C SER F 391 8.79 -8.59 -74.95
N ILE F 392 9.92 -8.44 -75.61
CA ILE F 392 10.20 -9.16 -76.86
C ILE F 392 11.71 -9.14 -77.09
N ALA F 393 12.23 -10.28 -77.55
CA ALA F 393 13.68 -10.47 -77.65
C ALA F 393 14.24 -11.14 -78.89
N PHE F 394 15.28 -10.53 -79.46
CA PHE F 394 15.89 -10.96 -80.71
C PHE F 394 17.31 -11.46 -80.45
N GLN F 395 17.79 -12.34 -81.33
CA GLN F 395 19.06 -13.00 -81.13
C GLN F 395 19.77 -13.20 -82.46
N VAL F 396 21.10 -13.25 -82.40
CA VAL F 396 21.92 -13.68 -83.53
C VAL F 396 23.05 -14.53 -82.96
N ALA F 397 22.98 -15.84 -83.20
CA ALA F 397 23.94 -16.77 -82.63
C ALA F 397 24.55 -17.59 -83.75
N LYS F 398 25.87 -17.49 -83.92
CA LYS F 398 26.60 -18.28 -84.91
C LYS F 398 27.16 -19.57 -84.34
N LEU F 399 27.98 -19.47 -83.30
CA LEU F 399 28.65 -20.58 -82.62
C LEU F 399 29.68 -21.26 -83.49
N GLY F 400 29.81 -20.86 -84.75
CA GLY F 400 30.88 -21.34 -85.61
C GLY F 400 32.06 -20.40 -85.51
N SER F 401 31.81 -19.10 -85.71
CA SER F 401 32.81 -18.09 -85.41
C SER F 401 32.77 -17.63 -83.96
N GLY F 402 31.76 -18.04 -83.20
CA GLY F 402 31.64 -17.74 -81.79
C GLY F 402 30.68 -16.63 -81.46
N THR F 403 30.45 -15.69 -82.37
CA THR F 403 29.69 -14.48 -82.07
C THR F 403 28.29 -14.81 -81.58
N LEU F 404 27.83 -14.05 -80.58
CA LEU F 404 26.47 -14.12 -80.08
C LEU F 404 26.04 -12.72 -79.69
N LEU F 405 24.80 -12.37 -79.99
CA LEU F 405 24.29 -11.08 -79.53
C LEU F 405 22.79 -11.17 -79.26
N ASP F 406 22.36 -10.61 -78.13
CA ASP F 406 20.99 -10.66 -77.66
C ASP F 406 20.47 -9.26 -77.35
N LEU F 407 19.18 -9.03 -77.64
CA LEU F 407 18.55 -7.75 -77.37
C LEU F 407 17.09 -7.92 -76.99
N GLU F 408 16.69 -7.48 -75.80
CA GLU F 408 15.32 -7.58 -75.33
C GLU F 408 14.79 -6.22 -74.90
N LEU F 409 13.53 -5.91 -75.29
CA LEU F 409 12.82 -4.70 -74.88
C LEU F 409 11.66 -5.08 -73.98
N SER F 410 11.35 -4.23 -73.04
CA SER F 410 10.20 -4.48 -72.18
C SER F 410 9.52 -3.17 -71.82
N ALA F 411 8.22 -3.25 -71.54
CA ALA F 411 7.41 -2.05 -71.38
C ALA F 411 6.22 -2.35 -70.47
N LEU F 412 5.60 -1.28 -69.97
CA LEU F 412 4.36 -1.38 -69.21
C LEU F 412 3.70 -0.02 -69.16
N GLN F 413 2.36 0.02 -69.18
CA GLN F 413 1.61 1.28 -69.07
C GLN F 413 0.19 1.05 -68.51
N ASN F 414 -0.11 1.52 -67.30
CA ASN F 414 -1.45 1.31 -66.79
C ASN F 414 -2.05 2.58 -66.22
N GLU F 415 -3.31 2.49 -65.83
CA GLU F 415 -4.17 3.65 -65.62
C GLU F 415 -5.39 3.24 -64.80
N SER F 416 -5.87 4.14 -63.96
CA SER F 416 -6.93 3.75 -63.02
C SER F 416 -7.77 4.95 -62.61
N LYS F 417 -9.01 4.67 -62.23
CA LYS F 417 -9.99 5.66 -61.79
C LYS F 417 -10.84 5.08 -60.67
N ALA F 418 -11.39 5.95 -59.83
CA ALA F 418 -12.30 5.49 -58.78
C ALA F 418 -13.15 6.66 -58.30
N GLU F 419 -14.33 6.34 -57.78
CA GLU F 419 -15.24 7.35 -57.26
C GLU F 419 -16.20 6.76 -56.24
N ILE F 420 -16.30 7.40 -55.08
CA ILE F 420 -17.16 6.92 -54.00
C ILE F 420 -18.05 8.05 -53.50
N ILE F 421 -19.28 7.72 -53.16
CA ILE F 421 -20.27 8.65 -52.63
C ILE F 421 -20.96 8.03 -51.42
N SER F 422 -21.09 8.79 -50.33
CA SER F 422 -21.86 8.32 -49.19
C SER F 422 -22.64 9.47 -48.58
N SER F 423 -23.89 9.22 -48.20
CA SER F 423 -24.74 10.28 -47.66
C SER F 423 -25.66 9.75 -46.57
N PRO F 424 -25.36 10.05 -45.29
CA PRO F 424 -26.33 9.79 -44.22
C PRO F 424 -27.35 10.92 -44.02
N ARG F 425 -28.49 10.61 -43.40
CA ARG F 425 -29.53 11.60 -43.12
C ARG F 425 -30.06 11.38 -41.72
N LEU F 426 -30.69 12.43 -41.18
CA LEU F 426 -31.33 12.36 -39.88
C LEU F 426 -32.51 13.30 -39.87
N ILE F 427 -33.45 13.03 -38.98
CA ILE F 427 -34.48 13.98 -38.59
C ILE F 427 -34.46 14.10 -37.07
N THR F 428 -34.67 15.30 -36.55
CA THR F 428 -34.57 15.54 -35.12
C THR F 428 -35.39 16.77 -34.75
N THR F 429 -35.44 17.05 -33.45
CA THR F 429 -36.18 18.19 -32.86
C THR F 429 -35.20 19.34 -32.58
N ASN F 430 -35.64 20.59 -32.70
CA ASN F 430 -34.80 21.75 -32.54
C ASN F 430 -34.07 21.74 -31.20
N LYS F 431 -32.77 22.02 -31.25
CA LYS F 431 -31.89 22.13 -30.07
C LYS F 431 -31.63 20.78 -29.41
N GLN F 432 -31.71 19.72 -30.18
CA GLN F 432 -31.66 18.36 -29.64
C GLN F 432 -30.61 17.52 -30.35
N PRO F 433 -29.72 16.83 -29.63
CA PRO F 433 -28.61 16.13 -30.29
C PRO F 433 -28.99 14.79 -30.88
N ALA F 434 -28.49 14.51 -32.09
CA ALA F 434 -28.80 13.26 -32.75
C ALA F 434 -27.56 12.71 -33.45
N TYR F 435 -27.55 11.39 -33.67
CA TYR F 435 -26.43 10.73 -34.32
C TYR F 435 -26.92 9.55 -35.13
N ILE F 436 -26.16 9.21 -36.18
CA ILE F 436 -26.36 7.97 -36.93
C ILE F 436 -24.99 7.41 -37.33
N GLU F 437 -24.84 6.09 -37.23
CA GLU F 437 -23.55 5.40 -37.35
C GLU F 437 -23.65 4.12 -38.15
N GLN F 438 -22.51 3.69 -38.70
CA GLN F 438 -22.40 2.40 -39.38
C GLN F 438 -20.93 2.03 -39.48
N GLY F 439 -20.53 0.92 -38.88
CA GLY F 439 -19.13 0.52 -38.97
C GLY F 439 -18.73 -0.67 -38.12
N THR F 440 -17.56 -0.63 -37.50
CA THR F 440 -17.10 -1.70 -36.63
C THR F 440 -16.51 -1.13 -35.33
N GLU F 441 -16.43 -1.99 -34.32
CA GLU F 441 -15.83 -1.64 -33.04
C GLU F 441 -14.66 -2.59 -32.76
N ILE F 442 -13.47 -2.02 -32.66
CA ILE F 442 -12.25 -2.82 -32.50
C ILE F 442 -11.94 -2.99 -31.02
N PRO F 443 -11.79 -4.24 -30.58
CA PRO F 443 -11.45 -4.50 -29.19
C PRO F 443 -9.96 -4.24 -29.02
N TYR F 444 -9.58 -3.34 -28.13
CA TYR F 444 -8.15 -3.08 -27.91
C TYR F 444 -7.70 -3.71 -26.60
N LEU F 445 -6.45 -4.15 -26.52
CA LEU F 445 -5.98 -4.82 -25.32
C LEU F 445 -5.54 -3.89 -24.20
N GLU F 446 -6.50 -3.71 -23.29
CA GLU F 446 -6.47 -2.94 -22.02
C GLU F 446 -6.78 -1.45 -22.05
N SER F 447 -7.33 -1.01 -20.94
CA SER F 447 -7.65 0.37 -20.62
C SER F 447 -7.22 0.42 -19.15
N SER F 448 -6.53 1.48 -18.74
CA SER F 448 -6.04 1.47 -17.36
C SER F 448 -6.66 2.41 -16.34
N SER F 449 -7.22 1.83 -15.28
CA SER F 449 -7.71 2.64 -14.18
C SER F 449 -6.67 2.52 -13.07
N SER F 450 -7.03 2.83 -11.84
CA SER F 450 -6.14 2.68 -10.69
C SER F 450 -5.88 1.19 -10.40
N GLY F 451 -5.10 0.57 -11.28
CA GLY F 451 -4.59 -0.76 -11.00
C GLY F 451 -4.72 -1.82 -12.07
N ALA F 452 -5.82 -1.86 -12.83
CA ALA F 452 -6.01 -2.97 -13.76
C ALA F 452 -6.79 -2.60 -15.01
N SER F 453 -7.06 -3.60 -15.86
CA SER F 453 -7.39 -3.41 -17.28
C SER F 453 -8.87 -3.59 -17.54
N THR F 454 -9.48 -2.57 -18.12
CA THR F 454 -10.84 -2.63 -18.65
C THR F 454 -10.71 -2.53 -20.17
N VAL F 455 -10.51 -3.67 -20.83
CA VAL F 455 -10.22 -3.63 -22.25
C VAL F 455 -11.45 -3.08 -22.99
N ALA F 456 -11.20 -2.20 -23.97
CA ALA F 456 -12.25 -1.32 -24.44
C ALA F 456 -12.37 -1.41 -25.95
N PHE F 457 -13.23 -0.56 -26.52
CA PHE F 457 -13.57 -0.62 -27.93
C PHE F 457 -13.39 0.74 -28.57
N LYS F 458 -12.63 0.77 -29.66
CA LYS F 458 -12.43 1.96 -30.46
C LYS F 458 -13.41 1.82 -31.64
N LYS F 459 -13.84 2.93 -32.22
CA LYS F 459 -14.82 2.89 -33.29
C LYS F 459 -14.16 3.19 -34.63
N ALA F 460 -14.65 2.52 -35.67
CA ALA F 460 -14.26 2.78 -37.05
C ALA F 460 -15.56 2.79 -37.83
N VAL F 461 -16.19 3.96 -37.91
CA VAL F 461 -17.56 4.09 -38.39
C VAL F 461 -17.63 5.24 -39.40
N LEU F 462 -18.68 5.19 -40.23
CA LEU F 462 -19.13 6.38 -40.99
C LEU F 462 -20.30 7.03 -40.23
N SER F 463 -20.06 8.21 -39.63
CA SER F 463 -20.98 8.75 -38.65
C SER F 463 -21.30 10.21 -38.90
N LEU F 464 -22.52 10.58 -38.51
CA LEU F 464 -22.98 11.96 -38.48
C LEU F 464 -23.51 12.29 -37.09
N LYS F 465 -23.06 13.42 -36.54
CA LYS F 465 -23.43 13.86 -35.20
C LYS F 465 -23.77 15.33 -35.28
N VAL F 466 -24.99 15.72 -34.89
CA VAL F 466 -25.43 17.08 -35.15
C VAL F 466 -26.33 17.62 -34.04
N THR F 467 -26.21 18.95 -33.81
CA THR F 467 -27.16 19.74 -33.02
C THR F 467 -27.57 21.01 -33.77
N PRO F 468 -28.86 21.13 -34.13
CA PRO F 468 -29.33 22.29 -34.90
C PRO F 468 -29.97 23.39 -34.09
N GLN F 469 -30.19 24.56 -34.69
CA GLN F 469 -30.88 25.67 -34.05
C GLN F 469 -31.51 26.55 -35.11
N ILE F 470 -32.80 26.82 -34.98
CA ILE F 470 -33.55 27.62 -35.96
C ILE F 470 -33.59 29.07 -35.50
N THR F 471 -33.31 29.99 -36.41
CA THR F 471 -33.27 31.42 -36.16
C THR F 471 -34.43 32.12 -36.88
N PRO F 472 -34.68 33.40 -36.58
CA PRO F 472 -35.88 34.05 -37.16
C PRO F 472 -35.86 34.20 -38.67
N ASP F 473 -34.74 34.64 -39.25
CA ASP F 473 -34.76 34.95 -40.68
C ASP F 473 -34.46 33.74 -41.56
N ASN F 474 -35.12 32.62 -41.30
CA ASN F 474 -35.09 31.44 -42.18
C ASN F 474 -33.66 30.91 -42.37
N ARG F 475 -33.03 30.54 -41.25
CA ARG F 475 -31.64 30.12 -41.27
C ARG F 475 -31.37 29.15 -40.14
N LEU F 476 -30.31 28.37 -40.27
CA LEU F 476 -29.91 27.38 -39.28
C LEU F 476 -28.48 27.60 -38.84
N VAL F 477 -28.22 27.36 -37.57
CA VAL F 477 -26.86 27.29 -37.03
C VAL F 477 -26.64 25.83 -36.67
N LEU F 478 -25.64 25.20 -37.27
CA LEU F 478 -25.39 23.77 -37.08
C LEU F 478 -24.06 23.54 -36.37
N ASP F 479 -24.08 22.75 -35.29
CA ASP F 479 -22.84 22.20 -34.69
C ASP F 479 -22.60 20.79 -35.23
N LEU F 480 -21.54 20.61 -36.03
CA LEU F 480 -21.44 19.48 -36.98
C LEU F 480 -20.23 18.61 -36.63
N SER F 481 -20.40 17.29 -36.59
CA SER F 481 -19.27 16.34 -36.70
C SER F 481 -19.58 15.30 -37.76
N VAL F 482 -18.71 15.14 -38.77
CA VAL F 482 -18.92 14.10 -39.82
C VAL F 482 -17.62 13.29 -40.00
N THR F 483 -17.66 11.96 -39.81
CA THR F 483 -16.44 11.17 -39.94
C THR F 483 -16.66 9.98 -40.86
N GLN F 484 -15.55 9.45 -41.37
CA GLN F 484 -15.56 8.24 -42.17
C GLN F 484 -14.26 7.47 -41.95
N ASP F 485 -14.24 6.52 -41.04
CA ASP F 485 -13.05 5.75 -40.70
C ASP F 485 -13.19 4.30 -41.15
N ARG F 486 -12.04 3.64 -41.25
CA ARG F 486 -11.96 2.25 -41.65
C ARG F 486 -10.91 1.53 -40.85
N ARG F 487 -10.86 0.21 -41.00
CA ARG F 487 -9.87 -0.60 -40.31
C ARG F 487 -8.65 -0.72 -41.20
N GLY F 488 -7.47 -0.45 -40.65
CA GLY F 488 -6.25 -0.45 -41.40
C GLY F 488 -5.41 -1.69 -41.17
N GLU F 489 -4.11 -1.55 -41.42
CA GLU F 489 -3.19 -2.66 -41.27
C GLU F 489 -2.97 -2.98 -39.80
N THR F 490 -2.33 -4.11 -39.55
CA THR F 490 -2.01 -4.56 -38.21
C THR F 490 -0.51 -4.34 -38.00
N VAL F 491 -0.19 -3.33 -37.19
CA VAL F 491 1.17 -2.94 -36.88
C VAL F 491 1.70 -3.73 -35.69
N LYS F 492 3.01 -3.59 -35.44
CA LYS F 492 3.70 -4.32 -34.34
C LYS F 492 3.84 -3.41 -33.12
N THR F 493 3.41 -3.89 -31.94
CA THR F 493 3.49 -3.10 -30.69
C THR F 493 4.16 -3.94 -29.59
N GLY F 494 5.33 -3.51 -29.12
CA GLY F 494 6.09 -4.28 -28.11
C GLY F 494 6.45 -5.66 -28.62
N THR F 495 6.07 -6.72 -27.88
CA THR F 495 6.21 -8.11 -28.36
C THR F 495 4.91 -8.57 -29.04
N GLY F 496 3.94 -7.65 -29.17
CA GLY F 496 2.58 -8.02 -29.65
C GLY F 496 2.25 -7.32 -30.95
N GLU F 497 0.96 -7.34 -31.32
CA GLU F 497 0.44 -6.63 -32.48
C GLU F 497 -0.90 -6.00 -32.12
N ALA F 498 -1.33 -5.07 -32.95
CA ALA F 498 -2.61 -4.40 -32.77
C ALA F 498 -3.06 -3.86 -34.12
N VAL F 499 -4.27 -3.33 -34.18
CA VAL F 499 -4.90 -2.91 -35.42
C VAL F 499 -4.90 -1.38 -35.47
N SER F 500 -4.55 -0.82 -36.62
CA SER F 500 -4.56 0.61 -36.83
C SER F 500 -5.81 1.03 -37.60
N ILE F 501 -6.08 2.33 -37.60
CA ILE F 501 -7.32 2.88 -38.15
C ILE F 501 -6.98 4.00 -39.12
N ASP F 502 -7.70 4.06 -40.24
CA ASP F 502 -7.56 5.14 -41.23
C ASP F 502 -8.78 6.06 -41.15
N THR F 503 -8.54 7.37 -41.02
CA THR F 503 -9.58 8.31 -40.65
C THR F 503 -9.72 9.46 -41.64
N GLN F 504 -10.92 10.05 -41.67
CA GLN F 504 -11.22 11.34 -42.26
C GLN F 504 -12.24 12.02 -41.35
N ARG F 505 -11.97 13.25 -40.92
CA ARG F 505 -12.81 13.88 -39.92
C ARG F 505 -12.94 15.36 -40.21
N ILE F 506 -14.11 15.91 -39.90
CA ILE F 506 -14.32 17.34 -39.95
C ILE F 506 -15.33 17.72 -38.88
N GLY F 507 -15.02 18.78 -38.15
CA GLY F 507 -15.88 19.29 -37.12
C GLY F 507 -15.96 20.80 -37.14
N THR F 508 -17.16 21.37 -37.14
CA THR F 508 -17.30 22.81 -37.34
C THR F 508 -18.58 23.32 -36.69
N GLN F 509 -18.76 24.63 -36.80
CA GLN F 509 -20.04 25.29 -36.58
C GLN F 509 -20.28 26.20 -37.78
N VAL F 510 -21.43 26.05 -38.44
CA VAL F 510 -21.73 26.83 -39.63
C VAL F 510 -23.13 27.42 -39.54
N LEU F 511 -23.41 28.32 -40.48
CA LEU F 511 -24.66 29.09 -40.54
C LEU F 511 -25.14 29.05 -41.98
N VAL F 512 -26.28 28.42 -42.23
CA VAL F 512 -26.70 28.08 -43.59
C VAL F 512 -28.19 28.36 -43.77
N ASN F 513 -28.56 28.81 -44.96
CA ASN F 513 -29.96 29.10 -45.26
C ASN F 513 -30.80 27.83 -45.21
N ASN F 514 -32.12 28.00 -45.27
CA ASN F 514 -33.02 26.90 -44.93
C ASN F 514 -32.84 25.67 -45.81
N GLY F 515 -32.99 25.80 -47.12
CA GLY F 515 -33.01 24.59 -47.91
C GLY F 515 -31.96 24.46 -49.00
N GLU F 516 -30.74 24.91 -48.76
CA GLU F 516 -29.68 24.82 -49.75
C GLU F 516 -28.42 24.20 -49.17
N THR F 517 -27.46 23.92 -50.05
CA THR F 517 -26.26 23.20 -49.70
C THR F 517 -25.07 24.14 -49.57
N VAL F 518 -24.14 23.78 -48.68
CA VAL F 518 -22.86 24.46 -48.55
C VAL F 518 -21.78 23.39 -48.52
N VAL F 519 -20.59 23.72 -48.97
CA VAL F 519 -19.46 22.81 -48.84
C VAL F 519 -18.69 23.16 -47.58
N LEU F 520 -18.53 22.19 -46.69
CA LEU F 520 -17.89 22.42 -45.40
C LEU F 520 -16.39 22.43 -45.53
N GLY F 521 -15.84 21.53 -46.34
CA GLY F 521 -14.41 21.46 -46.55
C GLY F 521 -14.07 20.42 -47.58
N GLY F 522 -12.78 20.32 -47.86
CA GLY F 522 -12.29 19.34 -48.81
C GLY F 522 -10.80 19.27 -48.75
N ILE F 523 -10.25 18.27 -49.42
CA ILE F 523 -8.81 18.10 -49.54
C ILE F 523 -8.48 17.75 -50.98
N PHE F 524 -7.45 18.39 -51.53
CA PHE F 524 -6.99 18.17 -52.88
C PHE F 524 -5.55 17.69 -52.85
N GLN F 525 -5.20 16.71 -53.67
CA GLN F 525 -3.82 16.23 -53.73
C GLN F 525 -3.40 15.93 -55.16
N HIS F 526 -2.13 16.13 -55.44
CA HIS F 526 -1.55 15.86 -56.74
C HIS F 526 -0.11 15.43 -56.57
N SER F 527 0.38 14.54 -57.44
CA SER F 527 1.78 14.13 -57.34
C SER F 527 2.30 13.64 -58.68
N ILE F 528 3.59 13.85 -58.92
CA ILE F 528 4.26 13.50 -60.17
C ILE F 528 5.67 13.02 -59.88
N ASN F 529 6.05 11.88 -60.46
CA ASN F 529 7.40 11.33 -60.29
C ASN F 529 7.99 10.96 -61.65
N ASN F 530 9.29 11.22 -61.81
CA ASN F 530 10.03 10.85 -63.00
C ASN F 530 11.38 10.27 -62.60
N SER F 531 11.89 9.34 -63.39
CA SER F 531 13.20 8.78 -63.08
C SER F 531 13.82 8.17 -64.33
N VAL F 532 15.15 8.22 -64.39
CA VAL F 532 15.93 7.66 -65.51
C VAL F 532 17.20 7.05 -64.94
N ASP F 533 17.60 5.89 -65.47
CA ASP F 533 18.97 5.45 -65.25
C ASP F 533 19.55 4.98 -66.57
N LYS F 534 20.74 5.44 -66.89
CA LYS F 534 21.25 5.30 -68.25
C LYS F 534 22.74 5.05 -68.26
N VAL F 535 23.28 4.92 -69.46
CA VAL F 535 24.73 4.80 -69.65
C VAL F 535 25.31 6.19 -69.86
N PRO F 536 26.40 6.55 -69.17
CA PRO F 536 26.77 7.97 -69.05
C PRO F 536 26.73 8.82 -70.31
N LEU F 537 27.11 8.29 -71.46
CA LEU F 537 27.11 9.12 -72.66
C LEU F 537 26.16 8.64 -73.75
N LEU F 538 25.89 7.34 -73.83
CA LEU F 538 25.08 6.82 -74.91
C LEU F 538 23.60 7.02 -74.69
N GLY F 539 23.15 7.06 -73.44
CA GLY F 539 21.74 7.16 -73.14
C GLY F 539 21.16 8.52 -73.42
N ASP F 540 21.87 9.32 -74.23
CA ASP F 540 21.41 10.66 -74.59
C ASP F 540 21.38 10.87 -76.09
N LEU F 541 21.76 9.87 -76.90
CA LEU F 541 21.75 10.01 -78.33
C LEU F 541 20.31 10.16 -78.83
N PRO F 542 20.13 10.91 -79.93
CA PRO F 542 18.76 11.34 -80.29
C PRO F 542 17.76 10.21 -80.47
N VAL F 543 18.07 9.19 -81.27
CA VAL F 543 17.11 8.13 -81.52
C VAL F 543 17.62 6.80 -80.96
N LEU F 544 18.93 6.60 -80.99
CA LEU F 544 19.48 5.37 -80.47
C LEU F 544 19.49 5.31 -78.95
N GLY F 545 19.34 6.45 -78.28
CA GLY F 545 19.52 6.49 -76.84
C GLY F 545 18.60 5.54 -76.09
N ALA F 546 17.41 5.28 -76.64
CA ALA F 546 16.45 4.40 -75.99
C ALA F 546 16.97 2.99 -75.80
N LEU F 547 18.09 2.64 -76.40
CA LEU F 547 18.70 1.33 -76.20
C LEU F 547 19.60 1.29 -74.98
N PHE F 548 19.79 2.41 -74.27
CA PHE F 548 20.80 2.51 -73.22
C PHE F 548 20.23 3.13 -71.95
N ARG F 549 18.94 2.95 -71.68
CA ARG F 549 18.34 3.66 -70.55
C ARG F 549 17.04 3.00 -70.14
N ARG F 550 16.72 3.12 -68.86
CA ARG F 550 15.40 2.77 -68.35
C ARG F 550 14.73 4.04 -67.85
N THR F 551 13.45 4.18 -68.16
CA THR F 551 12.65 5.36 -67.89
C THR F 551 11.39 4.99 -67.13
N TYR F 552 11.06 5.78 -66.11
CA TYR F 552 9.92 5.53 -65.24
C TYR F 552 9.15 6.82 -65.03
N GLU F 553 7.83 6.76 -65.06
CA GLU F 553 7.01 7.96 -64.87
C GLU F 553 5.67 7.63 -64.24
N GLN F 554 5.27 8.42 -63.25
CA GLN F 554 4.05 8.14 -62.51
C GLN F 554 3.34 9.42 -62.14
N MET F 555 2.00 9.42 -62.12
CA MET F 555 1.20 10.58 -61.76
C MET F 555 -0.09 10.19 -61.02
N GLY F 556 -0.42 10.91 -59.94
CA GLY F 556 -1.63 10.62 -59.17
C GLY F 556 -2.38 11.88 -58.84
N LYS F 557 -3.69 11.73 -58.64
CA LYS F 557 -4.54 12.86 -58.30
C LYS F 557 -5.72 12.41 -57.45
N SER F 558 -6.06 13.19 -56.43
CA SER F 558 -7.12 12.81 -55.51
C SER F 558 -7.90 14.04 -55.06
N GLU F 559 -9.19 13.84 -54.78
CA GLU F 559 -10.02 14.96 -54.36
C GLU F 559 -11.15 14.48 -53.46
N LEU F 560 -11.35 15.20 -52.35
CA LEU F 560 -12.41 14.87 -51.37
C LEU F 560 -13.22 16.14 -51.07
N LEU F 561 -14.54 15.99 -50.97
CA LEU F 561 -15.45 17.10 -50.67
C LEU F 561 -16.53 16.67 -49.70
N ILE F 562 -16.96 17.59 -48.85
CA ILE F 562 -18.04 17.33 -47.89
C ILE F 562 -19.10 18.41 -48.01
N PHE F 563 -20.36 18.01 -48.22
CA PHE F 563 -21.51 18.90 -48.33
C PHE F 563 -22.49 18.65 -47.19
N VAL F 564 -23.32 19.66 -46.92
CA VAL F 564 -24.41 19.50 -45.96
C VAL F 564 -25.59 20.35 -46.42
N THR F 565 -26.80 19.87 -46.15
CA THR F 565 -28.02 20.59 -46.50
C THR F 565 -29.13 20.33 -45.49
N PRO F 566 -29.55 21.34 -44.74
CA PRO F 566 -30.65 21.17 -43.79
C PRO F 566 -31.99 21.58 -44.40
N LYS F 567 -33.06 21.27 -43.68
CA LYS F 567 -34.43 21.56 -44.11
C LYS F 567 -35.39 21.48 -42.93
N VAL F 568 -36.31 22.43 -42.84
CA VAL F 568 -37.30 22.46 -41.77
C VAL F 568 -38.54 21.74 -42.25
N VAL F 569 -38.98 20.75 -41.48
CA VAL F 569 -40.15 19.97 -41.85
C VAL F 569 -41.40 20.80 -41.58
N ILE F 570 -42.10 21.15 -42.65
CA ILE F 570 -43.30 21.97 -42.57
C ILE F 570 -44.58 21.17 -42.49
N GLN F 571 -44.60 19.99 -41.88
CA GLN F 571 -45.85 19.21 -41.62
C GLN F 571 -46.77 19.10 -42.86
N SER G 160 -69.42 71.50 -1.16
CA SER G 160 -70.16 72.39 -0.27
C SER G 160 -69.66 72.27 1.15
N ILE G 161 -68.37 71.96 1.29
CA ILE G 161 -67.77 71.65 2.59
C ILE G 161 -66.84 72.78 2.99
N ASN G 162 -66.97 73.24 4.23
CA ASN G 162 -66.01 74.17 4.84
C ASN G 162 -66.07 73.92 6.35
N PHE G 163 -65.11 73.17 6.86
CA PHE G 163 -65.10 72.76 8.27
C PHE G 163 -63.81 73.25 8.91
N GLN G 164 -63.94 74.17 9.87
CA GLN G 164 -62.80 74.72 10.59
C GLN G 164 -62.89 74.25 12.04
N ASP G 165 -61.80 73.66 12.54
CA ASP G 165 -61.77 73.16 13.92
C ASP G 165 -62.91 72.19 14.16
N ILE G 166 -63.17 71.35 13.17
CA ILE G 166 -64.20 70.33 13.22
C ILE G 166 -63.52 68.98 13.39
N PRO G 167 -63.94 68.16 14.36
CA PRO G 167 -63.30 66.85 14.53
C PRO G 167 -63.46 65.99 13.29
N VAL G 168 -62.49 65.10 13.08
CA VAL G 168 -62.54 64.18 11.94
C VAL G 168 -63.79 63.32 12.00
N ARG G 169 -64.21 62.94 13.20
CA ARG G 169 -65.44 62.18 13.37
C ARG G 169 -66.64 62.94 12.81
N ASN G 170 -66.69 64.25 13.03
CA ASN G 170 -67.86 65.01 12.61
C ASN G 170 -67.91 65.18 11.10
N VAL G 171 -66.78 65.50 10.47
CA VAL G 171 -66.77 65.61 9.01
C VAL G 171 -67.02 64.25 8.36
N LEU G 172 -66.55 63.17 9.00
CA LEU G 172 -66.81 61.84 8.46
C LEU G 172 -68.29 61.48 8.58
N GLN G 173 -68.92 61.85 9.69
CA GLN G 173 -70.36 61.61 9.83
C GLN G 173 -71.15 62.48 8.84
N LEU G 174 -70.63 63.65 8.51
CA LEU G 174 -71.26 64.47 7.47
C LEU G 174 -71.17 63.78 6.11
N ILE G 175 -69.97 63.32 5.74
CA ILE G 175 -69.80 62.59 4.49
C ILE G 175 -70.69 61.36 4.47
N ALA G 176 -70.91 60.73 5.63
CA ALA G 176 -71.83 59.60 5.70
C ALA G 176 -73.26 60.03 5.42
N ASP G 177 -73.78 60.98 6.22
CA ASP G 177 -75.16 61.42 6.14
C ASP G 177 -75.48 62.17 4.85
N TYR G 178 -74.53 62.31 3.95
CA TYR G 178 -74.73 63.01 2.69
C TYR G 178 -75.18 62.10 1.55
N ASN G 179 -75.90 61.02 1.88
CA ASN G 179 -76.41 59.99 0.97
C ASN G 179 -75.34 59.02 0.53
N GLY G 180 -74.14 59.08 1.12
CA GLY G 180 -73.15 58.06 0.88
C GLY G 180 -73.40 56.81 1.69
N PHE G 181 -72.61 55.78 1.42
CA PHE G 181 -72.75 54.53 2.16
C PHE G 181 -72.35 54.73 3.61
N ASN G 182 -73.12 54.12 4.51
CA ASN G 182 -72.95 54.33 5.94
C ASN G 182 -71.53 53.98 6.37
N LEU G 183 -70.96 54.81 7.24
CA LEU G 183 -69.60 54.60 7.74
C LEU G 183 -69.56 54.84 9.23
N VAL G 184 -68.62 54.16 9.89
CA VAL G 184 -68.45 54.23 11.34
C VAL G 184 -66.96 54.39 11.64
N VAL G 185 -66.68 54.94 12.82
CA VAL G 185 -65.30 55.20 13.24
C VAL G 185 -65.06 54.62 14.63
N SER G 186 -63.81 54.71 15.09
CA SER G 186 -63.43 54.21 16.41
C SER G 186 -63.75 55.26 17.47
N ASP G 187 -63.24 55.06 18.69
CA ASP G 187 -63.51 55.98 19.77
C ASP G 187 -62.73 57.28 19.61
N SER G 188 -61.40 57.20 19.64
CA SER G 188 -60.53 58.34 19.44
C SER G 188 -59.67 58.00 18.24
N VAL G 189 -60.16 58.34 17.05
CA VAL G 189 -59.55 57.84 15.81
C VAL G 189 -58.39 58.73 15.41
N VAL G 190 -58.69 59.98 15.02
CA VAL G 190 -57.67 60.86 14.46
C VAL G 190 -57.62 62.15 15.27
N GLY G 191 -58.74 62.85 15.35
CA GLY G 191 -58.81 64.10 16.07
C GLY G 191 -59.60 65.17 15.33
N ASN G 192 -58.95 66.30 15.08
CA ASN G 192 -59.58 67.49 14.52
C ASN G 192 -58.84 67.93 13.26
N LEU G 193 -59.48 68.76 12.45
CA LEU G 193 -58.85 69.34 11.27
C LEU G 193 -59.60 70.59 10.82
N THR G 194 -59.24 71.06 9.62
CA THR G 194 -59.82 72.25 9.04
C THR G 194 -59.47 72.30 7.55
N LEU G 195 -60.49 72.43 6.71
CA LEU G 195 -60.33 72.53 5.26
C LEU G 195 -61.67 72.88 4.64
N ARG G 196 -61.60 73.39 3.40
CA ARG G 196 -62.78 73.82 2.67
C ARG G 196 -62.63 73.47 1.19
N LEU G 197 -63.61 72.76 0.65
CA LEU G 197 -63.63 72.37 -0.76
C LEU G 197 -65.07 72.17 -1.20
N ASP G 198 -65.27 72.16 -2.52
CA ASP G 198 -66.60 72.02 -3.09
C ASP G 198 -66.50 71.62 -4.55
N GLY G 199 -67.58 71.03 -5.06
CA GLY G 199 -67.70 70.66 -6.46
C GLY G 199 -66.69 69.62 -6.92
N VAL G 200 -66.61 68.51 -6.21
CA VAL G 200 -65.58 67.51 -6.44
C VAL G 200 -66.12 66.13 -6.08
N PRO G 201 -65.52 65.04 -6.55
CA PRO G 201 -65.98 63.71 -6.13
C PRO G 201 -65.55 63.38 -4.71
N TRP G 202 -66.33 62.52 -4.06
CA TRP G 202 -65.98 62.05 -2.73
C TRP G 202 -64.69 61.23 -2.75
N GLN G 203 -64.40 60.58 -3.88
CA GLN G 203 -63.21 59.74 -3.96
C GLN G 203 -61.95 60.53 -3.72
N GLN G 204 -61.75 61.61 -4.48
CA GLN G 204 -60.51 62.38 -4.39
C GLN G 204 -60.38 63.05 -3.01
N VAL G 205 -61.44 63.69 -2.54
CA VAL G 205 -61.37 64.41 -1.27
C VAL G 205 -61.16 63.43 -0.12
N LEU G 206 -61.96 62.37 -0.08
CA LEU G 206 -61.81 61.37 0.98
C LEU G 206 -60.41 60.79 0.97
N ASP G 207 -59.89 60.43 -0.20
CA ASP G 207 -58.57 59.82 -0.26
C ASP G 207 -57.48 60.80 0.15
N ILE G 208 -57.56 62.05 -0.30
CA ILE G 208 -56.51 62.99 0.07
C ILE G 208 -56.53 63.27 1.57
N ILE G 209 -57.72 63.29 2.18
CA ILE G 209 -57.81 63.42 3.63
C ILE G 209 -57.17 62.22 4.30
N LEU G 210 -57.59 61.01 3.91
CA LEU G 210 -57.08 59.79 4.54
C LEU G 210 -55.62 59.56 4.27
N GLN G 211 -55.04 60.22 3.27
CA GLN G 211 -53.61 60.09 3.01
C GLN G 211 -52.82 61.08 3.85
N VAL G 212 -53.17 62.36 3.80
CA VAL G 212 -52.35 63.39 4.42
C VAL G 212 -52.37 63.24 5.94
N LYS G 213 -53.56 63.35 6.55
CA LYS G 213 -53.65 63.24 8.00
C LYS G 213 -54.59 62.10 8.40
N GLY G 214 -55.62 61.87 7.60
CA GLY G 214 -56.60 60.85 7.91
C GLY G 214 -55.99 59.46 7.99
N LEU G 215 -56.81 58.54 8.48
CA LEU G 215 -56.42 57.16 8.70
C LEU G 215 -56.88 56.25 7.57
N ASP G 216 -56.91 54.94 7.82
CA ASP G 216 -57.30 53.97 6.82
C ASP G 216 -58.73 53.49 7.02
N LYS G 217 -59.28 52.87 5.97
CA LYS G 217 -60.66 52.44 5.95
C LYS G 217 -60.80 51.09 5.27
N ARG G 218 -61.81 50.32 5.70
CA ARG G 218 -62.12 49.03 5.12
C ARG G 218 -63.62 48.91 4.90
N VAL G 219 -64.00 48.22 3.83
CA VAL G 219 -65.40 48.02 3.48
C VAL G 219 -65.74 46.55 3.60
N ASP G 220 -66.81 46.25 4.35
CA ASP G 220 -67.27 44.88 4.56
C ASP G 220 -68.20 44.40 3.45
N GLY G 221 -68.37 45.19 2.39
CA GLY G 221 -69.29 44.84 1.33
C GLY G 221 -70.40 45.88 1.17
N ASN G 222 -70.90 46.40 2.29
CA ASN G 222 -71.95 47.40 2.25
C ASN G 222 -71.55 48.71 2.92
N VAL G 223 -71.02 48.66 4.13
CA VAL G 223 -70.72 49.86 4.91
C VAL G 223 -69.23 49.94 5.16
N ILE G 224 -68.77 51.15 5.50
CA ILE G 224 -67.36 51.47 5.60
C ILE G 224 -66.99 51.72 7.06
N LEU G 225 -65.80 51.29 7.45
CA LEU G 225 -65.27 51.50 8.78
C LEU G 225 -63.92 52.19 8.66
N ILE G 226 -63.63 53.09 9.60
CA ILE G 226 -62.39 53.85 9.59
C ILE G 226 -61.64 53.57 10.89
N ALA G 227 -60.32 53.56 10.80
CA ALA G 227 -59.46 53.33 11.96
C ALA G 227 -58.03 53.68 11.58
N PRO G 228 -57.17 53.91 12.56
CA PRO G 228 -55.74 54.11 12.27
C PRO G 228 -55.10 52.84 11.73
N LYS G 229 -54.05 53.03 10.94
CA LYS G 229 -53.36 51.88 10.36
C LYS G 229 -52.70 51.01 11.41
N GLU G 230 -52.35 51.59 12.56
CA GLU G 230 -51.69 50.82 13.61
C GLU G 230 -52.57 49.69 14.11
N GLU G 231 -53.84 50.00 14.43
CA GLU G 231 -54.74 48.96 14.90
C GLU G 231 -55.03 47.92 13.82
N LEU G 232 -55.13 48.35 12.55
CA LEU G 232 -55.38 47.40 11.47
C LEU G 232 -54.22 46.42 11.31
N ASP G 233 -52.99 46.94 11.27
CA ASP G 233 -51.83 46.08 11.16
C ASP G 233 -51.66 45.20 12.39
N LEU G 234 -52.00 45.71 13.57
CA LEU G 234 -51.94 44.90 14.78
C LEU G 234 -52.94 43.75 14.71
N ARG G 235 -54.15 44.03 14.26
CA ARG G 235 -55.16 42.98 14.14
C ARG G 235 -54.74 41.93 13.13
N GLU G 236 -54.15 42.37 12.02
CA GLU G 236 -53.69 41.41 11.02
C GLU G 236 -52.56 40.53 11.56
N LYS G 237 -51.60 41.13 12.26
CA LYS G 237 -50.52 40.35 12.83
C LYS G 237 -51.04 39.38 13.89
N GLN G 238 -52.01 39.80 14.69
CA GLN G 238 -52.61 38.90 15.67
C GLN G 238 -53.27 37.71 14.98
N ALA G 239 -54.04 37.97 13.91
CA ALA G 239 -54.72 36.88 13.22
C ALA G 239 -53.72 35.92 12.58
N LEU G 240 -52.66 36.45 11.97
CA LEU G 240 -51.65 35.59 11.36
C LEU G 240 -50.95 34.75 12.41
N GLU G 241 -50.55 35.35 13.54
CA GLU G 241 -49.89 34.59 14.58
C GLU G 241 -50.80 33.51 15.15
N LYS G 242 -52.09 33.83 15.32
CA LYS G 242 -53.03 32.83 15.80
C LYS G 242 -53.12 31.66 14.83
N ALA G 243 -53.25 31.95 13.53
CA ALA G 243 -53.32 30.88 12.54
C ALA G 243 -52.06 30.03 12.55
N ARG G 244 -50.89 30.66 12.58
CA ARG G 244 -49.64 29.91 12.52
C ARG G 244 -49.45 29.05 13.76
N LEU G 245 -49.79 29.57 14.94
CA LEU G 245 -49.61 28.79 16.15
C LEU G 245 -50.65 27.67 16.25
N ALA G 246 -51.88 27.92 15.81
CA ALA G 246 -52.88 26.87 15.84
C ALA G 246 -52.55 25.75 14.86
N GLU G 247 -51.99 26.10 13.70
CA GLU G 247 -51.57 25.08 12.76
C GLU G 247 -50.29 24.40 13.21
N GLU G 248 -49.51 25.04 14.08
CA GLU G 248 -48.33 24.39 14.63
C GLU G 248 -48.72 23.37 15.69
N LEU G 249 -49.32 23.82 16.79
CA LEU G 249 -49.64 22.94 17.91
C LEU G 249 -51.12 22.56 17.86
N GLY G 250 -51.39 21.50 17.10
CA GLY G 250 -52.71 20.92 17.01
C GLY G 250 -52.71 19.46 17.45
N ASP G 251 -53.92 18.92 17.56
CA ASP G 251 -54.10 17.52 17.87
C ASP G 251 -54.08 16.69 16.58
N LEU G 252 -53.21 15.69 16.52
CA LEU G 252 -53.01 14.94 15.30
C LEU G 252 -54.00 13.78 15.20
N LYS G 253 -54.25 13.35 13.97
CA LYS G 253 -55.11 12.21 13.69
C LYS G 253 -54.38 11.26 12.75
N SER G 254 -54.67 9.96 12.89
CA SER G 254 -54.00 8.92 12.14
C SER G 254 -55.04 8.06 11.42
N GLU G 255 -54.82 7.81 10.13
CA GLU G 255 -55.76 6.98 9.37
C GLU G 255 -55.08 6.51 8.08
N ILE G 256 -55.79 5.64 7.35
CA ILE G 256 -55.23 4.95 6.19
C ILE G 256 -55.99 5.34 4.93
N ILE G 257 -55.24 5.51 3.84
CA ILE G 257 -55.74 5.88 2.53
C ILE G 257 -55.47 4.73 1.58
N LYS G 258 -56.51 4.22 0.94
CA LYS G 258 -56.36 3.11 0.00
C LYS G 258 -56.13 3.65 -1.40
N ILE G 259 -55.15 3.08 -2.09
CA ILE G 259 -54.72 3.53 -3.42
C ILE G 259 -55.02 2.44 -4.42
N ASN G 260 -55.57 2.82 -5.58
CA ASN G 260 -55.75 1.94 -6.71
C ASN G 260 -55.28 2.63 -7.97
N PHE G 261 -54.77 1.83 -8.91
CA PHE G 261 -54.22 2.22 -10.21
C PHE G 261 -52.82 2.79 -10.14
N ALA G 262 -52.26 3.02 -8.96
CA ALA G 262 -50.91 3.55 -8.86
C ALA G 262 -50.21 2.86 -7.70
N LYS G 263 -48.89 2.85 -7.73
CA LYS G 263 -48.12 2.28 -6.64
C LYS G 263 -48.08 3.23 -5.46
N ALA G 264 -48.29 2.70 -4.26
CA ALA G 264 -48.30 3.55 -3.08
C ALA G 264 -46.92 4.06 -2.72
N SER G 265 -45.86 3.34 -3.11
CA SER G 265 -44.52 3.80 -2.78
C SER G 265 -44.16 5.06 -3.55
N ASP G 266 -44.52 5.13 -4.82
CA ASP G 266 -44.28 6.33 -5.60
C ASP G 266 -45.03 7.53 -5.03
N ILE G 267 -46.29 7.33 -4.63
CA ILE G 267 -47.08 8.41 -4.09
C ILE G 267 -46.54 8.86 -2.73
N ALA G 268 -46.10 7.92 -1.90
CA ALA G 268 -45.50 8.31 -0.64
C ALA G 268 -44.18 9.05 -0.85
N ALA G 269 -43.47 8.76 -1.93
CA ALA G 269 -42.23 9.48 -2.19
C ALA G 269 -42.51 10.87 -2.75
N MET G 270 -43.65 11.04 -3.41
CA MET G 270 -43.97 12.37 -3.93
C MET G 270 -44.56 13.28 -2.86
N ILE G 271 -45.45 12.76 -2.00
CA ILE G 271 -46.12 13.60 -1.02
C ILE G 271 -45.18 13.96 0.12
N GLY G 272 -44.43 12.99 0.62
CA GLY G 272 -43.44 13.28 1.64
C GLY G 272 -42.06 13.46 1.03
N GLY G 273 -41.10 12.68 1.48
CA GLY G 273 -39.82 12.63 0.81
C GLY G 273 -38.65 13.21 1.59
N GLU G 274 -37.62 13.64 0.86
CA GLU G 274 -36.39 14.12 1.49
C GLU G 274 -36.60 15.50 2.10
N GLY G 275 -36.25 15.62 3.37
CA GLY G 275 -36.35 16.89 4.08
C GLY G 275 -37.77 17.37 4.28
N ASN G 276 -37.97 18.31 5.22
CA ASN G 276 -39.28 18.82 5.53
C ASN G 276 -39.69 20.01 4.68
N VAL G 277 -38.72 20.67 4.02
CA VAL G 277 -39.07 21.81 3.18
C VAL G 277 -39.88 21.37 1.97
N ASN G 278 -39.51 20.23 1.38
CA ASN G 278 -40.27 19.71 0.25
C ASN G 278 -41.60 19.12 0.70
N MET G 279 -41.60 18.42 1.83
CA MET G 279 -42.78 17.71 2.29
C MET G 279 -43.98 18.64 2.38
N LEU G 280 -45.14 18.10 2.02
CA LEU G 280 -46.40 18.81 2.23
C LEU G 280 -46.94 18.48 3.61
N SER G 281 -46.11 18.61 4.64
CA SER G 281 -46.49 18.25 6.00
C SER G 281 -45.78 19.19 6.96
N GLU G 282 -46.21 19.17 8.22
CA GLU G 282 -45.68 20.06 9.25
C GLU G 282 -44.99 19.32 10.39
N ARG G 283 -45.74 18.47 11.09
CA ARG G 283 -45.14 17.56 12.10
C ARG G 283 -45.90 16.22 12.09
N GLY G 284 -46.38 15.80 10.91
CA GLY G 284 -46.60 14.38 10.62
C GLY G 284 -45.89 14.02 9.32
N SER G 285 -46.30 12.93 8.68
CA SER G 285 -45.55 11.67 8.40
C SER G 285 -46.44 10.71 7.58
N ILE G 286 -45.85 10.10 6.54
CA ILE G 286 -46.53 9.01 5.79
C ILE G 286 -45.80 7.69 6.06
N SER G 287 -46.53 6.57 6.04
CA SER G 287 -45.91 5.25 5.96
C SER G 287 -46.60 4.43 4.89
N ILE G 288 -45.89 3.43 4.40
CA ILE G 288 -46.40 2.56 3.34
C ILE G 288 -46.74 1.19 3.92
N ASP G 289 -47.84 0.62 3.43
CA ASP G 289 -48.19 -0.78 3.67
C ASP G 289 -48.27 -1.44 2.31
N GLU G 290 -47.24 -2.22 1.98
CA GLU G 290 -47.09 -2.80 0.65
C GLU G 290 -48.00 -3.98 0.42
N ARG G 291 -48.34 -4.73 1.46
CA ARG G 291 -49.15 -5.93 1.30
C ARG G 291 -50.49 -5.61 0.66
N THR G 292 -51.10 -4.50 1.07
CA THR G 292 -52.43 -4.13 0.61
C THR G 292 -52.46 -2.84 -0.18
N ASN G 293 -51.29 -2.30 -0.56
CA ASN G 293 -51.19 -1.09 -1.37
C ASN G 293 -51.91 0.09 -0.71
N SER G 294 -51.41 0.49 0.45
CA SER G 294 -52.09 1.52 1.23
C SER G 294 -51.08 2.48 1.87
N LEU G 295 -51.56 3.68 2.16
CA LEU G 295 -50.80 4.67 2.91
C LEU G 295 -51.38 4.83 4.30
N LEU G 296 -50.53 5.16 5.26
CA LEU G 296 -50.93 5.37 6.64
C LEU G 296 -50.36 6.72 7.08
N ILE G 297 -51.24 7.71 7.26
CA ILE G 297 -50.83 9.09 7.46
C ILE G 297 -51.25 9.57 8.84
N ARG G 298 -50.41 10.42 9.45
CA ARG G 298 -50.67 11.01 10.76
C ARG G 298 -50.39 12.51 10.67
N GLU G 299 -51.46 13.31 10.69
CA GLU G 299 -51.31 14.76 10.50
C GLU G 299 -52.54 15.47 11.02
N LEU G 300 -52.61 16.78 10.76
CA LEU G 300 -53.72 17.59 11.21
C LEU G 300 -54.97 17.26 10.40
N PRO G 301 -56.13 17.14 11.03
CA PRO G 301 -57.33 16.69 10.30
C PRO G 301 -57.80 17.66 9.22
N ASP G 302 -57.04 18.72 8.99
CA ASP G 302 -57.36 19.68 7.94
C ASP G 302 -56.50 19.46 6.69
N ASN G 303 -55.28 18.98 6.91
CA ASN G 303 -54.37 18.69 5.82
C ASN G 303 -54.72 17.33 5.23
N ILE G 304 -55.36 16.47 6.01
CA ILE G 304 -55.77 15.16 5.51
C ILE G 304 -56.75 15.32 4.36
N ALA G 305 -57.62 16.33 4.42
CA ALA G 305 -58.65 16.48 3.40
C ALA G 305 -58.05 16.94 2.07
N VAL G 306 -57.11 17.89 2.11
CA VAL G 306 -56.51 18.35 0.86
C VAL G 306 -55.61 17.28 0.27
N ILE G 307 -54.82 16.60 1.11
CA ILE G 307 -54.02 15.49 0.63
C ILE G 307 -54.90 14.42 0.01
N ARG G 308 -56.03 14.11 0.63
CA ARG G 308 -56.93 13.09 0.11
C ARG G 308 -57.51 13.51 -1.22
N GLU G 309 -57.87 14.79 -1.38
CA GLU G 309 -58.44 15.25 -2.63
C GLU G 309 -57.40 15.21 -3.76
N ILE G 310 -56.17 15.63 -3.48
CA ILE G 310 -55.13 15.60 -4.49
C ILE G 310 -54.82 14.17 -4.92
N ILE G 311 -54.52 13.28 -3.96
CA ILE G 311 -54.16 11.92 -4.36
C ILE G 311 -55.35 11.11 -4.84
N GLU G 312 -56.57 11.62 -4.68
CA GLU G 312 -57.69 11.01 -5.40
C GLU G 312 -57.77 11.56 -6.82
N SER G 313 -57.26 12.75 -7.04
CA SER G 313 -57.17 13.29 -8.40
C SER G 313 -56.02 12.71 -9.20
N LEU G 314 -55.01 12.12 -8.55
CA LEU G 314 -53.85 11.64 -9.30
C LEU G 314 -54.05 10.22 -9.84
N ASP G 315 -54.40 9.26 -8.98
CA ASP G 315 -54.38 7.86 -9.41
C ASP G 315 -55.52 7.57 -10.37
N ILE G 316 -55.20 7.49 -11.66
CA ILE G 316 -56.16 7.18 -12.72
C ILE G 316 -55.51 6.22 -13.69
N PRO G 317 -56.31 5.47 -14.44
CA PRO G 317 -55.75 4.60 -15.48
C PRO G 317 -55.13 5.41 -16.61
N VAL G 318 -54.04 4.87 -17.16
CA VAL G 318 -53.28 5.54 -18.20
C VAL G 318 -53.48 4.80 -19.53
N LYS G 319 -52.97 5.40 -20.59
CA LYS G 319 -53.06 4.88 -21.95
C LYS G 319 -51.91 3.93 -22.24
N GLN G 320 -52.03 3.21 -23.35
CA GLN G 320 -51.01 2.28 -23.81
C GLN G 320 -50.69 2.54 -25.27
N VAL G 321 -49.42 2.39 -25.62
CA VAL G 321 -48.93 2.70 -26.96
C VAL G 321 -48.23 1.48 -27.52
N GLN G 322 -48.34 1.31 -28.84
CA GLN G 322 -47.70 0.24 -29.59
C GLN G 322 -46.71 0.87 -30.57
N ILE G 323 -45.44 0.46 -30.48
CA ILE G 323 -44.38 1.05 -31.30
C ILE G 323 -43.76 -0.03 -32.18
N GLU G 324 -43.59 0.29 -33.46
CA GLU G 324 -43.02 -0.65 -34.40
C GLU G 324 -41.97 -0.05 -35.32
N ALA G 325 -40.75 -0.55 -35.20
CA ALA G 325 -39.64 -0.11 -36.02
C ALA G 325 -39.47 -1.02 -37.22
N ARG G 326 -38.82 -0.49 -38.26
CA ARG G 326 -38.63 -1.28 -39.48
C ARG G 326 -37.30 -0.90 -40.13
N ILE G 327 -36.41 -1.87 -40.29
CA ILE G 327 -35.09 -1.65 -40.85
C ILE G 327 -35.02 -2.39 -42.17
N VAL G 328 -34.70 -1.68 -43.25
CA VAL G 328 -34.68 -2.25 -44.58
C VAL G 328 -33.33 -1.98 -45.22
N THR G 329 -32.76 -3.00 -45.88
CA THR G 329 -31.52 -2.77 -46.61
C THR G 329 -31.52 -3.51 -47.95
N VAL G 330 -30.93 -2.87 -48.95
CA VAL G 330 -30.87 -3.38 -50.31
C VAL G 330 -29.45 -3.24 -50.86
N LYS G 331 -28.97 -4.27 -51.54
CA LYS G 331 -27.60 -4.27 -52.07
C LYS G 331 -27.61 -4.76 -53.51
N GLU G 332 -26.73 -4.20 -54.34
CA GLU G 332 -26.49 -4.67 -55.71
C GLU G 332 -25.03 -4.57 -56.07
N GLY G 333 -24.60 -5.47 -56.96
CA GLY G 333 -23.21 -5.47 -57.42
C GLY G 333 -22.97 -6.06 -58.79
N ASN G 334 -21.97 -5.54 -59.52
CA ASN G 334 -21.61 -6.03 -60.85
C ASN G 334 -20.10 -6.03 -61.02
N LEU G 335 -19.61 -7.01 -61.79
CA LEU G 335 -18.16 -7.14 -62.01
C LEU G 335 -17.91 -7.73 -63.39
N GLU G 336 -16.84 -7.29 -64.06
CA GLU G 336 -16.45 -7.83 -65.37
C GLU G 336 -14.95 -7.70 -65.61
N GLU G 337 -14.36 -8.76 -66.15
CA GLU G 337 -12.93 -8.77 -66.44
C GLU G 337 -12.56 -9.52 -67.73
N LEU G 338 -11.65 -8.95 -68.50
CA LEU G 338 -11.18 -9.52 -69.75
C LEU G 338 -9.65 -9.60 -69.78
N GLY G 339 -9.10 -10.70 -70.27
CA GLY G 339 -7.66 -10.86 -70.27
C GLY G 339 -7.16 -11.71 -71.41
N VAL G 340 -5.87 -11.55 -71.75
CA VAL G 340 -5.29 -12.19 -72.92
C VAL G 340 -3.87 -12.66 -72.62
N ARG G 341 -3.52 -13.82 -73.16
CA ARG G 341 -2.20 -14.42 -72.92
C ARG G 341 -1.71 -15.00 -74.23
N TRP G 342 -0.65 -14.44 -74.82
CA TRP G 342 -0.17 -15.03 -76.06
C TRP G 342 1.35 -15.01 -76.15
N GLY G 343 1.86 -15.89 -77.01
CA GLY G 343 3.30 -16.04 -77.17
C GLY G 343 3.68 -16.56 -78.54
N VAL G 344 4.93 -16.30 -78.92
CA VAL G 344 5.46 -16.74 -80.21
C VAL G 344 6.86 -17.30 -79.99
N MET G 345 7.31 -18.10 -80.95
CA MET G 345 8.64 -18.71 -80.84
C MET G 345 9.06 -19.16 -82.23
N SER G 346 10.11 -18.57 -82.77
CA SER G 346 10.47 -18.91 -84.15
C SER G 346 11.98 -18.89 -84.32
N THR G 347 12.45 -19.67 -85.28
CA THR G 347 13.87 -19.72 -85.60
C THR G 347 14.04 -19.74 -87.12
N ASN G 348 15.21 -19.34 -87.58
CA ASN G 348 15.45 -19.19 -89.01
C ASN G 348 16.77 -19.76 -89.47
N GLY G 349 17.64 -20.17 -88.56
CA GLY G 349 19.01 -20.44 -88.90
C GLY G 349 19.84 -19.21 -88.56
N SER G 350 20.54 -19.26 -87.43
CA SER G 350 21.32 -18.13 -86.91
C SER G 350 20.46 -16.91 -86.60
N HIS G 351 19.14 -17.03 -86.66
CA HIS G 351 18.23 -15.94 -86.33
C HIS G 351 17.05 -16.51 -85.58
N SER G 352 16.64 -15.83 -84.51
CA SER G 352 15.55 -16.31 -83.67
C SER G 352 14.68 -15.16 -83.22
N VAL G 353 13.49 -15.50 -82.73
CA VAL G 353 12.56 -14.53 -82.16
C VAL G 353 11.78 -15.22 -81.06
N GLY G 354 11.69 -14.56 -79.91
CA GLY G 354 11.05 -15.15 -78.75
C GLY G 354 10.43 -14.08 -77.89
N GLY G 355 10.24 -14.42 -76.61
CA GLY G 355 9.59 -13.52 -75.66
C GLY G 355 10.48 -13.23 -74.47
N SER G 356 11.76 -13.58 -74.59
CA SER G 356 12.74 -13.31 -73.56
C SER G 356 14.11 -13.76 -74.03
N ILE G 357 15.13 -13.54 -73.23
CA ILE G 357 16.48 -13.98 -73.53
C ILE G 357 16.68 -15.45 -73.19
N GLU G 358 16.09 -15.91 -72.09
CA GLU G 358 16.17 -17.31 -71.75
C GLU G 358 15.41 -18.17 -72.75
N SER G 359 14.39 -17.61 -73.38
CA SER G 359 13.67 -18.32 -74.43
C SER G 359 14.58 -18.57 -75.63
N ASN G 360 15.28 -17.53 -76.10
CA ASN G 360 16.16 -17.70 -77.25
C ASN G 360 17.34 -18.59 -76.90
N LEU G 361 17.79 -18.57 -75.64
CA LEU G 361 18.89 -19.45 -75.28
C LEU G 361 18.42 -20.90 -75.16
N TRP G 362 17.12 -21.11 -74.94
CA TRP G 362 16.62 -22.48 -74.86
C TRP G 362 16.44 -23.09 -76.25
N GLN G 363 15.90 -22.33 -77.20
CA GLN G 363 15.70 -22.88 -78.53
C GLN G 363 17.04 -22.88 -79.27
N LYS G 364 18.01 -23.49 -78.61
CA LYS G 364 19.38 -23.71 -79.09
C LYS G 364 19.98 -24.76 -78.15
N GLY G 365 21.29 -24.90 -78.15
CA GLY G 365 21.84 -25.82 -77.18
C GLY G 365 22.38 -25.21 -75.91
N LEU G 366 22.11 -23.93 -75.66
CA LEU G 366 22.92 -23.19 -74.69
C LEU G 366 22.48 -23.47 -73.25
N LEU G 367 21.18 -23.38 -72.96
CA LEU G 367 20.72 -23.63 -71.60
C LEU G 367 20.79 -25.11 -71.28
N ALA G 368 21.00 -25.43 -69.99
CA ALA G 368 21.13 -26.82 -69.58
C ALA G 368 19.76 -27.47 -69.38
N ASP G 369 18.98 -26.98 -68.43
CA ASP G 369 17.71 -27.61 -68.10
C ASP G 369 16.68 -27.31 -69.18
N ASP G 370 16.09 -28.36 -69.75
CA ASP G 370 15.18 -28.20 -70.87
C ASP G 370 14.00 -29.17 -70.74
N GLU G 371 12.91 -28.69 -70.17
CA GLU G 371 11.62 -29.35 -70.37
C GLU G 371 10.65 -28.43 -71.11
N PHE G 372 10.33 -27.27 -70.55
CA PHE G 372 9.80 -26.14 -71.31
C PHE G 372 9.79 -24.91 -70.41
N PRO G 373 10.35 -23.79 -70.85
CA PRO G 373 10.18 -22.55 -70.09
C PRO G 373 8.81 -21.92 -70.30
N VAL G 374 7.81 -22.42 -69.55
CA VAL G 374 6.43 -21.98 -69.80
C VAL G 374 6.25 -20.51 -69.49
N ASP G 375 7.04 -19.99 -68.55
CA ASP G 375 6.95 -18.59 -68.17
C ASP G 375 7.82 -17.69 -69.03
N GLU G 376 9.01 -18.16 -69.44
CA GLU G 376 9.83 -17.39 -70.34
C GLU G 376 9.29 -17.41 -71.77
N PHE G 377 8.36 -18.31 -72.07
CA PHE G 377 7.83 -18.44 -73.42
C PHE G 377 6.95 -17.26 -73.78
N LEU G 378 6.10 -16.80 -72.87
CA LEU G 378 4.99 -15.92 -73.22
C LEU G 378 5.48 -14.50 -73.48
N ASN G 379 4.92 -13.88 -74.52
CA ASN G 379 5.20 -12.49 -74.83
C ASN G 379 4.32 -11.56 -74.01
N VAL G 380 3.01 -11.74 -74.10
CA VAL G 380 2.04 -10.91 -73.41
C VAL G 380 1.31 -11.79 -72.42
N ASN G 381 1.33 -11.42 -71.15
CA ASN G 381 0.79 -12.23 -70.05
C ASN G 381 -0.14 -11.37 -69.21
N LEU G 382 -1.41 -11.25 -69.62
CA LEU G 382 -2.38 -10.39 -68.99
C LEU G 382 -3.67 -11.15 -68.75
N ALA G 383 -3.56 -12.32 -68.14
CA ALA G 383 -4.71 -13.19 -67.93
C ALA G 383 -5.66 -12.63 -66.89
N SER G 384 -6.95 -12.84 -67.12
CA SER G 384 -7.97 -12.49 -66.14
C SER G 384 -7.76 -13.29 -64.86
N THR G 385 -7.50 -12.57 -63.76
CA THR G 385 -7.11 -13.18 -62.50
C THR G 385 -8.34 -13.33 -61.61
N SER G 386 -8.92 -14.52 -61.61
CA SER G 386 -10.08 -14.84 -60.79
C SER G 386 -10.14 -16.36 -60.66
N ALA G 387 -11.13 -16.84 -59.92
CA ALA G 387 -11.30 -18.27 -59.73
C ALA G 387 -12.39 -18.86 -60.61
N ASN G 388 -13.26 -18.03 -61.17
CA ASN G 388 -14.36 -18.48 -62.00
C ASN G 388 -14.22 -18.01 -63.45
N ALA G 389 -13.02 -17.63 -63.87
CA ALA G 389 -12.84 -17.12 -65.22
C ALA G 389 -12.78 -18.26 -66.22
N SER G 390 -13.38 -18.05 -67.38
CA SER G 390 -13.44 -19.04 -68.43
C SER G 390 -12.54 -18.62 -69.60
N SER G 391 -11.90 -19.58 -70.24
CA SER G 391 -10.89 -19.30 -71.23
C SER G 391 -11.09 -20.16 -72.48
N ILE G 392 -10.29 -19.87 -73.50
CA ILE G 392 -10.19 -20.71 -74.69
C ILE G 392 -8.89 -20.38 -75.41
N ALA G 393 -8.21 -21.41 -75.90
CA ALA G 393 -6.87 -21.26 -76.45
C ALA G 393 -6.52 -22.00 -77.74
N PHE G 394 -5.91 -21.28 -78.67
CA PHE G 394 -5.60 -21.77 -80.00
C PHE G 394 -4.10 -21.84 -80.19
N GLN G 395 -3.66 -22.74 -81.07
CA GLN G 395 -2.24 -23.01 -81.24
C GLN G 395 -1.93 -23.29 -82.70
N VAL G 396 -0.69 -23.00 -83.09
CA VAL G 396 -0.13 -23.41 -84.38
C VAL G 396 1.30 -23.85 -84.13
N ALA G 397 1.55 -25.15 -84.19
CA ALA G 397 2.88 -25.69 -83.90
C ALA G 397 3.35 -26.54 -85.06
N LYS G 398 4.47 -26.15 -85.67
CA LYS G 398 5.06 -26.91 -86.75
C LYS G 398 6.12 -27.89 -86.27
N LEU G 399 7.15 -27.40 -85.58
CA LEU G 399 8.27 -28.15 -85.05
C LEU G 399 9.15 -28.72 -86.15
N GLY G 400 8.79 -28.55 -87.41
CA GLY G 400 9.66 -28.90 -88.52
C GLY G 400 10.48 -27.70 -88.92
N SER G 401 9.82 -26.57 -89.15
CA SER G 401 10.53 -25.30 -89.31
C SER G 401 10.78 -24.60 -87.98
N GLY G 402 10.19 -25.10 -86.89
CA GLY G 402 10.41 -24.57 -85.56
C GLY G 402 9.30 -23.68 -85.04
N THR G 403 8.56 -23.02 -85.93
CA THR G 403 7.60 -22.00 -85.51
C THR G 403 6.55 -22.56 -84.55
N LEU G 404 6.21 -21.77 -83.55
CA LEU G 404 5.14 -22.07 -82.61
C LEU G 404 4.45 -20.77 -82.24
N LEU G 405 3.13 -20.79 -82.15
CA LEU G 405 2.42 -19.61 -81.68
C LEU G 405 1.16 -20.01 -80.92
N ASP G 406 0.94 -19.37 -79.77
CA ASP G 406 -0.16 -19.66 -78.86
C ASP G 406 -0.96 -18.40 -78.55
N LEU G 407 -2.28 -18.55 -78.42
CA LEU G 407 -3.16 -17.43 -78.08
C LEU G 407 -4.32 -17.89 -77.24
N GLU G 408 -4.47 -17.33 -76.03
CA GLU G 408 -5.55 -17.68 -75.11
C GLU G 408 -6.31 -16.43 -74.68
N LEU G 409 -7.65 -16.51 -74.65
CA LEU G 409 -8.53 -15.47 -74.16
C LEU G 409 -9.23 -15.93 -72.89
N SER G 410 -9.48 -15.03 -71.99
CA SER G 410 -10.21 -15.38 -70.77
C SER G 410 -11.10 -14.22 -70.35
N ALA G 411 -12.18 -14.57 -69.65
CA ALA G 411 -13.23 -13.61 -69.35
C ALA G 411 -13.96 -14.00 -68.07
N LEU G 412 -14.68 -13.04 -67.50
CA LEU G 412 -15.57 -13.30 -66.37
C LEU G 412 -16.55 -12.15 -66.24
N GLN G 413 -17.79 -12.44 -65.81
CA GLN G 413 -18.81 -11.42 -65.58
C GLN G 413 -19.86 -11.88 -64.57
N ASN G 414 -19.93 -11.27 -63.39
CA ASN G 414 -20.94 -11.71 -62.44
C ASN G 414 -21.69 -10.53 -61.84
N GLU G 415 -22.71 -10.85 -61.04
CA GLU G 415 -23.76 -9.92 -60.68
C GLU G 415 -24.51 -10.45 -59.46
N SER G 416 -24.97 -9.55 -58.60
CA SER G 416 -25.55 -10.00 -57.33
C SER G 416 -26.54 -8.99 -56.79
N LYS G 417 -27.49 -9.48 -56.00
CA LYS G 417 -28.54 -8.70 -55.35
C LYS G 417 -28.82 -9.25 -53.96
N ALA G 418 -29.33 -8.39 -53.08
CA ALA G 418 -29.72 -8.85 -51.75
C ALA G 418 -30.68 -7.86 -51.13
N GLU G 419 -31.52 -8.36 -50.22
CA GLU G 419 -32.50 -7.51 -49.54
C GLU G 419 -32.90 -8.13 -48.21
N ILE G 420 -32.85 -7.32 -47.15
CA ILE G 420 -33.16 -7.77 -45.79
C ILE G 420 -34.16 -6.83 -45.15
N ILE G 421 -35.09 -7.38 -44.38
CA ILE G 421 -36.11 -6.63 -43.65
C ILE G 421 -36.21 -7.16 -42.23
N SER G 422 -36.22 -6.26 -41.25
CA SER G 422 -36.46 -6.68 -39.87
C SER G 422 -37.33 -5.66 -39.16
N SER G 423 -38.28 -6.13 -38.36
CA SER G 423 -39.21 -5.23 -37.68
C SER G 423 -39.57 -5.74 -36.29
N PRO G 424 -39.02 -5.15 -35.23
CA PRO G 424 -39.51 -5.43 -33.87
C PRO G 424 -40.71 -4.57 -33.46
N ARG G 425 -41.48 -5.02 -32.47
CA ARG G 425 -42.64 -4.28 -31.96
C ARG G 425 -42.66 -4.35 -30.46
N LEU G 426 -43.37 -3.41 -29.85
CA LEU G 426 -43.55 -3.38 -28.41
C LEU G 426 -44.89 -2.76 -28.10
N ILE G 427 -45.42 -3.10 -26.92
CA ILE G 427 -46.53 -2.37 -26.32
C ILE G 427 -46.09 -1.96 -24.91
N THR G 428 -46.50 -0.77 -24.48
CA THR G 428 -46.05 -0.25 -23.19
C THR G 428 -47.05 0.80 -22.70
N THR G 429 -46.79 1.30 -21.48
CA THR G 429 -47.64 2.31 -20.81
C THR G 429 -46.99 3.69 -20.99
N ASN G 430 -47.81 4.75 -21.09
CA ASN G 430 -47.33 6.10 -21.33
C ASN G 430 -46.27 6.52 -20.32
N LYS G 431 -45.18 7.09 -20.82
CA LYS G 431 -44.08 7.64 -20.02
C LYS G 431 -43.25 6.56 -19.35
N GLN G 432 -43.23 5.37 -19.94
CA GLN G 432 -42.63 4.20 -19.31
C GLN G 432 -41.64 3.52 -20.25
N PRO G 433 -40.42 3.22 -19.79
CA PRO G 433 -39.39 2.70 -20.71
C PRO G 433 -39.52 1.21 -20.99
N ALA G 434 -39.33 0.85 -22.26
CA ALA G 434 -39.45 -0.55 -22.66
C ALA G 434 -38.35 -0.89 -23.66
N TYR G 435 -38.02 -2.19 -23.74
CA TYR G 435 -36.99 -2.66 -24.67
C TYR G 435 -37.33 -4.07 -25.14
N ILE G 436 -36.85 -4.40 -26.33
CA ILE G 436 -36.89 -5.77 -26.85
C ILE G 436 -35.60 -6.04 -27.62
N GLU G 437 -35.04 -7.25 -27.44
CA GLU G 437 -33.69 -7.60 -27.91
C GLU G 437 -33.64 -9.00 -28.50
N GLN G 438 -32.64 -9.24 -29.34
CA GLN G 438 -32.37 -10.56 -29.89
C GLN G 438 -30.94 -10.58 -30.43
N GLY G 439 -30.07 -11.42 -29.89
CA GLY G 439 -28.71 -11.47 -30.40
C GLY G 439 -27.76 -12.35 -29.62
N THR G 440 -26.51 -11.90 -29.44
CA THR G 440 -25.53 -12.64 -28.64
C THR G 440 -24.78 -11.71 -27.69
N GLU G 441 -24.16 -12.32 -26.68
CA GLU G 441 -23.34 -11.60 -25.71
C GLU G 441 -21.92 -12.15 -25.76
N ILE G 442 -20.97 -11.30 -26.10
CA ILE G 442 -19.59 -11.73 -26.29
C ILE G 442 -18.82 -11.53 -24.98
N PRO G 443 -18.19 -12.60 -24.49
CA PRO G 443 -17.39 -12.50 -23.27
C PRO G 443 -16.08 -11.85 -23.63
N TYR G 444 -15.73 -10.73 -23.01
CA TYR G 444 -14.44 -10.11 -23.32
C TYR G 444 -13.46 -10.33 -22.16
N LEU G 445 -12.17 -10.43 -22.48
CA LEU G 445 -11.20 -10.73 -21.42
C LEU G 445 -10.75 -9.52 -20.63
N GLU G 446 -11.40 -9.41 -19.46
CA GLU G 446 -11.24 -8.44 -18.37
C GLU G 446 -11.97 -7.10 -18.45
N SER G 447 -12.26 -6.60 -17.26
CA SER G 447 -12.86 -5.30 -17.00
C SER G 447 -12.06 -4.87 -15.77
N SER G 448 -11.63 -3.62 -15.73
CA SER G 448 -10.78 -3.25 -14.60
C SER G 448 -11.32 -2.31 -13.53
N SER G 449 -11.36 -2.79 -12.29
CA SER G 449 -11.71 -1.94 -11.17
C SER G 449 -10.41 -1.58 -10.47
N SER G 450 -10.47 -1.14 -9.22
CA SER G 450 -9.27 -0.85 -8.43
C SER G 450 -8.53 -2.14 -8.09
N GLY G 451 -7.88 -2.71 -9.11
CA GLY G 451 -6.95 -3.79 -8.88
C GLY G 451 -7.07 -5.05 -9.73
N ALA G 452 -8.28 -5.49 -10.08
CA ALA G 452 -8.40 -6.77 -10.77
C ALA G 452 -9.59 -6.86 -11.73
N SER G 453 -9.78 -8.03 -12.32
CA SER G 453 -10.55 -8.20 -13.56
C SER G 453 -11.92 -8.78 -13.30
N THR G 454 -12.95 -8.07 -13.75
CA THR G 454 -14.32 -8.56 -13.78
C THR G 454 -14.68 -8.72 -15.25
N VAL G 455 -14.36 -9.89 -15.83
CA VAL G 455 -14.52 -10.05 -17.27
C VAL G 455 -16.01 -9.97 -17.60
N ALA G 456 -16.32 -9.26 -18.69
CA ALA G 456 -17.67 -8.77 -18.88
C ALA G 456 -18.20 -9.18 -20.25
N PHE G 457 -19.38 -8.69 -20.58
CA PHE G 457 -20.10 -9.08 -21.78
C PHE G 457 -20.52 -7.87 -22.58
N LYS G 458 -20.15 -7.87 -23.85
CA LYS G 458 -20.55 -6.84 -24.79
C LYS G 458 -21.75 -7.44 -25.56
N LYS G 459 -22.63 -6.60 -26.07
CA LYS G 459 -23.82 -7.09 -26.75
C LYS G 459 -23.71 -6.89 -28.25
N ALA G 460 -24.24 -7.84 -29.00
CA ALA G 460 -24.38 -7.76 -30.45
C ALA G 460 -25.80 -8.23 -30.75
N VAL G 461 -26.74 -7.29 -30.73
CA VAL G 461 -28.16 -7.58 -30.75
C VAL G 461 -28.86 -6.70 -31.78
N LEU G 462 -30.04 -7.17 -32.20
CA LEU G 462 -31.02 -6.29 -32.89
C LEU G 462 -32.04 -5.80 -31.86
N SER G 463 -32.00 -4.52 -31.51
CA SER G 463 -32.71 -4.04 -30.33
C SER G 463 -33.51 -2.77 -30.60
N LEU G 464 -34.61 -2.65 -29.88
CA LEU G 464 -35.42 -1.44 -29.83
C LEU G 464 -35.60 -1.00 -28.38
N LYS G 465 -35.36 0.29 -28.14
CA LYS G 465 -35.43 0.88 -26.81
C LYS G 465 -36.20 2.18 -26.91
N VAL G 466 -37.31 2.31 -26.18
CA VAL G 466 -38.19 3.46 -26.42
C VAL G 466 -38.85 3.95 -25.14
N THR G 467 -39.05 5.30 -25.08
CA THR G 467 -39.92 5.97 -24.11
C THR G 467 -40.89 6.92 -24.82
N PRO G 468 -42.20 6.66 -24.73
CA PRO G 468 -43.19 7.50 -25.42
C PRO G 468 -43.86 8.55 -24.55
N GLN G 469 -44.58 9.48 -25.17
CA GLN G 469 -45.35 10.50 -24.45
C GLN G 469 -46.49 10.97 -25.33
N ILE G 470 -47.71 10.95 -24.81
CA ILE G 470 -48.91 11.33 -25.55
C ILE G 470 -49.23 12.79 -25.25
N THR G 471 -49.51 13.55 -26.30
CA THR G 471 -49.83 14.98 -26.23
C THR G 471 -51.29 15.22 -26.59
N PRO G 472 -51.81 16.43 -26.36
CA PRO G 472 -53.26 16.64 -26.57
C PRO G 472 -53.72 16.51 -28.00
N ASP G 473 -53.01 17.08 -28.96
CA ASP G 473 -53.52 17.10 -30.33
C ASP G 473 -53.15 15.86 -31.12
N ASN G 474 -53.35 14.67 -30.55
CA ASN G 474 -53.25 13.40 -31.27
C ASN G 474 -51.84 13.21 -31.86
N ARG G 475 -50.83 13.23 -30.99
CA ARG G 475 -49.45 13.17 -31.43
C ARG G 475 -48.59 12.52 -30.35
N LEU G 476 -47.43 12.01 -30.76
CA LEU G 476 -46.49 11.36 -29.86
C LEU G 476 -45.12 12.02 -29.95
N VAL G 477 -44.45 12.09 -28.82
CA VAL G 477 -43.03 12.45 -28.75
C VAL G 477 -42.30 11.19 -28.34
N LEU G 478 -41.37 10.72 -29.17
CA LEU G 478 -40.67 9.46 -28.93
C LEU G 478 -39.19 9.70 -28.68
N ASP G 479 -38.67 9.15 -27.58
CA ASP G 479 -37.20 9.03 -27.37
C ASP G 479 -36.72 7.66 -27.82
N LEU G 480 -35.94 7.59 -28.90
CA LEU G 480 -35.79 6.36 -29.71
C LEU G 480 -34.33 5.91 -29.69
N SER G 481 -34.08 4.62 -29.46
CA SER G 481 -32.81 3.97 -29.86
C SER G 481 -33.10 2.68 -30.63
N VAL G 482 -32.55 2.57 -31.84
CA VAL G 482 -32.74 1.32 -32.66
C VAL G 482 -31.38 0.84 -33.17
N THR G 483 -30.97 -0.40 -32.84
CA THR G 483 -29.66 -0.88 -33.29
C THR G 483 -29.79 -2.24 -33.96
N GLN G 484 -28.78 -2.57 -34.75
CA GLN G 484 -28.65 -3.88 -35.38
C GLN G 484 -27.18 -4.24 -35.54
N ASP G 485 -26.61 -4.97 -34.58
CA ASP G 485 -25.20 -5.34 -34.58
C ASP G 485 -25.04 -6.83 -34.80
N ARG G 486 -23.83 -7.20 -35.22
CA ARG G 486 -23.48 -8.59 -35.48
C ARG G 486 -22.06 -8.86 -35.00
N ARG G 487 -21.67 -10.12 -35.01
CA ARG G 487 -20.34 -10.53 -34.61
C ARG G 487 -19.46 -10.51 -35.85
N GLY G 488 -18.31 -9.86 -35.75
CA GLY G 488 -17.41 -9.69 -36.87
C GLY G 488 -16.21 -10.63 -36.80
N GLU G 489 -15.14 -10.23 -37.48
CA GLU G 489 -13.93 -11.03 -37.53
C GLU G 489 -13.21 -11.01 -36.20
N THR G 490 -12.22 -11.87 -36.06
CA THR G 490 -11.40 -11.97 -34.86
C THR G 490 -10.05 -11.35 -35.18
N VAL G 491 -9.82 -10.15 -34.64
CA VAL G 491 -8.59 -9.39 -34.84
C VAL G 491 -7.54 -9.79 -33.81
N LYS G 492 -6.32 -9.29 -34.03
CA LYS G 492 -5.16 -9.60 -33.16
C LYS G 492 -4.94 -8.47 -32.15
N THR G 493 -4.85 -8.80 -30.86
CA THR G 493 -4.64 -7.79 -29.78
C THR G 493 -3.47 -8.22 -28.89
N GLY G 494 -2.38 -7.44 -28.88
CA GLY G 494 -1.17 -7.79 -28.12
C GLY G 494 -0.59 -9.12 -28.57
N THR G 495 -0.42 -10.07 -27.65
CA THR G 495 -0.02 -11.45 -28.00
C THR G 495 -1.26 -12.33 -28.15
N GLY G 496 -2.46 -11.73 -28.04
CA GLY G 496 -3.72 -12.49 -28.02
C GLY G 496 -4.61 -12.16 -29.20
N GLU G 497 -5.89 -12.57 -29.11
CA GLU G 497 -6.91 -12.24 -30.10
C GLU G 497 -8.20 -11.91 -29.38
N ALA G 498 -9.11 -11.28 -30.10
CA ALA G 498 -10.42 -10.92 -29.58
C ALA G 498 -11.37 -10.77 -30.75
N VAL G 499 -12.65 -10.58 -30.46
CA VAL G 499 -13.72 -10.57 -31.46
C VAL G 499 -14.17 -9.14 -31.66
N SER G 500 -14.35 -8.73 -32.91
CA SER G 500 -14.85 -7.41 -33.25
C SER G 500 -16.33 -7.47 -33.60
N ILE G 501 -16.97 -6.30 -33.64
CA ILE G 501 -18.40 -6.19 -33.81
C ILE G 501 -18.71 -5.22 -34.94
N ASP G 502 -19.71 -5.56 -35.76
CA ASP G 502 -20.19 -4.69 -36.84
C ASP G 502 -21.54 -4.09 -36.45
N THR G 503 -21.66 -2.76 -36.55
CA THR G 503 -22.79 -2.05 -35.95
C THR G 503 -23.54 -1.19 -36.95
N GLN G 504 -24.81 -0.93 -36.64
CA GLN G 504 -25.64 0.13 -37.22
C GLN G 504 -26.50 0.69 -36.11
N ARG G 505 -26.49 2.00 -35.92
CA ARG G 505 -27.15 2.59 -34.77
C ARG G 505 -27.78 3.92 -35.14
N ILE G 506 -28.91 4.20 -34.51
CA ILE G 506 -29.54 5.51 -34.64
C ILE G 506 -30.26 5.82 -33.33
N GLY G 507 -30.08 7.04 -32.87
CA GLY G 507 -30.72 7.53 -31.66
C GLY G 507 -31.23 8.94 -31.82
N THR G 508 -32.48 9.18 -31.47
CA THR G 508 -33.10 10.47 -31.75
C THR G 508 -34.23 10.76 -30.78
N GLN G 509 -34.81 11.95 -30.96
CA GLN G 509 -36.11 12.31 -30.40
C GLN G 509 -36.94 12.88 -31.53
N VAL G 510 -38.13 12.33 -31.75
CA VAL G 510 -38.99 12.77 -32.85
C VAL G 510 -40.40 13.01 -32.35
N LEU G 511 -41.20 13.62 -33.23
CA LEU G 511 -42.57 14.02 -32.96
C LEU G 511 -43.42 13.60 -34.15
N VAL G 512 -44.35 12.67 -33.93
CA VAL G 512 -45.03 11.99 -35.03
C VAL G 512 -46.51 11.86 -34.73
N ASN G 513 -47.33 11.97 -35.77
CA ASN G 513 -48.78 11.85 -35.62
C ASN G 513 -49.15 10.44 -35.17
N ASN G 514 -50.42 10.26 -34.80
CA ASN G 514 -50.82 9.07 -34.06
C ASN G 514 -50.56 7.78 -34.82
N GLY G 515 -51.11 7.60 -36.02
CA GLY G 515 -51.01 6.30 -36.63
C GLY G 515 -50.34 6.23 -37.99
N GLU G 516 -49.28 7.01 -38.21
CA GLU G 516 -48.58 6.99 -39.49
C GLU G 516 -47.08 6.82 -39.30
N THR G 517 -46.38 6.62 -40.41
CA THR G 517 -44.96 6.29 -40.41
C THR G 517 -44.13 7.51 -40.78
N VAL G 518 -42.92 7.56 -40.22
CA VAL G 518 -41.91 8.54 -40.59
C VAL G 518 -40.60 7.79 -40.81
N VAL G 519 -39.74 8.31 -41.66
CA VAL G 519 -38.41 7.75 -41.82
C VAL G 519 -37.45 8.51 -40.93
N LEU G 520 -36.76 7.80 -40.05
CA LEU G 520 -35.87 8.41 -39.08
C LEU G 520 -34.54 8.77 -39.70
N GLY G 521 -34.02 7.90 -40.56
CA GLY G 521 -32.76 8.15 -41.22
C GLY G 521 -32.45 7.03 -42.19
N GLY G 522 -31.32 7.21 -42.88
CA GLY G 522 -30.87 6.21 -43.83
C GLY G 522 -29.45 6.52 -44.26
N ILE G 523 -28.87 5.58 -44.98
CA ILE G 523 -27.54 5.75 -45.54
C ILE G 523 -27.56 5.22 -46.97
N PHE G 524 -26.96 5.98 -47.88
CA PHE G 524 -26.88 5.61 -49.29
C PHE G 524 -25.41 5.53 -49.69
N GLN G 525 -25.05 4.51 -50.47
CA GLN G 525 -23.67 4.40 -50.93
C GLN G 525 -23.62 3.94 -52.38
N HIS G 526 -22.59 4.39 -53.09
CA HIS G 526 -22.37 4.02 -54.48
C HIS G 526 -20.88 4.00 -54.75
N SER G 527 -20.43 3.10 -55.63
CA SER G 527 -19.01 3.09 -55.97
C SER G 527 -18.78 2.48 -57.35
N ILE G 528 -17.74 2.95 -58.03
CA ILE G 528 -17.39 2.55 -59.39
C ILE G 528 -15.87 2.49 -59.54
N ASN G 529 -15.36 1.39 -60.08
CA ASN G 529 -13.93 1.24 -60.32
C ASN G 529 -13.67 0.77 -61.75
N ASN G 530 -12.62 1.30 -62.36
CA ASN G 530 -12.18 0.89 -63.68
C ASN G 530 -10.67 0.76 -63.70
N SER G 531 -10.16 -0.15 -64.52
CA SER G 531 -8.71 -0.30 -64.60
C SER G 531 -8.33 -0.97 -65.91
N VAL G 532 -7.15 -0.61 -66.43
CA VAL G 532 -6.60 -1.16 -67.67
C VAL G 532 -5.11 -1.32 -67.50
N ASP G 533 -4.55 -2.43 -68.00
CA ASP G 533 -3.10 -2.46 -68.22
C ASP G 533 -2.83 -3.03 -69.60
N LYS G 534 -1.97 -2.35 -70.35
CA LYS G 534 -1.86 -2.63 -71.77
C LYS G 534 -0.43 -2.50 -72.25
N VAL G 535 -0.25 -2.72 -73.54
CA VAL G 535 1.04 -2.51 -74.18
C VAL G 535 1.10 -1.09 -74.73
N PRO G 536 2.20 -0.36 -74.48
CA PRO G 536 2.14 1.12 -74.63
C PRO G 536 1.50 1.67 -75.88
N LEU G 537 1.66 1.03 -77.04
CA LEU G 537 1.07 1.60 -78.25
C LEU G 537 0.03 0.71 -78.91
N LEU G 538 0.14 -0.61 -78.75
CA LEU G 538 -0.75 -1.51 -79.45
C LEU G 538 -2.10 -1.65 -78.77
N GLY G 539 -2.15 -1.49 -77.45
CA GLY G 539 -3.38 -1.67 -76.71
C GLY G 539 -4.39 -0.57 -76.92
N ASP G 540 -4.22 0.20 -77.99
CA ASP G 540 -5.13 1.29 -78.32
C ASP G 540 -5.66 1.20 -79.73
N LEU G 541 -5.25 0.20 -80.51
CA LEU G 541 -5.72 0.05 -81.88
C LEU G 541 -7.21 -0.26 -81.88
N PRO G 542 -7.93 0.20 -82.92
CA PRO G 542 -9.41 0.21 -82.85
C PRO G 542 -10.04 -1.15 -82.57
N VAL G 543 -9.68 -2.19 -83.32
CA VAL G 543 -10.32 -3.48 -83.12
C VAL G 543 -9.31 -4.51 -82.62
N LEU G 544 -8.06 -4.39 -83.08
CA LEU G 544 -7.03 -5.33 -82.65
C LEU G 544 -6.59 -5.10 -81.22
N GLY G 545 -6.86 -3.91 -80.66
CA GLY G 545 -6.29 -3.57 -79.37
C GLY G 545 -6.63 -4.54 -78.26
N ALA G 546 -7.79 -5.19 -78.36
CA ALA G 546 -8.23 -6.14 -77.33
C ALA G 546 -7.28 -7.31 -77.19
N LEU G 547 -6.33 -7.49 -78.09
CA LEU G 547 -5.33 -8.54 -77.96
C LEU G 547 -4.14 -8.12 -77.11
N PHE G 548 -4.09 -6.88 -76.64
CA PHE G 548 -2.91 -6.33 -76.00
C PHE G 548 -3.23 -5.65 -74.68
N ARG G 549 -4.28 -6.08 -73.98
CA ARG G 549 -4.69 -5.34 -72.80
C ARG G 549 -5.57 -6.21 -71.91
N ARG G 550 -5.53 -5.92 -70.61
CA ARG G 550 -6.48 -6.47 -69.65
C ARG G 550 -7.32 -5.35 -69.09
N THR G 551 -8.61 -5.59 -68.97
CA THR G 551 -9.60 -4.60 -68.58
C THR G 551 -10.43 -5.12 -67.40
N TYR G 552 -10.66 -4.26 -66.42
CA TYR G 552 -11.37 -4.61 -65.20
C TYR G 552 -12.39 -3.54 -64.88
N GLU G 553 -13.59 -3.92 -64.46
CA GLU G 553 -14.62 -2.95 -64.15
C GLU G 553 -15.56 -3.46 -63.07
N GLN G 554 -15.88 -2.62 -62.09
CA GLN G 554 -16.68 -3.05 -60.96
C GLN G 554 -17.60 -1.92 -60.50
N MET G 555 -18.82 -2.26 -60.05
CA MET G 555 -19.78 -1.27 -59.55
C MET G 555 -20.62 -1.82 -58.39
N GLY G 556 -20.82 -1.02 -57.35
CA GLY G 556 -21.61 -1.44 -56.20
C GLY G 556 -22.57 -0.37 -55.75
N LYS G 557 -23.67 -0.80 -55.13
CA LYS G 557 -24.66 0.15 -54.63
C LYS G 557 -25.36 -0.41 -53.41
N SER G 558 -25.60 0.44 -52.42
CA SER G 558 -26.19 -0.01 -51.16
C SER G 558 -27.12 1.05 -50.60
N GLU G 559 -28.16 0.61 -49.89
CA GLU G 559 -29.13 1.54 -49.33
C GLU G 559 -29.76 0.99 -48.06
N LEU G 560 -29.82 1.83 -47.04
CA LEU G 560 -30.40 1.45 -45.72
C LEU G 560 -31.43 2.51 -45.31
N LEU G 561 -32.56 2.06 -44.75
CA LEU G 561 -33.62 2.95 -44.29
C LEU G 561 -34.20 2.46 -42.98
N ILE G 562 -34.61 3.40 -42.12
CA ILE G 562 -35.24 3.07 -40.85
C ILE G 562 -36.56 3.82 -40.71
N PHE G 563 -37.65 3.08 -40.45
CA PHE G 563 -38.99 3.63 -40.27
C PHE G 563 -39.48 3.37 -38.85
N VAL G 564 -40.45 4.17 -38.41
CA VAL G 564 -41.12 3.94 -37.13
C VAL G 564 -42.58 4.37 -37.27
N THR G 565 -43.45 3.67 -36.57
CA THR G 565 -44.88 3.99 -36.56
C THR G 565 -45.52 3.66 -35.22
N PRO G 566 -45.98 4.67 -34.48
CA PRO G 566 -46.65 4.42 -33.20
C PRO G 566 -48.18 4.36 -33.38
N LYS G 567 -48.85 3.94 -32.30
CA LYS G 567 -50.30 3.79 -32.28
C LYS G 567 -50.81 3.71 -30.85
N VAL G 568 -51.91 4.41 -30.56
CA VAL G 568 -52.51 4.40 -29.23
C VAL G 568 -53.56 3.31 -29.19
N VAL G 569 -53.45 2.41 -28.22
CA VAL G 569 -54.39 1.31 -28.10
C VAL G 569 -55.69 1.85 -27.51
N ILE G 570 -56.75 1.81 -28.32
CA ILE G 570 -58.05 2.32 -27.93
C ILE G 570 -58.97 1.24 -27.35
N GLN G 571 -58.45 0.24 -26.66
CA GLN G 571 -59.30 -0.75 -25.92
C GLN G 571 -60.45 -1.32 -26.75
N SER H 160 -17.33 98.25 -4.08
CA SER H 160 -18.04 99.31 -3.39
C SER H 160 -18.65 98.80 -2.09
N ILE H 161 -18.01 97.81 -1.49
CA ILE H 161 -18.56 97.09 -0.34
C ILE H 161 -17.74 97.44 0.89
N ASN H 162 -18.44 97.78 1.97
CA ASN H 162 -17.82 97.94 3.29
C ASN H 162 -18.91 97.64 4.32
N PHE H 163 -18.89 96.42 4.86
CA PHE H 163 -19.94 95.96 5.77
C PHE H 163 -19.29 95.57 7.10
N GLN H 164 -19.62 96.30 8.15
CA GLN H 164 -19.12 96.05 9.49
C GLN H 164 -20.28 95.58 10.35
N ASP H 165 -20.11 94.43 11.02
CA ASP H 165 -21.15 93.89 11.88
C ASP H 165 -22.46 93.71 11.11
N ILE H 166 -22.33 93.26 9.87
CA ILE H 166 -23.45 93.01 8.98
C ILE H 166 -23.64 91.51 8.88
N PRO H 167 -24.84 90.98 9.07
CA PRO H 167 -25.05 89.54 8.96
C PRO H 167 -24.71 89.04 7.56
N VAL H 168 -24.28 87.78 7.51
CA VAL H 168 -23.95 87.17 6.22
C VAL H 168 -25.16 87.17 5.29
N ARG H 169 -26.35 86.99 5.85
CA ARG H 169 -27.57 87.05 5.06
C ARG H 169 -27.72 88.40 4.37
N ASN H 170 -27.37 89.49 5.07
CA ASN H 170 -27.58 90.82 4.51
C ASN H 170 -26.60 91.12 3.39
N VAL H 171 -25.32 90.79 3.59
CA VAL H 171 -24.35 91.01 2.52
C VAL H 171 -24.63 90.09 1.33
N LEU H 172 -25.15 88.89 1.60
CA LEU H 172 -25.51 88.00 0.49
C LEU H 172 -26.70 88.54 -0.28
N GLN H 173 -27.68 89.10 0.42
CA GLN H 173 -28.81 89.71 -0.27
C GLN H 173 -28.39 90.96 -1.03
N LEU H 174 -27.36 91.65 -0.55
CA LEU H 174 -26.81 92.77 -1.31
C LEU H 174 -26.15 92.28 -2.59
N ILE H 175 -25.30 91.26 -2.49
CA ILE H 175 -24.68 90.68 -3.67
C ILE H 175 -25.75 90.18 -4.65
N ALA H 176 -26.87 89.69 -4.12
CA ALA H 176 -27.98 89.28 -4.99
C ALA H 176 -28.59 90.48 -5.71
N ASP H 177 -29.06 91.47 -4.96
CA ASP H 177 -29.75 92.62 -5.49
C ASP H 177 -28.85 93.53 -6.32
N TYR H 178 -27.58 93.19 -6.50
CA TYR H 178 -26.64 94.00 -7.26
C TYR H 178 -26.58 93.61 -8.74
N ASN H 179 -27.69 93.11 -9.29
CA ASN H 179 -27.87 92.64 -10.67
C ASN H 179 -27.26 91.27 -10.90
N GLY H 180 -26.81 90.58 -9.85
CA GLY H 180 -26.40 89.21 -9.99
C GLY H 180 -27.58 88.27 -10.01
N PHE H 181 -27.28 86.99 -10.26
CA PHE H 181 -28.33 85.98 -10.29
C PHE H 181 -28.91 85.78 -8.90
N ASN H 182 -30.24 85.65 -8.84
CA ASN H 182 -30.95 85.59 -7.57
C ASN H 182 -30.42 84.46 -6.70
N LEU H 183 -30.26 84.73 -5.41
CA LEU H 183 -29.76 83.75 -4.46
C LEU H 183 -30.59 83.78 -3.19
N VAL H 184 -30.64 82.63 -2.53
CA VAL H 184 -31.41 82.46 -1.30
C VAL H 184 -30.57 81.71 -0.27
N VAL H 185 -30.89 81.89 1.00
CA VAL H 185 -30.15 81.29 2.09
C VAL H 185 -31.09 80.55 3.03
N SER H 186 -30.52 79.87 4.02
CA SER H 186 -31.30 79.12 5.00
C SER H 186 -31.77 80.07 6.12
N ASP H 187 -32.29 79.50 7.21
CA ASP H 187 -32.80 80.32 8.31
C ASP H 187 -31.66 80.95 9.09
N SER H 188 -30.84 80.12 9.73
CA SER H 188 -29.67 80.57 10.48
C SER H 188 -28.47 79.90 9.82
N VAL H 189 -27.90 80.57 8.82
CA VAL H 189 -26.92 79.93 7.96
C VAL H 189 -25.52 80.03 8.58
N VAL H 190 -25.00 81.25 8.66
CA VAL H 190 -23.62 81.46 9.09
C VAL H 190 -23.59 82.40 10.29
N GLY H 191 -24.11 83.61 10.09
CA GLY H 191 -24.12 84.61 11.15
C GLY H 191 -23.75 85.99 10.65
N ASN H 192 -22.71 86.57 11.24
CA ASN H 192 -22.30 87.94 11.01
C ASN H 192 -20.84 87.99 10.58
N LEU H 193 -20.43 89.12 10.01
CA LEU H 193 -19.04 89.33 9.65
C LEU H 193 -18.76 90.83 9.46
N THR H 194 -17.58 91.11 8.92
CA THR H 194 -17.12 92.48 8.69
C THR H 194 -15.93 92.44 7.75
N LEU H 195 -16.02 93.21 6.66
CA LEU H 195 -14.95 93.32 5.68
C LEU H 195 -15.31 94.44 4.70
N ARG H 196 -14.28 94.92 3.99
CA ARG H 196 -14.43 96.01 3.03
C ARG H 196 -13.53 95.77 1.83
N LEU H 197 -14.12 95.80 0.64
CA LEU H 197 -13.39 95.62 -0.61
C LEU H 197 -14.15 96.32 -1.72
N ASP H 198 -13.45 96.54 -2.84
CA ASP H 198 -14.02 97.24 -3.99
C ASP H 198 -13.19 96.99 -5.23
N GLY H 199 -13.83 97.16 -6.39
CA GLY H 199 -13.15 97.05 -7.67
C GLY H 199 -12.60 95.68 -7.98
N VAL H 200 -13.44 94.66 -7.86
CA VAL H 200 -13.00 93.26 -7.97
C VAL H 200 -14.13 92.42 -8.53
N PRO H 201 -13.86 91.23 -9.06
CA PRO H 201 -14.96 90.36 -9.52
C PRO H 201 -15.70 89.74 -8.35
N TRP H 202 -16.98 89.41 -8.61
CA TRP H 202 -17.77 88.70 -7.62
C TRP H 202 -17.23 87.30 -7.35
N GLN H 203 -16.58 86.71 -8.35
CA GLN H 203 -16.06 85.35 -8.20
C GLN H 203 -15.06 85.26 -7.05
N GLN H 204 -14.01 86.10 -7.10
CA GLN H 204 -12.96 86.01 -6.10
C GLN H 204 -13.47 86.35 -4.71
N VAL H 205 -14.23 87.44 -4.59
CA VAL H 205 -14.70 87.88 -3.28
C VAL H 205 -15.67 86.86 -2.70
N LEU H 206 -16.66 86.44 -3.50
CA LEU H 206 -17.61 85.44 -3.03
C LEU H 206 -16.91 84.16 -2.62
N ASP H 207 -15.96 83.69 -3.42
CA ASP H 207 -15.29 82.45 -3.09
C ASP H 207 -14.44 82.58 -1.83
N ILE H 208 -13.72 83.69 -1.68
CA ILE H 208 -12.87 83.83 -0.49
C ILE H 208 -13.73 83.93 0.76
N ILE H 209 -14.90 84.57 0.67
CA ILE H 209 -15.82 84.60 1.80
C ILE H 209 -16.31 83.19 2.11
N LEU H 210 -16.80 82.48 1.10
CA LEU H 210 -17.36 81.14 1.31
C LEU H 210 -16.30 80.13 1.72
N GLN H 211 -15.02 80.43 1.50
CA GLN H 211 -13.96 79.55 1.94
C GLN H 211 -13.57 79.82 3.39
N VAL H 212 -13.27 81.08 3.71
CA VAL H 212 -12.72 81.39 5.02
C VAL H 212 -13.75 81.14 6.12
N LYS H 213 -14.88 81.85 6.06
CA LYS H 213 -15.91 81.69 7.07
C LYS H 213 -17.23 81.25 6.44
N GLY H 214 -17.50 81.72 5.24
CA GLY H 214 -18.76 81.42 4.57
C GLY H 214 -18.95 79.93 4.34
N LEU H 215 -20.17 79.60 3.95
CA LEU H 215 -20.59 78.23 3.72
C LEU H 215 -20.54 77.86 2.24
N ASP H 216 -21.23 76.78 1.87
CA ASP H 216 -21.23 76.30 0.51
C ASP H 216 -22.50 76.71 -0.24
N LYS H 217 -22.45 76.60 -1.56
CA LYS H 217 -23.53 77.05 -2.43
C LYS H 217 -23.71 76.08 -3.59
N ARG H 218 -24.96 76.00 -4.06
CA ARG H 218 -25.31 75.16 -5.21
C ARG H 218 -26.21 75.94 -6.15
N VAL H 219 -26.07 75.69 -7.45
CA VAL H 219 -26.86 76.36 -8.48
C VAL H 219 -27.74 75.34 -9.18
N ASP H 220 -29.04 75.64 -9.25
CA ASP H 220 -30.01 74.77 -9.88
C ASP H 220 -30.12 75.01 -11.38
N GLY H 221 -29.26 75.84 -11.94
CA GLY H 221 -29.33 76.18 -13.34
C GLY H 221 -29.55 77.66 -13.56
N ASN H 222 -30.38 78.27 -12.73
CA ASN H 222 -30.67 79.70 -12.85
C ASN H 222 -30.31 80.48 -11.58
N VAL H 223 -30.76 80.02 -10.42
CA VAL H 223 -30.58 80.76 -9.17
C VAL H 223 -29.70 79.96 -8.23
N ILE H 224 -29.15 80.65 -7.23
CA ILE H 224 -28.14 80.10 -6.34
C ILE H 224 -28.72 79.96 -4.94
N LEU H 225 -28.35 78.89 -4.25
CA LEU H 225 -28.76 78.65 -2.88
C LEU H 225 -27.51 78.46 -2.02
N ILE H 226 -27.57 78.93 -0.79
CA ILE H 226 -26.43 78.86 0.13
C ILE H 226 -26.86 78.08 1.36
N ALA H 227 -25.93 77.32 1.93
CA ALA H 227 -26.20 76.55 3.13
C ALA H 227 -24.86 76.05 3.68
N PRO H 228 -24.83 75.66 4.95
CA PRO H 228 -23.60 75.04 5.49
C PRO H 228 -23.34 73.68 4.86
N LYS H 229 -22.06 73.30 4.84
CA LYS H 229 -21.68 72.03 4.24
C LYS H 229 -22.26 70.84 5.00
N GLU H 230 -22.53 71.02 6.29
CA GLU H 230 -23.05 69.92 7.09
C GLU H 230 -24.41 69.45 6.57
N GLU H 231 -25.32 70.39 6.34
CA GLU H 231 -26.64 70.02 5.82
C GLU H 231 -26.55 69.43 4.42
N LEU H 232 -25.64 69.94 3.59
CA LEU H 232 -25.50 69.42 2.23
C LEU H 232 -25.02 67.97 2.25
N ASP H 233 -23.97 67.70 3.04
CA ASP H 233 -23.46 66.33 3.14
C ASP H 233 -24.48 65.42 3.80
N LEU H 234 -25.25 65.94 4.76
CA LEU H 234 -26.29 65.11 5.37
C LEU H 234 -27.36 64.75 4.36
N ARG H 235 -27.78 65.72 3.55
CA ARG H 235 -28.79 65.45 2.53
C ARG H 235 -28.28 64.44 1.51
N GLU H 236 -27.00 64.56 1.11
CA GLU H 236 -26.44 63.61 0.17
C GLU H 236 -26.39 62.20 0.76
N LYS H 237 -25.96 62.08 2.02
CA LYS H 237 -25.91 60.76 2.65
C LYS H 237 -27.30 60.18 2.79
N GLN H 238 -28.30 61.01 3.12
CA GLN H 238 -29.67 60.52 3.20
C GLN H 238 -30.14 60.00 1.85
N ALA H 239 -29.87 60.74 0.77
CA ALA H 239 -30.31 60.30 -0.54
C ALA H 239 -29.62 59.00 -0.95
N LEU H 240 -28.32 58.88 -0.69
CA LEU H 240 -27.60 57.66 -1.03
C LEU H 240 -28.14 56.47 -0.24
N GLU H 241 -28.36 56.65 1.06
CA GLU H 241 -28.87 55.55 1.86
C GLU H 241 -30.27 55.14 1.40
N LYS H 242 -31.11 56.11 1.05
CA LYS H 242 -32.43 55.80 0.54
C LYS H 242 -32.34 54.97 -0.74
N ALA H 243 -31.48 55.39 -1.67
CA ALA H 243 -31.32 54.66 -2.92
C ALA H 243 -30.82 53.24 -2.67
N ARG H 244 -29.81 53.10 -1.82
CA ARG H 244 -29.24 51.77 -1.57
C ARG H 244 -30.24 50.85 -0.89
N LEU H 245 -31.01 51.37 0.07
CA LEU H 245 -31.96 50.51 0.76
C LEU H 245 -33.16 50.17 -0.14
N ALA H 246 -33.59 51.12 -0.96
CA ALA H 246 -34.70 50.84 -1.87
C ALA H 246 -34.29 49.82 -2.93
N GLU H 247 -33.05 49.89 -3.40
CA GLU H 247 -32.59 48.90 -4.35
C GLU H 247 -32.28 47.57 -3.68
N GLU H 248 -32.06 47.59 -2.36
CA GLU H 248 -31.88 46.32 -1.64
C GLU H 248 -33.22 45.62 -1.45
N LEU H 249 -34.13 46.23 -0.71
CA LEU H 249 -35.40 45.60 -0.36
C LEU H 249 -36.51 46.12 -1.28
N GLY H 250 -36.62 45.49 -2.45
CA GLY H 250 -37.67 45.77 -3.39
C GLY H 250 -38.53 44.54 -3.66
N ASP H 251 -39.61 44.78 -4.40
CA ASP H 251 -40.49 43.70 -4.84
C ASP H 251 -39.98 43.15 -6.16
N LEU H 252 -39.75 41.84 -6.21
CA LEU H 252 -39.14 41.21 -7.37
C LEU H 252 -40.20 40.84 -8.41
N LYS H 253 -39.75 40.74 -9.67
CA LYS H 253 -40.60 40.32 -10.77
C LYS H 253 -39.89 39.22 -11.54
N SER H 254 -40.68 38.31 -12.12
CA SER H 254 -40.17 37.14 -12.83
C SER H 254 -40.75 37.10 -14.23
N GLU H 255 -39.88 36.89 -15.23
CA GLU H 255 -40.34 36.81 -16.61
C GLU H 255 -39.26 36.16 -17.47
N ILE H 256 -39.61 35.92 -18.74
CA ILE H 256 -38.78 35.15 -19.65
C ILE H 256 -38.33 36.00 -20.82
N ILE H 257 -37.08 35.81 -21.22
CA ILE H 257 -36.43 36.53 -22.31
C ILE H 257 -36.09 35.52 -23.40
N LYS H 258 -36.59 35.75 -24.61
CA LYS H 258 -36.33 34.85 -25.72
C LYS H 258 -35.07 35.28 -26.46
N ILE H 259 -34.21 34.32 -26.76
CA ILE H 259 -32.91 34.56 -27.37
C ILE H 259 -32.90 33.93 -28.76
N ASN H 260 -32.38 34.66 -29.74
CA ASN H 260 -32.13 34.14 -31.07
C ASN H 260 -30.74 34.55 -31.52
N PHE H 261 -30.12 33.70 -32.34
CA PHE H 261 -28.78 33.82 -32.91
C PHE H 261 -27.66 33.48 -31.94
N ALA H 262 -27.95 33.25 -30.66
CA ALA H 262 -26.92 32.89 -29.71
C ALA H 262 -27.46 31.83 -28.78
N LYS H 263 -26.56 31.07 -28.17
CA LYS H 263 -26.97 30.07 -27.20
C LYS H 263 -27.31 30.73 -25.87
N ALA H 264 -28.42 30.30 -25.27
CA ALA H 264 -28.85 30.89 -24.02
C ALA H 264 -27.94 30.49 -22.86
N SER H 265 -27.29 29.33 -22.94
CA SER H 265 -26.42 28.90 -21.86
C SER H 265 -25.19 29.80 -21.74
N ASP H 266 -24.60 30.18 -22.87
CA ASP H 266 -23.46 31.10 -22.83
C ASP H 266 -23.86 32.44 -22.25
N ILE H 267 -25.03 32.96 -22.64
CA ILE H 267 -25.47 34.25 -22.15
C ILE H 267 -25.79 34.20 -20.67
N ALA H 268 -26.40 33.10 -20.20
CA ALA H 268 -26.65 32.97 -18.78
C ALA H 268 -25.36 32.83 -18.00
N ALA H 269 -24.31 32.29 -18.61
CA ALA H 269 -23.04 32.19 -17.91
C ALA H 269 -22.32 33.53 -17.88
N MET H 270 -22.57 34.38 -18.87
CA MET H 270 -21.94 35.70 -18.85
C MET H 270 -22.67 36.68 -17.94
N ILE H 271 -24.00 36.68 -17.93
CA ILE H 271 -24.74 37.66 -17.14
C ILE H 271 -24.69 37.32 -15.66
N GLY H 272 -24.90 36.05 -15.32
CA GLY H 272 -24.76 35.64 -13.95
C GLY H 272 -23.40 35.05 -13.68
N GLY H 273 -23.35 33.81 -13.19
CA GLY H 273 -22.09 33.12 -13.10
C GLY H 273 -21.58 32.86 -11.70
N GLU H 274 -20.26 32.68 -11.58
CA GLU H 274 -19.66 32.32 -10.30
C GLU H 274 -19.63 33.51 -9.36
N GLY H 275 -20.17 33.30 -8.15
CA GLY H 275 -20.17 34.32 -7.13
C GLY H 275 -21.06 35.51 -7.46
N ASN H 276 -21.41 36.30 -6.44
CA ASN H 276 -22.29 37.44 -6.61
C ASN H 276 -21.54 38.72 -6.96
N VAL H 277 -20.23 38.77 -6.73
CA VAL H 277 -19.46 39.97 -7.05
C VAL H 277 -19.43 40.18 -8.56
N ASN H 278 -19.26 39.10 -9.32
CA ASN H 278 -19.25 39.21 -10.77
C ASN H 278 -20.65 39.44 -11.31
N MET H 279 -21.64 38.76 -10.75
CA MET H 279 -23.01 38.82 -11.26
C MET H 279 -23.49 40.25 -11.38
N LEU H 280 -24.24 40.52 -12.44
CA LEU H 280 -24.92 41.79 -12.59
C LEU H 280 -26.30 41.70 -11.93
N SER H 281 -26.34 41.24 -10.68
CA SER H 281 -27.60 41.05 -9.97
C SER H 281 -27.37 41.33 -8.49
N GLU H 282 -28.47 41.43 -7.75
CA GLU H 282 -28.42 41.76 -6.32
C GLU H 282 -28.97 40.66 -5.43
N ARG H 283 -30.25 40.34 -5.60
CA ARG H 283 -30.86 39.16 -4.93
C ARG H 283 -31.88 38.49 -5.87
N GLY H 284 -31.62 38.53 -7.18
CA GLY H 284 -32.14 37.52 -8.11
C GLY H 284 -30.98 36.94 -8.91
N SER H 285 -31.28 36.34 -10.07
CA SER H 285 -31.10 34.92 -10.45
C SER H 285 -31.54 34.71 -11.91
N ILE H 286 -30.74 33.98 -12.69
CA ILE H 286 -31.15 33.54 -14.05
C ILE H 286 -31.34 32.02 -14.05
N SER H 287 -32.26 31.52 -14.89
CA SER H 287 -32.31 30.09 -15.20
C SER H 287 -32.42 29.92 -16.70
N ILE H 288 -32.03 28.74 -17.17
CA ILE H 288 -32.04 28.41 -18.60
C ILE H 288 -33.17 27.44 -18.88
N ASP H 289 -33.82 27.64 -20.03
CA ASP H 289 -34.75 26.68 -20.60
C ASP H 289 -34.21 26.31 -21.97
N GLU H 290 -33.62 25.11 -22.05
CA GLU H 290 -32.90 24.68 -23.24
C GLU H 290 -33.83 24.25 -24.37
N ARG H 291 -35.00 23.73 -24.03
CA ARG H 291 -35.91 23.23 -25.05
C ARG H 291 -36.28 24.32 -26.06
N THR H 292 -36.51 25.53 -25.57
CA THR H 292 -36.96 26.64 -26.41
C THR H 292 -35.96 27.77 -26.49
N ASN H 293 -34.73 27.59 -25.99
CA ASN H 293 -33.67 28.59 -26.05
C ASN H 293 -34.11 29.90 -25.40
N SER H 294 -34.35 29.85 -24.09
CA SER H 294 -34.89 31.00 -23.38
C SER H 294 -34.25 31.15 -22.01
N LEU H 295 -34.28 32.38 -21.50
CA LEU H 295 -33.86 32.69 -20.15
C LEU H 295 -35.07 33.02 -19.30
N LEU H 296 -34.97 32.72 -18.00
CA LEU H 296 -36.04 32.99 -17.05
C LEU H 296 -35.41 33.74 -15.88
N ILE H 297 -35.72 35.02 -15.74
CA ILE H 297 -35.02 35.90 -14.81
C ILE H 297 -35.99 36.41 -13.76
N ARG H 298 -35.49 36.57 -12.52
CA ARG H 298 -36.26 37.08 -11.39
C ARG H 298 -35.42 38.15 -10.69
N GLU H 299 -35.83 39.41 -10.84
CA GLU H 299 -35.04 40.53 -10.32
C GLU H 299 -35.91 41.77 -10.21
N LEU H 300 -35.26 42.89 -9.89
CA LEU H 300 -35.98 44.15 -9.74
C LEU H 300 -36.43 44.66 -11.11
N PRO H 301 -37.65 45.17 -11.23
CA PRO H 301 -38.15 45.56 -12.56
C PRO H 301 -37.40 46.71 -13.20
N ASP H 302 -36.33 47.17 -12.57
CA ASP H 302 -35.50 48.22 -13.13
C ASP H 302 -34.23 47.68 -13.76
N ASN H 303 -33.74 46.57 -13.21
CA ASN H 303 -32.56 45.91 -13.72
C ASN H 303 -32.94 45.04 -14.92
N ILE H 304 -34.21 44.65 -15.00
CA ILE H 304 -34.68 43.85 -16.13
C ILE H 304 -34.55 44.64 -17.42
N ALA H 305 -34.76 45.96 -17.37
CA ALA H 305 -34.74 46.76 -18.59
C ALA H 305 -33.32 46.93 -19.13
N VAL H 306 -32.35 47.15 -18.23
CA VAL H 306 -30.97 47.30 -18.70
C VAL H 306 -30.42 45.96 -19.18
N ILE H 307 -30.70 44.89 -18.45
CA ILE H 307 -30.30 43.55 -18.90
C ILE H 307 -30.91 43.25 -20.26
N ARG H 308 -32.18 43.57 -20.44
CA ARG H 308 -32.85 43.31 -21.70
C ARG H 308 -32.21 44.10 -22.84
N GLU H 309 -31.86 45.36 -22.59
CA GLU H 309 -31.25 46.17 -23.64
C GLU H 309 -29.88 45.65 -24.02
N ILE H 310 -29.06 45.27 -23.03
CA ILE H 310 -27.73 44.75 -23.31
C ILE H 310 -27.82 43.44 -24.10
N ILE H 311 -28.58 42.46 -23.59
CA ILE H 311 -28.63 41.18 -24.29
C ILE H 311 -29.44 41.24 -25.58
N GLU H 312 -30.15 42.33 -25.83
CA GLU H 312 -30.67 42.54 -27.18
C GLU H 312 -29.62 43.15 -28.08
N SER H 313 -28.66 43.88 -27.50
CA SER H 313 -27.53 44.38 -28.26
C SER H 313 -26.49 43.31 -28.58
N LEU H 314 -26.45 42.21 -27.84
CA LEU H 314 -25.41 41.21 -28.05
C LEU H 314 -25.75 40.22 -29.17
N ASP H 315 -26.90 39.56 -29.08
CA ASP H 315 -27.16 38.44 -29.99
C ASP H 315 -27.44 38.95 -31.40
N ILE H 316 -26.44 38.82 -32.27
CA ILE H 316 -26.52 39.21 -33.67
C ILE H 316 -25.86 38.14 -34.52
N PRO H 317 -26.20 38.05 -35.80
CA PRO H 317 -25.52 37.11 -36.68
C PRO H 317 -24.07 37.51 -36.92
N VAL H 318 -23.20 36.51 -37.04
CA VAL H 318 -21.77 36.72 -37.19
C VAL H 318 -21.36 36.35 -38.62
N LYS H 319 -20.10 36.63 -38.92
CA LYS H 319 -19.51 36.40 -40.23
C LYS H 319 -18.93 34.98 -40.31
N GLN H 320 -18.59 34.56 -41.53
CA GLN H 320 -17.99 33.27 -41.77
C GLN H 320 -16.75 33.44 -42.62
N VAL H 321 -15.74 32.62 -42.35
CA VAL H 321 -14.44 32.71 -43.01
C VAL H 321 -14.11 31.37 -43.63
N GLN H 322 -13.40 31.41 -44.75
CA GLN H 322 -12.93 30.24 -45.46
C GLN H 322 -11.40 30.26 -45.48
N ILE H 323 -10.77 29.20 -44.98
CA ILE H 323 -9.32 29.16 -44.84
C ILE H 323 -8.76 28.01 -45.67
N GLU H 324 -7.72 28.29 -46.45
CA GLU H 324 -7.12 27.28 -47.29
C GLU H 324 -5.60 27.25 -47.24
N ALA H 325 -5.06 26.14 -46.77
CA ALA H 325 -3.62 25.94 -46.67
C ALA H 325 -3.10 25.21 -47.89
N ARG H 326 -1.81 25.37 -48.16
CA ARG H 326 -1.21 24.72 -49.33
C ARG H 326 0.23 24.33 -49.03
N ILE H 327 0.54 23.05 -49.12
CA ILE H 327 1.86 22.53 -48.83
C ILE H 327 2.45 21.99 -50.12
N VAL H 328 3.62 22.50 -50.49
CA VAL H 328 4.27 22.14 -51.75
C VAL H 328 5.67 21.64 -51.48
N THR H 329 6.07 20.55 -52.13
CA THR H 329 7.44 20.10 -52.01
C THR H 329 8.00 19.61 -53.34
N VAL H 330 9.28 19.88 -53.56
CA VAL H 330 9.98 19.56 -54.80
C VAL H 330 11.33 18.93 -54.47
N LYS H 331 11.67 17.86 -55.18
CA LYS H 331 12.92 17.14 -54.94
C LYS H 331 13.64 16.85 -56.26
N GLU H 332 14.97 16.89 -56.23
CA GLU H 332 15.81 16.50 -57.36
C GLU H 332 17.06 15.78 -56.89
N GLY H 333 17.55 14.88 -57.74
CA GLY H 333 18.77 14.13 -57.43
C GLY H 333 19.56 13.63 -58.61
N ASN H 334 20.89 13.55 -58.47
CA ASN H 334 21.78 13.07 -59.53
C ASN H 334 22.90 12.22 -58.94
N LEU H 335 23.33 11.21 -59.69
CA LEU H 335 24.38 10.31 -59.22
C LEU H 335 25.19 9.80 -60.42
N GLU H 336 26.50 9.61 -60.23
CA GLU H 336 27.37 9.08 -61.27
C GLU H 336 28.57 8.34 -60.68
N GLU H 337 28.89 7.19 -61.25
CA GLU H 337 30.02 6.38 -60.78
C GLU H 337 30.79 5.68 -61.91
N LEU H 338 32.12 5.70 -61.82
CA LEU H 338 32.99 5.08 -62.80
C LEU H 338 33.99 4.15 -62.11
N GLY H 339 34.23 2.97 -62.70
CA GLY H 339 35.14 2.02 -62.06
C GLY H 339 35.85 1.15 -63.06
N VAL H 340 36.99 0.57 -62.63
CA VAL H 340 37.87 -0.18 -63.52
C VAL H 340 38.44 -1.40 -62.80
N ARG H 341 38.57 -2.50 -63.54
CA ARG H 341 39.04 -3.75 -62.97
C ARG H 341 39.97 -4.40 -63.99
N TRP H 342 41.27 -4.49 -63.69
CA TRP H 342 42.15 -5.13 -64.67
C TRP H 342 43.22 -5.96 -63.99
N GLY H 343 43.77 -6.90 -64.77
CA GLY H 343 44.76 -7.83 -64.26
C GLY H 343 45.67 -8.34 -65.34
N VAL H 344 46.85 -8.81 -64.93
CA VAL H 344 47.84 -9.36 -65.83
C VAL H 344 48.42 -10.64 -65.24
N MET H 345 49.01 -11.47 -66.10
CA MET H 345 49.59 -12.72 -65.64
C MET H 345 50.57 -13.21 -66.69
N SER H 346 51.85 -13.28 -66.34
CA SER H 346 52.83 -13.63 -67.37
C SER H 346 53.95 -14.45 -66.76
N THR H 347 54.57 -15.27 -67.60
CA THR H 347 55.69 -16.11 -67.18
C THR H 347 56.74 -16.07 -68.28
N ASN H 348 57.98 -16.36 -67.90
CA ASN H 348 59.10 -16.25 -68.82
C ASN H 348 60.05 -17.44 -68.78
N GLY H 349 59.89 -18.35 -67.84
CA GLY H 349 60.92 -19.32 -67.54
C GLY H 349 61.74 -18.82 -66.37
N SER H 350 61.47 -19.36 -65.18
CA SER H 350 62.11 -18.94 -63.94
C SER H 350 61.81 -17.47 -63.58
N HIS H 351 60.92 -16.82 -64.32
CA HIS H 351 60.55 -15.43 -64.06
C HIS H 351 59.05 -15.30 -64.28
N SER H 352 58.36 -14.60 -63.37
CA SER H 352 56.92 -14.45 -63.46
C SER H 352 56.50 -13.06 -63.04
N VAL H 353 55.28 -12.70 -63.39
CA VAL H 353 54.68 -11.43 -62.99
C VAL H 353 53.18 -11.64 -62.80
N GLY H 354 52.66 -11.15 -61.69
CA GLY H 354 51.27 -11.37 -61.36
C GLY H 354 50.72 -10.23 -60.54
N GLY H 355 49.66 -10.51 -59.80
CA GLY H 355 48.97 -9.50 -59.01
C GLY H 355 48.93 -9.87 -57.54
N SER H 356 49.72 -10.87 -57.17
CA SER H 356 49.82 -11.31 -55.78
C SER H 356 50.86 -12.41 -55.69
N ILE H 357 51.10 -12.89 -54.47
CA ILE H 357 52.03 -13.99 -54.24
C ILE H 357 51.37 -15.34 -54.50
N GLU H 358 50.10 -15.47 -54.13
CA GLU H 358 49.37 -16.70 -54.43
C GLU H 358 49.18 -16.88 -55.93
N SER H 359 49.11 -15.76 -56.67
CA SER H 359 49.02 -15.85 -58.12
C SER H 359 50.29 -16.46 -58.70
N ASN H 360 51.46 -15.96 -58.29
CA ASN H 360 52.71 -16.51 -58.81
C ASN H 360 52.93 -17.95 -58.35
N LEU H 361 52.44 -18.30 -57.16
CA LEU H 361 52.58 -19.68 -56.72
C LEU H 361 51.63 -20.60 -57.46
N TRP H 362 50.53 -20.06 -58.02
CA TRP H 362 49.62 -20.89 -58.78
C TRP H 362 50.13 -21.16 -60.18
N GLN H 363 50.68 -20.15 -60.86
CA GLN H 363 51.18 -20.37 -62.20
C GLN H 363 52.53 -21.07 -62.13
N LYS H 364 52.52 -22.18 -61.42
CA LYS H 364 53.65 -23.08 -61.21
C LYS H 364 53.04 -24.36 -60.65
N GLY H 365 53.86 -25.23 -60.07
CA GLY H 365 53.24 -26.39 -59.45
C GLY H 365 53.04 -26.30 -57.95
N LEU H 366 53.21 -25.12 -57.35
CA LEU H 366 53.42 -25.07 -55.91
C LEU H 366 52.10 -25.19 -55.13
N LEU H 367 51.09 -24.40 -55.50
CA LEU H 367 49.82 -24.46 -54.79
C LEU H 367 49.08 -25.74 -55.13
N ALA H 368 48.28 -26.23 -54.17
CA ALA H 368 47.55 -27.47 -54.37
C ALA H 368 46.27 -27.25 -55.17
N ASP H 369 45.34 -26.48 -54.60
CA ASP H 369 44.03 -26.31 -55.22
C ASP H 369 44.15 -25.38 -56.43
N ASP H 370 43.71 -25.86 -57.59
CA ASP H 370 43.88 -25.10 -58.83
C ASP H 370 42.63 -25.23 -59.69
N GLU H 371 41.72 -24.27 -59.59
CA GLU H 371 40.74 -24.06 -60.63
C GLU H 371 40.92 -22.69 -61.29
N PHE H 372 40.81 -21.61 -60.53
CA PHE H 372 41.39 -20.31 -60.88
C PHE H 372 41.30 -19.38 -59.68
N PRO H 373 42.38 -18.74 -59.27
CA PRO H 373 42.29 -17.70 -58.24
C PRO H 373 41.74 -16.40 -58.81
N VAL H 374 40.42 -16.29 -58.93
CA VAL H 374 39.82 -15.14 -59.61
C VAL H 374 40.09 -13.85 -58.83
N ASP H 375 40.22 -13.97 -57.51
CA ASP H 375 40.47 -12.80 -56.67
C ASP H 375 41.95 -12.49 -56.53
N GLU H 376 42.81 -13.51 -56.46
CA GLU H 376 44.24 -13.27 -56.44
C GLU H 376 44.78 -12.85 -57.80
N PHE H 377 43.98 -13.04 -58.85
CA PHE H 377 44.44 -12.71 -60.20
C PHE H 377 44.56 -11.21 -60.41
N LEU H 378 43.59 -10.44 -59.93
CA LEU H 378 43.42 -9.05 -60.35
C LEU H 378 44.47 -8.14 -59.72
N ASN H 379 45.00 -7.23 -60.54
CA ASN H 379 45.94 -6.23 -60.05
C ASN H 379 45.20 -5.04 -59.45
N VAL H 380 44.32 -4.43 -60.24
CA VAL H 380 43.56 -3.27 -59.82
C VAL H 380 42.09 -3.66 -59.79
N ASN H 381 41.44 -3.48 -58.64
CA ASN H 381 40.08 -3.93 -58.40
C ASN H 381 39.26 -2.77 -57.84
N LEU H 382 38.73 -1.92 -58.71
CA LEU H 382 38.01 -0.71 -58.33
C LEU H 382 36.71 -0.63 -59.10
N ALA H 383 35.93 -1.71 -59.06
CA ALA H 383 34.70 -1.77 -59.84
C ALA H 383 33.63 -0.86 -59.25
N SER H 384 32.82 -0.29 -60.15
CA SER H 384 31.66 0.49 -59.74
C SER H 384 30.68 -0.40 -58.99
N THR H 385 30.44 -0.05 -57.72
CA THR H 385 29.66 -0.89 -56.81
C THR H 385 28.22 -0.39 -56.78
N SER H 386 27.36 -1.03 -57.57
CA SER H 386 25.94 -0.70 -57.64
C SER H 386 25.23 -1.92 -58.20
N ALA H 387 23.91 -1.82 -58.31
CA ALA H 387 23.10 -2.91 -58.86
C ALA H 387 22.70 -2.68 -60.31
N ASN H 388 22.81 -1.46 -60.80
CA ASN H 388 22.43 -1.12 -62.17
C ASN H 388 23.62 -0.69 -63.02
N ALA H 389 24.83 -1.03 -62.59
CA ALA H 389 26.01 -0.60 -63.32
C ALA H 389 26.24 -1.47 -64.54
N SER H 390 26.66 -0.84 -65.64
CA SER H 390 26.91 -1.53 -66.90
C SER H 390 28.40 -1.59 -67.17
N SER H 391 28.85 -2.69 -67.77
CA SER H 391 30.28 -2.96 -67.93
C SER H 391 30.59 -3.42 -69.34
N ILE H 392 31.89 -3.55 -69.62
CA ILE H 392 32.37 -4.18 -70.83
C ILE H 392 33.82 -4.59 -70.62
N ALA H 393 34.18 -5.77 -71.10
CA ALA H 393 35.48 -6.36 -70.82
C ALA H 393 36.23 -7.05 -71.95
N PHE H 394 37.51 -6.73 -72.07
CA PHE H 394 38.38 -7.19 -73.14
C PHE H 394 39.47 -8.09 -72.59
N GLN H 395 39.97 -8.98 -73.44
CA GLN H 395 40.91 -10.00 -73.00
C GLN H 395 41.94 -10.27 -74.08
N VAL H 396 43.12 -10.70 -73.67
CA VAL H 396 44.15 -11.25 -74.56
C VAL H 396 44.77 -12.44 -73.85
N ALA H 397 44.47 -13.64 -74.33
CA ALA H 397 44.94 -14.86 -73.70
C ALA H 397 45.65 -15.71 -74.72
N LYS H 398 46.94 -15.98 -74.48
CA LYS H 398 47.73 -16.85 -75.36
C LYS H 398 47.74 -18.29 -74.88
N LEU H 399 48.18 -18.54 -73.65
CA LEU H 399 48.29 -19.85 -73.02
C LEU H 399 49.35 -20.71 -73.67
N GLY H 400 49.98 -20.26 -74.75
CA GLY H 400 51.12 -20.93 -75.33
C GLY H 400 52.39 -20.39 -74.73
N SER H 401 52.55 -19.06 -74.76
CA SER H 401 53.62 -18.42 -74.00
C SER H 401 53.22 -18.11 -72.56
N GLY H 402 51.94 -18.28 -72.22
CA GLY H 402 51.45 -18.09 -70.86
C GLY H 402 50.74 -16.77 -70.63
N THR H 403 51.07 -15.73 -71.38
CA THR H 403 50.56 -14.40 -71.11
C THR H 403 49.04 -14.35 -71.11
N LEU H 404 48.48 -13.59 -70.17
CA LEU H 404 47.05 -13.31 -70.09
C LEU H 404 46.88 -11.89 -69.60
N LEU H 405 45.93 -11.16 -70.18
CA LEU H 405 45.62 -9.84 -69.65
C LEU H 405 44.15 -9.51 -69.85
N ASP H 406 43.53 -8.97 -68.80
CA ASP H 406 42.10 -8.66 -68.75
C ASP H 406 41.88 -7.20 -68.37
N LEU H 407 40.85 -6.59 -68.97
CA LEU H 407 40.50 -5.21 -68.66
C LEU H 407 38.99 -4.99 -68.77
N GLU H 408 38.36 -4.56 -67.67
CA GLU H 408 36.93 -4.31 -67.64
C GLU H 408 36.63 -2.89 -67.16
N LEU H 409 35.69 -2.20 -67.82
CA LEU H 409 35.20 -0.88 -67.42
C LEU H 409 33.75 -0.99 -66.98
N SER H 410 33.37 -0.18 -66.02
CA SER H 410 31.98 -0.17 -65.59
C SER H 410 31.57 1.25 -65.21
N ALA H 411 30.27 1.51 -65.34
CA ALA H 411 29.77 2.87 -65.20
C ALA H 411 28.32 2.84 -64.75
N LEU H 412 27.85 4.00 -64.26
CA LEU H 412 26.44 4.19 -63.92
C LEU H 412 26.15 5.67 -63.81
N GLN H 413 24.94 6.10 -64.19
CA GLN H 413 24.52 7.50 -64.09
C GLN H 413 23.00 7.64 -64.02
N ASN H 414 22.45 8.06 -62.87
CA ASN H 414 20.99 8.20 -62.82
C ASN H 414 20.58 9.53 -62.22
N GLU H 415 19.28 9.78 -62.24
CA GLU H 415 18.71 11.10 -62.08
C GLU H 415 17.23 10.98 -61.73
N SER H 416 16.74 11.90 -60.91
CA SER H 416 15.38 11.76 -60.40
C SER H 416 14.76 13.09 -60.04
N LYS H 417 13.43 13.16 -60.10
CA LYS H 417 12.64 14.34 -59.78
C LYS H 417 11.35 13.93 -59.07
N ALA H 418 10.80 14.84 -58.29
CA ALA H 418 9.51 14.56 -57.65
C ALA H 418 8.86 15.87 -57.22
N GLU H 419 7.53 15.86 -57.13
CA GLU H 419 6.78 17.04 -56.72
C GLU H 419 5.43 16.65 -56.16
N ILE H 420 5.11 17.18 -54.97
CA ILE H 420 3.86 16.87 -54.29
C ILE H 420 3.17 18.16 -53.87
N ILE H 421 1.83 18.16 -53.97
CA ILE H 421 0.99 19.29 -53.57
C ILE H 421 -0.17 18.78 -52.75
N SER H 422 -0.46 19.44 -51.62
CA SER H 422 -1.66 19.10 -50.87
C SER H 422 -2.28 20.37 -50.31
N SER H 423 -3.60 20.46 -50.35
CA SER H 423 -4.30 21.66 -49.89
C SER H 423 -5.63 21.32 -49.22
N PRO H 424 -5.70 21.40 -47.89
CA PRO H 424 -7.00 21.33 -47.21
C PRO H 424 -7.72 22.67 -47.10
N ARG H 425 -9.04 22.66 -46.91
CA ARG H 425 -9.83 23.87 -46.77
C ARG H 425 -10.84 23.69 -45.64
N LEU H 426 -11.33 24.81 -45.12
CA LEU H 426 -12.34 24.81 -44.09
C LEU H 426 -13.19 26.05 -44.25
N ILE H 427 -14.42 25.97 -43.73
CA ILE H 427 -15.25 27.15 -43.49
C ILE H 427 -15.69 27.11 -42.03
N THR H 428 -15.77 28.27 -41.39
CA THR H 428 -16.08 28.32 -39.97
C THR H 428 -16.65 29.71 -39.64
N THR H 429 -17.05 29.85 -38.37
CA THR H 429 -17.63 31.10 -37.83
C THR H 429 -16.56 31.87 -37.07
N ASN H 430 -16.62 33.21 -37.10
CA ASN H 430 -15.61 34.07 -36.49
C ASN H 430 -15.39 33.72 -35.02
N LYS H 431 -14.11 33.61 -34.64
CA LYS H 431 -13.67 33.35 -33.26
C LYS H 431 -13.97 31.93 -32.80
N GLN H 432 -14.06 31.01 -33.75
CA GLN H 432 -14.51 29.65 -33.46
C GLN H 432 -13.53 28.61 -33.99
N PRO H 433 -13.12 27.63 -33.19
CA PRO H 433 -12.06 26.71 -33.61
C PRO H 433 -12.56 25.60 -34.52
N ALA H 434 -11.77 25.30 -35.55
CA ALA H 434 -12.15 24.25 -36.50
C ALA H 434 -10.92 23.45 -36.89
N TYR H 435 -11.16 22.21 -37.34
CA TYR H 435 -10.08 21.31 -37.75
C TYR H 435 -10.55 20.40 -38.87
N ILE H 436 -9.61 19.97 -39.70
CA ILE H 436 -9.84 18.92 -40.68
C ILE H 436 -8.61 18.03 -40.77
N GLU H 437 -8.82 16.71 -40.87
CA GLU H 437 -7.77 15.71 -40.74
C GLU H 437 -7.92 14.58 -41.75
N GLN H 438 -6.81 13.90 -42.02
CA GLN H 438 -6.79 12.70 -42.86
C GLN H 438 -5.51 11.92 -42.60
N GLY H 439 -5.60 10.70 -42.11
CA GLY H 439 -4.40 9.92 -41.87
C GLY H 439 -4.61 8.59 -41.18
N THR H 440 -3.72 8.24 -40.25
CA THR H 440 -3.85 6.99 -39.48
C THR H 440 -3.60 7.25 -38.00
N GLU H 441 -4.06 6.31 -37.18
CA GLU H 441 -3.85 6.34 -35.73
C GLU H 441 -3.10 5.08 -35.32
N ILE H 442 -1.90 5.26 -34.77
CA ILE H 442 -1.03 4.14 -34.42
C ILE H 442 -1.28 3.74 -32.96
N PRO H 443 -1.59 2.46 -32.73
CA PRO H 443 -1.80 1.98 -31.37
C PRO H 443 -0.43 1.79 -30.74
N TYR H 444 -0.15 2.46 -29.63
CA TYR H 444 1.14 2.26 -28.97
C TYR H 444 0.97 1.41 -27.71
N LEU H 445 1.99 0.63 -27.37
CA LEU H 445 1.84 -0.26 -26.22
C LEU H 445 2.11 0.39 -24.88
N GLU H 446 0.99 0.75 -24.25
CA GLU H 446 0.79 1.35 -22.92
C GLU H 446 0.88 2.87 -22.78
N SER H 447 0.12 3.34 -21.79
CA SER H 447 0.07 4.71 -21.34
C SER H 447 -0.01 4.50 -19.83
N SER H 448 0.75 5.27 -19.05
CA SER H 448 0.74 4.99 -17.63
C SER H 448 0.08 5.97 -16.66
N SER H 449 -0.93 5.48 -15.93
CA SER H 449 -1.53 6.29 -14.89
C SER H 449 -0.97 5.76 -13.58
N SER H 450 -1.63 6.06 -12.46
CA SER H 450 -1.22 5.54 -11.15
C SER H 450 -1.44 4.02 -11.07
N GLY H 451 -0.59 3.28 -11.79
CA GLY H 451 -0.55 1.85 -11.62
C GLY H 451 -0.59 0.96 -12.85
N ALA H 452 -1.35 1.33 -13.89
CA ALA H 452 -1.49 0.41 -15.02
C ALA H 452 -1.70 1.11 -16.36
N SER H 453 -1.92 0.31 -17.41
CA SER H 453 -1.71 0.71 -18.81
C SER H 453 -3.02 1.01 -19.51
N THR H 454 -3.13 2.21 -20.05
CA THR H 454 -4.22 2.60 -20.95
C THR H 454 -3.59 2.80 -22.31
N VAL H 455 -3.47 1.72 -23.09
CA VAL H 455 -2.73 1.80 -24.34
C VAL H 455 -3.47 2.75 -25.28
N ALA H 456 -2.71 3.61 -25.97
CA ALA H 456 -3.30 4.81 -26.56
C ALA H 456 -2.94 4.89 -28.03
N PHE H 457 -3.33 5.99 -28.66
CA PHE H 457 -3.20 6.18 -30.10
C PHE H 457 -2.49 7.50 -30.40
N LYS H 458 -1.43 7.40 -31.20
CA LYS H 458 -0.71 8.55 -31.68
C LYS H 458 -1.25 8.81 -33.10
N LYS H 459 -1.19 10.05 -33.56
CA LYS H 459 -1.73 10.39 -34.86
C LYS H 459 -0.64 10.62 -35.89
N ALA H 460 -0.89 10.21 -37.12
CA ALA H 460 -0.02 10.48 -38.26
C ALA H 460 -0.96 10.95 -39.37
N VAL H 461 -1.22 12.25 -39.41
CA VAL H 461 -2.28 12.81 -40.24
C VAL H 461 -1.74 14.01 -41.00
N LEU H 462 -2.44 14.36 -42.08
CA LEU H 462 -2.31 15.70 -42.72
C LEU H 462 -3.46 16.58 -42.21
N SER H 463 -3.15 17.58 -41.37
CA SER H 463 -4.18 18.26 -40.62
C SER H 463 -4.04 19.78 -40.67
N LEU H 464 -5.19 20.44 -40.60
CA LEU H 464 -5.27 21.88 -40.45
C LEU H 464 -6.13 22.22 -39.24
N LYS H 465 -5.62 23.10 -38.38
CA LYS H 465 -6.28 23.51 -37.15
C LYS H 465 -6.22 25.03 -37.05
N VAL H 466 -7.37 25.70 -36.97
CA VAL H 466 -7.35 27.16 -37.09
C VAL H 466 -8.41 27.83 -36.22
N THR H 467 -8.04 29.03 -35.71
CA THR H 467 -8.98 29.99 -35.10
C THR H 467 -8.80 31.38 -35.71
N PRO H 468 -9.82 31.90 -36.39
CA PRO H 468 -9.72 33.22 -37.04
C PRO H 468 -10.30 34.38 -36.25
N GLN H 469 -10.02 35.60 -36.68
CA GLN H 469 -10.58 36.80 -36.07
C GLN H 469 -10.59 37.93 -37.10
N ILE H 470 -11.74 38.55 -37.29
CA ILE H 470 -11.93 39.62 -38.28
C ILE H 470 -11.75 40.96 -37.60
N THR H 471 -10.98 41.85 -38.20
CA THR H 471 -10.67 43.18 -37.70
C THR H 471 -11.33 44.24 -38.59
N PRO H 472 -11.34 45.51 -38.14
CA PRO H 472 -12.08 46.53 -38.92
C PRO H 472 -11.53 46.82 -40.31
N ASP H 473 -10.22 46.97 -40.45
CA ASP H 473 -9.70 47.40 -41.74
C ASP H 473 -9.43 46.24 -42.70
N ASN H 474 -10.39 45.34 -42.86
CA ASN H 474 -10.37 44.29 -43.88
C ASN H 474 -9.13 43.39 -43.75
N ARG H 475 -9.01 42.75 -42.58
CA ARG H 475 -7.83 41.95 -42.27
C ARG H 475 -8.20 40.84 -41.31
N LEU H 476 -7.37 39.80 -41.28
CA LEU H 476 -7.58 38.65 -40.41
C LEU H 476 -6.35 38.41 -39.54
N VAL H 477 -6.59 37.99 -38.31
CA VAL H 477 -5.54 37.47 -37.44
C VAL H 477 -5.82 35.98 -37.29
N LEU H 478 -4.86 35.15 -37.69
CA LEU H 478 -5.04 33.70 -37.69
C LEU H 478 -4.11 33.04 -36.68
N ASP H 479 -4.68 32.19 -35.83
CA ASP H 479 -3.89 31.23 -34.99
C ASP H 479 -3.83 29.87 -35.69
N LEU H 480 -2.65 29.47 -36.17
CA LEU H 480 -2.52 28.46 -37.24
C LEU H 480 -1.74 27.25 -36.71
N SER H 481 -2.24 26.04 -36.96
CA SER H 481 -1.39 24.81 -36.91
C SER H 481 -1.59 24.02 -38.20
N VAL H 482 -0.50 23.71 -38.92
CA VAL H 482 -0.60 22.88 -40.15
C VAL H 482 0.43 21.75 -40.10
N THR H 483 0.01 20.47 -40.17
CA THR H 483 0.98 19.38 -40.09
C THR H 483 0.77 18.40 -41.23
N GLN H 484 1.82 17.62 -41.49
CA GLN H 484 1.79 16.53 -42.47
C GLN H 484 2.72 15.42 -42.03
N ASP H 485 2.20 14.41 -41.32
CA ASP H 485 3.00 13.31 -40.81
C ASP H 485 2.66 12.01 -41.53
N ARG H 486 3.58 11.06 -41.42
CA ARG H 486 3.44 9.75 -42.03
C ARG H 486 3.97 8.68 -41.09
N ARG H 487 3.74 7.43 -41.46
CA ARG H 487 4.22 6.30 -40.67
C ARG H 487 5.59 5.93 -41.19
N GLY H 488 6.56 5.78 -40.28
CA GLY H 488 7.92 5.51 -40.62
C GLY H 488 8.30 4.06 -40.40
N GLU H 489 9.60 3.84 -40.24
CA GLU H 489 10.13 2.50 -40.03
C GLU H 489 9.78 1.99 -38.65
N THR H 490 10.00 0.70 -38.43
CA THR H 490 9.75 0.06 -37.16
C THR H 490 11.10 -0.18 -36.49
N VAL H 491 11.37 0.61 -35.46
CA VAL H 491 12.62 0.56 -34.70
C VAL H 491 12.51 -0.47 -33.57
N LYS H 492 13.65 -0.73 -32.93
CA LYS H 492 13.75 -1.73 -31.84
C LYS H 492 13.70 -1.01 -30.48
N THR H 493 12.82 -1.47 -29.59
CA THR H 493 12.66 -0.85 -28.24
C THR H 493 12.71 -1.95 -27.16
N GLY H 494 13.74 -1.92 -26.30
CA GLY H 494 13.91 -2.98 -25.28
C GLY H 494 14.07 -4.35 -25.91
N THR H 495 13.22 -5.30 -25.51
CA THR H 495 13.17 -6.63 -26.18
C THR H 495 12.09 -6.62 -27.27
N GLY H 496 11.46 -5.47 -27.50
CA GLY H 496 10.31 -5.37 -28.41
C GLY H 496 10.59 -4.49 -29.62
N GLU H 497 9.53 -4.10 -30.33
CA GLU H 497 9.60 -3.16 -31.44
C GLU H 497 8.42 -2.22 -31.38
N ALA H 498 8.52 -1.12 -32.11
CA ALA H 498 7.46 -0.13 -32.18
C ALA H 498 7.63 0.64 -33.49
N VAL H 499 6.67 1.51 -33.78
CA VAL H 499 6.60 2.20 -35.06
C VAL H 499 6.99 3.66 -34.84
N SER H 500 7.82 4.20 -35.72
CA SER H 500 8.23 5.59 -35.66
C SER H 500 7.44 6.42 -36.66
N ILE H 501 7.50 7.74 -36.52
CA ILE H 501 6.70 8.67 -37.30
C ILE H 501 7.60 9.74 -37.90
N ASP H 502 7.32 10.11 -39.15
CA ASP H 502 8.02 11.19 -39.84
C ASP H 502 7.13 12.41 -39.95
N THR H 503 7.62 13.57 -39.53
CA THR H 503 6.78 14.74 -39.30
C THR H 503 7.25 15.97 -40.07
N GLN H 504 6.31 16.87 -40.33
CA GLN H 504 6.54 18.26 -40.74
C GLN H 504 5.48 19.11 -40.06
N ARG H 505 5.89 20.16 -39.35
CA ARG H 505 4.96 20.92 -38.54
C ARG H 505 5.30 22.39 -38.57
N ILE H 506 4.25 23.21 -38.52
CA ILE H 506 4.43 24.65 -38.37
C ILE H 506 3.25 25.19 -37.59
N GLY H 507 3.55 26.05 -36.62
CA GLY H 507 2.56 26.69 -35.79
C GLY H 507 2.87 28.15 -35.57
N THR H 508 1.90 29.04 -35.81
CA THR H 508 2.19 30.47 -35.79
C THR H 508 0.93 31.26 -35.45
N GLN H 509 1.13 32.57 -35.38
CA GLN H 509 0.06 33.55 -35.42
C GLN H 509 0.44 34.60 -36.44
N VAL H 510 -0.44 34.85 -37.42
CA VAL H 510 -0.13 35.80 -38.48
C VAL H 510 -1.28 36.75 -38.70
N LEU H 511 -1.02 37.79 -39.49
CA LEU H 511 -1.95 38.88 -39.77
C LEU H 511 -1.93 39.12 -41.27
N VAL H 512 -3.05 38.87 -41.95
CA VAL H 512 -3.07 38.80 -43.40
C VAL H 512 -4.31 39.51 -43.95
N ASN H 513 -4.14 40.16 -45.10
CA ASN H 513 -5.25 40.88 -45.74
C ASN H 513 -6.34 39.90 -46.16
N ASN H 514 -7.49 40.44 -46.57
CA ASN H 514 -8.69 39.63 -46.69
C ASN H 514 -8.54 38.49 -47.69
N GLY H 515 -8.22 38.77 -48.95
CA GLY H 515 -8.28 37.71 -49.93
C GLY H 515 -6.99 37.39 -50.67
N GLU H 516 -5.85 37.44 -50.00
CA GLU H 516 -4.58 37.14 -50.65
C GLU H 516 -3.77 36.13 -49.85
N THR H 517 -2.68 35.66 -50.46
CA THR H 517 -1.86 34.59 -49.91
C THR H 517 -0.59 35.14 -49.28
N VAL H 518 -0.12 34.45 -48.24
CA VAL H 518 1.17 34.70 -47.64
C VAL H 518 1.88 33.37 -47.49
N VAL H 519 3.21 33.39 -47.51
CA VAL H 519 3.97 32.18 -47.22
C VAL H 519 4.34 32.18 -45.74
N LEU H 520 3.96 31.12 -45.05
CA LEU H 520 4.18 31.03 -43.60
C LEU H 520 5.60 30.61 -43.29
N GLY H 521 6.15 29.68 -44.07
CA GLY H 521 7.50 29.22 -43.85
C GLY H 521 7.89 28.23 -44.93
N GLY H 522 9.13 27.79 -44.84
CA GLY H 522 9.65 26.81 -45.77
C GLY H 522 10.99 26.31 -45.29
N ILE H 523 11.46 25.26 -45.96
CA ILE H 523 12.77 24.69 -45.67
C ILE H 523 13.46 24.39 -46.99
N PHE H 524 14.73 24.76 -47.09
CA PHE H 524 15.53 24.54 -48.29
C PHE H 524 16.73 23.67 -47.93
N GLN H 525 17.07 22.70 -48.77
CA GLN H 525 18.24 21.87 -48.52
C GLN H 525 19.01 21.59 -49.80
N HIS H 526 20.32 21.43 -49.65
CA HIS H 526 21.19 21.13 -50.77
C HIS H 526 22.36 20.29 -50.27
N SER H 527 22.86 19.38 -51.11
CA SER H 527 24.01 18.59 -50.69
C SER H 527 24.80 18.09 -51.89
N ILE H 528 26.12 17.94 -51.70
CA ILE H 528 27.05 17.54 -52.76
C ILE H 528 28.12 16.63 -52.16
N ASN H 529 28.38 15.50 -52.80
CA ASN H 529 29.42 14.58 -52.36
C ASN H 529 30.31 14.18 -53.52
N ASN H 530 31.61 14.07 -53.26
CA ASN H 530 32.58 13.61 -54.24
C ASN H 530 33.54 12.64 -53.58
N SER H 531 34.03 11.67 -54.33
CA SER H 531 35.00 10.74 -53.78
C SER H 531 35.83 10.09 -54.87
N VAL H 532 37.08 9.76 -54.55
CA VAL H 532 38.01 9.11 -55.47
C VAL H 532 38.84 8.10 -54.69
N ASP H 533 39.09 6.93 -55.27
CA ASP H 533 40.17 6.10 -54.76
C ASP H 533 41.01 5.61 -55.92
N LYS H 534 42.33 5.73 -55.80
CA LYS H 534 43.18 5.58 -56.95
C LYS H 534 44.49 4.91 -56.57
N VAL H 535 45.34 4.74 -57.58
CA VAL H 535 46.69 4.23 -57.36
C VAL H 535 47.63 5.41 -57.14
N PRO H 536 48.50 5.37 -56.12
CA PRO H 536 49.14 6.61 -55.63
C PRO H 536 49.73 7.55 -56.67
N LEU H 537 50.32 7.04 -57.75
CA LEU H 537 50.91 7.94 -58.73
C LEU H 537 50.29 7.86 -60.11
N LEU H 538 49.74 6.71 -60.49
CA LEU H 538 49.23 6.54 -61.84
C LEU H 538 47.85 7.14 -62.01
N GLY H 539 47.04 7.19 -60.96
CA GLY H 539 45.69 7.67 -61.08
C GLY H 539 45.58 9.17 -61.26
N ASP H 540 46.68 9.79 -61.67
CA ASP H 540 46.72 11.23 -61.90
C ASP H 540 47.21 11.58 -63.29
N LEU H 541 47.59 10.60 -64.11
CA LEU H 541 48.08 10.87 -65.44
C LEU H 541 46.98 11.48 -66.29
N PRO H 542 47.34 12.35 -67.25
CA PRO H 542 46.31 13.19 -67.89
C PRO H 542 45.18 12.42 -68.57
N VAL H 543 45.48 11.44 -69.40
CA VAL H 543 44.42 10.73 -70.11
C VAL H 543 44.38 9.27 -69.67
N LEU H 544 45.54 8.69 -69.37
CA LEU H 544 45.58 7.31 -68.94
C LEU H 544 45.06 7.11 -67.53
N GLY H 545 45.00 8.18 -66.72
CA GLY H 545 44.69 8.02 -65.31
C GLY H 545 43.38 7.32 -65.05
N ALA H 546 42.41 7.46 -65.95
CA ALA H 546 41.10 6.84 -65.78
C ALA H 546 41.17 5.32 -65.70
N LEU H 547 42.31 4.73 -66.01
CA LEU H 547 42.48 3.29 -65.88
C LEU H 547 42.90 2.87 -64.47
N PHE H 548 43.11 3.82 -63.56
CA PHE H 548 43.71 3.54 -62.26
C PHE H 548 42.93 4.15 -61.12
N ARG H 549 41.62 4.34 -61.27
CA ARG H 549 40.89 5.08 -60.25
C ARG H 549 39.40 4.78 -60.36
N ARG H 550 38.71 4.88 -59.22
CA ARG H 550 37.25 4.87 -59.18
C ARG H 550 36.79 6.23 -58.67
N THR H 551 35.76 6.75 -59.31
CA THR H 551 35.23 8.09 -59.06
C THR H 551 33.74 8.02 -58.78
N TYR H 552 33.30 8.79 -57.78
CA TYR H 552 31.91 8.78 -57.33
C TYR H 552 31.46 10.22 -57.11
N GLU H 553 30.25 10.55 -57.54
CA GLU H 553 29.74 11.90 -57.38
C GLU H 553 28.22 11.92 -57.24
N GLN H 554 27.73 12.70 -56.27
CA GLN H 554 26.30 12.71 -55.98
C GLN H 554 25.85 14.10 -55.60
N MET H 555 24.61 14.49 -55.97
CA MET H 555 24.05 15.79 -55.65
C MET H 555 22.54 15.71 -55.39
N GLY H 556 22.06 16.40 -54.35
CA GLY H 556 20.64 16.39 -54.02
C GLY H 556 20.14 17.78 -53.69
N LYS H 557 18.85 17.99 -53.92
CA LYS H 557 18.24 19.28 -53.62
C LYS H 557 16.78 19.12 -53.25
N SER H 558 16.32 19.87 -52.25
CA SER H 558 14.96 19.73 -51.76
C SER H 558 14.41 21.08 -51.34
N GLU H 559 13.09 21.23 -51.48
CA GLU H 559 12.46 22.50 -51.12
C GLU H 559 11.02 22.29 -50.68
N LEU H 560 10.66 22.92 -49.57
CA LEU H 560 9.29 22.82 -49.01
C LEU H 560 8.76 24.23 -48.73
N LEU H 561 7.48 24.47 -49.05
CA LEU H 561 6.84 25.76 -48.83
C LEU H 561 5.42 25.56 -48.31
N ILE H 562 4.97 26.48 -47.45
CA ILE H 562 3.61 26.46 -46.92
C ILE H 562 2.94 27.81 -47.13
N PHE H 563 1.77 27.81 -47.76
CA PHE H 563 0.98 29.00 -48.04
C PHE H 563 -0.35 28.94 -47.29
N VAL H 564 -0.95 30.11 -47.10
CA VAL H 564 -2.30 30.19 -46.54
C VAL H 564 -3.02 31.38 -47.16
N THR H 565 -4.33 31.25 -47.34
CA THR H 565 -5.15 32.32 -47.88
C THR H 565 -6.56 32.30 -47.30
N PRO H 566 -6.93 33.31 -46.53
CA PRO H 566 -8.29 33.38 -45.98
C PRO H 566 -9.22 34.21 -46.87
N LYS H 567 -10.51 34.16 -46.55
CA LYS H 567 -11.55 34.86 -47.29
C LYS H 567 -12.84 34.96 -46.48
N VAL H 568 -13.47 36.13 -46.49
CA VAL H 568 -14.71 36.34 -45.76
C VAL H 568 -15.87 36.05 -46.70
N VAL H 569 -16.76 35.16 -46.28
CA VAL H 569 -17.90 34.79 -47.11
C VAL H 569 -18.93 35.92 -47.06
N ILE H 570 -19.13 36.56 -48.20
CA ILE H 570 -20.05 37.68 -48.32
C ILE H 570 -21.45 37.28 -48.76
N GLN H 571 -21.94 36.10 -48.40
CA GLN H 571 -23.37 35.71 -48.66
C GLN H 571 -23.83 35.98 -50.11
N SER I 160 36.00 53.45 76.10
CA SER I 160 35.74 54.65 76.87
C SER I 160 34.42 55.28 76.47
N ILE I 161 33.48 54.44 76.03
CA ILE I 161 32.23 54.90 75.44
C ILE I 161 31.08 54.59 76.40
N ASN I 162 30.23 55.58 76.65
CA ASN I 162 28.98 55.38 77.38
C ASN I 162 28.02 56.46 76.88
N PHE I 163 27.12 56.08 75.97
CA PHE I 163 26.22 57.03 75.33
C PHE I 163 24.79 56.59 75.59
N GLN I 164 24.05 57.41 76.33
CA GLN I 164 22.65 57.14 76.65
C GLN I 164 21.80 58.18 75.94
N ASP I 165 20.80 57.72 75.18
CA ASP I 165 19.91 58.63 74.45
C ASP I 165 20.71 59.55 73.54
N ILE I 166 21.74 58.98 72.92
CA ILE I 166 22.60 59.70 71.99
C ILE I 166 22.25 59.25 70.58
N PRO I 167 22.02 60.16 69.64
CA PRO I 167 21.71 59.74 68.27
C PRO I 167 22.84 58.94 67.66
N VAL I 168 22.46 58.05 66.74
CA VAL I 168 23.46 57.22 66.05
C VAL I 168 24.45 58.10 65.31
N ARG I 169 23.97 59.22 64.75
CA ARG I 169 24.86 60.16 64.07
C ARG I 169 25.94 60.67 65.02
N ASN I 170 25.59 60.95 66.27
CA ASN I 170 26.55 61.54 67.20
C ASN I 170 27.61 60.53 67.63
N VAL I 171 27.20 59.30 67.95
CA VAL I 171 28.18 58.29 68.32
C VAL I 171 29.04 57.92 67.12
N LEU I 172 28.48 57.96 65.91
CA LEU I 172 29.28 57.69 64.71
C LEU I 172 30.29 58.80 64.47
N GLN I 173 29.90 60.06 64.69
CA GLN I 173 30.84 61.16 64.55
C GLN I 173 31.91 61.09 65.64
N LEU I 174 31.57 60.56 66.82
CA LEU I 174 32.58 60.34 67.85
C LEU I 174 33.58 59.28 67.41
N ILE I 175 33.08 58.15 66.92
CA ILE I 175 33.97 57.10 66.40
C ILE I 175 34.85 57.64 65.27
N ALA I 176 34.31 58.56 64.47
CA ALA I 176 35.10 59.20 63.43
C ALA I 176 36.20 60.05 64.02
N ASP I 177 35.84 61.03 64.84
CA ASP I 177 36.78 62.00 65.41
C ASP I 177 37.76 61.38 66.40
N TYR I 178 37.70 60.07 66.61
CA TYR I 178 38.58 59.38 67.54
C TYR I 178 39.86 58.85 66.89
N ASN I 179 40.32 59.52 65.83
CA ASN I 179 41.51 59.19 65.02
C ASN I 179 41.23 58.05 64.05
N GLY I 180 39.99 57.61 63.91
CA GLY I 180 39.64 56.67 62.87
C GLY I 180 39.49 57.34 61.52
N PHE I 181 39.30 56.52 60.49
CA PHE I 181 39.13 57.06 59.15
C PHE I 181 37.79 57.80 59.06
N ASN I 182 37.83 58.94 58.36
CA ASN I 182 36.68 59.83 58.30
C ASN I 182 35.45 59.10 57.77
N LEU I 183 34.30 59.35 58.38
CA LEU I 183 33.06 58.72 57.97
C LEU I 183 31.93 59.75 57.95
N VAL I 184 30.95 59.49 57.09
CA VAL I 184 29.81 60.37 56.89
C VAL I 184 28.54 59.55 56.86
N VAL I 185 27.42 60.20 57.18
CA VAL I 185 26.12 59.53 57.24
C VAL I 185 25.10 60.29 56.42
N SER I 186 23.89 59.73 56.31
CA SER I 186 22.80 60.34 55.55
C SER I 186 22.09 61.38 56.44
N ASP I 187 20.94 61.85 55.97
CA ASP I 187 20.20 62.87 56.71
C ASP I 187 19.54 62.27 57.96
N SER I 188 18.60 61.35 57.76
CA SER I 188 17.92 60.65 58.84
C SER I 188 18.23 59.17 58.64
N VAL I 189 19.33 58.72 59.23
CA VAL I 189 19.85 57.40 58.90
C VAL I 189 19.16 56.33 59.75
N VAL I 190 19.41 56.36 61.06
CA VAL I 190 18.94 55.31 61.95
C VAL I 190 18.09 55.91 63.06
N GLY I 191 18.69 56.82 63.83
CA GLY I 191 18.01 57.45 64.94
C GLY I 191 18.87 57.55 66.18
N ASN I 192 18.40 56.98 67.28
CA ASN I 192 19.01 57.12 68.60
C ASN I 192 19.29 55.74 69.19
N LEU I 193 20.15 55.69 70.20
CA LEU I 193 20.41 54.45 70.92
C LEU I 193 21.03 54.75 72.28
N THR I 194 21.52 53.69 72.93
CA THR I 194 22.11 53.77 74.25
C THR I 194 22.89 52.49 74.52
N LEU I 195 24.16 52.64 74.89
CA LEU I 195 25.03 51.52 75.22
C LEU I 195 26.33 52.06 75.80
N ARG I 196 27.05 51.18 76.50
CA ARG I 196 28.30 51.53 77.15
C ARG I 196 29.28 50.37 77.05
N LEU I 197 30.47 50.65 76.53
CA LEU I 197 31.54 49.65 76.39
C LEU I 197 32.88 50.36 76.40
N ASP I 198 33.93 49.58 76.64
CA ASP I 198 35.28 50.13 76.71
C ASP I 198 36.31 49.00 76.57
N GLY I 199 37.52 49.38 76.16
CA GLY I 199 38.63 48.46 76.06
C GLY I 199 38.45 47.36 75.03
N VAL I 200 38.10 47.73 73.81
CA VAL I 200 37.72 46.76 72.78
C VAL I 200 38.11 47.31 71.41
N PRO I 201 38.22 46.49 70.38
CA PRO I 201 38.49 47.02 69.03
C PRO I 201 37.26 47.69 68.43
N TRP I 202 37.52 48.65 67.53
CA TRP I 202 36.42 49.29 66.80
C TRP I 202 35.71 48.31 65.90
N GLN I 203 36.39 47.28 65.43
CA GLN I 203 35.78 46.32 64.52
C GLN I 203 34.58 45.64 65.16
N GLN I 204 34.78 45.02 66.34
CA GLN I 204 33.71 44.26 66.97
C GLN I 204 32.54 45.16 67.37
N VAL I 205 32.84 46.30 68.00
CA VAL I 205 31.79 47.18 68.48
C VAL I 205 31.01 47.77 67.31
N LEU I 206 31.73 48.30 66.32
CA LEU I 206 31.07 48.87 65.15
C LEU I 206 30.21 47.83 64.46
N ASP I 207 30.74 46.62 64.27
CA ASP I 207 29.96 45.60 63.56
C ASP I 207 28.75 45.17 64.37
N ILE I 208 28.88 45.00 65.68
CA ILE I 208 27.72 44.56 66.46
C ILE I 208 26.64 45.63 66.47
N ILE I 209 27.04 46.91 66.48
CA ILE I 209 26.07 48.00 66.36
C ILE I 209 25.38 47.93 65.01
N LEU I 210 26.17 47.88 63.93
CA LEU I 210 25.60 47.89 62.58
C LEU I 210 24.80 46.64 62.27
N GLN I 211 24.98 45.57 63.05
CA GLN I 211 24.19 44.36 62.86
C GLN I 211 22.87 44.45 63.60
N VAL I 212 22.92 44.75 64.90
CA VAL I 212 21.73 44.67 65.74
C VAL I 212 20.71 45.73 65.32
N LYS I 213 21.10 47.00 65.42
CA LYS I 213 20.18 48.08 65.06
C LYS I 213 20.77 48.95 63.96
N GLY I 214 22.08 49.11 63.96
CA GLY I 214 22.73 49.97 62.99
C GLY I 214 22.52 49.49 61.56
N LEU I 215 22.90 50.36 60.63
CA LEU I 215 22.72 50.15 59.22
C LEU I 215 24.01 49.64 58.55
N ASP I 216 24.09 49.75 57.24
CA ASP I 216 25.23 49.26 56.49
C ASP I 216 26.18 50.39 56.11
N LYS I 217 27.40 50.01 55.72
CA LYS I 217 28.47 50.96 55.43
C LYS I 217 29.28 50.49 54.22
N ARG I 218 29.82 51.46 53.49
CA ARG I 218 30.68 51.20 52.34
C ARG I 218 31.89 52.10 52.40
N VAL I 219 33.02 51.59 51.92
CA VAL I 219 34.29 52.33 51.91
C VAL I 219 34.71 52.56 50.48
N ASP I 220 34.99 53.82 50.15
CA ASP I 220 35.41 54.21 48.81
C ASP I 220 36.91 54.07 48.60
N GLY I 221 37.62 53.50 49.58
CA GLY I 221 39.07 53.40 49.50
C GLY I 221 39.75 54.13 50.63
N ASN I 222 39.24 55.31 50.99
CA ASN I 222 39.81 56.10 52.07
C ASN I 222 38.83 56.36 53.20
N VAL I 223 37.62 56.84 52.90
CA VAL I 223 36.66 57.24 53.91
C VAL I 223 35.43 56.35 53.82
N ILE I 224 34.66 56.34 54.91
CA ILE I 224 33.54 55.42 55.08
C ILE I 224 32.23 56.20 55.05
N LEU I 225 31.21 55.59 54.45
CA LEU I 225 29.87 56.16 54.39
C LEU I 225 28.89 55.16 54.97
N ILE I 226 27.87 55.66 55.67
CA ILE I 226 26.88 54.83 56.31
C ILE I 226 25.51 55.17 55.74
N ALA I 227 24.65 54.17 55.64
CA ALA I 227 23.29 54.36 55.13
C ALA I 227 22.50 53.09 55.42
N PRO I 228 21.17 53.18 55.42
CA PRO I 228 20.35 51.97 55.54
C PRO I 228 20.51 51.06 54.33
N LYS I 229 20.29 49.76 54.57
CA LYS I 229 20.42 48.79 53.49
C LYS I 229 19.39 49.01 52.40
N GLU I 230 18.25 49.59 52.74
CA GLU I 230 17.20 49.80 51.74
C GLU I 230 17.67 50.71 50.62
N GLU I 231 18.27 51.85 50.97
CA GLU I 231 18.77 52.76 49.95
C GLU I 231 19.90 52.14 49.15
N LEU I 232 20.77 51.36 49.78
CA LEU I 232 21.87 50.73 49.06
C LEU I 232 21.36 49.72 48.04
N ASP I 233 20.44 48.86 48.45
CA ASP I 233 19.87 47.89 47.53
C ASP I 233 19.05 48.58 46.43
N LEU I 234 18.37 49.68 46.77
CA LEU I 234 17.64 50.41 45.74
C LEU I 234 18.59 51.01 44.72
N ARG I 235 19.70 51.59 45.18
CA ARG I 235 20.68 52.15 44.26
C ARG I 235 21.28 51.08 43.36
N GLU I 236 21.57 49.91 43.94
CA GLU I 236 22.11 48.81 43.14
C GLU I 236 21.11 48.35 42.08
N LYS I 237 19.84 48.18 42.47
CA LYS I 237 18.83 47.76 41.51
C LYS I 237 18.65 48.81 40.42
N GLN I 238 18.68 50.09 40.77
CA GLN I 238 18.59 51.14 39.76
C GLN I 238 19.75 51.06 38.77
N ALA I 239 20.97 50.87 39.28
CA ALA I 239 22.13 50.80 38.39
C ALA I 239 22.05 49.58 37.47
N LEU I 240 21.63 48.44 38.02
CA LEU I 240 21.51 47.24 37.19
C LEU I 240 20.46 47.41 36.11
N GLU I 241 19.29 47.97 36.49
CA GLU I 241 18.24 48.17 35.49
C GLU I 241 18.67 49.15 34.42
N LYS I 242 19.39 50.20 34.80
CA LYS I 242 19.91 51.15 33.82
C LYS I 242 20.85 50.46 32.84
N ALA I 243 21.78 49.66 33.37
CA ALA I 243 22.72 48.96 32.50
C ALA I 243 22.00 48.01 31.56
N ARG I 244 21.05 47.23 32.08
CA ARG I 244 20.35 46.25 31.25
C ARG I 244 19.52 46.93 30.17
N LEU I 245 18.85 48.03 30.50
CA LEU I 245 18.02 48.70 29.51
C LEU I 245 18.87 49.43 28.48
N ALA I 246 19.99 50.01 28.90
CA ALA I 246 20.87 50.69 27.96
C ALA I 246 21.52 49.70 27.01
N GLU I 247 21.86 48.51 27.51
CA GLU I 247 22.41 47.49 26.62
C GLU I 247 21.33 46.85 25.77
N GLU I 248 20.07 46.94 26.20
CA GLU I 248 18.98 46.44 25.35
C GLU I 248 18.71 47.39 24.20
N LEU I 249 18.29 48.62 24.51
CA LEU I 249 17.89 49.58 23.48
C LEU I 249 19.02 50.57 23.22
N GLY I 250 19.93 50.16 22.35
CA GLY I 250 21.01 51.01 21.90
C GLY I 250 20.97 51.22 20.40
N ASP I 251 21.85 52.12 19.94
CA ASP I 251 22.02 52.39 18.53
C ASP I 251 23.04 51.41 17.95
N LEU I 252 22.67 50.68 16.91
CA LEU I 252 23.51 49.64 16.36
C LEU I 252 24.48 50.21 15.32
N LYS I 253 25.59 49.50 15.13
CA LYS I 253 26.59 49.84 14.14
C LYS I 253 26.91 48.60 13.31
N SER I 254 27.25 48.82 12.04
CA SER I 254 27.50 47.75 11.08
C SER I 254 28.87 47.95 10.46
N GLU I 255 29.66 46.88 10.42
CA GLU I 255 31.00 46.95 9.82
C GLU I 255 31.52 45.54 9.52
N ILE I 256 32.67 45.48 8.86
CA ILE I 256 33.21 44.24 8.34
C ILE I 256 34.54 43.91 9.00
N ILE I 257 34.74 42.63 9.29
CA ILE I 257 35.94 42.11 9.93
C ILE I 257 36.61 41.16 8.95
N LYS I 258 37.88 41.43 8.65
CA LYS I 258 38.63 40.60 7.72
C LYS I 258 39.35 39.49 8.47
N ILE I 259 39.25 38.27 7.95
CA ILE I 259 39.78 37.07 8.58
C ILE I 259 40.89 36.51 7.71
N ASN I 260 41.99 36.12 8.34
CA ASN I 260 43.07 35.40 7.68
C ASN I 260 43.49 34.22 8.53
N PHE I 261 43.94 33.15 7.89
CA PHE I 261 44.39 31.89 8.44
C PHE I 261 43.26 30.96 8.87
N ALA I 262 42.01 31.41 8.85
CA ALA I 262 40.90 30.56 9.23
C ALA I 262 39.75 30.82 8.28
N LYS I 263 38.85 29.85 8.18
CA LYS I 263 37.65 30.04 7.36
C LYS I 263 36.64 30.89 8.10
N ALA I 264 36.05 31.84 7.38
CA ALA I 264 35.08 32.73 8.01
C ALA I 264 33.78 32.03 8.33
N SER I 265 33.44 30.96 7.60
CA SER I 265 32.19 30.25 7.87
C SER I 265 32.24 29.54 9.21
N ASP I 266 33.37 28.91 9.54
CA ASP I 266 33.51 28.28 10.84
C ASP I 266 33.42 29.29 11.98
N ILE I 267 34.06 30.45 11.81
CA ILE I 267 34.04 31.46 12.85
C ILE I 267 32.65 32.05 13.01
N ALA I 268 31.93 32.27 11.91
CA ALA I 268 30.55 32.74 12.01
C ALA I 268 29.65 31.71 12.66
N ALA I 269 29.97 30.42 12.50
CA ALA I 269 29.15 29.40 13.15
C ALA I 269 29.48 29.29 14.64
N MET I 270 30.69 29.65 15.02
CA MET I 270 31.03 29.60 16.44
C MET I 270 30.54 30.84 17.19
N ILE I 271 30.65 32.03 16.60
CA ILE I 271 30.29 33.25 17.32
C ILE I 271 28.78 33.40 17.39
N GLY I 272 28.08 33.16 16.29
CA GLY I 272 26.64 33.18 16.32
C GLY I 272 26.07 31.78 16.48
N GLY I 273 25.23 31.36 15.55
CA GLY I 273 24.81 29.98 15.53
C GLY I 273 23.35 29.73 15.86
N GLU I 274 23.06 28.51 16.31
CA GLU I 274 21.68 28.10 16.57
C GLU I 274 21.15 28.76 17.84
N GLY I 275 20.01 29.42 17.71
CA GLY I 275 19.35 30.05 18.84
C GLY I 275 20.10 31.23 19.39
N ASN I 276 19.42 32.08 20.16
CA ASN I 276 20.03 33.28 20.72
C ASN I 276 20.68 33.05 22.07
N VAL I 277 20.35 31.94 22.75
CA VAL I 277 20.96 31.67 24.05
C VAL I 277 22.44 31.38 23.88
N ASN I 278 22.81 30.64 22.84
CA ASN I 278 24.21 30.36 22.60
C ASN I 278 24.94 31.58 22.06
N MET I 279 24.28 32.33 21.17
CA MET I 279 24.90 33.45 20.49
C MET I 279 25.52 34.43 21.48
N LEU I 280 26.67 34.96 21.12
CA LEU I 280 27.28 36.04 21.89
C LEU I 280 26.76 37.37 21.36
N SER I 281 25.44 37.51 21.25
CA SER I 281 24.83 38.71 20.69
C SER I 281 23.49 38.94 21.38
N GLU I 282 22.92 40.12 21.17
CA GLU I 282 21.68 40.51 21.82
C GLU I 282 20.54 40.78 20.84
N ARG I 283 20.73 41.75 19.95
CA ARG I 283 19.78 41.97 18.82
C ARG I 283 20.55 42.41 17.58
N GLY I 284 21.79 41.90 17.41
CA GLY I 284 22.41 41.78 16.08
C GLY I 284 22.88 40.33 15.91
N SER I 285 23.81 40.11 14.98
CA SER I 285 23.71 39.30 13.72
C SER I 285 25.06 39.30 13.01
N ILE I 286 25.50 38.13 12.54
CA ILE I 286 26.70 38.01 11.66
C ILE I 286 26.23 37.59 10.25
N SER I 287 26.96 38.03 9.22
CA SER I 287 26.83 37.44 7.89
C SER I 287 28.20 37.14 7.33
N ILE I 288 28.23 36.22 6.37
CA ILE I 288 29.48 35.79 5.75
C ILE I 288 29.57 36.35 4.35
N ASP I 289 30.78 36.76 3.95
CA ASP I 289 31.11 37.09 2.57
C ASP I 289 32.23 36.15 2.16
N GLU I 290 31.88 35.13 1.37
CA GLU I 290 32.80 34.07 1.02
C GLU I 290 33.82 34.47 -0.03
N ARG I 291 33.47 35.40 -0.91
CA ARG I 291 34.36 35.79 -1.99
C ARG I 291 35.68 36.32 -1.46
N THR I 292 35.62 37.11 -0.39
CA THR I 292 36.80 37.77 0.16
C THR I 292 37.13 37.30 1.58
N ASN I 293 36.47 36.25 2.07
CA ASN I 293 36.75 35.68 3.39
C ASN I 293 36.58 36.74 4.49
N SER I 294 35.34 37.22 4.65
CA SER I 294 35.09 38.30 5.58
C SER I 294 33.78 38.10 6.31
N LEU I 295 33.68 38.72 7.48
CA LEU I 295 32.46 38.76 8.27
C LEU I 295 31.86 40.17 8.22
N LEU I 296 30.54 40.23 8.31
CA LEU I 296 29.82 41.50 8.31
C LEU I 296 28.88 41.50 9.51
N ILE I 297 29.18 42.31 10.51
CA ILE I 297 28.50 42.24 11.81
C ILE I 297 27.75 43.54 12.07
N ARG I 298 26.60 43.42 12.72
CA ARG I 298 25.76 44.56 13.09
C ARG I 298 25.35 44.38 14.56
N GLU I 299 25.93 45.21 15.44
CA GLU I 299 25.69 45.06 16.87
C GLU I 299 26.06 46.36 17.59
N LEU I 300 26.05 46.30 18.92
CA LEU I 300 26.37 47.46 19.72
C LEU I 300 27.86 47.77 19.65
N PRO I 301 28.25 49.03 19.52
CA PRO I 301 29.67 49.35 19.31
C PRO I 301 30.57 48.99 20.48
N ASP I 302 30.00 48.34 21.51
CA ASP I 302 30.79 47.91 22.66
C ASP I 302 31.09 46.41 22.59
N ASN I 303 30.18 45.66 21.98
CA ASN I 303 30.34 44.23 21.81
C ASN I 303 31.25 43.97 20.60
N ILE I 304 31.32 44.93 19.68
CA ILE I 304 32.19 44.79 18.52
C ILE I 304 33.64 44.70 18.95
N ALA I 305 34.02 45.42 20.00
CA ALA I 305 35.41 45.45 20.41
C ALA I 305 35.84 44.13 21.06
N VAL I 306 34.99 43.54 21.90
CA VAL I 306 35.34 42.27 22.52
C VAL I 306 35.33 41.15 21.49
N ILE I 307 34.33 41.14 20.62
CA ILE I 307 34.30 40.15 19.54
C ILE I 307 35.54 40.27 18.67
N ARG I 308 35.94 41.51 18.35
CA ARG I 308 37.13 41.71 17.53
C ARG I 308 38.38 41.21 18.21
N GLU I 309 38.50 41.45 19.52
CA GLU I 309 39.68 41.01 20.25
C GLU I 309 39.75 39.48 20.31
N ILE I 310 38.62 38.83 20.57
CA ILE I 310 38.60 37.37 20.64
C ILE I 310 38.95 36.76 19.29
N ILE I 311 38.24 37.17 18.23
CA ILE I 311 38.51 36.55 16.94
C ILE I 311 39.82 37.00 16.32
N GLU I 312 40.47 38.02 16.88
CA GLU I 312 41.85 38.27 16.52
C GLU I 312 42.79 37.38 17.30
N SER I 313 42.38 36.94 18.47
CA SER I 313 43.16 35.96 19.23
C SER I 313 43.02 34.54 18.71
N LEU I 314 41.97 34.23 17.93
CA LEU I 314 41.77 32.86 17.49
C LEU I 314 42.56 32.53 16.21
N ASP I 315 42.38 33.31 15.15
CA ASP I 315 42.91 32.91 13.85
C ASP I 315 44.44 33.04 13.83
N ILE I 316 45.12 31.91 13.94
CA ILE I 316 46.58 31.83 13.92
C ILE I 316 46.97 30.62 13.07
N PRO I 317 48.19 30.63 12.54
CA PRO I 317 48.67 29.45 11.83
C PRO I 317 48.89 28.27 12.76
N VAL I 318 48.60 27.07 12.24
CA VAL I 318 48.68 25.84 13.02
C VAL I 318 49.87 25.01 12.54
N LYS I 319 50.13 23.94 13.27
CA LYS I 319 51.24 23.03 13.00
C LYS I 319 50.82 21.94 12.03
N GLN I 320 51.80 21.20 11.53
CA GLN I 320 51.58 20.10 10.61
C GLN I 320 52.33 18.87 11.10
N VAL I 321 51.72 17.72 10.90
CA VAL I 321 52.24 16.45 11.40
C VAL I 321 52.38 15.47 10.23
N GLN I 322 53.39 14.62 10.31
CA GLN I 322 53.65 13.57 9.35
C GLN I 322 53.54 12.23 10.03
N ILE I 323 52.67 11.36 9.52
CA ILE I 323 52.39 10.07 10.15
C ILE I 323 52.77 8.93 9.20
N GLU I 324 53.49 7.96 9.72
CA GLU I 324 53.91 6.82 8.91
C GLU I 324 53.71 5.47 9.58
N ALA I 325 52.87 4.65 8.97
CA ALA I 325 52.57 3.31 9.45
C ALA I 325 53.47 2.29 8.75
N ARG I 326 53.64 1.14 9.39
CA ARG I 326 54.49 0.10 8.83
C ARG I 326 53.95 -1.27 9.20
N ILE I 327 53.61 -2.07 8.20
CA ILE I 327 53.05 -3.40 8.40
C ILE I 327 54.05 -4.42 7.90
N VAL I 328 54.45 -5.34 8.76
CA VAL I 328 55.46 -6.34 8.43
C VAL I 328 54.92 -7.73 8.69
N THR I 329 55.16 -8.66 7.76
CA THR I 329 54.76 -10.04 8.01
C THR I 329 55.83 -11.02 7.52
N VAL I 330 56.00 -12.10 8.27
CA VAL I 330 57.00 -13.13 8.00
C VAL I 330 56.37 -14.50 8.12
N LYS I 331 56.69 -15.39 7.19
CA LYS I 331 56.11 -16.74 7.17
C LYS I 331 57.20 -17.78 6.93
N GLU I 332 57.06 -18.95 7.55
CA GLU I 332 57.93 -20.09 7.31
C GLU I 332 57.14 -21.39 7.35
N GLY I 333 57.62 -22.37 6.59
CA GLY I 333 56.97 -23.68 6.56
C GLY I 333 57.87 -24.85 6.19
N ASN I 334 57.58 -26.03 6.74
CA ASN I 334 58.34 -27.25 6.47
C ASN I 334 57.42 -28.45 6.37
N LEU I 335 57.79 -29.40 5.51
CA LEU I 335 56.96 -30.59 5.30
C LEU I 335 57.84 -31.78 4.93
N GLU I 336 57.49 -32.98 5.40
CA GLU I 336 58.22 -34.19 5.06
C GLU I 336 57.33 -35.43 5.11
N GLU I 337 57.48 -36.29 4.11
CA GLU I 337 56.68 -37.52 4.03
C GLU I 337 57.46 -38.73 3.50
N LEU I 338 57.25 -39.88 4.11
CA LEU I 338 57.89 -41.13 3.72
C LEU I 338 56.87 -42.24 3.53
N GLY I 339 57.03 -43.05 2.48
CA GLY I 339 56.06 -44.09 2.21
C GLY I 339 56.66 -45.29 1.53
N VAL I 340 55.97 -46.43 1.64
CA VAL I 340 56.48 -47.72 1.17
C VAL I 340 55.38 -48.55 0.54
N ARG I 341 55.72 -49.25 -0.53
CA ARG I 341 54.75 -50.05 -1.27
C ARG I 341 55.43 -51.36 -1.66
N TRP I 342 55.00 -52.48 -1.10
CA TRP I 342 55.64 -53.74 -1.50
C TRP I 342 54.63 -54.87 -1.59
N GLY I 343 55.03 -55.90 -2.33
CA GLY I 343 54.16 -57.04 -2.58
C GLY I 343 54.94 -58.30 -2.88
N VAL I 344 54.30 -59.45 -2.66
CA VAL I 344 54.90 -60.75 -2.91
C VAL I 344 53.87 -61.63 -3.62
N MET I 345 54.37 -62.67 -4.29
CA MET I 345 53.49 -63.59 -5.01
C MET I 345 54.25 -64.89 -5.25
N SER I 346 53.78 -65.98 -4.65
CA SER I 346 54.54 -67.21 -4.78
C SER I 346 53.61 -68.41 -4.86
N THR I 347 54.09 -69.47 -5.49
CA THR I 347 53.32 -70.70 -5.61
C THR I 347 54.28 -71.88 -5.38
N ASN I 348 53.70 -73.01 -4.99
CA ASN I 348 54.50 -74.17 -4.62
C ASN I 348 54.01 -75.48 -5.22
N GLY I 349 52.85 -75.49 -5.85
CA GLY I 349 52.17 -76.72 -6.16
C GLY I 349 51.15 -76.99 -5.08
N SER I 350 49.88 -76.71 -5.39
CA SER I 350 48.78 -76.84 -4.44
C SER I 350 48.92 -75.92 -3.23
N HIS I 351 49.91 -75.04 -3.23
CA HIS I 351 50.12 -74.09 -2.14
C HIS I 351 50.51 -72.75 -2.73
N SER I 352 49.94 -71.67 -2.21
CA SER I 352 50.20 -70.34 -2.74
C SER I 352 50.28 -69.32 -1.61
N VAL I 353 50.84 -68.16 -1.93
CA VAL I 353 50.91 -67.03 -1.01
C VAL I 353 50.81 -65.75 -1.81
N GLY I 354 49.96 -64.84 -1.35
CA GLY I 354 49.71 -63.61 -2.07
C GLY I 354 49.33 -62.50 -1.13
N GLY I 355 48.66 -61.50 -1.66
CA GLY I 355 48.28 -60.32 -0.91
C GLY I 355 46.78 -60.10 -0.90
N SER I 356 46.04 -61.12 -1.33
CA SER I 356 44.59 -61.08 -1.32
C SER I 356 44.05 -62.42 -1.80
N ILE I 357 42.73 -62.57 -1.82
CA ILE I 357 42.08 -63.77 -2.31
C ILE I 357 41.97 -63.77 -3.83
N GLU I 358 41.70 -62.62 -4.41
CA GLU I 358 41.67 -62.51 -5.86
C GLU I 358 43.06 -62.73 -6.46
N SER I 359 44.11 -62.40 -5.71
CA SER I 359 45.46 -62.68 -6.16
C SER I 359 45.70 -64.17 -6.28
N ASN I 360 45.36 -64.93 -5.23
CA ASN I 360 45.57 -66.37 -5.27
C ASN I 360 44.67 -67.03 -6.31
N LEU I 361 43.48 -66.47 -6.55
CA LEU I 361 42.62 -67.05 -7.57
C LEU I 361 43.13 -66.73 -8.97
N TRP I 362 43.92 -65.67 -9.11
CA TRP I 362 44.48 -65.35 -10.43
C TRP I 362 45.67 -66.22 -10.76
N GLN I 363 46.57 -66.46 -9.81
CA GLN I 363 47.73 -67.28 -10.09
C GLN I 363 47.31 -68.75 -10.08
N LYS I 364 46.29 -69.02 -10.88
CA LYS I 364 45.70 -70.34 -11.11
C LYS I 364 44.84 -70.18 -12.36
N GLY I 365 43.94 -71.12 -12.60
CA GLY I 365 43.06 -70.89 -13.73
C GLY I 365 41.69 -70.35 -13.39
N LEU I 366 41.46 -69.91 -12.16
CA LEU I 366 40.10 -69.75 -11.68
C LEU I 366 39.45 -68.46 -12.16
N LEU I 367 40.14 -67.32 -12.02
CA LEU I 367 39.57 -66.06 -12.46
C LEU I 367 39.56 -65.97 -13.98
N ALA I 368 38.58 -65.26 -14.52
CA ALA I 368 38.47 -65.15 -15.97
C ALA I 368 39.39 -64.07 -16.54
N ASP I 369 39.19 -62.82 -16.15
CA ASP I 369 39.96 -61.72 -16.73
C ASP I 369 41.37 -61.72 -16.16
N ASP I 370 42.37 -61.77 -17.04
CA ASP I 370 43.76 -61.90 -16.62
C ASP I 370 44.66 -61.02 -17.48
N GLU I 371 44.94 -59.81 -17.02
CA GLU I 371 46.09 -59.08 -17.52
C GLU I 371 47.11 -58.85 -16.42
N PHE I 372 46.74 -58.15 -15.34
CA PHE I 372 47.42 -58.23 -14.05
C PHE I 372 46.58 -57.52 -13.01
N PRO I 373 46.30 -58.16 -11.87
CA PRO I 373 45.64 -57.42 -10.77
C PRO I 373 46.64 -56.55 -10.02
N VAL I 374 46.91 -55.35 -10.54
CA VAL I 374 47.96 -54.51 -9.97
C VAL I 374 47.60 -54.08 -8.56
N ASP I 375 46.30 -53.94 -8.28
CA ASP I 375 45.85 -53.53 -6.96
C ASP I 375 45.67 -54.69 -6.00
N GLU I 376 45.22 -55.84 -6.50
CA GLU I 376 45.13 -57.03 -5.65
C GLU I 376 46.49 -57.63 -5.37
N PHE I 377 47.51 -57.23 -6.13
CA PHE I 377 48.84 -57.80 -5.97
C PHE I 377 49.50 -57.36 -4.68
N LEU I 378 49.37 -56.08 -4.32
CA LEU I 378 50.22 -55.49 -3.30
C LEU I 378 49.81 -55.92 -1.90
N ASN I 379 50.80 -56.21 -1.07
CA ASN I 379 50.57 -56.54 0.33
C ASN I 379 50.44 -55.28 1.18
N VAL I 380 51.46 -54.43 1.13
CA VAL I 380 51.49 -53.20 1.89
C VAL I 380 51.48 -52.04 0.92
N ASN I 381 50.51 -51.14 1.06
CA ASN I 381 50.27 -50.04 0.12
C ASN I 381 50.18 -48.73 0.89
N LEU I 382 51.33 -48.11 1.19
CA LEU I 382 51.40 -46.92 2.01
C LEU I 382 52.28 -45.88 1.32
N ALA I 383 51.99 -45.61 0.06
CA ALA I 383 52.81 -44.71 -0.73
C ALA I 383 52.65 -43.27 -0.28
N SER I 384 53.75 -42.51 -0.35
CA SER I 384 53.70 -41.09 -0.09
C SER I 384 52.81 -40.39 -1.11
N THR I 385 51.75 -39.76 -0.63
CA THR I 385 50.71 -39.19 -1.47
C THR I 385 50.97 -37.71 -1.67
N SER I 386 51.60 -37.37 -2.79
CA SER I 386 51.90 -36.00 -3.15
C SER I 386 52.13 -35.96 -4.65
N ALA I 387 52.38 -34.76 -5.18
CA ALA I 387 52.63 -34.60 -6.60
C ALA I 387 54.11 -34.47 -6.93
N ASN I 388 54.95 -34.19 -5.95
CA ASN I 388 56.39 -34.02 -6.15
C ASN I 388 57.21 -35.10 -5.46
N ALA I 389 56.58 -36.22 -5.11
CA ALA I 389 57.30 -37.26 -4.38
C ALA I 389 58.16 -38.09 -5.33
N SER I 390 59.35 -38.45 -4.86
CA SER I 390 60.31 -39.21 -5.65
C SER I 390 60.41 -40.63 -5.11
N SER I 391 60.59 -41.59 -6.00
CA SER I 391 60.51 -43.00 -5.64
C SER I 391 61.68 -43.77 -6.24
N ILE I 392 61.78 -45.04 -5.84
CA ILE I 392 62.70 -45.99 -6.47
C ILE I 392 62.22 -47.40 -6.13
N ALA I 393 62.28 -48.29 -7.11
CA ALA I 393 61.70 -49.62 -6.98
C ALA I 393 62.49 -50.82 -7.51
N PHE I 394 62.59 -51.86 -6.69
CA PHE I 394 63.37 -53.04 -6.97
C PHE I 394 62.47 -54.26 -7.13
N GLN I 395 62.95 -55.24 -7.89
CA GLN I 395 62.13 -56.39 -8.25
C GLN I 395 62.97 -57.65 -8.29
N VAL I 396 62.33 -58.78 -8.04
CA VAL I 396 62.91 -60.10 -8.27
C VAL I 396 61.81 -60.99 -8.85
N ALA I 397 61.92 -61.29 -10.14
CA ALA I 397 60.90 -62.05 -10.84
C ALA I 397 61.53 -63.25 -11.51
N LYS I 398 61.11 -64.45 -11.11
CA LYS I 398 61.58 -65.69 -11.72
C LYS I 398 60.69 -66.16 -12.85
N LEU I 399 59.41 -66.38 -12.57
CA LEU I 399 58.39 -66.85 -13.51
C LEU I 399 58.64 -68.30 -13.94
N GLY I 400 59.74 -68.91 -13.52
CA GLY I 400 59.98 -70.32 -13.74
C GLY I 400 59.45 -71.12 -12.57
N SER I 401 59.87 -70.74 -11.36
CA SER I 401 59.25 -71.27 -10.15
C SER I 401 58.04 -70.47 -9.71
N GLY I 402 57.78 -69.33 -10.35
CA GLY I 402 56.61 -68.52 -10.08
C GLY I 402 56.85 -67.31 -9.20
N THR I 403 57.86 -67.35 -8.33
CA THR I 403 58.06 -66.32 -7.34
C THR I 403 58.22 -64.94 -7.97
N LEU I 404 57.61 -63.93 -7.33
CA LEU I 404 57.77 -62.54 -7.71
C LEU I 404 57.75 -61.71 -6.43
N LEU I 405 58.61 -60.70 -6.36
CA LEU I 405 58.56 -59.79 -5.22
C LEU I 405 58.98 -58.39 -5.65
N ASP I 406 58.22 -57.40 -5.19
CA ASP I 406 58.41 -55.99 -5.55
C ASP I 406 58.53 -55.13 -4.30
N LEU I 407 59.37 -54.10 -4.36
CA LEU I 407 59.55 -53.17 -3.24
C LEU I 407 59.85 -51.77 -3.74
N GLU I 408 59.02 -50.79 -3.39
CA GLU I 408 59.19 -49.40 -3.81
C GLU I 408 59.20 -48.48 -2.60
N LEU I 409 60.13 -47.51 -2.56
CA LEU I 409 60.21 -46.47 -1.55
C LEU I 409 59.90 -45.12 -2.18
N SER I 410 59.28 -44.25 -1.42
CA SER I 410 59.01 -42.91 -1.92
C SER I 410 59.13 -41.89 -0.79
N ALA I 411 59.46 -40.66 -1.16
CA ALA I 411 59.80 -39.64 -0.18
C ALA I 411 59.50 -38.26 -0.74
N LEU I 412 59.43 -37.28 0.17
CA LEU I 412 59.30 -35.87 -0.20
C LEU I 412 59.70 -35.01 0.98
N GLN I 413 60.31 -33.85 0.73
CA GLN I 413 60.67 -32.90 1.78
C GLN I 413 60.79 -31.48 1.24
N ASN I 414 59.90 -30.55 1.63
CA ASN I 414 60.02 -29.19 1.13
C ASN I 414 59.92 -28.17 2.24
N GLU I 415 60.12 -26.91 1.87
CA GLU I 415 60.44 -25.85 2.80
C GLU I 415 60.22 -24.50 2.13
N SER I 416 59.77 -23.52 2.90
CA SER I 416 59.38 -22.25 2.30
C SER I 416 59.50 -21.09 3.27
N LYS I 417 59.70 -19.89 2.72
CA LYS I 417 59.85 -18.64 3.47
C LYS I 417 59.18 -17.51 2.72
N ALA I 418 58.77 -16.48 3.44
CA ALA I 418 58.19 -15.30 2.79
C ALA I 418 58.26 -14.11 3.73
N GLU I 419 58.29 -12.91 3.16
CA GLU I 419 58.35 -11.69 3.94
C GLU I 419 57.82 -10.51 3.14
N ILE I 420 56.90 -9.75 3.75
CA ILE I 420 56.26 -8.61 3.09
C ILE I 420 56.33 -7.39 4.00
N ILE I 421 56.55 -6.22 3.39
CA ILE I 421 56.62 -4.95 4.09
C ILE I 421 55.79 -3.92 3.33
N SER I 422 54.95 -3.16 4.04
CA SER I 422 54.25 -2.06 3.41
C SER I 422 54.17 -0.88 4.35
N SER I 423 54.37 0.33 3.84
CA SER I 423 54.37 1.53 4.67
C SER I 423 53.75 2.72 3.96
N PRO I 424 52.52 3.10 4.31
CA PRO I 424 51.98 4.39 3.85
C PRO I 424 52.37 5.59 4.71
N ARG I 425 52.31 6.80 4.17
CA ARG I 425 52.61 8.02 4.90
C ARG I 425 51.59 9.08 4.56
N LEU I 426 51.51 10.08 5.44
CA LEU I 426 50.62 11.20 5.24
C LEU I 426 51.23 12.42 5.90
N ILE I 427 50.84 13.60 5.41
CA ILE I 427 51.05 14.86 6.12
C ILE I 427 49.70 15.55 6.23
N THR I 428 49.46 16.22 7.36
CA THR I 428 48.16 16.84 7.61
C THR I 428 48.33 17.96 8.63
N THR I 429 47.22 18.65 8.88
CA THR I 429 47.14 19.80 9.83
C THR I 429 46.57 19.30 11.17
N ASN I 430 47.02 19.88 12.29
CA ASN I 430 46.61 19.45 13.62
C ASN I 430 45.09 19.43 13.76
N LYS I 431 44.58 18.34 14.32
CA LYS I 431 43.15 18.14 14.63
C LYS I 431 42.30 17.95 13.37
N GLN I 432 42.91 17.46 12.31
CA GLN I 432 42.27 17.39 11.00
C GLN I 432 42.36 15.98 10.42
N PRO I 433 41.25 15.41 9.93
CA PRO I 433 41.26 14.00 9.51
C PRO I 433 41.83 13.80 8.11
N ALA I 434 42.65 12.77 7.96
CA ALA I 434 43.25 12.48 6.65
C ALA I 434 43.25 10.98 6.41
N TYR I 435 43.31 10.60 5.13
CA TYR I 435 43.32 9.20 4.73
C TYR I 435 44.14 9.01 3.47
N ILE I 436 44.71 7.82 3.31
CA ILE I 436 45.33 7.40 2.06
C ILE I 436 45.03 5.92 1.82
N GLU I 437 44.74 5.56 0.56
CA GLU I 437 44.19 4.27 0.18
C GLU I 437 44.81 3.73 -1.10
N GLN I 438 44.75 2.41 -1.26
CA GLN I 438 45.18 1.75 -2.48
C GLN I 438 44.56 0.35 -2.53
N GLY I 439 43.73 0.06 -3.52
CA GLY I 439 43.15 -1.27 -3.60
C GLY I 439 42.10 -1.46 -4.67
N THR I 440 41.02 -2.19 -4.37
CA THR I 440 39.93 -2.39 -5.32
C THR I 440 38.58 -2.20 -4.64
N GLU I 441 37.56 -1.97 -5.45
CA GLU I 441 36.18 -1.84 -4.99
C GLU I 441 35.33 -2.91 -5.64
N ILE I 442 34.75 -3.78 -4.83
CA ILE I 442 33.99 -4.92 -5.33
C ILE I 442 32.51 -4.55 -5.44
N PRO I 443 31.92 -4.73 -6.62
CA PRO I 443 30.51 -4.43 -6.81
C PRO I 443 29.73 -5.58 -6.22
N TYR I 444 28.85 -5.32 -5.25
CA TYR I 444 28.05 -6.41 -4.69
C TYR I 444 26.61 -6.33 -5.20
N LEU I 445 25.94 -7.47 -5.34
CA LEU I 445 24.60 -7.44 -5.90
C LEU I 445 23.51 -7.13 -4.90
N GLU I 446 23.13 -5.85 -4.93
CA GLU I 446 22.08 -5.14 -4.19
C GLU I 446 22.40 -4.58 -2.80
N SER I 447 21.69 -3.51 -2.49
CA SER I 447 21.69 -2.82 -1.22
C SER I 447 20.21 -2.51 -1.07
N SER I 448 19.63 -2.70 0.11
CA SER I 448 18.20 -2.50 0.20
C SER I 448 17.65 -1.31 0.98
N SER I 449 16.91 -0.45 0.29
CA SER I 449 16.22 0.64 0.97
C SER I 449 14.76 0.22 1.09
N SER I 450 13.86 1.17 1.31
CA SER I 450 12.43 0.88 1.35
C SER I 450 11.91 0.51 -0.04
N GLY I 451 12.27 -0.71 -0.47
CA GLY I 451 11.66 -1.27 -1.65
C GLY I 451 12.57 -1.85 -2.73
N ALA I 452 13.73 -1.26 -3.00
CA ALA I 452 14.53 -1.76 -4.12
C ALA I 452 16.04 -1.58 -3.94
N SER I 453 16.80 -1.93 -4.97
CA SER I 453 18.23 -2.26 -4.86
C SER I 453 19.11 -1.13 -5.35
N THR I 454 20.00 -0.66 -4.49
CA THR I 454 21.07 0.26 -4.85
C THR I 454 22.37 -0.53 -4.72
N VAL I 455 22.76 -1.23 -5.79
CA VAL I 455 23.90 -2.12 -5.69
C VAL I 455 25.15 -1.30 -5.43
N ALA I 456 25.99 -1.79 -4.51
CA ALA I 456 26.99 -0.92 -3.88
C ALA I 456 28.37 -1.53 -4.00
N PHE I 457 29.33 -0.88 -3.36
CA PHE I 457 30.74 -1.24 -3.49
C PHE I 457 31.36 -1.43 -2.12
N LYS I 458 31.99 -2.58 -1.93
CA LYS I 458 32.74 -2.87 -0.71
C LYS I 458 34.20 -2.61 -1.08
N LYS I 459 35.02 -2.27 -0.09
CA LYS I 459 36.41 -1.93 -0.34
C LYS I 459 37.35 -3.05 0.10
N ALA I 460 38.41 -3.24 -0.67
CA ALA I 460 39.49 -4.16 -0.31
C ALA I 460 40.77 -3.39 -0.60
N VAL I 461 41.24 -2.65 0.40
CA VAL I 461 42.29 -1.66 0.23
C VAL I 461 43.34 -1.83 1.33
N LEU I 462 44.55 -1.32 1.06
CA LEU I 462 45.55 -1.03 2.12
C LEU I 462 45.45 0.45 2.49
N SER I 463 44.93 0.75 3.70
CA SER I 463 44.53 2.11 4.01
C SER I 463 45.04 2.56 5.37
N LEU I 464 45.28 3.87 5.46
CA LEU I 464 45.59 4.55 6.70
C LEU I 464 44.63 5.71 6.90
N LYS I 465 44.06 5.79 8.10
CA LYS I 465 43.08 6.81 8.45
C LYS I 465 43.44 7.37 9.82
N VAL I 466 43.69 8.68 9.91
CA VAL I 466 44.26 9.22 11.14
C VAL I 466 43.72 10.61 11.47
N THR I 467 43.59 10.88 12.79
CA THR I 467 43.41 12.21 13.35
C THR I 467 44.39 12.48 14.49
N PRO I 468 45.30 13.46 14.32
CA PRO I 468 46.31 13.73 15.35
C PRO I 468 45.98 14.88 16.29
N GLN I 469 46.74 15.02 17.38
CA GLN I 469 46.58 16.14 18.30
C GLN I 469 47.90 16.36 19.03
N ILE I 470 48.39 17.60 19.01
CA ILE I 470 49.67 17.96 19.61
C ILE I 470 49.42 18.49 21.02
N THR I 471 50.20 18.01 21.98
CA THR I 471 50.11 18.37 23.39
C THR I 471 51.34 19.18 23.80
N PRO I 472 51.32 19.79 25.00
CA PRO I 472 52.43 20.69 25.37
C PRO I 472 53.78 20.01 25.53
N ASP I 473 53.85 18.87 26.20
CA ASP I 473 55.14 18.29 26.50
C ASP I 473 55.67 17.38 25.38
N ASN I 474 55.63 17.85 24.14
CA ASN I 474 56.28 17.19 23.01
C ASN I 474 55.75 15.77 22.80
N ARG I 475 54.44 15.66 22.59
CA ARG I 475 53.79 14.36 22.49
C ARG I 475 52.56 14.46 21.60
N LEU I 476 52.14 13.32 21.07
CA LEU I 476 50.98 13.24 20.19
C LEU I 476 49.97 12.23 20.74
N VAL I 477 48.69 12.55 20.55
CA VAL I 477 47.60 11.61 20.78
C VAL I 477 47.03 11.29 19.41
N LEU I 478 47.05 10.02 19.01
CA LEU I 478 46.62 9.62 17.68
C LEU I 478 45.38 8.74 17.75
N ASP I 479 44.35 9.11 16.98
CA ASP I 479 43.20 8.19 16.70
C ASP I 479 43.43 7.45 15.38
N LEU I 480 43.65 6.14 15.44
CA LEU I 480 44.34 5.39 14.36
C LEU I 480 43.38 4.33 13.79
N SER I 481 43.29 4.24 12.47
CA SER I 481 42.79 3.01 11.80
C SER I 481 43.78 2.60 10.70
N VAL I 482 44.26 1.35 10.75
CA VAL I 482 45.19 0.84 9.69
C VAL I 482 44.68 -0.52 9.19
N THR I 483 44.40 -0.67 7.89
CA THR I 483 43.88 -1.94 7.38
C THR I 483 44.69 -2.41 6.17
N GLN I 484 44.58 -3.71 5.90
CA GLN I 484 45.18 -4.31 4.72
C GLN I 484 44.32 -5.49 4.26
N ASP I 485 43.41 -5.27 3.34
CA ASP I 485 42.49 -6.30 2.85
C ASP I 485 42.80 -6.67 1.41
N ARG I 486 42.32 -7.84 1.02
CA ARG I 486 42.51 -8.37 -0.32
C ARG I 486 41.24 -9.06 -0.79
N ARG I 487 41.21 -9.43 -2.06
CA ARG I 487 40.07 -10.13 -2.64
C ARG I 487 40.32 -11.62 -2.47
N GLY I 488 39.33 -12.33 -1.95
CA GLY I 488 39.45 -13.74 -1.67
C GLY I 488 38.74 -14.61 -2.70
N GLU I 489 38.39 -15.81 -2.28
CA GLU I 489 37.74 -16.77 -3.16
C GLU I 489 36.30 -16.34 -3.43
N THR I 490 35.68 -17.01 -4.39
CA THR I 490 34.29 -16.77 -4.76
C THR I 490 33.46 -17.91 -4.20
N VAL I 491 32.70 -17.62 -3.15
CA VAL I 491 31.84 -18.58 -2.46
C VAL I 491 30.47 -18.65 -3.12
N LYS I 492 29.68 -19.63 -2.70
CA LYS I 492 28.33 -19.88 -3.26
C LYS I 492 27.27 -19.25 -2.33
N THR I 493 26.37 -18.44 -2.90
CA THR I 493 25.30 -17.77 -2.12
C THR I 493 23.94 -18.01 -2.79
N GLY I 494 23.04 -18.72 -2.11
CA GLY I 494 21.72 -19.07 -2.69
C GLY I 494 21.88 -19.90 -3.96
N THR I 495 21.29 -19.43 -5.07
CA THR I 495 21.51 -20.06 -6.40
C THR I 495 22.64 -19.32 -7.13
N GLY I 496 23.29 -18.36 -6.46
CA GLY I 496 24.29 -17.49 -7.11
C GLY I 496 25.67 -17.66 -6.51
N GLU I 497 26.57 -16.71 -6.81
CA GLU I 497 27.90 -16.65 -6.23
C GLU I 497 28.25 -15.21 -5.92
N ALA I 498 29.26 -15.03 -5.09
CA ALA I 498 29.74 -13.70 -4.74
C ALA I 498 31.20 -13.84 -4.30
N VAL I 499 31.84 -12.70 -4.06
CA VAL I 499 33.27 -12.64 -3.78
C VAL I 499 33.47 -12.37 -2.30
N SER I 500 34.40 -13.09 -1.68
CA SER I 500 34.73 -12.89 -0.27
C SER I 500 36.01 -12.08 -0.15
N ILE I 501 36.28 -11.59 1.06
CA ILE I 501 37.38 -10.66 1.32
C ILE I 501 38.19 -11.17 2.49
N ASP I 502 39.52 -11.06 2.39
CA ASP I 502 40.45 -11.41 3.47
C ASP I 502 41.01 -10.15 4.11
N THR I 503 40.92 -10.04 5.43
CA THR I 503 41.15 -8.78 6.12
C THR I 503 42.22 -8.88 7.21
N GLN I 504 42.84 -7.73 7.51
CA GLN I 504 43.63 -7.48 8.71
C GLN I 504 43.35 -6.05 9.15
N ARG I 505 42.97 -5.86 10.40
CA ARG I 505 42.52 -4.54 10.83
C ARG I 505 42.97 -4.27 12.26
N ILE I 506 43.28 -3.01 12.52
CA ILE I 506 43.56 -2.56 13.87
C ILE I 506 43.10 -1.12 14.01
N GLY I 507 42.43 -0.84 15.11
CA GLY I 507 41.94 0.48 15.43
C GLY I 507 42.16 0.83 16.88
N THR I 508 42.75 1.99 17.17
CA THR I 508 43.14 2.31 18.53
C THR I 508 43.19 3.80 18.75
N GLN I 509 43.51 4.17 19.98
CA GLN I 509 43.95 5.51 20.35
C GLN I 509 45.21 5.35 21.18
N VAL I 510 46.29 6.01 20.77
CA VAL I 510 47.56 5.88 21.47
C VAL I 510 48.17 7.26 21.73
N LEU I 511 49.21 7.25 22.56
CA LEU I 511 49.91 8.44 23.02
C LEU I 511 51.41 8.19 22.89
N VAL I 512 52.07 8.95 22.02
CA VAL I 512 53.43 8.62 21.60
C VAL I 512 54.28 9.88 21.53
N ASN I 513 55.55 9.75 21.90
CA ASN I 513 56.48 10.88 21.87
C ASN I 513 56.69 11.37 20.45
N ASN I 514 57.34 12.51 20.31
CA ASN I 514 57.32 13.24 19.05
C ASN I 514 57.91 12.44 17.89
N GLY I 515 59.15 11.99 17.97
CA GLY I 515 59.74 11.41 16.79
C GLY I 515 60.23 9.97 16.91
N GLU I 516 59.51 9.11 17.61
CA GLU I 516 59.90 7.72 17.76
C GLU I 516 58.77 6.78 17.44
N THR I 517 59.09 5.49 17.37
CA THR I 517 58.17 4.46 16.94
C THR I 517 57.62 3.67 18.12
N VAL I 518 56.38 3.21 17.98
CA VAL I 518 55.75 2.28 18.92
C VAL I 518 55.13 1.16 18.12
N VAL I 519 55.03 -0.02 18.71
CA VAL I 519 54.32 -1.12 18.07
C VAL I 519 52.88 -1.12 18.58
N LEU I 520 51.93 -1.05 17.66
CA LEU I 520 50.52 -0.97 18.03
C LEU I 520 49.96 -2.34 18.37
N GLY I 521 50.35 -3.36 17.62
CA GLY I 521 49.89 -4.70 17.87
C GLY I 521 50.55 -5.67 16.93
N GLY I 522 50.21 -6.93 17.13
CA GLY I 522 50.73 -7.99 16.28
C GLY I 522 49.99 -9.27 16.54
N ILE I 523 50.26 -10.25 15.69
CA ILE I 523 49.69 -11.59 15.85
C ILE I 523 50.79 -12.60 15.59
N PHE I 524 50.87 -13.62 16.43
CA PHE I 524 51.86 -14.68 16.31
C PHE I 524 51.14 -16.01 16.18
N GLN I 525 51.61 -16.89 15.29
CA GLN I 525 50.99 -18.20 15.14
C GLN I 525 52.04 -19.27 14.94
N HIS I 526 51.73 -20.47 15.41
CA HIS I 526 52.61 -21.62 15.29
C HIS I 526 51.77 -22.89 15.18
N SER I 527 52.24 -23.87 14.42
CA SER I 527 51.48 -25.12 14.34
C SER I 527 52.39 -26.29 13.97
N ILE I 528 52.04 -27.48 14.46
CA ILE I 528 52.82 -28.70 14.28
C ILE I 528 51.88 -29.88 14.11
N ASN I 529 52.11 -30.70 13.08
CA ASN I 529 51.30 -31.90 12.86
C ASN I 529 52.20 -33.12 12.64
N ASN I 530 51.79 -34.26 13.17
CA ASN I 530 52.49 -35.51 12.97
C ASN I 530 51.46 -36.61 12.71
N SER I 531 51.85 -37.60 11.92
CA SER I 531 50.93 -38.71 11.66
C SER I 531 51.68 -39.94 11.21
N VAL I 532 51.15 -41.11 11.55
CA VAL I 532 51.74 -42.40 11.18
C VAL I 532 50.61 -43.37 10.87
N ASP I 533 50.77 -44.18 9.82
CA ASP I 533 49.93 -45.37 9.70
C ASP I 533 50.80 -46.57 9.37
N LYS I 534 50.59 -47.65 10.09
CA LYS I 534 51.56 -48.74 10.06
C LYS I 534 50.87 -50.08 10.15
N VAL I 535 51.69 -51.13 10.15
CA VAL I 535 51.19 -52.49 10.35
C VAL I 535 51.26 -52.82 11.83
N PRO I 536 50.20 -53.38 12.43
CA PRO I 536 50.06 -53.36 13.90
C PRO I 536 51.29 -53.74 14.72
N LEU I 537 52.09 -54.70 14.28
CA LEU I 537 53.23 -55.09 15.09
C LEU I 537 54.58 -54.86 14.41
N LEU I 538 54.64 -54.91 13.09
CA LEU I 538 55.91 -54.83 12.40
C LEU I 538 56.39 -53.40 12.26
N GLY I 539 55.49 -52.43 12.20
CA GLY I 539 55.87 -51.04 11.99
C GLY I 539 56.52 -50.40 13.19
N ASP I 540 56.99 -51.22 14.13
CA ASP I 540 57.66 -50.74 15.33
C ASP I 540 59.03 -51.35 15.52
N LEU I 541 59.47 -52.25 14.64
CA LEU I 541 60.76 -52.89 14.77
C LEU I 541 61.86 -51.84 14.60
N PRO I 542 63.00 -52.02 15.29
CA PRO I 542 63.98 -50.91 15.41
C PRO I 542 64.48 -50.36 14.09
N VAL I 543 64.93 -51.21 13.17
CA VAL I 543 65.48 -50.69 11.91
C VAL I 543 64.63 -51.13 10.74
N LEU I 544 64.05 -52.32 10.83
CA LEU I 544 63.21 -52.82 9.76
C LEU I 544 61.85 -52.13 9.69
N GLY I 545 61.44 -51.48 10.77
CA GLY I 545 60.09 -50.94 10.84
C GLY I 545 59.73 -50.00 9.72
N ALA I 546 60.73 -49.28 9.20
CA ALA I 546 60.50 -48.32 8.13
C ALA I 546 59.95 -48.96 6.86
N LEU I 547 59.94 -50.28 6.78
CA LEU I 547 59.35 -50.97 5.64
C LEU I 547 57.86 -51.21 5.80
N PHE I 548 57.27 -50.82 6.93
CA PHE I 548 55.89 -51.18 7.26
C PHE I 548 55.09 -49.98 7.72
N ARG I 549 55.40 -48.78 7.26
CA ARG I 549 54.73 -47.61 7.82
C ARG I 549 54.89 -46.43 6.88
N ARG I 550 53.91 -45.53 6.93
CA ARG I 550 54.01 -44.22 6.31
C ARG I 550 53.99 -43.16 7.39
N THR I 551 54.86 -42.16 7.23
CA THR I 551 55.09 -41.11 8.22
C THR I 551 54.95 -39.74 7.57
N TYR I 552 54.27 -38.83 8.27
CA TYR I 552 53.98 -37.51 7.77
C TYR I 552 54.26 -36.49 8.86
N GLU I 553 54.89 -35.36 8.50
CA GLU I 553 55.20 -34.34 9.49
C GLU I 553 55.21 -32.95 8.86
N GLN I 554 54.59 -31.99 9.56
CA GLN I 554 54.44 -30.65 9.00
C GLN I 554 54.57 -29.61 10.10
N MET I 555 55.15 -28.45 9.80
CA MET I 555 55.30 -27.35 10.75
C MET I 555 55.18 -25.97 10.08
N GLY I 556 54.45 -25.05 10.70
CA GLY I 556 54.28 -23.71 10.15
C GLY I 556 54.44 -22.64 11.21
N LYS I 557 54.84 -21.46 10.77
CA LYS I 557 55.03 -20.34 11.70
C LYS I 557 54.77 -19.02 10.99
N SER I 558 54.09 -18.11 11.68
CA SER I 558 53.71 -16.84 11.07
C SER I 558 53.78 -15.71 12.08
N GLU I 559 54.09 -14.51 11.60
CA GLU I 559 54.21 -13.38 12.51
C GLU I 559 53.86 -12.07 11.81
N LEU I 560 53.04 -11.25 12.46
CA LEU I 560 52.61 -9.95 11.90
C LEU I 560 52.83 -8.86 12.95
N LEU I 561 53.32 -7.70 12.51
CA LEU I 561 53.57 -6.56 13.40
C LEU I 561 53.15 -5.26 12.73
N ILE I 562 52.68 -4.30 13.54
CA ILE I 562 52.29 -2.98 13.04
C ILE I 562 52.97 -1.91 13.86
N PHE I 563 53.69 -0.99 13.19
CA PHE I 563 54.39 0.12 13.80
C PHE I 563 53.80 1.44 13.35
N VAL I 564 54.02 2.49 14.13
CA VAL I 564 53.65 3.84 13.75
C VAL I 564 54.67 4.81 14.31
N THR I 565 54.93 5.90 13.57
CA THR I 565 55.85 6.93 14.01
C THR I 565 55.43 8.32 13.50
N PRO I 566 55.05 9.21 14.40
CA PRO I 566 54.69 10.57 13.99
C PRO I 566 55.87 11.53 14.08
N LYS I 567 55.67 12.73 13.55
CA LYS I 567 56.70 13.78 13.51
C LYS I 567 56.07 15.14 13.22
N VAL I 568 56.51 16.16 13.95
CA VAL I 568 56.00 17.52 13.76
C VAL I 568 56.91 18.22 12.78
N VAL I 569 56.32 18.76 11.72
CA VAL I 569 57.09 19.45 10.70
C VAL I 569 57.50 20.82 11.23
N ILE I 570 58.80 21.01 11.42
CA ILE I 570 59.34 22.25 11.96
C ILE I 570 59.76 23.24 10.88
N GLN I 571 59.11 23.29 9.73
CA GLN I 571 59.37 24.35 8.70
C GLN I 571 60.87 24.56 8.38
N SER J 160 20.54 32.84 91.82
CA SER J 160 20.34 33.98 92.70
C SER J 160 19.42 35.01 92.04
N ILE J 161 18.51 34.53 91.20
CA ILE J 161 17.67 35.39 90.37
C ILE J 161 16.24 35.32 90.88
N ASN J 162 15.63 36.50 91.06
CA ASN J 162 14.19 36.59 91.32
C ASN J 162 13.74 37.96 90.78
N PHE J 163 13.14 37.94 89.58
CA PHE J 163 12.77 39.17 88.89
C PHE J 163 11.27 39.15 88.63
N GLN J 164 10.55 40.07 89.26
CA GLN J 164 9.11 40.20 89.11
C GLN J 164 8.82 41.51 88.38
N ASP J 165 8.05 41.43 87.30
CA ASP J 165 7.70 42.63 86.52
C ASP J 165 8.97 43.36 86.08
N ILE J 166 9.97 42.58 85.70
CA ILE J 166 11.25 43.10 85.21
C ILE J 166 11.28 42.91 83.70
N PRO J 167 11.62 43.94 82.93
CA PRO J 167 11.68 43.78 81.47
C PRO J 167 12.72 42.73 81.07
N VAL J 168 12.47 42.09 79.93
CA VAL J 168 13.41 41.08 79.43
C VAL J 168 14.77 41.71 79.18
N ARG J 169 14.79 42.96 78.73
CA ARG J 169 16.05 43.67 78.54
C ARG J 169 16.85 43.75 79.83
N ASN J 170 16.17 43.98 80.96
CA ASN J 170 16.89 44.17 82.22
C ASN J 170 17.46 42.87 82.75
N VAL J 171 16.68 41.79 82.70
CA VAL J 171 17.20 40.50 83.14
C VAL J 171 18.30 40.01 82.20
N LEU J 172 18.21 40.34 80.91
CA LEU J 172 19.27 39.96 79.98
C LEU J 172 20.54 40.75 80.25
N GLN J 173 20.41 42.04 80.57
CA GLN J 173 21.59 42.82 80.93
C GLN J 173 22.18 42.34 82.25
N LEU J 174 21.35 41.82 83.16
CA LEU J 174 21.87 41.21 84.38
C LEU J 174 22.68 39.95 84.06
N ILE J 175 22.11 39.07 83.24
CA ILE J 175 22.82 37.87 82.82
C ILE J 175 24.13 38.24 82.12
N ALA J 176 24.13 39.35 81.39
CA ALA J 176 25.36 39.82 80.76
C ALA J 176 26.38 40.26 81.80
N ASP J 177 26.01 41.21 82.66
CA ASP J 177 26.91 41.80 83.64
C ASP J 177 27.32 40.82 84.74
N TYR J 178 26.88 39.57 84.67
CA TYR J 178 27.19 38.57 85.68
C TYR J 178 28.44 37.77 85.34
N ASN J 179 29.39 38.37 84.61
CA ASN J 179 30.65 37.79 84.14
C ASN J 179 30.45 36.88 82.93
N GLY J 180 29.26 36.84 82.35
CA GLY J 180 29.07 36.14 81.10
C GLY J 180 29.55 36.97 79.92
N PHE J 181 29.51 36.34 78.74
CA PHE J 181 29.92 37.04 77.53
C PHE J 181 28.93 38.15 77.19
N ASN J 182 29.48 39.28 76.77
CA ASN J 182 28.66 40.48 76.54
C ASN J 182 27.55 40.19 75.55
N LEU J 183 26.36 40.70 75.83
CA LEU J 183 25.20 40.51 74.96
C LEU J 183 24.45 41.82 74.79
N VAL J 184 23.78 41.95 73.66
CA VAL J 184 23.03 43.14 73.30
C VAL J 184 21.67 42.73 72.74
N VAL J 185 20.70 43.64 72.84
CA VAL J 185 19.34 43.38 72.40
C VAL J 185 18.87 44.48 71.46
N SER J 186 17.67 44.30 70.90
CA SER J 186 17.09 45.29 69.99
C SER J 186 16.40 46.39 70.80
N ASP J 187 15.61 47.23 70.11
CA ASP J 187 14.94 48.34 70.78
C ASP J 187 13.78 47.84 71.64
N SER J 188 12.77 47.25 71.00
CA SER J 188 11.61 46.68 71.69
C SER J 188 11.60 45.20 71.31
N VAL J 189 12.30 44.39 72.10
CA VAL J 189 12.55 43.01 71.70
C VAL J 189 11.39 42.12 72.09
N VAL J 190 11.17 41.94 73.40
CA VAL J 190 10.19 40.99 73.89
C VAL J 190 9.20 41.70 74.80
N GLY J 191 9.71 42.31 75.87
CA GLY J 191 8.87 43.00 76.83
C GLY J 191 9.27 42.73 78.27
N ASN J 192 8.33 42.22 79.05
CA ASN J 192 8.48 42.04 80.48
C ASN J 192 8.20 40.59 80.85
N LEU J 193 8.63 40.19 82.06
CA LEU J 193 8.33 38.86 82.57
C LEU J 193 8.50 38.83 84.08
N THR J 194 8.47 37.61 84.64
CA THR J 194 8.59 37.39 86.07
C THR J 194 8.89 35.92 86.31
N LEU J 195 9.97 35.65 87.05
CA LEU J 195 10.36 34.29 87.41
C LEU J 195 11.49 34.36 88.43
N ARG J 196 11.70 33.25 89.14
CA ARG J 196 12.71 33.16 90.18
C ARG J 196 13.35 31.78 90.16
N LEU J 197 14.68 31.74 90.06
CA LEU J 197 15.44 30.51 90.07
C LEU J 197 16.83 30.78 90.61
N ASP J 198 17.53 29.71 90.99
CA ASP J 198 18.87 29.82 91.56
C ASP J 198 19.57 28.47 91.51
N GLY J 199 20.90 28.52 91.56
CA GLY J 199 21.73 27.33 91.62
C GLY J 199 21.63 26.43 90.40
N VAL J 200 21.81 27.01 89.21
CA VAL J 200 21.58 26.30 87.96
C VAL J 200 22.52 26.86 86.89
N PRO J 201 22.77 26.14 85.79
CA PRO J 201 23.58 26.70 84.72
C PRO J 201 22.83 27.76 83.92
N TRP J 202 23.60 28.67 83.33
CA TRP J 202 23.02 29.68 82.45
C TRP J 202 22.42 29.05 81.21
N GLN J 203 22.95 27.91 80.78
CA GLN J 203 22.47 27.27 79.56
C GLN J 203 20.99 26.91 79.68
N GLN J 204 20.63 26.15 80.72
CA GLN J 204 19.26 25.68 80.86
C GLN J 204 18.29 26.83 81.07
N VAL J 205 18.62 27.76 81.96
CA VAL J 205 17.71 28.86 82.26
C VAL J 205 17.54 29.77 81.05
N LEU J 206 18.66 30.16 80.43
CA LEU J 206 18.59 31.01 79.25
C LEU J 206 17.79 30.34 78.16
N ASP J 207 18.03 29.05 77.90
CA ASP J 207 17.32 28.37 76.83
C ASP J 207 15.83 28.25 77.13
N ILE J 208 15.47 27.91 78.38
CA ILE J 208 14.05 27.75 78.67
C ILE J 208 13.33 29.09 78.57
N ILE J 209 14.00 30.19 78.95
CA ILE J 209 13.43 31.52 78.75
C ILE J 209 13.23 31.80 77.27
N LEU J 210 14.30 31.62 76.48
CA LEU J 210 14.24 31.93 75.05
C LEU J 210 13.31 31.00 74.29
N GLN J 211 12.94 29.85 74.87
CA GLN J 211 12.00 28.96 74.23
C GLN J 211 10.56 29.35 74.56
N VAL J 212 10.25 29.49 75.85
CA VAL J 212 8.87 29.68 76.27
C VAL J 212 8.34 31.03 75.77
N LYS J 213 8.96 32.12 76.22
CA LYS J 213 8.51 33.44 75.83
C LYS J 213 9.63 34.21 75.12
N GLY J 214 10.86 33.98 75.54
CA GLY J 214 11.99 34.70 74.98
C GLY J 214 12.16 34.45 73.49
N LEU J 215 13.03 35.26 72.91
CA LEU J 215 13.30 35.25 71.48
C LEU J 215 14.56 34.45 71.15
N ASP J 216 15.10 34.67 69.94
CA ASP J 216 16.27 33.93 69.49
C ASP J 216 17.53 34.78 69.63
N LYS J 217 18.68 34.10 69.55
CA LYS J 217 19.98 34.72 69.76
C LYS J 217 21.01 34.16 68.79
N ARG J 218 21.98 35.00 68.44
CA ARG J 218 23.08 34.61 67.57
C ARG J 218 24.39 35.11 68.15
N VAL J 219 25.46 34.33 67.94
CA VAL J 219 26.79 34.68 68.44
C VAL J 219 27.72 34.92 67.26
N ASP J 220 28.39 36.07 67.27
CA ASP J 220 29.31 36.44 66.21
C ASP J 220 30.72 35.90 66.44
N GLY J 221 30.90 35.05 67.45
CA GLY J 221 32.21 34.53 67.79
C GLY J 221 32.64 34.92 69.19
N ASN J 222 32.33 36.15 69.59
CA ASN J 222 32.69 36.63 70.92
C ASN J 222 31.48 37.05 71.75
N VAL J 223 30.60 37.88 71.19
CA VAL J 223 29.49 38.45 71.93
C VAL J 223 28.17 37.97 71.32
N ILE J 224 27.11 38.08 72.11
CA ILE J 224 25.81 37.52 71.78
C ILE J 224 24.82 38.64 71.51
N LEU J 225 23.93 38.42 70.53
CA LEU J 225 22.88 39.36 70.18
C LEU J 225 21.55 38.63 70.26
N ILE J 226 20.52 39.34 70.70
CA ILE J 226 19.19 38.77 70.86
C ILE J 226 18.22 39.55 69.99
N ALA J 227 17.22 38.86 69.44
CA ALA J 227 16.20 39.49 68.61
C ALA J 227 15.07 38.49 68.41
N PRO J 228 13.88 38.96 68.03
CA PRO J 228 12.80 38.04 67.68
C PRO J 228 13.13 37.24 66.42
N LYS J 229 12.53 36.06 66.33
CA LYS J 229 12.78 35.20 65.18
C LYS J 229 12.26 35.81 63.89
N GLU J 230 11.24 36.67 63.98
CA GLU J 230 10.67 37.27 62.79
C GLU J 230 11.71 38.12 62.05
N GLU J 231 12.41 38.99 62.76
CA GLU J 231 13.43 39.81 62.11
C GLU J 231 14.59 38.97 61.58
N LEU J 232 14.96 37.90 62.29
CA LEU J 232 16.06 37.06 61.82
C LEU J 232 15.68 36.36 60.52
N ASP J 233 14.50 35.76 60.47
CA ASP J 233 14.05 35.10 59.26
C ASP J 233 13.85 36.10 58.13
N LEU J 234 13.38 37.30 58.44
CA LEU J 234 13.23 38.33 57.41
C LEU J 234 14.59 38.72 56.83
N ARG J 235 15.58 38.90 57.70
CA ARG J 235 16.92 39.24 57.23
C ARG J 235 17.50 38.12 56.37
N GLU J 236 17.29 36.87 56.78
CA GLU J 236 17.79 35.76 55.97
C GLU J 236 17.11 35.70 54.60
N LYS J 237 15.80 35.88 54.56
CA LYS J 237 15.09 35.87 53.29
C LYS J 237 15.54 37.03 52.40
N GLN J 238 15.77 38.20 52.99
CA GLN J 238 16.28 39.33 52.22
C GLN J 238 17.64 39.01 51.61
N ALA J 239 18.54 38.43 52.42
CA ALA J 239 19.88 38.11 51.91
C ALA J 239 19.81 37.07 50.80
N LEU J 240 18.98 36.05 50.96
CA LEU J 240 18.84 35.02 49.94
C LEU J 240 18.28 35.60 48.64
N GLU J 241 17.24 36.43 48.75
CA GLU J 241 16.66 37.03 47.56
C GLU J 241 17.66 37.94 46.86
N LYS J 242 18.45 38.70 47.63
CA LYS J 242 19.47 39.55 47.03
C LYS J 242 20.49 38.71 46.27
N ALA J 243 20.97 37.62 46.89
CA ALA J 243 21.94 36.77 46.22
C ALA J 243 21.36 36.17 44.94
N ARG J 244 20.13 35.66 45.01
CA ARG J 244 19.54 35.01 43.84
C ARG J 244 19.31 36.01 42.71
N LEU J 245 18.85 37.21 43.03
CA LEU J 245 18.59 38.19 41.98
C LEU J 245 19.89 38.74 41.41
N ALA J 246 20.91 38.93 42.24
CA ALA J 246 22.19 39.41 41.74
C ALA J 246 22.86 38.37 40.85
N GLU J 247 22.71 37.09 41.19
CA GLU J 247 23.26 36.05 40.34
C GLU J 247 22.40 35.84 39.10
N GLU J 248 21.14 36.25 39.14
CA GLU J 248 20.31 36.17 37.94
C GLU J 248 20.67 37.27 36.96
N LEU J 249 20.49 38.53 37.36
CA LEU J 249 20.70 39.67 36.45
C LEU J 249 22.07 40.30 36.73
N GLY J 250 23.09 39.74 36.11
CA GLY J 250 24.42 40.27 36.16
C GLY J 250 24.95 40.64 34.78
N ASP J 251 26.12 41.28 34.79
CA ASP J 251 26.80 41.63 33.55
C ASP J 251 27.70 40.45 33.13
N LEU J 252 27.52 39.98 31.90
CA LEU J 252 28.22 38.79 31.44
C LEU J 252 29.58 39.14 30.86
N LYS J 253 30.48 38.17 30.88
CA LYS J 253 31.81 38.30 30.31
C LYS J 253 32.07 37.11 29.39
N SER J 254 32.86 37.35 28.34
CA SER J 254 33.15 36.35 27.32
C SER J 254 34.66 36.19 27.18
N GLU J 255 35.13 34.95 27.16
CA GLU J 255 36.57 34.70 27.01
C GLU J 255 36.79 33.23 26.62
N ILE J 256 38.04 32.90 26.33
CA ILE J 256 38.41 31.61 25.75
C ILE J 256 39.32 30.85 26.72
N ILE J 257 39.09 29.55 26.81
CA ILE J 257 39.84 28.63 27.66
C ILE J 257 40.55 27.63 26.76
N LYS J 258 41.87 27.55 26.90
CA LYS J 258 42.66 26.63 26.10
C LYS J 258 42.79 25.29 26.79
N ILE J 259 42.58 24.21 26.05
CA ILE J 259 42.56 22.85 26.57
C ILE J 259 43.73 22.08 25.98
N ASN J 260 44.42 21.33 26.82
CA ASN J 260 45.45 20.39 26.38
C ASN J 260 45.26 19.07 27.09
N PHE J 261 45.62 17.99 26.41
CA PHE J 261 45.54 16.59 26.82
C PHE J 261 44.13 16.00 26.73
N ALA J 262 43.11 16.79 26.42
CA ALA J 262 41.77 16.26 26.28
C ALA J 262 41.08 16.95 25.12
N LYS J 263 40.07 16.30 24.57
CA LYS J 263 39.31 16.90 23.48
C LYS J 263 38.35 17.94 24.04
N ALA J 264 38.28 19.09 23.37
CA ALA J 264 37.41 20.16 23.84
C ALA J 264 35.94 19.83 23.62
N SER J 265 35.62 18.99 22.64
CA SER J 265 34.22 18.65 22.40
C SER J 265 33.64 17.83 23.54
N ASP J 266 34.41 16.87 24.06
CA ASP J 266 33.94 16.09 25.19
C ASP J 266 33.73 16.97 26.42
N ILE J 267 34.65 17.90 26.67
CA ILE J 267 34.53 18.77 27.84
C ILE J 267 33.35 19.73 27.68
N ALA J 268 33.12 20.24 26.48
CA ALA J 268 31.96 21.08 26.26
C ALA J 268 30.66 20.29 26.41
N ALA J 269 30.68 19.00 26.12
CA ALA J 269 29.47 18.20 26.30
C ALA J 269 29.25 17.85 27.76
N MET J 270 30.32 17.81 28.56
CA MET J 270 30.13 17.53 29.97
C MET J 270 29.74 18.77 30.76
N ILE J 271 30.33 19.93 30.46
CA ILE J 271 30.06 21.12 31.26
C ILE J 271 28.69 21.69 30.92
N GLY J 272 28.37 21.78 29.63
CA GLY J 272 27.05 22.22 29.23
C GLY J 272 26.14 21.04 28.96
N GLY J 273 25.58 20.98 27.76
CA GLY J 273 24.86 19.79 27.34
C GLY J 273 23.37 19.94 27.20
N GLU J 274 22.66 18.82 27.30
CA GLU J 274 21.22 18.82 27.05
C GLU J 274 20.47 19.47 28.21
N GLY J 275 19.63 20.44 27.88
CA GLY J 275 18.81 21.12 28.87
C GLY J 275 19.60 21.98 29.84
N ASN J 276 18.93 22.91 30.50
CA ASN J 276 19.58 23.82 31.44
C ASN J 276 19.68 23.26 32.86
N VAL J 277 18.88 22.25 33.19
CA VAL J 277 18.92 21.68 34.53
C VAL J 277 20.26 20.99 34.76
N ASN J 278 20.76 20.28 33.74
CA ASN J 278 22.06 19.61 33.88
C ASN J 278 23.19 20.63 33.81
N MET J 279 23.08 21.62 32.92
CA MET J 279 24.15 22.57 32.68
C MET J 279 24.61 23.22 33.98
N LEU J 280 25.91 23.44 34.08
CA LEU J 280 26.47 24.21 35.17
C LEU J 280 26.50 25.68 34.79
N SER J 281 25.37 26.21 34.32
CA SER J 281 25.30 27.57 33.84
C SER J 281 23.90 28.11 34.13
N GLU J 282 23.74 29.43 34.00
CA GLU J 282 22.48 30.10 34.31
C GLU J 282 21.84 30.78 33.10
N ARG J 283 22.56 31.74 32.51
CA ARG J 283 22.12 32.34 31.22
C ARG J 283 23.36 32.66 30.36
N GLY J 284 24.40 31.84 30.48
CA GLY J 284 25.38 31.65 29.38
C GLY J 284 25.51 30.17 29.09
N SER J 285 26.62 29.78 28.44
CA SER J 285 26.75 29.16 27.10
C SER J 285 28.22 28.83 26.81
N ILE J 286 28.49 27.63 26.29
CA ILE J 286 29.85 27.26 25.79
C ILE J 286 29.80 27.14 24.26
N SER J 287 30.90 27.44 23.59
CA SER J 287 31.08 27.06 22.20
C SER J 287 32.45 26.42 22.01
N ILE J 288 32.58 25.63 20.96
CA ILE J 288 33.81 24.92 20.66
C ILE J 288 34.50 25.57 19.46
N ASP J 289 35.83 25.64 19.53
CA ASP J 289 36.67 26.00 18.40
C ASP J 289 37.61 24.82 18.17
N GLU J 290 37.30 24.03 17.13
CA GLU J 290 38.00 22.78 16.88
C GLU J 290 39.37 22.98 16.27
N ARG J 291 39.57 24.04 15.51
CA ARG J 291 40.84 24.26 14.83
C ARG J 291 41.99 24.33 15.82
N THR J 292 41.78 25.00 16.95
CA THR J 292 42.82 25.22 17.95
C THR J 292 42.54 24.54 19.27
N ASN J 293 41.52 23.68 19.36
CA ASN J 293 41.19 22.92 20.57
C ASN J 293 40.92 23.87 21.74
N SER J 294 39.87 24.67 21.61
CA SER J 294 39.59 25.70 22.61
C SER J 294 38.10 25.81 22.88
N LEU J 295 37.77 26.31 24.07
CA LEU J 295 36.40 26.63 24.44
C LEU J 295 36.22 28.14 24.49
N LEU J 296 35.01 28.59 24.20
CA LEU J 296 34.66 30.00 24.23
C LEU J 296 33.40 30.15 25.07
N ILE J 297 33.54 30.74 26.26
CA ILE J 297 32.48 30.74 27.25
C ILE J 297 32.02 32.17 27.53
N ARG J 298 30.72 32.33 27.78
CA ARG J 298 30.12 33.62 28.10
C ARG J 298 29.21 33.43 29.32
N GLU J 299 29.64 33.97 30.46
CA GLU J 299 28.92 33.75 31.72
C GLU J 299 29.33 34.80 32.73
N LEU J 300 28.85 34.62 33.96
CA LEU J 300 29.15 35.55 35.04
C LEU J 300 30.62 35.40 35.46
N PRO J 301 31.32 36.51 35.69
CA PRO J 301 32.76 36.42 35.97
C PRO J 301 33.10 35.70 37.27
N ASP J 302 32.09 35.15 37.93
CA ASP J 302 32.31 34.39 39.16
C ASP J 302 32.25 32.89 38.91
N ASN J 303 31.43 32.51 37.92
CA ASN J 303 31.30 31.11 37.55
C ASN J 303 32.46 30.71 36.64
N ILE J 304 33.07 31.70 35.98
CA ILE J 304 34.21 31.43 35.11
C ILE J 304 35.36 30.87 35.93
N ALA J 305 35.54 31.35 37.15
CA ALA J 305 36.68 30.92 37.96
C ALA J 305 36.53 29.48 38.45
N VAL J 306 35.31 29.09 38.86
CA VAL J 306 35.13 27.71 39.32
C VAL J 306 35.18 26.75 38.14
N ILE J 307 34.56 27.12 37.02
CA ILE J 307 34.65 26.30 35.81
C ILE J 307 36.11 26.14 35.39
N ARG J 308 36.88 27.22 35.45
CA ARG J 308 38.28 27.16 35.06
C ARG J 308 39.06 26.25 35.98
N GLU J 309 38.80 26.31 37.28
CA GLU J 309 39.53 25.47 38.23
C GLU J 309 39.19 23.99 38.02
N ILE J 310 37.91 23.68 37.81
CA ILE J 310 37.52 22.29 37.59
C ILE J 310 38.14 21.74 36.30
N ILE J 311 37.96 22.44 35.19
CA ILE J 311 38.47 21.90 33.93
C ILE J 311 39.98 22.02 33.83
N GLU J 312 40.64 22.73 34.74
CA GLU J 312 42.07 22.61 34.85
C GLU J 312 42.46 21.40 35.69
N SER J 313 41.57 20.99 36.59
CA SER J 313 41.79 19.76 37.34
C SER J 313 41.50 18.49 36.54
N LEU J 314 40.73 18.59 35.45
CA LEU J 314 40.36 17.38 34.72
C LEU J 314 41.41 16.97 33.69
N ASP J 315 41.80 17.87 32.79
CA ASP J 315 42.63 17.46 31.65
C ASP J 315 44.05 17.14 32.10
N ILE J 316 44.35 15.85 32.20
CA ILE J 316 45.67 15.35 32.59
C ILE J 316 46.02 14.17 31.70
N PRO J 317 47.30 13.88 31.55
CA PRO J 317 47.70 12.68 30.80
C PRO J 317 47.29 11.41 31.50
N VAL J 318 46.92 10.40 30.72
CA VAL J 318 46.43 9.13 31.24
C VAL J 318 47.47 8.05 30.99
N LYS J 319 47.20 6.87 31.55
CA LYS J 319 48.07 5.71 31.46
C LYS J 319 47.75 4.89 30.21
N GLN J 320 48.64 3.95 29.89
CA GLN J 320 48.46 3.06 28.76
C GLN J 320 48.68 1.62 29.20
N VAL J 321 47.91 0.72 28.62
CA VAL J 321 47.91 -0.69 29.00
C VAL J 321 48.19 -1.53 27.77
N GLN J 322 48.87 -2.64 27.98
CA GLN J 322 49.18 -3.63 26.96
C GLN J 322 48.51 -4.95 27.32
N ILE J 323 47.69 -5.47 26.42
CA ILE J 323 46.90 -6.67 26.67
C ILE J 323 47.29 -7.76 25.69
N GLU J 324 47.53 -8.96 26.21
CA GLU J 324 47.91 -10.08 25.36
C GLU J 324 47.17 -11.37 25.67
N ALA J 325 46.42 -11.84 24.69
CA ALA J 325 45.66 -13.08 24.80
C ALA J 325 46.45 -14.25 24.22
N ARG J 326 46.12 -15.45 24.66
CA ARG J 326 46.82 -16.63 24.18
C ARG J 326 45.87 -17.83 24.11
N ILE J 327 45.70 -18.38 22.93
CA ILE J 327 44.79 -19.50 22.70
C ILE J 327 45.63 -20.71 22.33
N VAL J 328 45.47 -21.80 23.08
CA VAL J 328 46.27 -23.00 22.88
C VAL J 328 45.34 -24.20 22.70
N THR J 329 45.65 -25.06 21.74
CA THR J 329 44.87 -26.28 21.58
C THR J 329 45.76 -27.48 21.26
N VAL J 330 45.39 -28.63 21.81
CA VAL J 330 46.15 -29.87 21.66
C VAL J 330 45.19 -31.01 21.34
N LYS J 331 45.58 -31.85 20.37
CA LYS J 331 44.73 -32.96 19.94
C LYS J 331 45.54 -34.24 19.84
N GLU J 332 44.92 -35.38 20.17
CA GLU J 332 45.52 -36.70 19.98
C GLU J 332 44.48 -37.71 19.54
N GLY J 333 44.93 -38.71 18.78
CA GLY J 333 44.02 -39.75 18.32
C GLY J 333 44.68 -41.10 18.02
N ASN J 334 43.94 -42.20 18.23
CA ASN J 334 44.43 -43.55 17.96
C ASN J 334 43.32 -44.41 17.37
N LEU J 335 43.71 -45.33 16.49
CA LEU J 335 42.74 -46.20 15.84
C LEU J 335 43.38 -47.55 15.53
N GLU J 336 42.61 -48.64 15.64
CA GLU J 336 43.09 -49.97 15.31
C GLU J 336 41.96 -50.89 14.85
N GLU J 337 42.22 -51.66 13.80
CA GLU J 337 41.22 -52.58 13.26
C GLU J 337 41.82 -53.91 12.76
N LEU J 338 41.13 -55.00 13.06
CA LEU J 338 41.55 -56.35 12.66
C LEU J 338 40.41 -57.09 11.96
N GLY J 339 40.71 -57.79 10.87
CA GLY J 339 39.65 -58.47 10.14
C GLY J 339 40.13 -59.72 9.45
N VAL J 340 39.19 -60.62 9.14
CA VAL J 340 39.51 -61.94 8.61
C VAL J 340 38.51 -62.35 7.53
N ARG J 341 39.01 -63.02 6.50
CA ARG J 341 38.18 -63.41 5.37
C ARG J 341 38.60 -64.82 4.96
N TRP J 342 37.75 -65.82 5.15
CA TRP J 342 38.15 -67.16 4.72
C TRP J 342 36.99 -67.94 4.13
N GLY J 343 37.36 -68.96 3.35
CA GLY J 343 36.37 -69.77 2.66
C GLY J 343 36.87 -71.16 2.36
N VAL J 344 35.93 -72.08 2.16
CA VAL J 344 36.24 -73.47 1.85
C VAL J 344 35.33 -73.95 0.73
N MET J 345 35.75 -75.01 0.06
CA MET J 345 34.97 -75.56 -1.04
C MET J 345 35.41 -76.98 -1.29
N SER J 346 34.53 -77.95 -1.08
CA SER J 346 34.96 -79.33 -1.20
C SER J 346 33.84 -80.19 -1.77
N THR J 347 34.23 -81.27 -2.43
CA THR J 347 33.28 -82.22 -2.99
C THR J 347 33.78 -83.63 -2.72
N ASN J 348 32.85 -84.58 -2.74
CA ASN J 348 33.18 -85.96 -2.37
C ASN J 348 32.60 -86.99 -3.33
N GLY J 349 31.75 -86.61 -4.26
CA GLY J 349 30.94 -87.55 -4.98
C GLY J 349 29.58 -87.62 -4.33
N SER J 350 28.60 -86.94 -4.93
CA SER J 350 27.23 -86.84 -4.39
C SER J 350 27.19 -86.13 -3.04
N HIS J 351 28.32 -85.57 -2.59
CA HIS J 351 28.37 -84.85 -1.32
C HIS J 351 29.26 -83.62 -1.52
N SER J 352 28.82 -82.49 -0.99
CA SER J 352 29.57 -81.24 -1.16
C SER J 352 29.51 -80.41 0.11
N VAL J 353 30.41 -79.44 0.19
CA VAL J 353 30.43 -78.47 1.29
C VAL J 353 30.93 -77.15 0.76
N GLY J 354 30.22 -76.08 1.10
CA GLY J 354 30.54 -74.77 0.59
C GLY J 354 30.16 -73.70 1.57
N GLY J 355 29.95 -72.49 1.06
CA GLY J 355 29.65 -71.33 1.88
C GLY J 355 28.33 -70.68 1.48
N SER J 356 27.56 -71.39 0.68
CA SER J 356 26.25 -70.94 0.26
C SER J 356 25.59 -72.00 -0.60
N ILE J 357 24.36 -71.76 -1.02
CA ILE J 357 23.64 -72.67 -1.90
C ILE J 357 24.04 -72.48 -3.36
N GLU J 358 24.28 -71.24 -3.77
CA GLU J 358 24.76 -71.00 -5.12
C GLU J 358 26.17 -71.56 -5.32
N SER J 359 26.95 -71.62 -4.24
CA SER J 359 28.27 -72.23 -4.32
C SER J 359 28.16 -73.71 -4.64
N ASN J 360 27.32 -74.44 -3.90
CA ASN J 360 27.16 -75.87 -4.15
C ASN J 360 26.53 -76.13 -5.51
N LEU J 361 25.67 -75.23 -5.98
CA LEU J 361 25.08 -75.43 -7.29
C LEU J 361 26.09 -75.12 -8.39
N TRP J 362 27.13 -74.33 -8.09
CA TRP J 362 28.14 -74.06 -9.10
C TRP J 362 29.13 -75.20 -9.23
N GLN J 363 29.56 -75.78 -8.12
CA GLN J 363 30.52 -76.88 -8.20
C GLN J 363 29.78 -78.15 -8.59
N LYS J 364 29.05 -78.04 -9.68
CA LYS J 364 28.27 -79.09 -10.33
C LYS J 364 27.94 -78.56 -11.72
N GLY J 365 26.98 -79.18 -12.39
CA GLY J 365 26.61 -78.59 -13.66
C GLY J 365 25.38 -77.72 -13.64
N LEU J 366 24.87 -77.34 -12.47
CA LEU J 366 23.50 -76.84 -12.39
C LEU J 366 23.40 -75.37 -12.79
N LEU J 367 24.25 -74.52 -12.24
CA LEU J 367 24.18 -73.11 -12.59
C LEU J 367 24.71 -72.87 -14.00
N ALA J 368 24.17 -71.84 -14.66
CA ALA J 368 24.58 -71.55 -16.03
C ALA J 368 25.88 -70.75 -16.09
N ASP J 369 25.86 -69.54 -15.55
CA ASP J 369 27.02 -68.67 -15.65
C ASP J 369 28.12 -69.14 -14.71
N ASP J 370 29.31 -69.38 -15.25
CA ASP J 370 30.40 -69.95 -14.47
C ASP J 370 31.72 -69.30 -14.85
N GLU J 371 32.12 -68.27 -14.10
CA GLU J 371 33.52 -67.87 -14.10
C GLU J 371 34.13 -68.05 -12.72
N PHE J 372 33.61 -67.39 -11.69
CA PHE J 372 33.77 -67.79 -10.30
C PHE J 372 32.83 -66.97 -9.43
N PRO J 373 32.04 -67.60 -8.58
CA PRO J 373 31.27 -66.83 -7.60
C PRO J 373 32.13 -66.36 -6.44
N VAL J 374 32.85 -65.25 -6.61
CA VAL J 374 33.81 -64.82 -5.61
C VAL J 374 33.12 -64.44 -4.31
N ASP J 375 31.88 -63.95 -4.42
CA ASP J 375 31.13 -63.56 -3.24
C ASP J 375 30.36 -64.71 -2.61
N GLU J 376 29.82 -65.62 -3.41
CA GLU J 376 29.18 -66.80 -2.86
C GLU J 376 30.18 -67.81 -2.33
N PHE J 377 31.46 -67.65 -2.67
CA PHE J 377 32.48 -68.60 -2.23
C PHE J 377 32.75 -68.49 -0.74
N LEU J 378 32.83 -67.28 -0.21
CA LEU J 378 33.40 -67.07 1.12
C LEU J 378 32.45 -67.49 2.22
N ASN J 379 33.00 -68.15 3.25
CA ASN J 379 32.24 -68.53 4.42
C ASN J 379 32.16 -67.37 5.41
N VAL J 380 33.30 -66.85 5.82
CA VAL J 380 33.38 -65.77 6.79
C VAL J 380 33.98 -64.57 6.09
N ASN J 381 33.27 -63.44 6.10
CA ASN J 381 33.64 -62.24 5.35
C ASN J 381 33.61 -61.04 6.30
N LEU J 382 34.71 -60.82 7.04
CA LEU J 382 34.80 -59.78 8.05
C LEU J 382 36.08 -58.99 7.86
N ALA J 383 36.30 -58.51 6.64
CA ALA J 383 37.53 -57.82 6.31
C ALA J 383 37.59 -56.45 6.96
N SER J 384 38.79 -56.05 7.36
CA SER J 384 39.02 -54.69 7.85
C SER J 384 38.73 -53.68 6.77
N THR J 385 37.74 -52.82 7.03
CA THR J 385 37.21 -51.89 6.03
C THR J 385 37.88 -50.53 6.20
N SER J 386 38.90 -50.28 5.40
CA SER J 386 39.64 -49.02 5.41
C SER J 386 40.36 -48.91 4.08
N ALA J 387 41.06 -47.79 3.88
CA ALA J 387 41.80 -47.57 2.66
C ALA J 387 43.30 -47.85 2.81
N ASN J 388 43.80 -47.93 4.03
CA ASN J 388 45.22 -48.16 4.29
C ASN J 388 45.47 -49.50 4.98
N ALA J 389 44.51 -50.41 4.91
CA ALA J 389 44.67 -51.68 5.61
C ALA J 389 45.56 -52.62 4.82
N SER J 390 46.40 -53.36 5.54
CA SER J 390 47.35 -54.29 4.93
C SER J 390 46.92 -55.72 5.20
N SER J 391 47.13 -56.61 4.24
CA SER J 391 46.61 -57.97 4.30
C SER J 391 47.67 -58.98 3.93
N ILE J 392 47.33 -60.24 4.09
CA ILE J 392 48.14 -61.35 3.59
C ILE J 392 47.25 -62.60 3.51
N ALA J 393 47.41 -63.37 2.43
CA ALA J 393 46.53 -64.48 2.14
C ALA J 393 47.11 -65.78 1.65
N PHE J 394 46.68 -66.89 2.25
CA PHE J 394 47.20 -68.22 2.01
C PHE J 394 46.13 -69.08 1.36
N GLN J 395 46.58 -70.08 0.60
CA GLN J 395 45.68 -70.90 -0.19
C GLN J 395 46.15 -72.34 -0.22
N VAL J 396 45.20 -73.26 -0.38
CA VAL J 396 45.48 -74.66 -0.69
C VAL J 396 44.47 -75.12 -1.72
N ALA J 397 44.92 -75.32 -2.95
CA ALA J 397 44.04 -75.68 -4.05
C ALA J 397 44.54 -76.94 -4.71
N LYS J 398 43.73 -77.99 -4.69
CA LYS J 398 44.06 -79.25 -5.36
C LYS J 398 43.51 -79.33 -6.76
N LEU J 399 42.20 -79.19 -6.92
CA LEU J 399 41.47 -79.26 -8.19
C LEU J 399 41.49 -80.65 -8.79
N GLY J 400 42.20 -81.60 -8.19
CA GLY J 400 42.15 -82.98 -8.60
C GLY J 400 41.08 -83.70 -7.80
N SER J 401 41.16 -83.58 -6.48
CA SER J 401 40.06 -84.04 -5.61
C SER J 401 38.99 -82.96 -5.42
N GLY J 402 39.25 -81.74 -5.87
CA GLY J 402 38.29 -80.65 -5.81
C GLY J 402 38.52 -79.66 -4.69
N THR J 403 39.14 -80.08 -3.59
CA THR J 403 39.23 -79.26 -2.40
C THR J 403 39.93 -77.93 -2.69
N LEU J 404 39.42 -76.86 -2.07
CA LEU J 404 40.02 -75.54 -2.12
C LEU J 404 39.78 -74.87 -0.78
N LEU J 405 40.80 -74.17 -0.26
CA LEU J 405 40.59 -73.40 0.95
C LEU J 405 41.45 -72.16 0.95
N ASP J 406 40.85 -71.02 1.33
CA ASP J 406 41.48 -69.71 1.33
C ASP J 406 41.38 -69.05 2.69
N LEU J 407 42.43 -68.31 3.07
CA LEU J 407 42.44 -67.59 4.34
C LEU J 407 43.23 -66.30 4.23
N GLU J 408 42.59 -65.15 4.49
CA GLU J 408 43.23 -63.85 4.42
C GLU J 408 43.05 -63.09 5.73
N LEU J 409 44.12 -62.43 6.21
CA LEU J 409 44.11 -61.57 7.38
C LEU J 409 44.37 -60.13 6.96
N SER J 410 43.77 -59.20 7.65
CA SER J 410 44.01 -57.80 7.35
C SER J 410 43.99 -56.99 8.63
N ALA J 411 44.71 -55.87 8.62
CA ALA J 411 44.95 -55.10 9.83
C ALA J 411 45.19 -53.64 9.48
N LEU J 412 45.08 -52.78 10.50
CA LEU J 412 45.42 -51.38 10.38
C LEU J 412 45.60 -50.77 11.76
N GLN J 413 46.53 -49.83 11.92
CA GLN J 413 46.74 -49.14 13.19
C GLN J 413 47.37 -47.75 13.00
N ASN J 414 46.65 -46.66 13.27
CA ASN J 414 47.27 -45.36 13.09
C ASN J 414 47.05 -44.45 14.29
N GLU J 415 47.67 -43.29 14.24
CA GLU J 415 47.91 -42.45 15.40
C GLU J 415 48.26 -41.04 14.97
N SER J 416 47.84 -40.05 15.75
CA SER J 416 47.99 -38.67 15.29
C SER J 416 48.06 -37.71 16.47
N LYS J 417 48.72 -36.56 16.24
CA LYS J 417 48.91 -35.50 17.22
C LYS J 417 48.82 -34.15 16.52
N ALA J 418 48.46 -33.12 17.27
CA ALA J 418 48.45 -31.78 16.72
C ALA J 418 48.48 -30.75 17.85
N GLU J 419 49.00 -29.57 17.54
CA GLU J 419 49.08 -28.49 18.53
C GLU J 419 49.16 -27.14 17.84
N ILE J 420 48.30 -26.22 18.28
CA ILE J 420 48.22 -24.87 17.69
C ILE J 420 48.28 -23.82 18.79
N ILE J 421 48.96 -22.72 18.51
CA ILE J 421 49.10 -21.59 19.42
C ILE J 421 48.86 -20.30 18.66
N SER J 422 48.04 -19.40 19.23
CA SER J 422 47.88 -18.08 18.62
C SER J 422 47.79 -17.03 19.72
N SER J 423 48.43 -15.89 19.51
CA SER J 423 48.44 -14.83 20.53
C SER J 423 48.42 -13.45 19.91
N PRO J 424 47.27 -12.76 19.94
CA PRO J 424 47.25 -11.33 19.59
C PRO J 424 47.61 -10.39 20.73
N ARG J 425 48.02 -9.16 20.43
CA ARG J 425 48.37 -8.17 21.44
C ARG J 425 47.80 -6.82 21.02
N LEU J 426 47.67 -5.94 22.01
CA LEU J 426 47.22 -4.58 21.76
C LEU J 426 47.84 -3.66 22.80
N ILE J 427 47.93 -2.39 22.44
CA ILE J 427 48.21 -1.32 23.40
C ILE J 427 47.11 -0.28 23.25
N THR J 428 46.68 0.31 24.35
CA THR J 428 45.56 1.26 24.33
C THR J 428 45.65 2.17 25.55
N THR J 429 44.72 3.14 25.58
CA THR J 429 44.62 4.15 26.67
C THR J 429 43.53 3.70 27.65
N ASN J 430 43.69 4.02 28.94
CA ASN J 430 42.78 3.60 29.99
C ASN J 430 41.34 4.01 29.67
N LYS J 431 40.42 3.06 29.84
CA LYS J 431 38.97 3.26 29.67
C LYS J 431 38.57 3.45 28.22
N GLN J 432 39.37 2.91 27.31
CA GLN J 432 39.20 3.17 25.88
C GLN J 432 39.13 1.86 25.10
N PRO J 433 38.14 1.69 24.20
CA PRO J 433 37.95 0.39 23.55
C PRO J 433 38.88 0.17 22.36
N ALA J 434 39.43 -1.04 22.26
CA ALA J 434 40.34 -1.36 21.17
C ALA J 434 40.06 -2.77 20.66
N TYR J 435 40.46 -3.01 19.41
CA TYR J 435 40.25 -4.31 18.77
C TYR J 435 41.38 -4.60 17.79
N ILE J 436 41.65 -5.89 17.59
CA ILE J 436 42.53 -6.34 16.52
C ILE J 436 41.97 -7.64 15.92
N GLU J 437 42.05 -7.76 14.60
CA GLU J 437 41.35 -8.81 13.84
C GLU J 437 42.22 -9.37 12.72
N GLN J 438 41.90 -10.60 12.30
CA GLN J 438 42.53 -11.23 11.15
C GLN J 438 41.65 -12.37 10.67
N GLY J 439 41.16 -12.32 9.44
CA GLY J 439 40.33 -13.39 8.94
C GLY J 439 39.68 -13.17 7.60
N THR J 440 38.42 -13.57 7.42
CA THR J 440 37.69 -13.35 6.18
C THR J 440 36.28 -12.85 6.46
N GLU J 441 35.68 -12.25 5.43
CA GLU J 441 34.30 -11.76 5.49
C GLU J 441 33.48 -12.47 4.43
N ILE J 442 32.48 -13.21 4.86
CA ILE J 442 31.67 -14.03 3.95
C ILE J 442 30.45 -13.23 3.49
N PRO J 443 30.27 -13.10 2.17
CA PRO J 443 29.12 -12.40 1.64
C PRO J 443 27.92 -13.32 1.75
N TYR J 444 26.87 -12.92 2.43
CA TYR J 444 25.68 -13.77 2.52
C TYR J 444 24.57 -13.22 1.64
N LEU J 445 23.73 -14.09 1.09
CA LEU J 445 22.71 -13.62 0.17
C LEU J 445 21.44 -13.11 0.85
N GLU J 446 21.44 -11.77 0.96
CA GLU J 446 20.39 -10.86 1.48
C GLU J 446 20.35 -10.57 2.97
N SER J 447 19.87 -9.37 3.26
CA SER J 447 19.62 -8.84 4.58
C SER J 447 18.29 -8.13 4.34
N SER J 448 17.33 -8.26 5.24
CA SER J 448 16.04 -7.65 4.95
C SER J 448 15.57 -6.44 5.74
N SER J 449 15.34 -5.33 5.03
CA SER J 449 14.75 -4.17 5.68
C SER J 449 13.29 -4.15 5.28
N SER J 450 12.62 -3.01 5.40
CA SER J 450 11.23 -2.86 4.97
C SER J 450 11.13 -2.94 3.44
N GLY J 451 11.31 -4.15 2.91
CA GLY J 451 11.01 -4.40 1.51
C GLY J 451 12.05 -5.10 0.67
N ALA J 452 13.34 -4.86 0.86
CA ALA J 452 14.33 -5.44 -0.04
C ALA J 452 15.68 -5.74 0.61
N SER J 453 16.64 -6.20 -0.20
CA SER J 453 17.81 -6.93 0.26
C SER J 453 19.06 -6.07 0.27
N THR J 454 19.70 -5.97 1.42
CA THR J 454 21.02 -5.37 1.57
C THR J 454 21.96 -6.51 1.93
N VAL J 455 22.50 -7.18 0.90
CA VAL J 455 23.28 -8.38 1.17
C VAL J 455 24.54 -7.99 1.94
N ALA J 456 24.89 -8.79 2.95
CA ALA J 456 25.78 -8.32 4.00
C ALA J 456 26.93 -9.30 4.18
N PHE J 457 27.76 -9.02 5.18
CA PHE J 457 29.00 -9.76 5.41
C PHE J 457 29.06 -10.24 6.84
N LYS J 458 29.29 -11.54 6.99
CA LYS J 458 29.49 -12.17 8.29
C LYS J 458 31.01 -12.30 8.43
N LYS J 459 31.50 -12.33 9.66
CA LYS J 459 32.94 -12.38 9.90
C LYS J 459 33.36 -13.76 10.37
N ALA J 460 34.54 -14.18 9.93
CA ALA J 460 35.18 -15.40 10.40
C ALA J 460 36.64 -15.02 10.66
N VAL J 461 36.91 -14.54 11.88
CA VAL J 461 38.17 -13.91 12.22
C VAL J 461 38.71 -14.48 13.52
N LEU J 462 40.02 -14.31 13.71
CA LEU J 462 40.64 -14.43 15.05
C LEU J 462 40.80 -13.03 15.66
N SER J 463 40.00 -12.72 16.68
CA SER J 463 39.85 -11.34 17.12
C SER J 463 39.97 -11.20 18.63
N LEU J 464 40.48 -10.03 19.02
CA LEU J 464 40.53 -9.60 20.42
C LEU J 464 39.87 -8.23 20.54
N LYS J 465 38.96 -8.10 21.50
CA LYS J 465 38.20 -6.88 21.73
C LYS J 465 38.22 -6.59 23.23
N VAL J 466 38.73 -5.42 23.63
CA VAL J 466 38.96 -5.20 25.05
C VAL J 466 38.71 -3.75 25.46
N THR J 467 38.22 -3.60 26.72
CA THR J 467 38.17 -2.32 27.44
C THR J 467 38.76 -2.47 28.84
N PRO J 468 39.87 -1.79 29.14
CA PRO J 468 40.53 -1.93 30.46
C PRO J 468 40.19 -0.83 31.45
N GLN J 469 40.55 -1.03 32.72
CA GLN J 469 40.38 -0.01 33.75
C GLN J 469 41.39 -0.25 34.86
N ILE J 470 42.15 0.79 35.22
CA ILE J 470 43.19 0.69 36.22
C ILE J 470 42.63 1.13 37.57
N THR J 471 42.89 0.35 38.61
CA THR J 471 42.43 0.58 39.98
C THR J 471 43.61 0.96 40.88
N PRO J 472 43.34 1.42 42.11
CA PRO J 472 44.45 1.92 42.96
C PRO J 472 45.46 0.86 43.36
N ASP J 473 45.02 -0.32 43.80
CA ASP J 473 45.95 -1.28 44.36
C ASP J 473 46.58 -2.19 43.30
N ASN J 474 47.08 -1.60 42.20
CA ASN J 474 47.89 -2.31 41.21
C ASN J 474 47.13 -3.49 40.60
N ARG J 475 45.98 -3.19 39.99
CA ARG J 475 45.10 -4.22 39.47
C ARG J 475 44.30 -3.68 38.28
N LEU J 476 43.81 -4.59 37.44
CA LEU J 476 43.03 -4.25 36.27
C LEU J 476 41.69 -4.95 36.29
N VAL J 477 40.67 -4.27 35.81
CA VAL J 477 39.36 -4.86 35.52
C VAL J 477 39.23 -4.86 34.01
N LEU J 478 39.07 -6.04 33.40
CA LEU J 478 39.02 -6.17 31.96
C LEU J 478 37.66 -6.63 31.50
N ASP J 479 37.07 -5.92 30.53
CA ASP J 479 35.90 -6.42 29.77
C ASP J 479 36.35 -7.06 28.46
N LEU J 480 36.22 -8.38 28.34
CA LEU J 480 37.03 -9.19 27.39
C LEU J 480 36.09 -9.86 26.37
N SER J 481 36.43 -9.79 25.09
CA SER J 481 35.89 -10.74 24.08
C SER J 481 37.05 -11.32 23.26
N VAL J 482 37.17 -12.65 23.21
CA VAL J 482 38.24 -13.30 22.40
C VAL J 482 37.62 -14.40 21.52
N THR J 483 37.76 -14.32 20.18
CA THR J 483 37.15 -15.33 19.33
C THR J 483 38.17 -15.89 18.34
N GLN J 484 37.85 -17.07 17.82
CA GLN J 484 38.64 -17.71 16.76
C GLN J 484 37.73 -18.54 15.87
N ASP J 485 37.25 -17.96 14.77
CA ASP J 485 36.33 -18.63 13.86
C ASP J 485 37.01 -18.93 12.53
N ARG J 486 36.42 -19.86 11.80
CA ARG J 486 36.90 -20.29 10.49
C ARG J 486 35.74 -20.52 9.56
N ARG J 487 36.06 -20.75 8.29
CA ARG J 487 35.03 -21.02 7.28
C ARG J 487 34.84 -22.52 7.22
N GLY J 488 33.59 -22.97 7.28
CA GLY J 488 33.26 -24.37 7.31
C GLY J 488 32.74 -24.87 5.99
N GLU J 489 31.99 -25.97 6.05
CA GLU J 489 31.46 -26.59 4.86
C GLU J 489 30.34 -25.75 4.26
N THR J 490 29.94 -26.11 3.05
CA THR J 490 28.85 -25.43 2.35
C THR J 490 27.63 -26.33 2.40
N VAL J 491 26.66 -25.94 3.23
CA VAL J 491 25.42 -26.67 3.44
C VAL J 491 24.38 -26.27 2.40
N LYS J 492 23.27 -27.02 2.38
CA LYS J 492 22.16 -26.80 1.41
C LYS J 492 21.05 -25.99 2.09
N THR J 493 20.61 -24.90 1.44
CA THR J 493 19.54 -24.02 1.99
C THR J 493 18.47 -23.79 0.92
N GLY J 494 17.25 -24.27 1.15
CA GLY J 494 16.16 -24.16 0.15
C GLY J 494 16.53 -24.87 -1.15
N THR J 495 16.47 -24.15 -2.27
CA THR J 495 16.98 -24.67 -3.57
C THR J 495 18.43 -24.23 -3.79
N GLY J 496 19.02 -23.57 -2.79
CA GLY J 496 20.36 -22.97 -2.94
C GLY J 496 21.37 -23.59 -2.00
N GLU J 497 22.53 -22.92 -1.84
CA GLU J 497 23.56 -23.31 -0.90
C GLU J 497 24.12 -22.07 -0.24
N ALA J 498 24.83 -22.28 0.88
CA ALA J 498 25.46 -21.20 1.61
C ALA J 498 26.61 -21.78 2.42
N VAL J 499 27.39 -20.92 3.05
CA VAL J 499 28.61 -21.31 3.73
C VAL J 499 28.37 -21.25 5.23
N SER J 500 28.82 -22.28 5.96
CA SER J 500 28.71 -22.32 7.40
C SER J 500 30.04 -21.93 8.05
N ILE J 501 29.99 -21.66 9.35
CA ILE J 501 31.12 -21.13 10.10
C ILE J 501 31.35 -21.98 11.34
N ASP J 502 32.62 -22.25 11.66
CA ASP J 502 33.01 -22.96 12.87
C ASP J 502 33.63 -21.98 13.87
N THR J 503 33.13 -21.98 15.10
CA THR J 503 33.42 -20.92 16.06
C THR J 503 34.00 -21.44 17.37
N GLN J 504 34.74 -20.56 18.05
CA GLN J 504 35.12 -20.67 19.46
C GLN J 504 35.06 -19.27 20.05
N ARG J 505 34.35 -19.09 21.15
CA ARG J 505 34.11 -17.75 21.67
C ARG J 505 34.13 -17.77 23.19
N ILE J 506 34.62 -16.68 23.76
CA ILE J 506 34.54 -16.48 25.20
C ILE J 506 34.43 -14.99 25.46
N GLY J 507 33.51 -14.64 26.34
CA GLY J 507 33.29 -13.27 26.75
C GLY J 507 33.09 -13.14 28.24
N THR J 508 33.81 -12.24 28.90
CA THR J 508 33.78 -12.18 30.35
C THR J 508 34.12 -10.79 30.85
N GLN J 509 34.08 -10.66 32.17
CA GLN J 509 34.70 -9.56 32.90
C GLN J 509 35.52 -10.15 34.02
N VAL J 510 36.81 -9.80 34.08
CA VAL J 510 37.70 -10.37 35.08
C VAL J 510 38.49 -9.26 35.77
N LEU J 511 39.18 -9.65 36.84
CA LEU J 511 39.94 -8.76 37.71
C LEU J 511 41.29 -9.43 37.97
N VAL J 512 42.37 -8.82 37.49
CA VAL J 512 43.67 -9.49 37.43
C VAL J 512 44.77 -8.53 37.87
N ASN J 513 45.78 -9.07 38.56
CA ASN J 513 46.90 -8.27 39.02
C ASN J 513 47.68 -7.72 37.83
N ASN J 514 48.61 -6.79 38.11
CA ASN J 514 49.20 -5.98 37.06
C ASN J 514 49.91 -6.80 36.00
N GLY J 515 50.91 -7.60 36.36
CA GLY J 515 51.71 -8.20 35.31
C GLY J 515 51.76 -9.72 35.30
N GLU J 516 50.65 -10.40 35.58
CA GLU J 516 50.62 -11.85 35.58
C GLU J 516 49.46 -12.40 34.76
N THR J 517 49.47 -13.70 34.56
CA THR J 517 48.52 -14.37 33.68
C THR J 517 47.43 -15.07 34.48
N VAL J 518 46.24 -15.13 33.90
CA VAL J 518 45.13 -15.92 34.43
C VAL J 518 44.56 -16.72 33.27
N VAL J 519 43.99 -17.88 33.57
CA VAL J 519 43.27 -18.66 32.56
C VAL J 519 41.80 -18.30 32.62
N LEU J 520 41.26 -17.86 31.49
CA LEU J 520 39.88 -17.40 31.45
C LEU J 520 38.91 -18.57 31.34
N GLY J 521 39.26 -19.58 30.56
CA GLY J 521 38.43 -20.76 30.41
C GLY J 521 39.11 -21.78 29.54
N GLY J 522 38.43 -22.91 29.38
CA GLY J 522 38.93 -23.97 28.55
C GLY J 522 37.86 -25.00 28.34
N ILE J 523 38.15 -25.93 27.43
CA ILE J 523 37.25 -27.05 27.16
C ILE J 523 38.09 -28.32 27.04
N PHE J 524 37.64 -29.38 27.67
CA PHE J 524 38.31 -30.67 27.64
C PHE J 524 37.37 -31.71 27.05
N GLN J 525 37.88 -32.59 26.20
CA GLN J 525 37.05 -33.65 25.63
C GLN J 525 37.82 -34.96 25.55
N HIS J 526 37.07 -36.06 25.67
CA HIS J 526 37.64 -37.39 25.60
C HIS J 526 36.60 -38.34 25.02
N SER J 527 37.04 -39.33 24.26
CA SER J 527 36.08 -40.30 23.73
C SER J 527 36.74 -41.64 23.43
N ILE J 528 35.97 -42.72 23.56
CA ILE J 528 36.44 -44.09 23.39
C ILE J 528 35.35 -44.92 22.73
N ASN J 529 35.69 -45.67 21.69
CA ASN J 529 34.75 -46.55 21.01
C ASN J 529 35.34 -47.93 20.83
N ASN J 530 34.51 -48.96 21.01
CA ASN J 530 34.90 -50.34 20.79
C ASN J 530 33.79 -51.05 20.03
N SER J 531 34.16 -52.04 19.21
CA SER J 531 33.13 -52.79 18.50
C SER J 531 33.68 -54.15 18.07
N VAL J 532 32.80 -55.14 18.01
CA VAL J 532 33.14 -56.49 17.58
C VAL J 532 31.98 -57.05 16.78
N ASP J 533 32.28 -57.77 15.70
CA ASP J 533 31.26 -58.64 15.12
C ASP J 533 31.87 -60.00 14.83
N LYS J 534 31.17 -61.05 15.25
CA LYS J 534 31.80 -62.36 15.30
C LYS J 534 30.81 -63.45 14.93
N VAL J 535 31.30 -64.69 14.96
CA VAL J 535 30.45 -65.85 14.76
C VAL J 535 29.94 -66.34 16.11
N PRO J 536 28.63 -66.62 16.24
CA PRO J 536 28.02 -66.69 17.58
C PRO J 536 28.76 -67.50 18.64
N LEU J 537 29.42 -68.61 18.29
CA LEU J 537 30.09 -69.39 19.31
C LEU J 537 31.59 -69.51 19.12
N LEU J 538 32.08 -69.43 17.88
CA LEU J 538 33.49 -69.65 17.63
C LEU J 538 34.32 -68.42 17.91
N GLY J 539 33.76 -67.22 17.77
CA GLY J 539 34.51 -66.01 17.94
C GLY J 539 34.86 -65.71 19.38
N ASP J 540 34.77 -66.72 20.24
CA ASP J 540 35.10 -66.57 21.64
C ASP J 540 36.13 -67.57 22.13
N LEU J 541 36.60 -68.46 21.25
CA LEU J 541 37.59 -69.45 21.65
C LEU J 541 38.90 -68.77 22.01
N PRO J 542 39.66 -69.34 22.95
CA PRO J 542 40.78 -68.59 23.55
C PRO J 542 41.81 -68.07 22.57
N VAL J 543 42.33 -68.92 21.68
CA VAL J 543 43.38 -68.46 20.77
C VAL J 543 42.88 -68.52 19.32
N LEU J 544 42.03 -69.50 19.02
CA LEU J 544 41.51 -69.61 17.66
C LEU J 544 40.47 -68.55 17.34
N GLY J 545 39.88 -67.91 18.35
CA GLY J 545 38.76 -67.03 18.12
C GLY J 545 39.05 -65.91 17.14
N ALA J 546 40.30 -65.46 17.08
CA ALA J 546 40.68 -64.38 16.18
C ALA J 546 40.45 -64.71 14.72
N LEU J 547 40.15 -65.95 14.40
CA LEU J 547 39.82 -66.32 13.03
C LEU J 547 38.36 -66.12 12.69
N PHE J 548 37.53 -65.70 13.65
CA PHE J 548 36.09 -65.67 13.49
C PHE J 548 35.49 -64.34 13.91
N ARG J 549 36.23 -63.24 13.80
CA ARG J 549 35.71 -61.99 14.34
C ARG J 549 36.46 -60.82 13.74
N ARG J 550 35.77 -59.69 13.66
CA ARG J 550 36.39 -58.40 13.35
C ARG J 550 36.27 -57.50 14.55
N THR J 551 37.35 -56.79 14.85
CA THR J 551 37.49 -55.96 16.04
C THR J 551 37.92 -54.55 15.64
N TYR J 552 37.29 -53.56 16.28
CA TYR J 552 37.52 -52.15 15.97
C TYR J 552 37.66 -51.38 17.26
N GLU J 553 38.62 -50.45 17.33
CA GLU J 553 38.83 -49.67 18.54
C GLU J 553 39.38 -48.30 18.22
N GLN J 554 38.82 -47.27 18.87
CA GLN J 554 39.20 -45.90 18.56
C GLN J 554 39.20 -45.04 19.82
N MET J 555 40.13 -44.08 19.92
CA MET J 555 40.20 -43.18 21.07
C MET J 555 40.66 -41.77 20.66
N GLY J 556 40.00 -40.74 21.20
CA GLY J 556 40.36 -39.36 20.89
C GLY J 556 40.41 -38.50 22.13
N LYS J 557 41.22 -37.44 22.07
CA LYS J 557 41.35 -36.52 23.19
C LYS J 557 41.67 -35.12 22.70
N SER J 558 41.05 -34.12 23.32
CA SER J 558 41.21 -32.74 22.87
C SER J 558 41.21 -31.80 24.06
N GLU J 559 41.95 -30.69 23.93
CA GLU J 559 42.03 -29.73 25.02
C GLU J 559 42.27 -28.32 24.50
N LEU J 560 41.51 -27.37 25.03
CA LEU J 560 41.62 -25.95 24.61
C LEU J 560 41.74 -25.08 25.88
N LEU J 561 42.62 -24.07 25.83
CA LEU J 561 42.83 -23.16 26.94
C LEU J 561 42.99 -21.73 26.44
N ILE J 562 42.52 -20.77 27.23
CA ILE J 562 42.66 -19.35 26.90
C ILE J 562 43.27 -18.60 28.08
N PHE J 563 44.36 -17.87 27.83
CA PHE J 563 45.07 -17.08 28.81
C PHE J 563 45.01 -15.60 28.46
N VAL J 564 45.20 -14.75 29.47
CA VAL J 564 45.33 -13.31 29.25
C VAL J 564 46.31 -12.75 30.26
N THR J 565 47.05 -11.72 29.85
CA THR J 565 48.00 -11.04 30.72
C THR J 565 48.12 -9.56 30.39
N PRO J 566 47.69 -8.68 31.28
CA PRO J 566 47.83 -7.24 31.04
C PRO J 566 49.12 -6.68 31.66
N LYS J 567 49.40 -5.43 31.33
CA LYS J 567 50.60 -4.74 31.79
C LYS J 567 50.46 -3.23 31.59
N VAL J 568 50.87 -2.45 32.60
CA VAL J 568 50.81 -1.00 32.52
C VAL J 568 52.13 -0.49 32.01
N VAL J 569 52.08 0.30 30.93
CA VAL J 569 53.30 0.83 30.34
C VAL J 569 53.82 1.96 31.21
N ILE J 570 54.98 1.74 31.80
CA ILE J 570 55.60 2.71 32.70
C ILE J 570 56.59 3.63 32.00
N GLN J 571 56.40 3.98 30.75
CA GLN J 571 57.23 5.01 30.05
C GLN J 571 58.75 4.80 30.24
N SER K 160 -84.17 50.96 14.65
CA SER K 160 -84.85 51.79 15.64
C SER K 160 -83.94 52.07 16.83
N ILE K 161 -82.63 52.11 16.57
CA ILE K 161 -81.62 52.20 17.63
C ILE K 161 -80.98 53.57 17.59
N ASN K 162 -80.87 54.21 18.75
CA ASN K 162 -80.09 55.44 18.91
C ASN K 162 -79.65 55.47 20.36
N PHE K 163 -78.40 55.08 20.61
CA PHE K 163 -77.86 54.95 21.96
C PHE K 163 -76.64 55.85 22.10
N GLN K 164 -76.75 56.87 22.94
CA GLN K 164 -75.66 57.81 23.20
C GLN K 164 -75.19 57.60 24.63
N ASP K 165 -73.88 57.40 24.81
CA ASP K 165 -73.30 57.19 26.13
C ASP K 165 -74.00 56.03 26.85
N ILE K 166 -74.28 54.99 26.07
CA ILE K 166 -74.91 53.77 26.57
C ILE K 166 -73.84 52.68 26.63
N PRO K 167 -73.71 51.98 27.76
CA PRO K 167 -72.71 50.92 27.84
C PRO K 167 -72.96 49.83 26.81
N VAL K 168 -71.87 49.18 26.39
CA VAL K 168 -71.99 48.08 25.42
C VAL K 168 -72.87 46.98 25.97
N ARG K 169 -72.79 46.73 27.28
CA ARG K 169 -73.65 45.73 27.91
C ARG K 169 -75.12 46.06 27.70
N ASN K 170 -75.48 47.34 27.80
CA ASN K 170 -76.89 47.71 27.73
C ASN K 170 -77.43 47.58 26.30
N VAL K 171 -76.66 48.04 25.30
CA VAL K 171 -77.12 47.88 23.92
C VAL K 171 -77.13 46.40 23.53
N LEU K 172 -76.21 45.61 24.08
CA LEU K 172 -76.23 44.17 23.79
C LEU K 172 -77.43 43.50 24.42
N GLN K 173 -77.80 43.90 25.64
CA GLN K 173 -79.00 43.36 26.26
C GLN K 173 -80.25 43.80 25.51
N LEU K 174 -80.22 44.99 24.91
CA LEU K 174 -81.33 45.42 24.07
C LEU K 174 -81.45 44.54 22.83
N ILE K 175 -80.32 44.32 22.13
CA ILE K 175 -80.31 43.44 20.98
C ILE K 175 -80.79 42.04 21.36
N ALA K 176 -80.46 41.60 22.58
CA ALA K 176 -80.96 40.32 23.07
C ALA K 176 -82.47 40.33 23.23
N ASP K 177 -82.98 41.26 24.06
CA ASP K 177 -84.40 41.33 24.40
C ASP K 177 -85.28 41.72 23.22
N TYR K 178 -84.71 41.92 22.03
CA TYR K 178 -85.46 42.31 20.85
C TYR K 178 -85.94 41.12 20.03
N ASN K 179 -86.19 39.98 20.68
CA ASN K 179 -86.62 38.71 20.09
C ASN K 179 -85.48 37.96 19.42
N GLY K 180 -84.24 38.41 19.58
CA GLY K 180 -83.11 37.64 19.12
C GLY K 180 -82.75 36.53 20.09
N PHE K 181 -81.80 35.70 19.68
CA PHE K 181 -81.36 34.61 20.54
C PHE K 181 -80.63 35.17 21.76
N ASN K 182 -80.90 34.56 22.91
CA ASN K 182 -80.39 35.07 24.18
C ASN K 182 -78.87 35.17 24.15
N LEU K 183 -78.33 36.25 24.70
CA LEU K 183 -76.90 36.47 24.74
C LEU K 183 -76.49 36.99 26.11
N VAL K 184 -75.24 36.68 26.48
CA VAL K 184 -74.69 37.07 27.78
C VAL K 184 -73.29 37.63 27.57
N VAL K 185 -72.85 38.45 28.53
CA VAL K 185 -71.55 39.11 28.44
C VAL K 185 -70.76 38.87 29.72
N SER K 186 -69.52 39.33 29.73
CA SER K 186 -68.64 39.19 30.89
C SER K 186 -68.93 40.32 31.90
N ASP K 187 -68.05 40.47 32.88
CA ASP K 187 -68.25 41.49 33.92
C ASP K 187 -67.96 42.88 33.37
N SER K 188 -66.72 43.13 32.97
CA SER K 188 -66.30 44.39 32.38
C SER K 188 -65.76 44.06 31.00
N VAL K 189 -66.66 44.04 30.01
CA VAL K 189 -66.31 43.49 28.71
C VAL K 189 -65.63 44.54 27.85
N VAL K 190 -66.37 45.58 27.47
CA VAL K 190 -65.87 46.56 26.52
C VAL K 190 -65.95 47.96 27.13
N GLY K 191 -67.16 48.36 27.50
CA GLY K 191 -67.37 49.68 28.09
C GLY K 191 -68.61 50.36 27.54
N ASN K 192 -68.41 51.55 26.97
CA ASN K 192 -69.50 52.42 26.54
C ASN K 192 -69.31 52.79 25.06
N LEU K 193 -70.38 53.28 24.44
CA LEU K 193 -70.30 53.77 23.07
C LEU K 193 -71.48 54.68 22.77
N THR K 194 -71.64 55.00 21.48
CA THR K 194 -72.68 55.89 21.00
C THR K 194 -72.80 55.74 19.50
N LEU K 195 -74.02 55.47 19.02
CA LEU K 195 -74.31 55.34 17.59
C LEU K 195 -75.82 55.24 17.41
N ARG K 196 -76.26 55.50 16.18
CA ARG K 196 -77.68 55.48 15.84
C ARG K 196 -77.85 54.92 14.44
N LEU K 197 -78.71 53.90 14.32
CA LEU K 197 -79.01 53.27 13.05
C LEU K 197 -80.41 52.65 13.13
N ASP K 198 -80.96 52.35 11.95
CA ASP K 198 -82.30 51.79 11.86
C ASP K 198 -82.52 51.16 10.50
N GLY K 199 -83.49 50.24 10.43
CA GLY K 199 -83.88 49.60 9.19
C GLY K 199 -82.81 48.77 8.52
N VAL K 200 -82.20 47.86 9.29
CA VAL K 200 -81.04 47.11 8.83
C VAL K 200 -81.03 45.73 9.49
N PRO K 201 -80.31 44.76 8.94
CA PRO K 201 -80.21 43.46 9.62
C PRO K 201 -79.32 43.52 10.85
N TRP K 202 -79.61 42.62 11.80
CA TRP K 202 -78.76 42.50 12.99
C TRP K 202 -77.36 42.03 12.62
N GLN K 203 -77.22 41.27 11.54
CA GLN K 203 -75.93 40.74 11.14
C GLN K 203 -74.93 41.86 10.88
N GLN K 204 -75.28 42.79 9.99
CA GLN K 204 -74.34 43.84 9.60
C GLN K 204 -74.01 44.76 10.77
N VAL K 205 -75.04 45.20 11.51
CA VAL K 205 -74.81 46.13 12.61
C VAL K 205 -74.01 45.48 13.71
N LEU K 206 -74.41 44.27 14.12
CA LEU K 206 -73.68 43.56 15.17
C LEU K 206 -72.24 43.33 14.75
N ASP K 207 -72.01 42.90 13.51
CA ASP K 207 -70.64 42.63 13.09
C ASP K 207 -69.81 43.90 13.02
N ILE K 208 -70.37 45.00 12.50
CA ILE K 208 -69.58 46.22 12.41
C ILE K 208 -69.24 46.75 13.79
N ILE K 209 -70.16 46.60 14.75
CA ILE K 209 -69.86 46.97 16.13
C ILE K 209 -68.73 46.10 16.68
N LEU K 210 -68.87 44.77 16.56
CA LEU K 210 -67.89 43.85 17.11
C LEU K 210 -66.56 43.93 16.40
N GLN K 211 -66.51 44.52 15.20
CA GLN K 211 -65.24 44.70 14.51
C GLN K 211 -64.56 45.99 14.94
N VAL K 212 -65.27 47.11 14.88
CA VAL K 212 -64.64 48.41 15.10
C VAL K 212 -64.18 48.54 16.54
N LYS K 213 -65.11 48.46 17.49
CA LYS K 213 -64.75 48.61 18.89
C LYS K 213 -65.16 47.36 19.68
N GLY K 214 -66.27 46.75 19.29
CA GLY K 214 -66.77 45.60 20.02
C GLY K 214 -65.80 44.44 20.01
N LEU K 215 -66.14 43.46 20.85
CA LEU K 215 -65.31 42.28 21.07
C LEU K 215 -65.81 41.09 20.25
N ASP K 216 -65.37 39.88 20.61
CA ASP K 216 -65.74 38.68 19.89
C ASP K 216 -66.86 37.91 20.60
N LYS K 217 -67.48 36.99 19.86
CA LYS K 217 -68.63 36.24 20.35
C LYS K 217 -68.56 34.80 19.87
N ARG K 218 -69.14 33.91 20.68
CA ARG K 218 -69.22 32.49 20.37
C ARG K 218 -70.61 31.98 20.67
N VAL K 219 -71.07 31.02 19.87
CA VAL K 219 -72.39 30.43 20.01
C VAL K 219 -72.24 28.96 20.38
N ASP K 220 -72.92 28.56 21.46
CA ASP K 220 -72.88 27.19 21.94
C ASP K 220 -73.92 26.30 21.26
N GLY K 221 -74.59 26.81 20.25
CA GLY K 221 -75.65 26.07 19.58
C GLY K 221 -77.00 26.75 19.70
N ASN K 222 -77.29 27.34 20.85
CA ASN K 222 -78.55 28.03 21.07
C ASN K 222 -78.37 29.50 21.44
N VAL K 223 -77.51 29.80 22.42
CA VAL K 223 -77.37 31.15 22.92
C VAL K 223 -75.96 31.65 22.66
N ILE K 224 -75.79 32.97 22.71
CA ILE K 224 -74.56 33.63 22.31
C ILE K 224 -73.87 34.23 23.53
N LEU K 225 -72.55 34.18 23.55
CA LEU K 225 -71.74 34.76 24.61
C LEU K 225 -70.75 35.72 23.98
N ILE K 226 -70.47 36.82 24.68
CA ILE K 226 -69.56 37.84 24.19
C ILE K 226 -68.41 38.00 25.19
N ALA K 227 -67.23 38.30 24.67
CA ALA K 227 -66.05 38.49 25.50
C ALA K 227 -64.96 39.10 24.63
N PRO K 228 -63.95 39.71 25.26
CA PRO K 228 -62.79 40.20 24.49
C PRO K 228 -62.00 39.04 23.90
N LYS K 229 -61.32 39.33 22.79
CA LYS K 229 -60.53 38.30 22.12
C LYS K 229 -59.37 37.82 22.99
N GLU K 230 -58.88 38.67 23.89
CA GLU K 230 -57.76 38.29 24.74
C GLU K 230 -58.09 37.09 25.62
N GLU K 231 -59.24 37.14 26.30
CA GLU K 231 -59.63 36.01 27.14
C GLU K 231 -59.91 34.76 26.33
N LEU K 232 -60.48 34.91 25.13
CA LEU K 232 -60.75 33.74 24.29
C LEU K 232 -59.47 33.07 23.85
N ASP K 233 -58.50 33.86 23.36
CA ASP K 233 -57.22 33.28 22.96
C ASP K 233 -56.47 32.72 24.14
N LEU K 234 -56.58 33.34 25.32
CA LEU K 234 -55.93 32.80 26.50
C LEU K 234 -56.53 31.46 26.88
N ARG K 235 -57.86 31.35 26.84
CA ARG K 235 -58.51 30.09 27.16
C ARG K 235 -58.11 29.00 26.17
N GLU K 236 -58.02 29.35 24.88
CA GLU K 236 -57.62 28.37 23.89
C GLU K 236 -56.18 27.90 24.12
N LYS K 237 -55.27 28.84 24.40
CA LYS K 237 -53.89 28.46 24.66
C LYS K 237 -53.78 27.60 25.92
N GLN K 238 -54.56 27.92 26.96
CA GLN K 238 -54.57 27.09 28.16
C GLN K 238 -55.03 25.68 27.85
N ALA K 239 -56.10 25.54 27.07
CA ALA K 239 -56.62 24.21 26.74
C ALA K 239 -55.61 23.42 25.92
N LEU K 240 -54.98 24.07 24.94
CA LEU K 240 -53.97 23.38 24.13
C LEU K 240 -52.78 22.93 24.96
N GLU K 241 -52.29 23.81 25.83
CA GLU K 241 -51.15 23.45 26.67
C GLU K 241 -51.52 22.31 27.61
N LYS K 242 -52.74 22.33 28.16
CA LYS K 242 -53.16 21.23 29.02
C LYS K 242 -53.19 19.92 28.26
N ALA K 243 -53.76 19.93 27.05
CA ALA K 243 -53.81 18.71 26.25
C ALA K 243 -52.40 18.19 25.93
N ARG K 244 -51.52 19.09 25.49
CA ARG K 244 -50.17 18.68 25.11
C ARG K 244 -49.40 18.13 26.30
N LEU K 245 -49.52 18.75 27.47
CA LEU K 245 -48.77 18.29 28.62
C LEU K 245 -49.36 16.98 29.17
N ALA K 246 -50.69 16.84 29.13
CA ALA K 246 -51.30 15.61 29.60
C ALA K 246 -50.95 14.44 28.67
N GLU K 247 -50.87 14.70 27.37
CA GLU K 247 -50.47 13.64 26.45
C GLU K 247 -48.97 13.39 26.52
N GLU K 248 -48.20 14.36 27.02
CA GLU K 248 -46.77 14.12 27.20
C GLU K 248 -46.53 13.25 28.43
N LEU K 249 -46.89 13.74 29.62
CA LEU K 249 -46.61 13.03 30.86
C LEU K 249 -47.86 12.30 31.34
N GLY K 250 -48.02 11.09 30.82
CA GLY K 250 -49.09 10.20 31.23
C GLY K 250 -48.54 8.89 31.79
N ASP K 251 -49.45 8.10 32.33
CA ASP K 251 -49.13 6.77 32.84
C ASP K 251 -49.25 5.76 31.69
N LEU K 252 -48.18 5.01 31.44
CA LEU K 252 -48.13 4.11 30.31
C LEU K 252 -48.73 2.75 30.66
N LYS K 253 -49.19 2.05 29.63
CA LYS K 253 -49.72 0.71 29.76
C LYS K 253 -49.06 -0.20 28.73
N SER K 254 -48.91 -1.48 29.09
CA SER K 254 -48.22 -2.46 28.26
C SER K 254 -49.12 -3.65 28.02
N GLU K 255 -49.23 -4.08 26.76
CA GLU K 255 -50.06 -5.24 26.42
C GLU K 255 -49.69 -5.76 25.04
N ILE K 256 -50.30 -6.89 24.67
CA ILE K 256 -49.91 -7.63 23.47
C ILE K 256 -51.08 -7.68 22.49
N ILE K 257 -50.76 -7.53 21.22
CA ILE K 257 -51.71 -7.54 20.11
C ILE K 257 -51.40 -8.75 19.24
N LYS K 258 -52.39 -9.60 19.03
CA LYS K 258 -52.21 -10.79 18.21
C LYS K 258 -52.56 -10.49 16.76
N ILE K 259 -51.70 -10.92 15.85
CA ILE K 259 -51.82 -10.63 14.42
C ILE K 259 -52.07 -11.94 13.68
N ASN K 260 -53.01 -11.91 12.74
CA ASN K 260 -53.25 -13.01 11.83
C ASN K 260 -53.38 -12.47 10.41
N PHE K 261 -52.96 -13.27 9.44
CA PHE K 261 -52.96 -13.02 8.00
C PHE K 261 -51.82 -12.12 7.55
N ALA K 262 -51.03 -11.54 8.45
CA ALA K 262 -49.92 -10.71 8.06
C ALA K 262 -48.75 -10.98 8.98
N LYS K 263 -47.55 -10.67 8.52
CA LYS K 263 -46.37 -10.83 9.35
C LYS K 263 -46.28 -9.68 10.34
N ALA K 264 -45.96 -10.02 11.59
CA ALA K 264 -45.87 -9.00 12.63
C ALA K 264 -44.65 -8.11 12.45
N SER K 265 -43.60 -8.61 11.82
CA SER K 265 -42.40 -7.80 11.64
C SER K 265 -42.65 -6.65 10.67
N ASP K 266 -43.37 -6.91 9.59
CA ASP K 266 -43.73 -5.84 8.66
C ASP K 266 -44.59 -4.78 9.32
N ILE K 267 -45.56 -5.20 10.14
CA ILE K 267 -46.45 -4.25 10.80
C ILE K 267 -45.69 -3.45 11.84
N ALA K 268 -44.78 -4.09 12.58
CA ALA K 268 -43.98 -3.33 13.52
C ALA K 268 -43.05 -2.36 12.82
N ALA K 269 -42.63 -2.66 11.60
CA ALA K 269 -41.78 -1.72 10.87
C ALA K 269 -42.59 -0.57 10.31
N MET K 270 -43.87 -0.80 10.03
CA MET K 270 -44.70 0.29 9.53
C MET K 270 -45.20 1.21 10.64
N ILE K 271 -45.61 0.66 11.79
CA ILE K 271 -46.17 1.48 12.85
C ILE K 271 -45.09 2.26 13.57
N GLY K 272 -43.99 1.62 13.90
CA GLY K 272 -42.87 2.32 14.50
C GLY K 272 -41.84 2.71 13.46
N GLY K 273 -40.60 2.27 13.64
CA GLY K 273 -39.62 2.43 12.59
C GLY K 273 -38.50 3.40 12.88
N GLU K 274 -37.88 3.92 11.82
CA GLU K 274 -36.72 4.80 11.96
C GLU K 274 -37.13 6.17 12.45
N GLY K 275 -36.49 6.61 13.53
CA GLY K 275 -36.73 7.92 14.09
C GLY K 275 -38.11 8.08 14.71
N ASN K 276 -38.28 9.09 15.56
CA ASN K 276 -39.55 9.33 16.24
C ASN K 276 -40.50 10.20 15.45
N VAL K 277 -40.01 10.94 14.45
CA VAL K 277 -40.88 11.79 13.66
C VAL K 277 -41.85 10.94 12.84
N ASN K 278 -41.36 9.83 12.28
CA ASN K 278 -42.23 8.95 11.52
C ASN K 278 -43.14 8.15 12.44
N MET K 279 -42.61 7.69 13.56
CA MET K 279 -43.36 6.82 14.46
C MET K 279 -44.69 7.42 14.84
N LEU K 280 -45.70 6.56 14.94
CA LEU K 280 -46.99 6.98 15.47
C LEU K 280 -46.99 6.79 16.98
N SER K 281 -45.98 7.31 17.66
CA SER K 281 -45.82 7.12 19.10
C SER K 281 -45.17 8.37 19.68
N GLU K 282 -45.19 8.47 21.00
CA GLU K 282 -44.66 9.64 21.71
C GLU K 282 -43.49 9.31 22.63
N ARG K 283 -43.74 8.46 23.63
CA ARG K 283 -42.63 7.91 24.47
C ARG K 283 -42.94 6.45 24.83
N GLY K 284 -43.59 5.73 23.93
CA GLY K 284 -43.47 4.25 23.86
C GLY K 284 -43.10 3.85 22.45
N SER K 285 -43.34 2.59 22.08
CA SER K 285 -42.37 1.52 21.70
C SER K 285 -43.14 0.25 21.32
N ILE K 286 -42.74 -0.39 20.21
CA ILE K 286 -43.26 -1.73 19.83
C ILE K 286 -42.13 -2.76 19.97
N SER K 287 -42.48 -4.01 20.30
CA SER K 287 -41.56 -5.13 20.16
C SER K 287 -42.27 -6.28 19.46
N ILE K 288 -41.47 -7.15 18.86
CA ILE K 288 -41.99 -8.29 18.12
C ILE K 288 -41.74 -9.57 18.91
N ASP K 289 -42.72 -10.47 18.87
CA ASP K 289 -42.56 -11.85 19.35
C ASP K 289 -42.84 -12.76 18.17
N GLU K 290 -41.77 -13.30 17.59
CA GLU K 290 -41.85 -14.06 16.36
C GLU K 290 -42.41 -15.46 16.55
N ARG K 291 -42.20 -16.06 17.72
CA ARG K 291 -42.64 -17.43 17.95
C ARG K 291 -44.14 -17.56 17.76
N THR K 292 -44.91 -16.58 18.24
CA THR K 292 -46.35 -16.63 18.21
C THR K 292 -46.98 -15.55 17.34
N ASN K 293 -46.18 -14.83 16.56
CA ASN K 293 -46.67 -13.80 15.63
C ASN K 293 -47.48 -12.73 16.38
N SER K 294 -46.79 -12.01 17.27
CA SER K 294 -47.49 -11.05 18.12
C SER K 294 -46.66 -9.78 18.29
N LEU K 295 -47.36 -8.69 18.60
CA LEU K 295 -46.73 -7.43 18.95
C LEU K 295 -46.91 -7.17 20.45
N LEU K 296 -45.95 -6.46 21.03
CA LEU K 296 -45.97 -6.10 22.44
C LEU K 296 -45.73 -4.61 22.53
N ILE K 297 -46.75 -3.84 22.89
CA ILE K 297 -46.72 -2.38 22.81
C ILE K 297 -46.85 -1.78 24.19
N ARG K 298 -46.15 -0.65 24.40
CA ARG K 298 -46.18 0.09 25.67
C ARG K 298 -46.38 1.56 25.33
N GLU K 299 -47.57 2.08 25.63
CA GLU K 299 -47.91 3.45 25.26
C GLU K 299 -49.10 3.94 26.08
N LEU K 300 -49.60 5.11 25.73
CA LEU K 300 -50.72 5.70 26.44
C LEU K 300 -52.01 4.93 26.12
N PRO K 301 -52.85 4.65 27.11
CA PRO K 301 -54.03 3.81 26.86
C PRO K 301 -55.04 4.41 25.90
N ASP K 302 -54.72 5.56 25.33
CA ASP K 302 -55.60 6.21 24.35
C ASP K 302 -55.11 5.98 22.93
N ASN K 303 -53.80 5.86 22.78
CA ASN K 303 -53.19 5.60 21.48
C ASN K 303 -53.29 4.11 21.16
N ILE K 304 -53.41 3.27 22.20
CA ILE K 304 -53.55 1.84 22.00
C ILE K 304 -54.82 1.54 21.22
N ALA K 305 -55.89 2.30 21.47
CA ALA K 305 -57.17 2.00 20.83
C ALA K 305 -57.14 2.35 19.34
N VAL K 306 -56.54 3.48 18.98
CA VAL K 306 -56.48 3.85 17.57
C VAL K 306 -55.53 2.92 16.82
N ILE K 307 -54.37 2.62 17.41
CA ILE K 307 -53.45 1.66 16.81
C ILE K 307 -54.13 0.32 16.61
N ARG K 308 -54.89 -0.13 17.61
CA ARG K 308 -55.57 -1.40 17.52
C ARG K 308 -56.60 -1.41 16.40
N GLU K 309 -57.35 -0.30 16.26
CA GLU K 309 -58.36 -0.23 15.21
C GLU K 309 -57.73 -0.23 13.83
N ILE K 310 -56.65 0.52 13.65
CA ILE K 310 -55.98 0.57 12.35
C ILE K 310 -55.41 -0.81 11.98
N ILE K 311 -54.62 -1.40 12.88
CA ILE K 311 -54.00 -2.67 12.52
C ILE K 311 -54.98 -3.82 12.55
N GLU K 312 -56.20 -3.61 13.05
CA GLU K 312 -57.26 -4.59 12.80
C GLU K 312 -57.89 -4.36 11.44
N SER K 313 -57.85 -3.13 10.94
CA SER K 313 -58.31 -2.86 9.59
C SER K 313 -57.32 -3.28 8.50
N LEU K 314 -56.05 -3.47 8.84
CA LEU K 314 -55.06 -3.79 7.81
C LEU K 314 -54.99 -5.29 7.50
N ASP K 315 -54.79 -6.13 8.51
CA ASP K 315 -54.48 -7.53 8.25
C ASP K 315 -55.73 -8.27 7.75
N ILE K 316 -55.78 -8.49 6.44
CA ILE K 316 -56.88 -9.22 5.79
C ILE K 316 -56.28 -10.17 4.76
N PRO K 317 -57.03 -11.21 4.40
CA PRO K 317 -56.55 -12.10 3.33
C PRO K 317 -56.55 -11.39 1.98
N VAL K 318 -55.55 -11.73 1.16
CA VAL K 318 -55.36 -11.11 -0.14
C VAL K 318 -55.71 -12.10 -1.25
N LYS K 319 -55.71 -11.60 -2.47
CA LYS K 319 -56.06 -12.37 -3.67
C LYS K 319 -54.81 -13.05 -4.24
N GLN K 320 -55.03 -13.98 -5.16
CA GLN K 320 -53.97 -14.69 -5.84
C GLN K 320 -54.17 -14.64 -7.33
N VAL K 321 -53.08 -14.55 -8.07
CA VAL K 321 -53.10 -14.38 -9.52
C VAL K 321 -52.27 -15.48 -10.15
N GLN K 322 -52.70 -15.90 -11.34
CA GLN K 322 -52.03 -16.90 -12.15
C GLN K 322 -51.59 -16.26 -13.45
N ILE K 323 -50.29 -16.32 -13.75
CA ILE K 323 -49.72 -15.65 -14.92
C ILE K 323 -49.11 -16.68 -15.85
N GLU K 324 -49.42 -16.59 -17.14
CA GLU K 324 -48.89 -17.53 -18.12
C GLU K 324 -48.37 -16.86 -19.38
N ALA K 325 -47.09 -17.02 -19.62
CA ALA K 325 -46.42 -16.48 -20.80
C ALA K 325 -46.36 -17.53 -21.91
N ARG K 326 -46.23 -17.07 -23.14
CA ARG K 326 -46.17 -17.98 -24.27
C ARG K 326 -45.27 -17.42 -25.36
N ILE K 327 -44.21 -18.16 -25.69
CA ILE K 327 -43.23 -17.73 -26.68
C ILE K 327 -43.34 -18.67 -27.87
N VAL K 328 -43.57 -18.11 -29.06
CA VAL K 328 -43.77 -18.91 -30.27
C VAL K 328 -42.79 -18.44 -31.34
N THR K 329 -42.17 -19.38 -32.04
CA THR K 329 -41.31 -19.01 -33.16
C THR K 329 -41.50 -19.95 -34.33
N VAL K 330 -41.42 -19.39 -35.55
CA VAL K 330 -41.62 -20.12 -36.79
C VAL K 330 -40.53 -19.74 -37.77
N LYS K 331 -39.98 -20.73 -38.48
CA LYS K 331 -38.89 -20.50 -39.43
C LYS K 331 -39.17 -21.24 -40.73
N GLU K 332 -38.77 -20.64 -41.86
CA GLU K 332 -38.81 -21.28 -43.16
C GLU K 332 -37.60 -20.90 -44.00
N GLY K 333 -37.21 -21.82 -44.89
CA GLY K 333 -36.09 -21.56 -45.76
C GLY K 333 -36.09 -22.32 -47.09
N ASN K 334 -35.54 -21.73 -48.14
CA ASN K 334 -35.45 -22.34 -49.46
C ASN K 334 -34.12 -22.02 -50.12
N LEU K 335 -33.61 -22.96 -50.91
CA LEU K 335 -32.32 -22.78 -51.58
C LEU K 335 -32.31 -23.54 -52.90
N GLU K 336 -31.67 -22.98 -53.93
CA GLU K 336 -31.53 -23.65 -55.22
C GLU K 336 -30.27 -23.21 -55.96
N GLU K 337 -29.57 -24.17 -56.55
CA GLU K 337 -28.35 -23.89 -57.29
C GLU K 337 -28.17 -24.75 -58.55
N LEU K 338 -27.73 -24.12 -59.63
CA LEU K 338 -27.49 -24.78 -60.91
C LEU K 338 -26.09 -24.50 -61.42
N GLY K 339 -25.40 -25.51 -61.96
CA GLY K 339 -24.05 -25.31 -62.42
C GLY K 339 -23.68 -26.22 -63.57
N VAL K 340 -22.65 -25.81 -64.33
CA VAL K 340 -22.26 -26.49 -65.56
C VAL K 340 -20.75 -26.53 -65.70
N ARG K 341 -20.25 -27.66 -66.21
CA ARG K 341 -18.82 -27.87 -66.35
C ARG K 341 -18.57 -28.55 -67.69
N TRP K 342 -17.94 -27.87 -68.65
CA TRP K 342 -17.68 -28.54 -69.92
C TRP K 342 -16.34 -28.17 -70.50
N GLY K 343 -15.85 -29.04 -71.39
CA GLY K 343 -14.54 -28.86 -71.99
C GLY K 343 -14.45 -29.52 -73.35
N VAL K 344 -13.49 -29.05 -74.15
CA VAL K 344 -13.25 -29.57 -75.48
C VAL K 344 -11.75 -29.73 -75.68
N MET K 345 -11.38 -30.56 -76.66
CA MET K 345 -9.97 -30.80 -76.94
C MET K 345 -9.85 -31.39 -78.33
N SER K 346 -9.22 -30.67 -79.25
CA SER K 346 -9.20 -31.16 -80.61
C SER K 346 -7.87 -30.80 -81.28
N THR K 347 -7.49 -31.61 -82.27
CA THR K 347 -6.27 -31.38 -83.03
C THR K 347 -6.55 -31.64 -84.50
N ASN K 348 -5.74 -31.05 -85.36
CA ASN K 348 -5.98 -31.12 -86.80
C ASN K 348 -4.73 -31.43 -87.61
N GLY K 349 -3.56 -31.44 -86.99
CA GLY K 349 -2.32 -31.42 -87.74
C GLY K 349 -1.83 -29.99 -87.82
N SER K 350 -0.85 -29.66 -86.99
CA SER K 350 -0.31 -28.30 -86.88
C SER K 350 -1.36 -27.28 -86.41
N HIS K 351 -2.55 -27.74 -86.02
CA HIS K 351 -3.60 -26.86 -85.52
C HIS K 351 -4.29 -27.55 -84.37
N SER K 352 -4.56 -26.80 -83.29
CA SER K 352 -5.16 -27.36 -82.10
C SER K 352 -6.16 -26.40 -81.50
N VAL K 353 -7.01 -26.92 -80.63
CA VAL K 353 -7.97 -26.11 -79.87
C VAL K 353 -8.17 -26.76 -78.51
N GLY K 354 -8.11 -25.93 -77.47
CA GLY K 354 -8.19 -26.43 -76.11
C GLY K 354 -8.81 -25.40 -75.20
N GLY K 355 -8.53 -25.53 -73.91
CA GLY K 355 -9.09 -24.67 -72.89
C GLY K 355 -8.02 -23.96 -72.10
N SER K 356 -6.79 -24.00 -72.60
CA SER K 356 -5.67 -23.32 -71.97
C SER K 356 -4.43 -23.51 -72.83
N ILE K 357 -3.32 -22.90 -72.42
CA ILE K 357 -2.06 -23.04 -73.12
C ILE K 357 -1.34 -24.33 -72.71
N GLU K 358 -1.43 -24.70 -71.44
CA GLU K 358 -0.86 -25.97 -71.00
C GLU K 358 -1.59 -27.16 -71.62
N SER K 359 -2.89 -26.97 -71.92
CA SER K 359 -3.63 -28.03 -72.61
C SER K 359 -3.07 -28.25 -74.01
N ASN K 360 -2.88 -27.20 -74.78
CA ASN K 360 -2.35 -27.35 -76.13
C ASN K 360 -0.91 -27.84 -76.11
N LEU K 361 -0.15 -27.48 -75.08
CA LEU K 361 1.22 -28.00 -75.00
C LEU K 361 1.24 -29.46 -74.59
N TRP K 362 0.18 -29.94 -73.94
CA TRP K 362 0.14 -31.35 -73.57
C TRP K 362 -0.26 -32.24 -74.75
N GLN K 363 -1.23 -31.82 -75.54
CA GLN K 363 -1.64 -32.63 -76.68
C GLN K 363 -0.63 -32.45 -77.81
N LYS K 364 0.62 -32.67 -77.45
CA LYS K 364 1.79 -32.63 -78.32
C LYS K 364 2.90 -33.32 -77.54
N GLY K 365 4.15 -33.14 -77.95
CA GLY K 365 5.19 -33.70 -77.13
C GLY K 365 5.87 -32.74 -76.18
N LEU K 366 5.34 -31.54 -75.99
CA LEU K 366 6.14 -30.47 -75.40
C LEU K 366 6.24 -30.58 -73.88
N LEU K 367 5.10 -30.75 -73.20
CA LEU K 367 5.15 -30.85 -71.74
C LEU K 367 5.74 -32.19 -71.31
N ALA K 368 6.39 -32.19 -70.15
CA ALA K 368 7.02 -33.41 -69.66
C ALA K 368 6.03 -34.33 -68.97
N ASP K 369 5.44 -33.87 -67.87
CA ASP K 369 4.57 -34.72 -67.07
C ASP K 369 3.23 -34.88 -67.78
N ASP K 370 2.83 -36.14 -68.02
CA ASP K 370 1.62 -36.41 -68.79
C ASP K 370 0.87 -37.59 -68.18
N GLU K 371 -0.11 -37.29 -67.33
CA GLU K 371 -1.15 -38.27 -67.03
C GLU K 371 -2.50 -37.77 -67.49
N PHE K 372 -2.98 -36.64 -66.98
CA PHE K 372 -4.00 -35.82 -67.63
C PHE K 372 -4.11 -34.49 -66.90
N PRO K 373 -4.06 -33.37 -67.61
CA PRO K 373 -4.34 -32.08 -66.96
C PRO K 373 -5.83 -31.87 -66.77
N VAL K 374 -6.40 -32.44 -65.69
CA VAL K 374 -7.85 -32.41 -65.52
C VAL K 374 -8.34 -30.99 -65.32
N ASP K 375 -7.51 -30.13 -64.73
CA ASP K 375 -7.88 -28.75 -64.48
C ASP K 375 -7.59 -27.84 -65.67
N GLU K 376 -6.49 -28.07 -66.40
CA GLU K 376 -6.22 -27.31 -67.60
C GLU K 376 -7.12 -27.73 -68.75
N PHE K 377 -7.80 -28.87 -68.64
CA PHE K 377 -8.63 -29.36 -69.71
C PHE K 377 -9.89 -28.52 -69.89
N LEU K 378 -10.53 -28.13 -68.80
CA LEU K 378 -11.88 -27.61 -68.84
C LEU K 378 -11.93 -26.19 -69.39
N ASN K 379 -12.92 -25.93 -70.25
CA ASN K 379 -13.16 -24.58 -70.77
C ASN K 379 -13.99 -23.77 -69.81
N VAL K 380 -15.16 -24.28 -69.44
CA VAL K 380 -16.09 -23.59 -68.55
C VAL K 380 -16.22 -24.43 -67.30
N ASN K 381 -15.93 -23.83 -66.14
CA ASN K 381 -15.88 -24.53 -64.86
C ASN K 381 -16.73 -23.78 -63.84
N LEU K 382 -18.04 -24.04 -63.83
CA LEU K 382 -18.99 -23.35 -62.99
C LEU K 382 -19.89 -24.34 -62.27
N ALA K 383 -19.26 -25.31 -61.62
CA ALA K 383 -20.00 -26.38 -60.97
C ALA K 383 -20.74 -25.89 -59.73
N SER K 384 -21.92 -26.45 -59.50
CA SER K 384 -22.66 -26.18 -58.27
C SER K 384 -21.87 -26.65 -57.07
N THR K 385 -21.53 -25.71 -56.19
CA THR K 385 -20.63 -25.95 -55.07
C THR K 385 -21.45 -26.23 -53.81
N SER K 386 -21.64 -27.50 -53.51
CA SER K 386 -22.37 -27.94 -52.33
C SER K 386 -21.95 -29.37 -52.04
N ALA K 387 -22.49 -29.93 -50.97
CA ALA K 387 -22.19 -31.30 -50.60
C ALA K 387 -23.27 -32.29 -50.99
N ASN K 388 -24.47 -31.81 -51.33
CA ASN K 388 -25.58 -32.66 -51.71
C ASN K 388 -26.00 -32.45 -53.15
N ALA K 389 -25.14 -31.88 -53.98
CA ALA K 389 -25.51 -31.60 -55.36
C ALA K 389 -25.41 -32.84 -56.21
N SER K 390 -26.37 -33.01 -57.11
CA SER K 390 -26.43 -34.16 -58.00
C SER K 390 -26.08 -33.76 -59.42
N SER K 391 -25.39 -34.65 -60.14
CA SER K 391 -24.84 -34.32 -61.43
C SER K 391 -25.13 -35.41 -62.45
N ILE K 392 -24.78 -35.12 -63.71
CA ILE K 392 -24.79 -36.13 -64.77
C ILE K 392 -23.91 -35.63 -65.90
N ALA K 393 -23.14 -36.54 -66.48
CA ALA K 393 -22.12 -36.18 -67.46
C ALA K 393 -21.96 -37.03 -68.71
N PHE K 394 -21.89 -36.37 -69.86
CA PHE K 394 -21.84 -37.01 -71.16
C PHE K 394 -20.49 -36.74 -71.82
N GLN K 395 -20.10 -37.65 -72.71
CA GLN K 395 -18.77 -37.61 -73.31
C GLN K 395 -18.83 -38.06 -74.76
N VAL K 396 -17.89 -37.56 -75.56
CA VAL K 396 -17.64 -38.06 -76.91
C VAL K 396 -16.14 -38.07 -77.10
N ALA K 397 -15.55 -39.27 -77.12
CA ALA K 397 -14.10 -39.40 -77.21
C ALA K 397 -13.76 -40.31 -78.38
N LYS K 398 -13.03 -39.79 -79.36
CA LYS K 398 -12.58 -40.57 -80.50
C LYS K 398 -11.19 -41.16 -80.30
N LEU K 399 -10.19 -40.31 -80.04
CA LEU K 399 -8.80 -40.66 -79.83
C LEU K 399 -8.14 -41.19 -81.10
N GLY K 400 -8.89 -41.34 -82.19
CA GLY K 400 -8.32 -41.67 -83.47
C GLY K 400 -8.03 -40.41 -84.24
N SER K 401 -9.03 -39.53 -84.35
CA SER K 401 -8.79 -38.18 -84.86
C SER K 401 -8.38 -37.22 -83.77
N GLY K 402 -8.45 -37.63 -82.50
CA GLY K 402 -8.02 -36.82 -81.37
C GLY K 402 -9.15 -36.15 -80.60
N THR K 403 -10.27 -35.86 -81.26
CA THR K 403 -11.32 -35.05 -80.66
C THR K 403 -11.82 -35.66 -79.36
N LEU K 404 -12.08 -34.80 -78.37
CA LEU K 404 -12.71 -35.17 -77.11
C LEU K 404 -13.59 -34.03 -76.67
N LEU K 405 -14.77 -34.36 -76.14
CA LEU K 405 -15.62 -33.32 -75.59
C LEU K 405 -16.44 -33.86 -74.42
N ASP K 406 -16.49 -33.09 -73.34
CA ASP K 406 -17.16 -33.47 -72.09
C ASP K 406 -18.15 -32.40 -71.67
N LEU K 407 -19.28 -32.84 -71.09
CA LEU K 407 -20.30 -31.92 -70.59
C LEU K 407 -20.99 -32.49 -69.36
N GLU K 408 -20.93 -31.77 -68.24
CA GLU K 408 -21.56 -32.19 -66.99
C GLU K 408 -22.49 -31.10 -66.46
N LEU K 409 -23.68 -31.50 -65.98
CA LEU K 409 -24.65 -30.63 -65.33
C LEU K 409 -24.78 -31.01 -63.86
N SER K 410 -25.01 -30.03 -63.02
CA SER K 410 -25.22 -30.33 -61.61
C SER K 410 -26.24 -29.37 -61.03
N ALA K 411 -26.93 -29.82 -59.99
CA ALA K 411 -28.07 -29.11 -59.45
C ALA K 411 -28.25 -29.43 -57.98
N LEU K 412 -29.04 -28.58 -57.30
CA LEU K 412 -29.44 -28.82 -55.91
C LEU K 412 -30.63 -27.95 -55.58
N GLN K 413 -31.55 -28.45 -54.75
CA GLN K 413 -32.71 -27.68 -54.30
C GLN K 413 -33.26 -28.18 -52.96
N ASN K 414 -33.14 -27.40 -51.88
CA ASN K 414 -33.67 -27.89 -50.61
C ASN K 414 -34.52 -26.83 -49.92
N GLU K 415 -35.12 -27.23 -48.81
CA GLU K 415 -36.24 -26.55 -48.21
C GLU K 415 -36.43 -27.01 -46.78
N SER K 416 -36.86 -26.09 -45.90
CA SER K 416 -36.88 -26.43 -44.49
C SER K 416 -37.92 -25.60 -43.73
N LYS K 417 -38.42 -26.16 -42.63
CA LYS K 417 -39.42 -25.55 -41.76
C LYS K 417 -39.11 -25.88 -40.31
N ALA K 418 -39.57 -25.03 -39.40
CA ALA K 418 -39.41 -25.32 -37.98
C ALA K 418 -40.40 -24.49 -37.18
N GLU K 419 -40.75 -24.99 -36.00
CA GLU K 419 -41.69 -24.31 -35.12
C GLU K 419 -41.49 -24.73 -33.67
N ILE K 420 -41.37 -23.76 -32.77
CA ILE K 420 -41.13 -24.02 -31.35
C ILE K 420 -42.13 -23.24 -30.51
N ILE K 421 -42.61 -23.85 -29.43
CA ILE K 421 -43.55 -23.25 -28.49
C ILE K 421 -43.06 -23.51 -27.07
N SER K 422 -43.06 -22.47 -26.23
CA SER K 422 -42.75 -22.68 -24.82
C SER K 422 -43.64 -21.79 -23.97
N SER K 423 -44.13 -22.32 -22.86
CA SER K 423 -45.05 -21.56 -22.00
C SER K 423 -44.83 -21.88 -20.53
N PRO K 424 -44.18 -20.98 -19.78
CA PRO K 424 -44.16 -21.12 -18.30
C PRO K 424 -45.39 -20.51 -17.60
N ARG K 425 -45.67 -20.94 -16.38
CA ARG K 425 -46.79 -20.43 -15.60
C ARG K 425 -46.35 -20.22 -14.17
N LEU K 426 -47.10 -19.38 -13.46
CA LEU K 426 -46.85 -19.13 -12.05
C LEU K 426 -48.17 -18.82 -11.37
N ILE K 427 -48.22 -19.03 -10.06
CA ILE K 427 -49.26 -18.50 -9.20
C ILE K 427 -48.58 -17.75 -8.07
N THR K 428 -49.17 -16.63 -7.65
CA THR K 428 -48.53 -15.79 -6.63
C THR K 428 -49.61 -14.94 -5.95
N THR K 429 -49.17 -14.18 -4.94
CA THR K 429 -50.04 -13.30 -4.13
C THR K 429 -49.89 -11.85 -4.65
N ASN K 430 -50.97 -11.06 -4.57
CA ASN K 430 -51.00 -9.71 -5.09
C ASN K 430 -49.86 -8.87 -4.54
N LYS K 431 -49.17 -8.15 -5.42
CA LYS K 431 -48.10 -7.21 -5.08
C LYS K 431 -46.82 -7.92 -4.62
N GLN K 432 -46.65 -9.16 -5.06
CA GLN K 432 -45.57 -10.00 -4.55
C GLN K 432 -44.74 -10.58 -5.69
N PRO K 433 -43.41 -10.51 -5.63
CA PRO K 433 -42.58 -10.91 -6.78
C PRO K 433 -42.35 -12.42 -6.86
N ALA K 434 -42.45 -12.95 -8.08
CA ALA K 434 -42.26 -14.38 -8.28
C ALA K 434 -41.46 -14.63 -9.54
N TYR K 435 -40.81 -15.79 -9.60
CA TYR K 435 -40.00 -16.17 -10.75
C TYR K 435 -40.04 -17.68 -10.95
N ILE K 436 -39.85 -18.10 -12.20
CA ILE K 436 -39.63 -19.51 -12.53
C ILE K 436 -38.60 -19.61 -13.66
N GLU K 437 -37.69 -20.58 -13.56
CA GLU K 437 -36.51 -20.67 -14.40
C GLU K 437 -36.22 -22.10 -14.83
N GLN K 438 -35.49 -22.24 -15.93
CA GLN K 438 -35.00 -23.54 -16.40
C GLN K 438 -33.86 -23.31 -17.38
N GLY K 439 -32.67 -23.80 -17.07
CA GLY K 439 -31.56 -23.62 -17.99
C GLY K 439 -30.21 -24.07 -17.48
N THR K 440 -29.15 -23.31 -17.76
CA THR K 440 -27.80 -23.63 -17.29
C THR K 440 -27.12 -22.39 -16.72
N GLU K 441 -26.08 -22.63 -15.92
CA GLU K 441 -25.26 -21.57 -15.35
C GLU K 441 -23.83 -21.76 -15.80
N ILE K 442 -23.30 -20.79 -16.52
CA ILE K 442 -21.96 -20.89 -17.11
C ILE K 442 -20.94 -20.27 -16.15
N PRO K 443 -19.91 -21.05 -15.79
CA PRO K 443 -18.87 -20.54 -14.92
C PRO K 443 -17.95 -19.66 -15.75
N TYR K 444 -17.78 -18.40 -15.40
CA TYR K 444 -16.87 -17.55 -16.16
C TYR K 444 -15.59 -17.31 -15.39
N LEU K 445 -14.47 -17.15 -16.10
CA LEU K 445 -13.19 -17.01 -15.39
C LEU K 445 -12.90 -15.60 -14.91
N GLU K 446 -13.19 -15.44 -13.62
CA GLU K 446 -13.00 -14.27 -12.74
C GLU K 446 -14.07 -13.19 -12.71
N SER K 447 -14.15 -12.57 -11.53
CA SER K 447 -14.99 -11.43 -11.23
C SER K 447 -14.03 -10.59 -10.38
N SER K 448 -13.98 -9.29 -10.60
CA SER K 448 -12.99 -8.52 -9.86
C SER K 448 -13.44 -7.56 -8.77
N SER K 449 -12.98 -7.80 -7.55
CA SER K 449 -13.22 -6.86 -6.47
C SER K 449 -11.93 -6.08 -6.27
N SER K 450 -11.76 -5.44 -5.12
CA SER K 450 -10.52 -4.73 -4.80
C SER K 450 -9.36 -5.72 -4.60
N GLY K 451 -8.91 -6.30 -5.72
CA GLY K 451 -7.69 -7.06 -5.70
C GLY K 451 -7.68 -8.44 -6.33
N ALA K 452 -8.75 -9.21 -6.21
CA ALA K 452 -8.69 -10.60 -6.70
C ALA K 452 -10.03 -11.14 -7.20
N SER K 453 -10.05 -12.41 -7.58
CA SER K 453 -11.04 -12.99 -8.48
C SER K 453 -12.07 -13.82 -7.72
N THR K 454 -13.33 -13.49 -7.87
CA THR K 454 -14.46 -14.29 -7.40
C THR K 454 -15.16 -14.81 -8.65
N VAL K 455 -14.69 -15.93 -9.19
CA VAL K 455 -15.21 -16.40 -10.46
C VAL K 455 -16.69 -16.74 -10.30
N ALA K 456 -17.50 -16.34 -11.29
CA ALA K 456 -18.93 -16.23 -11.07
C ALA K 456 -19.68 -17.01 -12.14
N PHE K 457 -21.01 -16.89 -12.11
CA PHE K 457 -21.89 -17.67 -12.97
C PHE K 457 -22.86 -16.75 -13.70
N LYS K 458 -22.88 -16.90 -15.01
CA LYS K 458 -23.82 -16.19 -15.86
C LYS K 458 -24.96 -17.19 -16.14
N LYS K 459 -26.16 -16.70 -16.41
CA LYS K 459 -27.30 -17.58 -16.61
C LYS K 459 -27.69 -17.65 -18.07
N ALA K 460 -28.12 -18.83 -18.50
CA ALA K 460 -28.68 -19.04 -19.83
C ALA K 460 -29.93 -19.89 -19.61
N VAL K 461 -31.06 -19.21 -19.37
CA VAL K 461 -32.28 -19.85 -18.88
C VAL K 461 -33.46 -19.38 -19.72
N LEU K 462 -34.53 -20.17 -19.68
CA LEU K 462 -35.88 -19.71 -20.08
C LEU K 462 -36.65 -19.29 -18.82
N SER K 463 -36.89 -17.99 -18.63
CA SER K 463 -37.33 -17.49 -17.34
C SER K 463 -38.50 -16.53 -17.46
N LEU K 464 -39.34 -16.55 -16.43
CA LEU K 464 -40.41 -15.59 -16.24
C LEU K 464 -40.28 -14.94 -14.88
N LYS K 465 -40.36 -13.61 -14.85
CA LYS K 465 -40.22 -12.82 -13.63
C LYS K 465 -41.32 -11.78 -13.60
N VAL K 466 -42.17 -11.79 -12.56
CA VAL K 466 -43.36 -10.96 -12.61
C VAL K 466 -43.73 -10.40 -11.24
N THR K 467 -44.30 -9.17 -11.26
CA THR K 467 -45.00 -8.55 -10.13
C THR K 467 -46.36 -8.01 -10.56
N PRO K 468 -47.46 -8.57 -10.03
CA PRO K 468 -48.80 -8.13 -10.43
C PRO K 468 -49.46 -7.13 -9.50
N GLN K 469 -50.57 -6.54 -9.94
CA GLN K 469 -51.36 -5.63 -9.11
C GLN K 469 -52.79 -5.60 -9.61
N ILE K 470 -53.74 -5.83 -8.71
CA ILE K 470 -55.16 -5.89 -9.05
C ILE K 470 -55.79 -4.53 -8.81
N THR K 471 -56.56 -4.06 -9.77
CA THR K 471 -57.25 -2.77 -9.74
C THR K 471 -58.76 -2.96 -9.62
N PRO K 472 -59.51 -1.88 -9.36
CA PRO K 472 -60.96 -2.07 -9.11
C PRO K 472 -61.76 -2.58 -10.29
N ASP K 473 -61.55 -2.03 -11.48
CA ASP K 473 -62.42 -2.40 -12.59
C ASP K 473 -61.96 -3.64 -13.35
N ASN K 474 -61.64 -4.71 -12.62
CA ASN K 474 -61.37 -6.03 -13.20
C ASN K 474 -60.20 -5.98 -14.20
N ARG K 475 -59.04 -5.56 -13.71
CA ARG K 475 -57.88 -5.36 -14.58
C ARG K 475 -56.61 -5.56 -13.78
N LEU K 476 -55.52 -5.84 -14.49
CA LEU K 476 -54.21 -6.08 -13.90
C LEU K 476 -53.18 -5.14 -14.50
N VAL K 477 -52.24 -4.69 -13.66
CA VAL K 477 -51.05 -3.99 -14.10
C VAL K 477 -49.89 -4.94 -13.83
N LEU K 478 -49.16 -5.32 -14.87
CA LEU K 478 -48.08 -6.30 -14.74
C LEU K 478 -46.73 -5.67 -15.03
N ASP K 479 -45.78 -5.86 -14.12
CA ASP K 479 -44.34 -5.57 -14.38
C ASP K 479 -43.63 -6.86 -14.83
N LEU K 480 -43.22 -6.94 -16.09
CA LEU K 480 -42.96 -8.22 -16.78
C LEU K 480 -41.49 -8.29 -17.19
N SER K 481 -40.83 -9.42 -16.93
CA SER K 481 -39.59 -9.80 -17.65
C SER K 481 -39.71 -11.23 -18.17
N VAL K 482 -39.53 -11.44 -19.47
CA VAL K 482 -39.58 -12.82 -20.05
C VAL K 482 -38.34 -13.05 -20.94
N THR K 483 -37.52 -14.06 -20.64
CA THR K 483 -36.32 -14.30 -21.45
C THR K 483 -36.22 -15.74 -21.89
N GLN K 484 -35.43 -15.95 -22.95
CA GLN K 484 -35.14 -17.29 -23.44
C GLN K 484 -33.73 -17.31 -24.04
N ASP K 485 -32.73 -17.69 -23.24
CA ASP K 485 -31.34 -17.70 -23.68
C ASP K 485 -30.82 -19.13 -23.80
N ARG K 486 -29.72 -19.27 -24.54
CA ARG K 486 -29.07 -20.55 -24.77
C ARG K 486 -27.57 -20.37 -24.75
N ARG K 487 -26.86 -21.48 -24.78
CA ARG K 487 -25.41 -21.47 -24.80
C ARG K 487 -24.97 -21.47 -26.25
N GLY K 488 -24.07 -20.55 -26.60
CA GLY K 488 -23.61 -20.39 -27.96
C GLY K 488 -22.24 -20.97 -28.20
N GLU K 489 -21.57 -20.46 -29.23
CA GLU K 489 -20.25 -20.94 -29.59
C GLU K 489 -19.22 -20.49 -28.58
N THR K 490 -18.02 -21.06 -28.70
CA THR K 490 -16.91 -20.72 -27.83
C THR K 490 -15.95 -19.87 -28.63
N VAL K 491 -15.92 -18.57 -28.32
CA VAL K 491 -15.08 -17.58 -28.98
C VAL K 491 -13.71 -17.52 -28.33
N LYS K 492 -12.79 -16.79 -28.98
CA LYS K 492 -11.38 -16.64 -28.51
C LYS K 492 -11.23 -15.33 -27.75
N THR K 493 -10.67 -15.39 -26.53
CA THR K 493 -10.47 -14.18 -25.69
C THR K 493 -9.02 -14.14 -25.20
N GLY K 494 -8.25 -13.12 -25.62
CA GLY K 494 -6.82 -13.03 -25.26
C GLY K 494 -6.04 -14.23 -25.76
N THR K 495 -5.34 -14.92 -24.84
CA THR K 495 -4.68 -16.21 -25.18
C THR K 495 -5.61 -17.37 -24.82
N GLY K 496 -6.84 -17.07 -24.38
CA GLY K 496 -7.75 -18.10 -23.87
C GLY K 496 -9.01 -18.23 -24.71
N GLU K 497 -10.03 -18.90 -24.18
CA GLU K 497 -11.35 -19.01 -24.80
C GLU K 497 -12.41 -18.88 -23.73
N ALA K 498 -13.63 -18.63 -24.18
CA ALA K 498 -14.79 -18.51 -23.29
C ALA K 498 -16.03 -18.82 -24.09
N VAL K 499 -17.17 -18.89 -23.42
CA VAL K 499 -18.43 -19.32 -24.00
C VAL K 499 -19.32 -18.10 -24.19
N SER K 500 -19.96 -18.00 -25.35
CA SER K 500 -20.90 -16.92 -25.63
C SER K 500 -22.33 -17.40 -25.46
N ILE K 501 -23.26 -16.45 -25.41
CA ILE K 501 -24.66 -16.72 -25.10
C ILE K 501 -25.54 -16.08 -26.17
N ASP K 502 -26.59 -16.79 -26.57
CA ASP K 502 -27.59 -16.28 -27.51
C ASP K 502 -28.89 -15.97 -26.77
N THR K 503 -29.41 -14.76 -26.95
CA THR K 503 -30.47 -14.24 -26.09
C THR K 503 -31.69 -13.78 -26.87
N GLN K 504 -32.84 -13.79 -26.17
CA GLN K 504 -34.07 -13.09 -26.56
C GLN K 504 -34.70 -12.55 -25.28
N ARG K 505 -35.00 -11.27 -25.24
CA ARG K 505 -35.44 -10.64 -24.00
C ARG K 505 -36.51 -9.61 -24.28
N ILE K 506 -37.45 -9.49 -23.34
CA ILE K 506 -38.44 -8.43 -23.38
C ILE K 506 -38.81 -8.07 -21.95
N GLY K 507 -38.85 -6.76 -21.69
CA GLY K 507 -39.22 -6.25 -20.40
C GLY K 507 -40.15 -5.05 -20.51
N THR K 508 -41.26 -5.06 -19.80
CA THR K 508 -42.28 -4.03 -19.99
C THR K 508 -43.11 -3.84 -18.73
N GLN K 509 -44.03 -2.89 -18.83
CA GLN K 509 -45.15 -2.76 -17.91
C GLN K 509 -46.41 -2.63 -18.76
N VAL K 510 -47.41 -3.48 -18.52
CA VAL K 510 -48.62 -3.47 -19.31
C VAL K 510 -49.84 -3.49 -18.40
N LEU K 511 -51.01 -3.27 -19.02
CA LEU K 511 -52.30 -3.16 -18.36
C LEU K 511 -53.29 -3.99 -19.15
N VAL K 512 -53.81 -5.07 -18.56
CA VAL K 512 -54.55 -6.07 -19.29
C VAL K 512 -55.79 -6.51 -18.51
N ASN K 513 -56.87 -6.80 -19.23
CA ASN K 513 -58.11 -7.23 -18.60
C ASN K 513 -57.91 -8.57 -17.92
N ASN K 514 -58.92 -8.98 -17.14
CA ASN K 514 -58.72 -10.09 -16.19
C ASN K 514 -58.32 -11.39 -16.86
N GLY K 515 -59.12 -11.90 -17.79
CA GLY K 515 -58.84 -13.25 -18.27
C GLY K 515 -58.59 -13.39 -19.75
N GLU K 516 -57.91 -12.44 -20.40
CA GLU K 516 -57.64 -12.52 -21.82
C GLU K 516 -56.17 -12.28 -22.12
N THR K 517 -55.80 -12.52 -23.37
CA THR K 517 -54.41 -12.49 -23.81
C THR K 517 -54.10 -11.19 -24.56
N VAL K 518 -52.85 -10.74 -24.42
CA VAL K 518 -52.32 -9.64 -25.21
C VAL K 518 -50.98 -10.07 -25.76
N VAL K 519 -50.59 -9.53 -26.91
CA VAL K 519 -49.26 -9.77 -27.44
C VAL K 519 -48.33 -8.64 -26.98
N LEU K 520 -47.25 -9.00 -26.31
CA LEU K 520 -46.34 -8.01 -25.75
C LEU K 520 -45.39 -7.47 -26.82
N GLY K 521 -44.91 -8.33 -27.70
CA GLY K 521 -44.04 -7.91 -28.76
C GLY K 521 -43.71 -9.07 -29.68
N GLY K 522 -42.93 -8.76 -30.70
CA GLY K 522 -42.50 -9.77 -31.64
C GLY K 522 -41.44 -9.22 -32.54
N ILE K 523 -40.83 -10.11 -33.32
CA ILE K 523 -39.83 -9.73 -34.30
C ILE K 523 -40.10 -10.50 -35.58
N PHE K 524 -40.05 -9.80 -36.71
CA PHE K 524 -40.26 -10.40 -38.02
C PHE K 524 -39.03 -10.19 -38.88
N GLN K 525 -38.63 -11.21 -39.63
CA GLN K 525 -37.47 -11.08 -40.51
C GLN K 525 -37.71 -11.77 -41.83
N HIS K 526 -37.10 -11.23 -42.88
CA HIS K 526 -37.20 -11.78 -44.22
C HIS K 526 -35.90 -11.49 -44.98
N SER K 527 -35.50 -12.40 -45.86
CA SER K 527 -34.29 -12.14 -46.64
C SER K 527 -34.31 -12.91 -47.95
N ILE K 528 -33.68 -12.33 -48.99
CA ILE K 528 -33.65 -12.89 -50.33
C ILE K 528 -32.29 -12.60 -50.95
N ASN K 529 -31.66 -13.63 -51.53
CA ASN K 529 -30.38 -13.47 -52.22
C ASN K 529 -30.42 -14.12 -53.59
N ASN K 530 -29.79 -13.47 -54.57
CA ASN K 530 -29.66 -13.99 -55.92
C ASN K 530 -28.25 -13.76 -56.41
N SER K 531 -27.75 -14.65 -57.25
CA SER K 531 -26.42 -14.46 -57.80
C SER K 531 -26.25 -15.24 -59.09
N VAL K 532 -25.42 -14.72 -59.99
CA VAL K 532 -25.12 -15.33 -61.28
C VAL K 532 -23.66 -15.10 -61.61
N ASP K 533 -22.98 -16.11 -62.14
CA ASP K 533 -21.72 -15.84 -62.82
C ASP K 533 -21.70 -16.56 -64.15
N LYS K 534 -21.32 -15.84 -65.21
CA LYS K 534 -21.57 -16.35 -66.55
C LYS K 534 -20.43 -15.97 -67.48
N VAL K 535 -20.58 -16.37 -68.73
CA VAL K 535 -19.63 -15.98 -69.78
C VAL K 535 -20.14 -14.71 -70.45
N PRO K 536 -19.30 -13.70 -70.66
CA PRO K 536 -19.81 -12.34 -70.92
C PRO K 536 -20.92 -12.20 -71.95
N LEU K 537 -20.92 -12.98 -73.02
CA LEU K 537 -21.98 -12.81 -74.01
C LEU K 537 -22.85 -14.03 -74.21
N LEU K 538 -22.33 -15.23 -73.96
CA LEU K 538 -23.08 -16.44 -74.23
C LEU K 538 -24.09 -16.76 -73.13
N GLY K 539 -23.80 -16.38 -71.90
CA GLY K 539 -24.65 -16.72 -70.79
C GLY K 539 -25.95 -15.95 -70.76
N ASP K 540 -26.32 -15.36 -71.90
CA ASP K 540 -27.56 -14.61 -72.01
C ASP K 540 -28.43 -15.10 -73.16
N LEU K 541 -28.00 -16.10 -73.92
CA LEU K 541 -28.78 -16.60 -75.03
C LEU K 541 -30.05 -17.25 -74.52
N PRO K 542 -31.14 -17.18 -75.31
CA PRO K 542 -32.47 -17.52 -74.75
C PRO K 542 -32.58 -18.91 -74.15
N VAL K 543 -32.17 -19.96 -74.87
CA VAL K 543 -32.32 -21.31 -74.34
C VAL K 543 -30.96 -21.94 -74.11
N LEU K 544 -29.99 -21.62 -74.96
CA LEU K 544 -28.66 -22.18 -74.79
C LEU K 544 -27.90 -21.58 -73.62
N GLY K 545 -28.32 -20.42 -73.13
CA GLY K 545 -27.53 -19.71 -72.14
C GLY K 545 -27.24 -20.52 -70.89
N ALA K 546 -28.14 -21.44 -70.54
CA ALA K 546 -27.97 -22.26 -69.34
C ALA K 546 -26.72 -23.12 -69.39
N LEU K 547 -26.06 -23.22 -70.54
CA LEU K 547 -24.82 -23.96 -70.64
C LEU K 547 -23.60 -23.12 -70.28
N PHE K 548 -23.78 -21.83 -69.97
CA PHE K 548 -22.67 -20.90 -69.81
C PHE K 548 -22.79 -20.09 -68.53
N ARG K 549 -23.41 -20.63 -67.48
CA ARG K 549 -23.67 -19.80 -66.31
C ARG K 549 -23.96 -20.68 -65.11
N ARG K 550 -23.63 -20.16 -63.94
CA ARG K 550 -24.05 -20.74 -62.67
C ARG K 550 -24.98 -19.75 -61.97
N THR K 551 -26.06 -20.28 -61.41
CA THR K 551 -27.14 -19.51 -60.81
C THR K 551 -27.39 -19.99 -59.39
N TYR K 552 -27.58 -19.04 -58.48
CA TYR K 552 -27.77 -19.32 -57.06
C TYR K 552 -28.92 -18.47 -56.53
N GLU K 553 -29.78 -19.06 -55.70
CA GLU K 553 -30.91 -18.32 -55.16
C GLU K 553 -31.31 -18.85 -53.80
N GLN K 554 -31.56 -17.93 -52.86
CA GLN K 554 -31.85 -18.33 -51.48
C GLN K 554 -32.87 -17.40 -50.86
N MET K 555 -33.75 -17.93 -50.00
CA MET K 555 -34.78 -17.13 -49.31
C MET K 555 -35.04 -17.65 -47.89
N GLY K 556 -35.16 -16.74 -46.93
CA GLY K 556 -35.42 -17.11 -45.55
C GLY K 556 -36.48 -16.24 -44.92
N LYS K 557 -37.18 -16.80 -43.93
CA LYS K 557 -38.22 -16.05 -43.23
C LYS K 557 -38.34 -16.53 -41.79
N SER K 558 -38.52 -15.59 -40.87
CA SER K 558 -38.56 -15.92 -39.45
C SER K 558 -39.57 -15.04 -38.73
N GLU K 559 -40.17 -15.59 -37.68
CA GLU K 559 -41.16 -14.83 -36.93
C GLU K 559 -41.21 -15.27 -35.47
N LEU K 560 -41.22 -14.29 -34.57
CA LEU K 560 -41.26 -14.55 -33.11
C LEU K 560 -42.38 -13.72 -32.48
N LEU K 561 -43.13 -14.31 -31.55
CA LEU K 561 -44.22 -13.63 -30.86
C LEU K 561 -44.22 -14.00 -29.38
N ILE K 562 -44.62 -13.05 -28.54
CA ILE K 562 -44.73 -13.28 -27.10
C ILE K 562 -46.11 -12.86 -26.61
N PHE K 563 -46.81 -13.78 -25.94
CA PHE K 563 -48.14 -13.55 -25.37
C PHE K 563 -48.10 -13.64 -23.85
N VAL K 564 -49.10 -13.04 -23.21
CA VAL K 564 -49.28 -13.19 -21.76
C VAL K 564 -50.77 -13.15 -21.45
N THR K 565 -51.17 -13.91 -20.43
CA THR K 565 -52.56 -13.94 -19.99
C THR K 565 -52.66 -14.16 -18.48
N PRO K 566 -53.15 -13.18 -17.74
CA PRO K 566 -53.33 -13.35 -16.30
C PRO K 566 -54.75 -13.80 -15.95
N LYS K 567 -54.93 -14.16 -14.68
CA LYS K 567 -56.21 -14.65 -14.17
C LYS K 567 -56.23 -14.59 -12.65
N VAL K 568 -57.35 -14.14 -12.09
CA VAL K 568 -57.51 -14.05 -10.64
C VAL K 568 -58.16 -15.32 -10.14
N VAL K 569 -57.51 -15.98 -9.19
CA VAL K 569 -58.02 -17.23 -8.66
C VAL K 569 -59.19 -16.93 -7.73
N ILE K 570 -60.38 -17.37 -8.14
CA ILE K 570 -61.60 -17.13 -7.40
C ILE K 570 -61.96 -18.26 -6.44
N GLN K 571 -61.00 -18.97 -5.86
CA GLN K 571 -61.27 -19.98 -4.79
C GLN K 571 -62.41 -20.95 -5.14
N SER L 160 39.08 73.67 54.44
CA SER L 160 38.71 74.89 55.14
C SER L 160 37.20 75.09 55.13
N ILE L 161 36.46 73.99 55.10
CA ILE L 161 35.01 74.01 54.91
C ILE L 161 34.34 73.60 56.22
N ASN L 162 33.35 74.39 56.64
CA ASN L 162 32.46 74.03 57.73
C ASN L 162 31.14 74.73 57.48
N PHE L 163 30.16 73.98 56.95
CA PHE L 163 28.88 74.54 56.54
C PHE L 163 27.77 73.83 57.29
N GLN L 164 27.06 74.56 58.15
CA GLN L 164 25.96 74.03 58.93
C GLN L 164 24.68 74.68 58.44
N ASP L 165 23.68 73.86 58.09
CA ASP L 165 22.39 74.37 57.61
C ASP L 165 22.61 75.28 56.40
N ILE L 166 23.53 74.88 55.54
CA ILE L 166 23.85 75.60 54.31
C ILE L 166 23.26 74.82 53.15
N PRO L 167 22.52 75.47 52.25
CA PRO L 167 21.96 74.74 51.10
C PRO L 167 23.05 74.14 50.24
N VAL L 168 22.71 73.03 49.58
CA VAL L 168 23.66 72.36 48.69
C VAL L 168 24.09 73.31 47.57
N ARG L 169 23.18 74.15 47.10
CA ARG L 169 23.52 75.14 46.09
C ARG L 169 24.64 76.07 46.57
N ASN L 170 24.59 76.47 47.85
CA ASN L 170 25.55 77.44 48.34
C ASN L 170 26.94 76.82 48.51
N VAL L 171 27.01 75.61 49.06
CA VAL L 171 28.31 74.94 49.19
C VAL L 171 28.87 74.59 47.81
N LEU L 172 27.99 74.27 46.85
CA LEU L 172 28.46 73.99 45.50
C LEU L 172 29.00 75.25 44.83
N GLN L 173 28.33 76.38 45.05
CA GLN L 173 28.85 77.64 44.50
C GLN L 173 30.14 78.04 45.19
N LEU L 174 30.32 77.65 46.45
CA LEU L 174 31.60 77.88 47.11
C LEU L 174 32.70 77.04 46.47
N ILE L 175 32.44 75.75 46.29
CA ILE L 175 33.40 74.88 45.62
C ILE L 175 33.72 75.40 44.22
N ALA L 176 32.73 76.00 43.55
CA ALA L 176 32.98 76.61 42.26
C ALA L 176 33.91 77.80 42.37
N ASP L 177 33.53 78.80 43.17
CA ASP L 177 34.27 80.05 43.31
C ASP L 177 35.63 79.88 43.98
N TYR L 178 36.02 78.65 44.32
CA TYR L 178 37.28 78.38 44.99
C TYR L 178 38.41 78.07 44.00
N ASN L 179 38.35 78.63 42.79
CA ASN L 179 39.28 78.45 41.68
C ASN L 179 39.09 77.13 40.96
N GLY L 180 38.04 76.38 41.27
CA GLY L 180 37.70 75.21 40.49
C GLY L 180 36.99 75.56 39.22
N PHE L 181 36.76 74.55 38.38
CA PHE L 181 36.06 74.76 37.13
C PHE L 181 34.61 75.14 37.40
N ASN L 182 34.10 76.10 36.62
CA ASN L 182 32.78 76.66 36.86
C ASN L 182 31.71 75.56 36.83
N LEU L 183 30.76 75.64 37.76
CA LEU L 183 29.70 74.65 37.84
C LEU L 183 28.37 75.36 38.06
N VAL L 184 27.30 74.71 37.60
CA VAL L 184 25.95 75.24 37.69
C VAL L 184 25.01 74.14 38.17
N VAL L 185 23.90 74.54 38.76
CA VAL L 185 22.91 73.61 39.32
C VAL L 185 21.52 73.92 38.79
N SER L 186 20.56 73.08 39.14
CA SER L 186 19.17 73.26 38.72
C SER L 186 18.48 74.23 39.67
N ASP L 187 17.14 74.31 39.57
CA ASP L 187 16.39 75.23 40.41
C ASP L 187 16.31 74.73 41.85
N SER L 188 15.67 73.59 42.06
CA SER L 188 15.55 72.96 43.36
C SER L 188 16.20 71.59 43.22
N VAL L 189 17.51 71.52 43.46
CA VAL L 189 18.27 70.34 43.12
C VAL L 189 18.20 69.31 44.24
N VAL L 190 18.79 69.64 45.39
CA VAL L 190 18.90 68.68 46.48
C VAL L 190 18.28 69.26 47.74
N GLY L 191 18.79 70.40 48.18
CA GLY L 191 18.30 71.04 49.39
C GLY L 191 19.41 71.58 50.26
N ASN L 192 19.45 71.13 51.51
CA ASN L 192 20.33 71.64 52.53
C ASN L 192 21.16 70.51 53.13
N LEU L 193 22.25 70.86 53.81
CA LEU L 193 23.06 69.87 54.53
C LEU L 193 23.92 70.55 55.58
N THR L 194 24.86 69.78 56.13
CA THR L 194 25.75 70.25 57.18
C THR L 194 26.92 69.27 57.30
N LEU L 195 28.13 69.79 57.22
CA LEU L 195 29.35 68.98 57.36
C LEU L 195 30.55 69.93 57.43
N ARG L 196 31.65 69.39 57.94
CA ARG L 196 32.89 70.16 58.11
C ARG L 196 34.09 69.27 57.82
N LEU L 197 34.95 69.73 56.91
CA LEU L 197 36.17 69.01 56.54
C LEU L 197 37.20 70.02 56.04
N ASP L 198 38.45 69.58 56.00
CA ASP L 198 39.55 70.44 55.59
C ASP L 198 40.77 69.59 55.23
N GLY L 199 41.65 70.18 54.41
CA GLY L 199 42.91 69.56 54.03
C GLY L 199 42.78 68.27 53.25
N VAL L 200 41.99 68.32 52.17
CA VAL L 200 41.64 67.12 51.41
C VAL L 200 41.44 67.49 49.95
N PRO L 201 41.48 66.53 49.02
CA PRO L 201 41.18 66.86 47.62
C PRO L 201 39.70 67.09 47.39
N TRP L 202 39.41 67.90 46.37
CA TRP L 202 38.02 68.11 45.96
C TRP L 202 37.38 66.84 45.44
N GLN L 203 38.18 65.94 44.89
CA GLN L 203 37.64 64.71 44.32
C GLN L 203 36.92 63.88 45.38
N GLN L 204 37.61 63.56 46.47
CA GLN L 204 37.03 62.70 47.49
C GLN L 204 35.82 63.34 48.16
N VAL L 205 35.95 64.61 48.55
CA VAL L 205 34.86 65.28 49.26
C VAL L 205 33.64 65.43 48.35
N LEU L 206 33.87 65.94 47.13
CA LEU L 206 32.78 66.11 46.19
C LEU L 206 32.09 64.77 45.91
N ASP L 207 32.87 63.71 45.69
CA ASP L 207 32.26 62.43 45.37
C ASP L 207 31.49 61.87 46.56
N ILE L 208 32.04 61.98 47.78
CA ILE L 208 31.33 61.41 48.92
C ILE L 208 30.03 62.18 49.17
N ILE L 209 30.04 63.50 48.94
CA ILE L 209 28.80 64.27 49.03
C ILE L 209 27.80 63.80 47.99
N LEU L 210 28.23 63.74 46.72
CA LEU L 210 27.33 63.37 45.64
C LEU L 210 26.87 61.92 45.73
N GLN L 211 27.57 61.09 46.51
CA GLN L 211 27.13 59.71 46.70
C GLN L 211 26.12 59.61 47.82
N VAL L 212 26.45 60.14 48.99
CA VAL L 212 25.61 59.92 50.18
C VAL L 212 24.27 60.62 50.01
N LYS L 213 24.27 61.94 49.85
CA LYS L 213 23.03 62.68 49.72
C LYS L 213 22.99 63.44 48.41
N GLY L 214 24.15 63.92 47.96
CA GLY L 214 24.22 64.72 46.75
C GLY L 214 23.76 63.95 45.52
N LEU L 215 23.59 64.71 44.45
CA LEU L 215 23.09 64.20 43.18
C LEU L 215 24.22 63.90 42.20
N ASP L 216 23.88 63.79 40.91
CA ASP L 216 24.86 63.46 39.89
C ASP L 216 25.29 64.70 39.11
N LYS L 217 26.40 64.57 38.39
CA LYS L 217 27.02 65.68 37.68
C LYS L 217 27.56 65.21 36.33
N ARG L 218 27.56 66.13 35.37
CA ARG L 218 28.09 65.88 34.04
C ARG L 218 28.96 67.05 33.60
N VAL L 219 30.01 66.75 32.84
CA VAL L 219 30.94 67.77 32.36
C VAL L 219 30.85 67.82 30.84
N ASP L 220 30.65 69.03 30.31
CA ASP L 220 30.53 69.26 28.88
C ASP L 220 31.90 69.47 28.22
N GLY L 221 32.99 69.27 28.96
CA GLY L 221 34.32 69.51 28.43
C GLY L 221 35.05 70.59 29.20
N ASN L 222 34.34 71.64 29.60
CA ASN L 222 34.95 72.73 30.34
C ASN L 222 34.29 72.94 31.70
N VAL L 223 32.97 73.05 31.75
CA VAL L 223 32.26 73.39 32.99
C VAL L 223 31.37 72.22 33.39
N ILE L 224 30.97 72.22 34.66
CA ILE L 224 30.27 71.11 35.28
C ILE L 224 28.84 71.52 35.60
N LEU L 225 27.92 70.58 35.42
CA LEU L 225 26.51 70.78 35.74
C LEU L 225 26.07 69.69 36.70
N ILE L 226 25.19 70.06 37.63
CA ILE L 226 24.71 69.13 38.65
C ILE L 226 23.19 69.03 38.52
N ALA L 227 22.67 67.84 38.80
CA ALA L 227 21.23 67.60 38.75
C ALA L 227 20.95 66.25 39.41
N PRO L 228 19.70 66.01 39.82
CA PRO L 228 19.35 64.68 40.32
C PRO L 228 19.41 63.63 39.22
N LYS L 229 19.64 62.38 39.63
CA LYS L 229 19.75 61.29 38.68
C LYS L 229 18.42 61.04 37.95
N GLU L 230 17.30 61.39 38.59
CA GLU L 230 16.01 61.15 37.98
C GLU L 230 15.86 61.93 36.68
N GLU L 231 16.17 63.23 36.70
CA GLU L 231 16.07 64.02 35.48
C GLU L 231 17.07 63.57 34.43
N LEU L 232 18.27 63.15 34.83
CA LEU L 232 19.25 62.68 33.85
C LEU L 232 18.78 61.41 33.16
N ASP L 233 18.30 60.44 33.93
CA ASP L 233 17.80 59.21 33.33
C ASP L 233 16.55 59.46 32.50
N LEU L 234 15.70 60.41 32.92
CA LEU L 234 14.53 60.75 32.13
C LEU L 234 14.93 61.35 30.79
N ARG L 235 15.90 62.26 30.81
CA ARG L 235 16.38 62.87 29.57
C ARG L 235 16.98 61.83 28.64
N GLU L 236 17.74 60.89 29.21
CA GLU L 236 18.33 59.83 28.38
C GLU L 236 17.25 58.95 27.75
N LYS L 237 16.25 58.56 28.55
CA LYS L 237 15.17 57.74 28.01
C LYS L 237 14.40 58.48 26.94
N GLN L 238 14.16 59.79 27.14
CA GLN L 238 13.49 60.58 26.13
C GLN L 238 14.29 60.60 24.82
N ALA L 239 15.60 60.81 24.92
CA ALA L 239 16.42 60.86 23.72
C ALA L 239 16.44 59.52 22.99
N LEU L 240 16.55 58.42 23.75
CA LEU L 240 16.55 57.10 23.14
C LEU L 240 15.22 56.81 22.46
N GLU L 241 14.11 57.12 23.12
CA GLU L 241 12.80 56.88 22.51
C GLU L 241 12.62 57.73 21.25
N LYS L 242 13.08 58.98 21.29
CA LYS L 242 12.99 59.82 20.10
C LYS L 242 13.78 59.21 18.95
N ALA L 243 15.01 58.78 19.21
CA ALA L 243 15.83 58.18 18.16
C ALA L 243 15.16 56.92 17.60
N ARG L 244 14.68 56.05 18.48
CA ARG L 244 14.08 54.79 18.01
C ARG L 244 12.82 55.04 17.20
N LEU L 245 11.98 55.98 17.63
CA LEU L 245 10.74 56.23 16.89
C LEU L 245 11.02 56.95 15.58
N ALA L 246 12.00 57.86 15.56
CA ALA L 246 12.33 58.54 14.32
C ALA L 246 12.94 57.58 13.31
N GLU L 247 13.74 56.63 13.79
CA GLU L 247 14.29 55.63 12.87
C GLU L 247 13.24 54.59 12.49
N GLU L 248 12.18 54.45 13.28
CA GLU L 248 11.10 53.56 12.89
C GLU L 248 10.24 54.19 11.80
N LEU L 249 9.59 55.30 12.11
CA LEU L 249 8.65 55.93 11.17
C LEU L 249 9.33 57.11 10.48
N GLY L 250 10.04 56.78 9.39
CA GLY L 250 10.65 57.76 8.54
C GLY L 250 10.12 57.69 7.11
N ASP L 251 10.53 58.68 6.32
CA ASP L 251 10.21 58.71 4.90
C ASP L 251 11.26 57.93 4.13
N LEU L 252 10.82 56.96 3.33
CA LEU L 252 11.75 56.07 2.64
C LEU L 252 12.17 56.65 1.31
N LYS L 253 13.34 56.21 0.84
CA LYS L 253 13.87 56.60 -0.45
C LYS L 253 14.28 55.36 -1.22
N SER L 254 14.17 55.42 -2.55
CA SER L 254 14.43 54.29 -3.43
C SER L 254 15.46 54.69 -4.48
N GLU L 255 16.49 53.86 -4.67
CA GLU L 255 17.51 54.14 -5.66
C GLU L 255 18.30 52.87 -5.98
N ILE L 256 19.19 52.98 -6.97
CA ILE L 256 19.90 51.82 -7.52
C ILE L 256 21.39 51.97 -7.29
N ILE L 257 22.02 50.85 -6.96
CA ILE L 257 23.46 50.75 -6.69
C ILE L 257 24.07 49.84 -7.74
N LYS L 258 25.06 50.35 -8.46
CA LYS L 258 25.72 49.57 -9.49
C LYS L 258 26.91 48.82 -8.91
N ILE L 259 27.02 47.55 -9.26
CA ILE L 259 28.04 46.65 -8.71
C ILE L 259 28.97 46.23 -9.84
N ASN L 260 30.27 46.24 -9.57
CA ASN L 260 31.27 45.70 -10.47
C ASN L 260 32.24 44.84 -9.68
N PHE L 261 32.77 43.81 -10.34
CA PHE L 261 33.72 42.81 -9.84
C PHE L 261 33.07 41.74 -8.97
N ALA L 262 31.79 41.85 -8.64
CA ALA L 262 31.13 40.83 -7.84
C ALA L 262 29.73 40.64 -8.37
N LYS L 263 29.16 39.47 -8.08
CA LYS L 263 27.79 39.20 -8.49
C LYS L 263 26.81 39.90 -7.55
N ALA L 264 25.80 40.53 -8.13
CA ALA L 264 24.82 41.27 -7.31
C ALA L 264 23.93 40.33 -6.52
N SER L 265 23.73 39.10 -6.99
CA SER L 265 22.87 38.17 -6.26
C SER L 265 23.51 37.75 -4.93
N ASP L 266 24.81 37.50 -4.94
CA ASP L 266 25.50 37.16 -3.70
C ASP L 266 25.44 38.30 -2.71
N ILE L 267 25.64 39.53 -3.18
CA ILE L 267 25.62 40.69 -2.29
C ILE L 267 24.23 40.94 -1.75
N ALA L 268 23.20 40.77 -2.57
CA ALA L 268 21.84 40.90 -2.08
C ALA L 268 21.50 39.81 -1.07
N ALA L 269 22.11 38.63 -1.19
CA ALA L 269 21.84 37.58 -0.22
C ALA L 269 22.60 37.83 1.08
N MET L 270 23.71 38.54 1.02
CA MET L 270 24.44 38.85 2.25
C MET L 270 23.84 40.03 2.99
N ILE L 271 23.44 41.09 2.28
CA ILE L 271 22.96 42.29 2.95
C ILE L 271 21.55 42.07 3.50
N GLY L 272 20.68 41.47 2.71
CA GLY L 272 19.36 41.14 3.20
C GLY L 272 19.28 39.70 3.68
N GLY L 273 18.37 38.93 3.11
CA GLY L 273 18.37 37.50 3.36
C GLY L 273 17.22 36.97 4.18
N GLU L 274 17.43 35.82 4.82
CA GLU L 274 16.36 35.15 5.54
C GLU L 274 16.05 35.88 6.85
N GLY L 275 14.77 36.20 7.04
CA GLY L 275 14.31 36.85 8.24
C GLY L 275 14.82 38.27 8.40
N ASN L 276 14.17 39.05 9.27
CA ASN L 276 14.54 40.43 9.49
C ASN L 276 15.59 40.62 10.56
N VAL L 277 15.80 39.61 11.42
CA VAL L 277 16.80 39.73 12.48
C VAL L 277 18.19 39.80 11.87
N ASN L 278 18.44 38.99 10.83
CA ASN L 278 19.75 39.02 10.17
C ASN L 278 19.89 40.26 9.32
N MET L 279 18.83 40.64 8.61
CA MET L 279 18.89 41.74 7.66
C MET L 279 19.44 43.00 8.30
N LEU L 280 20.23 43.74 7.54
CA LEU L 280 20.69 45.05 7.95
C LEU L 280 19.68 46.10 7.50
N SER L 281 18.40 45.88 7.81
CA SER L 281 17.34 46.77 7.37
C SER L 281 16.26 46.79 8.43
N GLU L 282 15.33 47.75 8.30
CA GLU L 282 14.26 47.93 9.28
C GLU L 282 12.87 47.71 8.69
N ARG L 283 12.51 48.53 7.70
CA ARG L 283 11.26 48.30 6.93
C ARG L 283 11.49 48.69 5.45
N GLY L 284 12.70 48.48 4.95
CA GLY L 284 12.93 48.25 3.51
C GLY L 284 13.73 46.97 3.34
N SER L 285 14.38 46.81 2.18
CA SER L 285 14.17 45.79 1.12
C SER L 285 15.20 45.99 0.00
N ILE L 286 15.81 44.89 -0.46
CA ILE L 286 16.68 44.91 -1.67
C ILE L 286 15.99 44.14 -2.80
N SER L 287 16.23 44.54 -4.05
CA SER L 287 15.90 43.71 -5.20
C SER L 287 17.08 43.65 -6.15
N ILE L 288 17.11 42.62 -6.98
CA ILE L 288 18.19 42.39 -7.91
C ILE L 288 17.70 42.70 -9.32
N ASP L 289 18.58 43.30 -10.12
CA ASP L 289 18.39 43.44 -11.56
C ASP L 289 19.58 42.76 -12.23
N GLU L 290 19.33 41.56 -12.75
CA GLU L 290 20.38 40.70 -13.28
C GLU L 290 20.89 41.15 -14.63
N ARG L 291 20.05 41.78 -15.44
CA ARG L 291 20.44 42.17 -16.78
C ARG L 291 21.65 43.10 -16.75
N THR L 292 21.67 44.03 -15.81
CA THR L 292 22.72 45.05 -15.73
C THR L 292 23.55 44.94 -14.47
N ASN L 293 23.40 43.86 -13.69
CA ASN L 293 24.20 43.64 -12.47
C ASN L 293 24.04 44.79 -11.49
N SER L 294 22.82 44.99 -10.99
CA SER L 294 22.53 46.13 -10.14
C SER L 294 21.61 45.75 -9.00
N LEU L 295 21.68 46.52 -7.93
CA LEU L 295 20.76 46.41 -6.81
C LEU L 295 19.81 47.59 -6.79
N LEU L 296 18.60 47.36 -6.28
CA LEU L 296 17.58 48.39 -6.18
C LEU L 296 17.07 48.37 -4.74
N ILE L 297 17.38 49.40 -3.96
CA ILE L 297 17.15 49.41 -2.53
C ILE L 297 16.18 50.51 -2.17
N ARG L 298 15.33 50.23 -1.17
CA ARG L 298 14.34 51.18 -0.65
C ARG L 298 14.44 51.18 0.87
N GLU L 299 14.97 52.27 1.43
CA GLU L 299 15.21 52.34 2.87
C GLU L 299 15.38 53.80 3.30
N LEU L 300 15.76 53.97 4.56
CA LEU L 300 15.94 55.31 5.11
C LEU L 300 17.20 55.94 4.52
N PRO L 301 17.15 57.23 4.15
CA PRO L 301 18.30 57.83 3.47
C PRO L 301 19.57 57.92 4.31
N ASP L 302 19.53 57.36 5.51
CA ASP L 302 20.69 57.34 6.39
C ASP L 302 21.38 55.98 6.37
N ASN L 303 20.59 54.94 6.17
CA ASN L 303 21.11 53.59 6.09
C ASN L 303 21.68 53.34 4.69
N ILE L 304 21.20 54.10 3.70
CA ILE L 304 21.70 53.96 2.35
C ILE L 304 23.18 54.30 2.29
N ALA L 305 23.60 55.29 3.08
CA ALA L 305 25.00 55.73 3.02
C ALA L 305 25.95 54.69 3.62
N VAL L 306 25.57 54.08 4.74
CA VAL L 306 26.44 53.07 5.33
C VAL L 306 26.47 51.81 4.48
N ILE L 307 25.31 51.38 3.99
CA ILE L 307 25.26 50.25 3.06
C ILE L 307 26.11 50.51 1.85
N ARG L 308 26.03 51.72 1.30
CA ARG L 308 26.81 52.06 0.11
C ARG L 308 28.30 52.02 0.41
N GLU L 309 28.71 52.50 1.57
CA GLU L 309 30.13 52.50 1.91
C GLU L 309 30.65 51.08 2.10
N ILE L 310 29.88 50.23 2.78
CA ILE L 310 30.30 48.86 2.99
C ILE L 310 30.42 48.11 1.66
N ILE L 311 29.35 48.13 0.85
CA ILE L 311 29.40 47.37 -0.38
C ILE L 311 30.29 48.01 -1.44
N GLU L 312 30.76 49.24 -1.21
CA GLU L 312 31.84 49.75 -2.03
C GLU L 312 33.18 49.27 -1.51
N SER L 313 33.27 48.97 -0.22
CA SER L 313 34.48 48.36 0.32
C SER L 313 34.62 46.88 0.00
N LEU L 314 33.52 46.19 -0.35
CA LEU L 314 33.61 44.75 -0.57
C LEU L 314 34.06 44.40 -1.99
N ASP L 315 33.37 44.91 -3.01
CA ASP L 315 33.60 44.41 -4.37
C ASP L 315 34.95 44.91 -4.89
N ILE L 316 35.93 44.02 -4.89
CA ILE L 316 37.29 44.29 -5.38
C ILE L 316 37.76 43.08 -6.18
N PRO L 317 38.71 43.29 -7.08
CA PRO L 317 39.30 42.15 -7.80
C PRO L 317 40.10 41.25 -6.88
N VAL L 318 40.03 39.95 -7.16
CA VAL L 318 40.68 38.95 -6.33
C VAL L 318 41.88 38.36 -7.09
N LYS L 319 42.63 37.54 -6.38
CA LYS L 319 43.83 36.89 -6.89
C LYS L 319 43.48 35.56 -7.56
N GLN L 320 44.45 35.02 -8.29
CA GLN L 320 44.31 33.74 -8.97
C GLN L 320 45.48 32.84 -8.63
N VAL L 321 45.21 31.55 -8.52
CA VAL L 321 46.19 30.57 -8.09
C VAL L 321 46.27 29.47 -9.14
N GLN L 322 47.46 28.91 -9.30
CA GLN L 322 47.74 27.80 -10.20
C GLN L 322 48.21 26.61 -9.38
N ILE L 323 47.53 25.49 -9.50
CA ILE L 323 47.82 24.30 -8.69
C ILE L 323 48.23 23.15 -9.60
N GLU L 324 49.32 22.47 -9.24
CA GLU L 324 49.80 21.37 -10.04
C GLU L 324 50.19 20.14 -9.21
N ALA L 325 49.48 19.05 -9.44
CA ALA L 325 49.74 17.79 -8.75
C ALA L 325 50.64 16.90 -9.59
N ARG L 326 51.33 15.97 -8.94
CA ARG L 326 52.25 15.08 -9.64
C ARG L 326 52.26 13.70 -8.99
N ILE L 327 51.89 12.68 -9.74
CA ILE L 327 51.81 11.32 -9.22
C ILE L 327 52.88 10.51 -9.93
N VAL L 328 53.76 9.86 -9.16
CA VAL L 328 54.88 9.12 -9.70
C VAL L 328 54.85 7.70 -9.15
N THR L 329 55.08 6.71 -10.00
CA THR L 329 55.19 5.34 -9.51
C THR L 329 56.31 4.58 -10.23
N VAL L 330 56.99 3.73 -9.46
CA VAL L 330 58.13 2.95 -9.94
C VAL L 330 57.98 1.51 -9.49
N LYS L 331 58.26 0.56 -10.38
CA LYS L 331 58.12 -0.87 -10.09
C LYS L 331 59.34 -1.63 -10.56
N GLU L 332 59.73 -2.66 -9.81
CA GLU L 332 60.79 -3.58 -10.21
C GLU L 332 60.46 -5.01 -9.80
N GLY L 333 60.96 -5.97 -10.56
CA GLY L 333 60.74 -7.36 -10.26
C GLY L 333 61.80 -8.34 -10.78
N ASN L 334 62.04 -9.43 -10.05
CA ASN L 334 63.00 -10.46 -10.44
C ASN L 334 62.48 -11.85 -10.12
N LEU L 335 62.84 -12.82 -10.96
CA LEU L 335 62.37 -14.20 -10.77
C LEU L 335 63.42 -15.17 -11.28
N GLU L 336 63.57 -16.31 -10.60
CA GLU L 336 64.50 -17.35 -11.05
C GLU L 336 64.05 -18.74 -10.59
N GLU L 337 64.15 -19.72 -11.50
CA GLU L 337 63.75 -21.09 -11.19
C GLU L 337 64.66 -22.14 -11.84
N LEU L 338 64.98 -23.18 -11.07
CA LEU L 338 65.83 -24.29 -11.52
C LEU L 338 65.15 -25.63 -11.26
N GLY L 339 65.23 -26.55 -12.23
CA GLY L 339 64.57 -27.82 -12.06
C GLY L 339 65.28 -28.95 -12.78
N VAL L 340 65.00 -30.18 -12.34
CA VAL L 340 65.71 -31.37 -12.83
C VAL L 340 64.76 -32.55 -12.98
N ARG L 341 64.98 -33.33 -14.03
CA ARG L 341 64.11 -34.46 -14.34
C ARG L 341 64.99 -35.61 -14.79
N TRP L 342 65.08 -36.69 -14.02
CA TRP L 342 65.91 -37.81 -14.47
C TRP L 342 65.30 -39.15 -14.12
N GLY L 343 65.74 -40.16 -14.85
CA GLY L 343 65.22 -41.50 -14.70
C GLY L 343 66.21 -42.57 -15.11
N VAL L 344 66.01 -43.78 -14.58
CA VAL L 344 66.86 -44.92 -14.88
C VAL L 344 65.98 -46.14 -15.14
N MET L 345 66.55 -47.12 -15.82
CA MET L 345 65.80 -48.34 -16.12
C MET L 345 66.80 -49.43 -16.46
N SER L 346 66.86 -50.48 -15.66
CA SER L 346 67.88 -51.49 -15.89
C SER L 346 67.35 -52.88 -15.55
N THR L 347 67.91 -53.89 -16.20
CA THR L 347 67.55 -55.28 -15.94
C THR L 347 68.81 -56.12 -15.91
N ASN L 348 68.73 -57.26 -15.26
CA ASN L 348 69.90 -58.11 -15.05
C ASN L 348 69.65 -59.58 -15.32
N GLY L 349 68.42 -59.98 -15.54
CA GLY L 349 68.07 -61.39 -15.50
C GLY L 349 67.51 -61.70 -14.13
N SER L 350 66.19 -61.80 -14.03
CA SER L 350 65.48 -62.02 -12.76
C SER L 350 65.70 -60.88 -11.75
N HIS L 351 66.34 -59.79 -12.17
CA HIS L 351 66.57 -58.64 -11.30
C HIS L 351 66.38 -57.38 -12.13
N SER L 352 65.69 -56.39 -11.55
CA SER L 352 65.39 -55.17 -12.27
C SER L 352 65.49 -53.97 -11.33
N VAL L 353 65.58 -52.78 -11.92
CA VAL L 353 65.58 -51.53 -11.19
C VAL L 353 64.89 -50.47 -12.03
N GLY L 354 63.98 -49.73 -11.41
CA GLY L 354 63.19 -48.76 -12.13
C GLY L 354 62.81 -47.62 -11.23
N GLY L 355 61.73 -46.93 -11.61
CA GLY L 355 61.26 -45.75 -10.90
C GLY L 355 59.83 -45.92 -10.42
N SER L 356 59.33 -47.14 -10.48
CA SER L 356 57.99 -47.45 -10.02
C SER L 356 57.75 -48.95 -10.16
N ILE L 357 56.59 -49.42 -9.73
CA ILE L 357 56.21 -50.81 -9.86
C ILE L 357 55.67 -51.11 -11.25
N GLU L 358 54.92 -50.18 -11.84
CA GLU L 358 54.45 -50.37 -13.20
C GLU L 358 55.61 -50.35 -14.19
N SER L 359 56.68 -49.64 -13.86
CA SER L 359 57.87 -49.65 -14.70
C SER L 359 58.50 -51.03 -14.73
N ASN L 360 58.70 -51.65 -13.57
CA ASN L 360 59.29 -52.99 -13.53
C ASN L 360 58.36 -54.02 -14.15
N LEU L 361 57.05 -53.82 -14.04
CA LEU L 361 56.14 -54.77 -14.67
C LEU L 361 56.11 -54.59 -16.18
N TRP L 362 56.49 -53.41 -16.68
CA TRP L 362 56.53 -53.21 -18.12
C TRP L 362 57.78 -53.81 -18.75
N GLN L 363 58.94 -53.64 -18.11
CA GLN L 363 60.15 -54.19 -18.68
C GLN L 363 60.20 -55.69 -18.39
N LYS L 364 59.12 -56.35 -18.78
CA LYS L 364 58.90 -57.80 -18.69
C LYS L 364 57.70 -58.07 -19.59
N GLY L 365 57.10 -59.24 -19.44
CA GLY L 365 55.90 -59.44 -20.24
C GLY L 365 54.59 -59.20 -19.52
N LEU L 366 54.60 -58.61 -18.33
CA LEU L 366 53.45 -58.70 -17.45
C LEU L 366 52.34 -57.72 -17.83
N LEU L 367 52.69 -56.45 -18.03
CA LEU L 367 51.67 -55.47 -18.38
C LEU L 367 51.21 -55.67 -19.82
N ALA L 368 49.95 -55.31 -20.08
CA ALA L 368 49.40 -55.50 -21.42
C ALA L 368 49.78 -54.36 -22.35
N ASP L 369 49.34 -53.15 -22.05
CA ASP L 369 49.56 -52.01 -22.94
C ASP L 369 51.01 -51.57 -22.86
N ASP L 370 51.69 -51.53 -24.01
CA ASP L 370 53.11 -51.23 -24.05
C ASP L 370 53.43 -50.34 -25.25
N GLU L 371 53.47 -49.03 -25.02
CA GLU L 371 54.17 -48.14 -25.94
C GLU L 371 55.36 -47.47 -25.25
N PHE L 372 55.12 -46.70 -24.19
CA PHE L 372 56.13 -46.39 -23.19
C PHE L 372 55.45 -45.72 -21.99
N PRO L 373 55.70 -46.18 -20.78
CA PRO L 373 55.21 -45.44 -19.61
C PRO L 373 56.07 -44.23 -19.30
N VAL L 374 55.84 -43.12 -20.00
CA VAL L 374 56.72 -41.96 -19.88
C VAL L 374 56.66 -41.37 -18.48
N ASP L 375 55.52 -41.51 -17.81
CA ASP L 375 55.34 -40.98 -16.47
C ASP L 375 55.80 -41.96 -15.39
N GLU L 376 55.58 -43.26 -15.59
CA GLU L 376 56.09 -44.25 -14.65
C GLU L 376 57.58 -44.44 -14.79
N PHE L 377 58.18 -43.96 -15.87
CA PHE L 377 59.61 -44.15 -16.08
C PHE L 377 60.45 -43.33 -15.13
N LEU L 378 60.07 -42.08 -14.88
CA LEU L 378 60.95 -41.11 -14.24
C LEU L 378 61.10 -41.37 -12.75
N ASN L 379 62.34 -41.26 -12.27
CA ASN L 379 62.62 -41.37 -10.84
C ASN L 379 62.38 -40.05 -10.13
N VAL L 380 63.04 -38.99 -10.59
CA VAL L 380 62.93 -37.68 -10.00
C VAL L 380 62.32 -36.75 -11.03
N ASN L 381 61.21 -36.11 -10.66
CA ASN L 381 60.41 -35.29 -11.57
C ASN L 381 60.16 -33.92 -10.94
N LEU L 382 61.12 -33.00 -11.09
CA LEU L 382 61.07 -31.69 -10.47
C LEU L 382 61.38 -30.61 -11.50
N ALA L 383 60.68 -30.67 -12.62
CA ALA L 383 60.94 -29.75 -13.72
C ALA L 383 60.50 -28.33 -13.38
N SER L 384 61.27 -27.37 -13.87
CA SER L 384 60.89 -25.96 -13.75
C SER L 384 59.59 -25.71 -14.50
N THR L 385 58.58 -25.28 -13.76
CA THR L 385 57.21 -25.15 -14.27
C THR L 385 56.96 -23.70 -14.69
N SER L 386 57.12 -23.44 -15.98
CA SER L 386 56.89 -22.11 -16.55
C SER L 386 56.68 -22.31 -18.04
N ALA L 387 56.41 -21.20 -18.73
CA ALA L 387 56.18 -21.24 -20.17
C ALA L 387 57.40 -20.81 -20.97
N ASN L 388 58.38 -20.16 -20.35
CA ASN L 388 59.58 -19.69 -21.01
C ASN L 388 60.83 -20.39 -20.52
N ALA L 389 60.69 -21.54 -19.88
CA ALA L 389 61.85 -22.22 -19.34
C ALA L 389 62.61 -22.97 -20.42
N SER L 390 63.93 -22.93 -20.34
CA SER L 390 64.80 -23.58 -21.32
C SER L 390 65.46 -24.80 -20.70
N SER L 391 65.65 -25.84 -21.50
CA SER L 391 66.10 -27.13 -21.00
C SER L 391 67.21 -27.70 -21.87
N ILE L 392 67.78 -28.81 -21.40
CA ILE L 392 68.71 -29.61 -22.19
C ILE L 392 68.79 -31.00 -21.58
N ALA L 393 68.82 -32.02 -22.44
CA ALA L 393 68.71 -33.40 -22.00
C ALA L 393 69.63 -34.44 -22.64
N PHE L 394 70.24 -35.26 -21.80
CA PHE L 394 71.23 -36.25 -22.19
C PHE L 394 70.70 -37.65 -21.94
N GLN L 395 71.21 -38.61 -22.71
CA GLN L 395 70.69 -39.96 -22.67
C GLN L 395 71.81 -40.97 -22.86
N VAL L 396 71.63 -42.16 -22.31
CA VAL L 396 72.47 -43.32 -22.59
C VAL L 396 71.56 -44.53 -22.70
N ALA L 397 71.38 -45.03 -23.91
CA ALA L 397 70.46 -46.14 -24.16
C ALA L 397 71.22 -47.25 -24.87
N LYS L 398 71.27 -48.42 -24.25
CA LYS L 398 71.89 -49.59 -24.85
C LYS L 398 70.89 -50.47 -25.59
N LEU L 399 69.86 -50.95 -24.89
CA LEU L 399 68.81 -51.81 -25.39
C LEU L 399 69.33 -53.21 -25.74
N GLY L 400 70.63 -53.44 -25.64
CA GLY L 400 71.19 -54.77 -25.78
C GLY L 400 71.27 -55.44 -24.44
N SER L 401 71.89 -54.75 -23.47
CA SER L 401 71.84 -55.19 -22.08
C SER L 401 70.61 -54.65 -21.35
N GLY L 402 69.86 -53.74 -21.97
CA GLY L 402 68.63 -53.21 -21.42
C GLY L 402 68.76 -51.84 -20.80
N THR L 403 69.94 -51.47 -20.30
CA THR L 403 70.11 -50.26 -19.52
C THR L 403 69.67 -49.02 -20.31
N LEU L 404 69.02 -48.09 -19.60
CA LEU L 404 68.64 -46.79 -20.14
C LEU L 404 68.75 -45.77 -19.03
N LEU L 405 69.27 -44.59 -19.34
CA LEU L 405 69.28 -43.53 -18.34
C LEU L 405 69.15 -42.17 -19.01
N ASP L 406 68.29 -41.32 -18.43
CA ASP L 406 67.95 -40.00 -18.96
C ASP L 406 68.16 -38.93 -17.90
N LEU L 407 68.62 -37.75 -18.34
CA LEU L 407 68.83 -36.62 -17.44
C LEU L 407 68.56 -35.31 -18.15
N GLU L 408 67.61 -34.51 -17.65
CA GLU L 408 67.26 -33.23 -18.22
C GLU L 408 67.34 -32.12 -17.17
N LEU L 409 67.92 -30.96 -17.54
CA LEU L 409 67.98 -29.76 -16.72
C LEU L 409 67.13 -28.67 -17.34
N SER L 410 66.53 -27.86 -16.51
CA SER L 410 65.75 -26.74 -17.02
C SER L 410 65.89 -25.54 -16.09
N ALA L 411 65.72 -24.35 -16.67
CA ALA L 411 66.02 -23.12 -15.95
C ALA L 411 65.19 -21.98 -16.52
N LEU L 412 65.11 -20.90 -15.74
CA LEU L 412 64.47 -19.66 -16.18
C LEU L 412 64.91 -18.52 -15.28
N GLN L 413 65.07 -17.31 -15.84
CA GLN L 413 65.43 -16.12 -15.06
C GLN L 413 64.97 -14.83 -15.74
N ASN L 414 64.00 -14.11 -15.17
CA ASN L 414 63.58 -12.87 -15.82
C ASN L 414 63.50 -11.71 -14.84
N GLU L 415 63.22 -10.54 -15.38
CA GLU L 415 63.47 -9.28 -14.70
C GLU L 415 62.69 -8.17 -15.40
N SER L 416 62.21 -7.19 -14.63
CA SER L 416 61.31 -6.20 -15.20
C SER L 416 61.37 -4.88 -14.42
N LYS L 417 61.05 -3.80 -15.12
CA LYS L 417 61.04 -2.44 -14.59
C LYS L 417 59.88 -1.67 -15.20
N ALA L 418 59.41 -0.65 -14.47
CA ALA L 418 58.37 0.22 -15.02
C ALA L 418 58.35 1.53 -14.27
N GLU L 419 57.87 2.58 -14.94
CA GLU L 419 57.79 3.91 -14.33
C GLU L 419 56.73 4.75 -15.03
N ILE L 420 55.85 5.35 -14.24
CA ILE L 420 54.75 6.17 -14.76
C ILE L 420 54.72 7.51 -14.05
N ILE L 421 54.41 8.56 -14.80
CA ILE L 421 54.30 9.93 -14.29
C ILE L 421 53.02 10.56 -14.84
N SER L 422 52.25 11.21 -13.97
CA SER L 422 51.10 11.98 -14.46
C SER L 422 50.96 13.25 -13.65
N SER L 423 50.64 14.35 -14.32
CA SER L 423 50.54 15.64 -13.65
C SER L 423 49.43 16.51 -14.24
N PRO L 424 48.29 16.63 -13.55
CA PRO L 424 47.29 17.64 -13.94
C PRO L 424 47.54 19.03 -13.36
N ARG L 425 46.98 20.07 -13.97
CA ARG L 425 47.13 21.44 -13.51
C ARG L 425 45.78 22.15 -13.59
N LEU L 426 45.66 23.23 -12.83
CA LEU L 426 44.47 24.06 -12.85
C LEU L 426 44.86 25.48 -12.54
N ILE L 427 44.02 26.42 -12.98
CA ILE L 427 44.05 27.80 -12.52
C ILE L 427 42.65 28.15 -12.04
N THR L 428 42.57 28.94 -10.97
CA THR L 428 41.27 29.25 -10.37
C THR L 428 41.39 30.55 -9.58
N THR L 429 40.25 30.98 -9.04
CA THR L 429 40.12 32.23 -8.23
C THR L 429 40.12 31.85 -6.75
N ASN L 430 40.68 32.72 -5.90
CA ASN L 430 40.80 32.45 -4.47
C ASN L 430 39.46 32.10 -3.84
N LYS L 431 39.47 31.03 -3.04
CA LYS L 431 38.32 30.56 -2.27
C LYS L 431 37.24 29.94 -3.15
N GLN L 432 37.64 29.42 -4.31
CA GLN L 432 36.69 28.96 -5.32
C GLN L 432 37.01 27.54 -5.76
N PRO L 433 36.03 26.63 -5.80
CA PRO L 433 36.33 25.22 -6.07
C PRO L 433 36.50 24.90 -7.55
N ALA L 434 37.50 24.09 -7.85
CA ALA L 434 37.77 23.73 -9.26
C ALA L 434 38.15 22.25 -9.34
N TYR L 435 37.94 21.68 -10.53
CA TYR L 435 38.23 20.27 -10.76
C TYR L 435 38.69 20.06 -12.21
N ILE L 436 39.49 19.03 -12.41
CA ILE L 436 39.83 18.56 -13.76
C ILE L 436 39.92 17.03 -13.74
N GLU L 437 39.39 16.39 -14.79
CA GLU L 437 39.16 14.96 -14.85
C GLU L 437 39.52 14.36 -16.19
N GLN L 438 39.80 13.05 -16.20
CA GLN L 438 40.03 12.30 -17.43
C GLN L 438 39.86 10.81 -17.13
N GLY L 439 38.91 10.16 -17.77
CA GLY L 439 38.74 8.73 -17.53
C GLY L 439 37.53 8.10 -18.18
N THR L 440 36.84 7.20 -17.47
CA THR L 440 35.63 6.56 -17.98
C THR L 440 34.53 6.54 -16.93
N GLU L 441 33.30 6.35 -17.39
CA GLU L 441 32.14 6.24 -16.51
C GLU L 441 31.48 4.88 -16.75
N ILE L 442 31.44 4.07 -15.71
CA ILE L 442 30.93 2.70 -15.83
C ILE L 442 29.44 2.68 -15.49
N PRO L 443 28.62 2.15 -16.40
CA PRO L 443 27.19 2.05 -16.14
C PRO L 443 26.98 0.87 -15.22
N TYR L 444 26.37 1.08 -14.05
CA TYR L 444 26.11 -0.05 -13.16
C TYR L 444 24.63 -0.41 -13.18
N LEU L 445 24.31 -1.69 -12.99
CA LEU L 445 22.91 -2.10 -13.08
C LEU L 445 22.10 -1.89 -11.81
N GLU L 446 21.39 -0.76 -11.85
CA GLU L 446 20.43 -0.21 -10.87
C GLU L 446 20.96 0.65 -9.72
N SER L 447 20.08 1.56 -9.31
CA SER L 447 20.25 2.45 -8.18
C SER L 447 18.84 2.40 -7.59
N SER L 448 18.71 2.30 -6.27
CA SER L 448 17.36 2.17 -5.74
C SER L 448 16.75 3.31 -4.95
N SER L 449 15.62 3.82 -5.44
CA SER L 449 14.88 4.81 -4.68
C SER L 449 13.69 4.08 -4.06
N SER L 450 12.66 4.80 -3.66
CA SER L 450 11.44 4.19 -3.12
C SER L 450 10.69 3.44 -4.22
N GLY L 451 11.24 2.31 -4.63
CA GLY L 451 10.51 1.39 -5.50
C GLY L 451 11.20 0.86 -6.74
N ALA L 452 12.01 1.66 -7.42
CA ALA L 452 12.56 1.19 -8.69
C ALA L 452 13.95 1.76 -9.02
N SER L 453 14.46 1.42 -10.21
CA SER L 453 15.88 1.47 -10.53
C SER L 453 16.22 2.67 -11.39
N THR L 454 17.15 3.49 -10.92
CA THR L 454 17.76 4.56 -11.70
C THR L 454 19.20 4.15 -11.92
N VAL L 455 19.46 3.39 -12.99
CA VAL L 455 20.80 2.83 -13.17
C VAL L 455 21.77 3.97 -13.41
N ALA L 456 22.95 3.88 -12.77
CA ALA L 456 23.77 5.07 -12.58
C ALA L 456 25.19 4.79 -13.08
N PHE L 457 26.07 5.77 -12.86
CA PHE L 457 27.42 5.74 -13.40
C PHE L 457 28.43 5.98 -12.30
N LYS L 458 29.39 5.06 -12.20
CA LYS L 458 30.51 5.19 -11.29
C LYS L 458 31.67 5.74 -12.12
N LYS L 459 32.60 6.43 -11.49
CA LYS L 459 33.70 7.05 -12.22
C LYS L 459 34.99 6.30 -11.99
N ALA L 460 35.81 6.23 -13.04
CA ALA L 460 37.16 5.69 -12.97
C ALA L 460 38.04 6.68 -13.72
N VAL L 461 38.53 7.69 -13.01
CA VAL L 461 39.16 8.85 -13.61
C VAL L 461 40.48 9.15 -12.90
N LEU L 462 41.35 9.88 -13.59
CA LEU L 462 42.48 10.59 -12.95
C LEU L 462 42.07 12.05 -12.70
N SER L 463 41.86 12.43 -11.44
CA SER L 463 41.19 13.67 -11.14
C SER L 463 41.91 14.48 -10.07
N LEU L 464 41.78 15.80 -10.19
CA LEU L 464 42.22 16.76 -9.19
C LEU L 464 41.07 17.66 -8.81
N LYS L 465 40.86 17.82 -7.50
CA LYS L 465 39.76 18.61 -6.95
C LYS L 465 40.33 19.49 -5.84
N VAL L 466 40.19 20.82 -5.96
CA VAL L 466 40.91 21.69 -5.03
C VAL L 466 40.12 22.95 -4.70
N THR L 467 40.29 23.41 -3.43
CA THR L 467 39.89 24.73 -2.98
C THR L 467 41.05 25.44 -2.25
N PRO L 468 41.54 26.56 -2.79
CA PRO L 468 42.68 27.25 -2.18
C PRO L 468 42.31 28.45 -1.30
N GLN L 469 43.28 28.97 -0.55
CA GLN L 469 43.07 30.15 0.27
C GLN L 469 44.43 30.83 0.51
N ILE L 470 44.51 32.12 0.21
CA ILE L 470 45.75 32.89 0.33
C ILE L 470 45.76 33.59 1.68
N THR L 471 46.89 33.49 2.38
CA THR L 471 47.10 34.08 3.69
C THR L 471 48.11 35.23 3.61
N PRO L 472 48.26 36.02 4.69
CA PRO L 472 49.12 37.21 4.58
C PRO L 472 50.59 36.92 4.36
N ASP L 473 51.17 35.98 5.08
CA ASP L 473 52.61 35.80 4.99
C ASP L 473 53.04 34.86 3.88
N ASN L 474 52.51 35.07 2.67
CA ASN L 474 52.97 34.38 1.46
C ASN L 474 52.85 32.87 1.57
N ARG L 475 51.61 32.40 1.81
CA ARG L 475 51.38 30.98 2.05
C ARG L 475 49.97 30.62 1.60
N LEU L 476 49.75 29.33 1.35
CA LEU L 476 48.47 28.81 0.91
C LEU L 476 47.99 27.71 1.85
N VAL L 477 46.68 27.66 2.05
CA VAL L 477 46.02 26.54 2.72
C VAL L 477 45.20 25.84 1.64
N LEU L 478 45.48 24.58 1.39
CA LEU L 478 44.82 23.84 0.32
C LEU L 478 43.96 22.72 0.87
N ASP L 479 42.69 22.67 0.43
CA ASP L 479 41.83 21.48 0.63
C ASP L 479 41.87 20.58 -0.61
N LEU L 480 42.47 19.40 -0.48
CA LEU L 480 43.02 18.65 -1.66
C LEU L 480 42.29 17.31 -1.78
N SER L 481 41.85 16.96 -2.99
CA SER L 481 41.55 15.54 -3.34
C SER L 481 42.26 15.18 -4.65
N VAL L 482 43.08 14.12 -4.63
CA VAL L 482 43.77 13.67 -5.88
C VAL L 482 43.56 12.16 -6.06
N THR L 483 42.97 11.70 -7.18
CA THR L 483 42.73 10.29 -7.37
C THR L 483 43.24 9.82 -8.72
N GLN L 484 43.46 8.50 -8.81
CA GLN L 484 43.84 7.85 -10.07
C GLN L 484 43.27 6.44 -10.10
N ASP L 485 42.10 6.25 -10.69
CA ASP L 485 41.42 4.97 -10.75
C ASP L 485 41.41 4.41 -12.17
N ARG L 486 41.19 3.11 -12.27
CA ARG L 486 41.13 2.41 -13.54
C ARG L 486 40.05 1.36 -13.50
N ARG L 487 39.76 0.77 -14.65
CA ARG L 487 38.77 -0.28 -14.75
C ARG L 487 39.46 -1.62 -14.54
N GLY L 488 38.91 -2.44 -13.66
CA GLY L 488 39.50 -3.69 -13.30
C GLY L 488 38.81 -4.88 -13.95
N GLU L 489 38.96 -6.04 -13.33
CA GLU L 489 38.39 -7.26 -13.84
C GLU L 489 36.88 -7.27 -13.67
N THR L 490 36.24 -8.23 -14.31
CA THR L 490 34.79 -8.39 -14.23
C THR L 490 34.52 -9.59 -13.33
N VAL L 491 34.04 -9.31 -12.12
CA VAL L 491 33.73 -10.31 -11.10
C VAL L 491 32.31 -10.82 -11.28
N LYS L 492 31.99 -11.88 -10.52
CA LYS L 492 30.66 -12.55 -10.58
C LYS L 492 29.78 -12.04 -9.44
N THR L 493 28.56 -11.59 -9.75
CA THR L 493 27.61 -11.07 -8.74
C THR L 493 26.25 -11.75 -8.90
N GLY L 494 25.82 -12.53 -7.91
CA GLY L 494 24.56 -13.29 -8.00
C GLY L 494 24.57 -14.27 -9.15
N THR L 495 23.59 -14.18 -10.05
CA THR L 495 23.60 -14.95 -11.32
C THR L 495 24.21 -14.12 -12.44
N GLY L 496 24.71 -12.92 -12.12
CA GLY L 496 25.18 -11.97 -13.14
C GLY L 496 26.67 -11.67 -13.00
N GLU L 497 27.13 -10.61 -13.67
CA GLU L 497 28.49 -10.12 -13.56
C GLU L 497 28.48 -8.60 -13.53
N ALA L 498 29.60 -8.04 -13.09
CA ALA L 498 29.76 -6.59 -13.04
C ALA L 498 31.25 -6.28 -13.09
N VAL L 499 31.58 -5.00 -13.18
CA VAL L 499 32.94 -4.54 -13.40
C VAL L 499 33.47 -3.96 -12.09
N SER L 500 34.70 -4.31 -11.73
CA SER L 500 35.35 -3.78 -10.54
C SER L 500 36.32 -2.67 -10.91
N ILE L 501 36.77 -1.91 -9.91
CA ILE L 501 37.57 -0.72 -10.11
C ILE L 501 38.80 -0.79 -9.23
N ASP L 502 39.95 -0.39 -9.76
CA ASP L 502 41.21 -0.29 -9.01
C ASP L 502 41.54 1.16 -8.72
N THR L 503 41.80 1.49 -7.46
CA THR L 503 41.85 2.87 -7.00
C THR L 503 43.17 3.24 -6.32
N GLN L 504 43.49 4.53 -6.34
CA GLN L 504 44.48 5.18 -5.48
C GLN L 504 43.93 6.55 -5.13
N ARG L 505 43.87 6.88 -3.85
CA ARG L 505 43.22 8.10 -3.42
C ARG L 505 43.96 8.73 -2.26
N ILE L 506 43.95 10.06 -2.24
CA ILE L 506 44.46 10.80 -1.10
C ILE L 506 43.66 12.09 -0.95
N GLY L 507 43.28 12.38 0.28
CA GLY L 507 42.54 13.59 0.59
C GLY L 507 43.05 14.23 1.87
N THR L 508 43.33 15.53 1.82
CA THR L 508 43.98 16.18 2.95
C THR L 508 43.66 17.67 2.99
N GLN L 509 44.20 18.31 4.02
CA GLN L 509 44.33 19.76 4.08
C GLN L 509 45.76 20.07 4.47
N VAL L 510 46.44 20.90 3.68
CA VAL L 510 47.84 21.20 3.94
C VAL L 510 48.07 22.71 3.86
N LEU L 511 49.26 23.11 4.30
CA LEU L 511 49.69 24.50 4.39
C LEU L 511 51.08 24.61 3.80
N VAL L 512 51.23 25.32 2.68
CA VAL L 512 52.45 25.27 1.89
C VAL L 512 52.84 26.66 1.43
N ASN L 513 54.15 26.92 1.37
CA ASN L 513 54.66 28.21 0.94
C ASN L 513 54.30 28.47 -0.52
N ASN L 514 54.53 29.71 -0.97
CA ASN L 514 53.95 30.15 -2.23
C ASN L 514 54.37 29.32 -3.43
N GLY L 515 55.67 29.21 -3.70
CA GLY L 515 56.05 28.59 -4.96
C GLY L 515 56.94 27.36 -4.86
N GLU L 516 56.72 26.50 -3.87
CA GLU L 516 57.53 25.29 -3.73
C GLU L 516 56.67 24.06 -3.57
N THR L 517 57.33 22.90 -3.62
CA THR L 517 56.65 21.61 -3.63
C THR L 517 56.71 20.95 -2.25
N VAL L 518 55.68 20.18 -1.95
CA VAL L 518 55.63 19.32 -0.77
C VAL L 518 55.16 17.95 -1.22
N VAL L 519 55.59 16.91 -0.52
CA VAL L 519 55.07 15.57 -0.77
C VAL L 519 53.90 15.30 0.18
N LEU L 520 52.75 14.98 -0.39
CA LEU L 520 51.54 14.78 0.41
C LEU L 520 51.52 13.41 1.04
N GLY L 521 51.96 12.39 0.31
CA GLY L 521 51.99 11.04 0.83
C GLY L 521 52.62 10.10 -0.17
N GLY L 522 52.73 8.85 0.24
CA GLY L 522 53.27 7.83 -0.63
C GLY L 522 53.04 6.47 0.00
N ILE L 523 53.32 5.45 -0.80
CA ILE L 523 53.24 4.06 -0.35
C ILE L 523 54.46 3.31 -0.85
N PHE L 524 55.07 2.52 0.03
CA PHE L 524 56.24 1.73 -0.30
C PHE L 524 55.93 0.26 -0.06
N GLN L 525 56.35 -0.61 -0.97
CA GLN L 525 56.13 -2.05 -0.78
C GLN L 525 57.35 -2.85 -1.21
N HIS L 526 57.55 -3.98 -0.54
CA HIS L 526 58.65 -4.88 -0.83
C HIS L 526 58.21 -6.31 -0.54
N SER L 527 58.70 -7.27 -1.31
CA SER L 527 58.35 -8.66 -1.01
C SER L 527 59.42 -9.61 -1.55
N ILE L 528 59.59 -10.75 -0.86
CA ILE L 528 60.60 -11.76 -1.16
C ILE L 528 60.03 -13.14 -0.89
N ASN L 529 60.19 -14.06 -1.85
CA ASN L 529 59.73 -15.43 -1.69
C ASN L 529 60.84 -16.41 -2.08
N ASN L 530 60.95 -17.50 -1.32
CA ASN L 530 61.89 -18.57 -1.62
C ASN L 530 61.19 -19.91 -1.42
N SER L 531 61.61 -20.90 -2.20
CA SER L 531 61.02 -22.23 -2.02
C SER L 531 61.94 -23.29 -2.58
N VAL L 532 61.89 -24.49 -1.98
CA VAL L 532 62.69 -25.64 -2.39
C VAL L 532 61.84 -26.89 -2.22
N ASP L 533 61.94 -27.81 -3.18
CA ASP L 533 61.47 -29.17 -2.90
C ASP L 533 62.51 -30.16 -3.38
N LYS L 534 62.85 -31.12 -2.53
CA LYS L 534 64.04 -31.92 -2.77
C LYS L 534 63.82 -33.35 -2.33
N VAL L 535 64.87 -34.15 -2.49
CA VAL L 535 64.87 -35.53 -2.01
C VAL L 535 65.45 -35.56 -0.59
N PRO L 536 64.81 -36.24 0.35
CA PRO L 536 65.10 -35.98 1.79
C PRO L 536 66.55 -35.90 2.20
N LEU L 537 67.45 -36.69 1.62
CA LEU L 537 68.83 -36.63 2.05
C LEU L 537 69.81 -36.22 0.96
N LEU L 538 69.50 -36.49 -0.30
CA LEU L 538 70.44 -36.22 -1.39
C LEU L 538 70.43 -34.77 -1.81
N GLY L 539 69.30 -34.08 -1.67
CA GLY L 539 69.20 -32.71 -2.12
C GLY L 539 69.94 -31.72 -1.26
N ASP L 540 70.88 -32.22 -0.46
CA ASP L 540 71.68 -31.37 0.41
C ASP L 540 73.17 -31.59 0.21
N LEU L 541 73.58 -32.50 -0.67
CA LEU L 541 74.99 -32.75 -0.91
C LEU L 541 75.65 -31.52 -1.52
N PRO L 542 76.93 -31.29 -1.22
CA PRO L 542 77.54 -29.98 -1.54
C PRO L 542 77.46 -29.57 -3.00
N VAL L 543 77.86 -30.42 -3.93
CA VAL L 543 77.85 -30.04 -5.33
C VAL L 543 76.86 -30.88 -6.12
N LEU L 544 76.71 -32.15 -5.73
CA LEU L 544 75.78 -33.02 -6.43
C LEU L 544 74.32 -32.71 -6.12
N GLY L 545 74.05 -31.98 -5.03
CA GLY L 545 72.69 -31.80 -4.57
C GLY L 545 71.78 -31.18 -5.61
N ALA L 546 72.32 -30.35 -6.50
CA ALA L 546 71.53 -29.68 -7.52
C ALA L 546 70.85 -30.67 -8.46
N LEU L 547 71.20 -31.95 -8.42
CA LEU L 547 70.55 -32.95 -9.23
C LEU L 547 69.29 -33.50 -8.58
N PHE L 548 68.96 -33.08 -7.35
CA PHE L 548 67.91 -33.70 -6.57
C PHE L 548 66.96 -32.67 -5.98
N ARG L 549 66.77 -31.54 -6.64
CA ARG L 549 65.97 -30.48 -6.01
C ARG L 549 65.51 -29.49 -7.05
N ARG L 550 64.37 -28.86 -6.78
CA ARG L 550 63.89 -27.71 -7.53
C ARG L 550 63.88 -26.50 -6.61
N THR L 551 64.34 -25.38 -7.13
CA THR L 551 64.54 -24.14 -6.39
C THR L 551 63.81 -22.98 -7.08
N TYR L 552 63.14 -22.16 -6.29
CA TYR L 552 62.34 -21.05 -6.80
C TYR L 552 62.62 -19.80 -5.97
N GLU L 553 62.77 -18.66 -6.62
CA GLU L 553 63.04 -17.42 -5.89
C GLU L 553 62.47 -16.21 -6.61
N GLN L 554 61.82 -15.33 -5.85
CA GLN L 554 61.14 -14.19 -6.46
C GLN L 554 61.26 -12.96 -5.57
N MET L 555 61.38 -11.76 -6.16
CA MET L 555 61.47 -10.51 -5.40
C MET L 555 60.77 -9.36 -6.14
N GLY L 556 60.01 -8.54 -5.40
CA GLY L 556 59.31 -7.41 -5.99
C GLY L 556 59.46 -6.16 -5.16
N LYS L 557 59.35 -5.01 -5.82
CA LYS L 557 59.46 -3.74 -5.12
C LYS L 557 58.64 -2.66 -5.82
N SER L 558 57.95 -1.83 -5.05
CA SER L 558 57.06 -0.83 -5.63
C SER L 558 57.09 0.44 -4.80
N GLU L 559 56.89 1.58 -5.47
CA GLU L 559 56.93 2.86 -4.76
C GLU L 559 56.03 3.88 -5.46
N LEU L 560 55.23 4.58 -4.65
CA LEU L 560 54.30 5.61 -5.16
C LEU L 560 54.49 6.90 -4.35
N LEU L 561 54.48 8.04 -5.03
CA LEU L 561 54.63 9.35 -4.40
C LEU L 561 53.68 10.36 -5.01
N ILE L 562 53.20 11.30 -4.19
CA ILE L 562 52.32 12.37 -4.67
C ILE L 562 52.87 13.72 -4.22
N PHE L 563 53.07 14.64 -5.17
CA PHE L 563 53.56 15.98 -4.93
C PHE L 563 52.50 17.02 -5.30
N VAL L 564 52.63 18.21 -4.73
CA VAL L 564 51.79 19.34 -5.11
C VAL L 564 52.61 20.62 -5.00
N THR L 565 52.31 21.57 -5.89
CA THR L 565 52.99 22.87 -5.88
C THR L 565 52.06 23.99 -6.34
N PRO L 566 51.70 24.91 -5.48
CA PRO L 566 50.86 26.04 -5.87
C PRO L 566 51.69 27.26 -6.26
N LYS L 567 51.00 28.26 -6.82
CA LYS L 567 51.64 29.51 -7.28
C LYS L 567 50.59 30.59 -7.49
N VAL L 568 50.90 31.80 -7.04
CA VAL L 568 49.99 32.94 -7.18
C VAL L 568 50.34 33.66 -8.48
N VAL L 569 49.34 33.83 -9.34
CA VAL L 569 49.56 34.49 -10.62
C VAL L 569 49.68 35.99 -10.38
N ILE L 570 50.87 36.52 -10.64
CA ILE L 570 51.16 37.93 -10.43
C ILE L 570 50.96 38.78 -11.68
N GLN L 571 50.02 38.46 -12.56
CA GLN L 571 49.65 39.33 -13.71
C GLN L 571 50.88 39.84 -14.51
N SER M 160 -31.14 6.41 94.54
CA SER M 160 -31.37 7.37 95.60
C SER M 160 -31.17 8.80 95.10
N ILE M 161 -31.44 9.02 93.81
CA ILE M 161 -31.15 10.27 93.14
C ILE M 161 -32.45 10.98 92.82
N ASN M 162 -32.51 12.27 93.16
CA ASN M 162 -33.60 13.15 92.73
C ASN M 162 -33.02 14.56 92.67
N PHE M 163 -32.68 15.01 91.46
CA PHE M 163 -32.02 16.29 91.26
C PHE M 163 -32.87 17.15 90.35
N GLN M 164 -33.38 18.26 90.88
CA GLN M 164 -34.19 19.19 90.13
C GLN M 164 -33.42 20.49 89.98
N ASP M 165 -33.29 20.98 88.74
CA ASP M 165 -32.56 22.23 88.49
C ASP M 165 -31.15 22.15 89.06
N ILE M 166 -30.54 20.98 88.91
CA ILE M 166 -29.17 20.72 89.36
C ILE M 166 -28.28 20.69 88.12
N PRO M 167 -27.16 21.42 88.11
CA PRO M 167 -26.28 21.38 86.95
C PRO M 167 -25.73 19.98 86.70
N VAL M 168 -25.44 19.70 85.43
CA VAL M 168 -24.90 18.40 85.06
C VAL M 168 -23.57 18.15 85.78
N ARG M 169 -22.78 19.21 85.97
CA ARG M 169 -21.53 19.09 86.72
C ARG M 169 -21.78 18.57 88.13
N ASN M 170 -22.85 19.04 88.78
CA ASN M 170 -23.08 18.67 90.17
C ASN M 170 -23.55 17.23 90.29
N VAL M 171 -24.47 16.80 89.44
CA VAL M 171 -24.91 15.39 89.48
C VAL M 171 -23.77 14.47 89.07
N LEU M 172 -22.89 14.91 88.17
CA LEU M 172 -21.75 14.09 87.79
C LEU M 172 -20.75 13.99 88.94
N GLN M 173 -20.54 15.08 89.67
CA GLN M 173 -19.66 15.01 90.84
C GLN M 173 -20.28 14.15 91.93
N LEU M 174 -21.61 14.11 92.01
CA LEU M 174 -22.26 13.21 92.95
C LEU M 174 -22.02 11.76 92.55
N ILE M 175 -22.25 11.43 91.29
CA ILE M 175 -21.97 10.08 90.79
C ILE M 175 -20.51 9.71 91.03
N ALA M 176 -19.61 10.69 90.93
CA ALA M 176 -18.20 10.44 91.23
C ALA M 176 -18.00 10.10 92.70
N ASP M 177 -18.40 11.02 93.59
CA ASP M 177 -18.19 10.88 95.03
C ASP M 177 -18.99 9.75 95.65
N TYR M 178 -19.74 8.98 94.87
CA TYR M 178 -20.55 7.89 95.37
C TYR M 178 -19.82 6.55 95.36
N ASN M 179 -18.50 6.58 95.50
CA ASN M 179 -17.57 5.44 95.49
C ASN M 179 -17.31 4.92 94.08
N GLY M 180 -17.76 5.63 93.05
CA GLY M 180 -17.38 5.28 91.70
C GLY M 180 -16.00 5.80 91.36
N PHE M 181 -15.53 5.42 90.17
CA PHE M 181 -14.21 5.87 89.72
C PHE M 181 -14.23 7.36 89.46
N ASN M 182 -13.15 8.03 89.87
CA ASN M 182 -13.08 9.48 89.81
C ASN M 182 -13.32 9.98 88.39
N LEU M 183 -14.09 11.05 88.27
CA LEU M 183 -14.40 11.64 86.96
C LEU M 183 -14.28 13.15 87.02
N VAL M 184 -13.97 13.74 85.88
CA VAL M 184 -13.78 15.19 85.75
C VAL M 184 -14.50 15.67 84.51
N VAL M 185 -14.85 16.96 84.51
CA VAL M 185 -15.59 17.56 83.40
C VAL M 185 -14.88 18.83 82.92
N SER M 186 -15.40 19.41 81.85
CA SER M 186 -14.85 20.64 81.29
C SER M 186 -15.38 21.85 82.05
N ASP M 187 -15.14 23.05 81.50
CA ASP M 187 -15.57 24.27 82.16
C ASP M 187 -17.08 24.45 82.07
N SER M 188 -17.60 24.60 80.85
CA SER M 188 -19.03 24.73 80.59
C SER M 188 -19.39 23.57 79.66
N VAL M 189 -19.73 22.43 80.26
CA VAL M 189 -19.85 21.20 79.50
C VAL M 189 -21.24 21.10 78.88
N VAL M 190 -22.26 20.95 79.71
CA VAL M 190 -23.61 20.68 79.22
C VAL M 190 -24.57 21.74 79.75
N GLY M 191 -24.65 21.85 81.07
CA GLY M 191 -25.55 22.79 81.71
C GLY M 191 -26.29 22.20 82.89
N ASN M 192 -27.61 22.25 82.84
CA ASN M 192 -28.49 21.88 83.93
C ASN M 192 -29.48 20.83 83.48
N LEU M 193 -30.10 20.14 84.44
CA LEU M 193 -31.16 19.17 84.14
C LEU M 193 -32.00 18.91 85.39
N THR M 194 -32.84 17.88 85.28
CA THR M 194 -33.75 17.49 86.35
C THR M 194 -34.28 16.09 86.06
N LEU M 195 -34.13 15.20 87.03
CA LEU M 195 -34.62 13.82 86.92
C LEU M 195 -34.47 13.14 88.27
N ARG M 196 -35.22 12.05 88.45
CA ARG M 196 -35.23 11.29 89.70
C ARG M 196 -35.34 9.81 89.40
N LEU M 197 -34.41 9.03 89.95
CA LEU M 197 -34.38 7.59 89.79
C LEU M 197 -33.67 6.96 90.98
N ASP M 198 -33.87 5.65 91.15
CA ASP M 198 -33.29 4.94 92.28
C ASP M 198 -33.32 3.44 92.00
N GLY M 199 -32.43 2.70 92.69
CA GLY M 199 -32.39 1.26 92.62
C GLY M 199 -32.04 0.70 91.26
N VAL M 200 -30.94 1.18 90.68
CA VAL M 200 -30.59 0.86 89.30
C VAL M 200 -29.07 0.88 89.15
N PRO M 201 -28.51 0.26 88.11
CA PRO M 201 -27.06 0.35 87.91
C PRO M 201 -26.65 1.71 87.38
N TRP M 202 -25.40 2.08 87.68
CA TRP M 202 -24.84 3.32 87.15
C TRP M 202 -24.72 3.27 85.63
N GLN M 203 -24.54 2.07 85.08
CA GLN M 203 -24.36 1.94 83.64
C GLN M 203 -25.56 2.47 82.88
N GLN M 204 -26.75 1.96 83.19
CA GLN M 204 -27.95 2.35 82.45
C GLN M 204 -28.28 3.83 82.63
N VAL M 205 -28.24 4.31 83.87
CA VAL M 205 -28.61 5.70 84.15
C VAL M 205 -27.61 6.65 83.50
N LEU M 206 -26.31 6.39 83.72
CA LEU M 206 -25.28 7.23 83.13
C LEU M 206 -25.39 7.25 81.62
N ASP M 207 -25.58 6.08 81.00
CA ASP M 207 -25.65 6.04 79.55
C ASP M 207 -26.90 6.75 79.03
N ILE M 208 -28.05 6.57 79.67
CA ILE M 208 -29.25 7.22 79.17
C ILE M 208 -29.13 8.73 79.31
N ILE M 209 -28.50 9.21 80.38
CA ILE M 209 -28.24 10.64 80.51
C ILE M 209 -27.32 11.12 79.39
N LEU M 210 -26.18 10.44 79.21
CA LEU M 210 -25.21 10.87 78.22
C LEU M 210 -25.71 10.71 76.79
N GLN M 211 -26.78 9.93 76.59
CA GLN M 211 -27.37 9.80 75.26
C GLN M 211 -28.39 10.90 75.01
N VAL M 212 -29.35 11.07 75.92
CA VAL M 212 -30.46 11.98 75.65
C VAL M 212 -29.97 13.43 75.60
N LYS M 213 -29.40 13.91 76.69
CA LYS M 213 -28.93 15.29 76.74
C LYS M 213 -27.44 15.35 77.04
N GLY M 214 -26.96 14.42 77.86
CA GLY M 214 -25.57 14.41 78.26
C GLY M 214 -24.62 14.27 77.09
N LEU M 215 -23.35 14.48 77.39
CA LEU M 215 -22.28 14.46 76.40
C LEU M 215 -21.53 13.12 76.41
N ASP M 216 -20.34 13.10 75.82
CA ASP M 216 -19.55 11.88 75.72
C ASP M 216 -18.46 11.83 76.79
N LYS M 217 -17.91 10.63 76.99
CA LYS M 217 -16.92 10.39 78.02
C LYS M 217 -15.85 9.43 77.52
N ARG M 218 -14.65 9.59 78.07
CA ARG M 218 -13.51 8.73 77.75
C ARG M 218 -12.79 8.33 79.03
N VAL M 219 -12.26 7.12 79.05
CA VAL M 219 -11.55 6.59 80.21
C VAL M 219 -10.09 6.37 79.84
N ASP M 220 -9.19 6.93 80.65
CA ASP M 220 -7.75 6.81 80.44
C ASP M 220 -7.18 5.54 81.04
N GLY M 221 -8.02 4.65 81.56
CA GLY M 221 -7.56 3.45 82.22
C GLY M 221 -7.99 3.38 83.67
N ASN M 222 -7.96 4.53 84.36
CA ASN M 222 -8.37 4.59 85.75
C ASN M 222 -9.53 5.55 86.00
N VAL M 223 -9.44 6.78 85.50
CA VAL M 223 -10.44 7.80 85.78
C VAL M 223 -11.12 8.22 84.49
N ILE M 224 -12.29 8.85 84.65
CA ILE M 224 -13.18 9.15 83.53
C ILE M 224 -13.22 10.65 83.32
N LEU M 225 -13.29 11.07 82.06
CA LEU M 225 -13.41 12.47 81.69
C LEU M 225 -14.64 12.63 80.80
N ILE M 226 -15.33 13.76 80.95
CA ILE M 226 -16.54 14.03 80.20
C ILE M 226 -16.34 15.31 79.40
N ALA M 227 -16.94 15.37 78.22
CA ALA M 227 -16.86 16.54 77.36
C ALA M 227 -17.88 16.38 76.24
N PRO M 228 -18.25 17.48 75.59
CA PRO M 228 -19.12 17.38 74.41
C PRO M 228 -18.43 16.67 73.26
N LYS M 229 -19.25 16.04 72.40
CA LYS M 229 -18.70 15.31 71.27
C LYS M 229 -18.00 16.23 70.29
N GLU M 230 -18.39 17.51 70.24
CA GLU M 230 -17.78 18.44 69.29
C GLU M 230 -16.30 18.61 69.57
N GLU M 231 -15.92 18.84 70.83
CA GLU M 231 -14.51 19.00 71.15
C GLU M 231 -13.74 17.71 70.94
N LEU M 232 -14.35 16.56 71.22
CA LEU M 232 -13.66 15.28 71.01
C LEU M 232 -13.37 15.05 69.53
N ASP M 233 -14.38 15.25 68.68
CA ASP M 233 -14.17 15.07 67.25
C ASP M 233 -13.20 16.11 66.69
N LEU M 234 -13.24 17.33 67.24
CA LEU M 234 -12.28 18.34 66.80
C LEU M 234 -10.86 17.95 67.16
N ARG M 235 -10.66 17.45 68.38
CA ARG M 235 -9.33 17.01 68.80
C ARG M 235 -8.84 15.85 67.93
N GLU M 236 -9.73 14.92 67.62
CA GLU M 236 -9.34 13.80 66.77
C GLU M 236 -8.95 14.27 65.37
N LYS M 237 -9.75 15.17 64.78
CA LYS M 237 -9.42 15.69 63.46
C LYS M 237 -8.10 16.45 63.48
N GLN M 238 -7.85 17.23 64.54
CA GLN M 238 -6.58 17.93 64.66
C GLN M 238 -5.41 16.95 64.70
N ALA M 239 -5.55 15.89 65.50
CA ALA M 239 -4.46 14.92 65.61
C ALA M 239 -4.22 14.21 64.28
N LEU M 240 -5.28 13.83 63.58
CA LEU M 240 -5.13 13.16 62.29
C LEU M 240 -4.48 14.09 61.27
N GLU M 241 -4.91 15.34 61.21
CA GLU M 241 -4.31 16.28 60.26
C GLU M 241 -2.84 16.53 60.58
N LYS M 242 -2.51 16.62 61.88
CA LYS M 242 -1.11 16.79 62.25
C LYS M 242 -0.27 15.59 61.80
N ALA M 243 -0.77 14.38 62.05
CA ALA M 243 -0.03 13.19 61.63
C ALA M 243 0.15 13.16 60.11
N ARG M 244 -0.93 13.42 59.36
CA ARG M 244 -0.85 13.34 57.91
C ARG M 244 0.10 14.40 57.34
N LEU M 245 0.07 15.62 57.89
CA LEU M 245 0.94 16.66 57.36
C LEU M 245 2.39 16.43 57.76
N ALA M 246 2.62 15.92 58.98
CA ALA M 246 3.99 15.63 59.39
C ALA M 246 4.58 14.49 58.58
N GLU M 247 3.76 13.49 58.25
CA GLU M 247 4.26 12.41 57.40
C GLU M 247 4.37 12.84 55.95
N GLU M 248 3.67 13.90 55.56
CA GLU M 248 3.83 14.43 54.21
C GLU M 248 5.14 15.21 54.08
N LEU M 249 5.25 16.30 54.83
CA LEU M 249 6.42 17.19 54.71
C LEU M 249 7.39 16.91 55.85
N GLY M 250 8.26 15.93 55.60
CA GLY M 250 9.33 15.58 56.51
C GLY M 250 10.69 15.72 55.85
N ASP M 251 11.72 15.58 56.67
CA ASP M 251 13.10 15.59 56.19
C ASP M 251 13.49 14.17 55.80
N LEU M 252 13.95 14.00 54.57
CA LEU M 252 14.25 12.67 54.04
C LEU M 252 15.67 12.25 54.38
N LYS M 253 15.88 10.93 54.41
CA LYS M 253 17.19 10.34 54.65
C LYS M 253 17.47 9.31 53.57
N SER M 254 18.75 9.15 53.25
CA SER M 254 19.19 8.27 52.16
C SER M 254 20.23 7.29 52.70
N GLU M 255 20.06 6.01 52.39
CA GLU M 255 21.01 5.00 52.85
C GLU M 255 20.84 3.72 52.03
N ILE M 256 21.73 2.76 52.26
CA ILE M 256 21.82 1.55 51.45
C ILE M 256 21.53 0.32 52.31
N ILE M 257 20.80 -0.62 51.71
CA ILE M 257 20.40 -1.87 52.34
C ILE M 257 21.05 -3.01 51.57
N LYS M 258 21.82 -3.85 52.26
CA LYS M 258 22.50 -4.96 51.63
C LYS M 258 21.62 -6.20 51.66
N ILE M 259 21.52 -6.89 50.53
CA ILE M 259 20.64 -8.03 50.36
C ILE M 259 21.48 -9.28 50.13
N ASN M 260 21.13 -10.37 50.78
CA ASN M 260 21.72 -11.67 50.54
C ASN M 260 20.62 -12.71 50.43
N PHE M 261 20.86 -13.74 49.62
CA PHE M 261 20.00 -14.87 49.33
C PHE M 261 18.89 -14.54 48.33
N ALA M 262 18.71 -13.29 47.94
CA ALA M 262 17.68 -12.94 46.98
C ALA M 262 18.23 -11.88 46.04
N LYS M 263 17.64 -11.78 44.86
CA LYS M 263 18.04 -10.75 43.92
C LYS M 263 17.46 -9.41 44.32
N ALA M 264 18.28 -8.37 44.26
CA ALA M 264 17.83 -7.05 44.66
C ALA M 264 16.85 -6.45 43.66
N SER M 265 16.92 -6.86 42.40
CA SER M 265 16.00 -6.32 41.41
C SER M 265 14.57 -6.77 41.66
N ASP M 266 14.38 -8.03 42.02
CA ASP M 266 13.05 -8.52 42.36
C ASP M 266 12.48 -7.79 43.57
N ILE M 267 13.31 -7.58 44.60
CA ILE M 267 12.85 -6.92 45.80
C ILE M 267 12.52 -5.46 45.53
N ALA M 268 13.33 -4.78 44.71
CA ALA M 268 13.01 -3.41 44.34
C ALA M 268 11.74 -3.33 43.51
N ALA M 269 11.43 -4.37 42.75
CA ALA M 269 10.20 -4.35 41.97
C ALA M 269 8.98 -4.65 42.86
N MET M 270 9.19 -5.37 43.95
CA MET M 270 8.07 -5.63 44.85
C MET M 270 7.79 -4.47 45.79
N ILE M 271 8.84 -3.84 46.33
CA ILE M 271 8.63 -2.77 47.32
C ILE M 271 8.15 -1.50 46.64
N GLY M 272 8.77 -1.12 45.54
CA GLY M 272 8.31 0.02 44.79
C GLY M 272 7.40 -0.38 43.65
N GLY M 273 7.76 -0.01 42.42
CA GLY M 273 7.07 -0.53 41.26
C GLY M 273 6.22 0.46 40.51
N GLU M 274 5.22 -0.05 39.78
CA GLU M 274 4.42 0.78 38.91
C GLU M 274 3.44 1.63 39.71
N GLY M 275 3.48 2.93 39.47
CA GLY M 275 2.57 3.86 40.13
C GLY M 275 2.83 4.01 41.62
N ASN M 276 2.33 5.09 42.21
CA ASN M 276 2.55 5.36 43.62
C ASN M 276 1.50 4.73 44.52
N VAL M 277 0.36 4.32 43.98
CA VAL M 277 -0.68 3.70 44.80
C VAL M 277 -0.20 2.36 45.32
N ASN M 278 0.50 1.59 44.47
CA ASN M 278 1.02 0.31 44.91
C ASN M 278 2.22 0.49 45.83
N MET M 279 3.08 1.45 45.51
CA MET M 279 4.33 1.64 46.23
C MET M 279 4.09 1.78 47.72
N LEU M 280 4.98 1.20 48.51
CA LEU M 280 4.98 1.41 49.94
C LEU M 280 5.82 2.63 50.27
N SER M 281 5.56 3.75 49.60
CA SER M 281 6.36 4.96 49.77
C SER M 281 5.44 6.17 49.57
N GLU M 282 5.95 7.34 49.94
CA GLU M 282 5.17 8.58 49.87
C GLU M 282 5.77 9.61 48.92
N ARG M 283 7.00 10.05 49.21
CA ARG M 283 7.75 10.90 48.25
C ARG M 283 9.24 10.55 48.31
N GLY M 284 9.55 9.26 48.55
CA GLY M 284 10.82 8.67 48.09
C GLY M 284 10.51 7.40 47.30
N SER M 285 11.50 6.51 47.17
CA SER M 285 12.19 6.07 45.92
C SER M 285 13.22 4.99 46.26
N ILE M 286 13.26 3.91 45.48
CA ILE M 286 14.34 2.88 45.58
C ILE M 286 15.21 2.95 44.33
N SER M 287 16.50 2.63 44.46
CA SER M 287 17.34 2.35 43.30
C SER M 287 18.12 1.07 43.54
N ILE M 288 18.57 0.46 42.45
CA ILE M 288 19.29 -0.80 42.51
C ILE M 288 20.76 -0.55 42.19
N ASP M 289 21.63 -1.26 42.90
CA ASP M 289 23.06 -1.34 42.57
C ASP M 289 23.36 -2.80 42.34
N GLU M 290 23.50 -3.18 41.06
CA GLU M 290 23.63 -4.58 40.68
C GLU M 290 25.02 -5.14 40.94
N ARG M 291 26.05 -4.31 40.90
CA ARG M 291 27.40 -4.79 41.06
C ARG M 291 27.58 -5.48 42.40
N THR M 292 26.99 -4.92 43.46
CA THR M 292 27.16 -5.43 44.81
C THR M 292 25.86 -5.95 45.43
N ASN M 293 24.80 -6.09 44.63
CA ASN M 293 23.52 -6.62 45.10
C ASN M 293 22.97 -5.81 46.28
N SER M 294 22.67 -4.55 46.02
CA SER M 294 22.25 -3.65 47.09
C SER M 294 21.13 -2.73 46.63
N LEU M 295 20.36 -2.25 47.60
CA LEU M 295 19.33 -1.25 47.38
C LEU M 295 19.77 0.08 47.98
N LEU M 296 19.32 1.17 47.37
CA LEU M 296 19.64 2.52 47.82
C LEU M 296 18.32 3.27 47.93
N ILE M 297 17.89 3.57 49.16
CA ILE M 297 16.55 4.08 49.43
C ILE M 297 16.65 5.48 50.03
N ARG M 298 15.68 6.33 49.67
CA ARG M 298 15.58 7.69 50.17
C ARG M 298 14.14 7.94 50.60
N GLU M 299 13.91 8.02 51.91
CA GLU M 299 12.57 8.14 52.45
C GLU M 299 12.61 8.67 53.88
N LEU M 300 11.45 8.67 54.52
CA LEU M 300 11.35 9.16 55.89
C LEU M 300 12.01 8.16 56.84
N PRO M 301 12.78 8.64 57.82
CA PRO M 301 13.53 7.72 58.69
C PRO M 301 12.65 6.82 59.55
N ASP M 302 11.34 6.87 59.36
CA ASP M 302 10.42 6.02 60.09
C ASP M 302 9.94 4.85 59.22
N ASN M 303 9.85 5.09 57.92
CA ASN M 303 9.45 4.06 56.97
C ASN M 303 10.65 3.17 56.65
N ILE M 304 11.87 3.69 56.85
CA ILE M 304 13.06 2.90 56.61
C ILE M 304 13.10 1.71 57.55
N ALA M 305 12.63 1.89 58.79
CA ALA M 305 12.72 0.81 59.77
C ALA M 305 11.75 -0.32 59.46
N VAL M 306 10.53 0.00 59.05
CA VAL M 306 9.57 -1.05 58.73
C VAL M 306 9.97 -1.75 57.44
N ILE M 307 10.40 -1.00 56.43
CA ILE M 307 10.89 -1.60 55.20
C ILE M 307 12.06 -2.52 55.50
N ARG M 308 12.99 -2.08 56.36
CA ARG M 308 14.15 -2.89 56.70
C ARG M 308 13.74 -4.18 57.40
N GLU M 309 12.76 -4.10 58.31
CA GLU M 309 12.32 -5.29 59.02
C GLU M 309 11.64 -6.29 58.08
N ILE M 310 10.80 -5.80 57.18
CA ILE M 310 10.12 -6.69 56.24
C ILE M 310 11.13 -7.37 55.31
N ILE M 311 11.98 -6.58 54.65
CA ILE M 311 12.90 -7.20 53.70
C ILE M 311 14.03 -7.95 54.39
N GLU M 312 14.18 -7.82 55.70
CA GLU M 312 15.03 -8.76 56.42
C GLU M 312 14.28 -10.03 56.75
N SER M 313 12.95 -9.96 56.84
CA SER M 313 12.14 -11.17 57.01
C SER M 313 11.95 -11.94 55.71
N LEU M 314 12.15 -11.33 54.55
CA LEU M 314 11.89 -12.03 53.29
C LEU M 314 13.08 -12.87 52.83
N ASP M 315 14.26 -12.27 52.70
CA ASP M 315 15.36 -12.97 52.04
C ASP M 315 15.91 -14.07 52.93
N ILE M 316 15.54 -15.31 52.61
CA ILE M 316 15.98 -16.51 53.32
C ILE M 316 16.32 -17.59 52.30
N PRO M 317 17.15 -18.55 52.68
CA PRO M 317 17.42 -19.68 51.77
C PRO M 317 16.19 -20.55 51.59
N VAL M 318 16.05 -21.08 50.37
CA VAL M 318 14.89 -21.89 50.01
C VAL M 318 15.31 -23.34 49.86
N LYS M 319 14.32 -24.20 49.66
CA LYS M 319 14.51 -25.64 49.52
C LYS M 319 14.74 -26.01 48.05
N GLN M 320 15.17 -27.24 47.83
CA GLN M 320 15.41 -27.77 46.49
C GLN M 320 14.71 -29.10 46.34
N VAL M 321 14.21 -29.35 45.15
CA VAL M 321 13.41 -30.54 44.85
C VAL M 321 14.04 -31.26 43.67
N GLN M 322 13.91 -32.58 43.69
CA GLN M 322 14.38 -33.46 42.63
C GLN M 322 13.19 -34.19 42.04
N ILE M 323 13.00 -34.06 40.72
CA ILE M 323 11.83 -34.62 40.05
C ILE M 323 12.28 -35.64 39.01
N GLU M 324 11.64 -36.80 39.01
CA GLU M 324 11.99 -37.86 38.07
C GLU M 324 10.79 -38.51 37.41
N ALA M 325 10.70 -38.38 36.09
CA ALA M 325 9.64 -38.96 35.31
C ALA M 325 10.07 -40.32 34.74
N ARG M 326 9.10 -41.14 34.42
CA ARG M 326 9.40 -42.47 33.88
C ARG M 326 8.34 -42.89 32.88
N ILE M 327 8.75 -43.13 31.64
CA ILE M 327 7.84 -43.51 30.56
C ILE M 327 8.15 -44.94 30.17
N VAL M 328 7.15 -45.81 30.21
CA VAL M 328 7.33 -47.23 29.93
C VAL M 328 6.35 -47.66 28.85
N THR M 329 6.82 -48.44 27.88
CA THR M 329 5.91 -48.98 26.88
C THR M 329 6.24 -50.43 26.55
N VAL M 330 5.19 -51.22 26.31
CA VAL M 330 5.30 -52.64 26.03
C VAL M 330 4.42 -53.00 24.84
N LYS M 331 4.95 -53.82 23.93
CA LYS M 331 4.22 -54.21 22.72
C LYS M 331 4.32 -55.70 22.49
N GLU M 332 3.24 -56.31 21.98
CA GLU M 332 3.25 -57.71 21.55
C GLU M 332 2.42 -57.89 20.29
N GLY M 333 2.80 -58.89 19.50
CA GLY M 333 2.08 -59.19 18.27
C GLY M 333 2.18 -60.62 17.79
N ASN M 334 1.12 -61.12 17.14
CA ASN M 334 1.07 -62.48 16.59
C ASN M 334 0.36 -62.50 15.25
N LEU M 335 0.81 -63.39 14.36
CA LEU M 335 0.22 -63.48 13.02
C LEU M 335 0.32 -64.91 12.53
N GLU M 336 -0.70 -65.37 11.79
CA GLU M 336 -0.70 -66.71 11.19
C GLU M 336 -1.54 -66.77 9.92
N GLU M 337 -1.01 -67.45 8.90
CA GLU M 337 -1.69 -67.57 7.62
C GLU M 337 -1.50 -68.95 6.96
N LEU M 338 -2.59 -69.48 6.41
CA LEU M 338 -2.59 -70.78 5.72
C LEU M 338 -3.20 -70.66 4.33
N GLY M 339 -2.60 -71.31 3.34
CA GLY M 339 -3.12 -71.19 1.98
C GLY M 339 -2.85 -72.43 1.16
N VAL M 340 -3.64 -72.59 0.09
CA VAL M 340 -3.62 -73.79 -0.73
C VAL M 340 -3.79 -73.45 -2.21
N ARG M 341 -3.05 -74.18 -3.05
CA ARG M 341 -3.06 -73.93 -4.49
C ARG M 341 -3.08 -75.28 -5.20
N TRP M 342 -4.16 -75.63 -5.88
CA TRP M 342 -4.16 -76.91 -6.58
C TRP M 342 -4.88 -76.83 -7.91
N GLY M 343 -4.55 -77.79 -8.77
CA GLY M 343 -5.09 -77.82 -10.12
C GLY M 343 -5.12 -79.22 -10.69
N VAL M 344 -5.99 -79.42 -11.69
CA VAL M 344 -6.13 -80.70 -12.36
C VAL M 344 -6.23 -80.46 -13.86
N MET M 345 -5.95 -81.51 -14.63
CA MET M 345 -5.98 -81.40 -16.08
C MET M 345 -6.11 -82.79 -16.66
N SER M 346 -7.21 -83.10 -17.33
CA SER M 346 -7.39 -84.46 -17.80
C SER M 346 -8.12 -84.47 -19.14
N THR M 347 -7.87 -85.51 -19.91
CA THR M 347 -8.53 -85.69 -21.20
C THR M 347 -8.92 -87.15 -21.36
N ASN M 348 -9.91 -87.40 -22.21
CA ASN M 348 -10.46 -88.74 -22.35
C ASN M 348 -10.66 -89.17 -23.79
N GLY M 349 -10.49 -88.27 -24.75
CA GLY M 349 -10.96 -88.52 -26.09
C GLY M 349 -12.31 -87.86 -26.26
N SER M 350 -12.32 -86.69 -26.91
CA SER M 350 -13.53 -85.88 -27.09
C SER M 350 -14.13 -85.40 -25.77
N HIS M 351 -13.45 -85.63 -24.65
CA HIS M 351 -13.91 -85.19 -23.34
C HIS M 351 -12.72 -84.69 -22.56
N SER M 352 -12.88 -83.56 -21.87
CA SER M 352 -11.79 -82.95 -21.14
C SER M 352 -12.29 -82.36 -19.84
N VAL M 353 -11.36 -82.09 -18.92
CA VAL M 353 -11.65 -81.42 -17.66
C VAL M 353 -10.47 -80.57 -17.27
N GLY M 354 -10.73 -79.33 -16.90
CA GLY M 354 -9.67 -78.39 -16.60
C GLY M 354 -10.13 -77.38 -15.56
N GLY M 355 -9.46 -76.24 -15.55
CA GLY M 355 -9.72 -75.20 -14.56
C GLY M 355 -10.11 -73.89 -15.22
N SER M 356 -10.40 -73.95 -16.51
CA SER M 356 -10.83 -72.78 -17.26
C SER M 356 -11.16 -73.20 -18.69
N ILE M 357 -11.62 -72.26 -19.50
CA ILE M 357 -11.92 -72.51 -20.90
C ILE M 357 -10.66 -72.44 -21.76
N GLU M 358 -9.75 -71.53 -21.44
CA GLU M 358 -8.48 -71.47 -22.16
C GLU M 358 -7.64 -72.70 -21.87
N SER M 359 -7.81 -73.30 -20.69
CA SER M 359 -7.12 -74.55 -20.39
C SER M 359 -7.58 -75.67 -21.31
N ASN M 360 -8.89 -75.85 -21.45
CA ASN M 360 -9.40 -76.90 -22.32
C ASN M 360 -9.08 -76.63 -23.78
N LEU M 361 -9.01 -75.36 -24.17
CA LEU M 361 -8.65 -75.06 -25.55
C LEU M 361 -7.16 -75.28 -25.79
N TRP M 362 -6.35 -75.25 -24.73
CA TRP M 362 -4.93 -75.51 -24.92
C TRP M 362 -4.63 -76.99 -25.04
N GLN M 363 -5.27 -77.83 -24.20
CA GLN M 363 -5.00 -79.26 -24.29
C GLN M 363 -5.76 -79.83 -25.47
N LYS M 364 -5.52 -79.22 -26.62
CA LYS M 364 -6.05 -79.58 -27.92
C LYS M 364 -5.20 -78.82 -28.94
N GLY M 365 -5.67 -78.72 -30.17
CA GLY M 365 -4.89 -77.90 -31.08
C GLY M 365 -5.37 -76.49 -31.27
N LEU M 366 -6.31 -76.01 -30.46
CA LEU M 366 -7.08 -74.83 -30.83
C LEU M 366 -6.32 -73.54 -30.57
N LEU M 367 -5.75 -73.37 -29.38
CA LEU M 367 -5.02 -72.15 -29.08
C LEU M 367 -3.69 -72.12 -29.83
N ALA M 368 -3.23 -70.91 -30.16
CA ALA M 368 -1.99 -70.78 -30.91
C ALA M 368 -0.76 -70.86 -30.00
N ASP M 369 -0.62 -69.91 -29.07
CA ASP M 369 0.57 -69.85 -28.24
C ASP M 369 0.52 -70.95 -27.18
N ASP M 370 1.56 -71.78 -27.15
CA ASP M 370 1.58 -72.94 -26.25
C ASP M 370 2.97 -73.12 -25.66
N GLU M 371 3.17 -72.58 -24.45
CA GLU M 371 4.27 -73.04 -23.61
C GLU M 371 3.74 -73.67 -22.34
N PHE M 372 3.00 -72.93 -21.51
CA PHE M 372 2.09 -73.49 -20.53
C PHE M 372 1.23 -72.36 -19.96
N PRO M 373 -0.08 -72.51 -19.94
CA PRO M 373 -0.92 -71.54 -19.23
C PRO M 373 -0.88 -71.75 -17.72
N VAL M 374 0.15 -71.24 -17.05
CA VAL M 374 0.35 -71.54 -15.63
C VAL M 374 -0.79 -70.95 -14.80
N ASP M 375 -1.37 -69.85 -15.26
CA ASP M 375 -2.45 -69.20 -14.54
C ASP M 375 -3.82 -69.76 -14.91
N GLU M 376 -4.04 -70.13 -16.16
CA GLU M 376 -5.28 -70.78 -16.55
C GLU M 376 -5.34 -72.22 -16.08
N PHE M 377 -4.21 -72.79 -15.66
CA PHE M 377 -4.17 -74.19 -15.25
C PHE M 377 -4.89 -74.40 -13.93
N LEU M 378 -4.69 -73.50 -12.97
CA LEU M 378 -5.05 -73.78 -11.58
C LEU M 378 -6.55 -73.69 -11.34
N ASN M 379 -7.07 -74.64 -10.58
CA ASN M 379 -8.48 -74.63 -10.19
C ASN M 379 -8.69 -73.74 -8.98
N VAL M 380 -7.97 -74.01 -7.90
CA VAL M 380 -8.11 -73.25 -6.66
C VAL M 380 -6.78 -72.55 -6.40
N ASN M 381 -6.84 -71.23 -6.26
CA ASN M 381 -5.64 -70.38 -6.16
C ASN M 381 -5.78 -69.48 -4.92
N LEU M 382 -5.41 -69.99 -3.75
CA LEU M 382 -5.58 -69.29 -2.48
C LEU M 382 -4.28 -69.36 -1.69
N ALA M 383 -3.18 -68.98 -2.34
CA ALA M 383 -1.88 -69.08 -1.71
C ALA M 383 -1.71 -68.05 -0.59
N SER M 384 -0.99 -68.45 0.45
CA SER M 384 -0.62 -67.54 1.51
C SER M 384 0.26 -66.42 0.96
N THR M 385 -0.21 -65.19 1.06
CA THR M 385 0.42 -64.03 0.43
C THR M 385 1.30 -63.32 1.45
N SER M 386 2.59 -63.63 1.43
CA SER M 386 3.57 -63.02 2.31
C SER M 386 4.94 -63.21 1.68
N ALA M 387 5.97 -62.68 2.33
CA ALA M 387 7.32 -62.81 1.82
C ALA M 387 8.12 -63.89 2.53
N ASN M 388 7.67 -64.36 3.68
CA ASN M 388 8.35 -65.38 4.45
C ASN M 388 7.56 -66.68 4.54
N ALA M 389 6.60 -66.88 3.65
CA ALA M 389 5.77 -68.07 3.72
C ALA M 389 6.49 -69.27 3.15
N SER M 390 6.32 -70.42 3.78
CA SER M 390 6.96 -71.67 3.38
C SER M 390 5.94 -72.61 2.78
N SER M 391 6.34 -73.36 1.76
CA SER M 391 5.42 -74.18 0.99
C SER M 391 5.97 -75.58 0.78
N ILE M 392 5.12 -76.43 0.20
CA ILE M 392 5.54 -77.75 -0.27
C ILE M 392 4.51 -78.25 -1.27
N ALA M 393 4.99 -78.87 -2.35
CA ALA M 393 4.14 -79.24 -3.47
C ALA M 393 4.33 -80.59 -4.12
N PHE M 394 3.23 -81.30 -4.33
CA PHE M 394 3.20 -82.67 -4.83
C PHE M 394 2.56 -82.71 -6.20
N GLN M 395 2.93 -83.70 -6.99
CA GLN M 395 2.50 -83.78 -8.38
C GLN M 395 2.26 -85.22 -8.78
N VAL M 396 1.37 -85.42 -9.76
CA VAL M 396 1.19 -86.69 -10.44
C VAL M 396 0.98 -86.40 -11.91
N ALA M 397 1.98 -86.69 -12.74
CA ALA M 397 1.93 -86.37 -14.16
C ALA M 397 2.18 -87.63 -14.96
N LYS M 398 1.22 -88.03 -15.77
CA LYS M 398 1.36 -89.18 -16.65
C LYS M 398 1.85 -88.80 -18.04
N LEU M 399 1.12 -87.91 -18.73
CA LEU M 399 1.40 -87.44 -20.08
C LEU M 399 1.24 -88.53 -21.12
N GLY M 400 0.96 -89.77 -20.72
CA GLY M 400 0.63 -90.82 -21.65
C GLY M 400 -0.87 -90.88 -21.83
N SER M 401 -1.61 -90.95 -20.73
CA SER M 401 -3.06 -90.78 -20.78
C SER M 401 -3.47 -89.31 -20.68
N GLY M 402 -2.53 -88.42 -20.39
CA GLY M 402 -2.79 -86.99 -20.34
C GLY M 402 -2.94 -86.42 -18.95
N THR M 403 -3.38 -87.22 -17.98
CA THR M 403 -3.74 -86.72 -16.67
C THR M 403 -2.57 -86.00 -15.99
N LEU M 404 -2.88 -84.89 -15.32
CA LEU M 404 -1.92 -84.16 -14.51
C LEU M 404 -2.67 -83.60 -13.30
N LEU M 405 -2.02 -83.66 -12.14
CA LEU M 405 -2.63 -83.03 -10.97
C LEU M 405 -1.54 -82.51 -10.03
N ASP M 406 -1.75 -81.27 -9.54
CA ASP M 406 -0.80 -80.57 -8.70
C ASP M 406 -1.47 -80.10 -7.41
N LEU M 407 -0.70 -80.13 -6.31
CA LEU M 407 -1.22 -79.66 -5.02
C LEU M 407 -0.10 -79.05 -4.19
N GLU M 408 -0.25 -77.77 -3.81
CA GLU M 408 0.74 -77.07 -3.00
C GLU M 408 0.11 -76.48 -1.76
N LEU M 409 0.78 -76.60 -0.60
CA LEU M 409 0.38 -76.00 0.66
C LEU M 409 1.38 -74.92 1.06
N SER M 410 0.91 -73.90 1.71
CA SER M 410 1.82 -72.87 2.19
C SER M 410 1.32 -72.31 3.51
N ALA M 411 2.26 -71.80 4.31
CA ALA M 411 1.96 -71.42 5.68
C ALA M 411 2.92 -70.34 6.14
N LEU M 412 2.55 -69.67 7.23
CA LEU M 412 3.41 -68.71 7.90
C LEU M 412 2.89 -68.44 9.30
N GLN M 413 3.79 -68.21 10.27
CA GLN M 413 3.41 -67.89 11.64
C GLN M 413 4.51 -67.11 12.37
N ASN M 414 4.28 -65.84 12.70
CA ASN M 414 5.33 -65.11 13.41
C ASN M 414 4.78 -64.36 14.62
N GLU M 415 5.69 -63.76 15.36
CA GLU M 415 5.45 -63.32 16.72
C GLU M 415 6.51 -62.33 17.15
N SER M 416 6.13 -61.35 17.97
CA SER M 416 7.06 -60.27 18.27
C SER M 416 6.76 -59.64 19.62
N LYS M 417 7.79 -59.06 20.23
CA LYS M 417 7.73 -58.38 21.53
C LYS M 417 8.64 -57.17 21.52
N ALA M 418 8.32 -56.20 22.37
CA ALA M 418 9.20 -55.04 22.50
C ALA M 418 8.92 -54.33 23.82
N GLU M 419 9.92 -53.62 24.33
CA GLU M 419 9.79 -52.90 25.58
C GLU M 419 10.80 -51.77 25.66
N ILE M 420 10.32 -50.56 25.98
CA ILE M 420 11.16 -49.37 26.05
C ILE M 420 10.93 -48.65 27.37
N ILE M 421 12.00 -48.11 27.94
CA ILE M 421 11.97 -47.36 29.20
C ILE M 421 12.79 -46.08 29.03
N SER M 422 12.25 -44.95 29.46
CA SER M 422 13.03 -43.72 29.48
C SER M 422 12.69 -42.92 30.71
N SER M 423 13.70 -42.33 31.35
CA SER M 423 13.50 -41.57 32.59
C SER M 423 14.42 -40.37 32.68
N PRO M 424 13.90 -39.16 32.45
CA PRO M 424 14.67 -37.94 32.76
C PRO M 424 14.56 -37.49 34.22
N ARG M 425 15.52 -36.70 34.70
CA ARG M 425 15.51 -36.18 36.06
C ARG M 425 15.92 -34.72 36.05
N LEU M 426 15.56 -34.02 37.12
CA LEU M 426 15.94 -32.62 37.28
C LEU M 426 16.08 -32.34 38.76
N ILE M 427 16.86 -31.31 39.08
CA ILE M 427 16.87 -30.68 40.40
C ILE M 427 16.64 -29.19 40.19
N THR M 428 15.89 -28.57 41.09
CA THR M 428 15.53 -27.16 40.94
C THR M 428 15.19 -26.58 42.31
N THR M 429 14.92 -25.27 42.30
CA THR M 429 14.56 -24.49 43.52
C THR M 429 13.05 -24.32 43.58
N ASN M 430 12.48 -24.28 44.79
CA ASN M 430 11.03 -24.21 44.98
C ASN M 430 10.44 -23.02 44.23
N LYS M 431 9.33 -23.29 43.52
CA LYS M 431 8.55 -22.28 42.80
C LYS M 431 9.27 -21.75 41.56
N GLN M 432 10.16 -22.57 41.00
CA GLN M 432 11.04 -22.13 39.93
C GLN M 432 10.97 -23.07 38.73
N PRO M 433 10.79 -22.57 37.51
CA PRO M 433 10.57 -23.46 36.36
C PRO M 433 11.86 -24.05 35.79
N ALA M 434 11.80 -25.35 35.46
CA ALA M 434 12.98 -26.02 34.92
C ALA M 434 12.55 -26.96 33.80
N TYR M 435 13.51 -27.27 32.91
CA TYR M 435 13.26 -28.16 31.78
C TYR M 435 14.51 -28.93 31.43
N ILE M 436 14.32 -30.12 30.86
CA ILE M 436 15.40 -30.89 30.26
C ILE M 436 14.89 -31.57 28.99
N GLU M 437 15.72 -31.58 27.94
CA GLU M 437 15.32 -31.97 26.59
C GLU M 437 16.38 -32.82 25.90
N GLN M 438 15.93 -33.59 24.90
CA GLN M 438 16.84 -34.37 24.05
C GLN M 438 16.09 -34.75 22.79
N GLY M 439 16.56 -34.30 21.62
CA GLY M 439 15.88 -34.67 20.39
C GLY M 439 16.38 -33.98 19.14
N THR M 440 15.49 -33.58 18.23
CA THR M 440 15.87 -32.87 17.03
C THR M 440 14.95 -31.68 16.78
N GLU M 441 15.42 -30.75 15.95
CA GLU M 441 14.65 -29.57 15.56
C GLU M 441 14.49 -29.58 14.04
N ILE M 442 13.25 -29.65 13.58
CA ILE M 442 12.97 -29.77 12.15
C ILE M 442 12.75 -28.38 11.56
N PRO M 443 13.51 -28.05 10.50
CA PRO M 443 13.35 -26.76 9.85
C PRO M 443 12.11 -26.86 8.98
N TYR M 444 11.13 -25.98 9.18
CA TYR M 444 9.95 -26.01 8.32
C TYR M 444 9.96 -24.84 7.34
N LEU M 445 9.41 -25.03 6.15
CA LEU M 445 9.47 -23.97 5.16
C LEU M 445 8.41 -22.89 5.30
N GLU M 446 8.86 -21.80 5.94
CA GLU M 446 8.20 -20.53 6.23
C GLU M 446 7.34 -20.41 7.49
N SER M 447 7.32 -19.18 7.99
CA SER M 447 6.52 -18.73 9.11
C SER M 447 6.07 -17.36 8.59
N SER M 448 4.81 -17.02 8.78
CA SER M 448 4.36 -15.75 8.20
C SER M 448 4.03 -14.58 9.11
N SER M 449 4.75 -13.48 8.92
CA SER M 449 4.41 -12.25 9.62
C SER M 449 3.69 -11.36 8.63
N SER M 450 3.62 -10.06 8.89
CA SER M 450 3.01 -9.11 7.95
C SER M 450 3.87 -8.97 6.69
N GLY M 451 3.85 -10.01 5.86
CA GLY M 451 4.43 -9.91 4.54
C GLY M 451 5.37 -11.00 4.07
N ALA M 452 6.21 -11.55 4.95
CA ALA M 452 7.22 -12.50 4.47
C ALA M 452 7.60 -13.57 5.49
N SER M 453 8.57 -14.42 5.12
CA SER M 453 8.77 -15.74 5.71
C SER M 453 9.95 -15.74 6.68
N THR M 454 9.69 -16.14 7.92
CA THR M 454 10.72 -16.41 8.91
C THR M 454 10.68 -17.92 9.16
N VAL M 455 11.42 -18.67 8.33
CA VAL M 455 11.31 -20.12 8.41
C VAL M 455 11.82 -20.59 9.77
N ALA M 456 11.10 -21.53 10.38
CA ALA M 456 11.23 -21.76 11.81
C ALA M 456 11.51 -23.23 12.09
N PHE M 457 11.54 -23.58 13.36
CA PHE M 457 11.93 -24.91 13.81
C PHE M 457 10.88 -25.48 14.75
N LYS M 458 10.43 -26.68 14.42
CA LYS M 458 9.50 -27.42 15.26
C LYS M 458 10.39 -28.42 16.04
N LYS M 459 9.94 -28.83 17.21
CA LYS M 459 10.73 -29.72 18.05
C LYS M 459 10.18 -31.13 18.04
N ALA M 460 11.07 -32.11 18.07
CA ALA M 460 10.72 -33.52 18.23
C ALA M 460 11.69 -34.05 19.28
N VAL M 461 11.30 -33.94 20.55
CA VAL M 461 12.18 -34.16 21.68
C VAL M 461 11.50 -35.06 22.70
N LEU M 462 12.33 -35.69 23.54
CA LEU M 462 11.85 -36.28 24.82
C LEU M 462 12.12 -35.28 25.95
N SER M 463 11.07 -34.67 26.50
CA SER M 463 11.25 -33.51 27.35
C SER M 463 10.44 -33.60 28.64
N LEU M 464 11.00 -32.98 29.68
CA LEU M 464 10.32 -32.78 30.95
C LEU M 464 10.34 -31.30 31.30
N LYS M 465 9.18 -30.77 31.68
CA LYS M 465 9.00 -29.37 32.02
C LYS M 465 8.19 -29.28 33.29
N VAL M 466 8.74 -28.66 34.34
CA VAL M 466 8.09 -28.74 35.65
C VAL M 466 8.24 -27.46 36.46
N THR M 467 7.19 -27.16 37.26
CA THR M 467 7.21 -26.17 38.33
C THR M 467 6.66 -26.76 39.63
N PRO M 468 7.49 -26.87 40.68
CA PRO M 468 7.05 -27.47 41.94
C PRO M 468 6.63 -26.48 43.02
N GLN M 469 6.01 -26.97 44.09
CA GLN M 469 5.64 -26.14 45.23
C GLN M 469 5.53 -27.02 46.47
N ILE M 470 6.21 -26.64 47.54
CA ILE M 470 6.25 -27.41 48.77
C ILE M 470 5.20 -26.86 49.73
N THR M 471 4.42 -27.75 50.33
CA THR M 471 3.35 -27.43 51.27
C THR M 471 3.71 -27.88 52.68
N PRO M 472 2.95 -27.47 53.70
CA PRO M 472 3.36 -27.77 55.08
C PRO M 472 3.36 -29.25 55.43
N ASP M 473 2.32 -30.00 55.06
CA ASP M 473 2.23 -31.37 55.53
C ASP M 473 2.95 -32.36 54.63
N ASN M 474 4.21 -32.07 54.27
CA ASN M 474 5.09 -33.00 53.58
C ASN M 474 4.50 -33.48 52.25
N ARG M 475 4.22 -32.53 51.36
CA ARG M 475 3.56 -32.81 50.10
C ARG M 475 3.98 -31.81 49.04
N LEU M 476 3.82 -32.19 47.78
CA LEU M 476 4.18 -31.35 46.65
C LEU M 476 2.97 -31.17 45.73
N VAL M 477 2.86 -29.97 45.16
CA VAL M 477 1.94 -29.70 44.07
C VAL M 477 2.79 -29.48 42.84
N LEU M 478 2.59 -30.28 41.80
CA LEU M 478 3.42 -30.23 40.61
C LEU M 478 2.61 -29.79 39.40
N ASP M 479 3.11 -28.78 38.68
CA ASP M 479 2.60 -28.43 37.32
C ASP M 479 3.48 -29.10 36.26
N LEU M 480 2.93 -30.09 35.54
CA LEU M 480 3.77 -31.12 34.85
C LEU M 480 3.50 -31.04 33.33
N SER M 481 4.57 -31.04 32.53
CA SER M 481 4.47 -31.43 31.10
C SER M 481 5.52 -32.48 30.78
N VAL M 482 5.11 -33.62 30.24
CA VAL M 482 6.09 -34.69 29.83
C VAL M 482 5.78 -35.15 28.41
N THR M 483 6.74 -35.04 27.47
CA THR M 483 6.48 -35.44 26.09
C THR M 483 7.56 -36.37 25.57
N GLN M 484 7.21 -37.10 24.52
CA GLN M 484 8.15 -37.98 23.81
C GLN M 484 7.77 -38.04 22.35
N ASP M 485 8.37 -37.19 21.51
CA ASP M 485 8.05 -37.13 20.09
C ASP M 485 9.23 -37.65 19.25
N ARG M 486 8.91 -37.99 18.01
CA ARG M 486 9.89 -38.49 17.06
C ARG M 486 9.61 -37.93 15.68
N ARG M 487 10.52 -38.17 14.75
CA ARG M 487 10.37 -37.71 13.37
C ARG M 487 9.67 -38.83 12.60
N GLY M 488 8.63 -38.48 11.88
CA GLY M 488 7.83 -39.43 11.15
C GLY M 488 8.11 -39.44 9.66
N GLU M 489 7.14 -39.90 8.90
CA GLU M 489 7.28 -40.00 7.46
C GLU M 489 7.24 -38.61 6.83
N THR M 490 7.59 -38.56 5.55
CA THR M 490 7.57 -37.32 4.78
C THR M 490 6.36 -37.37 3.86
N VAL M 491 5.35 -36.57 4.20
CA VAL M 491 4.10 -36.49 3.46
C VAL M 491 4.21 -35.46 2.34
N LYS M 492 3.18 -35.44 1.48
CA LYS M 492 3.12 -34.54 0.30
C LYS M 492 2.28 -33.30 0.63
N THR M 493 2.82 -32.11 0.39
CA THR M 493 2.11 -30.83 0.68
C THR M 493 2.15 -29.93 -0.57
N GLY M 494 0.99 -29.65 -1.17
CA GLY M 494 0.94 -28.85 -2.42
C GLY M 494 1.72 -29.51 -3.54
N THR M 495 2.67 -28.77 -4.12
CA THR M 495 3.61 -29.37 -5.11
C THR M 495 4.90 -29.82 -4.40
N GLY M 496 4.93 -29.71 -3.07
CA GLY M 496 6.16 -29.97 -2.30
C GLY M 496 6.01 -31.15 -1.36
N GLU M 497 6.94 -31.27 -0.40
CA GLU M 497 6.89 -32.27 0.65
C GLU M 497 7.34 -31.64 1.95
N ALA M 498 7.03 -32.31 3.05
CA ALA M 498 7.43 -31.86 4.38
C ALA M 498 7.47 -33.08 5.29
N VAL M 499 7.93 -32.88 6.53
CA VAL M 499 8.16 -33.96 7.47
C VAL M 499 7.08 -33.92 8.53
N SER M 500 6.53 -35.07 8.87
CA SER M 500 5.53 -35.18 9.92
C SER M 500 6.16 -35.69 11.21
N ILE M 501 5.43 -35.56 12.31
CA ILE M 501 5.94 -35.84 13.65
C ILE M 501 4.97 -36.79 14.37
N ASP M 502 5.52 -37.75 15.10
CA ASP M 502 4.74 -38.68 15.93
C ASP M 502 4.91 -38.34 17.40
N THR M 503 3.80 -38.17 18.12
CA THR M 503 3.82 -37.55 19.44
C THR M 503 3.18 -38.43 20.51
N GLN M 504 3.60 -38.20 21.76
CA GLN M 504 2.92 -38.64 22.98
C GLN M 504 3.07 -37.53 23.99
N ARG M 505 1.96 -37.08 24.58
CA ARG M 505 2.01 -35.91 25.44
C ARG M 505 1.06 -36.07 26.61
N ILE M 506 1.46 -35.52 27.75
CA ILE M 506 0.58 -35.44 28.91
C ILE M 506 0.94 -34.18 29.69
N GLY M 507 -0.11 -33.46 30.08
CA GLY M 507 0.04 -32.26 30.87
C GLY M 507 -0.98 -32.17 31.97
N THR M 508 -0.55 -31.92 33.20
CA THR M 508 -1.46 -31.99 34.34
C THR M 508 -0.99 -31.10 35.47
N GLN M 509 -1.80 -31.10 36.53
CA GLN M 509 -1.41 -30.62 37.85
C GLN M 509 -1.78 -31.68 38.86
N VAL M 510 -0.84 -32.13 39.66
CA VAL M 510 -1.09 -33.20 40.63
C VAL M 510 -0.54 -32.81 41.99
N LEU M 511 -0.91 -33.63 42.98
CA LEU M 511 -0.59 -33.42 44.39
C LEU M 511 -0.12 -34.76 44.95
N VAL M 512 1.15 -34.82 45.35
CA VAL M 512 1.79 -36.11 45.63
C VAL M 512 2.64 -36.00 46.90
N ASN M 513 2.66 -37.08 47.69
CA ASN M 513 3.45 -37.10 48.91
C ASN M 513 4.94 -36.98 48.60
N ASN M 514 5.74 -36.79 49.65
CA ASN M 514 7.13 -36.36 49.45
C ASN M 514 7.95 -37.34 48.63
N GLY M 515 8.08 -38.59 49.04
CA GLY M 515 9.03 -39.45 48.35
C GLY M 515 8.47 -40.70 47.73
N GLU M 516 7.28 -40.65 47.14
CA GLU M 516 6.69 -41.82 46.51
C GLU M 516 6.21 -41.52 45.10
N THR M 517 5.83 -42.58 44.39
CA THR M 517 5.48 -42.49 42.98
C THR M 517 3.96 -42.52 42.79
N VAL M 518 3.51 -41.84 41.74
CA VAL M 518 2.12 -41.91 41.29
C VAL M 518 2.14 -42.13 39.79
N VAL M 519 1.11 -42.77 39.26
CA VAL M 519 0.97 -42.90 37.82
C VAL M 519 0.08 -41.78 37.32
N LEU M 520 0.59 -40.99 36.38
CA LEU M 520 -0.12 -39.83 35.87
C LEU M 520 -1.16 -40.22 34.84
N GLY M 521 -0.83 -41.18 33.98
CA GLY M 521 -1.75 -41.64 32.98
C GLY M 521 -1.16 -42.79 32.19
N GLY M 522 -1.96 -43.30 31.27
CA GLY M 522 -1.52 -44.38 30.41
C GLY M 522 -2.52 -44.59 29.31
N ILE M 523 -2.12 -45.42 28.35
CA ILE M 523 -2.99 -45.80 27.24
C ILE M 523 -2.86 -47.30 27.02
N PHE M 524 -3.98 -47.97 26.84
CA PHE M 524 -4.02 -49.41 26.60
C PHE M 524 -4.70 -49.67 25.26
N GLN M 525 -4.16 -50.59 24.46
CA GLN M 525 -4.78 -50.93 23.19
C GLN M 525 -4.73 -52.43 22.94
N HIS M 526 -5.75 -52.92 22.22
CA HIS M 526 -5.85 -54.31 21.87
C HIS M 526 -6.55 -54.45 20.53
N SER M 527 -6.17 -55.43 19.73
CA SER M 527 -6.87 -55.61 18.45
C SER M 527 -6.76 -57.05 17.97
N ILE M 528 -7.79 -57.51 17.25
CA ILE M 528 -7.90 -58.88 16.77
C ILE M 528 -8.56 -58.88 15.40
N ASN M 529 -7.96 -59.59 14.44
CA ASN M 529 -8.53 -59.71 13.08
C ASN M 529 -8.56 -61.16 12.65
N ASN M 530 -9.63 -61.54 11.96
CA ASN M 530 -9.77 -62.87 11.39
C ASN M 530 -10.33 -62.74 9.98
N SER M 531 -9.95 -63.67 9.10
CA SER M 531 -10.50 -63.64 7.75
C SER M 531 -10.38 -65.02 7.10
N VAL M 532 -11.34 -65.32 6.22
CA VAL M 532 -11.39 -66.58 5.49
C VAL M 532 -11.88 -66.30 4.08
N ASP M 533 -11.28 -66.95 3.08
CA ASP M 533 -11.94 -67.02 1.78
C ASP M 533 -11.89 -68.45 1.28
N LYS M 534 -13.03 -68.95 0.82
CA LYS M 534 -13.16 -70.39 0.61
C LYS M 534 -14.02 -70.67 -0.61
N VAL M 535 -14.21 -71.96 -0.87
CA VAL M 535 -15.11 -72.41 -1.93
C VAL M 535 -16.49 -72.64 -1.33
N PRO M 536 -17.57 -72.15 -1.95
CA PRO M 536 -18.84 -71.99 -1.25
C PRO M 536 -19.32 -73.17 -0.41
N LEU M 537 -19.10 -74.41 -0.84
CA LEU M 537 -19.60 -75.53 -0.06
C LEU M 537 -18.52 -76.46 0.45
N LEU M 538 -17.39 -76.56 -0.25
CA LEU M 538 -16.37 -77.52 0.13
C LEU M 538 -15.50 -77.02 1.26
N GLY M 539 -15.31 -75.71 1.39
CA GLY M 539 -14.44 -75.16 2.40
C GLY M 539 -14.99 -75.25 3.79
N ASP M 540 -15.98 -76.11 4.00
CA ASP M 540 -16.59 -76.30 5.30
C ASP M 540 -16.60 -77.76 5.74
N LEU M 541 -16.09 -78.67 4.91
CA LEU M 541 -16.05 -80.09 5.27
C LEU M 541 -15.13 -80.30 6.46
N PRO M 542 -15.44 -81.29 7.31
CA PRO M 542 -14.77 -81.37 8.62
C PRO M 542 -13.26 -81.45 8.56
N VAL M 543 -12.68 -82.35 7.77
CA VAL M 543 -11.24 -82.48 7.75
C VAL M 543 -10.68 -82.11 6.38
N LEU M 544 -11.44 -82.40 5.32
CA LEU M 544 -11.00 -82.06 3.98
C LEU M 544 -11.07 -80.57 3.69
N GLY M 545 -11.85 -79.81 4.46
CA GLY M 545 -12.11 -78.43 4.12
C GLY M 545 -10.86 -77.58 3.98
N ALA M 546 -9.80 -77.93 4.70
CA ALA M 546 -8.56 -77.18 4.66
C ALA M 546 -7.92 -77.17 3.28
N LEU M 547 -8.41 -77.99 2.36
CA LEU M 547 -7.91 -77.97 0.99
C LEU M 547 -8.61 -76.94 0.11
N PHE M 548 -9.59 -76.22 0.65
CA PHE M 548 -10.45 -75.36 -0.16
C PHE M 548 -10.60 -73.97 0.45
N ARG M 549 -9.60 -73.48 1.18
CA ARG M 549 -9.79 -72.22 1.88
C ARG M 549 -8.44 -71.63 2.27
N ARG M 550 -8.41 -70.31 2.36
CA ARG M 550 -7.30 -69.58 2.94
C ARG M 550 -7.77 -68.89 4.20
N THR M 551 -6.95 -68.95 5.25
CA THR M 551 -7.27 -68.48 6.58
C THR M 551 -6.18 -67.52 7.07
N TYR M 552 -6.61 -66.42 7.68
CA TYR M 552 -5.71 -65.37 8.15
C TYR M 552 -6.13 -64.94 9.54
N GLU M 553 -5.15 -64.74 10.43
CA GLU M 553 -5.47 -64.33 11.79
C GLU M 553 -4.35 -63.50 12.39
N GLN M 554 -4.72 -62.41 13.06
CA GLN M 554 -3.74 -61.48 13.58
C GLN M 554 -4.19 -60.89 14.91
N MET M 555 -3.25 -60.64 15.84
CA MET M 555 -3.57 -60.07 17.14
C MET M 555 -2.45 -59.14 17.63
N GLY M 556 -2.82 -57.97 18.18
CA GLY M 556 -1.84 -57.02 18.69
C GLY M 556 -2.25 -56.47 20.04
N LYS M 557 -1.24 -56.06 20.81
CA LYS M 557 -1.50 -55.49 22.13
C LYS M 557 -0.42 -54.48 22.49
N SER M 558 -0.83 -53.37 23.10
CA SER M 558 0.10 -52.30 23.41
C SER M 558 -0.27 -51.63 24.73
N GLU M 559 0.74 -51.13 25.44
CA GLU M 559 0.49 -50.51 26.73
C GLU M 559 1.54 -49.45 27.04
N LEU M 560 1.07 -48.29 27.48
CA LEU M 560 1.96 -47.15 27.83
C LEU M 560 1.60 -46.63 29.21
N LEU M 561 2.61 -46.30 30.02
CA LEU M 561 2.41 -45.78 31.37
C LEU M 561 3.40 -44.66 31.66
N ILE M 562 2.96 -43.68 32.45
CA ILE M 562 3.83 -42.57 32.86
C ILE M 562 3.79 -42.42 34.38
N PHE M 563 4.97 -42.43 35.01
CA PHE M 563 5.15 -42.28 36.44
C PHE M 563 5.90 -41.00 36.76
N VAL M 564 5.75 -40.51 38.00
CA VAL M 564 6.53 -39.38 38.49
C VAL M 564 6.78 -39.58 39.98
N THR M 565 7.94 -39.13 40.44
CA THR M 565 8.30 -39.21 41.85
C THR M 565 9.17 -38.03 42.27
N PRO M 566 8.68 -37.15 43.13
CA PRO M 566 9.49 -36.03 43.62
C PRO M 566 10.18 -36.36 44.94
N LYS M 567 11.07 -35.47 45.35
CA LYS M 567 11.87 -35.63 46.57
C LYS M 567 12.49 -34.32 46.99
N VAL M 568 12.44 -34.00 48.28
CA VAL M 568 13.01 -32.78 48.80
C VAL M 568 14.43 -33.06 49.25
N VAL M 569 15.38 -32.30 48.73
CA VAL M 569 16.78 -32.49 49.07
C VAL M 569 17.04 -31.95 50.47
N ILE M 570 17.36 -32.85 51.39
CA ILE M 570 17.59 -32.50 52.78
C ILE M 570 19.06 -32.25 53.11
N GLN M 571 19.85 -31.73 52.19
CA GLN M 571 21.26 -31.29 52.48
C GLN M 571 22.07 -32.35 53.26
N SER N 160 -3.22 16.28 98.23
CA SER N 160 -3.41 17.34 99.21
C SER N 160 -3.78 18.65 98.52
N ILE N 161 -4.46 18.55 97.37
CA ILE N 161 -4.74 19.69 96.52
C ILE N 161 -6.22 20.00 96.56
N ASN N 162 -6.56 21.27 96.76
CA ASN N 162 -7.92 21.77 96.62
C ASN N 162 -7.82 23.23 96.24
N PHE N 163 -7.97 23.53 94.94
CA PHE N 163 -7.79 24.86 94.42
C PHE N 163 -9.07 25.31 93.73
N GLN N 164 -9.71 26.34 94.29
CA GLN N 164 -10.95 26.90 93.75
C GLN N 164 -10.65 28.29 93.23
N ASP N 165 -11.01 28.56 91.97
CA ASP N 165 -10.78 29.87 91.37
C ASP N 165 -9.30 30.24 91.45
N ILE N 166 -8.45 29.25 91.22
CA ILE N 166 -7.00 29.41 91.24
C ILE N 166 -6.52 29.37 89.79
N PRO N 167 -5.71 30.33 89.36
CA PRO N 167 -5.22 30.29 87.97
C PRO N 167 -4.39 29.04 87.71
N VAL N 168 -4.41 28.60 86.44
CA VAL N 168 -3.64 27.43 86.06
C VAL N 168 -2.15 27.65 86.33
N ARG N 169 -1.67 28.88 86.15
CA ARG N 169 -0.28 29.19 86.46
C ARG N 169 0.03 28.90 87.92
N ASN N 170 -0.90 29.23 88.83
CA ASN N 170 -0.61 29.08 90.25
C ASN N 170 -0.58 27.61 90.67
N VAL N 171 -1.54 26.82 90.20
CA VAL N 171 -1.53 25.39 90.52
C VAL N 171 -0.34 24.71 89.87
N LEU N 172 0.07 25.17 88.69
CA LEU N 172 1.25 24.59 88.05
C LEU N 172 2.52 24.95 88.82
N GLN N 173 2.61 26.17 89.33
CA GLN N 173 3.76 26.53 90.14
C GLN N 173 3.76 25.78 91.47
N LEU N 174 2.57 25.44 91.97
CA LEU N 174 2.49 24.59 93.16
C LEU N 174 3.03 23.19 92.87
N ILE N 175 2.55 22.59 91.77
CA ILE N 175 3.05 21.28 91.36
C ILE N 175 4.56 21.32 91.15
N ALA N 176 5.08 22.45 90.66
CA ALA N 176 6.53 22.61 90.51
C ALA N 176 7.22 22.62 91.86
N ASP N 177 6.84 23.55 92.74
CA ASP N 177 7.48 23.75 94.04
C ASP N 177 7.26 22.60 95.00
N TYR N 178 6.56 21.54 94.58
CA TYR N 178 6.27 20.39 95.44
C TYR N 178 7.33 19.30 95.32
N ASN N 179 8.57 19.67 95.02
CA ASN N 179 9.74 18.79 94.83
C ASN N 179 9.73 18.10 93.47
N GLY N 180 8.82 18.47 92.57
CA GLY N 180 8.88 17.99 91.22
C GLY N 180 9.91 18.75 90.39
N PHE N 181 10.12 18.28 89.17
CA PHE N 181 11.06 18.93 88.28
C PHE N 181 10.54 20.31 87.88
N ASN N 182 11.45 21.28 87.84
CA ASN N 182 11.08 22.67 87.62
C ASN N 182 10.32 22.83 86.31
N LEU N 183 9.27 23.63 86.33
CA LEU N 183 8.45 23.87 85.14
C LEU N 183 8.14 25.35 85.01
N VAL N 184 7.93 25.77 83.77
CA VAL N 184 7.65 27.17 83.45
C VAL N 184 6.50 27.23 82.45
N VAL N 185 5.81 28.37 82.44
CA VAL N 185 4.65 28.57 81.57
C VAL N 185 4.80 29.84 80.76
N SER N 186 3.85 30.07 79.86
CA SER N 186 3.86 31.27 79.02
C SER N 186 3.24 32.44 79.79
N ASP N 187 2.94 33.53 79.07
CA ASP N 187 2.39 34.72 79.72
C ASP N 187 0.93 34.51 80.09
N SER N 188 0.07 34.30 79.09
CA SER N 188 -1.35 34.03 79.30
C SER N 188 -1.61 32.67 78.67
N VAL N 189 -1.43 31.61 79.46
CA VAL N 189 -1.41 30.26 78.90
C VAL N 189 -2.82 29.72 78.77
N VAL N 190 -3.48 29.48 79.91
CA VAL N 190 -4.77 28.82 79.91
C VAL N 190 -5.80 29.70 80.61
N GLY N 191 -5.54 30.02 81.87
CA GLY N 191 -6.44 30.83 82.66
C GLY N 191 -6.62 30.30 84.08
N ASN N 192 -7.86 30.02 84.45
CA ASN N 192 -8.24 29.67 85.81
C ASN N 192 -8.98 28.33 85.81
N LEU N 193 -9.07 27.71 86.98
CA LEU N 193 -9.85 26.49 87.14
C LEU N 193 -10.19 26.26 88.61
N THR N 194 -10.69 25.06 88.89
CA THR N 194 -11.11 24.67 90.23
C THR N 194 -11.29 23.16 90.27
N LEU N 195 -10.61 22.52 91.22
CA LEU N 195 -10.70 21.07 91.42
C LEU N 195 -9.99 20.71 92.73
N ARG N 196 -10.31 19.53 93.25
CA ARG N 196 -9.75 19.04 94.49
C ARG N 196 -9.49 17.55 94.40
N LEU N 197 -8.26 17.13 94.70
CA LEU N 197 -7.87 15.73 94.68
C LEU N 197 -6.70 15.53 95.64
N ASP N 198 -6.47 14.27 96.01
CA ASP N 198 -5.41 13.93 96.95
C ASP N 198 -5.09 12.45 96.85
N GLY N 199 -3.87 12.10 97.29
CA GLY N 199 -3.43 10.71 97.37
C GLY N 199 -3.33 10.01 96.02
N VAL N 200 -2.64 10.62 95.08
CA VAL N 200 -2.62 10.14 93.69
C VAL N 200 -1.27 10.50 93.06
N PRO N 201 -0.87 9.85 91.97
CA PRO N 201 0.37 10.25 91.30
C PRO N 201 0.21 11.55 90.53
N TRP N 202 1.33 12.26 90.36
CA TRP N 202 1.33 13.47 89.56
C TRP N 202 1.03 13.17 88.10
N GLN N 203 1.39 11.97 87.64
CA GLN N 203 1.18 11.62 86.23
C GLN N 203 -0.30 11.69 85.86
N GLN N 204 -1.15 10.97 86.59
CA GLN N 204 -2.57 10.92 86.24
C GLN N 204 -3.23 12.28 86.36
N VAL N 205 -2.99 12.98 87.48
CA VAL N 205 -3.66 14.27 87.70
C VAL N 205 -3.18 15.29 86.67
N LEU N 206 -1.86 15.40 86.49
CA LEU N 206 -1.33 16.34 85.52
C LEU N 206 -1.87 16.04 84.13
N ASP N 207 -1.88 14.77 83.73
CA ASP N 207 -2.35 14.44 82.39
C ASP N 207 -3.84 14.73 82.23
N ILE N 208 -4.65 14.40 83.23
CA ILE N 208 -6.08 14.63 83.07
C ILE N 208 -6.38 16.12 83.01
N ILE N 209 -5.62 16.94 83.76
CA ILE N 209 -5.76 18.38 83.66
C ILE N 209 -5.38 18.85 82.26
N LEU N 210 -4.19 18.45 81.79
CA LEU N 210 -3.70 18.89 80.49
C LEU N 210 -4.53 18.36 79.34
N GLN N 211 -5.33 17.32 79.56
CA GLN N 211 -6.21 16.81 78.52
C GLN N 211 -7.52 17.56 78.49
N VAL N 212 -8.20 17.66 79.65
CA VAL N 212 -9.55 18.21 79.67
C VAL N 212 -9.53 19.70 79.31
N LYS N 213 -8.84 20.50 80.11
CA LYS N 213 -8.80 21.94 79.85
C LYS N 213 -7.37 22.40 79.66
N GLY N 214 -6.43 21.78 80.36
CA GLY N 214 -5.04 22.19 80.29
C GLY N 214 -4.46 22.06 78.89
N LEU N 215 -3.27 22.63 78.74
CA LEU N 215 -2.57 22.68 77.47
C LEU N 215 -1.50 21.59 77.37
N ASP N 216 -0.57 21.75 76.44
CA ASP N 216 0.48 20.76 76.22
C ASP N 216 1.80 21.17 76.87
N LYS N 217 2.69 20.21 77.00
CA LYS N 217 3.96 20.40 77.69
C LYS N 217 5.08 19.65 76.97
N ARG N 218 6.29 20.19 77.07
CA ARG N 218 7.48 19.58 76.50
C ARG N 218 8.61 19.63 77.51
N VAL N 219 9.47 18.60 77.49
CA VAL N 219 10.59 18.49 78.39
C VAL N 219 11.88 18.56 77.59
N ASP N 220 12.77 19.45 78.01
CA ASP N 220 14.06 19.65 77.35
C ASP N 220 15.13 18.69 77.88
N GLY N 221 14.76 17.74 78.71
CA GLY N 221 15.72 16.83 79.32
C GLY N 221 15.74 16.94 80.82
N ASN N 222 15.64 18.16 81.35
CA ASN N 222 15.64 18.38 82.78
C ASN N 222 14.37 19.06 83.28
N VAL N 223 13.96 20.16 82.66
CA VAL N 223 12.83 20.95 83.15
C VAL N 223 11.73 20.94 82.12
N ILE N 224 10.53 21.28 82.57
CA ILE N 224 9.30 21.15 81.78
C ILE N 224 8.77 22.54 81.44
N LEU N 225 8.23 22.68 80.23
CA LEU N 225 7.61 23.92 79.77
C LEU N 225 6.20 23.61 79.32
N ILE N 226 5.28 24.54 79.58
CA ILE N 226 3.88 24.37 79.24
C ILE N 226 3.47 25.49 78.28
N ALA N 227 2.57 25.17 77.36
CA ALA N 227 2.07 26.15 76.40
C ALA N 227 0.86 25.54 75.71
N PRO N 228 0.02 26.37 75.09
CA PRO N 228 -1.08 25.85 74.28
C PRO N 228 -0.57 25.13 73.04
N LYS N 229 -1.38 24.17 72.57
CA LYS N 229 -0.99 23.39 71.39
C LYS N 229 -0.89 24.26 70.15
N GLU N 230 -1.63 25.37 70.10
CA GLU N 230 -1.61 26.22 68.93
C GLU N 230 -0.21 26.79 68.68
N GLU N 231 0.41 27.35 69.72
CA GLU N 231 1.75 27.89 69.56
C GLU N 231 2.77 26.81 69.23
N LEU N 232 2.62 25.62 69.81
CA LEU N 232 3.56 24.54 69.53
C LEU N 232 3.47 24.10 68.07
N ASP N 233 2.25 23.88 67.58
CA ASP N 233 2.08 23.51 66.17
C ASP N 233 2.52 24.63 65.24
N LEU N 234 2.29 25.88 65.62
CA LEU N 234 2.75 26.99 64.80
C LEU N 234 4.26 27.03 64.73
N ARG N 235 4.94 26.83 65.86
CA ARG N 235 6.40 26.81 65.87
C ARG N 235 6.93 25.66 65.02
N GLU N 236 6.30 24.50 65.10
CA GLU N 236 6.73 23.37 64.29
C GLU N 236 6.56 23.65 62.80
N LYS N 237 5.40 24.20 62.42
CA LYS N 237 5.19 24.53 61.01
C LYS N 237 6.17 25.58 60.53
N GLN N 238 6.48 26.57 61.36
CA GLN N 238 7.48 27.57 60.99
C GLN N 238 8.83 26.93 60.76
N ALA N 239 9.25 26.03 61.65
CA ALA N 239 10.55 25.39 61.51
C ALA N 239 10.60 24.53 60.25
N LEU N 240 9.54 23.78 59.98
CA LEU N 240 9.50 22.94 58.79
C LEU N 240 9.55 23.80 57.52
N GLU N 241 8.77 24.86 57.47
CA GLU N 241 8.78 25.73 56.29
C GLU N 241 10.15 26.37 56.09
N LYS N 242 10.79 26.78 57.18
CA LYS N 242 12.13 27.35 57.08
C LYS N 242 13.11 26.33 56.50
N ALA N 243 13.07 25.10 57.01
CA ALA N 243 13.97 24.06 56.50
C ALA N 243 13.72 23.79 55.03
N ARG N 244 12.44 23.65 54.64
CA ARG N 244 12.12 23.33 53.25
C ARG N 244 12.53 24.45 52.31
N LEU N 245 12.31 25.70 52.71
CA LEU N 245 12.66 26.81 51.82
C LEU N 245 14.16 27.00 51.75
N ALA N 246 14.86 26.81 52.88
CA ALA N 246 16.31 26.94 52.85
C ALA N 246 16.96 25.84 52.02
N GLU N 247 16.40 24.63 52.07
CA GLU N 247 16.92 23.56 51.23
C GLU N 247 16.49 23.74 49.78
N GLU N 248 15.42 24.49 49.53
CA GLU N 248 15.05 24.78 48.15
C GLU N 248 15.98 25.82 47.54
N LEU N 249 15.98 27.03 48.09
CA LEU N 249 16.76 28.13 47.50
C LEU N 249 18.06 28.31 48.28
N GLY N 250 19.06 27.54 47.89
CA GLY N 250 20.39 27.65 48.42
C GLY N 250 21.41 27.98 47.34
N ASP N 251 22.64 28.25 47.80
CA ASP N 251 23.75 28.49 46.90
C ASP N 251 24.42 27.17 46.55
N LEU N 252 24.54 26.89 45.25
CA LEU N 252 25.04 25.59 44.80
C LEU N 252 26.56 25.59 44.71
N LYS N 253 27.14 24.40 44.81
CA LYS N 253 28.56 24.19 44.68
C LYS N 253 28.82 23.07 43.67
N SER N 254 29.93 23.17 42.96
CA SER N 254 30.29 22.24 41.90
C SER N 254 31.67 21.66 42.16
N GLU N 255 31.80 20.34 42.07
CA GLU N 255 33.09 19.69 42.28
C GLU N 255 33.06 18.28 41.71
N ILE N 256 34.23 17.62 41.73
CA ILE N 256 34.42 16.34 41.07
C ILE N 256 34.75 15.26 42.09
N ILE N 257 34.19 14.08 41.87
CA ILE N 257 34.37 12.90 42.71
C ILE N 257 35.07 11.83 41.89
N LYS N 258 36.20 11.35 42.39
CA LYS N 258 36.96 10.33 41.69
C LYS N 258 36.51 8.95 42.13
N ILE N 259 36.31 8.06 41.17
CA ILE N 259 35.78 6.72 41.41
C ILE N 259 36.85 5.70 41.05
N ASN N 260 37.02 4.70 41.89
CA ASN N 260 37.87 3.55 41.60
C ASN N 260 37.14 2.28 41.96
N PHE N 261 37.42 1.21 41.23
CA PHE N 261 36.87 -0.14 41.34
C PHE N 261 35.48 -0.27 40.74
N ALA N 262 34.84 0.80 40.30
CA ALA N 262 33.53 0.71 39.69
C ALA N 262 33.47 1.68 38.53
N LYS N 263 32.55 1.40 37.60
CA LYS N 263 32.36 2.30 36.47
C LYS N 263 31.56 3.52 36.90
N ALA N 264 32.00 4.71 36.47
CA ALA N 264 31.32 5.93 36.86
C ALA N 264 29.96 6.06 36.17
N SER N 265 29.79 5.45 35.01
CA SER N 265 28.51 5.57 34.31
C SER N 265 27.40 4.84 35.06
N ASP N 266 27.70 3.65 35.59
CA ASP N 266 26.71 2.94 36.39
C ASP N 266 26.33 3.72 37.63
N ILE N 267 27.32 4.31 38.31
CA ILE N 267 27.04 5.05 39.53
C ILE N 267 26.24 6.32 39.22
N ALA N 268 26.57 7.00 38.12
CA ALA N 268 25.77 8.16 37.74
C ALA N 268 24.35 7.77 37.36
N ALA N 269 24.15 6.56 36.85
CA ALA N 269 22.79 6.14 36.52
C ALA N 269 22.02 5.74 37.77
N MET N 270 22.72 5.30 38.81
CA MET N 270 22.03 4.95 40.04
C MET N 270 21.71 6.17 40.90
N ILE N 271 22.64 7.13 41.00
CA ILE N 271 22.42 8.27 41.89
C ILE N 271 21.42 9.25 41.28
N GLY N 272 21.58 9.54 40.00
CA GLY N 272 20.61 10.38 39.32
C GLY N 272 19.58 9.56 38.59
N GLY N 273 19.44 9.78 37.29
CA GLY N 273 18.64 8.89 36.47
C GLY N 273 17.36 9.49 35.93
N GLU N 274 16.39 8.63 35.62
CA GLU N 274 15.17 9.07 34.97
C GLU N 274 14.26 9.79 35.96
N GLY N 275 13.84 11.00 35.59
CA GLY N 275 12.94 11.79 36.41
C GLY N 275 13.55 12.27 37.70
N ASN N 276 12.95 13.29 38.32
CA ASN N 276 13.48 13.87 39.54
C ASN N 276 12.95 13.18 40.80
N VAL N 277 11.86 12.41 40.70
CA VAL N 277 11.33 11.73 41.86
C VAL N 277 12.31 10.66 42.34
N ASN N 278 12.92 9.93 41.40
CA ASN N 278 13.89 8.92 41.77
C ASN N 278 15.20 9.55 42.23
N MET N 279 15.62 10.61 41.54
CA MET N 279 16.91 11.23 41.80
C MET N 279 17.08 11.59 43.27
N LEU N 280 18.29 11.40 43.78
CA LEU N 280 18.62 11.87 45.12
C LEU N 280 19.14 13.30 45.03
N SER N 281 18.39 14.18 44.35
CA SER N 281 18.82 15.55 44.14
C SER N 281 17.59 16.44 44.11
N GLU N 282 17.81 17.75 44.18
CA GLU N 282 16.73 18.74 44.24
C GLU N 282 16.71 19.67 43.05
N ARG N 283 17.78 20.44 42.88
CA ARG N 283 17.96 21.27 41.64
C ARG N 283 19.45 21.28 41.25
N GLY N 284 20.16 20.19 41.50
CA GLY N 284 21.36 19.84 40.72
C GLY N 284 21.21 18.42 40.21
N SER N 285 22.34 17.78 39.85
CA SER N 285 22.75 17.29 38.52
C SER N 285 24.10 16.57 38.61
N ILE N 286 24.22 15.40 37.97
CA ILE N 286 25.53 14.70 37.83
C ILE N 286 25.95 14.74 36.36
N SER N 287 27.26 14.78 36.09
CA SER N 287 27.78 14.50 34.77
C SER N 287 28.94 13.51 34.87
N ILE N 288 29.20 12.83 33.77
CA ILE N 288 30.26 11.82 33.71
C ILE N 288 31.44 12.35 32.91
N ASP N 289 32.64 12.02 33.36
CA ASP N 289 33.87 12.22 32.61
C ASP N 289 34.51 10.85 32.44
N GLU N 290 34.37 10.29 31.24
CA GLU N 290 34.78 8.93 30.98
C GLU N 290 36.29 8.77 30.83
N ARG N 291 36.98 9.81 30.37
CA ARG N 291 38.41 9.71 30.14
C ARG N 291 39.15 9.33 31.42
N THR N 292 38.75 9.91 32.54
CA THR N 292 39.43 9.73 33.81
C THR N 292 38.57 9.04 34.86
N ASN N 293 37.41 8.51 34.48
CA ASN N 293 36.52 7.78 35.39
C ASN N 293 36.13 8.63 36.58
N SER N 294 35.40 9.72 36.31
CA SER N 294 35.07 10.68 37.36
C SER N 294 33.66 11.19 37.20
N LEU N 295 33.09 11.65 38.31
CA LEU N 295 31.80 12.32 38.33
C LEU N 295 32.00 13.80 38.61
N LEU N 296 31.09 14.61 38.07
CA LEU N 296 31.11 16.06 38.26
C LEU N 296 29.73 16.48 38.71
N ILE N 297 29.60 16.88 39.98
CA ILE N 297 28.31 17.10 40.60
C ILE N 297 28.16 18.57 40.99
N ARG N 298 26.93 19.07 40.88
CA ARG N 298 26.58 20.45 41.24
C ARG N 298 25.32 20.41 42.09
N GLU N 299 25.47 20.68 43.40
CA GLU N 299 24.34 20.57 44.32
C GLU N 299 24.64 21.35 45.59
N LEU N 300 23.77 21.19 46.58
CA LEU N 300 23.92 21.89 47.85
C LEU N 300 25.07 21.29 48.63
N PRO N 301 25.92 22.11 49.26
CA PRO N 301 27.11 21.56 49.93
C PRO N 301 26.82 20.66 51.11
N ASP N 302 25.54 20.37 51.34
CA ASP N 302 25.15 19.46 52.42
C ASP N 302 24.80 18.07 51.88
N ASN N 303 24.29 18.04 50.65
CA ASN N 303 23.95 16.79 50.00
C ASN N 303 25.21 16.17 49.41
N ILE N 304 26.22 16.99 49.14
CA ILE N 304 27.48 16.48 48.61
C ILE N 304 28.13 15.54 49.61
N ALA N 305 28.00 15.82 50.90
CA ALA N 305 28.67 15.00 51.91
C ALA N 305 28.02 13.62 52.05
N VAL N 306 26.68 13.57 52.03
CA VAL N 306 26.02 12.27 52.14
C VAL N 306 26.22 11.45 50.88
N ILE N 307 26.11 12.09 49.71
CA ILE N 307 26.40 11.41 48.45
C ILE N 307 27.82 10.87 48.44
N ARG N 308 28.77 11.67 48.91
CA ARG N 308 30.16 11.24 48.94
C ARG N 308 30.35 10.05 49.86
N GLU N 309 29.69 10.06 51.02
CA GLU N 309 29.85 8.95 51.96
C GLU N 309 29.25 7.67 51.41
N ILE N 310 28.07 7.76 50.79
CA ILE N 310 27.44 6.58 50.21
C ILE N 310 28.29 5.99 49.08
N ILE N 311 28.66 6.83 48.10
CA ILE N 311 29.41 6.28 46.98
C ILE N 311 30.85 5.96 47.33
N GLU N 312 31.32 6.37 48.50
CA GLU N 312 32.57 5.81 49.00
C GLU N 312 32.34 4.47 49.68
N SER N 313 31.14 4.25 50.20
CA SER N 313 30.80 2.94 50.74
C SER N 313 30.48 1.90 49.66
N LEU N 314 30.15 2.32 48.43
CA LEU N 314 29.76 1.36 47.41
C LEU N 314 30.96 0.76 46.67
N ASP N 315 31.82 1.59 46.11
CA ASP N 315 32.85 1.07 45.21
C ASP N 315 33.92 0.31 45.98
N ILE N 316 33.84 -1.02 45.92
CA ILE N 316 34.80 -1.91 46.57
C ILE N 316 35.12 -3.05 45.61
N PRO N 317 36.27 -3.70 45.79
CA PRO N 317 36.58 -4.87 44.98
C PRO N 317 35.66 -6.04 45.29
N VAL N 318 35.33 -6.80 44.26
CA VAL N 318 34.40 -7.92 44.37
C VAL N 318 35.17 -9.24 44.23
N LYS N 319 34.45 -10.33 44.46
CA LYS N 319 34.98 -11.68 44.41
C LYS N 319 34.89 -12.25 43.00
N GLN N 320 35.58 -13.36 42.77
CA GLN N 320 35.57 -14.06 41.50
C GLN N 320 35.27 -15.53 41.72
N VAL N 321 34.54 -16.10 40.78
CA VAL N 321 34.06 -17.48 40.88
C VAL N 321 34.52 -18.24 39.65
N GLN N 322 34.79 -19.52 39.84
CA GLN N 322 35.17 -20.45 38.78
C GLN N 322 34.12 -21.54 38.68
N ILE N 323 33.54 -21.71 37.50
CA ILE N 323 32.43 -22.65 37.30
C ILE N 323 32.84 -23.70 36.29
N GLU N 324 32.59 -24.97 36.61
CA GLU N 324 32.95 -26.06 35.72
C GLU N 324 31.85 -27.11 35.56
N ALA N 325 31.37 -27.24 34.34
CA ALA N 325 30.33 -28.20 33.99
C ALA N 325 30.96 -29.49 33.46
N ARG N 326 30.21 -30.58 33.56
CA ARG N 326 30.72 -31.86 33.09
C ARG N 326 29.58 -32.71 32.53
N ILE N 327 29.67 -33.07 31.27
CA ILE N 327 28.65 -33.84 30.59
C ILE N 327 29.23 -35.21 30.25
N VAL N 328 28.57 -36.27 30.71
CA VAL N 328 29.06 -37.63 30.54
C VAL N 328 27.99 -38.48 29.87
N THR N 329 28.38 -39.29 28.90
CA THR N 329 27.41 -40.21 28.31
C THR N 329 28.03 -41.58 28.03
N VAL N 330 27.24 -42.63 28.24
CA VAL N 330 27.68 -44.01 28.08
C VAL N 330 26.62 -44.78 27.29
N LYS N 331 27.08 -45.60 26.35
CA LYS N 331 26.18 -46.37 25.48
C LYS N 331 26.64 -47.82 25.40
N GLU N 332 25.68 -48.75 25.32
CA GLU N 332 25.96 -50.16 25.06
C GLU N 332 24.91 -50.77 24.16
N GLY N 333 25.32 -51.78 23.39
CA GLY N 333 24.40 -52.47 22.50
C GLY N 333 24.75 -53.91 22.16
N ASN N 334 23.74 -54.76 21.94
CA ASN N 334 23.94 -56.16 21.59
C ASN N 334 22.92 -56.60 20.55
N LEU N 335 23.33 -57.50 19.67
CA LEU N 335 22.44 -57.98 18.61
C LEU N 335 22.80 -59.42 18.26
N GLU N 336 21.78 -60.24 17.94
CA GLU N 336 22.01 -61.63 17.52
C GLU N 336 20.89 -62.13 16.59
N GLU N 337 21.29 -62.83 15.54
CA GLU N 337 20.33 -63.35 14.57
C GLU N 337 20.71 -64.74 14.03
N LEU N 338 19.71 -65.62 13.91
CA LEU N 338 19.90 -66.98 13.41
C LEU N 338 18.90 -67.28 12.28
N GLY N 339 19.35 -67.93 11.22
CA GLY N 339 18.47 -68.20 10.10
C GLY N 339 18.82 -69.47 9.36
N VAL N 340 17.85 -70.01 8.63
CA VAL N 340 17.98 -71.31 7.98
C VAL N 340 17.32 -71.29 6.61
N ARG N 341 17.95 -71.98 5.65
CA ARG N 341 17.47 -72.00 4.29
C ARG N 341 17.64 -73.43 3.76
N TRP N 342 16.55 -74.15 3.51
CA TRP N 342 16.73 -75.50 2.98
C TRP N 342 15.67 -75.85 1.94
N GLY N 343 16.00 -76.84 1.13
CA GLY N 343 15.14 -77.26 0.04
C GLY N 343 15.34 -78.70 -0.35
N VAL N 344 14.33 -79.28 -0.98
CA VAL N 344 14.37 -80.66 -1.44
C VAL N 344 13.79 -80.74 -2.84
N MET N 345 14.14 -81.82 -3.55
CA MET N 345 13.65 -81.99 -4.91
C MET N 345 13.78 -83.45 -5.28
N SER N 346 12.67 -84.13 -5.52
CA SER N 346 12.77 -85.57 -5.76
C SER N 346 11.72 -86.00 -6.77
N THR N 347 12.02 -87.08 -7.49
CA THR N 347 11.11 -87.65 -8.47
C THR N 347 11.12 -89.17 -8.32
N ASN N 348 10.05 -89.80 -8.78
CA ASN N 348 9.88 -91.23 -8.60
C ASN N 348 9.42 -91.96 -9.85
N GLY N 349 9.05 -91.24 -10.90
CA GLY N 349 8.31 -91.85 -11.98
C GLY N 349 6.84 -91.58 -11.78
N SER N 350 6.30 -90.59 -12.50
CA SER N 350 4.91 -90.14 -12.37
C SER N 350 4.60 -89.59 -10.97
N HIS N 351 5.61 -89.42 -10.12
CA HIS N 351 5.43 -88.87 -8.78
C HIS N 351 6.60 -87.95 -8.49
N SER N 352 6.32 -86.79 -7.91
CA SER N 352 7.36 -85.81 -7.63
C SER N 352 7.09 -85.12 -6.30
N VAL N 353 8.12 -84.48 -5.78
CA VAL N 353 8.02 -83.68 -4.56
C VAL N 353 8.98 -82.50 -4.68
N GLY N 354 8.48 -81.31 -4.36
CA GLY N 354 9.26 -80.11 -4.51
C GLY N 354 8.86 -79.06 -3.50
N GLY N 355 9.14 -77.81 -3.82
CA GLY N 355 8.89 -76.71 -2.92
C GLY N 355 7.97 -75.67 -3.54
N SER N 356 7.35 -76.04 -4.66
CA SER N 356 6.41 -75.17 -5.35
C SER N 356 5.82 -75.92 -6.54
N ILE N 357 4.90 -75.28 -7.24
CA ILE N 357 4.30 -75.85 -8.44
C ILE N 357 5.20 -75.65 -9.67
N GLU N 358 5.85 -74.50 -9.75
CA GLU N 358 6.79 -74.27 -10.84
C GLU N 358 8.01 -75.20 -10.72
N SER N 359 8.36 -75.59 -9.49
CA SER N 359 9.43 -76.54 -9.30
C SER N 359 9.07 -77.90 -9.90
N ASN N 360 7.89 -78.41 -9.59
CA ASN N 360 7.47 -79.70 -10.13
C ASN N 360 7.27 -79.63 -11.64
N LEU N 361 6.86 -78.48 -12.16
CA LEU N 361 6.71 -78.38 -13.60
C LEU N 361 8.07 -78.28 -14.29
N TRP N 362 9.10 -77.85 -13.57
CA TRP N 362 10.43 -77.79 -14.18
C TRP N 362 11.09 -79.15 -14.22
N GLN N 363 10.98 -79.94 -13.16
CA GLN N 363 11.61 -81.25 -13.17
C GLN N 363 10.75 -82.20 -13.98
N LYS N 364 10.46 -81.78 -15.19
CA LYS N 364 9.71 -82.50 -16.22
C LYS N 364 10.00 -81.76 -17.52
N GLY N 365 9.18 -82.00 -18.54
CA GLY N 365 9.41 -81.21 -19.73
C GLY N 365 8.50 -80.01 -19.91
N LEU N 366 7.74 -79.62 -18.89
CA LEU N 366 6.59 -78.76 -19.11
C LEU N 366 6.98 -77.30 -19.25
N LEU N 367 7.79 -76.79 -18.32
CA LEU N 367 8.20 -75.38 -18.42
C LEU N 367 9.20 -75.18 -19.54
N ALA N 368 9.18 -73.98 -20.13
CA ALA N 368 10.06 -73.69 -21.25
C ALA N 368 11.47 -73.30 -20.78
N ASP N 369 11.58 -72.20 -20.06
CA ASP N 369 12.88 -71.69 -19.65
C ASP N 369 13.46 -72.56 -18.54
N ASP N 370 14.67 -73.08 -18.75
CA ASP N 370 15.26 -74.02 -17.80
C ASP N 370 16.76 -73.75 -17.67
N GLU N 371 17.13 -72.96 -16.66
CA GLU N 371 18.50 -72.97 -16.18
C GLU N 371 18.56 -73.47 -14.74
N PHE N 372 17.91 -72.78 -13.80
CA PHE N 372 17.51 -73.36 -12.52
C PHE N 372 16.57 -72.38 -11.82
N PRO N 373 15.41 -72.84 -11.36
CA PRO N 373 14.57 -71.96 -10.53
C PRO N 373 15.09 -71.89 -9.11
N VAL N 374 16.08 -71.02 -8.85
CA VAL N 374 16.74 -71.00 -7.55
C VAL N 374 15.77 -70.55 -6.47
N ASP N 375 14.79 -69.73 -6.82
CA ASP N 375 13.82 -69.24 -5.86
C ASP N 375 12.63 -70.17 -5.71
N GLU N 376 12.18 -70.81 -6.79
CA GLU N 376 11.12 -71.80 -6.68
C GLU N 376 11.62 -73.10 -6.06
N PHE N 377 12.92 -73.28 -5.98
CA PHE N 377 13.47 -74.54 -5.46
C PHE N 377 13.26 -74.65 -3.97
N LEU N 378 13.45 -73.58 -3.21
CA LEU N 378 13.60 -73.67 -1.77
C LEU N 378 12.27 -73.91 -1.07
N ASN N 379 12.28 -74.79 -0.08
CA ASN N 379 11.10 -75.04 0.75
C ASN N 379 10.98 -74.01 1.86
N VAL N 380 12.03 -73.89 2.67
CA VAL N 380 12.04 -72.99 3.80
C VAL N 380 13.12 -71.95 3.53
N ASN N 381 12.74 -70.67 3.55
CA ASN N 381 13.62 -69.56 3.18
C ASN N 381 13.58 -68.50 4.29
N LEU N 382 14.39 -68.68 5.33
CA LEU N 382 14.40 -67.81 6.50
C LEU N 382 15.83 -67.43 6.83
N ALA N 383 16.55 -66.92 5.84
CA ALA N 383 17.95 -66.59 6.01
C ALA N 383 18.13 -65.36 6.89
N SER N 384 19.20 -65.37 7.68
CA SER N 384 19.57 -64.20 8.48
C SER N 384 19.90 -63.04 7.55
N THR N 385 19.13 -61.96 7.67
CA THR N 385 19.21 -60.82 6.76
C THR N 385 20.10 -59.74 7.36
N SER N 386 21.36 -59.73 6.95
CA SER N 386 22.34 -58.74 7.41
C SER N 386 23.46 -58.72 6.38
N ALA N 387 24.43 -57.84 6.60
CA ALA N 387 25.57 -57.73 5.70
C ALA N 387 26.82 -58.44 6.22
N ASN N 388 26.85 -58.78 7.51
CA ASN N 388 27.99 -59.45 8.11
C ASN N 388 27.66 -60.86 8.59
N ALA N 389 26.60 -61.44 8.08
CA ALA N 389 26.20 -62.76 8.54
C ALA N 389 27.04 -63.85 7.89
N SER N 390 27.39 -64.86 8.67
CA SER N 390 28.22 -65.97 8.20
C SER N 390 27.38 -67.22 8.07
N SER N 391 27.69 -68.04 7.06
CA SER N 391 26.85 -69.18 6.71
C SER N 391 27.70 -70.42 6.49
N ILE N 392 27.01 -71.54 6.30
CA ILE N 392 27.64 -72.79 5.86
C ILE N 392 26.55 -73.69 5.30
N ALA N 393 26.86 -74.37 4.19
CA ALA N 393 25.87 -75.14 3.45
C ALA N 393 26.25 -76.51 2.92
N PHE N 394 25.38 -77.48 3.16
CA PHE N 394 25.61 -78.89 2.83
C PHE N 394 24.64 -79.33 1.76
N GLN N 395 25.05 -80.35 0.99
CA GLN N 395 24.28 -80.77 -0.17
C GLN N 395 24.36 -82.28 -0.32
N VAL N 396 23.33 -82.87 -0.93
CA VAL N 396 23.34 -84.25 -1.38
C VAL N 396 22.64 -84.29 -2.73
N ALA N 397 23.41 -84.50 -3.80
CA ALA N 397 22.87 -84.46 -5.15
C ALA N 397 23.23 -85.75 -5.86
N LYS N 398 22.23 -86.52 -6.27
CA LYS N 398 22.45 -87.74 -7.02
C LYS N 398 22.38 -87.52 -8.52
N LEU N 399 21.28 -86.99 -9.03
CA LEU N 399 21.00 -86.72 -10.43
C LEU N 399 20.88 -87.99 -11.26
N GLY N 400 21.10 -89.16 -10.66
CA GLY N 400 20.84 -90.42 -11.32
C GLY N 400 19.43 -90.87 -11.00
N SER N 401 19.08 -90.91 -9.71
CA SER N 401 17.70 -91.10 -9.31
C SER N 401 16.93 -89.79 -9.24
N GLY N 402 17.61 -88.65 -9.35
CA GLY N 402 16.98 -87.35 -9.38
C GLY N 402 17.07 -86.58 -8.08
N THR N 403 17.17 -87.27 -6.94
CA THR N 403 17.07 -86.62 -5.64
C THR N 403 18.13 -85.54 -5.47
N LEU N 404 17.72 -84.43 -4.85
CA LEU N 404 18.61 -83.35 -4.47
C LEU N 404 18.12 -82.77 -3.15
N LEU N 405 19.05 -82.45 -2.25
CA LEU N 405 18.64 -81.78 -1.02
C LEU N 405 19.75 -80.85 -0.55
N ASP N 406 19.35 -79.63 -0.14
CA ASP N 406 20.26 -78.57 0.26
C ASP N 406 19.87 -78.04 1.65
N LEU N 407 20.89 -77.68 2.44
CA LEU N 407 20.66 -77.12 3.77
C LEU N 407 21.73 -76.11 4.12
N GLU N 408 21.34 -74.87 4.41
CA GLU N 408 22.27 -73.80 4.77
C GLU N 408 21.87 -73.16 6.08
N LEU N 409 22.85 -72.90 6.97
CA LEU N 409 22.68 -72.19 8.22
C LEU N 409 23.39 -70.85 8.16
N SER N 410 22.85 -69.86 8.82
CA SER N 410 23.53 -68.56 8.86
C SER N 410 23.28 -67.91 10.21
N ALA N 411 24.22 -67.05 10.61
CA ALA N 411 24.23 -66.51 11.96
C ALA N 411 24.92 -65.16 11.97
N LEU N 412 24.70 -64.40 13.05
CA LEU N 412 25.40 -63.15 13.30
C LEU N 412 25.25 -62.76 14.76
N GLN N 413 26.28 -62.15 15.35
CA GLN N 413 26.23 -61.68 16.73
C GLN N 413 27.22 -60.53 16.99
N ASN N 414 26.74 -59.32 17.24
CA ASN N 414 27.68 -58.24 17.49
C ASN N 414 27.31 -57.44 18.72
N GLU N 415 28.18 -56.51 19.07
CA GLU N 415 28.22 -55.89 20.38
C GLU N 415 29.03 -54.61 20.34
N SER N 416 28.63 -53.61 21.13
CA SER N 416 29.26 -52.30 21.01
C SER N 416 29.18 -51.52 22.31
N LYS N 417 30.14 -50.60 22.49
CA LYS N 417 30.25 -49.73 23.65
C LYS N 417 30.74 -48.36 23.24
N ALA N 418 30.40 -47.35 24.03
CA ALA N 418 30.91 -46.00 23.75
C ALA N 418 30.82 -45.16 25.00
N GLU N 419 31.69 -44.15 25.08
CA GLU N 419 31.71 -43.25 26.24
C GLU N 419 32.33 -41.91 25.86
N ILE N 420 31.64 -40.83 26.20
CA ILE N 420 32.09 -39.48 25.87
C ILE N 420 32.04 -38.60 27.11
N ILE N 421 33.03 -37.73 27.25
CA ILE N 421 33.14 -36.78 28.36
C ILE N 421 33.48 -35.41 27.81
N SER N 422 32.77 -34.37 28.27
CA SER N 422 33.16 -33.01 27.91
C SER N 422 32.96 -32.08 29.10
N SER N 423 33.90 -31.16 29.30
CA SER N 423 33.84 -30.27 30.45
C SER N 423 34.37 -28.88 30.12
N PRO N 424 33.48 -27.89 29.95
CA PRO N 424 33.92 -26.49 29.87
C PRO N 424 34.10 -25.82 31.23
N ARG N 425 34.89 -24.74 31.29
CA ARG N 425 35.12 -23.99 32.52
C ARG N 425 35.07 -22.51 32.23
N LEU N 426 34.85 -21.72 33.26
CA LEU N 426 34.84 -20.28 33.16
C LEU N 426 35.30 -19.69 34.48
N ILE N 427 35.82 -18.47 34.41
CA ILE N 427 36.02 -17.62 35.58
C ILE N 427 35.32 -16.29 35.32
N THR N 428 34.71 -15.71 36.35
CA THR N 428 33.93 -14.49 36.17
C THR N 428 33.84 -13.76 37.51
N THR N 429 33.21 -12.58 37.46
CA THR N 429 33.01 -11.69 38.63
C THR N 429 31.59 -11.88 39.16
N ASN N 430 31.39 -11.76 40.49
CA ASN N 430 30.11 -12.00 41.13
C ASN N 430 29.01 -11.16 40.49
N LYS N 431 27.87 -11.81 40.21
CA LYS N 431 26.66 -11.17 39.67
C LYS N 431 26.82 -10.74 38.22
N GLN N 432 27.71 -11.40 37.50
CA GLN N 432 28.09 -10.97 36.15
C GLN N 432 27.96 -12.11 35.15
N PRO N 433 27.31 -11.89 34.00
CA PRO N 433 27.04 -13.01 33.09
C PRO N 433 28.22 -13.37 32.20
N ALA N 434 28.45 -14.68 32.04
CA ALA N 434 29.56 -15.14 31.22
C ALA N 434 29.12 -16.35 30.39
N TYR N 435 29.84 -16.57 29.28
CA TYR N 435 29.54 -17.70 28.40
C TYR N 435 30.82 -18.20 27.74
N ILE N 436 30.81 -19.48 27.38
CA ILE N 436 31.86 -20.07 26.55
C ILE N 436 31.23 -21.08 25.60
N GLU N 437 31.69 -21.09 24.35
CA GLU N 437 31.05 -21.81 23.24
C GLU N 437 32.06 -22.49 22.34
N GLN N 438 31.60 -23.52 21.62
CA GLN N 438 32.41 -24.19 20.60
C GLN N 438 31.48 -24.98 19.69
N GLY N 439 31.44 -24.66 18.41
CA GLY N 439 30.58 -25.39 17.50
C GLY N 439 30.50 -24.86 16.10
N THR N 440 29.30 -24.86 15.50
CA THR N 440 29.10 -24.31 14.15
C THR N 440 27.85 -23.45 14.10
N GLU N 441 27.78 -22.60 13.08
CA GLU N 441 26.63 -21.75 12.83
C GLU N 441 26.05 -22.07 11.46
N ILE N 442 24.82 -22.52 11.43
CA ILE N 442 24.18 -22.98 10.19
C ILE N 442 23.41 -21.82 9.56
N PRO N 443 23.71 -21.52 8.29
CA PRO N 443 23.01 -20.45 7.59
C PRO N 443 21.66 -21.00 7.17
N TYR N 444 20.56 -20.38 7.60
CA TYR N 444 19.25 -20.85 7.18
C TYR N 444 18.66 -19.91 6.14
N LEU N 445 17.85 -20.45 5.21
CA LEU N 445 17.33 -19.60 4.15
C LEU N 445 16.09 -18.81 4.52
N GLU N 446 16.37 -17.55 4.85
CA GLU N 446 15.48 -16.43 5.21
C GLU N 446 15.03 -16.29 6.67
N SER N 447 14.79 -15.04 7.01
CA SER N 447 14.25 -14.58 8.28
C SER N 447 13.29 -13.49 7.80
N SER N 448 12.09 -13.42 8.35
CA SER N 448 11.16 -12.44 7.82
C SER N 448 10.77 -11.23 8.66
N SER N 449 11.07 -10.04 8.12
CA SER N 449 10.61 -8.83 8.77
C SER N 449 9.40 -8.35 7.98
N SER N 450 9.04 -7.07 8.12
CA SER N 450 7.95 -6.49 7.33
C SER N 450 8.34 -6.37 5.86
N GLY N 451 8.38 -7.53 5.19
CA GLY N 451 8.51 -7.55 3.75
C GLY N 451 9.55 -8.44 3.11
N ALA N 452 10.73 -8.60 3.72
CA ALA N 452 11.78 -9.35 3.05
C ALA N 452 12.73 -10.09 3.99
N SER N 453 13.75 -10.72 3.42
CA SER N 453 14.49 -11.83 4.05
C SER N 453 15.84 -11.36 4.58
N THR N 454 16.07 -11.58 5.87
CA THR N 454 17.37 -11.40 6.49
C THR N 454 17.83 -12.79 6.89
N VAL N 455 18.49 -13.49 5.96
CA VAL N 455 18.83 -14.88 6.21
C VAL N 455 19.82 -14.95 7.37
N ALA N 456 19.60 -15.92 8.28
CA ALA N 456 20.20 -15.83 9.60
C ALA N 456 20.95 -17.11 9.93
N PHE N 457 21.44 -17.19 11.16
CA PHE N 457 22.31 -18.29 11.59
C PHE N 457 21.78 -18.90 12.87
N LYS N 458 21.61 -20.21 12.83
CA LYS N 458 21.22 -21.00 13.99
C LYS N 458 22.53 -21.58 14.54
N LYS N 459 22.57 -21.87 15.84
CA LYS N 459 23.79 -22.36 16.46
C LYS N 459 23.68 -23.85 16.77
N ALA N 460 24.79 -24.55 16.62
CA ALA N 460 24.93 -25.95 17.02
C ALA N 460 26.26 -26.03 17.76
N VAL N 461 26.22 -25.78 19.06
CA VAL N 461 27.42 -25.57 19.86
C VAL N 461 27.35 -26.39 21.13
N LEU N 462 28.52 -26.64 21.72
CA LEU N 462 28.62 -27.07 23.15
C LEU N 462 28.90 -25.84 24.01
N SER N 463 27.92 -25.42 24.81
CA SER N 463 27.99 -24.10 25.43
C SER N 463 27.63 -24.14 26.90
N LEU N 464 28.26 -23.23 27.64
CA LEU N 464 27.95 -22.95 29.04
C LEU N 464 27.65 -21.48 29.21
N LYS N 465 26.53 -21.19 29.88
CA LYS N 465 26.07 -19.82 30.11
C LYS N 465 25.66 -19.69 31.57
N VAL N 466 26.28 -18.77 32.32
CA VAL N 466 26.08 -18.77 33.76
C VAL N 466 26.08 -17.36 34.35
N THR N 467 25.25 -17.19 35.41
CA THR N 467 25.30 -16.03 36.32
C THR N 467 25.32 -16.48 37.77
N PRO N 468 26.42 -16.20 38.49
CA PRO N 468 26.54 -16.63 39.89
C PRO N 468 26.19 -15.59 40.94
N GLN N 469 26.05 -16.01 42.20
CA GLN N 469 25.80 -15.10 43.30
C GLN N 469 26.30 -15.73 44.59
N ILE N 470 27.12 -15.00 45.33
CA ILE N 470 27.73 -15.49 46.57
C ILE N 470 26.88 -15.04 47.75
N THR N 471 26.60 -15.96 48.66
CA THR N 471 25.79 -15.73 49.85
C THR N 471 26.65 -15.82 51.11
N PRO N 472 26.12 -15.42 52.27
CA PRO N 472 26.98 -15.35 53.48
C PRO N 472 27.50 -16.69 53.96
N ASP N 473 26.66 -17.73 54.02
CA ASP N 473 27.11 -18.97 54.63
C ASP N 473 27.80 -19.90 53.65
N ASN N 474 28.75 -19.39 52.88
CA ASN N 474 29.64 -20.20 52.05
C ASN N 474 28.86 -21.04 51.03
N ARG N 475 28.08 -20.37 50.18
CA ARG N 475 27.20 -21.04 49.24
C ARG N 475 27.00 -20.18 48.01
N LEU N 476 26.60 -20.81 46.91
CA LEU N 476 26.36 -20.14 45.65
C LEU N 476 24.94 -20.43 45.15
N VAL N 477 24.34 -19.43 44.53
CA VAL N 477 23.10 -19.59 43.77
C VAL N 477 23.47 -19.40 42.32
N LEU N 478 23.24 -20.41 41.49
CA LEU N 478 23.63 -20.38 40.09
C LEU N 478 22.43 -20.39 39.17
N ASP N 479 22.39 -19.44 38.23
CA ASP N 479 21.44 -19.49 37.08
C ASP N 479 22.14 -20.11 35.87
N LEU N 480 21.72 -21.32 35.47
CA LEU N 480 22.57 -22.23 34.66
C LEU N 480 21.88 -22.49 33.31
N SER N 481 22.62 -22.39 32.21
CA SER N 481 22.24 -23.06 30.94
C SER N 481 23.42 -23.86 30.40
N VAL N 482 23.22 -25.16 30.14
CA VAL N 482 24.30 -26.01 29.56
C VAL N 482 23.75 -26.79 28.35
N THR N 483 24.33 -26.63 27.16
CA THR N 483 23.82 -27.33 25.99
C THR N 483 24.93 -28.05 25.25
N GLN N 484 24.52 -29.03 24.45
CA GLN N 484 25.43 -29.77 23.57
C GLN N 484 24.68 -30.20 22.31
N ASP N 485 24.76 -29.41 21.25
CA ASP N 485 24.05 -29.69 20.00
C ASP N 485 25.02 -30.04 18.89
N ARG N 486 24.49 -30.69 17.86
CA ARG N 486 25.26 -31.10 16.70
C ARG N 486 24.44 -30.89 15.44
N ARG N 487 25.09 -31.07 14.29
CA ARG N 487 24.43 -30.94 13.01
C ARG N 487 23.90 -32.31 12.62
N GLY N 488 22.63 -32.37 12.24
CA GLY N 488 21.97 -33.61 11.91
C GLY N 488 21.81 -33.82 10.42
N GLU N 489 20.84 -34.64 10.06
CA GLU N 489 20.58 -34.96 8.67
C GLU N 489 19.97 -33.78 7.94
N THR N 490 19.91 -33.88 6.62
CA THR N 490 19.31 -32.85 5.78
C THR N 490 17.96 -33.36 5.31
N VAL N 491 16.90 -32.78 5.87
CA VAL N 491 15.53 -33.14 5.58
C VAL N 491 15.01 -32.34 4.39
N LYS N 492 13.83 -32.73 3.91
CA LYS N 492 13.19 -32.10 2.72
C LYS N 492 12.14 -31.07 3.18
N THR N 493 12.23 -29.85 2.65
CA THR N 493 11.29 -28.76 3.02
C THR N 493 10.72 -28.12 1.75
N GLY N 494 9.41 -28.24 1.52
CA GLY N 494 8.78 -27.72 0.30
C GLY N 494 9.36 -28.37 -0.96
N THR N 495 9.86 -27.55 -1.89
CA THR N 495 10.61 -28.07 -3.06
C THR N 495 12.11 -28.07 -2.76
N GLY N 496 12.49 -27.70 -1.53
CA GLY N 496 13.91 -27.51 -1.19
C GLY N 496 14.38 -28.49 -0.11
N GLU N 497 15.54 -28.21 0.49
CA GLU N 497 16.07 -28.98 1.60
C GLU N 497 16.68 -28.02 2.62
N ALA N 498 16.90 -28.53 3.81
CA ALA N 498 17.51 -27.75 4.89
C ALA N 498 18.15 -28.73 5.86
N VAL N 499 18.86 -28.21 6.85
CA VAL N 499 19.66 -29.00 7.77
C VAL N 499 18.96 -29.02 9.12
N SER N 500 18.88 -30.19 9.74
CA SER N 500 18.29 -30.34 11.06
C SER N 500 19.39 -30.42 12.13
N ILE N 501 18.99 -30.28 13.38
CA ILE N 501 19.92 -30.18 14.50
C ILE N 501 19.51 -31.17 15.58
N ASP N 502 20.49 -31.82 16.20
CA ASP N 502 20.28 -32.73 17.32
C ASP N 502 20.75 -32.08 18.62
N THR N 503 19.89 -32.06 19.64
CA THR N 503 20.10 -31.22 20.81
C THR N 503 20.07 -32.02 22.11
N GLN N 504 20.74 -31.46 23.12
CA GLN N 504 20.59 -31.81 24.54
C GLN N 504 20.70 -30.53 25.33
N ARG N 505 19.74 -30.26 26.20
CA ARG N 505 19.67 -28.97 26.87
C ARG N 505 19.19 -29.13 28.30
N ILE N 506 19.71 -28.30 29.17
CA ILE N 506 19.22 -28.22 30.54
C ILE N 506 19.40 -26.79 31.03
N GLY N 507 18.36 -26.28 31.67
CA GLY N 507 18.36 -24.95 32.23
C GLY N 507 17.72 -24.92 33.59
N THR N 508 18.38 -24.33 34.59
CA THR N 508 17.90 -24.42 35.95
C THR N 508 18.39 -23.24 36.78
N GLN N 509 17.95 -23.23 38.04
CA GLN N 509 18.55 -22.43 39.10
C GLN N 509 18.79 -23.35 40.28
N VAL N 510 20.03 -23.40 40.77
CA VAL N 510 20.37 -24.29 41.87
C VAL N 510 21.15 -23.55 42.95
N LEU N 511 21.32 -24.23 44.08
CA LEU N 511 21.96 -23.68 45.28
C LEU N 511 22.93 -24.74 45.79
N VAL N 512 24.22 -24.43 45.76
CA VAL N 512 25.25 -25.43 45.96
C VAL N 512 26.36 -24.89 46.86
N ASN N 513 26.92 -25.77 47.70
CA ASN N 513 27.99 -25.37 48.61
C ASN N 513 29.23 -24.96 47.81
N ASN N 514 30.21 -24.39 48.52
CA ASN N 514 31.29 -23.68 47.85
C ASN N 514 32.09 -24.56 46.91
N GLY N 515 32.69 -25.65 47.38
CA GLY N 515 33.60 -26.37 46.52
C GLY N 515 33.28 -27.82 46.24
N GLU N 516 32.01 -28.16 46.06
CA GLU N 516 31.63 -29.53 45.78
C GLU N 516 30.71 -29.63 44.57
N THR N 517 30.46 -30.86 44.14
CA THR N 517 29.71 -31.13 42.93
C THR N 517 28.28 -31.56 43.24
N VAL N 518 27.37 -31.21 42.33
CA VAL N 518 25.99 -31.69 42.36
C VAL N 518 25.66 -32.18 40.97
N VAL N 519 24.74 -33.14 40.87
CA VAL N 519 24.24 -33.56 39.57
C VAL N 519 22.96 -32.80 39.27
N LEU N 520 22.94 -32.12 38.13
CA LEU N 520 21.81 -31.27 37.77
C LEU N 520 20.68 -32.09 37.18
N GLY N 521 21.01 -33.08 36.36
CA GLY N 521 20.01 -33.93 35.76
C GLY N 521 20.66 -35.02 34.96
N GLY N 522 19.81 -35.88 34.40
CA GLY N 522 20.28 -36.96 33.56
C GLY N 522 19.12 -37.61 32.87
N ILE N 523 19.44 -38.48 31.93
CA ILE N 523 18.45 -39.26 31.20
C ILE N 523 18.93 -40.70 31.10
N PHE N 524 18.05 -41.65 31.37
CA PHE N 524 18.36 -43.07 31.30
C PHE N 524 17.44 -43.73 30.28
N GLN N 525 17.98 -44.63 29.46
CA GLN N 525 17.14 -45.33 28.50
C GLN N 525 17.54 -46.79 28.40
N HIS N 526 16.55 -47.64 28.11
CA HIS N 526 16.76 -49.07 27.95
C HIS N 526 15.77 -49.60 26.92
N SER N 527 16.17 -50.61 26.15
CA SER N 527 15.23 -51.18 25.19
C SER N 527 15.61 -52.62 24.86
N ILE N 528 14.59 -53.44 24.57
CA ILE N 528 14.74 -54.86 24.29
C ILE N 528 13.76 -55.28 23.20
N ASN N 529 14.23 -55.98 22.18
CA ASN N 529 13.37 -56.49 21.11
C ASN N 529 13.63 -57.96 20.86
N ASN N 530 12.57 -58.71 20.59
CA ASN N 530 12.65 -60.12 20.24
C ASN N 530 11.70 -60.40 19.08
N SER N 531 12.08 -61.35 18.23
CA SER N 531 11.18 -61.71 17.13
C SER N 531 11.49 -63.11 16.64
N VAL N 532 10.46 -63.79 16.14
CA VAL N 532 10.57 -65.14 15.59
C VAL N 532 9.64 -65.26 14.40
N ASP N 533 10.09 -65.92 13.34
CA ASP N 533 9.14 -66.39 12.34
C ASP N 533 9.45 -67.84 11.99
N LYS N 534 8.43 -68.67 11.98
CA LYS N 534 8.65 -70.10 11.98
C LYS N 534 7.60 -70.82 11.14
N VAL N 535 7.73 -72.14 11.08
CA VAL N 535 6.74 -72.99 10.42
C VAL N 535 5.71 -73.42 11.46
N PRO N 536 4.41 -73.33 11.16
CA PRO N 536 3.40 -73.35 12.23
C PRO N 536 3.53 -74.43 13.29
N LEU N 537 3.95 -75.65 12.94
CA LEU N 537 4.05 -76.69 13.96
C LEU N 537 5.45 -77.22 14.18
N LEU N 538 6.31 -77.16 13.17
CA LEU N 538 7.64 -77.76 13.30
C LEU N 538 8.61 -76.86 14.03
N GLY N 539 8.43 -75.55 13.96
CA GLY N 539 9.37 -74.62 14.57
C GLY N 539 9.28 -74.58 16.07
N ASP N 540 8.67 -75.61 16.67
CA ASP N 540 8.54 -75.68 18.11
C ASP N 540 9.09 -77.00 18.67
N LEU N 541 9.58 -77.90 17.82
CA LEU N 541 10.11 -79.17 18.29
C LEU N 541 11.36 -78.93 19.14
N PRO N 542 11.60 -79.79 20.13
CA PRO N 542 12.60 -79.46 21.16
C PRO N 542 14.00 -79.18 20.63
N VAL N 543 14.55 -80.04 19.79
CA VAL N 543 15.91 -79.83 19.32
C VAL N 543 15.92 -79.60 17.81
N LEU N 544 15.01 -80.25 17.09
CA LEU N 544 14.95 -80.07 15.65
C LEU N 544 14.36 -78.73 15.24
N GLY N 545 13.65 -78.05 16.14
CA GLY N 545 12.92 -76.86 15.77
C GLY N 545 13.78 -75.78 15.13
N ALA N 546 15.06 -75.72 15.52
CA ALA N 546 15.97 -74.71 14.99
C ALA N 546 16.15 -74.81 13.48
N LEU N 547 15.68 -75.87 12.86
CA LEU N 547 15.74 -75.99 11.41
C LEU N 547 14.56 -75.35 10.72
N PHE N 548 13.60 -74.80 11.46
CA PHE N 548 12.34 -74.34 10.89
C PHE N 548 11.98 -72.94 11.36
N ARG N 549 12.97 -72.09 11.67
CA ARG N 549 12.62 -70.81 12.27
C ARG N 549 13.80 -69.85 12.13
N ARG N 550 13.47 -68.56 12.07
CA ARG N 550 14.46 -67.49 12.19
C ARG N 550 14.18 -66.71 13.46
N THR N 551 15.24 -66.38 14.18
CA THR N 551 15.19 -65.75 15.49
C THR N 551 16.05 -64.49 15.50
N TYR N 552 15.51 -63.43 16.09
CA TYR N 552 16.17 -62.13 16.14
C TYR N 552 16.07 -61.56 17.53
N GLU N 553 17.14 -60.97 18.04
CA GLU N 553 17.13 -60.40 19.38
C GLU N 553 18.08 -59.22 19.50
N GLN N 554 17.62 -58.15 20.13
CA GLN N 554 18.40 -56.92 20.21
C GLN N 554 18.19 -56.23 21.55
N MET N 555 19.24 -55.59 22.08
CA MET N 555 19.16 -54.87 23.36
C MET N 555 20.05 -53.62 23.36
N GLY N 556 19.54 -52.51 23.88
CA GLY N 556 20.30 -51.27 23.94
C GLY N 556 20.16 -50.59 25.28
N LYS N 557 21.18 -49.81 25.65
CA LYS N 557 21.15 -49.09 26.91
C LYS N 557 21.95 -47.80 26.80
N SER N 558 21.43 -46.73 27.39
CA SER N 558 22.07 -45.42 27.27
C SER N 558 21.91 -44.63 28.56
N GLU N 559 22.89 -43.78 28.85
CA GLU N 559 22.85 -43.00 30.08
C GLU N 559 23.59 -41.69 29.92
N LEU N 560 22.94 -40.60 30.37
CA LEU N 560 23.53 -39.24 30.28
C LEU N 560 23.45 -38.58 31.65
N LEU N 561 24.51 -37.87 32.05
CA LEU N 561 24.56 -37.17 33.32
C LEU N 561 25.23 -35.81 33.16
N ILE N 562 24.77 -34.83 33.96
CA ILE N 562 25.36 -33.50 33.95
C ILE N 562 25.72 -33.08 35.36
N PHE N 563 26.98 -32.68 35.58
CA PHE N 563 27.49 -32.23 36.86
C PHE N 563 27.91 -30.76 36.79
N VAL N 564 27.98 -30.11 37.94
CA VAL N 564 28.51 -28.76 38.03
C VAL N 564 29.22 -28.60 39.37
N THR N 565 30.28 -27.81 39.38
CA THR N 565 31.03 -27.53 40.61
C THR N 565 31.61 -26.12 40.60
N PRO N 566 31.15 -25.24 41.48
CA PRO N 566 31.71 -23.89 41.56
C PRO N 566 32.80 -23.79 42.61
N LYS N 567 33.49 -22.65 42.62
CA LYS N 567 34.60 -22.39 43.53
C LYS N 567 34.92 -20.90 43.58
N VAL N 568 35.15 -20.38 44.78
CA VAL N 568 35.46 -18.96 44.97
C VAL N 568 36.97 -18.82 44.95
N VAL N 569 37.48 -17.96 44.08
CA VAL N 569 38.91 -17.74 43.96
C VAL N 569 39.39 -16.90 45.14
N ILE N 570 40.20 -17.51 46.00
CA ILE N 570 40.70 -16.86 47.20
C ILE N 570 42.06 -16.20 46.99
N GLN N 571 42.39 -15.68 45.82
CA GLN N 571 43.63 -14.88 45.61
C GLN N 571 44.90 -15.55 46.17
#